data_8SFF
#
_entry.id   8SFF
#
_cell.length_a   1.00
_cell.length_b   1.00
_cell.length_c   1.00
_cell.angle_alpha   90.00
_cell.angle_beta   90.00
_cell.angle_gamma   90.00
#
_symmetry.space_group_name_H-M   'P 1'
#
loop_
_entity.id
_entity.type
_entity.pdbx_description
1 polymer 'T-complex protein 1 subunit alpha'
2 polymer 'T-complex protein 1 subunit beta'
3 polymer 'T-complex protein 1 subunit delta'
4 polymer 'T-complex protein 1 subunit epsilon'
5 polymer 'T-complex protein 1 subunit gamma'
6 polymer 'T-complex protein 1 subunit eta, N-terminally processed'
7 polymer 'T-complex protein 1 subunit theta'
8 polymer 'T-complex protein 1 subunit zeta'
9 polymer 'Phosducin-like protein'
10 non-polymer "ADENOSINE-5'-DIPHOSPHATE"
11 non-polymer 'MAGNESIUM ION'
12 non-polymer 'ALUMINUM FLUORIDE'
13 water water
#
loop_
_entity_poly.entity_id
_entity_poly.type
_entity_poly.pdbx_seq_one_letter_code
_entity_poly.pdbx_strand_id
1 'polypeptide(L)'
;EGPLSVFGDRSTGETIRSQNVMAAASIANIVKSSLGPVGLDKMLVDDIGDVTITNDGATILKLLEVEHPAAKVLCELADL
QDKEVGDGTTSVVIIAAELLKNADELVKQKIHPTSVISGYRLACKEAVRYINENLIVNTDELGRDCLINAAKTSMSSKII
GINGDFFANMVVDAVLAIKYTDIRGQPRYPVNSVNILKAHGRSQMESMLISGYALNCVVGSQGMPKRIVNAKIACLDFSL
QKTKMKLGVQVVITDPEKLDQIRQRESDITKERIQKILATGANVILTTGGIDDMCLKYFVEAGAMAVRRVLKRDLKRIAK
ASGATILSTLANLEGEETFEAAMLGQAEEVVQERICDDELILIKNTKARTSASIILRGANDFMCDEMERSLHDALCVVKR
VLESKSVVPGGGAVEAALSIYLENYATSMGSREQLAIAEFARSLLVIPNTLAVNAAQDSTDLVAKLRAFHNEAQVNPERK
NLKWIGLDLSNGKPRDNKQAGVFEPTIVKVKSLKFATEAAITILRIDDLIKLHPES
;
A,a
2 'polypeptide(L)'
;ASLSLAPVNIFKAGADEERAETARLTSFIGAIAIGDLVKSTLGPKGMDKILLSSGRDASLMVTNDGATILKNIGVDNPAA
KVLVDMSRVQDDEVGDGTTSVTVLAAELLREAESLIAKKIHPQTIIAGWREATKAAREALLSSAVDHGSDEVKFRQDLMN
IAGTTLSSKLLTHHKDHFTKLAVEAVLRLKGSGNLEAIHIIKKLGGSLADSYLDEGFLLDKKIGVNQPKRIENAKILIAN
TGMDTDKIKIFGSRVRVDSTAKVAEIEHAEKEKMKEKVERILKHGINCFINRQLIYNYPEQLFGAAGVMAIEHADFAGVE
RLALVTGGEIASTFDHPELVKLGSCKLIEEVMIGEDKLIHFSGVALGEACTIVLRGATQQILDEAERSLHDALCVLAQTV
KDSRTVYGGGCSEMLMAHAVTQLANRTPGKEAVAMESYAKALRMLPTIIADNAGYDSADLVAQLRAAHSEGNTTAGLDMR
EGTIGDMAILGITESFQVKRQVLLSAAEAAEVILRVDNIIKAAPRK
;
B,b
3 'polypeptide(L)'
;RGKGAYQDRDKPAQIRFSNISAAKAVADAIRTSLGPKGMDKMIQDGKGDVTITNDGATILKQMQVLHPAARMLVELSKAQ
DIEAGDGTTSVVIIAGSLLDSCTKLLQKGIHPTIISESFQKALEKGIEILTDMSRPVELSDRETLLNSATTSLNSKVVSQ
YSSLLSPMSVNAVMKVIDPATATSVDLRDIKIVKKLGGTIDDCELVEGLVLTQKVSNSGITRVEKAKIGLIQFCLSAPKT
DMDNQIVVSDYAQMDRVLREERAYILNLVKQIKKTGCNVLLIQKSILRDALSDLALHFLNKMKIMVIKDIEREDIEFICK
TIGTKPVAHIDQFTADMLGSAELAEEVNLNGSGKLLKITGCASPGKTVTIVVRGSNKLVIEEAERSIHDALCVIRCLVKK
RALIAGGGAPEIELALRLTEYSRTLSGMESYCVRAFADAMEVIPSTLAENAGLNPISTVTELRNRHAQGEKTAGINVRKG
GISNILEELVVQPLLVSVSALTLATETVRSILKIDDVVNT
;
D,d
4 'polypeptide(L)'
;ASMGTLAFDEYGRPFLIIKDQDRKSRLMGLEALKSHIMAAKAVANTMRTSLGPNGLDKMMVDKDGDVTVTNDGATILSMM
DVDHQIAKLMVELSKSQDDEIGDGTTGVVVLAGALLEEAEQLLDRGIHPIRIADGYEQAARVAIEHLDKISDSVLVDIKD
TEPLIQTAKTTLGSKVVNSCHRQMAEIAVNAVLTVADMERRDVDFELIKVEGKVGGRLEDTKLIKGVIVDKDFSHPQMPK
KVEDAKIAILTCPFEPPKPKTKHKLDVTSVEDYKALQKYEKEKFEEMIQQIKETGANLAICQWGFDDEANHLLLQNNLPA
VRWVGGPEIELIAIATGGRIVPRFSELTAEKLGFAGLVQEISFGTTKDKMLVIEQCKNSRAVTIFIRGGNKMIIEEAKRS
LHDALCVIRNLIRDNRVVYGGGAAEISCALAVSQEADKCPTLEQYAMRAFADALEVIPMALSENSGMNPIQTMTEVRARQ
VKEMNPALGIDCLHKGTNDMKQQHVIETLIGKKQQISLATQMVRMILKIDDIRKPGESEE
;
E,e
5 'polypeptide(L)'
;GHRPVLVLSQNTKRESGRKVQSGNINAAKTIADIIRTCLGPKSMMKMLLDPMGGIVMTNDGNAILREIQVQHPAAKSMIE
ISRTQDEEVGDGTTSVIILAGEMLSVAEHFLEQQMHPTVVISAYRKALDDMISTLKKISIPVDISDSDMMLNIINSSITT
KAISRWSSLACNIALDAVKMVQFEENGRKEIDIKKYARVEKIPGGIIEDSCVLRGVMINKDVTHPRMRRYIKNPRIVLLD
SSLEYKKGESQTDIEITREEDFTRILQMEEEYIQQLCEDIIQLKPDVVITEKGISDLAQHYLMRANITAIRRVRKTDNNR
IARACGARIVSRPEELREDDVGTGAGLLEIKKIGDEYFTFITDCKDPKACTILLRGASKEILSEVERNLQDAMQVCRNVL
LDPQLVPGGGASEMAVAHALTEKSKAMTGVEQWPYRAVAQALEVIPRTLIQNCGASTIRLLTSLRAKHTQENCETWGVNG
ETGTLVDMKELGIWEPLAVKLQTYKTAVETAVLLLRIDDIVSGHKKKG
;
G,g
6 'polypeptide(L)'
;MMPTPVILLKEGTDSSQGIPQLVSNISACQVIAEAVRTTLGPRGMDKLIVDGRGKATISNDGATILKLLDVVHPAAKTLV
DIAKSQDAEVGDGTTSVTLLAAEFLKQVKPYVEEGLHPQIIIRAFRTATQLAVNKIKEIAVTVKKADKVEQRKLLEKCAM
TALSSKLISQQKAFFAKMVVDAVMMLDDLLQLKMIGIKKVQGGALEDSQLVAGVAFKKTFSYAGFEMQPKKYHNPKIALL
NVELELKAEKDNAEIRVHTVEDYQAIVDAEWNILYDKLEKIHHSGAKVVLSKLPIGDVATQYFADRDMFCAGRVPEEDLK
RTMMACGGSIQTSVNALSADVLGRCQVFEETQIGGERYNFFTGCPKAKTCTFILRGGAEQFMEETERSLHDAIMIVRRAI
KNDSVVAGGGAIEMELSKYLRDYSRTIPGKQQLLIGAYAKALEIIPRQLCDNAGFDATNILNKLRARHAQGGTWYGVDIN
NEDIADNFEAFVWEPAMVRINALTAASEAACLIVSVDETIKNPRSTVD
;
H,h
7 'polypeptide(L)'
;ALHVPKAPGFAQMLKEGAKHFSGLEEAVYRNIQACKELAQTTRTAYGPNGMNKMVINHLEKLFVTNDAATILRELEVQHP
AAKMIVMASHMQEQEVGDGTNFVLVFAGALLELAEELLRIGLSVSEVIEGYEIACRKAHEILPNLVCCSAKNLRDIDEVS
SLLRTSIMSKQYGNEVFLAKLIAQACVSIFPDSGHFNVDNIRVCKILGSGISSSSVLHGMVFKKETEGDVTSVKDAKIAV
YSCPFDGMITETKGTVLIKTAEELMNFSKGEENLMDAQVKAIADTGANVVVTGGKVADMALHYANKYNIMLVRLNSKWDL
RRLCKTVGATALPRLTPPVLEEMGHCDSVYLSEVGDTQVVVFKHEKEDGAISTIVLRGSTDNLMDDIERAVDDGVNTFKV
LTRDKRLVPGGGATEIELAKQITSYGETCPGLEQYAIKKFAEAFEAIPRALAENSGVKANEVISKLYAVHQEGNKNVGLD
IEAEVPAVKDMLEAGILDTYLGKYWAIKLATNAAVTVLRVDQIIMAKPAGGPKPPSGK
;
Q,q
8 'polypeptide(L)'
;MAAVKTLNPKAEVARAQAALAVNISAARGLQDVLRTNLGPKGTMKMLVSGAGDIKLTKDGNVLLHEMQIQHPTASLIAKV
ATAQDDITGDGTTSNVLIIGELLKQADLYISEGLHPRIITEGFEAAKEKALQFLEEVKVSREMDRETLIDVARTSLRTKV
HAELADVLTEAVVDSILAIKKQDEPIDLFMIEIMEMKHKSETDTSLIRGLVLDHGARHPDMKKRVEDAYILTCNVSLEYE
KTEVNSGFFYKSAEEREKLVKAERKFIEDRVKKIIELKRKVCGDSDKGFVVINQKGIDPFSLDALSKEGIVALRRAKRRN
MERLTLACGGVALNSFDDLSPDCLGHAGLVYEYTLGEEKFTFIEKCNNPRSVTLLIKGPNKHTLTQIKDAVRDGLRAVKN
AIDDGCVVPGAGAVEVAMAEALIKHKPSVKGRAQLGVQAFADALLIIPKVLAQNSGFDLQETLVKIQAEHSESGQLVGVD
LNTGEPMVAAEVGVWDNYCVKKQLLHSCTVIATNILLVDEIMRAGMS
;
Z,z
9 'polypeptide(L)'
;MTTLDDKLLGEKLQYYYSSSEDEDSDHEDKDRGRCAPASSSVPAEAELAGEGISVNTGPKGVINDWRRFKQLETEQREEQ
CREMERLIKKLSMTCRSHLDEEEEQQKQKDLQEKISGKMTLKEFAIMNEDQDDEEFLQQYRKQRMEEMRQQLHKGPQFKQ
VFEISSGEGFLDMIDKEQKSIVIMVHIYEDGIPGTEAMNGCMICLAAEYPAVKFCKVKSSVIGASSQFTRNALPALLIYK
GGELIGNFVRVTDQLGDDFFAVDLEAFLQEFGLLPEKEVLVLTSVRNSATCHSEDSDLEID
;
P
#
# COMPACT_ATOMS: atom_id res chain seq x y z
N GLU A 1 -17.60 -21.70 19.52
CA GLU A 1 -16.71 -22.69 20.13
C GLU A 1 -17.49 -23.74 20.90
N GLY A 2 -17.75 -24.87 20.25
CA GLY A 2 -18.48 -25.95 20.88
C GLY A 2 -19.96 -25.65 21.03
N PRO A 3 -20.63 -26.41 21.89
CA PRO A 3 -22.07 -26.21 22.08
C PRO A 3 -22.46 -25.21 23.15
N LEU A 4 -21.53 -24.78 24.01
CA LEU A 4 -21.87 -23.80 25.04
C LEU A 4 -22.25 -22.46 24.42
N SER A 5 -21.54 -22.05 23.38
CA SER A 5 -21.86 -20.84 22.60
C SER A 5 -21.87 -19.59 23.47
N VAL A 6 -20.69 -19.27 24.00
CA VAL A 6 -20.46 -18.02 24.70
C VAL A 6 -19.27 -17.32 24.03
N PHE A 7 -19.35 -15.99 23.93
CA PHE A 7 -18.33 -15.21 23.23
C PHE A 7 -17.20 -14.89 24.20
N GLY A 8 -16.35 -15.88 24.42
CA GLY A 8 -15.20 -15.68 25.29
C GLY A 8 -14.51 -16.99 25.58
N ASP A 9 -13.43 -16.88 26.36
CA ASP A 9 -12.66 -18.05 26.77
C ASP A 9 -13.33 -18.75 27.93
N ARG A 10 -12.84 -19.95 28.25
CA ARG A 10 -13.34 -20.71 29.39
C ARG A 10 -12.27 -21.68 29.84
N SER A 11 -11.91 -21.60 31.13
CA SER A 11 -10.93 -22.49 31.73
C SER A 11 -11.60 -23.23 32.88
N THR A 12 -11.43 -24.54 32.92
CA THR A 12 -12.09 -25.39 33.90
C THR A 12 -11.10 -26.39 34.48
N GLY A 13 -11.30 -26.72 35.75
CA GLY A 13 -10.52 -27.77 36.37
C GLY A 13 -9.21 -27.30 36.96
N GLU A 14 -8.18 -28.15 36.85
CA GLU A 14 -6.87 -27.81 37.41
C GLU A 14 -6.23 -26.63 36.69
N THR A 15 -6.64 -26.35 35.45
CA THR A 15 -6.03 -25.26 34.69
C THR A 15 -6.26 -23.92 35.38
N ILE A 16 -7.51 -23.62 35.72
CA ILE A 16 -7.83 -22.33 36.34
C ILE A 16 -7.23 -22.23 37.73
N ARG A 17 -7.23 -23.34 38.48
CA ARG A 17 -6.63 -23.32 39.81
C ARG A 17 -5.13 -23.03 39.72
N SER A 18 -4.44 -23.69 38.79
CA SER A 18 -3.01 -23.44 38.61
C SER A 18 -2.76 -22.01 38.14
N GLN A 19 -3.64 -21.49 37.28
CA GLN A 19 -3.48 -20.11 36.83
C GLN A 19 -3.63 -19.12 37.98
N ASN A 20 -4.63 -19.32 38.84
CA ASN A 20 -4.82 -18.45 39.99
C ASN A 20 -3.64 -18.55 40.94
N VAL A 21 -3.14 -19.76 41.18
CA VAL A 21 -1.99 -19.92 42.06
C VAL A 21 -0.76 -19.25 41.46
N MET A 22 -0.60 -19.35 40.15
CA MET A 22 0.52 -18.69 39.49
C MET A 22 0.43 -17.17 39.66
N ALA A 23 -0.76 -16.61 39.50
CA ALA A 23 -0.92 -15.16 39.67
C ALA A 23 -0.60 -14.75 41.10
N ALA A 24 -1.12 -15.49 42.08
CA ALA A 24 -0.84 -15.17 43.47
C ALA A 24 0.65 -15.28 43.78
N ALA A 25 1.30 -16.32 43.25
CA ALA A 25 2.73 -16.49 43.46
C ALA A 25 3.52 -15.37 42.81
N SER A 26 3.07 -14.89 41.66
CA SER A 26 3.73 -13.74 41.04
C SER A 26 3.63 -12.51 41.91
N ILE A 27 2.43 -12.24 42.45
CA ILE A 27 2.27 -11.09 43.33
C ILE A 27 3.16 -11.23 44.56
N ALA A 28 3.23 -12.44 45.13
CA ALA A 28 4.11 -12.65 46.28
C ALA A 28 5.56 -12.40 45.90
N ASN A 29 6.04 -13.00 44.80
CA ASN A 29 7.43 -12.87 44.41
C ASN A 29 7.82 -11.46 44.05
N ILE A 30 6.85 -10.60 43.69
CA ILE A 30 7.19 -9.19 43.47
C ILE A 30 7.75 -8.58 44.75
N VAL A 31 7.12 -8.84 45.89
CA VAL A 31 7.45 -8.16 47.13
C VAL A 31 8.23 -9.03 48.10
N LYS A 32 8.53 -10.28 47.74
CA LYS A 32 9.25 -11.15 48.66
C LYS A 32 10.63 -10.63 49.01
N SER A 33 11.20 -9.75 48.20
CA SER A 33 12.55 -9.25 48.42
C SER A 33 12.60 -8.01 49.30
N SER A 34 11.46 -7.55 49.80
CA SER A 34 11.40 -6.35 50.61
C SER A 34 10.82 -6.64 51.99
N LEU A 35 11.19 -7.78 52.57
CA LEU A 35 10.69 -8.20 53.87
C LEU A 35 11.86 -8.34 54.83
N GLY A 36 11.72 -7.76 56.02
CA GLY A 36 12.69 -7.91 57.07
C GLY A 36 13.77 -6.85 57.04
N PRO A 37 14.54 -6.75 58.13
CA PRO A 37 15.57 -5.71 58.22
C PRO A 37 16.62 -5.81 57.14
N VAL A 38 16.83 -6.99 56.56
CA VAL A 38 17.78 -7.18 55.48
C VAL A 38 17.10 -7.05 54.12
N GLY A 39 15.87 -6.54 54.08
CA GLY A 39 15.21 -6.30 52.82
C GLY A 39 15.74 -5.06 52.13
N LEU A 40 15.41 -4.94 50.85
CA LEU A 40 15.89 -3.85 50.03
C LEU A 40 14.71 -3.14 49.37
N ASP A 41 14.85 -1.84 49.19
CA ASP A 41 13.79 -1.04 48.59
C ASP A 41 13.67 -1.35 47.10
N LYS A 42 12.71 -0.71 46.44
CA LYS A 42 12.44 -0.93 45.04
C LYS A 42 12.30 0.40 44.32
N MET A 43 12.57 0.36 43.02
CA MET A 43 12.43 1.51 42.14
C MET A 43 11.31 1.26 41.15
N LEU A 44 10.36 2.17 41.09
CA LEU A 44 9.20 2.07 40.19
C LEU A 44 9.23 3.27 39.26
N VAL A 45 9.50 3.03 37.99
CA VAL A 45 9.48 4.08 36.98
C VAL A 45 8.10 4.15 36.37
N ASP A 46 7.53 5.36 36.28
CA ASP A 46 6.15 5.55 35.88
C ASP A 46 5.98 5.68 34.38
N ASP A 47 6.94 5.20 33.59
CA ASP A 47 6.82 5.09 32.13
C ASP A 47 6.82 6.50 31.51
N ILE A 48 6.89 7.53 32.34
CA ILE A 48 6.95 8.91 31.83
C ILE A 48 8.07 9.64 32.54
N GLY A 49 8.92 8.91 33.25
CA GLY A 49 10.05 9.49 33.95
C GLY A 49 9.87 9.69 35.44
N ASP A 50 8.66 9.50 35.96
CA ASP A 50 8.45 9.65 37.39
C ASP A 50 8.97 8.42 38.12
N VAL A 51 9.76 8.65 39.17
CA VAL A 51 10.46 7.59 39.89
C VAL A 51 9.99 7.59 41.33
N THR A 52 9.61 6.41 41.82
CA THR A 52 9.23 6.22 43.21
C THR A 52 10.09 5.12 43.80
N ILE A 53 10.78 5.42 44.90
CA ILE A 53 11.60 4.46 45.62
C ILE A 53 10.91 4.13 46.92
N THR A 54 10.56 2.86 47.11
CA THR A 54 9.75 2.50 48.27
C THR A 54 10.06 1.07 48.71
N ASN A 55 9.74 0.80 49.96
CA ASN A 55 9.76 -0.54 50.53
C ASN A 55 8.38 -1.02 50.94
N ASP A 56 7.40 -0.14 51.02
CA ASP A 56 6.06 -0.50 51.47
C ASP A 56 5.39 -1.40 50.44
N GLY A 57 4.86 -2.53 50.92
CA GLY A 57 4.20 -3.46 50.01
C GLY A 57 2.94 -2.90 49.40
N ALA A 58 2.15 -2.18 50.20
CA ALA A 58 0.90 -1.62 49.69
C ALA A 58 1.17 -0.62 48.57
N THR A 59 2.17 0.24 48.74
CA THR A 59 2.49 1.21 47.70
C THR A 59 2.95 0.50 46.42
N ILE A 60 3.80 -0.52 46.56
CA ILE A 60 4.28 -1.24 45.39
C ILE A 60 3.12 -1.86 44.64
N LEU A 61 2.24 -2.57 45.35
CA LEU A 61 1.13 -3.24 44.68
C LEU A 61 0.11 -2.24 44.15
N LYS A 62 0.04 -1.04 44.74
CA LYS A 62 -0.89 -0.03 44.24
C LYS A 62 -0.40 0.59 42.95
N LEU A 63 0.91 0.86 42.86
CA LEU A 63 1.43 1.51 41.67
C LEU A 63 1.52 0.58 40.46
N LEU A 64 1.58 -0.73 40.68
CA LEU A 64 1.71 -1.65 39.57
C LEU A 64 0.41 -1.77 38.79
N GLU A 65 0.54 -2.19 37.54
CA GLU A 65 -0.60 -2.45 36.67
C GLU A 65 -0.88 -3.95 36.71
N VAL A 66 -2.09 -4.31 37.12
CA VAL A 66 -2.48 -5.70 37.38
C VAL A 66 -3.68 -6.04 36.52
N GLU A 67 -3.64 -7.21 35.89
CA GLU A 67 -4.70 -7.64 35.00
C GLU A 67 -5.42 -8.91 35.47
N HIS A 68 -4.72 -9.84 36.09
CA HIS A 68 -5.38 -11.07 36.54
C HIS A 68 -6.24 -10.80 37.77
N PRO A 69 -7.47 -11.32 37.82
CA PRO A 69 -8.34 -11.01 38.97
C PRO A 69 -7.82 -11.48 40.31
N ALA A 70 -7.12 -12.62 40.37
CA ALA A 70 -6.57 -13.06 41.64
C ALA A 70 -5.46 -12.15 42.12
N ALA A 71 -4.62 -11.69 41.19
CA ALA A 71 -3.60 -10.71 41.54
C ALA A 71 -4.23 -9.42 42.03
N LYS A 72 -5.34 -8.99 41.40
CA LYS A 72 -6.09 -7.85 41.89
C LYS A 72 -6.62 -8.10 43.30
N VAL A 73 -7.04 -9.34 43.58
CA VAL A 73 -7.54 -9.67 44.92
C VAL A 73 -6.44 -9.50 45.95
N LEU A 74 -5.24 -9.98 45.63
CA LEU A 74 -4.12 -9.81 46.57
C LEU A 74 -3.73 -8.35 46.73
N CYS A 75 -3.75 -7.57 45.64
CA CYS A 75 -3.44 -6.15 45.76
C CYS A 75 -4.45 -5.43 46.62
N GLU A 76 -5.74 -5.74 46.45
CA GLU A 76 -6.77 -5.14 47.29
C GLU A 76 -6.64 -5.60 48.74
N LEU A 77 -6.20 -6.84 48.94
CA LEU A 77 -5.91 -7.30 50.30
C LEU A 77 -4.80 -6.47 50.94
N ALA A 78 -3.76 -6.19 50.16
CA ALA A 78 -2.68 -5.34 50.67
C ALA A 78 -3.20 -3.95 51.02
N ASP A 79 -4.04 -3.38 50.15
CA ASP A 79 -4.60 -2.06 50.43
C ASP A 79 -5.46 -2.08 51.69
N LEU A 80 -6.27 -3.12 51.85
CA LEU A 80 -7.12 -3.23 53.04
C LEU A 80 -6.28 -3.34 54.30
N GLN A 81 -5.22 -4.14 54.26
CA GLN A 81 -4.34 -4.26 55.42
C GLN A 81 -3.69 -2.92 55.74
N ASP A 82 -3.27 -2.19 54.71
CA ASP A 82 -2.69 -0.87 54.92
C ASP A 82 -3.69 0.08 55.57
N LYS A 83 -4.94 0.06 55.10
CA LYS A 83 -5.94 0.98 55.62
C LYS A 83 -6.32 0.64 57.06
N GLU A 84 -6.45 -0.65 57.37
CA GLU A 84 -7.01 -1.07 58.65
C GLU A 84 -5.95 -1.23 59.73
N VAL A 85 -4.71 -1.51 59.37
CA VAL A 85 -3.66 -1.70 60.36
C VAL A 85 -2.51 -0.73 60.11
N GLY A 86 -1.97 -0.75 58.89
CA GLY A 86 -0.87 0.11 58.52
C GLY A 86 0.49 -0.58 58.46
N ASP A 87 0.59 -1.82 58.94
CA ASP A 87 1.83 -2.56 58.91
C ASP A 87 1.54 -4.00 58.55
N GLY A 88 2.58 -4.72 58.15
CA GLY A 88 2.42 -6.12 57.79
C GLY A 88 1.83 -6.36 56.43
N THR A 89 1.89 -5.38 55.53
CA THR A 89 1.31 -5.53 54.20
C THR A 89 2.04 -6.61 53.40
N THR A 90 3.37 -6.52 53.35
CA THR A 90 4.14 -7.56 52.67
C THR A 90 3.91 -8.91 53.31
N SER A 91 3.88 -8.96 54.64
CA SER A 91 3.67 -10.21 55.34
C SER A 91 2.32 -10.82 54.99
N VAL A 92 1.26 -10.01 54.98
CA VAL A 92 -0.06 -10.57 54.71
C VAL A 92 -0.16 -11.03 53.26
N VAL A 93 0.45 -10.30 52.32
CA VAL A 93 0.43 -10.75 50.93
C VAL A 93 1.15 -12.08 50.79
N ILE A 94 2.33 -12.18 51.39
CA ILE A 94 3.11 -13.42 51.29
C ILE A 94 2.37 -14.58 51.92
N ILE A 95 1.78 -14.35 53.11
CA ILE A 95 1.08 -15.42 53.81
C ILE A 95 -0.13 -15.89 53.01
N ALA A 96 -0.89 -14.95 52.44
CA ALA A 96 -2.06 -15.33 51.64
C ALA A 96 -1.64 -16.14 50.42
N ALA A 97 -0.57 -15.71 49.73
CA ALA A 97 -0.13 -16.45 48.55
C ALA A 97 0.34 -17.84 48.92
N GLU A 98 1.09 -17.97 50.03
CA GLU A 98 1.56 -19.28 50.45
C GLU A 98 0.40 -20.18 50.85
N LEU A 99 -0.58 -19.62 51.56
CA LEU A 99 -1.76 -20.39 51.92
C LEU A 99 -2.48 -20.90 50.69
N LEU A 100 -2.66 -20.04 49.69
CA LEU A 100 -3.31 -20.48 48.47
C LEU A 100 -2.52 -21.56 47.75
N LYS A 101 -1.20 -21.41 47.69
CA LYS A 101 -0.37 -22.39 47.00
C LYS A 101 -0.46 -23.75 47.68
N ASN A 102 -0.36 -23.78 49.01
CA ASN A 102 -0.43 -25.05 49.71
C ASN A 102 -1.83 -25.65 49.64
N ALA A 103 -2.87 -24.82 49.66
CA ALA A 103 -4.22 -25.32 49.52
C ALA A 103 -4.43 -25.95 48.15
N ASP A 104 -3.88 -25.33 47.10
CA ASP A 104 -3.99 -25.93 45.77
C ASP A 104 -3.19 -27.23 45.68
N GLU A 105 -2.04 -27.27 46.35
CA GLU A 105 -1.28 -28.52 46.41
C GLU A 105 -2.11 -29.63 47.04
N LEU A 106 -2.84 -29.30 48.11
CA LEU A 106 -3.73 -30.29 48.72
C LEU A 106 -4.86 -30.67 47.78
N VAL A 107 -5.43 -29.69 47.07
CA VAL A 107 -6.57 -29.95 46.20
C VAL A 107 -6.19 -30.88 45.06
N LYS A 108 -5.00 -30.67 44.50
CA LYS A 108 -4.54 -31.52 43.39
C LYS A 108 -4.42 -32.98 43.79
N GLN A 109 -4.33 -33.27 45.09
CA GLN A 109 -4.33 -34.64 45.59
C GLN A 109 -5.73 -35.18 45.83
N LYS A 110 -6.73 -34.62 45.13
CA LYS A 110 -8.12 -35.08 45.22
C LYS A 110 -8.68 -34.91 46.63
N ILE A 111 -8.32 -33.81 47.29
CA ILE A 111 -8.95 -33.38 48.51
C ILE A 111 -9.93 -32.26 48.16
N HIS A 112 -11.18 -32.41 48.59
CA HIS A 112 -12.20 -31.47 48.18
C HIS A 112 -11.91 -30.08 48.73
N PRO A 113 -12.13 -29.03 47.96
CA PRO A 113 -11.84 -27.67 48.45
C PRO A 113 -12.63 -27.28 49.68
N THR A 114 -13.82 -27.85 49.88
CA THR A 114 -14.59 -27.52 51.09
C THR A 114 -13.86 -27.99 52.34
N SER A 115 -13.27 -29.19 52.29
CA SER A 115 -12.51 -29.68 53.44
C SER A 115 -11.32 -28.77 53.73
N VAL A 116 -10.62 -28.33 52.69
CA VAL A 116 -9.48 -27.43 52.87
C VAL A 116 -9.93 -26.11 53.46
N ILE A 117 -11.07 -25.59 53.01
CA ILE A 117 -11.58 -24.32 53.52
C ILE A 117 -11.95 -24.46 54.99
N SER A 118 -12.63 -25.54 55.36
CA SER A 118 -12.99 -25.74 56.75
C SER A 118 -11.75 -25.88 57.63
N GLY A 119 -10.75 -26.62 57.14
CA GLY A 119 -9.51 -26.75 57.89
C GLY A 119 -8.80 -25.41 58.06
N TYR A 120 -8.81 -24.59 57.01
CA TYR A 120 -8.19 -23.27 57.09
C TYR A 120 -8.91 -22.40 58.11
N ARG A 121 -10.24 -22.45 58.13
CA ARG A 121 -11.00 -21.67 59.10
C ARG A 121 -10.69 -22.12 60.52
N LEU A 122 -10.67 -23.43 60.75
CA LEU A 122 -10.33 -23.95 62.08
C LEU A 122 -8.93 -23.55 62.49
N ALA A 123 -7.97 -23.64 61.56
CA ALA A 123 -6.61 -23.28 61.87
C ALA A 123 -6.48 -21.81 62.19
N CYS A 124 -7.18 -20.95 61.45
CA CYS A 124 -7.12 -19.52 61.72
C CYS A 124 -7.71 -19.19 63.09
N LYS A 125 -8.86 -19.80 63.42
CA LYS A 125 -9.46 -19.57 64.72
C LYS A 125 -8.54 -20.02 65.84
N GLU A 126 -7.95 -21.22 65.70
CA GLU A 126 -7.05 -21.72 66.74
C GLU A 126 -5.79 -20.87 66.84
N ALA A 127 -5.26 -20.41 65.71
CA ALA A 127 -4.07 -19.57 65.75
C ALA A 127 -4.35 -18.25 66.46
N VAL A 128 -5.49 -17.64 66.17
CA VAL A 128 -5.85 -16.39 66.84
C VAL A 128 -6.02 -16.62 68.34
N ARG A 129 -6.69 -17.72 68.72
CA ARG A 129 -6.87 -18.00 70.14
C ARG A 129 -5.54 -18.25 70.83
N TYR A 130 -4.65 -19.02 70.21
CA TYR A 130 -3.35 -19.31 70.80
C TYR A 130 -2.52 -18.03 70.94
N ILE A 131 -2.56 -17.16 69.93
CA ILE A 131 -1.83 -15.90 70.01
C ILE A 131 -2.35 -15.06 71.16
N ASN A 132 -3.68 -14.92 71.25
CA ASN A 132 -4.26 -14.10 72.29
C ASN A 132 -4.08 -14.70 73.68
N GLU A 133 -3.85 -16.00 73.78
CA GLU A 133 -3.77 -16.65 75.09
C GLU A 133 -2.36 -16.90 75.58
N ASN A 134 -1.38 -17.03 74.68
CA ASN A 134 -0.05 -17.46 75.12
C ASN A 134 1.07 -16.51 74.68
N LEU A 135 0.96 -15.95 73.48
CA LEU A 135 2.08 -15.24 72.87
C LEU A 135 2.01 -13.72 73.06
N ILE A 136 1.03 -13.21 73.77
CA ILE A 136 0.91 -11.77 73.95
C ILE A 136 1.74 -11.33 75.14
N VAL A 137 2.21 -10.09 75.09
CA VAL A 137 2.97 -9.47 76.17
C VAL A 137 2.26 -8.18 76.55
N ASN A 138 2.00 -8.00 77.85
CA ASN A 138 1.38 -6.78 78.34
C ASN A 138 2.41 -5.66 78.35
N THR A 139 2.04 -4.51 77.78
CA THR A 139 2.97 -3.38 77.68
C THR A 139 3.06 -2.58 78.96
N ASP A 140 2.16 -2.80 79.92
CA ASP A 140 2.26 -2.11 81.20
C ASP A 140 3.53 -2.47 81.95
N GLU A 141 4.09 -3.64 81.69
CA GLU A 141 5.33 -4.08 82.34
C GLU A 141 6.56 -3.38 81.79
N LEU A 142 6.45 -2.64 80.70
CA LEU A 142 7.60 -2.03 80.05
C LEU A 142 7.55 -0.52 79.96
N GLY A 143 6.35 0.08 79.93
CA GLY A 143 6.24 1.52 79.95
C GLY A 143 6.47 2.20 78.61
N ARG A 144 7.54 3.00 78.51
CA ARG A 144 7.89 3.69 77.28
C ARG A 144 8.90 2.91 76.44
N ASP A 145 9.65 2.00 77.07
CA ASP A 145 10.61 1.20 76.32
C ASP A 145 9.91 0.32 75.29
N CYS A 146 8.71 -0.18 75.63
CA CYS A 146 7.97 -1.00 74.67
C CYS A 146 7.57 -0.18 73.45
N LEU A 147 7.11 1.05 73.66
CA LEU A 147 6.78 1.92 72.54
C LEU A 147 8.01 2.21 71.69
N ILE A 148 9.13 2.52 72.34
CA ILE A 148 10.35 2.81 71.60
C ILE A 148 10.79 1.60 70.78
N ASN A 149 10.72 0.41 71.37
CA ASN A 149 11.15 -0.79 70.67
C ASN A 149 10.22 -1.14 69.52
N ALA A 150 8.91 -0.98 69.71
CA ALA A 150 7.97 -1.23 68.62
C ALA A 150 8.20 -0.26 67.47
N ALA A 151 8.41 1.03 67.79
CA ALA A 151 8.71 2.00 66.74
C ALA A 151 10.00 1.65 66.02
N LYS A 152 11.03 1.25 66.77
CA LYS A 152 12.30 0.89 66.14
C LYS A 152 12.16 -0.34 65.26
N THR A 153 11.37 -1.32 65.70
CA THR A 153 11.12 -2.49 64.88
C THR A 153 10.42 -2.12 63.59
N SER A 154 9.45 -1.20 63.66
CA SER A 154 8.84 -0.71 62.44
C SER A 154 9.82 0.07 61.57
N MET A 155 10.83 0.68 62.20
CA MET A 155 11.83 1.43 61.44
C MET A 155 12.67 0.51 60.56
N SER A 156 13.01 -0.67 61.07
CA SER A 156 13.84 -1.59 60.30
C SER A 156 13.14 -1.96 59.00
N SER A 157 13.95 -2.25 57.98
CA SER A 157 13.57 -2.52 56.58
C SER A 157 13.22 -1.23 55.85
N LYS A 158 13.27 -0.08 56.51
CA LYS A 158 12.97 1.20 55.89
C LYS A 158 14.24 2.04 55.79
N ILE A 159 14.15 3.11 55.00
CA ILE A 159 15.31 3.98 54.78
C ILE A 159 15.75 4.69 56.05
N ILE A 160 14.93 4.68 57.09
CA ILE A 160 15.25 5.31 58.36
C ILE A 160 15.53 4.28 59.45
N GLY A 161 15.86 3.05 59.05
CA GLY A 161 16.07 1.99 60.04
C GLY A 161 17.27 2.22 60.93
N ILE A 162 18.40 2.62 60.34
CA ILE A 162 19.62 2.80 61.12
C ILE A 162 19.47 3.97 62.09
N ASN A 163 18.76 5.02 61.68
CA ASN A 163 18.50 6.18 62.53
C ASN A 163 17.31 5.96 63.44
N GLY A 164 16.93 4.71 63.68
CA GLY A 164 15.79 4.42 64.52
C GLY A 164 15.94 4.96 65.93
N ASP A 165 17.18 5.00 66.43
CA ASP A 165 17.42 5.46 67.81
C ASP A 165 16.82 6.84 68.06
N PHE A 166 16.78 7.67 67.02
CA PHE A 166 16.29 9.03 67.04
C PHE A 166 14.89 9.16 66.44
N PHE A 167 14.61 8.41 65.37
CA PHE A 167 13.30 8.50 64.74
C PHE A 167 12.21 7.88 65.63
N ALA A 168 12.52 6.81 66.35
CA ALA A 168 11.55 6.23 67.26
C ALA A 168 11.20 7.18 68.39
N ASN A 169 12.21 7.90 68.91
CA ASN A 169 11.94 8.92 69.92
C ASN A 169 11.03 9.99 69.37
N MET A 170 11.31 10.47 68.15
CA MET A 170 10.44 11.46 67.54
C MET A 170 9.02 10.94 67.39
N VAL A 171 8.87 9.70 66.92
CA VAL A 171 7.54 9.14 66.69
C VAL A 171 6.76 9.03 67.99
N VAL A 172 7.41 8.51 69.03
CA VAL A 172 6.73 8.34 70.31
C VAL A 172 6.31 9.68 70.88
N ASP A 173 7.21 10.68 70.82
CA ASP A 173 6.86 12.00 71.33
C ASP A 173 5.70 12.60 70.55
N ALA A 174 5.72 12.47 69.23
CA ALA A 174 4.66 13.04 68.41
C ALA A 174 3.32 12.37 68.71
N VAL A 175 3.31 11.05 68.84
CA VAL A 175 2.07 10.34 69.10
C VAL A 175 1.53 10.68 70.48
N LEU A 176 2.41 10.76 71.47
CA LEU A 176 1.96 11.14 72.81
C LEU A 176 1.47 12.57 72.85
N ALA A 177 1.98 13.43 71.96
CA ALA A 177 1.54 14.82 71.96
C ALA A 177 0.08 14.96 71.57
N ILE A 178 -0.38 14.18 70.58
CA ILE A 178 -1.72 14.34 70.04
C ILE A 178 -2.73 13.47 70.78
N LYS A 179 -2.31 12.89 71.89
CA LYS A 179 -3.22 12.06 72.68
C LYS A 179 -4.34 12.92 73.27
N TYR A 180 -5.56 12.40 73.21
CA TYR A 180 -6.70 13.10 73.80
C TYR A 180 -7.74 12.07 74.23
N THR A 181 -8.47 12.41 75.27
CA THR A 181 -9.50 11.55 75.84
C THR A 181 -10.87 11.96 75.32
N ASP A 182 -11.81 11.01 75.36
CA ASP A 182 -13.14 11.23 74.82
C ASP A 182 -14.14 10.56 75.77
N ILE A 183 -15.37 10.35 75.27
CA ILE A 183 -16.38 9.66 76.04
C ILE A 183 -15.93 8.23 76.33
N ARG A 184 -16.61 7.59 77.28
CA ARG A 184 -16.32 6.26 77.81
C ARG A 184 -14.85 6.08 78.17
N GLY A 185 -14.14 7.18 78.45
CA GLY A 185 -12.83 7.14 79.06
C GLY A 185 -11.74 6.46 78.27
N GLN A 186 -11.94 6.19 76.98
CA GLN A 186 -10.93 5.49 76.21
C GLN A 186 -9.96 6.50 75.59
N PRO A 187 -8.68 6.47 75.96
CA PRO A 187 -7.71 7.40 75.34
C PRO A 187 -7.39 6.96 73.92
N ARG A 188 -7.89 7.70 72.95
CA ARG A 188 -7.69 7.40 71.55
C ARG A 188 -6.67 8.37 70.95
N TYR A 189 -5.85 7.86 70.04
CA TYR A 189 -4.76 8.64 69.46
C TYR A 189 -5.07 8.93 68.00
N PRO A 190 -5.47 10.15 67.66
CA PRO A 190 -5.86 10.46 66.27
C PRO A 190 -4.67 10.72 65.34
N VAL A 191 -4.05 9.63 64.88
CA VAL A 191 -3.01 9.76 63.87
C VAL A 191 -3.65 10.31 62.59
N ASN A 192 -2.79 10.86 61.72
CA ASN A 192 -3.10 11.68 60.55
C ASN A 192 -3.40 13.11 60.98
N SER A 193 -3.43 13.40 62.27
CA SER A 193 -3.42 14.76 62.77
C SER A 193 -2.01 15.30 62.95
N VAL A 194 -0.99 14.47 62.74
CA VAL A 194 0.40 14.88 62.82
C VAL A 194 0.82 15.26 61.41
N ASN A 195 0.83 16.56 61.11
CA ASN A 195 1.18 17.03 59.78
C ASN A 195 2.65 16.72 59.49
N ILE A 196 2.89 16.01 58.39
CA ILE A 196 4.22 15.62 57.97
C ILE A 196 4.58 16.41 56.72
N LEU A 197 5.64 17.20 56.80
CA LEU A 197 6.08 18.04 55.70
C LEU A 197 7.43 17.56 55.19
N LYS A 198 7.56 17.47 53.87
CA LYS A 198 8.80 17.03 53.24
C LYS A 198 9.52 18.23 52.63
N ALA A 199 10.82 18.33 52.92
CA ALA A 199 11.63 19.42 52.37
C ALA A 199 13.07 18.93 52.34
N HIS A 200 13.61 18.72 51.14
CA HIS A 200 14.96 18.21 51.01
C HIS A 200 15.96 19.22 51.55
N GLY A 201 17.20 18.76 51.74
CA GLY A 201 18.21 19.60 52.33
C GLY A 201 19.19 18.83 53.19
N ARG A 202 19.29 19.21 54.46
CA ARG A 202 20.24 18.62 55.39
C ARG A 202 19.95 17.14 55.64
N SER A 203 20.80 16.48 56.43
CA SER A 203 20.66 15.06 56.65
C SER A 203 19.39 14.74 57.42
N GLN A 204 19.10 13.44 57.54
CA GLN A 204 17.91 13.01 58.25
C GLN A 204 17.94 13.41 59.73
N MET A 205 19.14 13.51 60.31
CA MET A 205 19.25 13.90 61.71
C MET A 205 18.81 15.34 61.95
N GLU A 206 18.64 16.14 60.90
CA GLU A 206 18.12 17.49 61.04
C GLU A 206 16.61 17.55 60.95
N SER A 207 15.93 16.42 60.92
CA SER A 207 14.47 16.41 60.95
C SER A 207 13.98 17.03 62.25
N MET A 208 12.98 17.89 62.14
CA MET A 208 12.48 18.67 63.26
C MET A 208 11.11 18.17 63.69
N LEU A 209 10.93 17.98 65.00
CA LEU A 209 9.63 17.70 65.58
C LEU A 209 9.10 19.00 66.16
N ILE A 210 8.08 19.55 65.53
CA ILE A 210 7.56 20.86 65.92
C ILE A 210 6.56 20.67 67.06
N SER A 211 6.75 21.43 68.13
CA SER A 211 5.81 21.44 69.25
C SER A 211 4.66 22.40 68.97
N GLY A 212 3.91 22.07 67.93
CA GLY A 212 2.83 22.92 67.46
C GLY A 212 2.29 22.44 66.13
N TYR A 213 2.14 23.34 65.17
CA TYR A 213 1.69 22.98 63.84
C TYR A 213 2.55 23.67 62.80
N ALA A 214 2.64 23.05 61.61
CA ALA A 214 3.47 23.53 60.53
C ALA A 214 2.64 23.61 59.26
N LEU A 215 2.37 24.83 58.80
CA LEU A 215 1.63 25.05 57.57
C LEU A 215 2.57 25.10 56.38
N ASN A 216 2.12 24.55 55.25
CA ASN A 216 2.83 24.70 53.99
C ASN A 216 2.33 25.91 53.21
N CYS A 217 2.29 27.05 53.89
CA CYS A 217 1.76 28.28 53.31
C CYS A 217 2.63 29.46 53.75
N VAL A 218 2.44 30.59 53.07
CA VAL A 218 3.19 31.80 53.35
C VAL A 218 2.20 32.95 53.54
N VAL A 219 2.72 34.09 53.99
CA VAL A 219 1.89 35.28 54.18
C VAL A 219 1.46 35.81 52.82
N GLY A 220 0.28 36.45 52.80
CA GLY A 220 -0.27 36.92 51.54
C GLY A 220 0.54 38.03 50.91
N SER A 221 0.99 38.99 51.71
CA SER A 221 1.66 40.18 51.22
C SER A 221 3.05 40.29 51.83
N GLN A 222 3.98 40.81 51.04
CA GLN A 222 5.37 40.96 51.51
C GLN A 222 5.50 42.06 52.56
N GLY A 223 4.54 42.97 52.64
CA GLY A 223 4.57 43.99 53.67
C GLY A 223 4.10 43.54 55.03
N MET A 224 3.53 42.35 55.12
CA MET A 224 3.06 41.84 56.39
C MET A 224 4.23 41.39 57.27
N PRO A 225 4.09 41.50 58.59
CA PRO A 225 5.13 40.97 59.46
C PRO A 225 5.19 39.45 59.37
N LYS A 226 6.37 38.90 59.68
CA LYS A 226 6.59 37.47 59.58
C LYS A 226 6.88 36.81 60.92
N ARG A 227 6.49 37.46 62.02
CA ARG A 227 6.68 36.88 63.35
C ARG A 227 5.80 37.62 64.34
N ILE A 228 5.03 36.87 65.12
CA ILE A 228 4.17 37.41 66.17
C ILE A 228 4.57 36.76 67.48
N VAL A 229 4.78 37.58 68.51
CA VAL A 229 5.25 37.04 69.78
C VAL A 229 4.10 36.59 70.67
N ASN A 230 2.88 37.05 70.40
CA ASN A 230 1.69 36.64 71.12
C ASN A 230 0.56 36.56 70.10
N ALA A 231 0.34 35.37 69.56
CA ALA A 231 -0.57 35.21 68.44
C ALA A 231 -2.01 35.07 68.92
N LYS A 232 -2.90 35.89 68.39
CA LYS A 232 -4.34 35.73 68.53
C LYS A 232 -4.86 35.30 67.18
N ILE A 233 -5.07 34.00 67.02
CA ILE A 233 -5.39 33.41 65.73
C ILE A 233 -6.89 33.42 65.51
N ALA A 234 -7.31 33.94 64.36
CA ALA A 234 -8.69 33.89 63.92
C ALA A 234 -8.77 33.02 62.68
N CYS A 235 -9.62 31.99 62.72
CA CYS A 235 -9.77 31.06 61.61
C CYS A 235 -11.09 31.35 60.89
N LEU A 236 -11.01 31.55 59.57
CA LEU A 236 -12.15 31.90 58.76
C LEU A 236 -12.33 30.88 57.64
N ASP A 237 -13.56 30.46 57.40
CA ASP A 237 -13.87 29.57 56.30
C ASP A 237 -14.36 30.30 55.07
N PHE A 238 -14.47 31.62 55.12
CA PHE A 238 -14.91 32.42 53.99
C PHE A 238 -13.74 33.21 53.42
N SER A 239 -13.99 33.87 52.30
CA SER A 239 -12.98 34.64 51.61
C SER A 239 -13.21 36.14 51.83
N LEU A 240 -12.12 36.89 51.85
CA LEU A 240 -12.15 38.34 52.04
C LEU A 240 -11.84 38.99 50.69
N GLN A 241 -12.89 39.35 49.96
CA GLN A 241 -12.77 39.98 48.67
C GLN A 241 -13.85 41.05 48.53
N LYS A 242 -13.82 41.77 47.42
CA LYS A 242 -14.89 42.69 47.11
C LYS A 242 -16.20 41.92 46.91
N THR A 243 -17.20 42.25 47.73
CA THR A 243 -18.44 41.48 47.73
C THR A 243 -19.14 41.62 46.39
N LYS A 244 -19.58 40.48 45.85
CA LYS A 244 -20.34 40.44 44.61
C LYS A 244 -21.74 39.93 44.93
N MET A 245 -22.75 40.65 44.46
CA MET A 245 -24.12 40.25 44.71
C MET A 245 -24.42 38.93 44.00
N LYS A 246 -25.32 38.15 44.60
CA LYS A 246 -25.57 36.79 44.15
C LYS A 246 -26.28 36.80 42.79
N LEU A 247 -26.54 35.60 42.27
CA LEU A 247 -27.16 35.47 40.96
C LEU A 247 -28.58 36.04 40.96
N GLY A 248 -29.31 35.84 42.05
CA GLY A 248 -30.69 36.31 42.11
C GLY A 248 -30.87 37.79 42.31
N VAL A 249 -29.78 38.52 42.56
CA VAL A 249 -29.84 39.96 42.81
C VAL A 249 -29.18 40.67 41.63
N GLN A 250 -29.87 41.68 41.10
CA GLN A 250 -29.40 42.45 39.96
C GLN A 250 -29.46 43.93 40.29
N VAL A 251 -28.44 44.67 39.88
CA VAL A 251 -28.36 46.10 40.12
C VAL A 251 -28.86 46.83 38.89
N VAL A 252 -29.93 47.59 39.04
CA VAL A 252 -30.51 48.40 37.97
C VAL A 252 -30.50 49.84 38.42
N ILE A 253 -29.86 50.71 37.65
CA ILE A 253 -29.67 52.11 38.01
C ILE A 253 -30.54 52.96 37.11
N THR A 254 -31.44 53.74 37.71
CA THR A 254 -32.22 54.73 36.99
C THR A 254 -31.83 56.16 37.33
N ASP A 255 -31.37 56.40 38.55
CA ASP A 255 -30.81 57.69 38.94
C ASP A 255 -29.30 57.56 39.03
N PRO A 256 -28.53 58.25 38.19
CA PRO A 256 -27.08 58.02 38.18
C PRO A 256 -26.39 58.35 39.49
N GLU A 257 -26.98 59.18 40.34
CA GLU A 257 -26.29 59.63 41.54
C GLU A 257 -26.02 58.48 42.53
N LYS A 258 -26.69 57.35 42.36
CA LYS A 258 -26.52 56.22 43.28
C LYS A 258 -25.38 55.29 42.90
N LEU A 259 -24.83 55.44 41.69
CA LEU A 259 -23.84 54.48 41.21
C LEU A 259 -22.56 54.54 42.03
N ASP A 260 -22.08 55.75 42.33
CA ASP A 260 -20.85 55.88 43.11
C ASP A 260 -21.03 55.32 44.52
N GLN A 261 -22.18 55.59 45.14
CA GLN A 261 -22.44 55.07 46.47
C GLN A 261 -22.47 53.54 46.45
N ILE A 262 -23.11 52.95 45.44
CA ILE A 262 -23.16 51.50 45.35
C ILE A 262 -21.76 50.92 45.17
N ARG A 263 -20.97 51.53 44.29
CA ARG A 263 -19.62 51.03 44.07
C ARG A 263 -18.76 51.14 45.33
N GLN A 264 -18.92 52.23 46.08
CA GLN A 264 -18.18 52.36 47.33
C GLN A 264 -18.60 51.29 48.34
N ARG A 265 -19.91 51.08 48.48
CA ARG A 265 -20.40 50.07 49.42
C ARG A 265 -19.89 48.69 49.05
N GLU A 266 -19.74 48.42 47.76
CA GLU A 266 -19.35 47.09 47.30
C GLU A 266 -18.04 46.62 47.93
N SER A 267 -17.15 47.55 48.28
CA SER A 267 -15.93 47.22 49.00
C SER A 267 -15.94 47.64 50.46
N ASP A 268 -16.74 48.64 50.81
CA ASP A 268 -16.84 49.05 52.22
C ASP A 268 -17.44 47.94 53.07
N ILE A 269 -18.23 47.05 52.48
CA ILE A 269 -18.76 45.92 53.23
C ILE A 269 -17.60 45.05 53.75
N THR A 270 -16.69 44.67 52.85
CA THR A 270 -15.55 43.86 53.27
C THR A 270 -14.61 44.65 54.18
N LYS A 271 -14.48 45.96 53.93
CA LYS A 271 -13.68 46.77 54.83
C LYS A 271 -14.23 46.73 56.25
N GLU A 272 -15.55 46.85 56.40
CA GLU A 272 -16.16 46.78 57.72
C GLU A 272 -15.98 45.41 58.35
N ARG A 273 -16.11 44.34 57.54
CA ARG A 273 -15.91 43.00 58.09
C ARG A 273 -14.50 42.83 58.63
N ILE A 274 -13.50 43.29 57.87
CA ILE A 274 -12.11 43.16 58.30
C ILE A 274 -11.85 44.02 59.53
N GLN A 275 -12.44 45.21 59.58
CA GLN A 275 -12.29 46.06 60.75
C GLN A 275 -12.89 45.41 61.99
N LYS A 276 -14.04 44.76 61.83
CA LYS A 276 -14.64 44.05 62.95
C LYS A 276 -13.75 42.90 63.42
N ILE A 277 -13.16 42.17 62.48
CA ILE A 277 -12.28 41.06 62.85
C ILE A 277 -11.07 41.57 63.60
N LEU A 278 -10.45 42.64 63.09
CA LEU A 278 -9.23 43.16 63.68
C LEU A 278 -9.45 43.90 64.99
N ALA A 279 -10.66 44.45 65.20
CA ALA A 279 -10.90 45.26 66.39
C ALA A 279 -10.84 44.45 67.68
N THR A 280 -10.92 43.13 67.59
CA THR A 280 -10.85 42.27 68.77
C THR A 280 -9.43 41.89 69.15
N GLY A 281 -8.43 42.44 68.46
CA GLY A 281 -7.04 42.15 68.77
C GLY A 281 -6.47 40.96 68.04
N ALA A 282 -7.12 40.48 66.98
CA ALA A 282 -6.60 39.35 66.24
C ALA A 282 -5.26 39.71 65.60
N ASN A 283 -4.28 38.83 65.76
CA ASN A 283 -2.94 39.02 65.23
C ASN A 283 -2.66 38.20 63.98
N VAL A 284 -3.18 36.98 63.92
CA VAL A 284 -2.98 36.10 62.77
C VAL A 284 -4.35 35.70 62.24
N ILE A 285 -4.52 35.83 60.92
CA ILE A 285 -5.79 35.52 60.26
C ILE A 285 -5.52 34.42 59.24
N LEU A 286 -6.19 33.29 59.40
CA LEU A 286 -6.10 32.17 58.48
C LEU A 286 -7.46 31.96 57.82
N THR A 287 -7.47 31.86 56.50
CA THR A 287 -8.71 31.66 55.77
C THR A 287 -8.52 30.61 54.68
N THR A 288 -9.58 29.83 54.45
CA THR A 288 -9.57 28.86 53.37
C THR A 288 -9.77 29.51 52.01
N GLY A 289 -10.45 30.64 51.96
CA GLY A 289 -10.69 31.34 50.71
C GLY A 289 -9.60 32.35 50.40
N GLY A 290 -9.73 32.96 49.23
CA GLY A 290 -8.77 33.95 48.81
C GLY A 290 -8.92 35.25 49.57
N ILE A 291 -7.88 36.08 49.49
CA ILE A 291 -7.87 37.41 50.09
C ILE A 291 -7.53 38.41 48.99
N ASP A 292 -8.35 39.45 48.87
CA ASP A 292 -8.12 40.46 47.84
C ASP A 292 -6.96 41.36 48.27
N ASP A 293 -6.43 42.10 47.29
CA ASP A 293 -5.28 42.96 47.55
C ASP A 293 -5.60 44.04 48.57
N MET A 294 -6.78 44.64 48.49
CA MET A 294 -7.14 45.68 49.44
C MET A 294 -7.23 45.11 50.86
N CYS A 295 -7.76 43.90 51.00
CA CYS A 295 -7.81 43.26 52.32
C CYS A 295 -6.41 42.99 52.84
N LEU A 296 -5.51 42.54 51.96
CA LEU A 296 -4.12 42.38 52.35
C LEU A 296 -3.53 43.70 52.82
N LYS A 297 -3.90 44.80 52.18
CA LYS A 297 -3.43 46.11 52.60
C LYS A 297 -3.96 46.47 53.98
N TYR A 298 -5.23 46.14 54.25
CA TYR A 298 -5.78 46.38 55.58
C TYR A 298 -5.01 45.60 56.63
N PHE A 299 -4.71 44.34 56.36
CA PHE A 299 -3.96 43.53 57.32
C PHE A 299 -2.54 44.04 57.49
N VAL A 300 -1.92 44.52 56.40
CA VAL A 300 -0.57 45.07 56.48
C VAL A 300 -0.57 46.31 57.37
N GLU A 301 -1.53 47.21 57.14
CA GLU A 301 -1.61 48.43 57.94
C GLU A 301 -1.87 48.11 59.41
N ALA A 302 -2.73 47.12 59.67
CA ALA A 302 -3.00 46.73 61.05
C ALA A 302 -1.83 46.01 61.70
N GLY A 303 -0.80 45.65 60.94
CA GLY A 303 0.31 44.90 61.49
C GLY A 303 -0.05 43.50 61.92
N ALA A 304 -0.82 42.78 61.10
CA ALA A 304 -1.25 41.44 61.41
C ALA A 304 -0.91 40.52 60.25
N MET A 305 -0.72 39.24 60.57
CA MET A 305 -0.39 38.24 59.55
C MET A 305 -1.68 37.64 58.99
N ALA A 306 -1.78 37.59 57.66
CA ALA A 306 -2.92 37.01 57.00
C ALA A 306 -2.44 35.94 56.03
N VAL A 307 -3.01 34.74 56.14
CA VAL A 307 -2.68 33.61 55.28
C VAL A 307 -3.93 33.20 54.53
N ARG A 308 -3.83 33.08 53.22
CA ARG A 308 -4.95 32.74 52.36
C ARG A 308 -4.78 31.34 51.78
N ARG A 309 -5.89 30.79 51.29
CA ARG A 309 -5.91 29.49 50.64
C ARG A 309 -5.41 28.37 51.54
N VAL A 310 -5.66 28.50 52.86
CA VAL A 310 -5.28 27.45 53.79
C VAL A 310 -6.16 26.22 53.55
N LEU A 311 -5.53 25.04 53.61
CA LEU A 311 -6.28 23.81 53.43
C LEU A 311 -7.26 23.62 54.58
N LYS A 312 -8.41 22.99 54.26
CA LYS A 312 -9.47 22.86 55.24
C LYS A 312 -9.04 22.00 56.42
N ARG A 313 -8.35 20.88 56.16
CA ARG A 313 -7.91 20.02 57.24
C ARG A 313 -6.89 20.72 58.13
N ASP A 314 -5.97 21.46 57.52
CA ASP A 314 -4.99 22.22 58.31
C ASP A 314 -5.67 23.26 59.18
N LEU A 315 -6.66 23.97 58.63
CA LEU A 315 -7.38 24.96 59.40
C LEU A 315 -8.14 24.32 60.55
N LYS A 316 -8.77 23.17 60.30
CA LYS A 316 -9.48 22.47 61.37
C LYS A 316 -8.53 22.04 62.47
N ARG A 317 -7.36 21.50 62.10
CA ARG A 317 -6.39 21.09 63.10
C ARG A 317 -5.88 22.27 63.91
N ILE A 318 -5.60 23.39 63.24
CA ILE A 318 -5.13 24.58 63.95
C ILE A 318 -6.19 25.09 64.92
N ALA A 319 -7.45 25.15 64.47
CA ALA A 319 -8.51 25.62 65.33
C ALA A 319 -8.69 24.69 66.53
N LYS A 320 -8.62 23.37 66.30
CA LYS A 320 -8.75 22.42 67.39
C LYS A 320 -7.62 22.58 68.40
N ALA A 321 -6.39 22.74 67.91
CA ALA A 321 -5.24 22.81 68.81
C ALA A 321 -5.23 24.12 69.59
N SER A 322 -5.43 25.24 68.91
CA SER A 322 -5.28 26.55 69.52
C SER A 322 -6.54 27.04 70.21
N GLY A 323 -7.65 26.30 70.13
CA GLY A 323 -8.88 26.74 70.76
C GLY A 323 -9.69 27.72 69.96
N ALA A 324 -9.34 27.97 68.70
CA ALA A 324 -10.11 28.87 67.88
C ALA A 324 -11.40 28.21 67.41
N THR A 325 -12.28 29.02 66.84
CA THR A 325 -13.55 28.55 66.30
C THR A 325 -13.59 28.84 64.81
N ILE A 326 -13.87 27.82 64.01
CA ILE A 326 -14.00 28.01 62.57
C ILE A 326 -15.27 28.81 62.29
N LEU A 327 -15.11 29.91 61.56
CA LEU A 327 -16.21 30.82 61.26
C LEU A 327 -16.44 30.83 59.75
N SER A 328 -17.51 30.18 59.31
CA SER A 328 -17.90 30.24 57.91
C SER A 328 -18.58 31.56 57.57
N THR A 329 -19.04 32.30 58.58
CA THR A 329 -19.71 33.57 58.35
C THR A 329 -19.71 34.35 59.65
N LEU A 330 -19.94 35.65 59.53
CA LEU A 330 -20.10 36.54 60.69
C LEU A 330 -21.59 36.82 60.81
N ALA A 331 -22.27 36.06 61.68
CA ALA A 331 -23.69 36.26 61.90
C ALA A 331 -24.05 35.63 63.24
N ASN A 332 -24.42 36.48 64.21
CA ASN A 332 -24.80 35.99 65.52
C ASN A 332 -26.26 35.57 65.50
N LEU A 333 -26.80 35.20 66.66
CA LEU A 333 -28.19 34.78 66.77
C LEU A 333 -29.16 35.95 66.81
N GLU A 334 -28.67 37.19 66.85
CA GLU A 334 -29.51 38.37 66.88
C GLU A 334 -29.69 39.00 65.51
N GLY A 335 -29.23 38.34 64.45
CA GLY A 335 -29.34 38.87 63.12
C GLY A 335 -28.30 39.89 62.73
N GLU A 336 -27.38 40.21 63.63
CA GLU A 336 -26.33 41.17 63.35
C GLU A 336 -25.10 40.45 62.80
N GLU A 337 -23.98 41.17 62.71
CA GLU A 337 -22.76 40.66 62.09
C GLU A 337 -21.58 41.16 62.93
N THR A 338 -21.14 40.33 63.87
CA THR A 338 -20.08 40.70 64.80
C THR A 338 -19.10 39.56 64.96
N PHE A 339 -17.88 39.90 65.37
CA PHE A 339 -16.84 38.93 65.68
C PHE A 339 -16.45 39.08 67.14
N GLU A 340 -16.44 37.96 67.86
CA GLU A 340 -16.15 37.96 69.28
C GLU A 340 -14.69 37.62 69.54
N ALA A 341 -14.13 38.24 70.58
CA ALA A 341 -12.77 37.92 70.99
C ALA A 341 -12.68 36.56 71.68
N ALA A 342 -13.81 35.99 72.10
CA ALA A 342 -13.81 34.71 72.79
C ALA A 342 -13.53 33.54 71.86
N MET A 343 -13.57 33.74 70.54
CA MET A 343 -13.32 32.68 69.57
C MET A 343 -11.99 32.91 68.85
N LEU A 344 -10.98 33.35 69.58
CA LEU A 344 -9.65 33.60 69.04
C LEU A 344 -8.70 32.54 69.58
N GLY A 345 -8.09 31.78 68.68
CA GLY A 345 -7.05 30.85 69.08
C GLY A 345 -5.79 31.58 69.50
N GLN A 346 -5.10 31.01 70.47
CA GLN A 346 -3.89 31.61 71.03
C GLN A 346 -2.73 30.64 70.93
N ALA A 347 -1.60 31.13 70.42
CA ALA A 347 -0.37 30.35 70.33
C ALA A 347 0.78 31.23 70.81
N GLU A 348 1.84 30.57 71.28
CA GLU A 348 2.97 31.33 71.81
C GLU A 348 3.70 32.11 70.73
N GLU A 349 3.71 31.60 69.50
CA GLU A 349 4.49 32.24 68.45
C GLU A 349 4.07 31.69 67.09
N VAL A 350 4.04 32.57 66.10
CA VAL A 350 3.86 32.19 64.70
C VAL A 350 5.02 32.77 63.91
N VAL A 351 5.76 31.91 63.22
CA VAL A 351 6.99 32.30 62.54
C VAL A 351 6.92 31.87 61.09
N GLN A 352 7.35 32.77 60.20
CA GLN A 352 7.58 32.44 58.79
C GLN A 352 9.02 31.96 58.67
N GLU A 353 9.21 30.65 58.83
CA GLU A 353 10.55 30.08 58.77
C GLU A 353 10.92 29.72 57.35
N ARG A 354 12.23 29.64 57.10
CA ARG A 354 12.77 29.34 55.79
C ARG A 354 13.44 27.98 55.82
N ILE A 355 13.06 27.11 54.90
CA ILE A 355 13.56 25.74 54.83
C ILE A 355 13.97 25.47 53.39
N CYS A 356 15.28 25.56 53.12
CA CYS A 356 15.86 25.19 51.82
C CYS A 356 15.22 25.98 50.67
N ASP A 357 15.41 27.30 50.71
CA ASP A 357 15.02 28.21 49.64
C ASP A 357 13.51 28.37 49.60
N ASP A 358 12.79 27.60 50.41
CA ASP A 358 11.35 27.70 50.52
C ASP A 358 10.98 28.11 51.93
N GLU A 359 9.79 28.69 52.08
CA GLU A 359 9.36 29.25 53.34
C GLU A 359 8.00 28.67 53.74
N LEU A 360 7.78 28.55 55.05
CA LEU A 360 6.56 27.97 55.58
C LEU A 360 6.27 28.58 56.94
N ILE A 361 5.03 28.38 57.40
CA ILE A 361 4.55 28.96 58.64
C ILE A 361 4.66 27.92 59.76
N LEU A 362 5.21 28.33 60.90
CA LEU A 362 5.27 27.51 62.09
C LEU A 362 4.45 28.15 63.19
N ILE A 363 3.45 27.43 63.68
CA ILE A 363 2.65 27.85 64.83
C ILE A 363 3.14 27.07 66.03
N LYS A 364 3.89 27.73 66.91
CA LYS A 364 4.62 27.06 67.97
C LYS A 364 3.87 27.19 69.29
N ASN A 365 3.73 26.07 69.99
CA ASN A 365 3.21 26.03 71.36
C ASN A 365 1.78 26.57 71.43
N THR A 366 0.88 25.90 70.71
CA THR A 366 -0.54 26.20 70.83
C THR A 366 -1.03 25.80 72.21
N LYS A 367 -2.00 26.56 72.71
CA LYS A 367 -2.49 26.34 74.07
C LYS A 367 -3.83 25.62 74.07
N ALA A 368 -4.17 25.08 75.23
CA ALA A 368 -5.42 24.37 75.53
C ALA A 368 -5.46 22.98 74.90
N ARG A 369 -4.53 22.68 74.00
CA ARG A 369 -4.28 21.37 73.44
C ARG A 369 -2.88 21.39 72.82
N THR A 370 -2.18 20.26 72.92
CA THR A 370 -0.85 20.13 72.36
C THR A 370 -0.94 19.40 71.03
N SER A 371 -0.27 19.94 70.02
CA SER A 371 -0.24 19.34 68.69
C SER A 371 1.21 19.22 68.23
N ALA A 372 1.45 18.27 67.34
CA ALA A 372 2.80 17.99 66.87
C ALA A 372 2.81 17.88 65.36
N SER A 373 3.96 18.24 64.77
CA SER A 373 4.18 18.12 63.34
C SER A 373 5.64 17.75 63.11
N ILE A 374 5.89 17.13 61.95
CA ILE A 374 7.22 16.63 61.61
C ILE A 374 7.63 17.20 60.27
N ILE A 375 8.86 17.70 60.19
CA ILE A 375 9.45 18.17 58.94
C ILE A 375 10.63 17.26 58.62
N LEU A 376 10.58 16.61 57.47
CA LEU A 376 11.58 15.63 57.08
C LEU A 376 12.56 16.22 56.09
N ARG A 377 13.85 16.01 56.34
CA ARG A 377 14.92 16.48 55.47
C ARG A 377 15.64 15.27 54.88
N GLY A 378 15.95 15.35 53.58
CA GLY A 378 16.63 14.26 52.91
C GLY A 378 17.48 14.78 51.77
N ALA A 379 18.13 13.85 51.07
CA ALA A 379 18.97 14.21 49.94
C ALA A 379 18.16 14.79 48.80
N ASN A 380 17.00 14.20 48.49
CA ASN A 380 16.16 14.68 47.41
C ASN A 380 14.71 14.33 47.73
N ASP A 381 13.84 14.53 46.75
CA ASP A 381 12.41 14.33 46.97
C ASP A 381 12.06 12.85 47.14
N PHE A 382 12.74 11.98 46.40
CA PHE A 382 12.43 10.56 46.44
C PHE A 382 12.68 9.99 47.83
N MET A 383 13.83 10.32 48.41
CA MET A 383 14.13 9.89 49.76
C MET A 383 13.14 10.46 50.75
N CYS A 384 12.74 11.72 50.56
CA CYS A 384 11.78 12.34 51.47
C CYS A 384 10.43 11.62 51.44
N ASP A 385 9.98 11.22 50.24
CA ASP A 385 8.74 10.46 50.15
C ASP A 385 8.86 9.12 50.87
N GLU A 386 10.00 8.45 50.70
CA GLU A 386 10.19 7.19 51.41
C GLU A 386 10.19 7.40 52.92
N MET A 387 10.83 8.48 53.38
CA MET A 387 10.79 8.82 54.80
C MET A 387 9.37 9.03 55.27
N GLU A 388 8.55 9.72 54.48
CA GLU A 388 7.17 9.96 54.88
C GLU A 388 6.40 8.65 55.02
N ARG A 389 6.57 7.75 54.05
CA ARG A 389 5.85 6.48 54.13
C ARG A 389 6.29 5.66 55.33
N SER A 390 7.60 5.56 55.56
CA SER A 390 8.09 4.81 56.72
C SER A 390 7.62 5.45 58.02
N LEU A 391 7.62 6.79 58.07
CA LEU A 391 7.17 7.49 59.27
C LEU A 391 5.70 7.21 59.54
N HIS A 392 4.88 7.18 58.49
CA HIS A 392 3.47 6.86 58.66
C HIS A 392 3.30 5.43 59.18
N ASP A 393 4.09 4.49 58.66
CA ASP A 393 4.04 3.13 59.17
C ASP A 393 4.37 3.09 60.66
N ALA A 394 5.42 3.80 61.07
CA ALA A 394 5.82 3.82 62.47
C ALA A 394 4.74 4.45 63.35
N LEU A 395 4.13 5.54 62.87
CA LEU A 395 3.07 6.17 63.63
C LEU A 395 1.88 5.23 63.82
N CYS A 396 1.51 4.52 62.75
CA CYS A 396 0.41 3.56 62.86
C CYS A 396 0.75 2.45 63.86
N VAL A 397 1.99 1.94 63.82
CA VAL A 397 2.39 0.88 64.74
C VAL A 397 2.30 1.37 66.18
N VAL A 398 2.79 2.58 66.44
CA VAL A 398 2.76 3.11 67.80
C VAL A 398 1.33 3.33 68.26
N LYS A 399 0.46 3.79 67.36
CA LYS A 399 -0.94 3.97 67.71
C LYS A 399 -1.59 2.63 68.08
N ARG A 400 -1.31 1.59 67.29
CA ARG A 400 -1.87 0.27 67.61
C ARG A 400 -1.36 -0.23 68.95
N VAL A 401 -0.07 -0.05 69.22
CA VAL A 401 0.48 -0.51 70.49
C VAL A 401 -0.14 0.23 71.66
N LEU A 402 -0.34 1.53 71.51
CA LEU A 402 -0.89 2.31 72.62
C LEU A 402 -2.36 2.00 72.85
N GLU A 403 -3.14 1.85 71.77
CA GLU A 403 -4.57 1.59 71.94
C GLU A 403 -4.82 0.22 72.56
N SER A 404 -4.21 -0.82 72.00
CA SER A 404 -4.28 -2.16 72.55
C SER A 404 -2.94 -2.51 73.16
N LYS A 405 -2.92 -2.74 74.47
CA LYS A 405 -1.67 -2.80 75.21
C LYS A 405 -0.96 -4.14 75.11
N SER A 406 -1.26 -4.93 74.08
CA SER A 406 -0.64 -6.23 73.88
C SER A 406 0.29 -6.20 72.67
N VAL A 407 1.47 -6.81 72.82
CA VAL A 407 2.43 -6.94 71.75
C VAL A 407 2.90 -8.38 71.69
N VAL A 408 3.46 -8.77 70.55
CA VAL A 408 3.95 -10.12 70.33
C VAL A 408 5.40 -10.06 69.88
N PRO A 409 6.23 -11.05 70.21
CA PRO A 409 7.62 -11.03 69.74
C PRO A 409 7.69 -11.09 68.23
N GLY A 410 8.65 -10.37 67.66
CA GLY A 410 8.85 -10.31 66.23
C GLY A 410 9.90 -11.30 65.76
N GLY A 411 10.36 -11.08 64.53
CA GLY A 411 11.38 -11.93 63.95
C GLY A 411 10.94 -13.36 63.70
N GLY A 412 9.67 -13.57 63.36
CA GLY A 412 9.19 -14.88 63.00
C GLY A 412 8.95 -15.84 64.15
N ALA A 413 9.03 -15.36 65.39
CA ALA A 413 8.75 -16.24 66.53
C ALA A 413 7.30 -16.69 66.53
N VAL A 414 6.38 -15.76 66.26
CA VAL A 414 4.96 -16.09 66.26
C VAL A 414 4.66 -17.15 65.20
N GLU A 415 5.25 -16.99 64.01
CA GLU A 415 4.98 -17.94 62.93
C GLU A 415 5.45 -19.34 63.29
N ALA A 416 6.66 -19.46 63.84
CA ALA A 416 7.17 -20.77 64.20
C ALA A 416 6.37 -21.40 65.33
N ALA A 417 6.03 -20.61 66.35
CA ALA A 417 5.23 -21.13 67.45
C ALA A 417 3.86 -21.61 66.95
N LEU A 418 3.23 -20.82 66.08
CA LEU A 418 1.94 -21.22 65.52
C LEU A 418 2.07 -22.47 64.69
N SER A 419 3.14 -22.58 63.89
CA SER A 419 3.33 -23.77 63.08
C SER A 419 3.44 -25.00 63.95
N ILE A 420 4.24 -24.93 65.01
CA ILE A 420 4.41 -26.08 65.90
C ILE A 420 3.08 -26.44 66.56
N TYR A 421 2.40 -25.44 67.12
CA TYR A 421 1.17 -25.71 67.85
C TYR A 421 0.09 -26.26 66.95
N LEU A 422 -0.07 -25.69 65.75
CA LEU A 422 -1.11 -26.17 64.84
C LEU A 422 -0.78 -27.53 64.28
N GLU A 423 0.50 -27.82 64.02
CA GLU A 423 0.87 -29.16 63.59
C GLU A 423 0.54 -30.19 64.65
N ASN A 424 0.80 -29.85 65.93
CA ASN A 424 0.43 -30.77 67.01
C ASN A 424 -1.09 -30.88 67.14
N TYR A 425 -1.81 -29.78 66.96
CA TYR A 425 -3.24 -29.74 67.21
C TYR A 425 -4.05 -30.40 66.09
N ALA A 426 -3.53 -30.42 64.87
CA ALA A 426 -4.29 -30.91 63.73
C ALA A 426 -4.65 -32.39 63.85
N THR A 427 -3.97 -33.13 64.74
CA THR A 427 -4.20 -34.56 64.85
C THR A 427 -5.54 -34.90 65.47
N SER A 428 -6.29 -33.92 66.00
CA SER A 428 -7.53 -34.19 66.72
C SER A 428 -8.74 -33.53 66.08
N MET A 429 -8.69 -33.23 64.77
CA MET A 429 -9.81 -32.58 64.08
C MET A 429 -9.98 -33.21 62.70
N GLY A 430 -11.04 -34.01 62.54
CA GLY A 430 -11.38 -34.54 61.24
C GLY A 430 -10.38 -35.57 60.72
N SER A 431 -10.47 -35.80 59.41
CA SER A 431 -9.55 -36.69 58.71
C SER A 431 -8.78 -35.99 57.61
N ARG A 432 -9.45 -35.21 56.77
CA ARG A 432 -8.80 -34.35 55.79
C ARG A 432 -8.57 -32.94 56.32
N GLU A 433 -9.40 -32.51 57.28
CA GLU A 433 -9.11 -31.26 57.97
C GLU A 433 -7.77 -31.33 58.69
N GLN A 434 -7.33 -32.53 59.09
CA GLN A 434 -5.99 -32.70 59.61
C GLN A 434 -4.96 -32.20 58.60
N LEU A 435 -5.08 -32.65 57.35
CA LEU A 435 -4.14 -32.24 56.32
C LEU A 435 -4.25 -30.74 56.05
N ALA A 436 -5.48 -30.21 56.05
CA ALA A 436 -5.65 -28.78 55.79
C ALA A 436 -4.97 -27.95 56.88
N ILE A 437 -5.15 -28.32 58.15
CA ILE A 437 -4.55 -27.57 59.23
C ILE A 437 -3.03 -27.73 59.23
N ALA A 438 -2.55 -28.93 58.91
CA ALA A 438 -1.11 -29.14 58.82
C ALA A 438 -0.50 -28.27 57.73
N GLU A 439 -1.17 -28.17 56.58
CA GLU A 439 -0.68 -27.29 55.52
C GLU A 439 -0.76 -25.82 55.91
N PHE A 440 -1.78 -25.44 56.67
CA PHE A 440 -1.84 -24.08 57.19
C PHE A 440 -0.64 -23.78 58.08
N ALA A 441 -0.33 -24.71 58.98
CA ALA A 441 0.82 -24.54 59.87
C ALA A 441 2.12 -24.46 59.09
N ARG A 442 2.28 -25.32 58.09
CA ARG A 442 3.49 -25.27 57.26
C ARG A 442 3.57 -23.97 56.48
N SER A 443 2.43 -23.47 55.99
CA SER A 443 2.42 -22.23 55.24
C SER A 443 2.80 -21.05 56.11
N LEU A 444 2.43 -21.07 57.39
CA LEU A 444 2.81 -19.98 58.27
C LEU A 444 4.32 -19.82 58.38
N LEU A 445 5.09 -20.87 58.11
CA LEU A 445 6.55 -20.80 58.18
C LEU A 445 7.17 -20.04 57.03
N VAL A 446 6.39 -19.36 56.18
CA VAL A 446 6.97 -18.66 55.05
C VAL A 446 7.63 -17.35 55.46
N ILE A 447 7.26 -16.80 56.61
CA ILE A 447 7.81 -15.51 57.04
C ILE A 447 9.25 -15.67 57.49
N PRO A 448 9.58 -16.53 58.47
CA PRO A 448 10.99 -16.67 58.84
C PRO A 448 11.86 -17.18 57.70
N ASN A 449 11.31 -18.03 56.83
CA ASN A 449 12.07 -18.50 55.68
C ASN A 449 12.47 -17.34 54.78
N THR A 450 11.51 -16.45 54.49
CA THR A 450 11.82 -15.29 53.66
C THR A 450 12.80 -14.36 54.36
N LEU A 451 12.64 -14.17 55.67
CA LEU A 451 13.59 -13.34 56.42
C LEU A 451 15.01 -13.88 56.28
N ALA A 452 15.17 -15.19 56.47
CA ALA A 452 16.51 -15.78 56.37
C ALA A 452 17.04 -15.72 54.95
N VAL A 453 16.16 -15.91 53.95
CA VAL A 453 16.60 -15.86 52.56
C VAL A 453 17.09 -14.47 52.20
N ASN A 454 16.39 -13.44 52.66
CA ASN A 454 16.78 -12.07 52.34
C ASN A 454 18.16 -11.71 52.86
N ALA A 455 18.64 -12.40 53.89
CA ALA A 455 19.97 -12.15 54.45
C ALA A 455 21.03 -13.04 53.87
N ALA A 456 20.69 -13.85 52.85
CA ALA A 456 21.63 -14.78 52.23
C ALA A 456 22.22 -15.74 53.26
N GLN A 457 21.37 -16.24 54.15
CA GLN A 457 21.78 -17.16 55.21
C GLN A 457 21.06 -18.49 55.03
N ASP A 458 21.47 -19.47 55.83
CA ASP A 458 20.92 -20.82 55.72
C ASP A 458 19.52 -20.84 56.30
N SER A 459 18.52 -20.69 55.41
CA SER A 459 17.13 -20.67 55.86
C SER A 459 16.73 -21.99 56.49
N THR A 460 17.18 -23.11 55.91
CA THR A 460 16.76 -24.42 56.41
C THR A 460 17.23 -24.64 57.84
N ASP A 461 18.51 -24.41 58.11
CA ASP A 461 19.03 -24.64 59.46
C ASP A 461 18.42 -23.68 60.46
N LEU A 462 18.27 -22.41 60.09
CA LEU A 462 17.68 -21.44 61.02
C LEU A 462 16.24 -21.78 61.36
N VAL A 463 15.45 -22.15 60.35
CA VAL A 463 14.06 -22.51 60.59
C VAL A 463 13.98 -23.79 61.40
N ALA A 464 14.88 -24.74 61.15
CA ALA A 464 14.90 -25.98 61.93
C ALA A 464 15.22 -25.69 63.39
N LYS A 465 16.18 -24.81 63.65
CA LYS A 465 16.53 -24.45 65.02
C LYS A 465 15.37 -23.74 65.70
N LEU A 466 14.71 -22.83 64.99
CA LEU A 466 13.54 -22.16 65.55
C LEU A 466 12.44 -23.16 65.90
N ARG A 467 12.18 -24.09 65.00
CA ARG A 467 11.15 -25.10 65.26
C ARG A 467 11.52 -25.98 66.44
N ALA A 468 12.80 -26.35 66.55
CA ALA A 468 13.24 -27.13 67.71
C ALA A 468 13.04 -26.37 69.00
N PHE A 469 13.41 -25.09 69.02
CA PHE A 469 13.23 -24.27 70.22
C PHE A 469 11.77 -24.18 70.61
N HIS A 470 10.90 -23.93 69.63
CA HIS A 470 9.50 -23.74 69.95
C HIS A 470 8.82 -25.05 70.35
N ASN A 471 9.22 -26.16 69.73
CA ASN A 471 8.71 -27.47 70.15
C ASN A 471 9.14 -27.78 71.57
N GLU A 472 10.39 -27.48 71.92
CA GLU A 472 10.85 -27.68 73.29
C GLU A 472 10.06 -26.80 74.25
N ALA A 473 9.77 -25.56 73.84
CA ALA A 473 8.98 -24.67 74.68
C ALA A 473 7.59 -25.23 74.92
N GLN A 474 6.96 -25.77 73.87
CA GLN A 474 5.59 -26.27 74.00
C GLN A 474 5.52 -27.61 74.72
N VAL A 475 6.57 -28.42 74.67
CA VAL A 475 6.52 -29.75 75.28
C VAL A 475 7.04 -29.76 76.71
N ASN A 476 7.89 -28.82 77.09
CA ASN A 476 8.47 -28.79 78.44
C ASN A 476 7.84 -27.68 79.25
N PRO A 477 7.10 -27.98 80.32
CA PRO A 477 6.43 -26.92 81.08
C PRO A 477 7.37 -25.88 81.67
N GLU A 478 8.59 -26.27 82.04
CA GLU A 478 9.51 -25.35 82.68
C GLU A 478 10.32 -24.51 81.70
N ARG A 479 10.12 -24.71 80.39
CA ARG A 479 10.81 -23.94 79.37
C ARG A 479 9.85 -23.09 78.56
N LYS A 480 8.86 -22.48 79.23
CA LYS A 480 7.92 -21.61 78.56
C LYS A 480 8.54 -20.28 78.15
N ASN A 481 9.77 -19.99 78.59
CA ASN A 481 10.43 -18.74 78.21
C ASN A 481 11.03 -18.80 76.80
N LEU A 482 10.99 -19.96 76.15
CA LEU A 482 11.51 -20.08 74.79
C LEU A 482 10.51 -19.65 73.74
N LYS A 483 9.29 -19.27 74.13
CA LYS A 483 8.31 -18.79 73.16
C LYS A 483 8.79 -17.52 72.47
N TRP A 484 9.64 -16.74 73.13
CA TRP A 484 10.13 -15.49 72.57
C TRP A 484 11.32 -15.67 71.64
N ILE A 485 11.79 -16.90 71.45
CA ILE A 485 12.95 -17.13 70.58
C ILE A 485 12.56 -16.82 69.15
N GLY A 486 13.25 -15.85 68.55
CA GLY A 486 12.98 -15.46 67.18
C GLY A 486 14.20 -15.57 66.30
N LEU A 487 14.35 -14.66 65.35
CA LEU A 487 15.46 -14.65 64.42
C LEU A 487 16.28 -13.39 64.61
N ASP A 488 17.61 -13.54 64.57
CA ASP A 488 18.55 -12.43 64.61
C ASP A 488 19.25 -12.40 63.25
N LEU A 489 18.81 -11.50 62.37
CA LEU A 489 19.30 -11.49 61.01
C LEU A 489 20.72 -10.95 60.90
N SER A 490 21.17 -10.18 61.90
CA SER A 490 22.53 -9.66 61.87
C SER A 490 23.55 -10.79 61.95
N ASN A 491 23.32 -11.77 62.81
CA ASN A 491 24.24 -12.87 63.00
C ASN A 491 23.71 -14.20 62.47
N GLY A 492 22.44 -14.29 62.12
CA GLY A 492 21.87 -15.53 61.63
C GLY A 492 21.80 -16.62 62.68
N LYS A 493 21.40 -16.29 63.90
CA LYS A 493 21.23 -17.25 64.96
C LYS A 493 19.93 -16.96 65.70
N PRO A 494 19.28 -17.98 66.26
CA PRO A 494 18.09 -17.73 67.06
C PRO A 494 18.42 -16.85 68.26
N ARG A 495 17.49 -15.96 68.60
CA ARG A 495 17.72 -14.98 69.64
C ARG A 495 16.41 -14.67 70.34
N ASP A 496 16.49 -14.43 71.65
CA ASP A 496 15.33 -14.04 72.43
C ASP A 496 14.89 -12.65 71.98
N ASN A 497 13.80 -12.59 71.21
CA ASN A 497 13.37 -11.33 70.63
C ASN A 497 12.68 -10.44 71.64
N LYS A 498 12.04 -11.02 72.67
CA LYS A 498 11.45 -10.20 73.72
C LYS A 498 12.52 -9.43 74.47
N GLN A 499 13.65 -10.08 74.78
CA GLN A 499 14.77 -9.38 75.38
C GLN A 499 15.39 -8.40 74.41
N ALA A 500 15.47 -8.77 73.12
CA ALA A 500 16.09 -7.91 72.12
C ALA A 500 15.22 -6.71 71.77
N GLY A 501 14.00 -6.63 72.28
CA GLY A 501 13.12 -5.52 71.96
C GLY A 501 12.63 -5.50 70.53
N VAL A 502 12.30 -6.66 69.98
CA VAL A 502 11.70 -6.77 68.65
C VAL A 502 10.24 -7.11 68.87
N PHE A 503 9.37 -6.12 68.71
CA PHE A 503 7.96 -6.27 69.01
C PHE A 503 7.10 -5.83 67.82
N GLU A 504 5.89 -6.37 67.79
CA GLU A 504 4.86 -5.94 66.86
C GLU A 504 3.53 -5.88 67.61
N PRO A 505 2.62 -5.01 67.20
CA PRO A 505 1.27 -5.06 67.78
C PRO A 505 0.61 -6.40 67.48
N THR A 506 -0.14 -6.90 68.46
CA THR A 506 -0.85 -8.17 68.27
C THR A 506 -1.92 -8.04 67.18
N ILE A 507 -2.52 -6.85 67.07
CA ILE A 507 -3.53 -6.63 66.05
C ILE A 507 -2.95 -6.85 64.66
N VAL A 508 -1.67 -6.54 64.46
CA VAL A 508 -1.05 -6.73 63.15
C VAL A 508 -1.11 -8.20 62.76
N LYS A 509 -0.63 -9.08 63.65
CA LYS A 509 -0.63 -10.51 63.34
C LYS A 509 -2.05 -11.06 63.20
N VAL A 510 -2.95 -10.65 64.10
CA VAL A 510 -4.30 -11.19 64.08
C VAL A 510 -5.01 -10.81 62.79
N LYS A 511 -4.95 -9.52 62.42
CA LYS A 511 -5.61 -9.06 61.22
C LYS A 511 -4.96 -9.65 59.97
N SER A 512 -3.63 -9.78 59.97
CA SER A 512 -2.96 -10.40 58.84
C SER A 512 -3.44 -11.83 58.63
N LEU A 513 -3.52 -12.60 59.72
CA LEU A 513 -3.97 -13.97 59.62
C LEU A 513 -5.41 -14.05 59.11
N LYS A 514 -6.30 -13.23 59.69
CA LYS A 514 -7.71 -13.28 59.29
C LYS A 514 -7.87 -12.90 57.82
N PHE A 515 -7.24 -11.80 57.40
CA PHE A 515 -7.38 -11.33 56.03
C PHE A 515 -6.78 -12.32 55.04
N ALA A 516 -5.60 -12.87 55.36
CA ALA A 516 -4.98 -13.83 54.45
C ALA A 516 -5.82 -15.10 54.34
N THR A 517 -6.37 -15.58 55.46
CA THR A 517 -7.22 -16.75 55.41
C THR A 517 -8.45 -16.50 54.56
N GLU A 518 -9.09 -15.34 54.72
CA GLU A 518 -10.28 -15.06 53.93
C GLU A 518 -9.96 -14.92 52.44
N ALA A 519 -8.83 -14.29 52.11
CA ALA A 519 -8.45 -14.18 50.71
C ALA A 519 -8.16 -15.54 50.10
N ALA A 520 -7.46 -16.41 50.83
CA ALA A 520 -7.19 -17.75 50.34
C ALA A 520 -8.48 -18.53 50.16
N ILE A 521 -9.43 -18.37 51.09
CA ILE A 521 -10.73 -19.02 50.95
C ILE A 521 -11.45 -18.53 49.71
N THR A 522 -11.41 -17.21 49.48
CA THR A 522 -12.12 -16.65 48.32
C THR A 522 -11.54 -17.18 47.02
N ILE A 523 -10.21 -17.20 46.89
CA ILE A 523 -9.62 -17.66 45.65
C ILE A 523 -9.79 -19.16 45.48
N LEU A 524 -9.67 -19.92 46.58
CA LEU A 524 -9.72 -21.37 46.49
C LEU A 524 -11.08 -21.88 46.07
N ARG A 525 -12.14 -21.14 46.36
CA ARG A 525 -13.49 -21.57 46.05
C ARG A 525 -13.78 -21.60 44.54
N ILE A 526 -12.91 -21.02 43.73
CA ILE A 526 -13.13 -20.93 42.29
C ILE A 526 -12.62 -22.20 41.61
N ASP A 527 -13.38 -22.67 40.62
CA ASP A 527 -12.89 -23.77 39.79
C ASP A 527 -13.23 -23.59 38.31
N ASP A 528 -13.71 -22.42 37.90
CA ASP A 528 -14.09 -22.19 36.51
C ASP A 528 -14.05 -20.70 36.23
N LEU A 529 -13.54 -20.33 35.06
CA LEU A 529 -13.41 -18.94 34.66
C LEU A 529 -13.98 -18.75 33.27
N ILE A 530 -14.85 -17.75 33.12
CA ILE A 530 -15.37 -17.35 31.81
C ILE A 530 -14.93 -15.91 31.57
N LYS A 531 -14.14 -15.70 30.54
CA LYS A 531 -13.59 -14.39 30.21
C LYS A 531 -14.24 -13.92 28.91
N LEU A 532 -15.31 -13.15 29.05
CA LEU A 532 -16.02 -12.63 27.88
C LEU A 532 -15.16 -11.64 27.13
N HIS A 533 -15.25 -11.68 25.80
CA HIS A 533 -14.46 -10.77 24.98
C HIS A 533 -14.99 -9.34 25.12
N PRO A 534 -14.12 -8.35 25.02
CA PRO A 534 -14.58 -6.96 25.06
C PRO A 534 -15.51 -6.64 23.90
N GLU A 535 -16.38 -5.67 24.12
CA GLU A 535 -17.44 -5.37 23.14
C GLU A 535 -16.88 -4.90 21.80
N SER A 536 -15.65 -4.42 21.76
CA SER A 536 -15.05 -3.96 20.51
C SER A 536 -14.69 -5.15 19.61
N ALA B 1 -37.71 -3.34 -28.70
CA ALA B 1 -36.55 -3.48 -27.84
C ALA B 1 -36.92 -3.25 -26.38
N SER B 2 -36.02 -3.61 -25.47
CA SER B 2 -36.25 -3.48 -24.05
C SER B 2 -35.53 -2.26 -23.50
N LEU B 3 -35.99 -1.80 -22.34
CA LEU B 3 -35.38 -0.63 -21.71
C LEU B 3 -33.94 -0.93 -21.30
N SER B 4 -33.70 -2.12 -20.76
CA SER B 4 -32.37 -2.51 -20.32
C SER B 4 -31.59 -3.30 -21.36
N LEU B 5 -32.28 -4.04 -22.23
CA LEU B 5 -31.62 -4.86 -23.24
C LEU B 5 -31.46 -4.09 -24.55
N ALA B 6 -30.85 -2.92 -24.45
CA ALA B 6 -30.56 -2.09 -25.61
C ALA B 6 -29.11 -1.64 -25.58
N PRO B 7 -28.47 -1.55 -26.75
CA PRO B 7 -27.09 -1.03 -26.78
C PRO B 7 -26.91 0.32 -26.13
N VAL B 8 -27.89 1.22 -26.26
CA VAL B 8 -27.87 2.47 -25.51
C VAL B 8 -28.41 2.20 -24.12
N ASN B 9 -27.76 2.77 -23.11
CA ASN B 9 -28.13 2.54 -21.72
C ASN B 9 -28.97 3.70 -21.18
N ILE B 10 -30.15 3.37 -20.68
CA ILE B 10 -31.06 4.36 -20.12
C ILE B 10 -31.37 3.89 -18.71
N PHE B 11 -30.56 4.30 -17.74
CA PHE B 11 -30.71 4.06 -16.31
C PHE B 11 -29.52 4.71 -15.62
N LYS B 12 -29.69 4.98 -14.32
CA LYS B 12 -28.54 5.39 -13.52
C LYS B 12 -27.76 4.16 -13.08
N ALA B 13 -26.61 4.41 -12.46
CA ALA B 13 -25.80 3.32 -11.95
C ALA B 13 -26.51 2.64 -10.78
N GLY B 14 -26.85 1.37 -10.95
CA GLY B 14 -27.53 0.61 -9.93
C GLY B 14 -29.02 0.43 -10.15
N ALA B 15 -29.60 1.09 -11.14
CA ALA B 15 -31.01 0.93 -11.44
C ALA B 15 -31.23 -0.30 -12.31
N ASP B 16 -32.13 -1.18 -11.87
CA ASP B 16 -32.41 -2.41 -12.56
C ASP B 16 -33.78 -2.35 -13.22
N GLU B 17 -34.13 -3.43 -13.92
CA GLU B 17 -35.41 -3.53 -14.61
C GLU B 17 -35.63 -5.00 -14.97
N GLU B 18 -36.84 -5.50 -14.72
CA GLU B 18 -37.18 -6.89 -14.97
C GLU B 18 -38.43 -6.95 -15.83
N ARG B 19 -38.32 -7.60 -16.98
CA ARG B 19 -39.41 -7.69 -17.94
C ARG B 19 -40.38 -8.81 -17.56
N ALA B 20 -41.18 -9.25 -18.53
CA ALA B 20 -42.33 -10.11 -18.25
C ALA B 20 -41.98 -11.33 -17.41
N GLU B 21 -41.18 -12.25 -17.97
CA GLU B 21 -40.85 -13.46 -17.22
C GLU B 21 -40.09 -13.14 -15.95
N THR B 22 -39.15 -12.21 -16.00
CA THR B 22 -38.31 -11.98 -14.84
C THR B 22 -39.12 -11.36 -13.70
N ALA B 23 -39.98 -10.39 -14.01
CA ALA B 23 -40.85 -9.83 -12.98
C ALA B 23 -41.80 -10.87 -12.44
N ARG B 24 -42.43 -11.64 -13.31
CA ARG B 24 -43.37 -12.66 -12.84
C ARG B 24 -42.67 -13.69 -11.98
N LEU B 25 -41.47 -14.11 -12.39
CA LEU B 25 -40.72 -15.11 -11.65
C LEU B 25 -40.32 -14.59 -10.28
N THR B 26 -39.81 -13.35 -10.22
CA THR B 26 -39.42 -12.79 -8.93
C THR B 26 -40.62 -12.64 -8.00
N SER B 27 -41.75 -12.15 -8.55
CA SER B 27 -42.94 -11.98 -7.73
C SER B 27 -43.45 -13.31 -7.21
N PHE B 28 -43.51 -14.33 -8.08
CA PHE B 28 -43.99 -15.63 -7.65
C PHE B 28 -43.06 -16.29 -6.66
N ILE B 29 -41.74 -16.16 -6.86
CA ILE B 29 -40.79 -16.71 -5.91
C ILE B 29 -40.95 -16.05 -4.55
N GLY B 30 -41.08 -14.73 -4.53
CA GLY B 30 -41.27 -14.05 -3.25
C GLY B 30 -42.54 -14.47 -2.55
N ALA B 31 -43.65 -14.51 -3.30
CA ALA B 31 -44.92 -14.90 -2.71
C ALA B 31 -44.90 -16.33 -2.18
N ILE B 32 -44.34 -17.25 -2.96
CA ILE B 32 -44.27 -18.65 -2.54
C ILE B 32 -43.37 -18.79 -1.31
N ALA B 33 -42.25 -18.08 -1.28
CA ALA B 33 -41.38 -18.15 -0.12
C ALA B 33 -42.08 -17.62 1.13
N ILE B 34 -42.81 -16.51 1.00
CA ILE B 34 -43.53 -15.96 2.14
C ILE B 34 -44.59 -16.94 2.62
N GLY B 35 -45.35 -17.51 1.69
CA GLY B 35 -46.37 -18.48 2.08
C GLY B 35 -45.80 -19.72 2.73
N ASP B 36 -44.69 -20.22 2.20
CA ASP B 36 -44.03 -21.38 2.79
C ASP B 36 -43.52 -21.08 4.19
N LEU B 37 -42.97 -19.87 4.39
CA LEU B 37 -42.47 -19.51 5.71
C LEU B 37 -43.60 -19.39 6.72
N VAL B 38 -44.65 -18.64 6.37
CA VAL B 38 -45.71 -18.39 7.34
C VAL B 38 -46.51 -19.65 7.62
N LYS B 39 -46.70 -20.51 6.62
CA LYS B 39 -47.41 -21.76 6.84
C LYS B 39 -46.55 -22.69 7.71
N SER B 40 -47.12 -23.85 8.05
CA SER B 40 -46.64 -24.77 9.07
C SER B 40 -46.79 -24.19 10.47
N THR B 41 -47.24 -22.94 10.59
CA THR B 41 -47.69 -22.37 11.85
C THR B 41 -49.21 -22.25 11.87
N LEU B 42 -49.89 -23.04 11.05
CA LEU B 42 -51.32 -22.93 10.80
C LEU B 42 -52.04 -24.16 11.33
N GLY B 43 -53.22 -23.95 11.89
CA GLY B 43 -54.02 -25.04 12.41
C GLY B 43 -53.69 -25.37 13.84
N PRO B 44 -54.48 -26.24 14.46
CA PRO B 44 -54.24 -26.58 15.87
C PRO B 44 -52.89 -27.21 16.13
N LYS B 45 -52.35 -27.94 15.17
CA LYS B 45 -51.06 -28.60 15.34
C LYS B 45 -49.91 -27.80 14.75
N GLY B 46 -50.10 -26.51 14.52
CA GLY B 46 -49.01 -25.68 14.05
C GLY B 46 -47.96 -25.47 15.11
N MET B 47 -46.75 -25.16 14.66
CA MET B 47 -45.60 -24.96 15.53
C MET B 47 -45.13 -23.51 15.44
N ASP B 48 -44.33 -23.11 16.41
CA ASP B 48 -43.89 -21.74 16.55
C ASP B 48 -42.56 -21.51 15.83
N LYS B 49 -42.19 -20.24 15.72
CA LYS B 49 -40.95 -19.82 15.10
C LYS B 49 -40.13 -19.02 16.10
N ILE B 50 -38.81 -19.02 15.91
CA ILE B 50 -37.89 -18.23 16.72
C ILE B 50 -37.37 -17.09 15.86
N LEU B 51 -37.49 -15.87 16.36
CA LEU B 51 -37.07 -14.68 15.63
C LEU B 51 -35.87 -14.08 16.33
N LEU B 52 -34.70 -14.18 15.69
CA LEU B 52 -33.47 -13.60 16.22
C LEU B 52 -33.17 -12.30 15.49
N SER B 53 -32.99 -11.22 16.25
CA SER B 53 -32.60 -9.95 15.69
C SER B 53 -31.08 -9.86 15.64
N SER B 54 -30.56 -9.35 14.53
CA SER B 54 -29.12 -9.19 14.35
C SER B 54 -28.61 -7.87 14.91
N GLY B 55 -29.49 -7.04 15.48
CA GLY B 55 -29.10 -5.76 16.00
C GLY B 55 -28.40 -5.84 17.34
N ARG B 56 -28.11 -4.66 17.89
CA ARG B 56 -27.40 -4.59 19.16
C ARG B 56 -28.20 -5.22 20.29
N ASP B 57 -29.51 -4.98 20.31
CA ASP B 57 -30.36 -5.56 21.34
C ASP B 57 -30.37 -7.08 21.25
N ALA B 58 -30.41 -7.62 20.03
CA ALA B 58 -30.51 -9.06 19.79
C ALA B 58 -31.74 -9.63 20.50
N SER B 59 -32.87 -8.95 20.34
CA SER B 59 -34.09 -9.37 21.01
C SER B 59 -34.55 -10.73 20.49
N LEU B 60 -34.95 -11.59 21.42
CA LEU B 60 -35.44 -12.92 21.11
C LEU B 60 -36.95 -12.93 21.21
N MET B 61 -37.59 -13.64 20.27
CA MET B 61 -39.04 -13.61 20.17
C MET B 61 -39.51 -14.92 19.54
N VAL B 62 -40.24 -15.73 20.31
CA VAL B 62 -40.88 -16.93 19.80
C VAL B 62 -42.36 -16.65 19.65
N THR B 63 -42.92 -17.00 18.49
CA THR B 63 -44.30 -16.64 18.21
C THR B 63 -44.92 -17.61 17.23
N ASN B 64 -46.25 -17.65 17.26
CA ASN B 64 -47.06 -18.36 16.29
C ASN B 64 -47.88 -17.44 15.41
N ASP B 65 -47.86 -16.14 15.69
CA ASP B 65 -48.66 -15.17 14.95
C ASP B 65 -48.04 -14.93 13.57
N GLY B 66 -48.87 -15.02 12.53
CA GLY B 66 -48.35 -14.81 11.19
C GLY B 66 -47.90 -13.38 10.95
N ALA B 67 -48.69 -12.41 11.41
CA ALA B 67 -48.33 -11.01 11.23
C ALA B 67 -47.04 -10.68 11.97
N THR B 68 -46.88 -11.20 13.18
CA THR B 68 -45.65 -10.94 13.93
C THR B 68 -44.44 -11.55 13.24
N ILE B 69 -44.59 -12.76 12.69
CA ILE B 69 -43.50 -13.37 11.95
C ILE B 69 -43.15 -12.53 10.73
N LEU B 70 -44.16 -12.08 9.98
CA LEU B 70 -43.88 -11.37 8.74
C LEU B 70 -43.34 -9.96 8.98
N LYS B 71 -43.71 -9.33 10.09
CA LYS B 71 -43.26 -7.96 10.34
C LYS B 71 -41.76 -7.92 10.62
N ASN B 72 -41.28 -8.78 11.51
CA ASN B 72 -39.90 -8.73 11.97
C ASN B 72 -38.98 -9.63 11.15
N ILE B 73 -39.00 -9.48 9.82
CA ILE B 73 -38.07 -10.17 8.95
C ILE B 73 -37.61 -9.21 7.87
N GLY B 74 -36.34 -9.32 7.50
CA GLY B 74 -35.80 -8.50 6.44
C GLY B 74 -36.35 -8.94 5.10
N VAL B 75 -37.21 -8.12 4.51
CA VAL B 75 -37.90 -8.44 3.27
C VAL B 75 -37.35 -7.54 2.17
N ASP B 76 -36.89 -8.16 1.09
CA ASP B 76 -36.37 -7.43 -0.06
C ASP B 76 -37.22 -7.61 -1.32
N ASN B 77 -37.83 -8.76 -1.50
CA ASN B 77 -38.71 -8.97 -2.64
C ASN B 77 -39.94 -8.08 -2.52
N PRO B 78 -40.22 -7.22 -3.49
CA PRO B 78 -41.36 -6.30 -3.34
C PRO B 78 -42.72 -7.01 -3.25
N ALA B 79 -42.90 -8.13 -3.94
CA ALA B 79 -44.14 -8.88 -3.77
C ALA B 79 -44.26 -9.43 -2.35
N ALA B 80 -43.14 -9.86 -1.78
CA ALA B 80 -43.14 -10.24 -0.38
C ALA B 80 -43.54 -9.07 0.51
N LYS B 81 -43.10 -7.86 0.16
CA LYS B 81 -43.53 -6.67 0.90
C LYS B 81 -45.03 -6.48 0.79
N VAL B 82 -45.60 -6.71 -0.39
CA VAL B 82 -47.04 -6.58 -0.57
C VAL B 82 -47.76 -7.57 0.34
N LEU B 83 -47.29 -8.82 0.38
CA LEU B 83 -47.93 -9.83 1.23
C LEU B 83 -47.80 -9.47 2.70
N VAL B 84 -46.63 -8.97 3.12
CA VAL B 84 -46.45 -8.58 4.52
C VAL B 84 -47.41 -7.46 4.89
N ASP B 85 -47.56 -6.47 4.00
CA ASP B 85 -48.50 -5.39 4.28
C ASP B 85 -49.93 -5.91 4.32
N MET B 86 -50.27 -6.87 3.46
CA MET B 86 -51.57 -7.51 3.54
C MET B 86 -51.80 -8.13 4.91
N SER B 87 -50.82 -8.88 5.41
CA SER B 87 -50.97 -9.53 6.71
C SER B 87 -51.11 -8.49 7.81
N ARG B 88 -50.33 -7.42 7.76
CA ARG B 88 -50.42 -6.38 8.78
C ARG B 88 -51.78 -5.70 8.76
N VAL B 89 -52.31 -5.41 7.57
CA VAL B 89 -53.62 -4.77 7.48
C VAL B 89 -54.71 -5.71 7.97
N GLN B 90 -54.59 -7.00 7.65
CA GLN B 90 -55.55 -7.98 8.15
C GLN B 90 -55.51 -8.04 9.67
N ASP B 91 -54.32 -8.00 10.25
CA ASP B 91 -54.20 -7.97 11.71
C ASP B 91 -54.85 -6.71 12.28
N ASP B 92 -54.66 -5.57 11.61
CA ASP B 92 -55.28 -4.34 12.10
C ASP B 92 -56.80 -4.41 12.05
N GLU B 93 -57.34 -4.95 10.96
CA GLU B 93 -58.79 -5.02 10.81
C GLU B 93 -59.42 -5.98 11.81
N VAL B 94 -58.88 -7.21 11.89
CA VAL B 94 -59.36 -8.22 12.82
C VAL B 94 -58.17 -8.94 13.42
N GLY B 95 -58.37 -9.52 14.61
CA GLY B 95 -57.26 -10.13 15.32
C GLY B 95 -56.69 -11.35 14.63
N ASP B 96 -57.55 -12.24 14.15
CA ASP B 96 -57.12 -13.54 13.65
C ASP B 96 -57.18 -13.56 12.13
N GLY B 97 -56.58 -14.59 11.55
CA GLY B 97 -56.55 -14.76 10.12
C GLY B 97 -55.32 -14.25 9.42
N THR B 98 -54.28 -13.85 10.18
CA THR B 98 -53.07 -13.32 9.56
C THR B 98 -52.34 -14.40 8.77
N THR B 99 -52.26 -15.61 9.31
CA THR B 99 -51.59 -16.69 8.58
C THR B 99 -52.46 -17.21 7.43
N SER B 100 -53.78 -17.30 7.66
CA SER B 100 -54.66 -17.85 6.65
C SER B 100 -54.68 -17.01 5.38
N VAL B 101 -54.73 -15.68 5.54
CA VAL B 101 -54.79 -14.82 4.36
C VAL B 101 -53.50 -14.90 3.56
N THR B 102 -52.34 -14.94 4.26
CA THR B 102 -51.07 -15.05 3.56
C THR B 102 -50.95 -16.39 2.83
N VAL B 103 -51.37 -17.48 3.48
CA VAL B 103 -51.31 -18.79 2.84
C VAL B 103 -52.23 -18.83 1.63
N LEU B 104 -53.44 -18.27 1.76
CA LEU B 104 -54.36 -18.26 0.64
C LEU B 104 -53.81 -17.46 -0.54
N ALA B 105 -53.20 -16.30 -0.27
CA ALA B 105 -52.62 -15.51 -1.34
C ALA B 105 -51.46 -16.26 -2.00
N ALA B 106 -50.62 -16.92 -1.21
CA ALA B 106 -49.51 -17.66 -1.77
C ALA B 106 -50.00 -18.80 -2.65
N GLU B 107 -51.02 -19.54 -2.21
CA GLU B 107 -51.55 -20.62 -3.02
C GLU B 107 -52.20 -20.10 -4.29
N LEU B 108 -52.90 -18.97 -4.21
CA LEU B 108 -53.47 -18.37 -5.40
C LEU B 108 -52.39 -17.98 -6.39
N LEU B 109 -51.29 -17.41 -5.90
CA LEU B 109 -50.23 -17.00 -6.81
C LEU B 109 -49.49 -18.20 -7.39
N ARG B 110 -49.38 -19.30 -6.63
CA ARG B 110 -48.83 -20.53 -7.19
C ARG B 110 -49.70 -21.06 -8.33
N GLU B 111 -51.02 -21.05 -8.12
CA GLU B 111 -51.93 -21.47 -9.18
C GLU B 111 -51.83 -20.53 -10.38
N ALA B 112 -51.64 -19.23 -10.13
CA ALA B 112 -51.45 -18.28 -11.22
C ALA B 112 -50.18 -18.59 -12.00
N GLU B 113 -49.11 -18.97 -11.30
CA GLU B 113 -47.88 -19.36 -11.97
C GLU B 113 -48.12 -20.58 -12.87
N SER B 114 -48.84 -21.58 -12.35
CA SER B 114 -49.15 -22.74 -13.16
C SER B 114 -49.97 -22.36 -14.39
N LEU B 115 -50.97 -21.51 -14.20
CA LEU B 115 -51.83 -21.09 -15.32
C LEU B 115 -51.03 -20.33 -16.37
N ILE B 116 -50.14 -19.45 -15.93
CA ILE B 116 -49.28 -18.72 -16.86
C ILE B 116 -48.40 -19.70 -17.63
N ALA B 117 -47.86 -20.70 -16.93
CA ALA B 117 -47.11 -21.75 -17.62
C ALA B 117 -47.96 -22.46 -18.65
N LYS B 118 -49.27 -22.57 -18.41
CA LYS B 118 -50.19 -23.17 -19.37
C LYS B 118 -50.68 -22.18 -20.43
N LYS B 119 -49.97 -21.06 -20.61
CA LYS B 119 -50.24 -20.09 -21.68
C LYS B 119 -51.66 -19.53 -21.58
N ILE B 120 -51.92 -18.84 -20.47
CA ILE B 120 -53.18 -18.15 -20.24
C ILE B 120 -52.87 -16.70 -19.92
N HIS B 121 -53.56 -15.77 -20.59
CA HIS B 121 -53.34 -14.36 -20.34
C HIS B 121 -53.74 -14.02 -18.91
N PRO B 122 -52.93 -13.25 -18.18
CA PRO B 122 -53.26 -12.96 -16.77
C PRO B 122 -54.57 -12.24 -16.59
N GLN B 123 -55.03 -11.47 -17.58
CA GLN B 123 -56.31 -10.80 -17.46
C GLN B 123 -57.46 -11.80 -17.38
N THR B 124 -57.37 -12.90 -18.15
CA THR B 124 -58.37 -13.95 -18.05
C THR B 124 -58.38 -14.57 -16.66
N ILE B 125 -57.19 -14.81 -16.10
CA ILE B 125 -57.09 -15.35 -14.75
C ILE B 125 -57.74 -14.40 -13.76
N ILE B 126 -57.49 -13.10 -13.91
CA ILE B 126 -58.06 -12.12 -12.98
C ILE B 126 -59.57 -12.09 -13.08
N ALA B 127 -60.11 -12.13 -14.31
CA ALA B 127 -61.56 -12.13 -14.46
C ALA B 127 -62.18 -13.37 -13.84
N GLY B 128 -61.61 -14.54 -14.11
CA GLY B 128 -62.11 -15.76 -13.50
C GLY B 128 -62.04 -15.73 -11.99
N TRP B 129 -60.94 -15.18 -11.45
CA TRP B 129 -60.81 -15.08 -10.01
C TRP B 129 -61.81 -14.12 -9.42
N ARG B 130 -62.12 -13.02 -10.11
CA ARG B 130 -63.13 -12.10 -9.61
C ARG B 130 -64.49 -12.76 -9.54
N GLU B 131 -64.86 -13.48 -10.60
CA GLU B 131 -66.14 -14.17 -10.59
C GLU B 131 -66.18 -15.24 -9.49
N ALA B 132 -65.08 -15.98 -9.34
CA ALA B 132 -65.02 -17.02 -8.30
C ALA B 132 -65.10 -16.40 -6.91
N THR B 133 -64.45 -15.25 -6.71
CA THR B 133 -64.52 -14.58 -5.41
C THR B 133 -65.94 -14.12 -5.12
N LYS B 134 -66.63 -13.59 -6.12
CA LYS B 134 -68.02 -13.21 -5.93
C LYS B 134 -68.86 -14.42 -5.51
N ALA B 135 -68.70 -15.53 -6.21
CA ALA B 135 -69.48 -16.73 -5.90
C ALA B 135 -69.16 -17.25 -4.50
N ALA B 136 -67.88 -17.30 -4.15
CA ALA B 136 -67.47 -17.82 -2.85
C ALA B 136 -67.96 -16.91 -1.73
N ARG B 137 -67.89 -15.59 -1.92
CA ARG B 137 -68.40 -14.67 -0.92
C ARG B 137 -69.91 -14.83 -0.73
N GLU B 138 -70.63 -14.99 -1.83
CA GLU B 138 -72.08 -15.21 -1.72
C GLU B 138 -72.37 -16.50 -0.95
N ALA B 139 -71.65 -17.57 -1.26
CA ALA B 139 -71.88 -18.83 -0.55
C ALA B 139 -71.55 -18.71 0.93
N LEU B 140 -70.44 -18.06 1.26
CA LEU B 140 -70.06 -17.91 2.66
C LEU B 140 -71.09 -17.07 3.42
N LEU B 141 -71.58 -15.99 2.80
CA LEU B 141 -72.60 -15.18 3.44
C LEU B 141 -73.88 -15.97 3.65
N SER B 142 -74.26 -16.79 2.67
CA SER B 142 -75.46 -17.60 2.81
C SER B 142 -75.31 -18.65 3.91
N SER B 143 -74.10 -19.18 4.09
CA SER B 143 -73.88 -20.23 5.08
C SER B 143 -73.74 -19.71 6.49
N ALA B 144 -73.70 -18.39 6.69
CA ALA B 144 -73.51 -17.83 8.03
C ALA B 144 -74.71 -18.12 8.91
N VAL B 145 -74.47 -18.21 10.21
CA VAL B 145 -75.50 -18.44 11.20
C VAL B 145 -75.37 -17.38 12.28
N ASP B 146 -76.51 -16.86 12.73
CA ASP B 146 -76.56 -15.79 13.71
C ASP B 146 -77.25 -16.28 14.97
N HIS B 147 -76.65 -16.00 16.13
CA HIS B 147 -77.19 -16.40 17.42
C HIS B 147 -77.20 -15.24 18.40
N GLY B 148 -77.20 -14.00 17.88
CA GLY B 148 -77.13 -12.84 18.74
C GLY B 148 -78.35 -12.63 19.63
N SER B 149 -79.50 -13.14 19.21
CA SER B 149 -80.72 -12.96 19.99
C SER B 149 -80.70 -13.80 21.25
N ASP B 150 -80.30 -15.06 21.15
CA ASP B 150 -80.29 -15.96 22.29
C ASP B 150 -79.03 -15.74 23.10
N GLU B 151 -79.19 -15.26 24.34
CA GLU B 151 -78.04 -14.93 25.17
C GLU B 151 -77.21 -16.16 25.52
N VAL B 152 -77.86 -17.26 25.85
CA VAL B 152 -77.11 -18.47 26.20
C VAL B 152 -76.43 -19.06 24.98
N LYS B 153 -77.12 -19.08 23.84
CA LYS B 153 -76.50 -19.55 22.61
C LYS B 153 -75.37 -18.62 22.18
N PHE B 154 -75.54 -17.31 22.38
CA PHE B 154 -74.47 -16.38 22.05
C PHE B 154 -73.26 -16.59 22.94
N ARG B 155 -73.47 -16.87 24.22
CA ARG B 155 -72.36 -17.17 25.11
C ARG B 155 -71.65 -18.46 24.69
N GLN B 156 -72.42 -19.47 24.29
CA GLN B 156 -71.82 -20.71 23.79
C GLN B 156 -70.98 -20.44 22.54
N ASP B 157 -71.50 -19.61 21.63
CA ASP B 157 -70.75 -19.27 20.43
C ASP B 157 -69.49 -18.50 20.75
N LEU B 158 -69.56 -17.59 21.72
CA LEU B 158 -68.37 -16.85 22.14
C LEU B 158 -67.32 -17.79 22.70
N MET B 159 -67.74 -18.74 23.54
CA MET B 159 -66.79 -19.71 24.08
C MET B 159 -66.17 -20.55 22.97
N ASN B 160 -66.98 -20.99 22.02
CA ASN B 160 -66.46 -21.80 20.91
C ASN B 160 -65.48 -21.02 20.07
N ILE B 161 -65.78 -19.75 19.78
CA ILE B 161 -64.90 -18.93 18.96
C ILE B 161 -63.59 -18.67 19.69
N ALA B 162 -63.65 -18.37 20.99
CA ALA B 162 -62.42 -18.17 21.75
C ALA B 162 -61.57 -19.43 21.78
N GLY B 163 -62.20 -20.58 21.97
CA GLY B 163 -61.46 -21.83 21.96
C GLY B 163 -60.81 -22.11 20.61
N THR B 164 -61.55 -21.86 19.53
CA THR B 164 -60.99 -22.07 18.20
C THR B 164 -59.82 -21.14 17.95
N THR B 165 -59.93 -19.88 18.37
CA THR B 165 -58.84 -18.94 18.19
C THR B 165 -57.61 -19.34 19.01
N LEU B 166 -57.82 -19.85 20.23
CA LEU B 166 -56.71 -20.23 21.08
C LEU B 166 -56.16 -21.62 20.79
N SER B 167 -56.82 -22.38 19.91
CA SER B 167 -56.39 -23.77 19.67
C SER B 167 -54.99 -23.84 19.08
N SER B 168 -54.69 -22.97 18.12
CA SER B 168 -53.39 -23.01 17.46
C SER B 168 -52.28 -22.41 18.31
N LYS B 169 -52.61 -21.47 19.17
CA LYS B 169 -51.60 -20.71 19.90
C LYS B 169 -51.05 -21.53 21.05
N LEU B 170 -50.09 -20.94 21.78
CA LEU B 170 -49.43 -21.64 22.88
C LEU B 170 -50.39 -21.94 24.02
N LEU B 171 -51.43 -21.13 24.17
CA LEU B 171 -52.38 -21.31 25.26
C LEU B 171 -53.25 -22.55 25.11
N THR B 172 -53.04 -23.36 24.07
CA THR B 172 -53.85 -24.56 23.89
C THR B 172 -53.66 -25.56 25.03
N HIS B 173 -52.59 -25.40 25.82
CA HIS B 173 -52.40 -26.27 26.97
C HIS B 173 -53.51 -26.08 28.00
N HIS B 174 -53.92 -24.84 28.24
CA HIS B 174 -54.98 -24.52 29.18
C HIS B 174 -56.13 -23.80 28.48
N LYS B 175 -56.34 -24.17 27.21
CA LYS B 175 -57.42 -23.64 26.38
C LYS B 175 -58.72 -23.35 27.12
N ASP B 176 -59.19 -24.28 27.96
CA ASP B 176 -60.47 -24.06 28.63
C ASP B 176 -60.39 -22.88 29.61
N HIS B 177 -59.36 -22.87 30.46
CA HIS B 177 -59.19 -21.78 31.42
C HIS B 177 -59.03 -20.45 30.71
N PHE B 178 -58.20 -20.42 29.67
CA PHE B 178 -57.98 -19.16 28.96
C PHE B 178 -59.20 -18.74 28.16
N THR B 179 -60.00 -19.70 27.69
CA THR B 179 -61.23 -19.37 26.99
C THR B 179 -62.22 -18.69 27.94
N LYS B 180 -62.41 -19.28 29.12
CA LYS B 180 -63.27 -18.63 30.11
C LYS B 180 -62.74 -17.26 30.46
N LEU B 181 -61.41 -17.14 30.61
CA LEU B 181 -60.80 -15.86 30.95
C LEU B 181 -61.12 -14.81 29.90
N ALA B 182 -60.86 -15.11 28.63
CA ALA B 182 -61.07 -14.13 27.57
C ALA B 182 -62.54 -13.80 27.39
N VAL B 183 -63.42 -14.80 27.49
CA VAL B 183 -64.85 -14.53 27.33
C VAL B 183 -65.35 -13.61 28.43
N GLU B 184 -64.94 -13.87 29.67
CA GLU B 184 -65.35 -13.01 30.77
C GLU B 184 -64.79 -11.60 30.59
N ALA B 185 -63.52 -11.51 30.17
CA ALA B 185 -62.91 -10.19 29.99
C ALA B 185 -63.64 -9.37 28.93
N VAL B 186 -64.01 -10.01 27.82
CA VAL B 186 -64.70 -9.28 26.77
C VAL B 186 -66.12 -8.93 27.20
N LEU B 187 -66.81 -9.84 27.87
CA LEU B 187 -68.17 -9.55 28.32
C LEU B 187 -68.21 -8.47 29.38
N ARG B 188 -67.10 -8.27 30.11
CA ARG B 188 -67.07 -7.18 31.09
C ARG B 188 -67.02 -5.81 30.44
N LEU B 189 -66.79 -5.72 29.13
CA LEU B 189 -66.73 -4.42 28.46
C LEU B 189 -68.11 -3.79 28.25
N LYS B 190 -69.18 -4.54 28.50
CA LYS B 190 -70.55 -4.03 28.37
C LYS B 190 -70.83 -3.48 26.98
N GLY B 191 -70.35 -4.20 25.96
CA GLY B 191 -70.63 -3.85 24.59
C GLY B 191 -69.66 -2.87 23.96
N SER B 192 -68.86 -2.18 24.77
CA SER B 192 -67.85 -1.28 24.21
C SER B 192 -66.76 -2.07 23.51
N GLY B 193 -66.32 -1.58 22.36
CA GLY B 193 -65.27 -2.22 21.60
C GLY B 193 -63.88 -1.78 21.97
N ASN B 194 -63.73 -0.97 23.03
CA ASN B 194 -62.43 -0.44 23.41
C ASN B 194 -61.56 -1.54 24.00
N LEU B 195 -60.56 -1.99 23.23
CA LEU B 195 -59.64 -2.99 23.73
C LEU B 195 -58.59 -2.40 24.67
N GLU B 196 -58.42 -1.07 24.65
CA GLU B 196 -57.53 -0.44 25.63
C GLU B 196 -58.06 -0.58 27.05
N ALA B 197 -59.37 -0.80 27.21
CA ALA B 197 -59.94 -1.02 28.53
C ALA B 197 -59.51 -2.34 29.14
N ILE B 198 -58.92 -3.23 28.36
CA ILE B 198 -58.40 -4.51 28.86
C ILE B 198 -56.89 -4.39 28.91
N HIS B 199 -56.35 -4.41 30.13
CA HIS B 199 -54.92 -4.25 30.36
C HIS B 199 -54.31 -5.60 30.70
N ILE B 200 -53.24 -5.96 30.01
CA ILE B 200 -52.54 -7.23 30.23
C ILE B 200 -51.25 -6.93 30.98
N ILE B 201 -51.15 -7.46 32.19
CA ILE B 201 -49.97 -7.30 33.03
C ILE B 201 -49.21 -8.62 33.01
N LYS B 202 -47.94 -8.55 32.61
CA LYS B 202 -47.10 -9.74 32.48
C LYS B 202 -46.12 -9.78 33.64
N LYS B 203 -46.31 -10.75 34.53
CA LYS B 203 -45.45 -10.92 35.69
C LYS B 203 -44.73 -12.27 35.56
N LEU B 204 -43.40 -12.23 35.54
CA LEU B 204 -42.62 -13.44 35.41
C LEU B 204 -42.78 -14.32 36.65
N GLY B 205 -42.61 -15.62 36.44
CA GLY B 205 -42.73 -16.57 37.53
C GLY B 205 -44.13 -17.16 37.59
N GLY B 206 -44.19 -18.41 38.04
CA GLY B 206 -45.44 -19.12 38.12
C GLY B 206 -45.81 -19.78 36.81
N SER B 207 -46.76 -20.71 36.88
CA SER B 207 -47.20 -21.44 35.70
C SER B 207 -48.16 -20.59 34.87
N LEU B 208 -48.35 -21.01 33.62
CA LEU B 208 -49.33 -20.35 32.76
C LEU B 208 -50.74 -20.51 33.31
N ALA B 209 -51.01 -21.60 34.03
CA ALA B 209 -52.32 -21.82 34.62
C ALA B 209 -52.60 -20.90 35.80
N ASP B 210 -51.60 -20.16 36.28
CA ASP B 210 -51.82 -19.19 37.35
C ASP B 210 -52.36 -17.86 36.85
N SER B 211 -52.46 -17.68 35.53
CA SER B 211 -53.02 -16.46 34.99
C SER B 211 -54.49 -16.35 35.36
N TYR B 212 -54.95 -15.13 35.60
CA TYR B 212 -56.31 -14.89 36.05
C TYR B 212 -56.74 -13.49 35.65
N LEU B 213 -58.04 -13.26 35.71
CA LEU B 213 -58.63 -11.94 35.48
C LEU B 213 -59.12 -11.41 36.80
N ASP B 214 -58.49 -10.33 37.27
CA ASP B 214 -58.85 -9.78 38.57
C ASP B 214 -60.29 -9.29 38.56
N GLU B 215 -61.02 -9.62 39.63
CA GLU B 215 -62.41 -9.20 39.73
C GLU B 215 -62.56 -7.69 39.80
N GLY B 216 -61.50 -6.98 40.15
CA GLY B 216 -61.53 -5.54 40.16
C GLY B 216 -60.57 -4.92 39.16
N PHE B 217 -59.59 -4.17 39.66
CA PHE B 217 -58.59 -3.56 38.79
C PHE B 217 -57.26 -3.51 39.53
N LEU B 218 -56.18 -3.47 38.75
CA LEU B 218 -54.83 -3.42 39.29
C LEU B 218 -54.06 -2.27 38.67
N LEU B 219 -53.32 -1.54 39.49
CA LEU B 219 -52.51 -0.42 39.06
C LEU B 219 -51.07 -0.65 39.48
N ASP B 220 -50.14 -0.27 38.61
CA ASP B 220 -48.70 -0.48 38.83
C ASP B 220 -48.02 0.78 39.34
N LYS B 221 -48.70 1.57 40.15
CA LYS B 221 -48.16 2.82 40.67
C LYS B 221 -47.92 2.69 42.17
N LYS B 222 -47.44 3.79 42.76
CA LYS B 222 -47.09 3.83 44.17
C LYS B 222 -47.87 4.93 44.88
N ILE B 223 -48.05 4.73 46.18
CA ILE B 223 -48.76 5.70 47.02
C ILE B 223 -47.74 6.65 47.64
N GLY B 224 -48.23 7.80 48.12
CA GLY B 224 -47.39 8.74 48.81
C GLY B 224 -46.85 8.19 50.12
N VAL B 225 -46.12 9.03 50.87
CA VAL B 225 -45.42 8.53 52.05
C VAL B 225 -46.37 8.38 53.23
N ASN B 226 -46.97 9.48 53.67
CA ASN B 226 -47.77 9.49 54.88
C ASN B 226 -49.23 9.11 54.65
N GLN B 227 -49.62 8.87 53.41
CA GLN B 227 -51.01 8.55 53.11
C GLN B 227 -51.35 7.11 53.49
N PRO B 228 -52.62 6.82 53.75
CA PRO B 228 -53.00 5.46 54.13
C PRO B 228 -52.74 4.46 53.00
N LYS B 229 -52.46 3.22 53.39
CA LYS B 229 -52.19 2.15 52.45
C LYS B 229 -53.39 1.26 52.20
N ARG B 230 -54.54 1.56 52.79
CA ARG B 230 -55.72 0.71 52.64
C ARG B 230 -56.95 1.52 52.96
N ILE B 231 -57.92 1.52 52.04
CA ILE B 231 -59.15 2.29 52.19
C ILE B 231 -60.33 1.39 51.85
N GLU B 232 -61.35 1.42 52.71
CA GLU B 232 -62.59 0.69 52.49
C GLU B 232 -63.70 1.67 52.14
N ASN B 233 -64.59 1.27 51.25
CA ASN B 233 -65.67 2.12 50.74
C ASN B 233 -65.09 3.43 50.18
N ALA B 234 -64.15 3.28 49.26
CA ALA B 234 -63.39 4.42 48.76
C ALA B 234 -64.25 5.32 47.90
N LYS B 235 -63.99 6.62 47.98
CA LYS B 235 -64.55 7.63 47.09
C LYS B 235 -63.41 8.18 46.25
N ILE B 236 -63.52 8.07 44.94
CA ILE B 236 -62.40 8.29 44.02
C ILE B 236 -62.61 9.60 43.28
N LEU B 237 -61.57 10.41 43.23
CA LEU B 237 -61.54 11.61 42.38
C LEU B 237 -60.38 11.46 41.42
N ILE B 238 -60.68 11.32 40.13
CA ILE B 238 -59.67 11.16 39.10
C ILE B 238 -59.40 12.54 38.50
N ALA B 239 -58.13 12.93 38.48
CA ALA B 239 -57.76 14.28 38.09
C ALA B 239 -56.63 14.25 37.07
N ASN B 240 -56.51 15.35 36.34
CA ASN B 240 -55.46 15.57 35.35
C ASN B 240 -54.87 16.97 35.52
N THR B 241 -54.57 17.33 36.76
CA THR B 241 -54.05 18.65 37.09
C THR B 241 -52.53 18.59 37.24
N GLY B 242 -51.94 19.78 37.37
CA GLY B 242 -50.50 19.89 37.52
C GLY B 242 -49.99 19.28 38.81
N MET B 243 -50.37 19.88 39.94
CA MET B 243 -49.97 19.42 41.26
C MET B 243 -48.44 19.30 41.41
N ASP B 244 -47.70 20.01 40.55
CA ASP B 244 -46.24 20.01 40.59
C ASP B 244 -45.73 21.39 40.20
N THR B 245 -45.21 22.12 41.19
CA THR B 245 -44.81 23.53 41.07
C THR B 245 -45.75 24.29 40.13
N ASP B 246 -47.05 24.10 40.38
CA ASP B 246 -48.09 24.64 39.51
C ASP B 246 -47.98 26.15 39.41
N LYS B 247 -47.63 26.64 38.22
CA LYS B 247 -47.37 28.05 38.01
C LYS B 247 -48.40 28.63 37.05
N ILE B 248 -48.74 29.90 37.25
CA ILE B 248 -49.71 30.57 36.41
C ILE B 248 -49.19 30.62 34.98
N LYS B 249 -50.06 30.34 34.02
CA LYS B 249 -49.65 30.14 32.64
C LYS B 249 -49.39 31.44 31.90
N ILE B 250 -49.25 32.56 32.58
CA ILE B 250 -48.81 33.80 31.95
C ILE B 250 -47.30 33.76 31.84
N PHE B 251 -46.79 33.27 30.71
CA PHE B 251 -45.36 33.02 30.59
C PHE B 251 -44.52 34.29 30.71
N GLY B 252 -45.10 35.45 30.44
CA GLY B 252 -44.38 36.69 30.60
C GLY B 252 -44.30 37.21 32.01
N SER B 253 -44.92 36.54 32.96
CA SER B 253 -44.92 37.00 34.33
C SER B 253 -43.60 36.68 35.01
N ARG B 254 -43.24 37.52 35.98
CA ARG B 254 -42.01 37.36 36.74
C ARG B 254 -42.14 38.11 38.05
N VAL B 255 -41.22 37.81 38.97
CA VAL B 255 -41.19 38.49 40.26
C VAL B 255 -40.02 39.46 40.24
N ARG B 256 -40.31 40.75 40.41
CA ARG B 256 -39.30 41.80 40.39
C ARG B 256 -39.56 42.71 41.59
N VAL B 257 -38.76 42.56 42.63
CA VAL B 257 -38.91 43.29 43.87
C VAL B 257 -37.56 43.89 44.26
N ASP B 258 -37.52 44.55 45.41
CA ASP B 258 -36.32 45.21 45.89
C ASP B 258 -35.82 44.66 47.23
N SER B 259 -36.36 43.53 47.69
CA SER B 259 -35.92 42.98 48.96
C SER B 259 -36.23 41.48 48.97
N THR B 260 -35.49 40.75 49.81
CA THR B 260 -35.74 39.32 49.96
C THR B 260 -36.99 39.03 50.79
N ALA B 261 -37.43 39.98 51.61
CA ALA B 261 -38.68 39.78 52.35
C ALA B 261 -39.86 39.63 51.40
N LYS B 262 -39.87 40.42 50.33
CA LYS B 262 -40.92 40.31 49.34
C LYS B 262 -40.86 38.97 48.61
N VAL B 263 -39.64 38.48 48.33
CA VAL B 263 -39.50 37.16 47.72
C VAL B 263 -40.04 36.08 48.63
N ALA B 264 -39.74 36.18 49.93
CA ALA B 264 -40.27 35.22 50.89
C ALA B 264 -41.79 35.27 50.95
N GLU B 265 -42.35 36.48 50.92
CA GLU B 265 -43.80 36.62 50.92
C GLU B 265 -44.43 35.99 49.67
N ILE B 266 -43.79 36.18 48.52
CA ILE B 266 -44.33 35.59 47.29
C ILE B 266 -44.23 34.07 47.34
N GLU B 267 -43.14 33.54 47.90
CA GLU B 267 -43.02 32.10 48.06
C GLU B 267 -44.10 31.55 48.98
N HIS B 268 -44.37 32.25 50.08
CA HIS B 268 -45.46 31.85 50.96
C HIS B 268 -46.80 31.92 50.24
N ALA B 269 -46.98 32.92 49.38
CA ALA B 269 -48.21 33.02 48.61
C ALA B 269 -48.36 31.83 47.65
N GLU B 270 -47.27 31.42 47.02
CA GLU B 270 -47.32 30.25 46.15
C GLU B 270 -47.70 28.99 46.93
N LYS B 271 -47.08 28.81 48.10
CA LYS B 271 -47.42 27.66 48.93
C LYS B 271 -48.88 27.70 49.38
N GLU B 272 -49.37 28.90 49.70
CA GLU B 272 -50.76 29.04 50.09
C GLU B 272 -51.70 28.75 48.92
N LYS B 273 -51.29 29.11 47.70
CA LYS B 273 -52.09 28.77 46.53
C LYS B 273 -52.19 27.25 46.37
N MET B 274 -51.06 26.55 46.55
CA MET B 274 -51.11 25.09 46.49
C MET B 274 -51.99 24.52 47.59
N LYS B 275 -51.90 25.08 48.79
CA LYS B 275 -52.74 24.61 49.89
C LYS B 275 -54.22 24.83 49.58
N GLU B 276 -54.56 25.98 49.00
CA GLU B 276 -55.96 26.24 48.64
C GLU B 276 -56.44 25.29 47.56
N LYS B 277 -55.57 24.96 46.60
CA LYS B 277 -55.92 23.97 45.59
C LYS B 277 -56.21 22.61 46.23
N VAL B 278 -55.36 22.20 47.17
CA VAL B 278 -55.58 20.91 47.85
C VAL B 278 -56.87 20.96 48.66
N GLU B 279 -57.15 22.10 49.31
CA GLU B 279 -58.38 22.23 50.09
C GLU B 279 -59.60 22.14 49.18
N ARG B 280 -59.54 22.77 48.01
CA ARG B 280 -60.65 22.66 47.06
C ARG B 280 -60.85 21.22 46.62
N ILE B 281 -59.75 20.51 46.38
CA ILE B 281 -59.86 19.10 45.99
C ILE B 281 -60.49 18.28 47.12
N LEU B 282 -60.06 18.52 48.35
CA LEU B 282 -60.58 17.77 49.49
C LEU B 282 -62.03 18.11 49.80
N LYS B 283 -62.50 19.29 49.39
CA LYS B 283 -63.89 19.65 49.65
C LYS B 283 -64.87 18.74 48.93
N HIS B 284 -64.40 17.97 47.94
CA HIS B 284 -65.26 16.99 47.28
C HIS B 284 -65.64 15.84 48.20
N GLY B 285 -64.95 15.66 49.32
CA GLY B 285 -65.24 14.57 50.22
C GLY B 285 -64.80 13.23 49.66
N ILE B 286 -63.49 13.05 49.52
CA ILE B 286 -62.95 11.88 48.85
C ILE B 286 -62.01 11.14 49.80
N ASN B 287 -61.84 9.85 49.53
CA ASN B 287 -60.87 9.02 50.22
C ASN B 287 -59.59 8.83 49.43
N CYS B 288 -59.68 8.71 48.10
CA CYS B 288 -58.53 8.49 47.25
C CYS B 288 -58.48 9.55 46.17
N PHE B 289 -57.29 9.76 45.63
CA PHE B 289 -57.06 10.78 44.61
C PHE B 289 -56.02 10.25 43.63
N ILE B 290 -56.39 10.16 42.36
CA ILE B 290 -55.49 9.73 41.29
C ILE B 290 -55.27 10.91 40.36
N ASN B 291 -54.01 11.29 40.17
CA ASN B 291 -53.63 12.38 39.29
C ASN B 291 -52.80 11.82 38.14
N ARG B 292 -53.10 12.29 36.92
CA ARG B 292 -52.35 11.82 35.76
C ARG B 292 -50.91 12.28 35.82
N GLN B 293 -50.67 13.52 36.23
CA GLN B 293 -49.32 14.06 36.28
C GLN B 293 -48.68 13.74 37.63
N LEU B 294 -47.54 14.35 37.90
CA LEU B 294 -46.83 14.11 39.15
C LEU B 294 -47.48 14.88 40.29
N ILE B 295 -47.20 14.43 41.51
CA ILE B 295 -47.62 15.11 42.73
C ILE B 295 -46.37 15.38 43.55
N TYR B 296 -46.09 16.66 43.80
CA TYR B 296 -44.86 17.03 44.48
C TYR B 296 -45.00 16.82 45.98
N ASN B 297 -43.99 17.25 46.74
CA ASN B 297 -43.93 16.90 48.16
C ASN B 297 -44.96 17.65 48.98
N TYR B 298 -45.18 18.93 48.68
CA TYR B 298 -46.15 19.69 49.48
C TYR B 298 -47.56 19.14 49.34
N PRO B 299 -48.13 18.96 48.15
CA PRO B 299 -49.45 18.33 48.07
C PRO B 299 -49.46 16.91 48.63
N GLU B 300 -48.35 16.19 48.48
CA GLU B 300 -48.29 14.83 49.01
C GLU B 300 -48.45 14.82 50.52
N GLN B 301 -47.73 15.68 51.22
CA GLN B 301 -47.82 15.66 52.68
C GLN B 301 -49.13 16.29 53.14
N LEU B 302 -49.69 17.22 52.36
CA LEU B 302 -51.03 17.71 52.68
C LEU B 302 -52.07 16.60 52.60
N PHE B 303 -52.01 15.78 51.54
CA PHE B 303 -52.91 14.65 51.42
C PHE B 303 -52.68 13.64 52.56
N GLY B 304 -51.41 13.40 52.90
CA GLY B 304 -51.13 12.49 54.01
C GLY B 304 -51.71 12.99 55.31
N ALA B 305 -51.58 14.28 55.60
CA ALA B 305 -52.19 14.84 56.79
C ALA B 305 -53.70 14.75 56.74
N ALA B 306 -54.30 14.89 55.56
CA ALA B 306 -55.73 14.72 55.40
C ALA B 306 -56.17 13.26 55.37
N GLY B 307 -55.23 12.32 55.36
CA GLY B 307 -55.57 10.91 55.31
C GLY B 307 -56.23 10.50 54.01
N VAL B 308 -55.71 10.96 52.88
CA VAL B 308 -56.28 10.68 51.57
C VAL B 308 -55.21 10.04 50.71
N MET B 309 -55.53 8.90 50.10
CA MET B 309 -54.62 8.26 49.16
C MET B 309 -54.37 9.16 47.96
N ALA B 310 -53.12 9.24 47.55
CA ALA B 310 -52.72 10.09 46.42
C ALA B 310 -51.82 9.28 45.50
N ILE B 311 -52.40 8.74 44.44
CA ILE B 311 -51.66 8.00 43.43
C ILE B 311 -51.26 8.94 42.32
N GLU B 312 -49.96 9.03 42.05
CA GLU B 312 -49.42 9.97 41.09
C GLU B 312 -48.94 9.25 39.84
N HIS B 313 -48.78 10.04 38.77
CA HIS B 313 -48.20 9.57 37.52
C HIS B 313 -48.95 8.37 36.95
N ALA B 314 -50.27 8.39 37.06
CA ALA B 314 -51.12 7.42 36.37
C ALA B 314 -51.41 7.98 34.98
N ASP B 315 -50.79 7.39 33.97
CA ASP B 315 -50.80 7.97 32.62
C ASP B 315 -52.20 8.01 32.03
N PHE B 316 -52.33 8.58 30.83
CA PHE B 316 -53.64 8.76 30.21
C PHE B 316 -54.41 7.45 30.18
N ALA B 317 -53.75 6.36 29.79
CA ALA B 317 -54.41 5.06 29.80
C ALA B 317 -54.85 4.68 31.20
N GLY B 318 -54.02 4.95 32.20
CA GLY B 318 -54.37 4.59 33.56
C GLY B 318 -55.60 5.32 34.06
N VAL B 319 -55.65 6.64 33.85
CA VAL B 319 -56.79 7.40 34.33
C VAL B 319 -58.04 7.04 33.54
N GLU B 320 -57.90 6.79 32.24
CA GLU B 320 -59.05 6.36 31.44
C GLU B 320 -59.60 5.03 31.94
N ARG B 321 -58.72 4.07 32.21
CA ARG B 321 -59.17 2.78 32.73
C ARG B 321 -59.81 2.92 34.10
N LEU B 322 -59.24 3.78 34.97
CA LEU B 322 -59.85 4.00 36.27
C LEU B 322 -61.23 4.62 36.14
N ALA B 323 -61.39 5.57 35.22
CA ALA B 323 -62.70 6.17 35.01
C ALA B 323 -63.70 5.13 34.51
N LEU B 324 -63.25 4.25 33.62
CA LEU B 324 -64.15 3.21 33.11
C LEU B 324 -64.53 2.23 34.21
N VAL B 325 -63.58 1.88 35.08
CA VAL B 325 -63.82 0.83 36.07
C VAL B 325 -64.56 1.35 37.30
N THR B 326 -64.43 2.63 37.63
CA THR B 326 -65.05 3.18 38.83
C THR B 326 -66.17 4.18 38.55
N GLY B 327 -66.25 4.71 37.34
CA GLY B 327 -67.30 5.63 36.98
C GLY B 327 -67.02 7.09 37.29
N GLY B 328 -65.80 7.42 37.75
CA GLY B 328 -65.47 8.79 38.03
C GLY B 328 -65.24 9.61 36.76
N GLU B 329 -65.06 10.91 36.96
CA GLU B 329 -64.85 11.84 35.86
C GLU B 329 -63.46 12.45 35.99
N ILE B 330 -62.72 12.48 34.88
CA ILE B 330 -61.36 13.01 34.87
C ILE B 330 -61.46 14.53 34.90
N ALA B 331 -61.25 15.10 36.08
CA ALA B 331 -61.44 16.53 36.30
C ALA B 331 -60.11 17.28 36.28
N SER B 332 -60.17 18.54 35.86
CA SER B 332 -59.01 19.42 35.91
C SER B 332 -59.28 20.73 36.64
N THR B 333 -60.53 21.04 36.97
CA THR B 333 -60.88 22.19 37.77
C THR B 333 -61.84 21.76 38.86
N PHE B 334 -61.75 22.42 40.02
CA PHE B 334 -62.49 21.99 41.19
C PHE B 334 -63.28 23.14 41.81
N ASP B 335 -63.78 24.05 40.98
CA ASP B 335 -64.63 25.12 41.48
C ASP B 335 -66.08 24.70 41.66
N HIS B 336 -66.47 23.57 41.10
CA HIS B 336 -67.85 23.07 41.19
C HIS B 336 -67.80 21.61 41.63
N PRO B 337 -67.70 21.36 42.93
CA PRO B 337 -67.63 19.98 43.42
C PRO B 337 -68.84 19.13 43.06
N GLU B 338 -70.02 19.74 42.96
CA GLU B 338 -71.24 18.97 42.75
C GLU B 338 -71.46 18.59 41.29
N LEU B 339 -70.70 19.16 40.36
CA LEU B 339 -70.80 18.78 38.95
C LEU B 339 -69.78 17.72 38.55
N VAL B 340 -68.99 17.21 39.50
CA VAL B 340 -67.97 16.21 39.23
C VAL B 340 -68.41 14.90 39.87
N LYS B 341 -68.51 13.85 39.04
CA LYS B 341 -68.90 12.55 39.54
C LYS B 341 -67.69 11.82 40.12
N LEU B 342 -67.87 11.25 41.31
CA LEU B 342 -66.79 10.59 42.03
C LEU B 342 -66.86 9.08 41.81
N GLY B 343 -65.71 8.48 41.52
CA GLY B 343 -65.65 7.04 41.41
C GLY B 343 -65.83 6.36 42.75
N SER B 344 -66.16 5.08 42.70
CA SER B 344 -66.41 4.32 43.92
C SER B 344 -65.93 2.89 43.75
N CYS B 345 -65.37 2.33 44.82
CA CYS B 345 -64.98 0.94 44.85
C CYS B 345 -65.05 0.45 46.30
N LYS B 346 -65.14 -0.87 46.45
CA LYS B 346 -65.38 -1.43 47.78
C LYS B 346 -64.14 -1.37 48.65
N LEU B 347 -62.96 -1.61 48.07
CA LEU B 347 -61.74 -1.70 48.86
C LEU B 347 -60.54 -1.37 47.99
N ILE B 348 -59.59 -0.62 48.55
CA ILE B 348 -58.30 -0.36 47.93
C ILE B 348 -57.21 -0.87 48.86
N GLU B 349 -56.30 -1.66 48.32
CA GLU B 349 -55.23 -2.24 49.11
C GLU B 349 -54.05 -2.54 48.20
N GLU B 350 -52.93 -2.91 48.81
CA GLU B 350 -51.72 -3.26 48.08
C GLU B 350 -51.55 -4.77 48.10
N VAL B 351 -51.43 -5.36 46.91
CA VAL B 351 -51.27 -6.80 46.77
C VAL B 351 -49.85 -7.10 46.30
N MET B 352 -49.37 -8.27 46.66
CA MET B 352 -48.00 -8.69 46.37
C MET B 352 -48.06 -9.73 45.26
N ILE B 353 -47.56 -9.36 44.08
CA ILE B 353 -47.53 -10.26 42.93
C ILE B 353 -46.06 -10.48 42.58
N GLY B 354 -45.58 -11.72 42.77
CA GLY B 354 -44.19 -12.03 42.52
C GLY B 354 -43.26 -11.25 43.43
N GLU B 355 -42.45 -10.38 42.85
CA GLU B 355 -41.55 -9.51 43.61
C GLU B 355 -41.95 -8.05 43.51
N ASP B 356 -43.18 -7.76 43.10
CA ASP B 356 -43.65 -6.40 42.92
C ASP B 356 -44.95 -6.18 43.70
N LYS B 357 -45.13 -4.95 44.15
CA LYS B 357 -46.32 -4.55 44.88
C LYS B 357 -47.21 -3.70 43.97
N LEU B 358 -48.50 -4.04 43.92
CA LEU B 358 -49.44 -3.37 43.04
C LEU B 358 -50.63 -2.88 43.85
N ILE B 359 -51.29 -1.85 43.34
CA ILE B 359 -52.49 -1.31 43.96
C ILE B 359 -53.70 -2.05 43.41
N HIS B 360 -54.53 -2.57 44.31
CA HIS B 360 -55.66 -3.40 43.93
C HIS B 360 -56.97 -2.69 44.27
N PHE B 361 -57.83 -2.55 43.27
CA PHE B 361 -59.17 -2.03 43.45
C PHE B 361 -60.15 -3.20 43.41
N SER B 362 -60.99 -3.31 44.44
CA SER B 362 -61.90 -4.44 44.57
C SER B 362 -63.32 -3.95 44.76
N GLY B 363 -64.27 -4.70 44.22
CA GLY B 363 -65.67 -4.34 44.32
C GLY B 363 -65.99 -3.03 43.62
N VAL B 364 -65.45 -2.86 42.41
CA VAL B 364 -65.64 -1.61 41.68
C VAL B 364 -67.11 -1.43 41.33
N ALA B 365 -67.49 -0.17 41.11
CA ALA B 365 -68.87 0.15 40.81
C ALA B 365 -69.27 -0.29 39.41
N LEU B 366 -68.59 0.25 38.40
CA LEU B 366 -68.90 -0.08 37.01
C LEU B 366 -68.18 -1.35 36.57
N GLY B 367 -66.86 -1.35 36.63
CA GLY B 367 -66.09 -2.51 36.24
C GLY B 367 -65.90 -2.69 34.74
N GLU B 368 -66.17 -1.65 33.96
CA GLU B 368 -66.00 -1.76 32.50
C GLU B 368 -64.56 -1.49 32.08
N ALA B 369 -63.64 -2.18 32.74
CA ALA B 369 -62.21 -2.10 32.42
C ALA B 369 -61.53 -3.28 33.08
N CYS B 370 -60.86 -4.11 32.30
CA CYS B 370 -60.31 -5.36 32.79
C CYS B 370 -58.79 -5.28 32.91
N THR B 371 -58.26 -5.98 33.90
CA THR B 371 -56.84 -6.20 34.04
C THR B 371 -56.58 -7.70 34.10
N ILE B 372 -55.63 -8.17 33.30
CA ILE B 372 -55.31 -9.59 33.21
C ILE B 372 -53.86 -9.77 33.62
N VAL B 373 -53.63 -10.66 34.57
CA VAL B 373 -52.28 -10.96 35.05
C VAL B 373 -51.84 -12.25 34.39
N LEU B 374 -50.69 -12.21 33.72
CA LEU B 374 -50.13 -13.37 33.04
C LEU B 374 -48.90 -13.83 33.78
N ARG B 375 -48.87 -15.10 34.17
CA ARG B 375 -47.74 -15.72 34.84
C ARG B 375 -47.12 -16.73 33.91
N GLY B 376 -45.79 -16.71 33.80
CA GLY B 376 -45.10 -17.61 32.90
C GLY B 376 -43.73 -17.96 33.42
N ALA B 377 -43.08 -18.89 32.71
CA ALA B 377 -41.75 -19.34 33.09
C ALA B 377 -40.65 -18.56 32.38
N THR B 378 -40.93 -17.98 31.22
CA THR B 378 -39.94 -17.20 30.49
C THR B 378 -40.60 -15.96 29.92
N GLN B 379 -39.77 -14.96 29.61
CA GLN B 379 -40.28 -13.73 29.01
C GLN B 379 -40.89 -14.01 27.64
N GLN B 380 -40.29 -14.93 26.88
CA GLN B 380 -40.83 -15.29 25.59
C GLN B 380 -42.21 -15.90 25.73
N ILE B 381 -42.41 -16.76 26.73
CA ILE B 381 -43.71 -17.34 26.99
C ILE B 381 -44.72 -16.25 27.31
N LEU B 382 -44.33 -15.28 28.14
CA LEU B 382 -45.24 -14.20 28.50
C LEU B 382 -45.63 -13.38 27.27
N ASP B 383 -44.66 -13.06 26.40
CA ASP B 383 -44.98 -12.28 25.22
C ASP B 383 -45.90 -13.05 24.28
N GLU B 384 -45.64 -14.33 24.07
CA GLU B 384 -46.50 -15.11 23.19
C GLU B 384 -47.90 -15.27 23.78
N ALA B 385 -47.99 -15.46 25.10
CA ALA B 385 -49.29 -15.54 25.74
C ALA B 385 -50.06 -14.23 25.60
N GLU B 386 -49.37 -13.10 25.75
CA GLU B 386 -50.02 -11.80 25.56
C GLU B 386 -50.53 -11.65 24.13
N ARG B 387 -49.73 -12.05 23.15
CA ARG B 387 -50.17 -11.94 21.76
C ARG B 387 -51.38 -12.82 21.49
N SER B 388 -51.35 -14.06 22.00
CA SER B 388 -52.46 -14.98 21.78
C SER B 388 -53.73 -14.47 22.45
N LEU B 389 -53.61 -13.97 23.68
CA LEU B 389 -54.77 -13.43 24.38
C LEU B 389 -55.30 -12.21 23.65
N HIS B 390 -54.41 -11.38 23.10
CA HIS B 390 -54.87 -10.22 22.33
C HIS B 390 -55.63 -10.66 21.10
N ASP B 391 -55.16 -11.70 20.41
CA ASP B 391 -55.89 -12.22 19.25
C ASP B 391 -57.28 -12.71 19.66
N ALA B 392 -57.36 -13.45 20.76
CA ALA B 392 -58.65 -13.95 21.21
C ALA B 392 -59.59 -12.82 21.59
N LEU B 393 -59.07 -11.80 22.29
CA LEU B 393 -59.90 -10.66 22.68
C LEU B 393 -60.38 -9.89 21.46
N CYS B 394 -59.50 -9.71 20.47
CA CYS B 394 -59.90 -9.01 19.25
C CYS B 394 -61.02 -9.74 18.54
N VAL B 395 -60.88 -11.06 18.39
CA VAL B 395 -61.91 -11.82 17.69
C VAL B 395 -63.22 -11.81 18.48
N LEU B 396 -63.14 -11.90 19.81
CA LEU B 396 -64.34 -11.86 20.62
C LEU B 396 -65.04 -10.51 20.52
N ALA B 397 -64.27 -9.42 20.52
CA ALA B 397 -64.87 -8.10 20.36
C ALA B 397 -65.54 -7.96 18.99
N GLN B 398 -64.88 -8.47 17.94
CA GLN B 398 -65.49 -8.44 16.62
C GLN B 398 -66.80 -9.24 16.60
N THR B 399 -66.81 -10.41 17.24
CA THR B 399 -68.02 -11.22 17.27
C THR B 399 -69.12 -10.54 18.07
N VAL B 400 -68.75 -9.83 19.14
CA VAL B 400 -69.75 -9.06 19.89
C VAL B 400 -70.35 -7.97 19.00
N LYS B 401 -69.50 -7.28 18.25
CA LYS B 401 -70.00 -6.24 17.35
C LYS B 401 -70.88 -6.84 16.25
N ASP B 402 -70.43 -7.94 15.65
CA ASP B 402 -71.17 -8.62 14.58
C ASP B 402 -71.29 -10.09 14.97
N SER B 403 -72.52 -10.52 15.28
CA SER B 403 -72.73 -11.83 15.88
C SER B 403 -72.78 -12.96 14.86
N ARG B 404 -72.65 -12.67 13.57
CA ARG B 404 -72.68 -13.73 12.57
C ARG B 404 -71.43 -14.60 12.68
N THR B 405 -71.62 -15.92 12.71
CA THR B 405 -70.54 -16.86 12.83
C THR B 405 -70.61 -17.90 11.71
N VAL B 406 -69.44 -18.44 11.36
CA VAL B 406 -69.33 -19.51 10.38
C VAL B 406 -68.47 -20.62 10.96
N TYR B 407 -68.64 -21.82 10.43
CA TYR B 407 -67.94 -22.98 10.93
C TYR B 407 -66.53 -23.04 10.38
N GLY B 408 -65.59 -23.41 11.23
CA GLY B 408 -64.18 -23.52 10.89
C GLY B 408 -63.77 -24.94 10.60
N GLY B 409 -62.49 -25.22 10.82
CA GLY B 409 -61.97 -26.55 10.53
C GLY B 409 -62.03 -26.93 9.07
N GLY B 410 -61.92 -25.94 8.18
CA GLY B 410 -62.00 -26.20 6.76
C GLY B 410 -63.39 -26.24 6.18
N CYS B 411 -64.43 -26.17 7.02
CA CYS B 411 -65.80 -26.26 6.51
C CYS B 411 -66.13 -25.09 5.60
N SER B 412 -65.84 -23.87 6.05
CA SER B 412 -66.13 -22.69 5.24
C SER B 412 -65.32 -22.71 3.94
N GLU B 413 -64.04 -23.06 4.03
CA GLU B 413 -63.22 -23.16 2.82
C GLU B 413 -63.76 -24.22 1.88
N MET B 414 -64.18 -25.37 2.42
CA MET B 414 -64.72 -26.43 1.58
C MET B 414 -66.00 -25.98 0.87
N LEU B 415 -66.89 -25.29 1.59
CA LEU B 415 -68.15 -24.90 0.95
C LEU B 415 -67.93 -23.79 -0.07
N MET B 416 -67.04 -22.84 0.22
CA MET B 416 -66.73 -21.83 -0.78
C MET B 416 -66.09 -22.44 -2.02
N ALA B 417 -65.20 -23.40 -1.82
CA ALA B 417 -64.57 -24.08 -2.95
C ALA B 417 -65.60 -24.88 -3.74
N HIS B 418 -66.56 -25.49 -3.06
CA HIS B 418 -67.62 -26.21 -3.75
C HIS B 418 -68.45 -25.27 -4.60
N ALA B 419 -68.78 -24.09 -4.07
CA ALA B 419 -69.52 -23.10 -4.86
C ALA B 419 -68.72 -22.65 -6.07
N VAL B 420 -67.42 -22.42 -5.87
CA VAL B 420 -66.56 -21.98 -6.98
C VAL B 420 -66.50 -23.06 -8.05
N THR B 421 -66.39 -24.33 -7.64
CA THR B 421 -66.37 -25.43 -8.60
C THR B 421 -67.69 -25.54 -9.34
N GLN B 422 -68.81 -25.35 -8.64
CA GLN B 422 -70.11 -25.36 -9.29
C GLN B 422 -70.21 -24.26 -10.33
N LEU B 423 -69.70 -23.07 -10.01
CA LEU B 423 -69.69 -21.98 -10.98
C LEU B 423 -68.81 -22.30 -12.18
N ALA B 424 -67.63 -22.89 -11.93
CA ALA B 424 -66.70 -23.20 -13.01
C ALA B 424 -67.26 -24.27 -13.93
N ASN B 425 -68.04 -25.21 -13.40
CA ASN B 425 -68.59 -26.28 -14.23
C ASN B 425 -69.59 -25.75 -15.25
N ARG B 426 -70.10 -24.53 -15.08
CA ARG B 426 -71.08 -23.96 -15.99
C ARG B 426 -70.55 -22.67 -16.63
N THR B 427 -69.24 -22.62 -16.90
CA THR B 427 -68.62 -21.45 -17.50
C THR B 427 -67.72 -21.90 -18.64
N PRO B 428 -67.82 -21.29 -19.82
CA PRO B 428 -66.95 -21.65 -20.94
C PRO B 428 -65.68 -20.82 -20.98
N GLY B 429 -64.65 -21.39 -21.59
CA GLY B 429 -63.37 -20.73 -21.76
C GLY B 429 -62.39 -21.08 -20.67
N LYS B 430 -61.22 -20.44 -20.74
CA LYS B 430 -60.17 -20.64 -19.76
C LYS B 430 -60.48 -19.99 -18.42
N GLU B 431 -61.49 -19.12 -18.37
CA GLU B 431 -61.96 -18.63 -17.08
C GLU B 431 -62.40 -19.79 -16.19
N ALA B 432 -62.92 -20.86 -16.79
CA ALA B 432 -63.25 -22.04 -15.99
C ALA B 432 -62.01 -22.64 -15.35
N VAL B 433 -60.90 -22.68 -16.08
CA VAL B 433 -59.66 -23.21 -15.52
C VAL B 433 -59.16 -22.31 -14.40
N ALA B 434 -59.26 -20.99 -14.58
CA ALA B 434 -58.86 -20.07 -13.52
C ALA B 434 -59.72 -20.26 -12.27
N MET B 435 -61.02 -20.44 -12.46
CA MET B 435 -61.93 -20.70 -11.34
C MET B 435 -61.56 -22.00 -10.64
N GLU B 436 -61.21 -23.02 -11.42
CA GLU B 436 -60.81 -24.29 -10.82
C GLU B 436 -59.53 -24.14 -10.01
N SER B 437 -58.61 -23.29 -10.47
CA SER B 437 -57.40 -23.02 -9.69
C SER B 437 -57.73 -22.29 -8.39
N TYR B 438 -58.67 -21.34 -8.45
CA TYR B 438 -59.15 -20.69 -7.22
C TYR B 438 -59.68 -21.72 -6.23
N ALA B 439 -60.55 -22.62 -6.72
CA ALA B 439 -61.06 -23.69 -5.88
C ALA B 439 -59.93 -24.57 -5.36
N LYS B 440 -58.91 -24.81 -6.18
CA LYS B 440 -57.79 -25.64 -5.75
C LYS B 440 -57.05 -25.01 -4.58
N ALA B 441 -56.83 -23.70 -4.62
CA ALA B 441 -56.21 -23.02 -3.48
C ALA B 441 -57.09 -23.12 -2.24
N LEU B 442 -58.40 -22.93 -2.42
CA LEU B 442 -59.30 -23.05 -1.27
C LEU B 442 -59.24 -24.44 -0.67
N ARG B 443 -59.12 -25.48 -1.50
CA ARG B 443 -58.88 -26.83 -1.01
C ARG B 443 -57.54 -26.94 -0.30
N MET B 444 -56.52 -26.27 -0.84
CA MET B 444 -55.18 -26.39 -0.29
C MET B 444 -55.09 -25.86 1.13
N LEU B 445 -55.96 -24.91 1.49
CA LEU B 445 -55.91 -24.38 2.85
C LEU B 445 -56.15 -25.45 3.92
N PRO B 446 -57.28 -26.17 3.93
CA PRO B 446 -57.42 -27.28 4.89
C PRO B 446 -56.43 -28.41 4.64
N THR B 447 -55.90 -28.53 3.42
CA THR B 447 -54.84 -29.50 3.18
C THR B 447 -53.63 -29.19 4.05
N ILE B 448 -53.27 -27.91 4.16
CA ILE B 448 -52.17 -27.52 5.05
C ILE B 448 -52.58 -27.69 6.51
N ILE B 449 -53.85 -27.41 6.83
CA ILE B 449 -54.33 -27.68 8.18
C ILE B 449 -54.05 -29.12 8.58
N ALA B 450 -54.35 -30.06 7.68
CA ALA B 450 -54.12 -31.47 7.97
C ALA B 450 -52.66 -31.87 7.89
N ASP B 451 -51.89 -31.26 6.99
CA ASP B 451 -50.46 -31.54 6.91
C ASP B 451 -49.75 -31.22 8.21
N ASN B 452 -50.08 -30.07 8.81
CA ASN B 452 -49.42 -29.71 10.05
C ASN B 452 -49.69 -30.72 11.17
N ALA B 453 -50.76 -31.50 11.06
CA ALA B 453 -51.07 -32.51 12.05
C ALA B 453 -50.49 -33.88 11.72
N GLY B 454 -49.94 -34.06 10.53
CA GLY B 454 -49.37 -35.34 10.14
C GLY B 454 -50.36 -36.37 9.67
N TYR B 455 -51.62 -36.01 9.48
CA TYR B 455 -52.62 -36.96 9.04
C TYR B 455 -52.55 -37.15 7.53
N ASP B 456 -53.33 -38.12 7.04
CA ASP B 456 -53.44 -38.38 5.61
C ASP B 456 -54.31 -37.29 4.99
N SER B 457 -53.66 -36.17 4.64
CA SER B 457 -54.40 -34.98 4.24
C SER B 457 -55.18 -35.19 2.96
N ALA B 458 -54.60 -35.92 2.00
CA ALA B 458 -55.29 -36.14 0.73
C ALA B 458 -56.61 -36.86 0.94
N ASP B 459 -56.61 -37.92 1.74
CA ASP B 459 -57.84 -38.67 2.00
C ASP B 459 -58.85 -37.82 2.75
N LEU B 460 -58.40 -37.08 3.76
CA LEU B 460 -59.32 -36.26 4.54
C LEU B 460 -59.95 -35.16 3.70
N VAL B 461 -59.15 -34.51 2.85
CA VAL B 461 -59.67 -33.45 2.00
C VAL B 461 -60.62 -34.03 0.95
N ALA B 462 -60.30 -35.22 0.42
CA ALA B 462 -61.22 -35.86 -0.50
C ALA B 462 -62.55 -36.19 0.16
N GLN B 463 -62.51 -36.69 1.41
CA GLN B 463 -63.73 -36.96 2.13
C GLN B 463 -64.52 -35.69 2.39
N LEU B 464 -63.84 -34.61 2.74
CA LEU B 464 -64.51 -33.33 2.95
C LEU B 464 -65.18 -32.84 1.67
N ARG B 465 -64.47 -32.95 0.55
CA ARG B 465 -65.03 -32.53 -0.73
C ARG B 465 -66.25 -33.36 -1.10
N ALA B 466 -66.18 -34.68 -0.89
CA ALA B 466 -67.32 -35.54 -1.17
C ALA B 466 -68.51 -35.19 -0.27
N ALA B 467 -68.25 -34.94 1.01
CA ALA B 467 -69.32 -34.61 1.93
C ALA B 467 -69.97 -33.28 1.57
N HIS B 468 -69.17 -32.30 1.16
CA HIS B 468 -69.73 -31.00 0.81
C HIS B 468 -70.46 -31.05 -0.53
N SER B 469 -70.05 -31.93 -1.44
CA SER B 469 -70.79 -32.09 -2.68
C SER B 469 -72.10 -32.86 -2.46
N GLU B 470 -72.10 -33.80 -1.53
CA GLU B 470 -73.32 -34.56 -1.24
C GLU B 470 -74.41 -33.66 -0.66
N GLY B 471 -74.03 -32.76 0.24
CA GLY B 471 -74.99 -31.88 0.87
C GLY B 471 -74.69 -31.62 2.33
N ASN B 472 -73.73 -32.35 2.88
CA ASN B 472 -73.31 -32.17 4.27
C ASN B 472 -72.45 -30.91 4.33
N THR B 473 -73.12 -29.77 4.50
CA THR B 473 -72.45 -28.48 4.43
C THR B 473 -71.79 -28.07 5.75
N THR B 474 -71.90 -28.89 6.80
CA THR B 474 -71.27 -28.59 8.07
C THR B 474 -70.09 -29.51 8.37
N ALA B 475 -69.69 -30.35 7.42
CA ALA B 475 -68.59 -31.27 7.65
C ALA B 475 -67.26 -30.50 7.71
N GLY B 476 -66.37 -30.96 8.59
CA GLY B 476 -65.07 -30.33 8.75
C GLY B 476 -64.10 -31.28 9.39
N LEU B 477 -62.84 -30.84 9.43
CA LEU B 477 -61.77 -31.66 10.00
C LEU B 477 -61.95 -31.80 11.50
N ASP B 478 -61.80 -33.02 12.00
CA ASP B 478 -61.82 -33.31 13.43
C ASP B 478 -60.38 -33.59 13.86
N MET B 479 -59.73 -32.58 14.44
CA MET B 479 -58.31 -32.67 14.74
C MET B 479 -58.01 -33.55 15.94
N ARG B 480 -59.03 -33.99 16.68
CA ARG B 480 -58.79 -34.83 17.85
C ARG B 480 -58.16 -36.17 17.44
N GLU B 481 -58.70 -36.80 16.41
CA GLU B 481 -58.21 -38.11 15.97
C GLU B 481 -57.71 -38.13 14.55
N GLY B 482 -58.28 -37.34 13.65
CA GLY B 482 -57.85 -37.34 12.26
C GLY B 482 -58.94 -37.80 11.32
N THR B 483 -60.18 -37.56 11.70
CA THR B 483 -61.34 -37.88 10.88
C THR B 483 -62.10 -36.61 10.55
N ILE B 484 -63.24 -36.76 9.88
CA ILE B 484 -64.14 -35.65 9.61
C ILE B 484 -65.29 -35.72 10.60
N GLY B 485 -65.91 -34.57 10.86
CA GLY B 485 -66.99 -34.53 11.81
C GLY B 485 -67.87 -33.32 11.57
N ASP B 486 -68.91 -33.21 12.39
CA ASP B 486 -69.86 -32.11 12.32
C ASP B 486 -69.32 -30.93 13.12
N MET B 487 -68.96 -29.86 12.42
CA MET B 487 -68.40 -28.70 13.11
C MET B 487 -69.43 -28.05 14.03
N ALA B 488 -70.72 -28.14 13.68
CA ALA B 488 -71.74 -27.61 14.57
C ALA B 488 -71.79 -28.38 15.89
N ILE B 489 -71.70 -29.70 15.82
CA ILE B 489 -71.77 -30.52 17.04
C ILE B 489 -70.48 -30.40 17.83
N LEU B 490 -69.34 -30.53 17.16
CA LEU B 490 -68.06 -30.49 17.86
C LEU B 490 -67.81 -29.13 18.49
N GLY B 491 -68.15 -28.06 17.78
CA GLY B 491 -67.98 -26.73 18.33
C GLY B 491 -66.75 -26.01 17.85
N ILE B 492 -66.48 -26.08 16.56
CA ILE B 492 -65.43 -25.28 15.92
C ILE B 492 -66.14 -24.20 15.12
N THR B 493 -66.25 -23.02 15.69
CA THR B 493 -66.92 -21.90 15.05
C THR B 493 -65.94 -20.74 14.90
N GLU B 494 -66.21 -19.88 13.92
CA GLU B 494 -65.37 -18.72 13.68
C GLU B 494 -66.24 -17.53 13.30
N SER B 495 -65.68 -16.34 13.48
CA SER B 495 -66.38 -15.12 13.10
C SER B 495 -66.53 -15.05 11.58
N PHE B 496 -67.73 -14.68 11.14
CA PHE B 496 -67.96 -14.50 9.71
C PHE B 496 -67.11 -13.37 9.15
N GLN B 497 -66.95 -12.30 9.94
CA GLN B 497 -66.15 -11.17 9.50
C GLN B 497 -64.71 -11.57 9.23
N VAL B 498 -64.12 -12.39 10.11
CA VAL B 498 -62.72 -12.77 9.95
C VAL B 498 -62.52 -13.56 8.67
N LYS B 499 -63.38 -14.56 8.45
CA LYS B 499 -63.24 -15.40 7.26
C LYS B 499 -63.47 -14.58 5.98
N ARG B 500 -64.49 -13.71 6.00
CA ARG B 500 -64.75 -12.89 4.83
C ARG B 500 -63.60 -11.96 4.53
N GLN B 501 -63.03 -11.33 5.57
CA GLN B 501 -61.89 -10.45 5.37
C GLN B 501 -60.69 -11.21 4.83
N VAL B 502 -60.45 -12.42 5.35
CA VAL B 502 -59.35 -13.23 4.85
C VAL B 502 -59.52 -13.50 3.36
N LEU B 503 -60.71 -13.96 2.97
CA LEU B 503 -60.97 -14.27 1.57
C LEU B 503 -60.77 -13.05 0.69
N LEU B 504 -61.41 -11.93 1.05
CA LEU B 504 -61.38 -10.75 0.19
C LEU B 504 -59.99 -10.15 0.10
N SER B 505 -59.27 -10.07 1.22
CA SER B 505 -57.92 -9.51 1.19
C SER B 505 -56.98 -10.39 0.38
N ALA B 506 -57.08 -11.71 0.54
CA ALA B 506 -56.24 -12.60 -0.25
C ALA B 506 -56.51 -12.44 -1.74
N ALA B 507 -57.80 -12.39 -2.12
CA ALA B 507 -58.13 -12.21 -3.53
C ALA B 507 -57.60 -10.88 -4.06
N GLU B 508 -57.76 -9.79 -3.29
CA GLU B 508 -57.30 -8.50 -3.74
C GLU B 508 -55.79 -8.48 -3.93
N ALA B 509 -55.04 -9.02 -2.99
CA ALA B 509 -53.58 -9.01 -3.11
C ALA B 509 -53.12 -9.90 -4.27
N ALA B 510 -53.76 -11.06 -4.44
CA ALA B 510 -53.40 -11.91 -5.57
C ALA B 510 -53.65 -11.21 -6.89
N GLU B 511 -54.78 -10.50 -7.00
CA GLU B 511 -55.08 -9.76 -8.22
C GLU B 511 -54.07 -8.63 -8.43
N VAL B 512 -53.68 -7.95 -7.36
CA VAL B 512 -52.74 -6.84 -7.48
C VAL B 512 -51.38 -7.35 -7.98
N ILE B 513 -50.88 -8.43 -7.37
CA ILE B 513 -49.58 -8.96 -7.77
C ILE B 513 -49.64 -9.55 -9.17
N LEU B 514 -50.75 -10.19 -9.52
CA LEU B 514 -50.86 -10.81 -10.84
C LEU B 514 -50.83 -9.79 -11.96
N ARG B 515 -51.37 -8.60 -11.74
CA ARG B 515 -51.40 -7.57 -12.78
C ARG B 515 -50.01 -7.03 -13.12
N VAL B 516 -48.99 -7.36 -12.34
CA VAL B 516 -47.66 -6.79 -12.49
C VAL B 516 -46.89 -7.60 -13.53
N ASP B 517 -46.28 -6.89 -14.49
CA ASP B 517 -45.44 -7.52 -15.49
C ASP B 517 -44.08 -6.88 -15.64
N ASN B 518 -43.72 -5.92 -14.79
CA ASN B 518 -42.45 -5.23 -14.92
C ASN B 518 -42.10 -4.60 -13.58
N ILE B 519 -40.92 -4.92 -13.06
CA ILE B 519 -40.43 -4.40 -11.79
C ILE B 519 -39.23 -3.52 -12.08
N ILE B 520 -39.35 -2.23 -11.78
CA ILE B 520 -38.30 -1.25 -12.03
C ILE B 520 -37.82 -0.74 -10.68
N LYS B 521 -36.51 -0.88 -10.43
CA LYS B 521 -35.91 -0.51 -9.16
C LYS B 521 -34.98 0.67 -9.37
N ALA B 522 -35.16 1.71 -8.55
CA ALA B 522 -34.24 2.83 -8.55
C ALA B 522 -32.97 2.47 -7.80
N ALA B 523 -31.91 3.23 -8.05
CA ALA B 523 -30.64 2.96 -7.41
C ALA B 523 -30.76 3.20 -5.91
N PRO B 524 -30.35 2.24 -5.08
CA PRO B 524 -30.51 2.40 -3.64
C PRO B 524 -29.55 3.45 -3.08
N ARG B 525 -29.86 3.92 -1.87
CA ARG B 525 -29.02 4.91 -1.22
C ARG B 525 -27.63 4.35 -0.96
N LYS B 526 -27.54 3.10 -0.52
CA LYS B 526 -26.25 2.46 -0.25
C LYS B 526 -25.40 2.32 -1.51
N ARG C 1 -52.77 -49.71 4.99
CA ARG C 1 -52.09 -48.69 5.78
C ARG C 1 -50.79 -48.26 5.11
N GLY C 2 -49.85 -49.19 4.98
CA GLY C 2 -48.58 -48.91 4.35
C GLY C 2 -47.75 -47.92 5.12
N LYS C 3 -47.38 -46.82 4.47
CA LYS C 3 -46.54 -45.78 5.06
C LYS C 3 -47.38 -44.55 5.39
N GLY C 4 -46.92 -43.80 6.38
CA GLY C 4 -47.59 -42.57 6.79
C GLY C 4 -47.11 -41.38 6.00
N ALA C 5 -47.22 -40.21 6.62
CA ALA C 5 -46.74 -38.99 5.98
C ALA C 5 -45.22 -39.04 5.80
N TYR C 6 -44.77 -38.63 4.62
CA TYR C 6 -43.34 -38.69 4.33
C TYR C 6 -42.54 -37.77 5.24
N GLN C 7 -43.07 -36.59 5.54
CA GLN C 7 -42.35 -35.55 6.28
C GLN C 7 -41.06 -35.19 5.53
N ASP C 8 -41.28 -34.57 4.37
CA ASP C 8 -40.18 -34.19 3.50
C ASP C 8 -39.26 -33.15 4.12
N ARG C 9 -39.76 -32.35 5.05
CA ARG C 9 -38.97 -31.28 5.65
C ARG C 9 -38.13 -31.82 6.80
N ASP C 10 -36.82 -31.58 6.73
CA ASP C 10 -35.88 -32.02 7.74
C ASP C 10 -35.44 -30.90 8.68
N LYS C 11 -35.69 -29.64 8.31
CA LYS C 11 -35.28 -28.53 9.16
C LYS C 11 -35.87 -28.56 10.56
N PRO C 12 -37.16 -28.86 10.77
CA PRO C 12 -37.67 -28.88 12.16
C PRO C 12 -36.92 -29.82 13.09
N ALA C 13 -36.55 -31.00 12.59
CA ALA C 13 -35.78 -31.92 13.43
C ALA C 13 -34.44 -31.35 13.80
N GLN C 14 -33.75 -30.71 12.84
CA GLN C 14 -32.45 -30.10 13.13
C GLN C 14 -32.60 -28.98 14.14
N ILE C 15 -33.66 -28.18 14.02
CA ILE C 15 -33.86 -27.09 14.96
C ILE C 15 -34.09 -27.63 16.37
N ARG C 16 -34.93 -28.65 16.50
CA ARG C 16 -35.17 -29.24 17.81
C ARG C 16 -33.89 -29.82 18.40
N PHE C 17 -33.10 -30.50 17.56
CA PHE C 17 -31.85 -31.08 18.05
C PHE C 17 -30.87 -30.01 18.50
N SER C 18 -30.77 -28.91 17.76
CA SER C 18 -29.87 -27.82 18.16
C SER C 18 -30.33 -27.18 19.45
N ASN C 19 -31.64 -26.97 19.60
CA ASN C 19 -32.15 -26.40 20.85
C ASN C 19 -31.83 -27.30 22.03
N ILE C 20 -32.06 -28.60 21.86
CA ILE C 20 -31.77 -29.54 22.95
C ILE C 20 -30.29 -29.55 23.27
N SER C 21 -29.43 -29.53 22.24
CA SER C 21 -28.00 -29.53 22.49
C SER C 21 -27.55 -28.29 23.24
N ALA C 22 -28.08 -27.13 22.88
CA ALA C 22 -27.72 -25.90 23.58
C ALA C 22 -28.16 -25.94 25.04
N ALA C 23 -29.40 -26.40 25.28
CA ALA C 23 -29.87 -26.49 26.65
C ALA C 23 -29.03 -27.47 27.46
N LYS C 24 -28.68 -28.61 26.87
CA LYS C 24 -27.83 -29.57 27.54
C LYS C 24 -26.47 -28.98 27.86
N ALA C 25 -25.91 -28.22 26.92
CA ALA C 25 -24.62 -27.60 27.15
C ALA C 25 -24.68 -26.63 28.33
N VAL C 26 -25.75 -25.82 28.40
CA VAL C 26 -25.88 -24.89 29.51
C VAL C 26 -26.01 -25.63 30.83
N ALA C 27 -26.85 -26.67 30.86
CA ALA C 27 -27.04 -27.43 32.08
C ALA C 27 -25.74 -28.08 32.54
N ASP C 28 -24.99 -28.66 31.60
CA ASP C 28 -23.72 -29.28 31.95
C ASP C 28 -22.72 -28.24 32.44
N ALA C 29 -22.73 -27.04 31.84
CA ALA C 29 -21.81 -26.00 32.26
C ALA C 29 -22.08 -25.59 33.71
N ILE C 30 -23.35 -25.44 34.08
CA ILE C 30 -23.67 -25.02 35.45
C ILE C 30 -23.81 -26.18 36.41
N ARG C 31 -23.66 -27.43 35.94
CA ARG C 31 -23.85 -28.58 36.80
C ARG C 31 -22.83 -28.64 37.93
N THR C 32 -21.59 -28.23 37.68
CA THR C 32 -20.53 -28.41 38.65
C THR C 32 -20.75 -27.60 39.92
N SER C 33 -21.60 -26.58 39.87
CA SER C 33 -21.80 -25.67 41.00
C SER C 33 -23.09 -25.98 41.77
N LEU C 34 -23.43 -27.26 41.92
CA LEU C 34 -24.64 -27.67 42.59
C LEU C 34 -24.31 -28.45 43.85
N GLY C 35 -25.03 -28.12 44.94
CA GLY C 35 -24.89 -28.84 46.18
C GLY C 35 -23.87 -28.23 47.11
N PRO C 36 -23.79 -28.75 48.34
CA PRO C 36 -22.81 -28.22 49.30
C PRO C 36 -21.37 -28.41 48.86
N LYS C 37 -21.12 -29.34 47.96
CA LYS C 37 -19.78 -29.58 47.43
C LYS C 37 -19.54 -28.87 46.10
N GLY C 38 -20.45 -28.00 45.69
CA GLY C 38 -20.26 -27.26 44.45
C GLY C 38 -19.34 -26.07 44.65
N MET C 39 -18.56 -25.78 43.62
CA MET C 39 -17.62 -24.67 43.64
C MET C 39 -18.19 -23.47 42.88
N ASP C 40 -17.52 -22.34 43.03
CA ASP C 40 -17.96 -21.10 42.41
C ASP C 40 -17.35 -20.93 41.03
N LYS C 41 -17.80 -19.90 40.33
CA LYS C 41 -17.30 -19.56 39.02
C LYS C 41 -16.89 -18.09 39.00
N MET C 42 -15.81 -17.79 38.28
CA MET C 42 -15.39 -16.43 38.03
C MET C 42 -15.81 -16.03 36.62
N ILE C 43 -16.50 -14.90 36.51
CA ILE C 43 -16.96 -14.39 35.23
C ILE C 43 -16.44 -12.97 35.07
N GLN C 44 -15.71 -12.73 33.99
CA GLN C 44 -15.18 -11.41 33.66
C GLN C 44 -15.84 -10.93 32.39
N ASP C 45 -16.53 -9.80 32.46
CA ASP C 45 -17.29 -9.29 31.32
C ASP C 45 -16.36 -8.55 30.36
N GLY C 46 -16.96 -7.94 29.33
CA GLY C 46 -16.17 -7.21 28.36
C GLY C 46 -15.52 -5.98 28.95
N LYS C 47 -16.21 -5.29 29.86
CA LYS C 47 -15.67 -4.09 30.49
C LYS C 47 -14.57 -4.40 31.50
N GLY C 48 -14.35 -5.67 31.83
CA GLY C 48 -13.33 -6.04 32.78
C GLY C 48 -13.82 -6.26 34.20
N ASP C 49 -15.09 -6.00 34.47
CA ASP C 49 -15.64 -6.25 35.80
C ASP C 49 -15.65 -7.74 36.09
N VAL C 50 -15.25 -8.10 37.29
CA VAL C 50 -15.06 -9.50 37.68
C VAL C 50 -16.03 -9.83 38.80
N THR C 51 -16.62 -11.02 38.74
CA THR C 51 -17.53 -11.50 39.77
C THR C 51 -17.25 -12.96 40.07
N ILE C 52 -17.40 -13.33 41.34
CA ILE C 52 -17.29 -14.70 41.80
C ILE C 52 -18.63 -15.07 42.40
N THR C 53 -19.24 -16.14 41.88
CA THR C 53 -20.59 -16.47 42.32
C THR C 53 -20.87 -17.94 42.16
N ASN C 54 -21.76 -18.43 43.01
CA ASN C 54 -22.33 -19.78 42.91
C ASN C 54 -23.80 -19.76 42.54
N ASP C 55 -24.45 -18.61 42.61
CA ASP C 55 -25.86 -18.51 42.26
C ASP C 55 -26.06 -18.81 40.79
N GLY C 56 -26.96 -19.75 40.49
CA GLY C 56 -27.17 -20.16 39.12
C GLY C 56 -27.74 -19.05 38.25
N ALA C 57 -28.70 -18.30 38.80
CA ALA C 57 -29.29 -17.19 38.05
C ALA C 57 -28.24 -16.15 37.71
N THR C 58 -27.39 -15.79 38.68
CA THR C 58 -26.34 -14.82 38.42
C THR C 58 -25.34 -15.34 37.41
N ILE C 59 -24.99 -16.62 37.50
CA ILE C 59 -24.05 -17.20 36.54
C ILE C 59 -24.61 -17.11 35.14
N LEU C 60 -25.89 -17.46 34.98
CA LEU C 60 -26.50 -17.43 33.64
C LEU C 60 -26.65 -16.02 33.12
N LYS C 61 -26.98 -15.06 33.99
CA LYS C 61 -27.12 -13.68 33.56
C LYS C 61 -25.78 -13.08 33.15
N GLN C 62 -24.72 -13.39 33.91
CA GLN C 62 -23.43 -12.73 33.67
C GLN C 62 -22.86 -13.10 32.31
N MET C 63 -22.79 -14.40 31.99
CA MET C 63 -22.26 -14.81 30.70
C MET C 63 -23.32 -14.59 29.62
N GLN C 64 -22.88 -14.03 28.49
CA GLN C 64 -23.79 -13.63 27.43
C GLN C 64 -23.98 -14.81 26.47
N VAL C 65 -24.90 -15.69 26.85
CA VAL C 65 -25.23 -16.82 26.00
C VAL C 65 -25.91 -16.32 24.73
N LEU C 66 -25.68 -17.01 23.63
CA LEU C 66 -26.13 -16.58 22.31
C LEU C 66 -27.23 -17.44 21.73
N HIS C 67 -27.20 -18.75 21.95
CA HIS C 67 -28.22 -19.61 21.38
C HIS C 67 -29.57 -19.32 22.01
N PRO C 68 -30.66 -19.32 21.23
CA PRO C 68 -31.97 -18.99 21.80
C PRO C 68 -32.41 -19.89 22.94
N ALA C 69 -32.08 -21.18 22.86
CA ALA C 69 -32.45 -22.08 23.95
C ALA C 69 -31.74 -21.69 25.24
N ALA C 70 -30.48 -21.27 25.15
CA ALA C 70 -29.77 -20.81 26.33
C ALA C 70 -30.40 -19.55 26.90
N ARG C 71 -30.84 -18.64 26.04
CA ARG C 71 -31.52 -17.44 26.51
C ARG C 71 -32.82 -17.79 27.23
N MET C 72 -33.57 -18.76 26.69
CA MET C 72 -34.78 -19.19 27.36
C MET C 72 -34.47 -19.85 28.70
N LEU C 73 -33.37 -20.59 28.79
CA LEU C 73 -32.96 -21.15 30.07
C LEU C 73 -32.61 -20.06 31.06
N VAL C 74 -31.95 -19.00 30.59
CA VAL C 74 -31.64 -17.86 31.46
C VAL C 74 -32.93 -17.23 31.99
N GLU C 75 -33.91 -17.03 31.10
CA GLU C 75 -35.19 -16.47 31.53
C GLU C 75 -35.88 -17.39 32.54
N LEU C 76 -35.79 -18.70 32.32
CA LEU C 76 -36.37 -19.66 33.25
C LEU C 76 -35.74 -19.56 34.62
N SER C 77 -34.41 -19.46 34.66
CA SER C 77 -33.71 -19.32 35.94
C SER C 77 -34.11 -18.02 36.64
N LYS C 78 -34.23 -16.93 35.87
CA LYS C 78 -34.65 -15.67 36.47
C LYS C 78 -36.05 -15.77 37.04
N ALA C 79 -36.96 -16.44 36.34
CA ALA C 79 -38.32 -16.63 36.85
C ALA C 79 -38.33 -17.47 38.11
N GLN C 80 -37.52 -18.52 38.15
CA GLN C 80 -37.42 -19.33 39.36
C GLN C 80 -36.89 -18.51 40.53
N ASP C 81 -35.91 -17.64 40.26
CA ASP C 81 -35.40 -16.75 41.31
C ASP C 81 -36.50 -15.81 41.79
N ILE C 82 -37.30 -15.29 40.87
CA ILE C 82 -38.37 -14.37 41.25
C ILE C 82 -39.39 -15.08 42.13
N GLU C 83 -39.84 -16.25 41.70
CA GLU C 83 -40.95 -16.91 42.40
C GLU C 83 -40.50 -17.52 43.73
N ALA C 84 -39.32 -18.16 43.75
CA ALA C 84 -38.86 -18.87 44.93
C ALA C 84 -37.63 -18.22 45.56
N GLY C 85 -36.57 -18.03 44.78
CA GLY C 85 -35.33 -17.48 45.28
C GLY C 85 -34.24 -18.50 45.50
N ASP C 86 -34.58 -19.79 45.55
CA ASP C 86 -33.61 -20.86 45.61
C ASP C 86 -34.00 -21.92 44.59
N GLY C 87 -33.04 -22.78 44.25
CA GLY C 87 -33.27 -23.74 43.20
C GLY C 87 -33.02 -23.22 41.80
N THR C 88 -32.38 -22.07 41.67
CA THR C 88 -32.07 -21.53 40.35
C THR C 88 -31.16 -22.44 39.57
N THR C 89 -30.21 -23.11 40.25
CA THR C 89 -29.35 -24.06 39.57
C THR C 89 -30.10 -25.36 39.26
N SER C 90 -30.96 -25.80 40.17
CA SER C 90 -31.63 -27.09 39.98
C SER C 90 -32.59 -27.06 38.81
N VAL C 91 -33.31 -25.95 38.62
CA VAL C 91 -34.34 -25.90 37.59
C VAL C 91 -33.72 -25.99 36.20
N VAL C 92 -32.58 -25.33 35.99
CA VAL C 92 -31.94 -25.38 34.69
C VAL C 92 -31.42 -26.79 34.40
N ILE C 93 -30.87 -27.46 35.42
CA ILE C 93 -30.43 -28.84 35.26
C ILE C 93 -31.60 -29.74 34.91
N ILE C 94 -32.75 -29.51 35.57
CA ILE C 94 -33.94 -30.31 35.28
C ILE C 94 -34.36 -30.11 33.83
N ALA C 95 -34.38 -28.86 33.37
CA ALA C 95 -34.78 -28.58 31.99
C ALA C 95 -33.82 -29.23 30.99
N GLY C 96 -32.52 -29.12 31.25
CA GLY C 96 -31.55 -29.72 30.36
C GLY C 96 -31.69 -31.24 30.29
N SER C 97 -31.91 -31.88 31.43
CA SER C 97 -32.08 -33.32 31.43
C SER C 97 -33.37 -33.74 30.74
N LEU C 98 -34.43 -32.95 30.91
CA LEU C 98 -35.68 -33.25 30.21
C LEU C 98 -35.47 -33.19 28.71
N LEU C 99 -34.76 -32.18 28.23
CA LEU C 99 -34.52 -32.08 26.79
C LEU C 99 -33.58 -33.19 26.30
N ASP C 100 -32.62 -33.60 27.14
CA ASP C 100 -31.81 -34.76 26.81
C ASP C 100 -32.69 -35.99 26.60
N SER C 101 -33.67 -36.19 27.46
CA SER C 101 -34.61 -37.29 27.26
C SER C 101 -35.39 -37.11 25.97
N CYS C 102 -35.83 -35.89 25.68
CA CYS C 102 -36.56 -35.64 24.44
C CYS C 102 -35.74 -35.97 23.22
N THR C 103 -34.42 -35.90 23.31
CA THR C 103 -33.58 -36.31 22.17
C THR C 103 -33.90 -37.74 21.75
N LYS C 104 -33.67 -38.70 22.64
CA LYS C 104 -33.92 -40.10 22.33
C LYS C 104 -35.40 -40.35 22.10
N LEU C 105 -36.28 -39.58 22.73
CA LEU C 105 -37.71 -39.75 22.47
C LEU C 105 -38.04 -39.39 21.03
N LEU C 106 -37.47 -38.29 20.52
CA LEU C 106 -37.72 -37.88 19.14
C LEU C 106 -37.07 -38.85 18.16
N GLN C 107 -35.90 -39.38 18.51
CA GLN C 107 -35.24 -40.33 17.61
C GLN C 107 -36.08 -41.58 17.40
N LYS C 108 -36.78 -42.04 18.44
CA LYS C 108 -37.65 -43.20 18.31
C LYS C 108 -38.87 -42.94 17.45
N GLY C 109 -39.16 -41.69 17.11
CA GLY C 109 -40.30 -41.38 16.27
C GLY C 109 -41.55 -41.05 17.05
N ILE C 110 -41.43 -40.12 18.00
CA ILE C 110 -42.55 -39.66 18.80
C ILE C 110 -42.76 -38.17 18.52
N HIS C 111 -44.00 -37.81 18.22
CA HIS C 111 -44.28 -36.42 17.88
C HIS C 111 -44.08 -35.53 19.12
N PRO C 112 -43.56 -34.31 18.94
CA PRO C 112 -43.32 -33.44 20.09
C PRO C 112 -44.56 -33.12 20.89
N THR C 113 -45.72 -33.06 20.25
CA THR C 113 -46.95 -32.78 20.99
C THR C 113 -47.26 -33.87 22.00
N ILE C 114 -47.08 -35.14 21.60
CA ILE C 114 -47.30 -36.25 22.52
C ILE C 114 -46.30 -36.18 23.66
N ILE C 115 -45.05 -35.84 23.37
CA ILE C 115 -44.04 -35.70 24.41
C ILE C 115 -44.44 -34.63 25.41
N SER C 116 -44.91 -33.48 24.91
CA SER C 116 -45.30 -32.39 25.80
C SER C 116 -46.50 -32.79 26.66
N GLU C 117 -47.50 -33.44 26.08
CA GLU C 117 -48.66 -33.86 26.86
C GLU C 117 -48.26 -34.86 27.94
N SER C 118 -47.40 -35.82 27.58
CA SER C 118 -46.93 -36.79 28.57
C SER C 118 -46.11 -36.11 29.66
N PHE C 119 -45.32 -35.12 29.30
CA PHE C 119 -44.56 -34.36 30.29
C PHE C 119 -45.50 -33.62 31.23
N GLN C 120 -46.60 -33.08 30.71
CA GLN C 120 -47.58 -32.43 31.57
C GLN C 120 -48.20 -33.42 32.56
N LYS C 121 -48.55 -34.61 32.07
CA LYS C 121 -49.11 -35.63 32.97
C LYS C 121 -48.10 -36.01 34.05
N ALA C 122 -46.84 -36.20 33.66
CA ALA C 122 -45.79 -36.52 34.62
C ALA C 122 -45.61 -35.39 35.62
N LEU C 123 -45.69 -34.15 35.16
CA LEU C 123 -45.60 -33.00 36.06
C LEU C 123 -46.70 -33.01 37.09
N GLU C 124 -47.93 -33.28 36.66
CA GLU C 124 -49.04 -33.31 37.61
C GLU C 124 -48.85 -34.41 38.65
N LYS C 125 -48.44 -35.60 38.19
CA LYS C 125 -48.19 -36.69 39.12
C LYS C 125 -47.05 -36.35 40.08
N GLY C 126 -46.00 -35.73 39.58
CA GLY C 126 -44.87 -35.38 40.43
C GLY C 126 -45.22 -34.33 41.46
N ILE C 127 -46.04 -33.35 41.07
CA ILE C 127 -46.52 -32.36 42.04
C ILE C 127 -47.32 -33.05 43.14
N GLU C 128 -48.17 -34.00 42.75
CA GLU C 128 -48.90 -34.76 43.76
C GLU C 128 -47.96 -35.51 44.70
N ILE C 129 -46.92 -36.13 44.14
CA ILE C 129 -45.98 -36.89 44.97
C ILE C 129 -45.24 -35.98 45.93
N LEU C 130 -44.77 -34.83 45.45
CA LEU C 130 -44.06 -33.90 46.31
C LEU C 130 -44.96 -33.39 47.43
N THR C 131 -46.21 -33.07 47.09
CA THR C 131 -47.14 -32.64 48.14
C THR C 131 -47.37 -33.75 49.16
N ASP C 132 -47.38 -35.00 48.70
CA ASP C 132 -47.52 -36.13 49.62
C ASP C 132 -46.34 -36.24 50.57
N MET C 133 -45.13 -36.01 50.05
CA MET C 133 -43.94 -36.15 50.91
C MET C 133 -43.84 -35.04 51.95
N SER C 134 -44.32 -33.84 51.64
CA SER C 134 -44.09 -32.69 52.51
C SER C 134 -44.82 -32.83 53.83
N ARG C 135 -44.39 -32.05 54.81
CA ARG C 135 -44.98 -32.02 56.15
C ARG C 135 -45.27 -30.58 56.54
N PRO C 136 -46.28 -30.36 57.38
CA PRO C 136 -46.61 -28.98 57.78
C PRO C 136 -45.55 -28.37 58.65
N VAL C 137 -45.44 -27.05 58.58
CA VAL C 137 -44.48 -26.28 59.36
C VAL C 137 -45.16 -25.01 59.87
N GLU C 138 -44.86 -24.64 61.11
CA GLU C 138 -45.37 -23.43 61.71
C GLU C 138 -44.23 -22.44 61.92
N LEU C 139 -44.55 -21.16 61.81
CA LEU C 139 -43.54 -20.11 61.96
C LEU C 139 -43.04 -20.00 63.39
N SER C 140 -43.73 -20.60 64.36
CA SER C 140 -43.25 -20.60 65.73
C SER C 140 -42.09 -21.56 65.94
N ASP C 141 -41.94 -22.56 65.08
CA ASP C 141 -40.86 -23.55 65.18
C ASP C 141 -39.59 -22.91 64.64
N ARG C 142 -38.85 -22.24 65.54
CA ARG C 142 -37.66 -21.51 65.11
C ARG C 142 -36.57 -22.43 64.60
N GLU C 143 -36.46 -23.64 65.16
CA GLU C 143 -35.42 -24.56 64.74
C GLU C 143 -35.59 -24.96 63.28
N THR C 144 -36.83 -25.13 62.83
CA THR C 144 -37.06 -25.49 61.43
C THR C 144 -36.60 -24.38 60.49
N LEU C 145 -36.92 -23.12 60.82
CA LEU C 145 -36.46 -22.00 60.01
C LEU C 145 -34.94 -21.91 60.02
N LEU C 146 -34.31 -22.12 61.18
CA LEU C 146 -32.86 -22.10 61.24
C LEU C 146 -32.25 -23.18 60.37
N ASN C 147 -32.84 -24.38 60.40
CA ASN C 147 -32.34 -25.48 59.57
C ASN C 147 -32.51 -25.17 58.09
N SER C 148 -33.64 -24.58 57.72
CA SER C 148 -33.86 -24.22 56.32
C SER C 148 -32.86 -23.18 55.86
N ALA C 149 -32.60 -22.17 56.68
CA ALA C 149 -31.61 -21.15 56.32
C ALA C 149 -30.22 -21.76 56.20
N THR C 150 -29.85 -22.63 57.14
CA THR C 150 -28.54 -23.27 57.06
C THR C 150 -28.41 -24.13 55.82
N THR C 151 -29.46 -24.86 55.46
CA THR C 151 -29.44 -25.65 54.24
C THR C 151 -29.29 -24.77 53.01
N SER C 152 -29.98 -23.63 52.99
CA SER C 152 -29.83 -22.72 51.86
C SER C 152 -28.44 -22.13 51.80
N LEU C 153 -27.76 -22.00 52.94
CA LEU C 153 -26.44 -21.38 52.98
C LEU C 153 -25.30 -22.40 52.88
N ASN C 154 -25.60 -23.70 52.74
CA ASN C 154 -24.55 -24.70 52.70
C ASN C 154 -23.69 -24.58 51.45
N SER C 155 -24.31 -24.33 50.30
CA SER C 155 -23.60 -24.36 49.02
C SER C 155 -22.81 -23.09 48.73
N LYS C 156 -23.09 -22.00 49.43
CA LYS C 156 -22.46 -20.73 49.12
C LYS C 156 -21.12 -20.60 49.84
N VAL C 157 -20.38 -19.53 49.52
CA VAL C 157 -19.05 -19.36 50.10
C VAL C 157 -19.15 -19.15 51.61
N VAL C 158 -20.24 -18.55 52.07
CA VAL C 158 -20.43 -18.33 53.51
C VAL C 158 -21.15 -19.57 54.03
N SER C 159 -20.37 -20.61 54.28
CA SER C 159 -20.87 -21.81 54.94
C SER C 159 -20.26 -22.02 56.31
N GLN C 160 -19.02 -21.55 56.52
CA GLN C 160 -18.43 -21.55 57.84
C GLN C 160 -19.00 -20.45 58.73
N TYR C 161 -19.61 -19.43 58.12
CA TYR C 161 -20.28 -18.37 58.86
C TYR C 161 -21.77 -18.61 59.01
N SER C 162 -22.25 -19.80 58.61
CA SER C 162 -23.68 -20.06 58.67
C SER C 162 -24.22 -19.97 60.09
N SER C 163 -23.41 -20.31 61.08
CA SER C 163 -23.83 -20.19 62.47
C SER C 163 -24.19 -18.76 62.84
N LEU C 164 -23.65 -17.77 62.12
CA LEU C 164 -23.99 -16.37 62.30
C LEU C 164 -25.08 -15.89 61.35
N LEU C 165 -25.00 -16.28 60.07
CA LEU C 165 -25.92 -15.74 59.07
C LEU C 165 -27.28 -16.42 59.06
N SER C 166 -27.41 -17.61 59.66
CA SER C 166 -28.73 -18.24 59.71
C SER C 166 -29.64 -17.57 60.73
N PRO C 167 -29.27 -17.42 62.00
CA PRO C 167 -30.15 -16.68 62.92
C PRO C 167 -30.37 -15.25 62.49
N MET C 168 -29.36 -14.62 61.87
CA MET C 168 -29.53 -13.25 61.39
C MET C 168 -30.63 -13.18 60.33
N SER C 169 -30.58 -14.10 59.36
CA SER C 169 -31.60 -14.10 58.31
C SER C 169 -32.98 -14.40 58.86
N VAL C 170 -33.07 -15.39 59.77
CA VAL C 170 -34.37 -15.74 60.33
C VAL C 170 -34.94 -14.56 61.11
N ASN C 171 -34.12 -13.90 61.91
CA ASN C 171 -34.58 -12.74 62.67
C ASN C 171 -34.99 -11.61 61.73
N ALA C 172 -34.22 -11.39 60.67
CA ALA C 172 -34.53 -10.31 59.74
C ALA C 172 -35.89 -10.54 59.08
N VAL C 173 -36.17 -11.78 58.67
CA VAL C 173 -37.47 -12.06 58.07
C VAL C 173 -38.58 -11.95 59.10
N MET C 174 -38.33 -12.43 60.33
CA MET C 174 -39.38 -12.43 61.34
C MET C 174 -39.71 -11.01 61.81
N LYS C 175 -38.76 -10.08 61.73
CA LYS C 175 -38.98 -8.74 62.24
C LYS C 175 -39.66 -7.81 61.25
N VAL C 176 -39.92 -8.25 60.03
CA VAL C 176 -40.54 -7.42 59.01
C VAL C 176 -41.94 -7.87 58.64
N ILE C 177 -42.43 -8.96 59.23
CA ILE C 177 -43.74 -9.50 58.92
C ILE C 177 -44.47 -9.79 60.22
N ASP C 178 -45.79 -10.00 60.10
CA ASP C 178 -46.60 -10.45 61.22
C ASP C 178 -46.84 -11.94 61.06
N PRO C 179 -46.28 -12.79 61.93
CA PRO C 179 -46.40 -14.23 61.72
C PRO C 179 -47.83 -14.74 61.76
N ALA C 180 -48.75 -14.00 62.36
CA ALA C 180 -50.13 -14.48 62.47
C ALA C 180 -50.85 -14.42 61.12
N THR C 181 -50.71 -13.32 60.39
CA THR C 181 -51.53 -13.08 59.22
C THR C 181 -50.76 -12.89 57.91
N ALA C 182 -49.43 -12.78 57.96
CA ALA C 182 -48.68 -12.51 56.74
C ALA C 182 -48.71 -13.71 55.81
N THR C 183 -49.03 -13.45 54.54
CA THR C 183 -48.98 -14.46 53.50
C THR C 183 -47.87 -14.20 52.49
N SER C 184 -47.07 -13.15 52.70
CA SER C 184 -45.95 -12.86 51.83
C SER C 184 -44.97 -11.98 52.59
N VAL C 185 -43.74 -11.92 52.09
CA VAL C 185 -42.68 -11.10 52.67
C VAL C 185 -42.18 -10.16 51.59
N ASP C 186 -42.12 -8.87 51.92
CA ASP C 186 -41.55 -7.87 51.02
C ASP C 186 -40.07 -7.71 51.37
N LEU C 187 -39.21 -8.25 50.52
CA LEU C 187 -37.77 -8.19 50.79
C LEU C 187 -37.22 -6.78 50.65
N ARG C 188 -37.97 -5.86 50.06
CA ARG C 188 -37.55 -4.47 50.02
C ARG C 188 -37.57 -3.80 51.39
N ASP C 189 -38.22 -4.42 52.37
CA ASP C 189 -38.18 -3.93 53.74
C ASP C 189 -36.91 -4.32 54.46
N ILE C 190 -36.11 -5.21 53.89
CA ILE C 190 -34.81 -5.59 54.44
C ILE C 190 -33.74 -4.92 53.59
N LYS C 191 -33.03 -3.97 54.18
CA LYS C 191 -32.01 -3.21 53.48
C LYS C 191 -30.64 -3.82 53.75
N ILE C 192 -29.89 -4.08 52.69
CA ILE C 192 -28.56 -4.67 52.79
C ILE C 192 -27.54 -3.60 52.40
N VAL C 193 -26.62 -3.32 53.31
CA VAL C 193 -25.60 -2.30 53.12
C VAL C 193 -24.25 -3.00 53.07
N LYS C 194 -23.52 -2.79 51.99
CA LYS C 194 -22.22 -3.43 51.78
C LYS C 194 -21.12 -2.41 52.04
N LYS C 195 -20.32 -2.65 53.07
CA LYS C 195 -19.20 -1.80 53.42
C LYS C 195 -17.93 -2.64 53.41
N LEU C 196 -16.95 -2.23 52.61
CA LEU C 196 -15.69 -2.96 52.52
C LEU C 196 -14.92 -2.85 53.83
N GLY C 197 -14.11 -3.86 54.10
CA GLY C 197 -13.31 -3.90 55.30
C GLY C 197 -13.84 -4.90 56.31
N GLY C 198 -12.95 -5.37 57.16
CA GLY C 198 -13.31 -6.37 58.15
C GLY C 198 -13.49 -7.74 57.54
N THR C 199 -14.11 -8.60 58.31
CA THR C 199 -14.38 -9.98 57.92
C THR C 199 -15.87 -10.25 58.01
N ILE C 200 -16.33 -11.28 57.29
CA ILE C 200 -17.75 -11.62 57.28
C ILE C 200 -18.23 -11.96 58.69
N ASP C 201 -17.32 -12.31 59.60
CA ASP C 201 -17.72 -12.49 60.99
C ASP C 201 -18.28 -11.22 61.61
N ASP C 202 -18.00 -10.06 61.01
CA ASP C 202 -18.44 -8.78 61.53
C ASP C 202 -19.79 -8.35 60.96
N CYS C 203 -20.44 -9.20 60.17
CA CYS C 203 -21.77 -8.87 59.67
C CYS C 203 -22.72 -8.63 60.83
N GLU C 204 -23.54 -7.59 60.70
CA GLU C 204 -24.38 -7.12 61.79
C GLU C 204 -25.80 -6.88 61.30
N LEU C 205 -26.76 -7.13 62.18
CA LEU C 205 -28.17 -6.83 61.94
C LEU C 205 -28.55 -5.64 62.80
N VAL C 206 -28.86 -4.52 62.15
CA VAL C 206 -29.18 -3.27 62.83
C VAL C 206 -30.69 -3.14 62.93
N GLU C 207 -31.20 -2.95 64.15
CA GLU C 207 -32.63 -2.81 64.34
C GLU C 207 -33.16 -1.52 63.72
N GLY C 208 -32.36 -0.46 63.73
CA GLY C 208 -32.82 0.83 63.25
C GLY C 208 -32.50 1.10 61.80
N LEU C 209 -31.97 2.29 61.53
CA LEU C 209 -31.69 2.74 60.17
C LEU C 209 -30.21 3.02 60.03
N VAL C 210 -29.63 2.55 58.93
CA VAL C 210 -28.22 2.74 58.60
C VAL C 210 -28.13 3.66 57.40
N LEU C 211 -27.45 4.79 57.56
CA LEU C 211 -27.30 5.78 56.50
C LEU C 211 -25.83 5.90 56.15
N THR C 212 -25.54 5.88 54.85
CA THR C 212 -24.18 6.04 54.37
C THR C 212 -23.80 7.50 54.13
N GLN C 213 -24.76 8.41 54.21
CA GLN C 213 -24.46 9.83 54.02
C GLN C 213 -23.64 10.37 55.19
N LYS C 214 -22.66 11.19 54.87
CA LYS C 214 -21.81 11.78 55.90
C LYS C 214 -22.53 12.91 56.62
N VAL C 215 -22.14 13.15 57.87
CA VAL C 215 -22.71 14.23 58.67
C VAL C 215 -22.07 15.54 58.22
N SER C 216 -22.89 16.46 57.72
CA SER C 216 -22.37 17.75 57.30
C SER C 216 -21.83 18.53 58.48
N ASN C 217 -22.51 18.48 59.62
CA ASN C 217 -22.06 19.19 60.80
C ASN C 217 -20.79 18.55 61.34
N SER C 218 -19.84 19.40 61.73
CA SER C 218 -18.57 18.96 62.29
C SER C 218 -18.55 19.24 63.78
N GLY C 219 -18.16 18.23 64.56
CA GLY C 219 -18.12 18.33 66.00
C GLY C 219 -19.29 17.67 66.71
N ILE C 220 -20.39 17.43 65.99
CA ILE C 220 -21.55 16.72 66.52
C ILE C 220 -21.64 15.41 65.78
N THR C 221 -21.36 14.30 66.46
CA THR C 221 -21.35 12.99 65.82
C THR C 221 -22.24 12.01 66.57
N ARG C 222 -22.42 12.21 67.87
CA ARG C 222 -23.21 11.32 68.71
C ARG C 222 -24.28 12.13 69.41
N VAL C 223 -25.54 11.74 69.20
CA VAL C 223 -26.68 12.41 69.82
C VAL C 223 -27.53 11.34 70.51
N GLU C 224 -27.82 11.57 71.78
CA GLU C 224 -28.67 10.68 72.57
C GLU C 224 -30.05 11.30 72.73
N LYS C 225 -31.07 10.44 72.79
CA LYS C 225 -32.47 10.87 72.82
C LYS C 225 -32.78 11.79 71.65
N ALA C 226 -32.40 11.35 70.45
CA ALA C 226 -32.55 12.16 69.26
C ALA C 226 -34.01 12.32 68.89
N LYS C 227 -34.32 13.44 68.22
CA LYS C 227 -35.64 13.72 67.66
C LYS C 227 -35.42 14.04 66.19
N ILE C 228 -35.47 13.01 65.35
CA ILE C 228 -35.13 13.16 63.94
C ILE C 228 -36.26 13.84 63.19
N GLY C 229 -35.91 14.77 62.33
CA GLY C 229 -36.88 15.41 61.46
C GLY C 229 -36.42 15.37 60.03
N LEU C 230 -37.33 15.05 59.13
CA LEU C 230 -37.04 14.97 57.70
C LEU C 230 -37.51 16.25 57.02
N ILE C 231 -36.64 16.84 56.20
CA ILE C 231 -36.91 18.11 55.54
C ILE C 231 -36.90 17.88 54.04
N GLN C 232 -37.97 18.31 53.37
CA GLN C 232 -38.06 18.23 51.92
C GLN C 232 -38.04 19.59 51.25
N PHE C 233 -37.76 20.65 51.99
CA PHE C 233 -37.55 21.98 51.43
C PHE C 233 -36.09 22.38 51.59
N CYS C 234 -35.77 23.60 51.18
CA CYS C 234 -34.40 24.08 51.11
C CYS C 234 -34.17 25.18 52.14
N LEU C 235 -33.06 25.06 52.89
CA LEU C 235 -32.65 26.09 53.83
C LEU C 235 -31.60 26.99 53.17
N SER C 236 -32.08 27.82 52.27
CA SER C 236 -31.22 28.74 51.54
C SER C 236 -31.99 30.04 51.33
N ALA C 237 -31.46 30.89 50.46
CA ALA C 237 -32.09 32.18 50.18
C ALA C 237 -33.48 31.96 49.58
N PRO C 238 -34.43 32.84 49.88
CA PRO C 238 -35.79 32.66 49.35
C PRO C 238 -35.79 32.66 47.83
N LYS C 239 -36.61 31.79 47.25
CA LYS C 239 -36.66 31.61 45.81
C LYS C 239 -38.01 31.05 45.44
N THR C 240 -38.70 31.73 44.52
CA THR C 240 -40.02 31.29 44.09
C THR C 240 -39.91 30.43 42.84
N ASP C 241 -40.94 29.62 42.61
CA ASP C 241 -41.00 28.82 41.39
C ASP C 241 -41.04 29.70 40.15
N MET C 242 -41.87 30.74 40.18
CA MET C 242 -41.89 31.72 39.11
C MET C 242 -40.59 32.52 39.13
N ASP C 243 -40.16 32.95 37.95
CA ASP C 243 -38.90 33.68 37.82
C ASP C 243 -38.86 34.87 38.75
N ASN C 244 -37.84 34.92 39.59
CA ASN C 244 -37.70 35.95 40.61
C ASN C 244 -36.36 36.66 40.46
N GLN C 245 -36.38 37.98 40.63
CA GLN C 245 -35.18 38.79 40.61
C GLN C 245 -35.31 39.89 41.66
N ILE C 246 -34.17 40.38 42.13
CA ILE C 246 -34.13 41.48 43.07
C ILE C 246 -33.41 42.64 42.39
N VAL C 247 -34.06 43.80 42.35
CA VAL C 247 -33.53 44.98 41.69
C VAL C 247 -33.06 45.96 42.76
N VAL C 248 -31.81 46.38 42.67
CA VAL C 248 -31.21 47.29 43.62
C VAL C 248 -30.97 48.62 42.91
N SER C 249 -31.49 49.71 43.48
CA SER C 249 -31.33 51.03 42.91
C SER C 249 -30.60 51.99 43.84
N ASP C 250 -30.46 51.67 45.12
CA ASP C 250 -29.81 52.53 46.08
C ASP C 250 -28.83 51.72 46.91
N TYR C 251 -27.84 52.42 47.48
CA TYR C 251 -26.79 51.74 48.24
C TYR C 251 -27.34 51.06 49.48
N ALA C 252 -28.42 51.58 50.06
CA ALA C 252 -28.98 50.96 51.26
C ALA C 252 -29.58 49.60 50.98
N GLN C 253 -30.12 49.40 49.78
CA GLN C 253 -30.80 48.16 49.46
C GLN C 253 -29.85 46.97 49.50
N MET C 254 -28.56 47.18 49.27
CA MET C 254 -27.60 46.09 49.33
C MET C 254 -27.55 45.47 50.71
N ASP C 255 -27.23 46.28 51.72
CA ASP C 255 -27.19 45.76 53.08
C ASP C 255 -28.57 45.38 53.59
N ARG C 256 -29.63 46.02 53.08
CA ARG C 256 -30.97 45.57 53.42
C ARG C 256 -31.23 44.15 52.95
N VAL C 257 -30.81 43.85 51.71
CA VAL C 257 -30.96 42.50 51.17
C VAL C 257 -30.16 41.51 52.00
N LEU C 258 -28.91 41.86 52.33
CA LEU C 258 -28.07 40.94 53.10
C LEU C 258 -28.70 40.65 54.46
N ARG C 259 -29.12 41.71 55.17
CA ARG C 259 -29.70 41.54 56.49
C ARG C 259 -30.99 40.73 56.43
N GLU C 260 -31.82 40.99 55.42
CA GLU C 260 -33.10 40.28 55.33
C GLU C 260 -32.89 38.81 54.99
N GLU C 261 -31.91 38.50 54.14
CA GLU C 261 -31.58 37.10 53.89
C GLU C 261 -31.12 36.40 55.16
N ARG C 262 -30.24 37.07 55.93
CA ARG C 262 -29.79 36.49 57.18
C ARG C 262 -30.95 36.26 58.13
N ALA C 263 -31.86 37.24 58.22
CA ALA C 263 -33.00 37.10 59.12
C ALA C 263 -33.92 35.97 58.68
N TYR C 264 -34.13 35.81 57.37
CA TYR C 264 -34.97 34.72 56.88
C TYR C 264 -34.38 33.36 57.22
N ILE C 265 -33.07 33.20 56.98
CA ILE C 265 -32.43 31.93 57.32
C ILE C 265 -32.49 31.68 58.82
N LEU C 266 -32.24 32.71 59.62
CA LEU C 266 -32.27 32.56 61.07
C LEU C 266 -33.67 32.18 61.54
N ASN C 267 -34.71 32.77 60.93
CA ASN C 267 -36.07 32.42 61.31
C ASN C 267 -36.38 30.97 60.97
N LEU C 268 -35.93 30.50 59.81
CA LEU C 268 -36.14 29.09 59.47
C LEU C 268 -35.46 28.17 60.49
N VAL C 269 -34.21 28.49 60.84
CA VAL C 269 -33.48 27.64 61.78
C VAL C 269 -34.14 27.67 63.15
N LYS C 270 -34.59 28.84 63.60
CA LYS C 270 -35.25 28.94 64.89
C LYS C 270 -36.56 28.18 64.90
N GLN C 271 -37.31 28.23 63.81
CA GLN C 271 -38.55 27.46 63.71
C GLN C 271 -38.27 25.96 63.79
N ILE C 272 -37.21 25.51 63.12
CA ILE C 272 -36.84 24.10 63.22
C ILE C 272 -36.46 23.74 64.65
N LYS C 273 -35.68 24.59 65.31
CA LYS C 273 -35.18 24.24 66.64
C LYS C 273 -36.27 24.29 67.70
N LYS C 274 -37.27 25.16 67.53
CA LYS C 274 -38.29 25.33 68.56
C LYS C 274 -39.04 24.04 68.85
N THR C 275 -39.16 23.16 67.87
CA THR C 275 -39.89 21.91 68.06
C THR C 275 -39.12 20.91 68.93
N GLY C 276 -37.86 21.19 69.25
CA GLY C 276 -37.05 20.26 70.01
C GLY C 276 -36.24 19.30 69.17
N CYS C 277 -36.24 19.46 67.85
CA CYS C 277 -35.46 18.60 66.99
C CYS C 277 -33.96 18.78 67.26
N ASN C 278 -33.21 17.69 67.14
CA ASN C 278 -31.76 17.73 67.27
C ASN C 278 -31.02 16.98 66.18
N VAL C 279 -31.71 16.18 65.37
CA VAL C 279 -31.11 15.53 64.20
C VAL C 279 -31.98 15.86 63.01
N LEU C 280 -31.38 16.42 61.97
CA LEU C 280 -32.11 16.88 60.79
C LEU C 280 -31.61 16.16 59.55
N LEU C 281 -32.53 15.57 58.81
CA LEU C 281 -32.23 14.96 57.52
C LEU C 281 -32.84 15.83 56.42
N ILE C 282 -32.01 16.24 55.47
CA ILE C 282 -32.42 17.14 54.40
C ILE C 282 -32.42 16.35 53.09
N GLN C 283 -33.56 16.35 52.41
CA GLN C 283 -33.67 15.65 51.15
C GLN C 283 -32.76 16.27 50.09
N LYS C 284 -32.26 15.43 49.20
CA LYS C 284 -31.41 15.91 48.11
C LYS C 284 -32.20 16.88 47.23
N SER C 285 -31.56 17.97 46.84
CA SER C 285 -32.22 19.01 46.07
C SER C 285 -31.39 19.37 44.85
N ILE C 286 -32.09 19.69 43.76
CA ILE C 286 -31.47 20.19 42.54
C ILE C 286 -32.20 21.48 42.16
N LEU C 287 -31.46 22.40 41.54
CA LEU C 287 -31.91 23.72 41.11
C LEU C 287 -32.07 24.69 42.28
N ARG C 288 -31.83 24.25 43.52
CA ARG C 288 -31.80 25.14 44.67
C ARG C 288 -30.87 24.56 45.72
N ASP C 289 -30.14 25.44 46.39
CA ASP C 289 -29.22 25.00 47.44
C ASP C 289 -29.99 24.36 48.58
N ALA C 290 -29.77 23.06 48.78
CA ALA C 290 -30.48 22.35 49.85
C ALA C 290 -30.09 22.88 51.21
N LEU C 291 -28.81 23.16 51.42
CA LEU C 291 -28.32 23.63 52.72
C LEU C 291 -27.33 24.77 52.47
N SER C 292 -27.73 25.98 52.81
CA SER C 292 -26.83 27.12 52.68
C SER C 292 -25.79 27.11 53.78
N ASP C 293 -24.70 27.85 53.55
CA ASP C 293 -23.66 27.96 54.55
C ASP C 293 -24.17 28.63 55.82
N LEU C 294 -25.00 29.67 55.66
CA LEU C 294 -25.58 30.32 56.83
C LEU C 294 -26.48 29.36 57.61
N ALA C 295 -27.28 28.57 56.90
CA ALA C 295 -28.16 27.62 57.57
C ALA C 295 -27.35 26.58 58.34
N LEU C 296 -26.29 26.05 57.73
CA LEU C 296 -25.45 25.08 58.42
C LEU C 296 -24.77 25.71 59.64
N HIS C 297 -24.29 26.94 59.50
CA HIS C 297 -23.65 27.62 60.63
C HIS C 297 -24.63 27.82 61.77
N PHE C 298 -25.85 28.25 61.47
CA PHE C 298 -26.85 28.46 62.50
C PHE C 298 -27.24 27.14 63.16
N LEU C 299 -27.43 26.09 62.38
CA LEU C 299 -27.80 24.80 62.94
C LEU C 299 -26.69 24.24 63.83
N ASN C 300 -25.44 24.40 63.41
CA ASN C 300 -24.31 23.99 64.24
C ASN C 300 -24.27 24.79 65.54
N LYS C 301 -24.49 26.11 65.44
CA LYS C 301 -24.48 26.95 66.64
C LYS C 301 -25.60 26.59 67.59
N MET C 302 -26.65 25.92 67.12
CA MET C 302 -27.80 25.58 67.95
C MET C 302 -27.88 24.09 68.24
N LYS C 303 -26.77 23.35 68.07
CA LYS C 303 -26.64 21.95 68.46
C LYS C 303 -27.69 21.07 67.78
N ILE C 304 -27.59 20.99 66.45
CA ILE C 304 -28.42 20.12 65.65
C ILE C 304 -27.54 19.39 64.65
N MET C 305 -27.60 18.06 64.64
CA MET C 305 -26.89 17.29 63.64
C MET C 305 -27.61 17.41 62.30
N VAL C 306 -26.85 17.62 61.24
CA VAL C 306 -27.40 17.87 59.91
C VAL C 306 -26.88 16.82 58.95
N ILE C 307 -27.80 16.15 58.24
CA ILE C 307 -27.46 15.22 57.18
C ILE C 307 -28.24 15.64 55.94
N LYS C 308 -27.54 16.01 54.89
CA LYS C 308 -28.16 16.45 53.65
C LYS C 308 -28.01 15.38 52.59
N ASP C 309 -28.46 15.71 51.37
CA ASP C 309 -28.33 14.83 50.21
C ASP C 309 -29.00 13.48 50.44
N ILE C 310 -30.13 13.49 51.14
CA ILE C 310 -30.91 12.28 51.34
C ILE C 310 -31.63 11.95 50.04
N GLU C 311 -31.47 10.73 49.55
CA GLU C 311 -32.04 10.35 48.26
C GLU C 311 -33.55 10.33 48.33
N ARG C 312 -34.19 10.68 47.21
CA ARG C 312 -35.65 10.70 47.16
C ARG C 312 -36.22 9.29 47.24
N GLU C 313 -35.50 8.29 46.72
CA GLU C 313 -35.99 6.92 46.75
C GLU C 313 -35.98 6.33 48.16
N ASP C 314 -35.22 6.91 49.08
CA ASP C 314 -35.09 6.38 50.42
C ASP C 314 -36.03 7.03 51.42
N ILE C 315 -36.91 7.92 50.96
CA ILE C 315 -37.79 8.64 51.89
C ILE C 315 -38.75 7.68 52.56
N GLU C 316 -39.40 6.82 51.76
CA GLU C 316 -40.40 5.90 52.33
C GLU C 316 -39.76 4.94 53.32
N PHE C 317 -38.59 4.40 52.99
CA PHE C 317 -37.92 3.46 53.88
C PHE C 317 -37.55 4.13 55.20
N ILE C 318 -37.00 5.34 55.13
CA ILE C 318 -36.60 6.07 56.34
C ILE C 318 -37.83 6.37 57.20
N CYS C 319 -38.91 6.84 56.57
CA CYS C 319 -40.11 7.17 57.32
C CYS C 319 -40.69 5.92 57.98
N LYS C 320 -40.69 4.79 57.28
CA LYS C 320 -41.18 3.55 57.87
C LYS C 320 -40.27 3.07 59.00
N THR C 321 -38.98 3.33 58.89
CA THR C 321 -38.04 2.85 59.91
C THR C 321 -38.13 3.66 61.19
N ILE C 322 -37.88 4.97 61.10
CA ILE C 322 -37.76 5.80 62.30
C ILE C 322 -39.05 6.57 62.60
N GLY C 323 -40.13 6.30 61.87
CA GLY C 323 -41.41 6.92 62.18
C GLY C 323 -41.43 8.42 62.04
N THR C 324 -40.83 8.94 60.99
CA THR C 324 -40.76 10.37 60.74
C THR C 324 -41.69 10.75 59.59
N LYS C 325 -42.54 11.74 59.83
CA LYS C 325 -43.39 12.26 58.77
C LYS C 325 -42.64 13.32 57.99
N PRO C 326 -42.50 13.18 56.67
CA PRO C 326 -41.76 14.19 55.90
C PRO C 326 -42.48 15.53 55.92
N VAL C 327 -41.69 16.60 55.89
CA VAL C 327 -42.20 17.97 55.93
C VAL C 327 -41.70 18.69 54.69
N ALA C 328 -42.61 19.33 53.96
CA ALA C 328 -42.27 20.04 52.74
C ALA C 328 -42.35 21.56 52.87
N HIS C 329 -42.89 22.07 53.98
CA HIS C 329 -42.93 23.50 54.21
C HIS C 329 -42.75 23.77 55.70
N ILE C 330 -42.07 24.87 56.01
CA ILE C 330 -41.75 25.18 57.40
C ILE C 330 -42.99 25.43 58.23
N ASP C 331 -44.11 25.77 57.60
CA ASP C 331 -45.34 26.03 58.36
C ASP C 331 -45.84 24.78 59.06
N GLN C 332 -45.72 23.62 58.41
CA GLN C 332 -46.21 22.36 58.95
C GLN C 332 -45.19 21.67 59.84
N PHE C 333 -44.00 22.22 60.00
CA PHE C 333 -42.95 21.59 60.80
C PHE C 333 -43.28 21.76 62.28
N THR C 334 -43.80 20.70 62.89
CA THR C 334 -44.13 20.71 64.31
C THR C 334 -43.55 19.45 64.95
N ALA C 335 -43.57 19.43 66.29
CA ALA C 335 -43.03 18.30 67.03
C ALA C 335 -43.77 17.01 66.75
N ASP C 336 -45.03 17.10 66.31
CA ASP C 336 -45.80 15.90 66.01
C ASP C 336 -45.19 15.12 64.84
N MET C 337 -44.51 15.81 63.94
CA MET C 337 -43.97 15.17 62.74
C MET C 337 -42.55 14.65 62.93
N LEU C 338 -41.99 14.76 64.13
CA LEU C 338 -40.66 14.24 64.39
C LEU C 338 -40.71 12.76 64.70
N GLY C 339 -39.54 12.13 64.64
CA GLY C 339 -39.41 10.72 64.99
C GLY C 339 -38.40 10.49 66.08
N SER C 340 -38.87 10.08 67.25
CA SER C 340 -37.97 9.88 68.38
C SER C 340 -37.12 8.63 68.19
N ALA C 341 -35.92 8.66 68.76
CA ALA C 341 -35.02 7.52 68.71
C ALA C 341 -34.16 7.50 69.96
N GLU C 342 -33.63 6.32 70.28
CA GLU C 342 -32.81 6.17 71.47
C GLU C 342 -31.43 6.80 71.29
N LEU C 343 -30.81 6.59 70.14
CA LEU C 343 -29.45 7.06 69.91
C LEU C 343 -29.21 7.19 68.42
N ALA C 344 -28.57 8.29 68.03
CA ALA C 344 -28.19 8.54 66.65
C ALA C 344 -26.73 8.96 66.62
N GLU C 345 -25.87 8.10 66.07
CA GLU C 345 -24.44 8.36 66.06
C GLU C 345 -23.84 7.90 64.75
N GLU C 346 -22.67 8.46 64.44
CA GLU C 346 -21.89 8.07 63.28
C GLU C 346 -20.70 7.24 63.74
N VAL C 347 -20.54 6.06 63.17
CA VAL C 347 -19.49 5.13 63.58
C VAL C 347 -18.44 5.05 62.48
N ASN C 348 -17.21 4.74 62.89
CA ASN C 348 -16.09 4.59 61.98
C ASN C 348 -15.72 3.12 61.89
N LEU C 349 -15.61 2.62 60.66
CA LEU C 349 -15.36 1.19 60.43
C LEU C 349 -13.85 0.94 60.26
N ASN C 350 -13.11 1.28 61.30
CA ASN C 350 -11.66 1.01 61.38
C ASN C 350 -10.91 1.62 60.20
N GLY C 351 -11.30 2.83 59.81
CA GLY C 351 -10.67 3.51 58.70
C GLY C 351 -11.13 3.09 57.33
N SER C 352 -12.06 2.14 57.23
CA SER C 352 -12.59 1.71 55.96
C SER C 352 -13.84 2.50 55.54
N GLY C 353 -14.25 3.45 56.35
CA GLY C 353 -15.42 4.26 56.03
C GLY C 353 -16.17 4.62 57.29
N LYS C 354 -17.18 5.49 57.10
CA LYS C 354 -18.02 5.95 58.19
C LYS C 354 -19.47 5.62 57.89
N LEU C 355 -20.18 5.13 58.90
CA LEU C 355 -21.59 4.77 58.79
C LEU C 355 -22.38 5.52 59.83
N LEU C 356 -23.58 5.97 59.45
CA LEU C 356 -24.49 6.64 60.37
C LEU C 356 -25.60 5.66 60.72
N LYS C 357 -25.71 5.33 62.00
CA LYS C 357 -26.69 4.36 62.48
C LYS C 357 -27.60 5.02 63.50
N ILE C 358 -28.90 4.79 63.37
CA ILE C 358 -29.89 5.31 64.30
C ILE C 358 -30.60 4.10 64.90
N THR C 359 -30.10 3.63 66.04
CA THR C 359 -30.62 2.43 66.69
C THR C 359 -31.58 2.80 67.81
N GLY C 360 -32.65 2.02 67.95
CA GLY C 360 -33.65 2.29 68.96
C GLY C 360 -34.64 3.33 68.47
N CYS C 361 -35.94 3.05 68.60
CA CYS C 361 -36.95 3.96 68.09
C CYS C 361 -38.21 3.81 68.93
N ALA C 362 -39.06 4.84 68.89
CA ALA C 362 -40.33 4.78 69.59
C ALA C 362 -41.29 3.82 68.90
N SER C 363 -41.30 3.82 67.56
CA SER C 363 -42.19 2.97 66.77
C SER C 363 -41.37 2.23 65.73
N PRO C 364 -40.68 1.16 66.13
CA PRO C 364 -39.88 0.37 65.17
C PRO C 364 -40.75 -0.51 64.29
N GLY C 365 -41.29 0.08 63.23
CA GLY C 365 -42.28 -0.60 62.42
C GLY C 365 -41.75 -1.41 61.26
N LYS C 366 -41.59 -2.71 61.48
CA LYS C 366 -41.41 -3.71 60.42
C LYS C 366 -40.34 -3.29 59.41
N THR C 367 -39.12 -3.14 59.90
CA THR C 367 -38.00 -2.78 59.03
C THR C 367 -36.69 -3.07 59.75
N VAL C 368 -35.79 -3.79 59.08
CA VAL C 368 -34.46 -4.08 59.61
C VAL C 368 -33.44 -3.78 58.51
N THR C 369 -32.19 -3.61 58.94
CA THR C 369 -31.08 -3.34 58.04
C THR C 369 -29.93 -4.28 58.36
N ILE C 370 -29.32 -4.83 57.32
CA ILE C 370 -28.23 -5.78 57.44
C ILE C 370 -26.98 -5.15 56.86
N VAL C 371 -25.90 -5.13 57.64
CA VAL C 371 -24.61 -4.62 57.18
C VAL C 371 -23.71 -5.81 56.88
N VAL C 372 -23.17 -5.83 55.67
CA VAL C 372 -22.33 -6.93 55.20
C VAL C 372 -20.90 -6.42 55.07
N ARG C 373 -19.95 -7.14 55.65
CA ARG C 373 -18.56 -6.75 55.65
C ARG C 373 -17.70 -7.90 55.14
N GLY C 374 -16.58 -7.56 54.53
CA GLY C 374 -15.68 -8.58 53.99
C GLY C 374 -14.35 -7.99 53.63
N SER C 375 -13.40 -8.87 53.34
CA SER C 375 -12.04 -8.44 53.03
C SER C 375 -11.96 -7.80 51.65
N ASN C 376 -12.59 -8.41 50.65
CA ASN C 376 -12.58 -7.90 49.29
C ASN C 376 -14.01 -7.73 48.81
N LYS C 377 -14.17 -7.11 47.65
CA LYS C 377 -15.50 -6.84 47.13
C LYS C 377 -16.20 -8.13 46.68
N LEU C 378 -15.48 -9.00 45.98
CA LEU C 378 -16.13 -10.18 45.39
C LEU C 378 -16.80 -11.03 46.45
N VAL C 379 -16.12 -11.26 47.57
CA VAL C 379 -16.73 -12.02 48.65
C VAL C 379 -17.91 -11.26 49.25
N ILE C 380 -17.91 -9.93 49.19
CA ILE C 380 -19.01 -9.16 49.75
C ILE C 380 -20.28 -9.32 48.91
N GLU C 381 -20.15 -9.19 47.59
CA GLU C 381 -21.29 -9.49 46.73
C GLU C 381 -21.75 -10.93 46.85
N GLU C 382 -20.82 -11.88 46.95
CA GLU C 382 -21.25 -13.26 47.13
C GLU C 382 -22.00 -13.46 48.45
N ALA C 383 -21.51 -12.83 49.52
CA ALA C 383 -22.16 -12.94 50.82
C ALA C 383 -23.57 -12.34 50.78
N GLU C 384 -23.73 -11.19 50.14
CA GLU C 384 -25.06 -10.59 50.10
C GLU C 384 -26.00 -11.39 49.20
N ARG C 385 -25.48 -11.99 48.12
CA ARG C 385 -26.31 -12.88 47.31
C ARG C 385 -26.78 -14.09 48.11
N SER C 386 -25.87 -14.68 48.89
CA SER C 386 -26.25 -15.83 49.73
C SER C 386 -27.26 -15.43 50.80
N ILE C 387 -27.08 -14.26 51.41
CA ILE C 387 -28.05 -13.78 52.39
C ILE C 387 -29.41 -13.58 51.73
N HIS C 388 -29.42 -13.04 50.52
CA HIS C 388 -30.67 -12.92 49.78
C HIS C 388 -31.31 -14.28 49.54
N ASP C 389 -30.49 -15.29 49.24
CA ASP C 389 -31.01 -16.64 49.06
C ASP C 389 -31.67 -17.14 50.34
N ALA C 390 -31.03 -16.92 51.48
CA ALA C 390 -31.60 -17.35 52.75
C ALA C 390 -32.92 -16.63 53.04
N LEU C 391 -32.96 -15.32 52.78
CA LEU C 391 -34.18 -14.56 52.99
C LEU C 391 -35.28 -15.07 52.07
N CYS C 392 -34.95 -15.39 50.82
CA CYS C 392 -35.94 -15.92 49.90
C CYS C 392 -36.45 -17.28 50.36
N VAL C 393 -35.58 -18.09 50.95
CA VAL C 393 -36.03 -19.38 51.47
C VAL C 393 -37.02 -19.19 52.61
N ILE C 394 -36.71 -18.28 53.54
CA ILE C 394 -37.67 -18.04 54.61
C ILE C 394 -38.97 -17.45 54.06
N ARG C 395 -38.87 -16.63 53.01
CA ARG C 395 -40.07 -16.13 52.35
C ARG C 395 -40.89 -17.26 51.77
N CYS C 396 -40.22 -18.25 51.18
CA CYS C 396 -40.91 -19.43 50.66
C CYS C 396 -41.64 -20.18 51.77
N LEU C 397 -40.98 -20.33 52.92
CA LEU C 397 -41.68 -20.93 54.06
C LEU C 397 -42.89 -20.11 54.47
N VAL C 398 -42.78 -18.78 54.45
CA VAL C 398 -43.89 -17.93 54.85
C VAL C 398 -45.07 -18.10 53.88
N LYS C 399 -44.78 -18.13 52.58
CA LYS C 399 -45.85 -18.24 51.58
C LYS C 399 -46.63 -19.54 51.73
N LYS C 400 -45.96 -20.67 51.54
CA LYS C 400 -46.57 -21.99 51.63
C LYS C 400 -45.92 -22.74 52.78
N ARG C 401 -46.68 -22.98 53.85
CA ARG C 401 -46.14 -23.60 55.06
C ARG C 401 -46.05 -25.11 54.83
N ALA C 402 -45.04 -25.51 54.09
CA ALA C 402 -44.76 -26.93 53.83
C ALA C 402 -43.26 -27.13 53.78
N LEU C 403 -42.81 -28.22 54.41
CA LEU C 403 -41.39 -28.54 54.48
C LEU C 403 -41.15 -29.93 53.90
N ILE C 404 -40.06 -30.06 53.14
CA ILE C 404 -39.71 -31.32 52.49
C ILE C 404 -38.25 -31.61 52.75
N ALA C 405 -37.90 -32.89 52.69
CA ALA C 405 -36.52 -33.30 52.87
C ALA C 405 -35.68 -32.89 51.67
N GLY C 406 -34.37 -32.78 51.90
CA GLY C 406 -33.47 -32.38 50.84
C GLY C 406 -32.38 -33.40 50.59
N GLY C 407 -31.28 -32.96 49.97
CA GLY C 407 -30.17 -33.85 49.69
C GLY C 407 -30.48 -34.94 48.69
N GLY C 408 -31.30 -34.65 47.68
CA GLY C 408 -31.61 -35.61 46.64
C GLY C 408 -32.75 -36.54 46.94
N ALA C 409 -33.32 -36.48 48.14
CA ALA C 409 -34.47 -37.33 48.45
C ALA C 409 -35.68 -37.05 47.58
N PRO C 410 -36.14 -35.81 47.40
CA PRO C 410 -37.31 -35.58 46.54
C PRO C 410 -37.11 -36.07 45.12
N GLU C 411 -35.92 -35.87 44.54
CA GLU C 411 -35.71 -36.28 43.15
C GLU C 411 -35.72 -37.80 43.01
N ILE C 412 -35.08 -38.52 43.94
CA ILE C 412 -35.07 -39.98 43.87
C ILE C 412 -36.48 -40.52 44.05
N GLU C 413 -37.21 -39.98 45.04
CA GLU C 413 -38.59 -40.43 45.24
C GLU C 413 -39.43 -40.14 44.01
N LEU C 414 -39.23 -38.97 43.41
CA LEU C 414 -39.98 -38.60 42.22
C LEU C 414 -39.69 -39.55 41.07
N ALA C 415 -38.41 -39.87 40.84
CA ALA C 415 -38.05 -40.77 39.76
C ALA C 415 -38.64 -42.16 39.98
N LEU C 416 -38.55 -42.68 41.19
CA LEU C 416 -39.08 -44.02 41.46
C LEU C 416 -40.60 -44.05 41.27
N ARG C 417 -41.30 -43.08 41.85
CA ARG C 417 -42.76 -43.07 41.74
C ARG C 417 -43.20 -42.81 40.30
N LEU C 418 -42.47 -41.99 39.56
CA LEU C 418 -42.86 -41.72 38.18
C LEU C 418 -42.61 -42.93 37.29
N THR C 419 -41.54 -43.69 37.56
CA THR C 419 -41.35 -44.95 36.84
C THR C 419 -42.48 -45.92 37.14
N GLU C 420 -42.87 -46.03 38.41
CA GLU C 420 -43.99 -46.91 38.76
C GLU C 420 -45.27 -46.45 38.07
N TYR C 421 -45.50 -45.14 38.02
CA TYR C 421 -46.67 -44.60 37.33
C TYR C 421 -46.62 -44.91 35.83
N SER C 422 -45.45 -44.77 35.23
CA SER C 422 -45.29 -45.03 33.81
C SER C 422 -45.53 -46.50 33.48
N ARG C 423 -45.25 -47.40 34.42
CA ARG C 423 -45.58 -48.81 34.20
C ARG C 423 -47.09 -49.03 34.10
N THR C 424 -47.90 -48.07 34.52
CA THR C 424 -49.36 -48.17 34.44
C THR C 424 -49.93 -47.30 33.32
N LEU C 425 -49.09 -46.89 32.37
CA LEU C 425 -49.52 -45.99 31.30
C LEU C 425 -49.32 -46.63 29.94
N SER C 426 -49.79 -47.87 29.79
CA SER C 426 -49.64 -48.61 28.53
C SER C 426 -49.93 -47.73 27.33
N GLY C 427 -48.98 -47.67 26.43
CA GLY C 427 -49.07 -46.81 25.26
C GLY C 427 -47.69 -46.29 24.91
N MET C 428 -47.67 -45.35 23.96
CA MET C 428 -46.42 -44.75 23.55
C MET C 428 -45.99 -43.61 24.46
N GLU C 429 -46.91 -43.13 25.32
CA GLU C 429 -46.55 -42.11 26.30
C GLU C 429 -45.85 -42.68 27.52
N SER C 430 -45.92 -44.00 27.72
CA SER C 430 -45.19 -44.62 28.82
C SER C 430 -43.70 -44.41 28.66
N TYR C 431 -43.19 -44.47 27.42
CA TYR C 431 -41.79 -44.18 27.18
C TYR C 431 -41.47 -42.73 27.56
N CYS C 432 -42.37 -41.80 27.25
CA CYS C 432 -42.14 -40.40 27.59
C CYS C 432 -42.08 -40.20 29.10
N VAL C 433 -42.98 -40.85 29.84
CA VAL C 433 -42.98 -40.70 31.29
C VAL C 433 -41.74 -41.36 31.89
N ARG C 434 -41.31 -42.50 31.33
CA ARG C 434 -40.07 -43.13 31.78
C ARG C 434 -38.88 -42.20 31.55
N ALA C 435 -38.84 -41.55 30.39
CA ALA C 435 -37.78 -40.59 30.12
C ALA C 435 -37.84 -39.41 31.08
N PHE C 436 -39.05 -38.98 31.43
CA PHE C 436 -39.20 -37.91 32.41
C PHE C 436 -38.61 -38.31 33.75
N ALA C 437 -38.90 -39.53 34.20
CA ALA C 437 -38.34 -40.00 35.47
C ALA C 437 -36.83 -40.12 35.41
N ASP C 438 -36.30 -40.66 34.31
CA ASP C 438 -34.86 -40.78 34.17
C ASP C 438 -34.17 -39.42 34.18
N ALA C 439 -34.79 -38.43 33.53
CA ALA C 439 -34.25 -37.08 33.57
C ALA C 439 -34.31 -36.51 34.98
N MET C 440 -35.40 -36.77 35.70
CA MET C 440 -35.51 -36.30 37.07
C MET C 440 -34.50 -36.95 38.00
N GLU C 441 -33.97 -38.11 37.61
CA GLU C 441 -32.97 -38.79 38.42
C GLU C 441 -31.61 -38.08 38.43
N VAL C 442 -31.43 -37.04 37.61
CA VAL C 442 -30.10 -36.49 37.36
C VAL C 442 -29.55 -35.78 38.60
N ILE C 443 -30.40 -35.08 39.35
CA ILE C 443 -29.91 -34.23 40.44
C ILE C 443 -29.17 -35.02 41.52
N PRO C 444 -29.69 -36.14 42.02
CA PRO C 444 -28.88 -36.93 42.97
C PRO C 444 -27.58 -37.44 42.38
N SER C 445 -27.55 -37.75 41.08
CA SER C 445 -26.31 -38.15 40.44
C SER C 445 -25.29 -37.02 40.48
N THR C 446 -25.72 -35.79 40.19
CA THR C 446 -24.82 -34.65 40.27
C THR C 446 -24.35 -34.41 41.70
N LEU C 447 -25.26 -34.55 42.67
CA LEU C 447 -24.89 -34.37 44.07
C LEU C 447 -23.83 -35.40 44.48
N ALA C 448 -24.00 -36.65 44.06
CA ALA C 448 -23.00 -37.67 44.36
C ALA C 448 -21.68 -37.39 43.66
N GLU C 449 -21.74 -36.96 42.40
CA GLU C 449 -20.51 -36.71 41.66
C GLU C 449 -19.71 -35.57 42.28
N ASN C 450 -20.38 -34.49 42.67
CA ASN C 450 -19.69 -33.35 43.26
C ASN C 450 -19.09 -33.70 44.61
N ALA C 451 -19.76 -34.55 45.39
CA ALA C 451 -19.26 -34.94 46.69
C ALA C 451 -18.05 -35.87 46.61
N GLY C 452 -17.70 -36.34 45.42
CA GLY C 452 -16.61 -37.27 45.25
C GLY C 452 -16.98 -38.72 45.38
N LEU C 453 -18.23 -39.03 45.67
CA LEU C 453 -18.68 -40.41 45.79
C LEU C 453 -18.87 -41.01 44.40
N ASN C 454 -19.01 -42.33 44.37
CA ASN C 454 -19.32 -43.01 43.11
C ASN C 454 -20.77 -42.73 42.75
N PRO C 455 -21.04 -42.10 41.60
CA PRO C 455 -22.41 -41.69 41.29
C PRO C 455 -23.37 -42.85 41.10
N ILE C 456 -22.98 -43.86 40.33
CA ILE C 456 -23.90 -44.94 39.98
C ILE C 456 -24.31 -45.73 41.21
N SER C 457 -23.31 -46.16 42.00
CA SER C 457 -23.61 -46.97 43.18
C SER C 457 -24.41 -46.17 44.21
N THR C 458 -24.03 -44.91 44.42
CA THR C 458 -24.76 -44.08 45.39
C THR C 458 -26.20 -43.87 44.96
N VAL C 459 -26.43 -43.59 43.67
CA VAL C 459 -27.78 -43.34 43.19
C VAL C 459 -28.62 -44.62 43.26
N THR C 460 -28.04 -45.76 42.91
CA THR C 460 -28.81 -47.00 42.99
C THR C 460 -29.09 -47.38 44.43
N GLU C 461 -28.18 -47.07 45.36
CA GLU C 461 -28.46 -47.30 46.78
C GLU C 461 -29.59 -46.39 47.25
N LEU C 462 -29.59 -45.13 46.83
CA LEU C 462 -30.70 -44.23 47.16
C LEU C 462 -32.01 -44.77 46.64
N ARG C 463 -32.03 -45.24 45.38
CA ARG C 463 -33.25 -45.75 44.80
C ARG C 463 -33.73 -47.00 45.55
N ASN C 464 -32.81 -47.90 45.89
CA ASN C 464 -33.19 -49.09 46.64
C ASN C 464 -33.76 -48.73 48.01
N ARG C 465 -33.11 -47.80 48.72
CA ARG C 465 -33.59 -47.44 50.04
C ARG C 465 -34.94 -46.74 49.98
N HIS C 466 -35.16 -45.90 48.97
CA HIS C 466 -36.46 -45.28 48.80
C HIS C 466 -37.52 -46.33 48.48
N ALA C 467 -37.18 -47.33 47.67
CA ALA C 467 -38.11 -48.42 47.40
C ALA C 467 -38.39 -49.22 48.66
N GLN C 468 -37.44 -49.28 49.59
CA GLN C 468 -37.68 -49.98 50.85
C GLN C 468 -38.81 -49.34 51.64
N GLY C 469 -38.87 -48.00 51.63
CA GLY C 469 -39.94 -47.30 52.31
C GLY C 469 -39.53 -46.00 52.96
N GLU C 470 -38.23 -45.81 53.20
CA GLU C 470 -37.73 -44.61 53.85
C GLU C 470 -37.58 -43.52 52.79
N LYS C 471 -38.51 -42.57 52.78
CA LYS C 471 -38.49 -41.50 51.80
C LYS C 471 -37.60 -40.33 52.20
N THR C 472 -37.20 -40.25 53.47
CA THR C 472 -36.26 -39.21 53.90
C THR C 472 -34.82 -39.71 53.88
N ALA C 473 -34.41 -40.25 52.74
CA ALA C 473 -33.05 -40.75 52.55
C ALA C 473 -32.40 -39.96 51.42
N GLY C 474 -31.22 -39.41 51.70
CA GLY C 474 -30.56 -38.57 50.72
C GLY C 474 -29.04 -38.65 50.76
N ILE C 475 -28.39 -37.78 50.00
CA ILE C 475 -26.92 -37.76 49.97
C ILE C 475 -26.41 -37.19 51.27
N ASN C 476 -25.55 -37.93 51.96
CA ASN C 476 -24.95 -37.48 53.22
C ASN C 476 -23.48 -37.18 52.95
N VAL C 477 -23.19 -35.91 52.64
CA VAL C 477 -21.82 -35.52 52.35
C VAL C 477 -20.96 -35.62 53.60
N ARG C 478 -21.53 -35.32 54.77
CA ARG C 478 -20.76 -35.40 56.00
C ARG C 478 -20.31 -36.84 56.27
N LYS C 479 -21.20 -37.79 56.08
CA LYS C 479 -20.87 -39.20 56.30
C LYS C 479 -20.30 -39.88 55.07
N GLY C 480 -20.41 -39.27 53.90
CA GLY C 480 -19.90 -39.88 52.69
C GLY C 480 -20.71 -41.05 52.18
N GLY C 481 -21.97 -41.15 52.54
CA GLY C 481 -22.81 -42.27 52.12
C GLY C 481 -24.27 -41.86 52.11
N ILE C 482 -25.13 -42.83 52.37
CA ILE C 482 -26.58 -42.63 52.34
C ILE C 482 -27.13 -42.87 53.74
N SER C 483 -27.92 -41.93 54.23
CA SER C 483 -28.53 -42.03 55.56
C SER C 483 -29.80 -41.20 55.57
N ASN C 484 -30.49 -41.23 56.71
CA ASN C 484 -31.68 -40.41 56.88
C ASN C 484 -31.30 -38.94 56.85
N ILE C 485 -31.63 -38.24 55.77
CA ILE C 485 -31.13 -36.89 55.56
C ILE C 485 -31.68 -35.92 56.61
N LEU C 486 -32.80 -36.24 57.23
CA LEU C 486 -33.32 -35.38 58.29
C LEU C 486 -32.41 -35.35 59.51
N GLU C 487 -31.56 -36.36 59.68
CA GLU C 487 -30.59 -36.33 60.76
C GLU C 487 -29.59 -35.20 60.61
N GLU C 488 -29.28 -34.82 59.37
CA GLU C 488 -28.37 -33.72 59.11
C GLU C 488 -29.08 -32.37 59.05
N LEU C 489 -30.38 -32.34 59.33
CA LEU C 489 -31.17 -31.11 59.31
C LEU C 489 -31.12 -30.44 57.94
N VAL C 490 -31.16 -31.25 56.89
CA VAL C 490 -31.17 -30.76 55.52
C VAL C 490 -32.62 -30.76 55.05
N VAL C 491 -33.27 -29.61 55.14
CA VAL C 491 -34.65 -29.46 54.72
C VAL C 491 -34.77 -28.23 53.84
N GLN C 492 -35.80 -28.21 53.00
CA GLN C 492 -36.06 -27.09 52.12
C GLN C 492 -37.57 -26.95 51.95
N PRO C 493 -38.07 -25.76 51.65
CA PRO C 493 -39.50 -25.59 51.45
C PRO C 493 -40.00 -26.37 50.24
N LEU C 494 -41.25 -26.82 50.33
CA LEU C 494 -41.86 -27.52 49.20
C LEU C 494 -42.05 -26.60 48.00
N LEU C 495 -42.23 -25.31 48.25
CA LEU C 495 -42.45 -24.37 47.16
C LEU C 495 -41.28 -24.37 46.19
N VAL C 496 -40.06 -24.51 46.70
CA VAL C 496 -38.89 -24.48 45.82
C VAL C 496 -38.96 -25.61 44.80
N SER C 497 -39.19 -26.84 45.27
CA SER C 497 -39.24 -27.98 44.35
C SER C 497 -40.45 -27.90 43.42
N VAL C 498 -41.60 -27.50 43.96
CA VAL C 498 -42.81 -27.44 43.14
C VAL C 498 -42.63 -26.41 42.02
N SER C 499 -42.11 -25.23 42.36
CA SER C 499 -41.89 -24.20 41.36
C SER C 499 -40.83 -24.64 40.36
N ALA C 500 -39.76 -25.31 40.83
CA ALA C 500 -38.74 -25.79 39.91
C ALA C 500 -39.34 -26.74 38.88
N LEU C 501 -40.10 -27.74 39.34
CA LEU C 501 -40.72 -28.67 38.40
C LEU C 501 -41.66 -27.95 37.45
N THR C 502 -42.55 -27.11 37.97
CA THR C 502 -43.56 -26.49 37.13
C THR C 502 -42.90 -25.61 36.07
N LEU C 503 -41.95 -24.78 36.48
CA LEU C 503 -41.31 -23.86 35.54
C LEU C 503 -40.48 -24.62 34.51
N ALA C 504 -39.71 -25.63 34.95
CA ALA C 504 -38.89 -26.39 34.01
C ALA C 504 -39.76 -27.13 33.00
N THR C 505 -40.86 -27.74 33.47
CA THR C 505 -41.74 -28.46 32.55
C THR C 505 -42.41 -27.50 31.57
N GLU C 506 -42.84 -26.33 32.04
CA GLU C 506 -43.45 -25.37 31.13
C GLU C 506 -42.46 -24.89 30.09
N THR C 507 -41.21 -24.63 30.50
CA THR C 507 -40.21 -24.20 29.54
C THR C 507 -39.91 -25.29 28.51
N VAL C 508 -39.82 -26.54 28.96
CA VAL C 508 -39.56 -27.64 28.04
C VAL C 508 -40.71 -27.79 27.06
N ARG C 509 -41.95 -27.69 27.55
CA ARG C 509 -43.11 -27.78 26.66
C ARG C 509 -43.11 -26.64 25.65
N SER C 510 -42.74 -25.43 26.08
CA SER C 510 -42.69 -24.31 25.15
C SER C 510 -41.62 -24.53 24.08
N ILE C 511 -40.44 -25.02 24.49
CA ILE C 511 -39.37 -25.23 23.51
C ILE C 511 -39.75 -26.34 22.53
N LEU C 512 -40.47 -27.35 23.00
CA LEU C 512 -40.86 -28.45 22.12
C LEU C 512 -41.84 -28.02 21.03
N LYS C 513 -42.45 -26.84 21.15
CA LYS C 513 -43.38 -26.34 20.15
C LYS C 513 -42.71 -25.50 19.07
N ILE C 514 -41.38 -25.39 19.10
CA ILE C 514 -40.64 -24.61 18.12
C ILE C 514 -40.03 -25.57 17.10
N ASP C 515 -40.21 -25.26 15.82
CA ASP C 515 -39.63 -26.08 14.76
C ASP C 515 -38.87 -25.27 13.73
N ASP C 516 -38.64 -23.98 13.96
CA ASP C 516 -37.93 -23.17 12.99
C ASP C 516 -37.31 -21.97 13.68
N VAL C 517 -36.19 -21.51 13.13
CA VAL C 517 -35.50 -20.32 13.60
C VAL C 517 -35.38 -19.37 12.42
N VAL C 518 -35.87 -18.14 12.58
CA VAL C 518 -35.88 -17.14 11.53
C VAL C 518 -34.98 -15.99 11.93
N ASN C 519 -34.07 -15.62 11.06
CA ASN C 519 -33.14 -14.52 11.30
C ASN C 519 -33.74 -13.23 10.76
N THR C 520 -33.93 -12.25 11.63
CA THR C 520 -34.51 -10.97 11.24
C THR C 520 -33.50 -10.14 10.46
N ALA D 1 -16.32 10.08 -32.89
CA ALA D 1 -17.65 9.77 -32.40
C ALA D 1 -17.76 10.03 -30.90
N SER D 2 -16.62 10.36 -30.27
CA SER D 2 -16.57 10.64 -28.85
C SER D 2 -15.31 11.44 -28.57
N MET D 3 -15.10 11.77 -27.29
CA MET D 3 -13.95 12.53 -26.80
C MET D 3 -13.85 13.91 -27.46
N GLY D 4 -14.91 14.37 -28.12
CA GLY D 4 -14.86 15.66 -28.78
C GLY D 4 -13.78 15.69 -29.85
N THR D 5 -12.90 16.68 -29.75
CA THR D 5 -11.77 16.83 -30.66
C THR D 5 -10.49 16.55 -29.88
N LEU D 6 -9.70 15.60 -30.36
CA LEU D 6 -8.45 15.19 -29.72
C LEU D 6 -7.33 15.29 -30.74
N ALA D 7 -6.73 16.48 -30.84
CA ALA D 7 -5.62 16.73 -31.75
C ALA D 7 -4.36 17.16 -31.03
N PHE D 8 -4.49 18.07 -30.06
CA PHE D 8 -3.44 18.53 -29.15
C PHE D 8 -2.42 19.43 -29.83
N ASP D 9 -2.41 19.49 -31.17
CA ASP D 9 -1.79 20.56 -31.94
C ASP D 9 -1.84 20.32 -33.44
N GLU D 10 -1.37 21.31 -34.20
CA GLU D 10 -0.83 21.08 -35.54
C GLU D 10 0.69 21.12 -35.57
N TYR D 11 1.31 21.90 -34.70
CA TYR D 11 2.76 22.03 -34.62
C TYR D 11 3.40 21.12 -33.58
N GLY D 12 2.80 21.01 -32.39
CA GLY D 12 3.36 20.19 -31.33
C GLY D 12 3.14 20.76 -29.95
N ARG D 13 2.84 22.05 -29.86
CA ARG D 13 2.56 22.70 -28.58
C ARG D 13 1.17 22.32 -28.07
N PRO D 14 0.94 22.42 -26.76
CA PRO D 14 -0.37 22.02 -26.23
C PRO D 14 -1.51 22.85 -26.83
N PHE D 15 -2.65 22.20 -27.01
CA PHE D 15 -3.83 22.79 -27.66
C PHE D 15 -5.05 22.44 -26.81
N LEU D 16 -5.37 23.31 -25.86
CA LEU D 16 -6.51 23.12 -24.96
C LEU D 16 -7.55 24.19 -25.21
N ILE D 17 -8.78 23.77 -25.47
CA ILE D 17 -9.89 24.69 -25.77
C ILE D 17 -10.91 24.70 -24.64
N ILE D 18 -11.48 23.54 -24.31
CA ILE D 18 -12.51 23.42 -23.29
C ILE D 18 -11.89 22.75 -22.07
N LYS D 19 -12.23 23.26 -20.89
CA LYS D 19 -11.74 22.68 -19.65
C LYS D 19 -12.17 21.23 -19.56
N ASP D 20 -11.22 20.35 -19.21
CA ASP D 20 -11.47 18.92 -19.10
C ASP D 20 -12.06 18.35 -20.39
N GLN D 21 -11.51 18.79 -21.53
CA GLN D 21 -11.98 18.27 -22.81
C GLN D 21 -11.59 16.81 -23.03
N ASP D 22 -10.69 16.27 -22.21
CA ASP D 22 -10.31 14.87 -22.33
C ASP D 22 -11.28 13.93 -21.63
N ARG D 23 -12.22 14.45 -20.84
CA ARG D 23 -13.19 13.64 -20.13
C ARG D 23 -14.63 13.95 -20.55
N LYS D 24 -14.80 14.60 -21.69
CA LYS D 24 -16.13 14.99 -22.16
C LYS D 24 -16.41 14.28 -23.49
N SER D 25 -17.59 13.68 -23.58
CA SER D 25 -18.00 12.99 -24.79
C SER D 25 -18.83 13.92 -25.68
N ARG D 26 -19.03 13.49 -26.92
CA ARG D 26 -19.78 14.30 -27.87
C ARG D 26 -20.31 13.41 -28.98
N LEU D 27 -21.61 13.54 -29.28
CA LEU D 27 -22.23 12.89 -30.42
C LEU D 27 -22.75 13.96 -31.37
N MET D 28 -22.61 13.72 -32.67
CA MET D 28 -22.95 14.69 -33.69
C MET D 28 -23.77 14.04 -34.79
N GLY D 29 -24.49 14.88 -35.52
CA GLY D 29 -25.10 14.47 -36.78
C GLY D 29 -26.15 13.38 -36.61
N LEU D 30 -26.21 12.50 -37.61
CA LEU D 30 -27.24 11.49 -37.66
C LEU D 30 -27.14 10.48 -36.53
N GLU D 31 -25.92 10.26 -36.01
CA GLU D 31 -25.75 9.30 -34.93
C GLU D 31 -26.48 9.74 -33.67
N ALA D 32 -26.46 11.04 -33.37
CA ALA D 32 -27.19 11.54 -32.22
C ALA D 32 -28.68 11.32 -32.37
N LEU D 33 -29.22 11.58 -33.56
CA LEU D 33 -30.65 11.34 -33.80
C LEU D 33 -30.97 9.86 -33.65
N LYS D 34 -30.10 8.99 -34.17
CA LYS D 34 -30.33 7.55 -34.04
C LYS D 34 -30.37 7.16 -32.56
N SER D 35 -29.42 7.64 -31.78
CA SER D 35 -29.37 7.29 -30.35
C SER D 35 -30.61 7.80 -29.62
N HIS D 36 -31.02 9.03 -29.89
CA HIS D 36 -32.19 9.59 -29.21
C HIS D 36 -33.46 8.85 -29.59
N ILE D 37 -33.64 8.58 -30.90
CA ILE D 37 -34.80 7.83 -31.34
C ILE D 37 -34.81 6.45 -30.70
N MET D 38 -33.63 5.85 -30.56
CA MET D 38 -33.54 4.52 -29.97
C MET D 38 -33.95 4.54 -28.50
N ALA D 39 -33.46 5.53 -27.74
CA ALA D 39 -33.82 5.62 -26.33
C ALA D 39 -35.31 5.90 -26.16
N ALA D 40 -35.87 6.80 -26.97
CA ALA D 40 -37.29 7.09 -26.88
C ALA D 40 -38.12 5.87 -27.25
N LYS D 41 -37.67 5.11 -28.25
CA LYS D 41 -38.37 3.88 -28.62
C LYS D 41 -38.33 2.88 -27.48
N ALA D 42 -37.20 2.76 -26.80
CA ALA D 42 -37.11 1.85 -25.66
C ALA D 42 -38.12 2.24 -24.58
N VAL D 43 -38.18 3.53 -24.25
CA VAL D 43 -39.09 3.99 -23.21
C VAL D 43 -40.55 3.74 -23.63
N ALA D 44 -40.88 4.08 -24.87
CA ALA D 44 -42.24 3.91 -25.34
C ALA D 44 -42.65 2.43 -25.39
N ASN D 45 -41.73 1.56 -25.80
CA ASN D 45 -42.04 0.13 -25.83
C ASN D 45 -42.18 -0.43 -24.42
N THR D 46 -41.41 0.09 -23.47
CA THR D 46 -41.62 -0.30 -22.08
C THR D 46 -43.02 0.11 -21.60
N MET D 47 -43.45 1.32 -21.97
CA MET D 47 -44.70 1.84 -21.43
C MET D 47 -45.94 1.33 -22.15
N ARG D 48 -45.82 0.87 -23.40
CA ARG D 48 -47.01 0.56 -24.19
C ARG D 48 -47.79 -0.64 -23.65
N THR D 49 -47.15 -1.50 -22.85
CA THR D 49 -47.86 -2.67 -22.34
C THR D 49 -48.93 -2.30 -21.32
N SER D 50 -48.87 -1.08 -20.77
CA SER D 50 -49.82 -0.61 -19.77
C SER D 50 -50.92 0.25 -20.39
N LEU D 51 -51.35 -0.09 -21.60
CA LEU D 51 -52.34 0.68 -22.33
C LEU D 51 -53.61 -0.14 -22.49
N GLY D 52 -54.75 0.46 -22.14
CA GLY D 52 -56.03 -0.16 -22.37
C GLY D 52 -56.55 -0.94 -21.18
N PRO D 53 -57.77 -1.45 -21.28
CA PRO D 53 -58.34 -2.23 -20.17
C PRO D 53 -57.55 -3.47 -19.83
N ASN D 54 -56.92 -4.11 -20.81
CA ASN D 54 -56.13 -5.30 -20.58
C ASN D 54 -54.66 -4.99 -20.31
N GLY D 55 -54.32 -3.71 -20.15
CA GLY D 55 -52.95 -3.36 -19.84
C GLY D 55 -52.54 -3.85 -18.46
N LEU D 56 -51.26 -4.12 -18.31
CA LEU D 56 -50.71 -4.65 -17.07
C LEU D 56 -50.00 -3.54 -16.30
N ASP D 57 -49.87 -3.73 -15.00
CA ASP D 57 -49.31 -2.70 -14.14
C ASP D 57 -47.79 -2.81 -14.09
N LYS D 58 -47.14 -1.70 -13.77
CA LYS D 58 -45.72 -1.65 -13.48
C LYS D 58 -45.54 -1.45 -11.98
N MET D 59 -44.60 -2.18 -11.40
CA MET D 59 -44.45 -2.25 -9.95
C MET D 59 -43.12 -1.59 -9.60
N MET D 60 -43.20 -0.32 -9.22
CA MET D 60 -42.03 0.54 -9.05
C MET D 60 -41.50 0.46 -7.63
N VAL D 61 -40.18 0.48 -7.50
CA VAL D 61 -39.50 0.51 -6.21
C VAL D 61 -38.59 1.72 -6.18
N ASP D 62 -38.70 2.53 -5.13
CA ASP D 62 -37.90 3.73 -5.00
C ASP D 62 -36.56 3.37 -4.37
N LYS D 63 -35.78 4.39 -4.02
CA LYS D 63 -34.45 4.15 -3.44
C LYS D 63 -34.53 3.66 -2.00
N ASP D 64 -35.66 3.83 -1.34
CA ASP D 64 -35.84 3.41 0.04
C ASP D 64 -36.50 2.04 0.17
N GLY D 65 -36.79 1.38 -0.95
CA GLY D 65 -37.42 0.08 -0.92
C GLY D 65 -38.94 0.10 -0.93
N ASP D 66 -39.56 1.29 -0.88
CA ASP D 66 -41.01 1.37 -0.90
C ASP D 66 -41.56 0.89 -2.25
N VAL D 67 -42.65 0.15 -2.21
CA VAL D 67 -43.23 -0.48 -3.38
C VAL D 67 -44.42 0.35 -3.85
N THR D 68 -44.48 0.60 -5.16
CA THR D 68 -45.57 1.35 -5.77
C THR D 68 -46.06 0.58 -7.00
N VAL D 69 -47.18 -0.10 -6.88
CA VAL D 69 -47.80 -0.80 -8.00
C VAL D 69 -48.78 0.16 -8.65
N THR D 70 -48.58 0.45 -9.93
CA THR D 70 -49.37 1.49 -10.57
C THR D 70 -49.51 1.21 -12.06
N ASN D 71 -50.55 1.83 -12.64
CA ASN D 71 -50.78 1.83 -14.07
C ASN D 71 -50.69 3.20 -14.70
N ASP D 72 -50.64 4.26 -13.88
CA ASP D 72 -50.56 5.62 -14.39
C ASP D 72 -49.21 5.84 -15.07
N GLY D 73 -49.23 6.22 -16.35
CA GLY D 73 -47.99 6.41 -17.08
C GLY D 73 -47.14 7.53 -16.51
N ALA D 74 -47.77 8.64 -16.14
CA ALA D 74 -47.03 9.75 -15.56
C ALA D 74 -46.36 9.35 -14.26
N THR D 75 -47.08 8.62 -13.41
CA THR D 75 -46.50 8.14 -12.15
C THR D 75 -45.38 7.13 -12.42
N ILE D 76 -45.58 6.25 -13.39
CA ILE D 76 -44.55 5.26 -13.70
C ILE D 76 -43.26 5.95 -14.13
N LEU D 77 -43.38 6.92 -15.04
CA LEU D 77 -42.18 7.59 -15.54
C LEU D 77 -41.58 8.54 -14.49
N SER D 78 -42.40 9.12 -13.63
CA SER D 78 -41.89 10.01 -12.60
C SER D 78 -40.98 9.27 -11.63
N MET D 79 -41.36 8.07 -11.24
CA MET D 79 -40.56 7.28 -10.31
C MET D 79 -39.43 6.52 -11.01
N MET D 80 -39.42 6.49 -12.34
CA MET D 80 -38.37 5.80 -13.07
C MET D 80 -37.05 6.57 -12.95
N ASP D 81 -35.97 5.83 -12.76
CA ASP D 81 -34.65 6.42 -12.52
C ASP D 81 -33.85 6.37 -13.81
N VAL D 82 -34.01 7.39 -14.64
CA VAL D 82 -33.39 7.44 -15.95
C VAL D 82 -32.18 8.36 -15.89
N ASP D 83 -31.21 8.10 -16.76
CA ASP D 83 -30.03 8.94 -16.91
C ASP D 83 -29.90 9.55 -18.30
N HIS D 84 -30.46 8.91 -19.33
CA HIS D 84 -30.48 9.50 -20.66
C HIS D 84 -31.34 10.75 -20.67
N GLN D 85 -30.89 11.77 -21.41
CA GLN D 85 -31.62 13.03 -21.43
C GLN D 85 -32.94 12.92 -22.18
N ILE D 86 -32.98 12.11 -23.24
CA ILE D 86 -34.23 11.96 -23.99
C ILE D 86 -35.27 11.25 -23.14
N ALA D 87 -34.85 10.31 -22.30
CA ALA D 87 -35.78 9.69 -21.37
C ALA D 87 -36.34 10.72 -20.39
N LYS D 88 -35.49 11.65 -19.94
CA LYS D 88 -35.97 12.74 -19.10
C LYS D 88 -36.98 13.60 -19.85
N LEU D 89 -36.74 13.84 -21.13
CA LEU D 89 -37.69 14.60 -21.94
C LEU D 89 -39.03 13.88 -22.03
N MET D 90 -39.02 12.56 -22.19
CA MET D 90 -40.26 11.81 -22.27
C MET D 90 -40.98 11.81 -20.93
N VAL D 91 -40.23 11.74 -19.83
CA VAL D 91 -40.83 11.85 -18.50
C VAL D 91 -41.50 13.21 -18.34
N GLU D 92 -40.84 14.27 -18.78
CA GLU D 92 -41.43 15.61 -18.71
C GLU D 92 -42.66 15.73 -19.61
N LEU D 93 -42.65 15.05 -20.75
CA LEU D 93 -43.82 15.03 -21.61
C LEU D 93 -45.02 14.38 -20.91
N SER D 94 -44.78 13.25 -20.24
CA SER D 94 -45.85 12.63 -19.46
C SER D 94 -46.34 13.54 -18.35
N LYS D 95 -45.40 14.21 -17.67
CA LYS D 95 -45.78 15.13 -16.60
C LYS D 95 -46.64 16.26 -17.15
N SER D 96 -46.29 16.77 -18.33
CA SER D 96 -47.06 17.84 -18.95
C SER D 96 -48.46 17.37 -19.30
N GLN D 97 -48.58 16.16 -19.86
CA GLN D 97 -49.90 15.64 -20.19
C GLN D 97 -50.73 15.44 -18.93
N ASP D 98 -50.10 14.98 -17.85
CA ASP D 98 -50.82 14.84 -16.59
C ASP D 98 -51.26 16.18 -16.04
N ASP D 99 -50.43 17.21 -16.18
CA ASP D 99 -50.77 18.53 -15.65
C ASP D 99 -51.92 19.16 -16.43
N GLU D 100 -51.83 19.15 -17.76
CA GLU D 100 -52.81 19.88 -18.56
C GLU D 100 -54.15 19.16 -18.61
N ILE D 101 -54.14 17.83 -18.75
CA ILE D 101 -55.34 17.05 -18.92
C ILE D 101 -55.63 16.16 -17.71
N GLY D 102 -54.63 15.40 -17.26
CA GLY D 102 -54.80 14.47 -16.17
C GLY D 102 -55.08 13.05 -16.60
N ASP D 103 -55.36 12.83 -17.87
CA ASP D 103 -55.60 11.49 -18.40
C ASP D 103 -54.83 11.33 -19.71
N GLY D 104 -54.55 10.08 -20.05
CA GLY D 104 -53.83 9.81 -21.29
C GLY D 104 -52.35 10.05 -21.22
N THR D 105 -51.76 9.98 -20.02
CA THR D 105 -50.32 10.16 -19.88
C THR D 105 -49.52 9.02 -20.50
N THR D 106 -50.17 7.90 -20.82
CA THR D 106 -49.49 6.80 -21.48
C THR D 106 -49.61 6.87 -22.99
N GLY D 107 -50.72 7.39 -23.51
CA GLY D 107 -50.87 7.50 -24.95
C GLY D 107 -49.85 8.45 -25.58
N VAL D 108 -49.48 9.51 -24.88
CA VAL D 108 -48.51 10.45 -25.42
C VAL D 108 -47.16 9.79 -25.60
N VAL D 109 -46.74 8.96 -24.64
CA VAL D 109 -45.45 8.28 -24.73
C VAL D 109 -45.43 7.35 -25.93
N VAL D 110 -46.49 6.57 -26.11
CA VAL D 110 -46.55 5.62 -27.21
C VAL D 110 -46.59 6.37 -28.55
N LEU D 111 -47.35 7.46 -28.61
CA LEU D 111 -47.42 8.24 -29.84
C LEU D 111 -46.07 8.84 -30.19
N ALA D 112 -45.35 9.39 -29.20
CA ALA D 112 -44.04 9.95 -29.46
C ALA D 112 -43.05 8.88 -29.89
N GLY D 113 -43.10 7.72 -29.25
CA GLY D 113 -42.24 6.62 -29.66
C GLY D 113 -42.50 6.19 -31.09
N ALA D 114 -43.77 6.07 -31.47
CA ALA D 114 -44.10 5.69 -32.84
C ALA D 114 -43.65 6.75 -33.82
N LEU D 115 -43.84 8.03 -33.48
CA LEU D 115 -43.43 9.11 -34.36
C LEU D 115 -41.94 9.08 -34.61
N LEU D 116 -41.15 8.90 -33.54
CA LEU D 116 -39.71 8.84 -33.71
C LEU D 116 -39.27 7.57 -34.43
N GLU D 117 -39.99 6.46 -34.21
CA GLU D 117 -39.68 5.23 -34.92
C GLU D 117 -39.86 5.40 -36.42
N GLU D 118 -40.94 6.06 -36.84
CA GLU D 118 -41.13 6.33 -38.26
C GLU D 118 -40.13 7.36 -38.78
N ALA D 119 -39.80 8.35 -37.96
CA ALA D 119 -38.80 9.33 -38.35
C ALA D 119 -37.45 8.67 -38.57
N GLU D 120 -37.16 7.58 -37.86
CA GLU D 120 -35.90 6.88 -38.07
C GLU D 120 -35.76 6.39 -39.51
N GLN D 121 -36.77 5.67 -40.01
CA GLN D 121 -36.70 5.17 -41.37
C GLN D 121 -36.91 6.29 -42.39
N LEU D 122 -37.48 7.42 -41.97
CA LEU D 122 -37.52 8.57 -42.88
C LEU D 122 -36.15 9.21 -43.04
N LEU D 123 -35.42 9.38 -41.93
CA LEU D 123 -34.05 9.89 -42.01
C LEU D 123 -33.12 8.94 -42.76
N ASP D 124 -33.35 7.63 -42.61
CA ASP D 124 -32.53 6.67 -43.34
C ASP D 124 -32.58 6.88 -44.86
N ARG D 125 -33.65 7.48 -45.37
CA ARG D 125 -33.80 7.72 -46.79
C ARG D 125 -33.30 9.10 -47.22
N GLY D 126 -32.77 9.89 -46.30
CA GLY D 126 -32.16 11.15 -46.67
C GLY D 126 -33.06 12.37 -46.62
N ILE D 127 -33.94 12.46 -45.64
CA ILE D 127 -34.82 13.60 -45.46
C ILE D 127 -34.31 14.42 -44.28
N HIS D 128 -34.21 15.73 -44.46
CA HIS D 128 -33.78 16.60 -43.38
C HIS D 128 -34.76 16.49 -42.21
N PRO D 129 -34.27 16.38 -40.97
CA PRO D 129 -35.19 16.24 -39.84
C PRO D 129 -36.16 17.40 -39.69
N ILE D 130 -35.77 18.60 -40.11
CA ILE D 130 -36.69 19.73 -40.06
C ILE D 130 -37.88 19.50 -40.99
N ARG D 131 -37.63 18.89 -42.15
CA ARG D 131 -38.73 18.53 -43.05
C ARG D 131 -39.67 17.54 -42.39
N ILE D 132 -39.12 16.56 -41.68
CA ILE D 132 -39.95 15.59 -40.97
C ILE D 132 -40.80 16.29 -39.92
N ALA D 133 -40.18 17.21 -39.17
CA ALA D 133 -40.93 17.93 -38.14
C ALA D 133 -42.04 18.78 -38.76
N ASP D 134 -41.77 19.42 -39.89
CA ASP D 134 -42.79 20.23 -40.56
C ASP D 134 -43.94 19.35 -41.04
N GLY D 135 -43.62 18.21 -41.64
CA GLY D 135 -44.67 17.30 -42.07
C GLY D 135 -45.49 16.79 -40.89
N TYR D 136 -44.82 16.48 -39.78
CA TYR D 136 -45.54 16.06 -38.58
C TYR D 136 -46.47 17.15 -38.08
N GLU D 137 -46.01 18.40 -38.09
CA GLU D 137 -46.85 19.50 -37.65
C GLU D 137 -48.07 19.66 -38.55
N GLN D 138 -47.88 19.58 -39.86
CA GLN D 138 -49.00 19.69 -40.78
C GLN D 138 -50.00 18.57 -40.58
N ALA D 139 -49.51 17.34 -40.41
CA ALA D 139 -50.40 16.22 -40.16
C ALA D 139 -51.11 16.36 -38.82
N ALA D 140 -50.44 16.91 -37.81
CA ALA D 140 -51.08 17.13 -36.52
C ALA D 140 -52.20 18.15 -36.64
N ARG D 141 -51.98 19.21 -37.43
CA ARG D 141 -53.05 20.18 -37.66
C ARG D 141 -54.24 19.52 -38.34
N VAL D 142 -53.97 18.68 -39.35
CA VAL D 142 -55.06 17.99 -40.05
C VAL D 142 -55.82 17.09 -39.08
N ALA D 143 -55.09 16.34 -38.24
CA ALA D 143 -55.73 15.42 -37.31
C ALA D 143 -56.55 16.17 -36.27
N ILE D 144 -56.05 17.30 -35.80
CA ILE D 144 -56.81 18.09 -34.82
C ILE D 144 -58.08 18.64 -35.45
N GLU D 145 -58.00 19.12 -36.69
CA GLU D 145 -59.20 19.58 -37.36
C GLU D 145 -60.21 18.45 -37.53
N HIS D 146 -59.74 17.26 -37.88
CA HIS D 146 -60.64 16.12 -38.03
C HIS D 146 -61.27 15.75 -36.69
N LEU D 147 -60.49 15.80 -35.61
CA LEU D 147 -61.03 15.52 -34.28
C LEU D 147 -62.12 16.50 -33.92
N ASP D 148 -61.93 17.78 -34.22
CA ASP D 148 -62.99 18.76 -34.03
C ASP D 148 -64.21 18.40 -34.88
N LYS D 149 -63.97 17.91 -36.10
CA LYS D 149 -65.08 17.59 -36.99
C LYS D 149 -65.93 16.45 -36.47
N ILE D 150 -65.31 15.40 -35.94
CA ILE D 150 -66.04 14.19 -35.59
C ILE D 150 -66.46 14.18 -34.12
N SER D 151 -66.28 15.30 -33.43
CA SER D 151 -66.60 15.37 -32.02
C SER D 151 -68.10 15.36 -31.79
N ASP D 152 -68.50 14.94 -30.59
CA ASP D 152 -69.88 14.91 -30.17
C ASP D 152 -70.03 15.62 -28.83
N SER D 153 -71.13 16.34 -28.67
CA SER D 153 -71.40 17.05 -27.42
C SER D 153 -72.16 16.17 -26.45
N VAL D 154 -71.92 16.39 -25.16
CA VAL D 154 -72.61 15.66 -24.10
C VAL D 154 -73.22 16.66 -23.13
N LEU D 155 -74.22 16.19 -22.39
CA LEU D 155 -74.92 17.03 -21.41
C LEU D 155 -74.21 16.94 -20.07
N VAL D 156 -73.78 18.08 -19.55
CA VAL D 156 -73.04 18.13 -18.30
C VAL D 156 -73.95 18.58 -17.15
N ASP D 157 -75.26 18.54 -17.34
CA ASP D 157 -76.19 18.98 -16.31
C ASP D 157 -76.22 18.00 -15.14
N ILE D 158 -76.60 18.52 -13.97
CA ILE D 158 -76.65 17.69 -12.76
C ILE D 158 -77.83 16.74 -12.80
N LYS D 159 -78.89 17.07 -13.55
CA LYS D 159 -80.08 16.24 -13.57
C LYS D 159 -79.80 14.87 -14.16
N ASP D 160 -79.12 14.82 -15.30
CA ASP D 160 -78.78 13.58 -15.98
C ASP D 160 -77.27 13.46 -16.03
N THR D 161 -76.72 12.51 -15.25
CA THR D 161 -75.28 12.32 -15.15
C THR D 161 -74.80 11.08 -15.86
N GLU D 162 -75.65 10.44 -16.67
CA GLU D 162 -75.25 9.21 -17.33
C GLU D 162 -74.06 9.37 -18.26
N PRO D 163 -73.99 10.36 -19.15
CA PRO D 163 -72.78 10.51 -19.97
C PRO D 163 -71.52 10.76 -19.15
N LEU D 164 -71.64 11.53 -18.06
CA LEU D 164 -70.49 11.75 -17.20
C LEU D 164 -70.05 10.45 -16.54
N ILE D 165 -71.02 9.64 -16.10
CA ILE D 165 -70.68 8.36 -15.49
C ILE D 165 -70.00 7.45 -16.50
N GLN D 166 -70.49 7.46 -17.74
CA GLN D 166 -69.86 6.65 -18.78
C GLN D 166 -68.43 7.10 -19.06
N THR D 167 -68.20 8.42 -19.11
CA THR D 167 -66.85 8.92 -19.34
C THR D 167 -65.92 8.53 -18.20
N ALA D 168 -66.37 8.69 -16.96
CA ALA D 168 -65.55 8.29 -15.82
C ALA D 168 -65.30 6.79 -15.81
N LYS D 169 -66.29 6.00 -16.21
CA LYS D 169 -66.12 4.56 -16.30
C LYS D 169 -65.06 4.21 -17.34
N THR D 170 -65.10 4.87 -18.49
CA THR D 170 -64.09 4.63 -19.51
C THR D 170 -62.71 4.99 -19.01
N THR D 171 -62.60 6.09 -18.26
CA THR D 171 -61.31 6.46 -17.69
C THR D 171 -60.82 5.42 -16.69
N LEU D 172 -61.72 4.90 -15.86
CA LEU D 172 -61.33 3.96 -14.80
C LEU D 172 -61.22 2.53 -15.27
N GLY D 173 -61.62 2.23 -16.51
CA GLY D 173 -61.62 0.84 -16.96
C GLY D 173 -60.26 0.18 -16.89
N SER D 174 -59.20 0.93 -17.21
CA SER D 174 -57.87 0.34 -17.21
C SER D 174 -57.33 0.10 -15.81
N LYS D 175 -57.80 0.88 -14.83
CA LYS D 175 -57.23 0.83 -13.49
C LYS D 175 -57.76 -0.38 -12.73
N VAL D 176 -57.15 -0.62 -11.56
CA VAL D 176 -57.48 -1.78 -10.74
C VAL D 176 -58.81 -1.64 -10.03
N VAL D 177 -59.38 -0.44 -9.97
CA VAL D 177 -60.64 -0.21 -9.26
C VAL D 177 -61.80 -0.62 -10.15
N ASN D 178 -61.49 -1.22 -11.30
CA ASN D 178 -62.55 -1.69 -12.19
C ASN D 178 -63.42 -2.77 -11.55
N SER D 179 -63.06 -3.25 -10.37
CA SER D 179 -63.96 -4.13 -9.62
C SER D 179 -65.15 -3.34 -9.07
N CYS D 180 -64.87 -2.19 -8.44
CA CYS D 180 -65.91 -1.27 -7.98
C CYS D 180 -66.20 -0.19 -9.03
N HIS D 181 -65.84 -0.47 -10.28
CA HIS D 181 -65.85 0.43 -11.42
C HIS D 181 -66.99 1.45 -11.43
N ARG D 182 -68.24 0.98 -11.42
CA ARG D 182 -69.36 1.92 -11.50
C ARG D 182 -69.44 2.80 -10.25
N GLN D 183 -69.24 2.21 -9.08
CA GLN D 183 -69.32 2.99 -7.84
C GLN D 183 -68.25 4.07 -7.81
N MET D 184 -67.02 3.72 -8.19
CA MET D 184 -65.95 4.71 -8.22
C MET D 184 -66.25 5.81 -9.22
N ALA D 185 -66.75 5.44 -10.41
CA ALA D 185 -67.10 6.45 -11.40
C ALA D 185 -68.19 7.39 -10.88
N GLU D 186 -69.21 6.82 -10.24
CA GLU D 186 -70.30 7.63 -9.72
C GLU D 186 -69.84 8.58 -8.63
N ILE D 187 -69.00 8.11 -7.71
CA ILE D 187 -68.55 8.99 -6.64
C ILE D 187 -67.64 10.08 -7.20
N ALA D 188 -66.83 9.75 -8.22
CA ALA D 188 -66.01 10.78 -8.84
C ALA D 188 -66.88 11.85 -9.51
N VAL D 189 -67.92 11.42 -10.23
CA VAL D 189 -68.80 12.36 -10.90
C VAL D 189 -69.50 13.25 -9.88
N ASN D 190 -70.02 12.65 -8.80
CA ASN D 190 -70.70 13.43 -7.78
C ASN D 190 -69.75 14.41 -7.11
N ALA D 191 -68.52 13.97 -6.82
CA ALA D 191 -67.56 14.85 -6.17
C ALA D 191 -67.22 16.05 -7.05
N VAL D 192 -67.01 15.81 -8.35
CA VAL D 192 -66.71 16.94 -9.24
C VAL D 192 -67.91 17.86 -9.37
N LEU D 193 -69.10 17.30 -9.57
CA LEU D 193 -70.27 18.14 -9.80
C LEU D 193 -70.70 18.88 -8.54
N THR D 194 -70.29 18.43 -7.36
CA THR D 194 -70.64 19.16 -6.15
C THR D 194 -69.78 20.40 -5.98
N VAL D 195 -68.46 20.25 -6.06
CA VAL D 195 -67.53 21.35 -5.86
C VAL D 195 -67.09 21.83 -7.25
N ALA D 196 -67.83 22.80 -7.79
CA ALA D 196 -67.56 23.29 -9.12
C ALA D 196 -68.27 24.61 -9.32
N ASP D 197 -67.54 25.63 -9.77
CA ASP D 197 -68.17 26.87 -10.17
C ASP D 197 -68.92 26.62 -11.48
N MET D 198 -70.24 26.44 -11.37
CA MET D 198 -70.99 25.78 -12.43
C MET D 198 -71.04 26.57 -13.73
N GLU D 199 -70.72 27.86 -13.72
CA GLU D 199 -70.78 28.66 -14.94
C GLU D 199 -69.56 28.39 -15.82
N ARG D 200 -69.38 27.10 -16.13
CA ARG D 200 -68.31 26.60 -17.00
C ARG D 200 -66.94 27.12 -16.56
N ARG D 201 -66.81 27.42 -15.29
CA ARG D 201 -65.55 27.89 -14.73
C ARG D 201 -64.74 26.69 -14.27
N ASP D 202 -63.67 26.95 -13.52
CA ASP D 202 -62.77 25.89 -13.10
C ASP D 202 -63.38 25.07 -11.97
N VAL D 203 -62.75 23.94 -11.71
CA VAL D 203 -63.05 23.10 -10.55
C VAL D 203 -61.84 23.11 -9.64
N ASP D 204 -62.02 23.57 -8.42
CA ASP D 204 -60.92 23.70 -7.47
C ASP D 204 -60.71 22.36 -6.77
N PHE D 205 -59.58 21.72 -7.07
CA PHE D 205 -59.29 20.42 -6.49
C PHE D 205 -58.90 20.50 -5.02
N GLU D 206 -58.63 21.70 -4.50
CA GLU D 206 -58.40 21.84 -3.07
C GLU D 206 -59.67 21.66 -2.26
N LEU D 207 -60.84 21.65 -2.90
CA LEU D 207 -62.09 21.39 -2.23
C LEU D 207 -62.43 19.91 -2.17
N ILE D 208 -61.60 19.05 -2.77
CA ILE D 208 -61.78 17.61 -2.70
C ILE D 208 -60.61 17.05 -1.90
N LYS D 209 -60.90 16.52 -0.72
CA LYS D 209 -59.88 15.93 0.15
C LYS D 209 -59.96 14.42 0.01
N VAL D 210 -59.06 13.85 -0.80
CA VAL D 210 -59.04 12.41 -1.03
C VAL D 210 -58.12 11.81 0.03
N GLU D 211 -58.71 11.20 1.05
CA GLU D 211 -57.98 10.55 2.13
C GLU D 211 -58.30 9.06 2.14
N GLY D 212 -57.28 8.25 2.35
CA GLY D 212 -57.44 6.80 2.36
C GLY D 212 -56.95 6.20 3.66
N LYS D 213 -57.63 5.12 4.08
CA LYS D 213 -57.22 4.35 5.23
C LYS D 213 -57.29 2.87 4.89
N VAL D 214 -56.30 2.12 5.36
CA VAL D 214 -56.26 0.67 5.13
C VAL D 214 -57.36 0.01 5.94
N GLY D 215 -57.64 -1.25 5.65
CA GLY D 215 -58.72 -1.95 6.30
C GLY D 215 -60.00 -1.87 5.50
N GLY D 216 -61.01 -2.57 5.99
CA GLY D 216 -62.26 -2.61 5.28
C GLY D 216 -62.11 -3.30 3.93
N ARG D 217 -62.89 -2.83 2.97
CA ARG D 217 -62.86 -3.37 1.61
C ARG D 217 -62.87 -2.21 0.62
N LEU D 218 -62.42 -2.51 -0.61
CA LEU D 218 -62.43 -1.49 -1.64
C LEU D 218 -63.85 -1.02 -1.96
N GLU D 219 -64.84 -1.89 -1.81
CA GLU D 219 -66.23 -1.51 -2.01
C GLU D 219 -66.73 -0.56 -0.93
N ASP D 220 -66.01 -0.42 0.18
CA ASP D 220 -66.42 0.50 1.24
C ASP D 220 -66.07 1.94 0.94
N THR D 221 -65.36 2.21 -0.15
CA THR D 221 -65.07 3.57 -0.55
C THR D 221 -66.37 4.34 -0.77
N LYS D 222 -66.45 5.54 -0.21
CA LYS D 222 -67.67 6.32 -0.27
C LYS D 222 -67.33 7.80 -0.34
N LEU D 223 -68.29 8.59 -0.79
CA LEU D 223 -68.17 10.03 -0.86
C LEU D 223 -68.94 10.66 0.28
N ILE D 224 -68.26 11.48 1.07
CA ILE D 224 -68.85 12.16 2.21
C ILE D 224 -69.09 13.62 1.83
N LYS D 225 -70.34 14.05 1.89
CA LYS D 225 -70.69 15.44 1.60
C LYS D 225 -70.38 16.32 2.82
N GLY D 226 -69.10 16.34 3.16
CA GLY D 226 -68.61 17.05 4.32
C GLY D 226 -67.11 16.94 4.44
N VAL D 227 -66.60 16.86 5.66
CA VAL D 227 -65.17 16.75 5.90
C VAL D 227 -64.93 15.62 6.90
N ILE D 228 -63.94 14.78 6.61
CA ILE D 228 -63.47 13.76 7.53
C ILE D 228 -62.11 14.18 8.06
N VAL D 229 -61.92 14.08 9.36
CA VAL D 229 -60.75 14.63 10.04
C VAL D 229 -60.03 13.52 10.78
N ASP D 230 -58.71 13.53 10.73
CA ASP D 230 -57.87 12.54 11.39
C ASP D 230 -57.77 12.74 12.90
N LYS D 231 -58.56 13.63 13.47
CA LYS D 231 -58.53 13.91 14.90
C LYS D 231 -59.71 13.26 15.60
N ASP D 232 -59.83 13.54 16.90
CA ASP D 232 -60.92 13.02 17.71
C ASP D 232 -61.19 14.00 18.83
N PHE D 233 -62.19 13.70 19.65
CA PHE D 233 -62.55 14.57 20.75
C PHE D 233 -61.43 14.62 21.78
N SER D 234 -61.26 15.78 22.41
CA SER D 234 -60.13 16.00 23.30
C SER D 234 -60.26 15.20 24.58
N HIS D 235 -61.43 15.24 25.20
CA HIS D 235 -61.59 14.51 26.46
C HIS D 235 -62.16 13.12 26.19
N PRO D 236 -61.59 12.08 26.80
CA PRO D 236 -62.09 10.71 26.53
C PRO D 236 -63.52 10.48 26.97
N GLN D 237 -64.06 11.31 27.86
CA GLN D 237 -65.41 11.13 28.37
C GLN D 237 -66.44 11.98 27.64
N MET D 238 -66.04 12.72 26.62
CA MET D 238 -67.00 13.48 25.84
C MET D 238 -67.85 12.53 24.98
N PRO D 239 -69.08 12.92 24.68
CA PRO D 239 -69.92 12.07 23.81
C PRO D 239 -69.31 11.91 22.44
N LYS D 240 -69.45 10.72 21.87
CA LYS D 240 -68.82 10.37 20.61
C LYS D 240 -69.65 10.76 19.39
N LYS D 241 -70.88 11.24 19.58
CA LYS D 241 -71.73 11.61 18.46
C LYS D 241 -72.52 12.86 18.81
N VAL D 242 -72.51 13.83 17.91
CA VAL D 242 -73.26 15.07 18.07
C VAL D 242 -74.19 15.22 16.88
N GLU D 243 -75.47 15.46 17.16
CA GLU D 243 -76.49 15.62 16.12
C GLU D 243 -77.03 17.04 16.16
N ASP D 244 -77.33 17.58 14.97
CA ASP D 244 -77.74 18.97 14.82
C ASP D 244 -76.71 19.90 15.43
N ALA D 245 -75.44 19.59 15.19
CA ALA D 245 -74.35 20.36 15.79
C ALA D 245 -74.28 21.77 15.21
N LYS D 246 -74.06 22.74 16.09
CA LYS D 246 -73.77 24.11 15.70
C LYS D 246 -72.30 24.35 16.03
N ILE D 247 -71.45 24.16 15.04
CA ILE D 247 -70.01 24.14 15.24
C ILE D 247 -69.49 25.57 15.35
N ALA D 248 -68.55 25.78 16.26
CA ALA D 248 -67.84 27.04 16.41
C ALA D 248 -66.38 26.82 16.02
N ILE D 249 -65.98 27.39 14.89
CA ILE D 249 -64.61 27.24 14.39
C ILE D 249 -63.77 28.35 14.98
N LEU D 250 -62.69 27.98 15.65
CA LEU D 250 -61.82 28.93 16.32
C LEU D 250 -60.36 28.64 16.00
N THR D 251 -59.56 29.70 15.87
CA THR D 251 -58.13 29.58 15.62
C THR D 251 -57.31 30.15 16.77
N CYS D 252 -57.92 30.30 17.94
CA CYS D 252 -57.21 30.79 19.11
C CYS D 252 -57.12 29.69 20.15
N PRO D 253 -55.93 29.38 20.65
CA PRO D 253 -55.81 28.36 21.69
C PRO D 253 -56.59 28.77 22.94
N PHE D 254 -57.19 27.78 23.60
CA PHE D 254 -57.98 28.04 24.80
C PHE D 254 -57.04 28.20 26.00
N GLU D 255 -56.17 29.20 25.91
CA GLU D 255 -55.17 29.52 26.91
C GLU D 255 -55.25 31.00 27.20
N PRO D 256 -54.74 31.44 28.36
CA PRO D 256 -54.69 32.87 28.65
C PRO D 256 -53.89 33.61 27.58
N PRO D 257 -54.32 34.81 27.22
CA PRO D 257 -53.68 35.51 26.09
C PRO D 257 -52.25 35.90 26.41
N LYS D 258 -51.45 36.02 25.34
CA LYS D 258 -50.09 36.50 25.46
C LYS D 258 -49.78 37.40 24.27
N PRO D 259 -49.23 38.59 24.50
CA PRO D 259 -48.91 39.48 23.39
C PRO D 259 -47.78 38.93 22.53
N LYS D 260 -47.81 39.29 21.25
CA LYS D 260 -46.74 38.88 20.34
C LYS D 260 -45.44 39.62 20.67
N THR D 261 -45.54 40.90 21.02
CA THR D 261 -44.35 41.67 21.36
C THR D 261 -43.70 41.14 22.63
N LYS D 262 -42.38 41.22 22.68
CA LYS D 262 -41.63 40.80 23.86
C LYS D 262 -42.14 41.55 25.08
N HIS D 263 -42.73 40.82 26.02
CA HIS D 263 -43.43 41.43 27.15
C HIS D 263 -42.97 40.78 28.44
N LYS D 264 -42.86 41.58 29.49
CA LYS D 264 -42.59 41.10 30.84
C LYS D 264 -43.63 41.69 31.78
N LEU D 265 -44.30 40.82 32.53
CA LEU D 265 -45.30 41.25 33.51
C LEU D 265 -44.68 41.13 34.90
N ASP D 266 -44.64 42.25 35.62
CA ASP D 266 -43.97 42.30 36.91
C ASP D 266 -44.94 42.02 38.03
N VAL D 267 -44.57 41.09 38.91
CA VAL D 267 -45.31 40.80 40.14
C VAL D 267 -44.45 41.30 41.29
N THR D 268 -44.99 42.26 42.04
CA THR D 268 -44.22 42.93 43.08
C THR D 268 -44.74 42.72 44.49
N SER D 269 -45.89 42.08 44.67
CA SER D 269 -46.43 41.88 46.01
C SER D 269 -47.37 40.69 45.97
N VAL D 270 -47.81 40.27 47.17
CA VAL D 270 -48.74 39.15 47.28
C VAL D 270 -50.05 39.50 46.59
N GLU D 271 -50.48 40.75 46.69
CA GLU D 271 -51.73 41.17 46.05
C GLU D 271 -51.63 40.99 44.54
N ASP D 272 -50.48 41.31 43.95
CA ASP D 272 -50.31 41.12 42.52
C ASP D 272 -50.40 39.65 42.15
N TYR D 273 -49.82 38.77 42.97
CA TYR D 273 -49.90 37.34 42.71
C TYR D 273 -51.34 36.84 42.77
N LYS D 274 -52.08 37.27 43.78
CA LYS D 274 -53.49 36.87 43.89
C LYS D 274 -54.28 37.38 42.70
N ALA D 275 -54.03 38.62 42.30
CA ALA D 275 -54.73 39.17 41.14
C ALA D 275 -54.42 38.39 39.88
N LEU D 276 -53.16 38.00 39.70
CA LEU D 276 -52.77 37.22 38.52
C LEU D 276 -53.47 35.87 38.51
N GLN D 277 -53.51 35.18 39.65
CA GLN D 277 -54.17 33.88 39.72
C GLN D 277 -55.67 34.01 39.42
N LYS D 278 -56.31 35.01 40.03
CA LYS D 278 -57.72 35.23 39.76
C LYS D 278 -57.96 35.59 38.29
N TYR D 279 -57.05 36.36 37.70
CA TYR D 279 -57.18 36.73 36.30
C TYR D 279 -57.11 35.50 35.40
N GLU D 280 -56.19 34.58 35.68
CA GLU D 280 -56.09 33.37 34.88
C GLU D 280 -57.36 32.54 34.98
N LYS D 281 -57.85 32.33 36.20
CA LYS D 281 -59.07 31.55 36.38
C LYS D 281 -60.25 32.21 35.69
N GLU D 282 -60.37 33.53 35.82
CA GLU D 282 -61.46 34.27 35.20
C GLU D 282 -61.37 34.22 33.68
N LYS D 283 -60.15 34.26 33.13
CA LYS D 283 -60.03 34.17 31.68
C LYS D 283 -60.50 32.82 31.17
N PHE D 284 -60.14 31.74 31.86
CA PHE D 284 -60.64 30.42 31.46
C PHE D 284 -62.16 30.39 31.49
N GLU D 285 -62.74 30.80 32.63
CA GLU D 285 -64.20 30.75 32.77
C GLU D 285 -64.88 31.65 31.74
N GLU D 286 -64.31 32.83 31.49
CA GLU D 286 -64.91 33.78 30.56
C GLU D 286 -64.88 33.25 29.14
N MET D 287 -63.78 32.63 28.73
CA MET D 287 -63.72 32.09 27.38
C MET D 287 -64.71 30.95 27.20
N ILE D 288 -64.85 30.10 28.22
CA ILE D 288 -65.84 29.01 28.11
C ILE D 288 -67.25 29.59 28.03
N GLN D 289 -67.54 30.59 28.86
CA GLN D 289 -68.87 31.21 28.85
C GLN D 289 -69.14 31.88 27.52
N GLN D 290 -68.13 32.53 26.94
CA GLN D 290 -68.31 33.17 25.64
C GLN D 290 -68.58 32.15 24.55
N ILE D 291 -67.88 31.01 24.58
CA ILE D 291 -68.15 29.97 23.60
C ILE D 291 -69.58 29.45 23.77
N LYS D 292 -70.01 29.21 25.01
CA LYS D 292 -71.33 28.65 25.23
C LYS D 292 -72.45 29.67 25.03
N GLU D 293 -72.14 30.96 25.02
CA GLU D 293 -73.19 31.97 24.89
C GLU D 293 -73.83 31.96 23.52
N THR D 294 -73.07 31.63 22.47
CA THR D 294 -73.61 31.59 21.13
C THR D 294 -74.56 30.42 20.91
N GLY D 295 -74.65 29.50 21.85
CA GLY D 295 -75.48 28.32 21.68
C GLY D 295 -74.81 27.18 20.95
N ALA D 296 -73.50 27.26 20.72
CA ALA D 296 -72.80 26.22 19.99
C ALA D 296 -72.85 24.90 20.73
N ASN D 297 -72.98 23.81 19.97
CA ASN D 297 -72.94 22.46 20.52
C ASN D 297 -71.59 21.79 20.33
N LEU D 298 -70.66 22.44 19.66
CA LEU D 298 -69.38 21.84 19.33
C LEU D 298 -68.39 22.95 19.02
N ALA D 299 -67.17 22.81 19.52
CA ALA D 299 -66.11 23.79 19.31
C ALA D 299 -64.92 23.12 18.66
N ILE D 300 -64.41 23.72 17.59
CA ILE D 300 -63.26 23.20 16.87
C ILE D 300 -62.14 24.22 16.98
N CYS D 301 -60.99 23.80 17.50
CA CYS D 301 -59.85 24.68 17.67
C CYS D 301 -58.67 24.17 16.86
N GLN D 302 -57.83 25.09 16.40
CA GLN D 302 -56.69 24.75 15.57
C GLN D 302 -55.41 24.57 16.36
N TRP D 303 -55.23 25.30 17.46
CA TRP D 303 -53.95 25.34 18.17
C TRP D 303 -53.97 24.59 19.49
N GLY D 304 -54.98 23.76 19.74
CA GLY D 304 -55.00 22.96 20.94
C GLY D 304 -55.25 23.79 22.18
N PHE D 305 -55.38 23.08 23.30
CA PHE D 305 -55.71 23.73 24.56
C PHE D 305 -55.39 22.80 25.73
N ASP D 306 -55.33 23.40 26.91
CA ASP D 306 -54.78 22.76 28.09
C ASP D 306 -55.87 22.10 28.92
N ASP D 307 -55.52 21.68 30.14
CA ASP D 307 -56.39 20.79 30.91
C ASP D 307 -57.60 21.53 31.48
N GLU D 308 -57.41 22.75 31.98
CA GLU D 308 -58.52 23.47 32.58
C GLU D 308 -59.61 23.75 31.55
N ALA D 309 -59.23 24.19 30.36
CA ALA D 309 -60.21 24.42 29.31
C ALA D 309 -60.88 23.12 28.88
N ASN D 310 -60.11 22.03 28.85
CA ASN D 310 -60.68 20.73 28.50
C ASN D 310 -61.77 20.31 29.49
N HIS D 311 -61.48 20.42 30.78
CA HIS D 311 -62.47 20.02 31.78
C HIS D 311 -63.65 20.97 31.79
N LEU D 312 -63.41 22.26 31.55
CA LEU D 312 -64.54 23.20 31.45
C LEU D 312 -65.43 22.86 30.27
N LEU D 313 -64.83 22.50 29.13
CA LEU D 313 -65.62 22.11 27.97
C LEU D 313 -66.43 20.86 28.25
N LEU D 314 -65.82 19.86 28.89
CA LEU D 314 -66.55 18.64 29.21
C LEU D 314 -67.68 18.92 30.20
N GLN D 315 -67.42 19.78 31.19
CA GLN D 315 -68.40 20.05 32.22
C GLN D 315 -69.58 20.85 31.70
N ASN D 316 -69.37 21.62 30.62
CA ASN D 316 -70.41 22.47 30.06
C ASN D 316 -71.08 21.84 28.84
N ASN D 317 -70.92 20.54 28.64
CA ASN D 317 -71.56 19.81 27.56
C ASN D 317 -71.20 20.40 26.19
N LEU D 318 -69.91 20.65 26.00
CA LEU D 318 -69.38 21.19 24.75
C LEU D 318 -68.32 20.23 24.22
N PRO D 319 -68.70 19.25 23.40
CA PRO D 319 -67.68 18.42 22.74
C PRO D 319 -66.77 19.29 21.89
N ALA D 320 -65.49 18.93 21.87
CA ALA D 320 -64.50 19.75 21.18
C ALA D 320 -63.39 18.88 20.63
N VAL D 321 -62.75 19.39 19.58
CA VAL D 321 -61.56 18.77 19.00
C VAL D 321 -60.47 19.82 18.93
N ARG D 322 -59.22 19.38 18.95
CA ARG D 322 -58.09 20.29 19.00
C ARG D 322 -57.02 19.87 18.01
N TRP D 323 -56.12 20.81 17.73
CA TRP D 323 -54.99 20.60 16.82
C TRP D 323 -55.44 20.26 15.41
N VAL D 324 -56.61 20.77 15.02
CA VAL D 324 -57.09 20.58 13.65
C VAL D 324 -56.25 21.44 12.72
N GLY D 325 -55.77 20.83 11.64
CA GLY D 325 -54.92 21.55 10.71
C GLY D 325 -55.64 22.67 9.99
N GLY D 326 -54.86 23.60 9.45
CA GLY D 326 -55.39 24.76 8.77
C GLY D 326 -56.27 24.44 7.58
N PRO D 327 -55.77 23.60 6.65
CA PRO D 327 -56.64 23.17 5.55
C PRO D 327 -57.92 22.48 6.01
N GLU D 328 -57.82 21.67 7.06
CA GLU D 328 -59.02 21.03 7.59
C GLU D 328 -59.96 22.04 8.22
N ILE D 329 -59.41 23.06 8.89
CA ILE D 329 -60.25 24.13 9.42
C ILE D 329 -61.01 24.81 8.29
N GLU D 330 -60.30 25.14 7.21
CA GLU D 330 -60.94 25.80 6.07
C GLU D 330 -62.02 24.91 5.47
N LEU D 331 -61.73 23.63 5.28
CA LEU D 331 -62.71 22.73 4.69
C LEU D 331 -63.94 22.57 5.57
N ILE D 332 -63.73 22.43 6.88
CA ILE D 332 -64.86 22.29 7.81
C ILE D 332 -65.73 23.54 7.77
N ALA D 333 -65.10 24.72 7.81
CA ALA D 333 -65.87 25.95 7.81
C ALA D 333 -66.61 26.15 6.49
N ILE D 334 -66.00 25.74 5.38
CA ILE D 334 -66.66 25.86 4.08
C ILE D 334 -67.87 24.93 4.00
N ALA D 335 -67.68 23.67 4.41
CA ALA D 335 -68.77 22.71 4.30
C ALA D 335 -69.92 23.05 5.24
N THR D 336 -69.61 23.40 6.49
CA THR D 336 -70.64 23.68 7.47
C THR D 336 -71.31 25.03 7.28
N GLY D 337 -70.74 25.92 6.46
CA GLY D 337 -71.32 27.23 6.27
C GLY D 337 -71.04 28.22 7.37
N GLY D 338 -70.04 27.95 8.22
CA GLY D 338 -69.70 28.86 9.29
C GLY D 338 -68.41 29.62 9.03
N ARG D 339 -68.24 30.75 9.70
CA ARG D 339 -67.04 31.56 9.54
C ARG D 339 -65.96 31.13 10.51
N ILE D 340 -64.73 31.46 10.17
CA ILE D 340 -63.57 31.20 11.03
C ILE D 340 -63.38 32.39 11.94
N VAL D 341 -63.39 32.15 13.24
CA VAL D 341 -63.37 33.20 14.26
C VAL D 341 -61.98 33.22 14.90
N PRO D 342 -61.30 34.36 14.97
CA PRO D 342 -59.93 34.38 15.48
C PRO D 342 -59.83 34.51 16.99
N ARG D 343 -60.89 34.97 17.66
CA ARG D 343 -60.85 35.07 19.11
C ARG D 343 -62.28 35.03 19.64
N PHE D 344 -62.40 34.72 20.94
CA PHE D 344 -63.70 34.44 21.53
C PHE D 344 -64.61 35.67 21.51
N SER D 345 -64.04 36.85 21.71
CA SER D 345 -64.87 38.06 21.78
C SER D 345 -65.59 38.34 20.47
N GLU D 346 -65.11 37.79 19.36
CA GLU D 346 -65.76 37.96 18.07
C GLU D 346 -66.71 36.82 17.72
N LEU D 347 -66.88 35.85 18.61
CA LEU D 347 -67.72 34.70 18.33
C LEU D 347 -69.18 35.08 18.51
N THR D 348 -69.97 34.91 17.45
CA THR D 348 -71.40 35.21 17.48
C THR D 348 -72.16 34.06 16.84
N ALA D 349 -73.46 34.01 17.14
CA ALA D 349 -74.29 32.90 16.65
C ALA D 349 -74.36 32.86 15.14
N GLU D 350 -74.15 33.99 14.47
CA GLU D 350 -74.23 34.02 13.01
C GLU D 350 -73.01 33.38 12.36
N LYS D 351 -71.90 33.24 13.09
CA LYS D 351 -70.69 32.65 12.55
C LYS D 351 -70.58 31.16 12.81
N LEU D 352 -71.60 30.55 13.41
CA LEU D 352 -71.55 29.12 13.70
C LEU D 352 -71.95 28.32 12.48
N GLY D 353 -71.13 27.32 12.15
CA GLY D 353 -71.50 26.38 11.11
C GLY D 353 -72.53 25.39 11.60
N PHE D 354 -73.10 24.65 10.65
CA PHE D 354 -74.09 23.64 10.97
C PHE D 354 -73.69 22.31 10.35
N ALA D 355 -73.85 21.24 11.11
CA ALA D 355 -73.57 19.88 10.64
C ALA D 355 -74.61 18.95 11.25
N GLY D 356 -75.30 18.21 10.40
CA GLY D 356 -76.35 17.34 10.88
C GLY D 356 -75.84 16.22 11.77
N LEU D 357 -74.64 15.71 11.47
CA LEU D 357 -74.06 14.62 12.24
C LEU D 357 -72.56 14.81 12.33
N VAL D 358 -72.04 14.86 13.56
CA VAL D 358 -70.60 14.82 13.81
C VAL D 358 -70.35 13.58 14.66
N GLN D 359 -69.50 12.69 14.17
CA GLN D 359 -69.32 11.39 14.78
C GLN D 359 -67.83 11.04 14.81
N GLU D 360 -67.47 10.16 15.73
CA GLU D 360 -66.12 9.61 15.82
C GLU D 360 -66.15 8.17 15.35
N ILE D 361 -65.25 7.82 14.43
CA ILE D 361 -65.26 6.53 13.75
C ILE D 361 -64.10 5.70 14.25
N SER D 362 -64.40 4.45 14.62
CA SER D 362 -63.38 3.47 14.96
C SER D 362 -63.07 2.60 13.75
N PHE D 363 -61.94 1.92 13.80
CA PHE D 363 -61.46 1.12 12.69
C PHE D 363 -61.01 -0.26 13.15
N GLY D 364 -61.85 -0.90 13.96
CA GLY D 364 -61.56 -2.25 14.42
C GLY D 364 -60.58 -2.28 15.57
N THR D 365 -59.64 -3.23 15.53
CA THR D 365 -58.69 -3.43 16.63
C THR D 365 -57.42 -2.64 16.37
N THR D 366 -57.57 -1.31 16.26
CA THR D 366 -56.47 -0.46 15.85
C THR D 366 -56.21 0.74 16.75
N LYS D 367 -57.13 1.08 17.65
CA LYS D 367 -56.94 2.15 18.64
C LYS D 367 -57.01 3.53 17.98
N ASP D 368 -57.09 3.57 16.65
CA ASP D 368 -57.16 4.82 15.92
C ASP D 368 -58.61 5.29 15.80
N LYS D 369 -58.79 6.61 15.82
CA LYS D 369 -60.10 7.23 15.69
C LYS D 369 -60.04 8.34 14.65
N MET D 370 -61.17 8.58 13.98
CA MET D 370 -61.32 9.72 13.09
C MET D 370 -62.68 10.37 13.29
N LEU D 371 -62.71 11.68 13.10
CA LEU D 371 -63.94 12.46 13.21
C LEU D 371 -64.51 12.70 11.83
N VAL D 372 -65.83 12.53 11.70
CA VAL D 372 -66.52 12.70 10.43
C VAL D 372 -67.60 13.75 10.60
N ILE D 373 -67.64 14.70 9.67
CA ILE D 373 -68.64 15.75 9.63
C ILE D 373 -69.41 15.60 8.33
N GLU D 374 -70.73 15.44 8.43
CA GLU D 374 -71.54 15.20 7.25
C GLU D 374 -72.93 15.79 7.50
N GLN D 375 -73.86 15.49 6.59
CA GLN D 375 -75.23 15.98 6.65
C GLN D 375 -75.30 17.50 6.70
N CYS D 376 -74.35 18.17 6.05
CA CYS D 376 -74.40 19.62 5.96
C CYS D 376 -75.52 20.04 5.01
N LYS D 377 -75.92 21.31 5.12
CA LYS D 377 -77.04 21.80 4.34
C LYS D 377 -76.70 21.88 2.86
N ASN D 378 -75.73 22.73 2.51
CA ASN D 378 -75.33 22.93 1.12
C ASN D 378 -73.82 22.95 1.02
N SER D 379 -73.16 21.94 1.61
CA SER D 379 -71.71 21.93 1.69
C SER D 379 -71.08 22.04 0.31
N ARG D 380 -70.11 22.94 0.20
CA ARG D 380 -69.35 23.14 -1.03
C ARG D 380 -67.96 22.52 -0.94
N ALA D 381 -67.81 21.48 -0.14
CA ALA D 381 -66.55 20.76 -0.01
C ALA D 381 -66.86 19.30 0.30
N VAL D 382 -66.20 18.39 -0.41
CA VAL D 382 -66.44 16.96 -0.25
C VAL D 382 -65.10 16.27 -0.01
N THR D 383 -65.18 15.09 0.59
CA THR D 383 -64.00 14.26 0.82
C THR D 383 -64.30 12.84 0.37
N ILE D 384 -63.28 12.21 -0.22
CA ILE D 384 -63.38 10.84 -0.69
C ILE D 384 -62.57 9.98 0.26
N PHE D 385 -63.21 9.00 0.88
CA PHE D 385 -62.60 8.19 1.93
C PHE D 385 -62.49 6.76 1.41
N ILE D 386 -61.26 6.27 1.29
CA ILE D 386 -60.94 5.05 0.55
C ILE D 386 -60.49 3.97 1.52
N ARG D 387 -61.04 2.76 1.37
CA ARG D 387 -60.64 1.62 2.15
C ARG D 387 -60.09 0.53 1.24
N GLY D 388 -59.19 -0.28 1.78
CA GLY D 388 -58.59 -1.35 1.00
C GLY D 388 -57.86 -2.32 1.90
N GLY D 389 -57.39 -3.41 1.28
CA GLY D 389 -56.69 -4.45 2.01
C GLY D 389 -55.20 -4.24 2.18
N ASN D 390 -54.63 -3.25 1.50
CA ASN D 390 -53.21 -2.92 1.65
C ASN D 390 -53.00 -1.51 1.12
N LYS D 391 -51.86 -0.93 1.47
CA LYS D 391 -51.63 0.47 1.11
C LYS D 391 -51.40 0.64 -0.38
N MET D 392 -50.92 -0.41 -1.07
CA MET D 392 -50.72 -0.31 -2.51
C MET D 392 -52.02 -0.06 -3.25
N ILE D 393 -53.06 -0.83 -2.90
CA ILE D 393 -54.36 -0.62 -3.51
C ILE D 393 -54.92 0.74 -3.13
N ILE D 394 -54.59 1.23 -1.93
CA ILE D 394 -55.06 2.55 -1.52
C ILE D 394 -54.47 3.64 -2.40
N GLU D 395 -53.15 3.58 -2.61
CA GLU D 395 -52.50 4.59 -3.45
C GLU D 395 -52.99 4.50 -4.89
N GLU D 396 -53.15 3.28 -5.41
CA GLU D 396 -53.63 3.13 -6.77
C GLU D 396 -55.05 3.65 -6.92
N ALA D 397 -55.91 3.39 -5.93
CA ALA D 397 -57.25 3.94 -5.96
C ALA D 397 -57.22 5.46 -5.90
N LYS D 398 -56.31 6.02 -5.10
CA LYS D 398 -56.19 7.47 -5.02
C LYS D 398 -55.88 8.07 -6.38
N ARG D 399 -54.87 7.53 -7.07
CA ARG D 399 -54.50 8.12 -8.35
C ARG D 399 -55.55 7.83 -9.43
N SER D 400 -56.21 6.67 -9.37
CA SER D 400 -57.29 6.39 -10.31
C SER D 400 -58.45 7.37 -10.14
N LEU D 401 -58.83 7.63 -8.89
CA LEU D 401 -59.90 8.59 -8.63
C LEU D 401 -59.47 9.99 -9.05
N HIS D 402 -58.18 10.33 -8.87
CA HIS D 402 -57.71 11.61 -9.35
C HIS D 402 -57.83 11.72 -10.87
N ASP D 403 -57.52 10.64 -11.59
CA ASP D 403 -57.69 10.64 -13.03
C ASP D 403 -59.15 10.85 -13.41
N ALA D 404 -60.06 10.16 -12.71
CA ALA D 404 -61.49 10.32 -13.01
C ALA D 404 -61.95 11.74 -12.74
N LEU D 405 -61.52 12.33 -11.62
CA LEU D 405 -61.87 13.71 -11.31
C LEU D 405 -61.35 14.65 -12.37
N CYS D 406 -60.12 14.44 -12.84
CA CYS D 406 -59.56 15.29 -13.88
C CYS D 406 -60.35 15.17 -15.18
N VAL D 407 -60.80 13.96 -15.52
CA VAL D 407 -61.58 13.77 -16.73
C VAL D 407 -62.91 14.51 -16.64
N ILE D 408 -63.59 14.40 -15.49
CA ILE D 408 -64.86 15.10 -15.35
C ILE D 408 -64.63 16.62 -15.33
N ARG D 409 -63.51 17.08 -14.78
CA ARG D 409 -63.17 18.49 -14.86
C ARG D 409 -62.98 18.94 -16.31
N ASN D 410 -62.31 18.12 -17.11
CA ASN D 410 -62.15 18.44 -18.52
C ASN D 410 -63.50 18.50 -19.22
N LEU D 411 -64.40 17.59 -18.87
CA LEU D 411 -65.76 17.66 -19.43
C LEU D 411 -66.46 18.95 -19.01
N ILE D 412 -66.23 19.39 -17.77
CA ILE D 412 -66.79 20.66 -17.32
C ILE D 412 -66.26 21.80 -18.17
N ARG D 413 -64.95 21.80 -18.43
CA ARG D 413 -64.35 22.88 -19.22
C ARG D 413 -64.89 22.88 -20.65
N ASP D 414 -64.87 21.72 -21.30
CA ASP D 414 -65.42 21.57 -22.65
C ASP D 414 -66.17 20.24 -22.71
N ASN D 415 -67.36 20.28 -23.32
CA ASN D 415 -68.26 19.12 -23.32
C ASN D 415 -68.29 18.39 -24.65
N ARG D 416 -67.20 18.40 -25.40
CA ARG D 416 -67.10 17.68 -26.66
C ARG D 416 -66.26 16.43 -26.46
N VAL D 417 -66.75 15.29 -26.95
CA VAL D 417 -66.11 14.00 -26.73
C VAL D 417 -65.94 13.28 -28.06
N VAL D 418 -64.99 12.34 -28.08
CA VAL D 418 -64.81 11.41 -29.18
C VAL D 418 -64.76 10.02 -28.59
N TYR D 419 -65.07 9.04 -29.44
CA TYR D 419 -65.20 7.65 -29.00
C TYR D 419 -63.84 6.96 -29.08
N GLY D 420 -63.37 6.46 -27.94
CA GLY D 420 -62.06 5.87 -27.86
C GLY D 420 -61.99 4.45 -28.38
N GLY D 421 -61.16 3.62 -27.75
CA GLY D 421 -61.00 2.27 -28.22
C GLY D 421 -60.25 2.15 -29.53
N GLY D 422 -59.49 3.18 -29.91
CA GLY D 422 -58.79 3.18 -31.17
C GLY D 422 -59.54 3.82 -32.32
N ALA D 423 -60.83 4.12 -32.15
CA ALA D 423 -61.60 4.71 -33.24
C ALA D 423 -61.08 6.08 -33.62
N ALA D 424 -60.76 6.92 -32.63
CA ALA D 424 -60.31 8.27 -32.91
C ALA D 424 -58.98 8.27 -33.66
N GLU D 425 -58.02 7.46 -33.20
CA GLU D 425 -56.73 7.41 -33.89
C GLU D 425 -56.88 6.87 -35.30
N ILE D 426 -57.72 5.85 -35.50
CA ILE D 426 -57.91 5.29 -36.83
C ILE D 426 -58.53 6.33 -37.76
N SER D 427 -59.55 7.05 -37.29
CA SER D 427 -60.17 8.08 -38.13
C SER D 427 -59.19 9.20 -38.44
N CYS D 428 -58.38 9.60 -37.45
CA CYS D 428 -57.38 10.63 -37.69
C CYS D 428 -56.35 10.17 -38.72
N ALA D 429 -55.94 8.90 -38.62
CA ALA D 429 -54.98 8.36 -39.59
C ALA D 429 -55.58 8.34 -40.99
N LEU D 430 -56.86 7.97 -41.11
CA LEU D 430 -57.52 8.00 -42.41
C LEU D 430 -57.57 9.42 -42.96
N ALA D 431 -57.91 10.40 -42.12
CA ALA D 431 -57.94 11.78 -42.58
C ALA D 431 -56.58 12.26 -43.02
N VAL D 432 -55.53 11.91 -42.26
CA VAL D 432 -54.18 12.31 -42.63
C VAL D 432 -53.76 11.68 -43.94
N SER D 433 -54.08 10.40 -44.13
CA SER D 433 -53.74 9.73 -45.38
C SER D 433 -54.48 10.36 -46.56
N GLN D 434 -55.76 10.69 -46.39
CA GLN D 434 -56.51 11.33 -47.46
C GLN D 434 -55.94 12.70 -47.79
N GLU D 435 -55.53 13.45 -46.77
CA GLU D 435 -54.95 14.77 -47.02
C GLU D 435 -53.59 14.67 -47.68
N ALA D 436 -52.82 13.62 -47.37
CA ALA D 436 -51.49 13.47 -47.96
C ALA D 436 -51.56 13.29 -49.46
N ASP D 437 -52.54 12.55 -49.94
CA ASP D 437 -52.67 12.29 -51.37
C ASP D 437 -52.91 13.57 -52.18
N LYS D 438 -53.44 14.61 -51.54
CA LYS D 438 -53.68 15.88 -52.20
C LYS D 438 -52.54 16.87 -51.95
N CYS D 439 -51.34 16.38 -51.67
CA CYS D 439 -50.24 17.20 -51.23
C CYS D 439 -48.99 16.87 -52.03
N PRO D 440 -48.09 17.84 -52.22
CA PRO D 440 -46.83 17.56 -52.92
C PRO D 440 -46.05 16.39 -52.35
N THR D 441 -45.09 15.88 -53.14
CA THR D 441 -44.51 14.57 -52.86
C THR D 441 -43.60 14.59 -51.63
N LEU D 442 -42.84 15.68 -51.45
CA LEU D 442 -41.76 15.64 -50.46
C LEU D 442 -42.30 15.50 -49.04
N GLU D 443 -43.40 16.17 -48.71
CA GLU D 443 -44.01 16.05 -47.40
C GLU D 443 -45.02 14.92 -47.31
N GLN D 444 -45.33 14.27 -48.44
CA GLN D 444 -46.21 13.11 -48.41
C GLN D 444 -45.66 12.03 -47.51
N TYR D 445 -44.33 11.81 -47.57
CA TYR D 445 -43.72 10.78 -46.76
C TYR D 445 -43.85 11.07 -45.28
N ALA D 446 -43.63 12.32 -44.87
CA ALA D 446 -43.78 12.68 -43.47
C ALA D 446 -45.23 12.53 -43.03
N MET D 447 -46.19 12.93 -43.88
CA MET D 447 -47.59 12.79 -43.51
C MET D 447 -47.98 11.32 -43.35
N ARG D 448 -47.52 10.46 -44.26
CA ARG D 448 -47.84 9.05 -44.16
C ARG D 448 -47.17 8.41 -42.95
N ALA D 449 -45.96 8.85 -42.62
CA ALA D 449 -45.32 8.37 -41.40
C ALA D 449 -46.12 8.79 -40.17
N PHE D 450 -46.65 10.01 -40.17
CA PHE D 450 -47.50 10.44 -39.07
C PHE D 450 -48.75 9.58 -38.96
N ALA D 451 -49.36 9.24 -40.10
CA ALA D 451 -50.53 8.36 -40.07
C ALA D 451 -50.17 6.99 -39.51
N ASP D 452 -49.05 6.43 -39.95
CA ASP D 452 -48.64 5.12 -39.44
C ASP D 452 -48.35 5.18 -37.95
N ALA D 453 -47.78 6.28 -37.48
CA ALA D 453 -47.54 6.43 -36.04
C ALA D 453 -48.85 6.58 -35.28
N LEU D 454 -49.83 7.28 -35.86
CA LEU D 454 -51.15 7.36 -35.22
C LEU D 454 -51.79 5.99 -35.09
N GLU D 455 -51.56 5.13 -36.08
CA GLU D 455 -52.20 3.82 -36.08
C GLU D 455 -51.58 2.84 -35.09
N VAL D 456 -50.76 3.29 -34.15
CA VAL D 456 -50.13 2.36 -33.21
C VAL D 456 -51.03 2.10 -31.99
N ILE D 457 -51.86 3.08 -31.60
CA ILE D 457 -52.72 2.89 -30.44
C ILE D 457 -53.69 1.72 -30.64
N PRO D 458 -54.43 1.63 -31.75
CA PRO D 458 -55.24 0.41 -31.96
C PRO D 458 -54.41 -0.86 -31.99
N MET D 459 -53.20 -0.79 -32.54
CA MET D 459 -52.34 -1.97 -32.55
C MET D 459 -51.94 -2.38 -31.13
N ALA D 460 -51.60 -1.41 -30.29
CA ALA D 460 -51.26 -1.72 -28.91
C ALA D 460 -52.45 -2.29 -28.17
N LEU D 461 -53.64 -1.72 -28.39
CA LEU D 461 -54.84 -2.25 -27.74
C LEU D 461 -55.12 -3.68 -28.19
N SER D 462 -54.95 -3.95 -29.49
CA SER D 462 -55.18 -5.31 -29.98
C SER D 462 -54.17 -6.29 -29.41
N GLU D 463 -52.90 -5.91 -29.34
CA GLU D 463 -51.89 -6.80 -28.80
C GLU D 463 -52.12 -7.08 -27.33
N ASN D 464 -52.46 -6.05 -26.55
CA ASN D 464 -52.68 -6.24 -25.12
C ASN D 464 -53.91 -7.09 -24.87
N SER D 465 -54.92 -7.01 -25.73
CA SER D 465 -56.15 -7.76 -25.54
C SER D 465 -56.12 -9.13 -26.18
N GLY D 466 -55.03 -9.49 -26.86
CA GLY D 466 -54.80 -10.84 -27.32
C GLY D 466 -55.00 -11.07 -28.81
N MET D 467 -55.77 -10.23 -29.49
CA MET D 467 -55.98 -10.48 -30.90
C MET D 467 -54.75 -10.09 -31.72
N ASN D 468 -54.76 -10.48 -32.99
CA ASN D 468 -53.67 -10.11 -33.89
C ASN D 468 -53.74 -8.62 -34.19
N PRO D 469 -52.67 -7.87 -33.96
CA PRO D 469 -52.75 -6.41 -34.14
C PRO D 469 -53.03 -5.97 -35.56
N ILE D 470 -52.23 -6.42 -36.53
CA ILE D 470 -52.35 -5.91 -37.88
C ILE D 470 -53.68 -6.30 -38.50
N GLN D 471 -54.11 -7.55 -38.32
CA GLN D 471 -55.36 -8.00 -38.91
C GLN D 471 -56.56 -7.24 -38.33
N THR D 472 -56.60 -7.10 -37.01
CA THR D 472 -57.71 -6.38 -36.39
C THR D 472 -57.73 -4.91 -36.82
N MET D 473 -56.56 -4.26 -36.82
CA MET D 473 -56.50 -2.86 -37.20
C MET D 473 -56.92 -2.67 -38.65
N THR D 474 -56.43 -3.53 -39.55
CA THR D 474 -56.79 -3.43 -40.95
C THR D 474 -58.28 -3.65 -41.16
N GLU D 475 -58.85 -4.65 -40.48
CA GLU D 475 -60.28 -4.92 -40.63
C GLU D 475 -61.12 -3.76 -40.13
N VAL D 476 -60.75 -3.18 -38.98
CA VAL D 476 -61.51 -2.06 -38.44
C VAL D 476 -61.38 -0.83 -39.34
N ARG D 477 -60.18 -0.58 -39.86
CA ARG D 477 -59.99 0.56 -40.75
C ARG D 477 -60.80 0.39 -42.03
N ALA D 478 -60.81 -0.82 -42.59
CA ALA D 478 -61.61 -1.08 -43.78
C ALA D 478 -63.09 -0.91 -43.50
N ARG D 479 -63.54 -1.33 -42.31
CA ARG D 479 -64.94 -1.13 -41.95
C ARG D 479 -65.28 0.34 -41.82
N GLN D 480 -64.39 1.13 -41.23
CA GLN D 480 -64.62 2.57 -41.13
C GLN D 480 -64.67 3.22 -42.51
N VAL D 481 -63.80 2.78 -43.42
CA VAL D 481 -63.84 3.33 -44.77
C VAL D 481 -65.15 2.94 -45.48
N LYS D 482 -65.57 1.69 -45.32
CA LYS D 482 -66.75 1.19 -46.03
C LYS D 482 -67.99 1.96 -45.61
N GLU D 483 -68.38 1.83 -44.35
CA GLU D 483 -69.49 2.60 -43.81
C GLU D 483 -68.93 3.78 -43.03
N MET D 484 -69.43 4.98 -43.35
CA MET D 484 -68.89 6.19 -42.75
C MET D 484 -69.26 6.20 -41.28
N ASN D 485 -68.33 5.78 -40.43
CA ASN D 485 -68.59 5.65 -39.00
C ASN D 485 -67.27 5.72 -38.24
N PRO D 486 -66.88 6.90 -37.78
CA PRO D 486 -65.59 7.03 -37.09
C PRO D 486 -65.62 6.53 -35.65
N ALA D 487 -66.69 5.80 -35.30
CA ALA D 487 -66.85 5.28 -33.95
C ALA D 487 -66.42 3.82 -33.81
N LEU D 488 -65.89 3.21 -34.87
CA LEU D 488 -65.50 1.81 -34.84
C LEU D 488 -64.07 1.70 -34.31
N GLY D 489 -63.89 0.93 -33.24
CA GLY D 489 -62.59 0.77 -32.64
C GLY D 489 -62.20 -0.67 -32.37
N ILE D 490 -61.31 -0.88 -31.41
CA ILE D 490 -60.77 -2.20 -31.11
C ILE D 490 -61.55 -2.78 -29.93
N ASP D 491 -62.21 -3.91 -30.15
CA ASP D 491 -63.00 -4.55 -29.12
C ASP D 491 -62.10 -5.23 -28.09
N CYS D 492 -61.64 -4.47 -27.10
CA CYS D 492 -60.70 -5.01 -26.13
C CYS D 492 -61.37 -6.01 -25.19
N LEU D 493 -62.62 -5.75 -24.80
CA LEU D 493 -63.31 -6.60 -23.86
C LEU D 493 -64.08 -7.74 -24.52
N HIS D 494 -63.98 -7.87 -25.84
CA HIS D 494 -64.63 -8.96 -26.57
C HIS D 494 -66.13 -8.99 -26.32
N LYS D 495 -66.75 -7.82 -26.39
CA LYS D 495 -68.19 -7.71 -26.19
C LYS D 495 -69.00 -8.12 -27.42
N GLY D 496 -68.33 -8.38 -28.54
CA GLY D 496 -69.00 -8.82 -29.74
C GLY D 496 -69.22 -7.74 -30.79
N THR D 497 -69.00 -6.47 -30.44
CA THR D 497 -69.20 -5.37 -31.38
C THR D 497 -68.00 -4.44 -31.35
N ASN D 498 -67.72 -3.83 -32.50
CA ASN D 498 -66.67 -2.84 -32.62
C ASN D 498 -67.17 -1.42 -32.52
N ASP D 499 -68.48 -1.22 -32.35
CA ASP D 499 -69.06 0.11 -32.28
C ASP D 499 -68.82 0.67 -30.88
N MET D 500 -67.88 1.61 -30.76
CA MET D 500 -67.58 2.19 -29.47
C MET D 500 -68.65 3.14 -28.98
N LYS D 501 -69.43 3.72 -29.90
CA LYS D 501 -70.57 4.55 -29.49
C LYS D 501 -71.59 3.72 -28.72
N GLN D 502 -71.88 2.51 -29.21
CA GLN D 502 -72.79 1.63 -28.50
C GLN D 502 -72.13 1.06 -27.24
N GLN D 503 -70.82 0.83 -27.29
CA GLN D 503 -70.11 0.27 -26.14
C GLN D 503 -69.87 1.28 -25.04
N HIS D 504 -70.22 2.55 -25.25
CA HIS D 504 -70.07 3.61 -24.24
C HIS D 504 -68.62 3.79 -23.84
N VAL D 505 -67.73 3.79 -24.83
CA VAL D 505 -66.32 4.10 -24.64
C VAL D 505 -66.15 5.56 -25.05
N ILE D 506 -66.00 6.44 -24.07
CA ILE D 506 -66.00 7.88 -24.29
C ILE D 506 -64.72 8.46 -23.72
N GLU D 507 -64.12 9.40 -24.46
CA GLU D 507 -62.99 10.15 -23.95
C GLU D 507 -63.05 11.57 -24.48
N THR D 508 -62.48 12.50 -23.71
CA THR D 508 -62.63 13.92 -24.00
C THR D 508 -61.89 14.30 -25.27
N LEU D 509 -62.50 15.21 -26.05
CA LEU D 509 -61.83 15.75 -27.23
C LEU D 509 -60.58 16.53 -26.85
N ILE D 510 -60.67 17.31 -25.77
CA ILE D 510 -59.52 18.09 -25.32
C ILE D 510 -58.35 17.19 -25.00
N GLY D 511 -58.63 16.03 -24.38
CA GLY D 511 -57.55 15.10 -24.06
C GLY D 511 -56.82 14.61 -25.30
N LYS D 512 -57.56 14.23 -26.33
CA LYS D 512 -56.94 13.74 -27.55
C LYS D 512 -56.17 14.85 -28.27
N LYS D 513 -56.76 16.04 -28.33
CA LYS D 513 -56.05 17.16 -28.96
C LYS D 513 -54.76 17.46 -28.22
N GLN D 514 -54.79 17.45 -26.89
CA GLN D 514 -53.57 17.67 -26.12
C GLN D 514 -52.56 16.57 -26.34
N GLN D 515 -53.02 15.32 -26.42
CA GLN D 515 -52.12 14.21 -26.70
C GLN D 515 -51.37 14.45 -28.01
N ILE D 516 -52.12 14.72 -29.08
CA ILE D 516 -51.51 14.90 -30.39
C ILE D 516 -50.56 16.09 -30.38
N SER D 517 -51.00 17.20 -29.80
CA SER D 517 -50.18 18.41 -29.79
C SER D 517 -48.88 18.19 -29.03
N LEU D 518 -48.98 17.67 -27.81
CA LEU D 518 -47.80 17.46 -26.99
C LEU D 518 -46.83 16.50 -27.65
N ALA D 519 -47.34 15.38 -28.18
CA ALA D 519 -46.46 14.42 -28.84
C ALA D 519 -45.76 15.04 -30.03
N THR D 520 -46.50 15.80 -30.85
CA THR D 520 -45.89 16.40 -32.03
C THR D 520 -44.83 17.42 -31.66
N GLN D 521 -45.11 18.28 -30.68
CA GLN D 521 -44.13 19.30 -30.29
C GLN D 521 -42.88 18.66 -29.70
N MET D 522 -43.05 17.65 -28.84
CA MET D 522 -41.87 17.00 -28.26
C MET D 522 -41.08 16.24 -29.31
N VAL D 523 -41.75 15.62 -30.27
CA VAL D 523 -41.05 14.93 -31.34
C VAL D 523 -40.26 15.93 -32.17
N ARG D 524 -40.85 17.08 -32.47
CA ARG D 524 -40.12 18.11 -33.19
C ARG D 524 -38.88 18.57 -32.42
N MET D 525 -39.04 18.80 -31.12
CA MET D 525 -37.92 19.26 -30.31
C MET D 525 -36.80 18.22 -30.27
N ILE D 526 -37.17 16.94 -30.14
CA ILE D 526 -36.16 15.88 -30.13
C ILE D 526 -35.48 15.77 -31.48
N LEU D 527 -36.25 15.91 -32.57
CA LEU D 527 -35.66 15.84 -33.91
C LEU D 527 -34.72 17.00 -34.16
N LYS D 528 -34.95 18.15 -33.56
CA LYS D 528 -34.12 19.31 -33.84
C LYS D 528 -32.75 19.25 -33.18
N ILE D 529 -32.51 18.28 -32.30
CA ILE D 529 -31.25 18.17 -31.57
C ILE D 529 -30.29 17.29 -32.36
N ASP D 530 -29.08 17.80 -32.61
CA ASP D 530 -28.07 17.04 -33.33
C ASP D 530 -26.71 17.04 -32.64
N ASP D 531 -26.65 17.45 -31.37
CA ASP D 531 -25.38 17.51 -30.65
C ASP D 531 -25.62 17.23 -29.18
N ILE D 532 -24.77 16.39 -28.59
CA ILE D 532 -24.82 16.05 -27.18
C ILE D 532 -23.42 16.26 -26.62
N ARG D 533 -23.35 16.87 -25.44
CA ARG D 533 -22.06 17.25 -24.84
C ARG D 533 -22.03 16.87 -23.36
N LYS D 534 -22.37 15.63 -23.05
CA LYS D 534 -22.28 15.16 -21.67
C LYS D 534 -20.82 15.21 -21.20
N PRO D 535 -20.60 15.50 -19.91
CA PRO D 535 -19.24 15.49 -19.36
C PRO D 535 -18.65 14.08 -19.32
N GLY E 1 -7.25 -14.12 17.05
CA GLY E 1 -7.35 -13.35 18.27
C GLY E 1 -6.68 -14.01 19.45
N HIS E 2 -7.48 -14.42 20.43
CA HIS E 2 -7.02 -15.10 21.64
C HIS E 2 -5.98 -14.25 22.39
N ARG E 3 -6.46 -13.13 22.89
CA ARG E 3 -5.61 -12.21 23.65
C ARG E 3 -4.99 -12.95 24.84
N PRO E 4 -3.68 -12.85 25.03
CA PRO E 4 -3.03 -13.65 26.07
C PRO E 4 -3.42 -13.19 27.47
N VAL E 5 -3.35 -14.14 28.40
CA VAL E 5 -3.58 -13.88 29.82
C VAL E 5 -2.23 -13.80 30.52
N LEU E 6 -2.05 -12.77 31.35
CA LEU E 6 -0.79 -12.55 32.03
C LEU E 6 -1.03 -11.66 33.24
N VAL E 7 -0.23 -11.89 34.29
CA VAL E 7 -0.52 -11.32 35.60
C VAL E 7 -0.34 -9.80 35.58
N LEU E 8 0.75 -9.31 34.99
CA LEU E 8 1.00 -7.88 34.91
C LEU E 8 0.71 -7.40 33.50
N SER E 9 0.44 -6.10 33.38
CA SER E 9 0.13 -5.54 32.08
C SER E 9 1.34 -5.66 31.15
N GLN E 10 1.07 -5.49 29.85
CA GLN E 10 2.13 -5.54 28.87
C GLN E 10 3.09 -4.36 29.08
N ASN E 11 4.16 -4.35 28.28
CA ASN E 11 5.23 -3.35 28.35
C ASN E 11 5.64 -3.04 29.77
N THR E 12 5.68 -4.07 30.64
CA THR E 12 6.12 -3.93 32.02
C THR E 12 7.40 -4.76 32.18
N LYS E 13 8.52 -4.08 32.34
CA LYS E 13 9.81 -4.74 32.50
C LYS E 13 10.17 -4.82 33.97
N ARG E 14 11.13 -5.69 34.28
CA ARG E 14 11.59 -5.86 35.65
C ARG E 14 12.99 -6.43 35.65
N GLU E 15 13.90 -5.78 36.37
CA GLU E 15 15.25 -6.25 36.58
C GLU E 15 15.45 -6.56 38.06
N SER E 16 16.49 -7.33 38.36
CA SER E 16 16.71 -7.76 39.74
C SER E 16 18.17 -8.16 39.92
N GLY E 17 18.57 -8.26 41.18
CA GLY E 17 19.86 -8.83 41.51
C GLY E 17 21.01 -7.84 41.37
N ARG E 18 22.20 -8.41 41.14
CA ARG E 18 23.42 -7.63 41.03
C ARG E 18 23.39 -6.68 39.84
N LYS E 19 22.64 -7.03 38.79
CA LYS E 19 22.59 -6.17 37.61
C LYS E 19 22.05 -4.79 37.95
N VAL E 20 21.01 -4.73 38.79
CA VAL E 20 20.40 -3.45 39.14
C VAL E 20 21.40 -2.59 39.91
N GLN E 21 22.10 -3.18 40.88
CA GLN E 21 23.08 -2.43 41.66
C GLN E 21 24.21 -1.93 40.78
N SER E 22 24.72 -2.79 39.90
CA SER E 22 25.80 -2.38 39.01
C SER E 22 25.34 -1.26 38.08
N GLY E 23 24.12 -1.36 37.56
CA GLY E 23 23.61 -0.31 36.69
C GLY E 23 23.44 1.01 37.41
N ASN E 24 22.93 0.97 38.64
CA ASN E 24 22.78 2.21 39.41
C ASN E 24 24.13 2.86 39.69
N ILE E 25 25.11 2.05 40.10
CA ILE E 25 26.43 2.60 40.39
C ILE E 25 27.09 3.13 39.12
N ASN E 26 26.88 2.45 38.00
CA ASN E 26 27.45 2.94 36.73
C ASN E 26 26.79 4.24 36.30
N ALA E 27 25.48 4.37 36.49
CA ALA E 27 24.81 5.62 36.16
C ALA E 27 25.33 6.77 37.02
N ALA E 28 25.51 6.52 38.32
CA ALA E 28 26.07 7.55 39.18
C ALA E 28 27.49 7.93 38.76
N LYS E 29 28.31 6.94 38.42
CA LYS E 29 29.67 7.22 37.98
C LYS E 29 29.68 8.01 36.69
N THR E 30 28.77 7.70 35.77
CA THR E 30 28.68 8.45 34.52
C THR E 30 28.28 9.90 34.77
N ILE E 31 27.30 10.11 35.66
CA ILE E 31 26.92 11.48 36.02
C ILE E 31 28.10 12.22 36.59
N ALA E 32 28.88 11.57 37.46
CA ALA E 32 30.07 12.21 38.01
C ALA E 32 31.06 12.54 36.91
N ASP E 33 31.27 11.62 35.97
CA ASP E 33 32.23 11.82 34.89
C ASP E 33 31.83 12.97 33.98
N ILE E 34 30.53 13.26 33.88
CA ILE E 34 30.09 14.36 33.03
C ILE E 34 30.74 15.68 33.45
N ILE E 35 30.78 15.95 34.75
CA ILE E 35 31.23 17.24 35.24
C ILE E 35 32.49 17.11 36.10
N ARG E 36 33.18 15.97 36.03
CA ARG E 36 34.44 15.83 36.78
C ARG E 36 35.43 16.92 36.41
N THR E 37 35.58 17.22 35.12
CA THR E 37 36.58 18.16 34.66
C THR E 37 36.18 19.62 34.85
N CYS E 38 35.15 19.90 35.64
CA CYS E 38 34.69 21.26 35.90
C CYS E 38 34.84 21.62 37.37
N LEU E 39 35.98 21.23 37.95
CA LEU E 39 36.24 21.45 39.37
C LEU E 39 37.55 22.18 39.55
N GLY E 40 37.55 23.18 40.43
CA GLY E 40 38.76 23.86 40.80
C GLY E 40 38.98 25.17 40.04
N PRO E 41 40.04 25.89 40.40
CA PRO E 41 40.33 27.17 39.74
C PRO E 41 40.73 27.03 38.28
N LYS E 42 41.10 25.83 37.83
CA LYS E 42 41.50 25.61 36.45
C LYS E 42 40.44 24.88 35.65
N SER E 43 39.18 25.03 36.02
CA SER E 43 38.10 24.34 35.33
C SER E 43 37.91 24.90 33.93
N MET E 44 37.40 24.06 33.04
CA MET E 44 37.14 24.42 31.66
C MET E 44 35.65 24.56 31.43
N MET E 45 35.25 25.58 30.68
CA MET E 45 33.84 25.87 30.48
C MET E 45 33.19 24.83 29.58
N LYS E 46 31.86 24.80 29.61
CA LYS E 46 31.08 23.89 28.79
C LYS E 46 29.98 24.68 28.08
N MET E 47 29.65 24.25 26.87
CA MET E 47 28.62 24.88 26.06
C MET E 47 27.42 23.96 25.98
N LEU E 48 26.35 24.30 26.67
CA LEU E 48 25.12 23.54 26.65
C LEU E 48 24.14 24.15 25.65
N LEU E 49 23.35 23.29 25.02
CA LEU E 49 22.42 23.72 23.98
C LEU E 49 20.99 23.52 24.49
N ASP E 50 20.28 24.61 24.69
CA ASP E 50 18.88 24.56 25.12
C ASP E 50 18.04 23.99 23.99
N PRO E 51 17.12 23.07 24.28
CA PRO E 51 16.18 22.62 23.23
C PRO E 51 15.39 23.74 22.60
N MET E 52 15.12 24.82 23.32
CA MET E 52 14.41 25.96 22.79
C MET E 52 15.26 26.84 21.89
N GLY E 53 16.52 26.47 21.65
CA GLY E 53 17.41 27.23 20.78
C GLY E 53 18.45 28.05 21.50
N GLY E 54 18.38 28.16 22.82
CA GLY E 54 19.35 28.94 23.56
C GLY E 54 20.67 28.22 23.74
N ILE E 55 21.65 28.95 24.22
CA ILE E 55 22.99 28.44 24.50
C ILE E 55 23.37 28.82 25.91
N VAL E 56 23.88 27.86 26.67
CA VAL E 56 24.29 28.08 28.04
C VAL E 56 25.78 27.75 28.12
N MET E 57 26.62 28.79 28.22
CA MET E 57 28.05 28.61 28.44
C MET E 57 28.28 28.73 29.93
N THR E 58 28.43 27.59 30.60
CA THR E 58 28.45 27.60 32.06
C THR E 58 29.58 26.71 32.58
N ASN E 59 30.04 27.05 33.79
CA ASN E 59 30.98 26.24 34.53
C ASN E 59 30.36 25.66 35.79
N ASP E 60 29.19 26.13 36.19
CA ASP E 60 28.50 25.62 37.37
C ASP E 60 28.04 24.19 37.13
N GLY E 61 28.26 23.32 38.12
CA GLY E 61 27.86 21.94 37.96
C GLY E 61 26.36 21.75 37.90
N ASN E 62 25.63 22.49 38.74
CA ASN E 62 24.18 22.34 38.77
C ASN E 62 23.54 22.75 37.46
N ALA E 63 24.03 23.83 36.85
CA ALA E 63 23.48 24.26 35.56
C ALA E 63 23.70 23.20 34.49
N ILE E 64 24.91 22.62 34.45
CA ILE E 64 25.20 21.58 33.48
C ILE E 64 24.28 20.39 33.69
N LEU E 65 24.11 19.97 34.94
CA LEU E 65 23.31 18.78 35.20
C LEU E 65 21.83 19.02 34.92
N ARG E 66 21.32 20.21 35.25
CA ARG E 66 19.93 20.51 35.00
C ARG E 66 19.65 20.84 33.55
N GLU E 67 20.68 21.05 32.73
CA GLU E 67 20.47 21.34 31.32
C GLU E 67 20.49 20.08 30.45
N ILE E 68 20.62 18.90 31.04
CA ILE E 68 20.64 17.66 30.27
C ILE E 68 19.48 16.79 30.71
N GLN E 69 19.08 15.87 29.82
CA GLN E 69 17.99 14.95 30.06
C GLN E 69 18.52 13.52 30.02
N VAL E 70 18.20 12.75 31.05
CA VAL E 70 18.69 11.38 31.19
C VAL E 70 17.51 10.45 31.40
N GLN E 71 17.73 9.18 31.06
CA GLN E 71 16.69 8.16 31.17
C GLN E 71 16.86 7.24 32.38
N HIS E 72 18.09 6.95 32.78
CA HIS E 72 18.29 6.07 33.92
C HIS E 72 17.89 6.79 35.20
N PRO E 73 16.99 6.22 36.00
CA PRO E 73 16.50 6.95 37.19
C PRO E 73 17.57 7.25 38.22
N ALA E 74 18.65 6.47 38.28
CA ALA E 74 19.75 6.81 39.18
C ALA E 74 20.39 8.13 38.79
N ALA E 75 20.53 8.37 37.49
CA ALA E 75 21.01 9.67 37.04
C ALA E 75 20.03 10.77 37.43
N LYS E 76 18.74 10.47 37.40
CA LYS E 76 17.75 11.45 37.86
C LYS E 76 17.94 11.76 39.34
N SER E 77 18.22 10.75 40.14
CA SER E 77 18.49 11.00 41.56
C SER E 77 19.73 11.86 41.75
N MET E 78 20.78 11.60 40.95
CA MET E 78 21.98 12.43 41.03
C MET E 78 21.70 13.87 40.66
N ILE E 79 20.92 14.10 39.60
CA ILE E 79 20.56 15.46 39.23
C ILE E 79 19.74 16.11 40.34
N GLU E 80 18.86 15.35 40.98
CA GLU E 80 18.05 15.89 42.07
C GLU E 80 18.92 16.30 43.25
N ILE E 81 19.93 15.49 43.60
CA ILE E 81 20.77 15.89 44.73
C ILE E 81 21.62 17.08 44.36
N SER E 82 22.03 17.19 43.08
CA SER E 82 22.75 18.39 42.66
C SER E 82 21.89 19.63 42.83
N ARG E 83 20.61 19.55 42.43
CA ARG E 83 19.70 20.67 42.61
C ARG E 83 19.50 20.98 44.09
N THR E 84 19.40 19.95 44.92
CA THR E 84 19.24 20.16 46.36
C THR E 84 20.44 20.90 46.93
N GLN E 85 21.66 20.48 46.56
CA GLN E 85 22.85 21.14 47.05
C GLN E 85 22.89 22.59 46.57
N ASP E 86 22.51 22.84 45.32
CA ASP E 86 22.49 24.21 44.83
C ASP E 86 21.49 25.07 45.59
N GLU E 87 20.30 24.54 45.86
CA GLU E 87 19.26 25.32 46.51
C GLU E 87 19.46 25.45 48.02
N GLU E 88 20.31 24.63 48.62
CA GLU E 88 20.46 24.65 50.08
C GLU E 88 21.56 25.60 50.53
N VAL E 89 22.76 25.49 49.97
CA VAL E 89 23.89 26.29 50.44
C VAL E 89 24.37 27.24 49.35
N GLY E 90 24.19 26.87 48.10
CA GLY E 90 24.56 27.77 47.01
C GLY E 90 25.64 27.25 46.08
N ASP E 91 26.67 26.62 46.62
CA ASP E 91 27.73 26.03 45.80
C ASP E 91 28.04 24.64 46.33
N GLY E 92 29.07 24.02 45.76
CA GLY E 92 29.42 22.66 46.10
C GLY E 92 28.69 21.62 45.29
N THR E 93 28.13 21.99 44.13
CA THR E 93 27.31 21.05 43.37
C THR E 93 28.16 19.97 42.70
N THR E 94 29.14 20.39 41.90
CA THR E 94 30.00 19.40 41.26
C THR E 94 30.82 18.63 42.29
N SER E 95 31.17 19.27 43.40
CA SER E 95 31.89 18.57 44.47
C SER E 95 31.04 17.45 45.05
N VAL E 96 29.77 17.75 45.36
CA VAL E 96 28.92 16.72 45.95
C VAL E 96 28.62 15.63 44.94
N ILE E 97 28.47 15.97 43.66
CA ILE E 97 28.24 14.94 42.65
C ILE E 97 29.44 14.01 42.56
N ILE E 98 30.65 14.57 42.53
CA ILE E 98 31.86 13.76 42.46
C ILE E 98 31.98 12.88 43.70
N LEU E 99 31.69 13.45 44.89
CA LEU E 99 31.79 12.68 46.11
C LEU E 99 30.82 11.51 46.13
N ALA E 100 29.57 11.76 45.73
CA ALA E 100 28.57 10.68 45.69
C ALA E 100 28.98 9.59 44.71
N GLY E 101 29.46 10.00 43.53
CA GLY E 101 29.91 9.01 42.56
C GLY E 101 31.04 8.15 43.09
N GLU E 102 32.01 8.79 43.75
CA GLU E 102 33.15 8.04 44.30
C GLU E 102 32.69 7.09 45.41
N MET E 103 31.79 7.54 46.28
CA MET E 103 31.31 6.68 47.36
C MET E 103 30.57 5.47 46.81
N LEU E 104 29.72 5.67 45.81
CA LEU E 104 29.04 4.52 45.21
C LEU E 104 30.03 3.60 44.51
N SER E 105 31.03 4.17 43.85
CA SER E 105 32.04 3.35 43.18
C SER E 105 32.78 2.47 44.16
N VAL E 106 33.15 3.02 45.32
CA VAL E 106 33.86 2.20 46.30
C VAL E 106 32.93 1.22 47.02
N ALA E 107 31.62 1.52 47.10
CA ALA E 107 30.69 0.56 47.70
C ALA E 107 30.41 -0.61 46.76
N GLU E 108 30.56 -0.39 45.45
CA GLU E 108 30.34 -1.48 44.49
C GLU E 108 31.25 -2.67 44.79
N HIS E 109 32.47 -2.40 45.24
CA HIS E 109 33.41 -3.48 45.57
C HIS E 109 32.85 -4.38 46.66
N PHE E 110 32.40 -3.79 47.77
CA PHE E 110 31.86 -4.59 48.85
C PHE E 110 30.56 -5.27 48.45
N LEU E 111 29.75 -4.63 47.60
CA LEU E 111 28.58 -5.33 47.09
C LEU E 111 28.97 -6.58 46.32
N GLU E 112 30.02 -6.49 45.51
CA GLU E 112 30.50 -7.65 44.77
C GLU E 112 31.19 -8.67 45.67
N GLN E 113 31.59 -8.27 46.87
CA GLN E 113 32.34 -9.16 47.77
C GLN E 113 31.46 -9.84 48.80
N GLN E 114 30.24 -10.24 48.44
CA GLN E 114 29.36 -11.03 49.29
C GLN E 114 28.99 -10.29 50.58
N MET E 115 28.80 -8.99 50.48
CA MET E 115 28.50 -8.17 51.65
C MET E 115 27.16 -7.48 51.44
N HIS E 116 26.26 -7.63 52.41
CA HIS E 116 24.91 -7.11 52.27
C HIS E 116 24.93 -5.58 52.29
N PRO E 117 24.08 -4.93 51.50
CA PRO E 117 24.08 -3.45 51.48
C PRO E 117 23.78 -2.80 52.81
N THR E 118 23.03 -3.46 53.70
CA THR E 118 22.65 -2.83 54.96
C THR E 118 23.87 -2.57 55.84
N VAL E 119 24.82 -3.51 55.86
CA VAL E 119 26.02 -3.31 56.66
C VAL E 119 26.84 -2.14 56.08
N VAL E 120 26.92 -2.06 54.76
CA VAL E 120 27.61 -0.94 54.12
C VAL E 120 26.94 0.37 54.49
N ILE E 121 25.60 0.39 54.52
CA ILE E 121 24.88 1.61 54.87
C ILE E 121 25.15 2.01 56.31
N SER E 122 25.15 1.03 57.22
CA SER E 122 25.46 1.34 58.62
C SER E 122 26.86 1.92 58.75
N ALA E 123 27.83 1.32 58.07
CA ALA E 123 29.20 1.83 58.12
C ALA E 123 29.27 3.24 57.53
N TYR E 124 28.54 3.49 56.44
CA TYR E 124 28.53 4.81 55.84
C TYR E 124 27.95 5.84 56.79
N ARG E 125 26.88 5.49 57.51
CA ARG E 125 26.28 6.44 58.44
C ARG E 125 27.20 6.73 59.61
N LYS E 126 27.86 5.71 60.15
CA LYS E 126 28.85 5.94 61.20
C LYS E 126 29.97 6.84 60.70
N ALA E 127 30.45 6.58 59.48
CA ALA E 127 31.49 7.41 58.91
C ALA E 127 31.03 8.85 58.73
N LEU E 128 29.77 9.04 58.32
CA LEU E 128 29.26 10.40 58.16
C LEU E 128 29.20 11.13 59.48
N ASP E 129 28.78 10.45 60.55
CA ASP E 129 28.78 11.09 61.86
C ASP E 129 30.19 11.50 62.26
N ASP E 130 31.17 10.62 62.02
CA ASP E 130 32.54 10.97 62.38
C ASP E 130 33.09 12.09 61.51
N MET E 131 32.69 12.15 60.23
CA MET E 131 33.08 13.26 59.38
C MET E 131 32.52 14.57 59.89
N ILE E 132 31.26 14.57 60.33
CA ILE E 132 30.66 15.78 60.89
C ILE E 132 31.44 16.21 62.12
N SER E 133 31.76 15.26 63.00
CA SER E 133 32.52 15.59 64.20
C SER E 133 33.88 16.20 63.85
N THR E 134 34.59 15.59 62.90
CA THR E 134 35.92 16.08 62.54
C THR E 134 35.84 17.46 61.89
N LEU E 135 34.87 17.67 61.01
CA LEU E 135 34.72 18.97 60.37
C LEU E 135 34.42 20.06 61.39
N LYS E 136 33.55 19.75 62.36
CA LYS E 136 33.29 20.73 63.41
C LYS E 136 34.51 20.93 64.29
N LYS E 137 35.38 19.93 64.40
CA LYS E 137 36.57 20.07 65.23
C LYS E 137 37.63 20.95 64.57
N ILE E 138 37.83 20.82 63.26
CA ILE E 138 38.94 21.52 62.60
C ILE E 138 38.51 22.89 62.12
N SER E 139 37.29 23.30 62.43
CA SER E 139 36.80 24.59 61.97
C SER E 139 37.49 25.72 62.74
N ILE E 140 37.37 26.93 62.21
CA ILE E 140 37.93 28.13 62.85
C ILE E 140 36.88 29.23 62.89
N PRO E 141 36.85 30.03 63.95
CA PRO E 141 35.88 31.13 64.03
C PRO E 141 36.27 32.30 63.15
N VAL E 142 35.27 33.07 62.77
CA VAL E 142 35.46 34.27 61.94
C VAL E 142 34.56 35.38 62.47
N ASP E 143 35.12 36.57 62.64
CA ASP E 143 34.34 37.74 63.02
C ASP E 143 33.81 38.41 61.76
N ILE E 144 32.48 38.47 61.65
CA ILE E 144 31.84 39.00 60.44
C ILE E 144 31.98 40.51 60.30
N SER E 145 32.47 41.19 61.34
CA SER E 145 32.67 42.63 61.25
C SER E 145 33.88 43.01 60.41
N ASP E 146 34.80 42.09 60.19
CA ASP E 146 36.00 42.36 59.40
C ASP E 146 35.65 42.21 57.92
N SER E 147 35.60 43.34 57.20
CA SER E 147 35.23 43.32 55.80
C SER E 147 36.28 42.64 54.93
N ASP E 148 37.56 42.79 55.29
CA ASP E 148 38.62 42.20 54.47
C ASP E 148 38.52 40.68 54.46
N MET E 149 38.28 40.07 55.62
CA MET E 149 38.15 38.61 55.67
C MET E 149 36.93 38.14 54.90
N MET E 150 35.82 38.89 54.98
CA MET E 150 34.63 38.53 54.22
C MET E 150 34.90 38.59 52.72
N LEU E 151 35.59 39.64 52.27
CA LEU E 151 35.94 39.73 50.85
C LEU E 151 36.85 38.60 50.45
N ASN E 152 37.80 38.22 51.32
CA ASN E 152 38.68 37.10 51.00
C ASN E 152 37.90 35.79 50.90
N ILE E 153 36.92 35.60 51.76
CA ILE E 153 36.09 34.39 51.69
C ILE E 153 35.33 34.34 50.37
N ILE E 154 34.72 35.45 50.00
CA ILE E 154 33.98 35.49 48.73
C ILE E 154 34.92 35.26 47.56
N ASN E 155 36.14 35.80 47.63
CA ASN E 155 37.12 35.57 46.59
C ASN E 155 37.45 34.08 46.48
N SER E 156 37.76 33.45 47.60
CA SER E 156 38.02 32.01 47.60
C SER E 156 36.83 31.24 47.02
N SER E 157 35.62 31.78 47.20
CA SER E 157 34.46 31.15 46.58
C SER E 157 34.47 31.31 45.07
N ILE E 158 34.92 32.47 44.56
CA ILE E 158 34.76 32.78 43.14
C ILE E 158 36.06 32.70 42.36
N THR E 159 37.13 32.17 42.95
CA THR E 159 38.34 31.98 42.16
C THR E 159 38.20 30.86 41.14
N THR E 160 37.24 29.97 41.31
CA THR E 160 37.04 28.85 40.40
C THR E 160 36.06 29.16 39.27
N LYS E 161 35.49 30.35 39.24
CA LYS E 161 34.51 30.72 38.23
C LYS E 161 35.17 31.54 37.12
N ALA E 162 34.35 32.02 36.20
CA ALA E 162 34.82 32.83 35.09
C ALA E 162 34.97 34.30 35.48
N ILE E 163 34.61 34.67 36.71
CA ILE E 163 34.69 36.05 37.16
C ILE E 163 35.96 36.29 37.99
N SER E 164 36.86 35.32 38.05
CA SER E 164 38.10 35.50 38.80
C SER E 164 38.93 36.66 38.29
N ARG E 165 38.74 37.06 37.03
CA ARG E 165 39.47 38.20 36.49
C ARG E 165 39.11 39.48 37.21
N TRP E 166 37.82 39.69 37.49
CA TRP E 166 37.35 40.86 38.20
C TRP E 166 36.91 40.51 39.62
N SER E 167 37.46 39.42 40.16
CA SER E 167 37.19 38.96 41.52
C SER E 167 37.03 40.07 42.56
N SER E 168 37.90 41.08 42.53
CA SER E 168 37.80 42.13 43.55
C SER E 168 36.49 42.89 43.43
N LEU E 169 36.16 43.35 42.22
CA LEU E 169 34.90 44.06 42.01
C LEU E 169 33.71 43.15 42.31
N ALA E 170 33.79 41.90 41.89
CA ALA E 170 32.69 40.96 42.14
C ALA E 170 32.46 40.74 43.63
N CYS E 171 33.55 40.59 44.39
CA CYS E 171 33.43 40.41 45.84
C CYS E 171 32.84 41.65 46.50
N ASN E 172 33.30 42.83 46.08
CA ASN E 172 32.74 44.05 46.66
C ASN E 172 31.25 44.15 46.36
N ILE E 173 30.84 43.85 45.13
CA ILE E 173 29.43 43.91 44.76
C ILE E 173 28.62 42.92 45.60
N ALA E 174 29.09 41.68 45.69
CA ALA E 174 28.34 40.67 46.41
C ALA E 174 28.22 41.00 47.89
N LEU E 175 29.33 41.42 48.51
CA LEU E 175 29.29 41.75 49.93
C LEU E 175 28.36 42.93 50.18
N ASP E 176 28.45 43.98 49.35
CA ASP E 176 27.58 45.13 49.55
C ASP E 176 26.12 44.76 49.39
N ALA E 177 25.79 43.97 48.37
CA ALA E 177 24.40 43.59 48.15
C ALA E 177 23.87 42.76 49.31
N VAL E 178 24.66 41.78 49.78
CA VAL E 178 24.17 40.92 50.87
C VAL E 178 24.02 41.73 52.15
N LYS E 179 24.99 42.59 52.46
CA LYS E 179 24.89 43.41 53.67
C LYS E 179 23.70 44.35 53.60
N MET E 180 23.41 44.88 52.41
CA MET E 180 22.28 45.78 52.25
C MET E 180 20.96 45.04 52.41
N VAL E 181 20.88 43.81 51.87
CA VAL E 181 19.64 43.05 51.94
C VAL E 181 19.31 42.64 53.37
N GLN E 182 20.34 42.40 54.19
CA GLN E 182 20.13 41.93 55.56
C GLN E 182 19.20 42.86 56.33
N PHE E 183 18.18 42.28 56.95
CA PHE E 183 17.09 43.04 57.53
C PHE E 183 16.43 42.23 58.63
N GLU E 184 16.02 42.91 59.70
CA GLU E 184 15.41 42.26 60.84
C GLU E 184 14.12 42.98 61.22
N GLU E 185 13.07 42.21 61.47
CA GLU E 185 11.78 42.76 61.88
C GLU E 185 11.13 41.84 62.89
N ASN E 186 10.59 42.43 63.96
CA ASN E 186 9.91 41.70 65.03
C ASN E 186 10.80 40.62 65.64
N GLY E 187 12.10 40.89 65.74
CA GLY E 187 13.00 39.93 66.33
C GLY E 187 13.33 38.75 65.45
N ARG E 188 13.04 38.83 64.15
CA ARG E 188 13.32 37.75 63.22
C ARG E 188 14.35 38.21 62.21
N LYS E 189 15.57 37.70 62.33
CA LYS E 189 16.60 38.00 61.35
C LYS E 189 16.26 37.36 60.00
N GLU E 190 16.53 38.08 58.92
CA GLU E 190 16.17 37.60 57.59
C GLU E 190 17.16 38.13 56.58
N ILE E 191 17.62 37.25 55.68
CA ILE E 191 18.47 37.63 54.56
C ILE E 191 17.86 36.99 53.32
N ASP E 192 17.07 37.76 52.59
CA ASP E 192 16.33 37.26 51.43
C ASP E 192 16.90 37.91 50.17
N ILE E 193 17.86 37.22 49.54
CA ILE E 193 18.52 37.79 48.37
C ILE E 193 17.84 37.39 47.06
N LYS E 194 16.94 36.42 47.07
CA LYS E 194 16.23 36.08 45.85
C LYS E 194 15.03 36.99 45.59
N LYS E 195 14.59 37.76 46.60
CA LYS E 195 13.49 38.68 46.44
C LYS E 195 13.90 40.14 46.52
N TYR E 196 14.99 40.46 47.21
CA TYR E 196 15.39 41.84 47.44
C TYR E 196 16.81 42.14 46.96
N ALA E 197 17.43 41.23 46.23
CA ALA E 197 18.72 41.47 45.58
C ALA E 197 18.57 41.03 44.13
N ARG E 198 18.08 41.93 43.29
CA ARG E 198 17.79 41.63 41.90
C ARG E 198 19.01 41.90 41.03
N VAL E 199 19.25 41.03 40.07
CA VAL E 199 20.35 41.18 39.12
C VAL E 199 19.74 41.52 37.77
N GLU E 200 20.07 42.71 37.25
CA GLU E 200 19.57 43.17 35.96
C GLU E 200 20.75 43.25 35.00
N LYS E 201 20.59 42.61 33.84
CA LYS E 201 21.66 42.51 32.85
C LYS E 201 21.30 43.33 31.63
N ILE E 202 22.16 44.29 31.29
CA ILE E 202 22.00 45.07 30.07
C ILE E 202 23.21 44.80 29.19
N PRO E 203 23.06 44.03 28.10
CA PRO E 203 24.21 43.69 27.27
C PRO E 203 24.86 44.93 26.68
N GLY E 204 26.19 44.85 26.53
CA GLY E 204 26.98 45.96 26.03
C GLY E 204 27.82 46.57 27.13
N GLY E 205 28.56 47.61 26.73
CA GLY E 205 29.44 48.25 27.68
C GLY E 205 30.58 47.34 28.08
N ILE E 206 31.10 47.56 29.29
CA ILE E 206 32.19 46.77 29.83
C ILE E 206 31.78 46.23 31.19
N ILE E 207 32.42 45.13 31.59
CA ILE E 207 32.08 44.50 32.86
C ILE E 207 32.52 45.35 34.04
N GLU E 208 33.58 46.14 33.88
CA GLU E 208 34.04 46.98 34.98
C GLU E 208 33.06 48.08 35.32
N ASP E 209 32.14 48.40 34.42
CA ASP E 209 31.10 49.40 34.70
C ASP E 209 29.97 48.83 35.53
N SER E 210 29.88 47.52 35.68
CA SER E 210 28.82 46.92 36.48
C SER E 210 29.00 47.29 37.94
N CYS E 211 27.89 47.52 38.63
CA CYS E 211 27.93 47.96 40.02
C CYS E 211 26.61 47.61 40.68
N VAL E 212 26.61 47.66 42.00
CA VAL E 212 25.41 47.48 42.81
C VAL E 212 24.88 48.85 43.20
N LEU E 213 23.60 49.09 42.95
CA LEU E 213 23.00 50.38 43.18
C LEU E 213 22.46 50.48 44.61
N ARG E 214 22.49 51.70 45.15
CA ARG E 214 21.84 51.96 46.43
C ARG E 214 20.36 52.19 46.20
N GLY E 215 19.71 51.24 45.52
CA GLY E 215 18.33 51.40 45.10
C GLY E 215 17.94 50.33 44.12
N VAL E 216 17.00 50.67 43.25
CA VAL E 216 16.50 49.74 42.25
C VAL E 216 16.49 50.41 40.89
N MET E 217 16.47 49.58 39.85
CA MET E 217 16.38 50.04 38.47
C MET E 217 15.40 49.16 37.73
N ILE E 218 14.44 49.78 37.05
CA ILE E 218 13.42 49.06 36.30
C ILE E 218 13.35 49.60 34.89
N ASN E 219 12.93 48.75 33.96
CA ASN E 219 12.80 49.12 32.55
C ASN E 219 11.43 49.77 32.35
N LYS E 220 11.32 51.02 32.78
CA LYS E 220 10.07 51.75 32.69
C LYS E 220 10.36 53.20 32.33
N ASP E 221 9.34 53.85 31.76
CA ASP E 221 9.43 55.24 31.32
C ASP E 221 8.20 55.99 31.80
N VAL E 222 8.31 57.32 31.83
CA VAL E 222 7.19 58.14 32.25
C VAL E 222 6.01 57.95 31.29
N THR E 223 4.81 57.92 31.86
CA THR E 223 3.61 57.74 31.03
C THR E 223 3.44 58.90 30.07
N HIS E 224 3.68 60.13 30.53
CA HIS E 224 3.56 61.29 29.69
C HIS E 224 4.91 62.02 29.61
N PRO E 225 5.30 62.46 28.42
CA PRO E 225 6.63 63.10 28.28
C PRO E 225 6.80 64.38 29.08
N ARG E 226 5.71 65.07 29.41
CA ARG E 226 5.83 66.31 30.16
C ARG E 226 6.27 66.09 31.60
N MET E 227 6.12 64.87 32.12
CA MET E 227 6.54 64.56 33.48
C MET E 227 8.06 64.68 33.60
N ARG E 228 8.51 65.09 34.78
CA ARG E 228 9.94 65.23 35.03
C ARG E 228 10.63 63.89 34.99
N ARG E 229 11.81 63.85 34.37
CA ARG E 229 12.65 62.66 34.35
C ARG E 229 13.81 62.75 35.34
N TYR E 230 13.81 63.75 36.22
CA TYR E 230 14.92 63.94 37.15
C TYR E 230 14.38 64.72 38.35
N ILE E 231 14.22 64.04 39.48
CA ILE E 231 13.74 64.66 40.71
C ILE E 231 14.77 64.39 41.80
N LYS E 232 15.15 65.44 42.52
CA LYS E 232 16.27 65.34 43.44
C LYS E 232 15.91 64.49 44.66
N ASN E 233 14.94 64.91 45.45
CA ASN E 233 14.56 64.23 46.69
C ASN E 233 13.08 63.92 46.62
N PRO E 234 12.68 62.92 45.84
CA PRO E 234 11.26 62.65 45.62
C PRO E 234 10.60 61.99 46.82
N ARG E 235 9.32 62.27 46.96
CA ARG E 235 8.44 61.55 47.88
C ARG E 235 7.66 60.54 47.07
N ILE E 236 7.83 59.25 47.37
CA ILE E 236 7.33 58.17 46.53
C ILE E 236 6.06 57.61 47.14
N VAL E 237 5.04 57.43 46.31
CA VAL E 237 3.80 56.78 46.71
C VAL E 237 3.60 55.57 45.80
N LEU E 238 3.43 54.40 46.39
CA LEU E 238 3.29 53.16 45.65
C LEU E 238 1.84 52.69 45.67
N LEU E 239 1.39 52.15 44.55
CA LEU E 239 0.03 51.68 44.40
C LEU E 239 0.04 50.31 43.73
N ASP E 240 -1.02 49.54 43.99
CA ASP E 240 -1.23 48.29 43.27
C ASP E 240 -2.65 48.20 42.73
N SER E 241 -3.32 49.34 42.57
CA SER E 241 -4.67 49.40 42.06
C SER E 241 -4.74 50.37 40.89
N SER E 242 -5.64 50.09 39.96
CA SER E 242 -5.75 50.90 38.76
C SER E 242 -6.18 52.32 39.10
N LEU E 243 -5.67 53.29 38.33
CA LEU E 243 -6.14 54.66 38.39
C LEU E 243 -7.13 54.97 37.28
N GLU E 244 -7.94 54.00 36.90
CA GLU E 244 -8.91 54.11 35.82
C GLU E 244 -10.32 53.91 36.36
N TYR E 245 -11.29 53.96 35.46
CA TYR E 245 -12.68 53.70 35.80
C TYR E 245 -13.02 52.29 35.29
N LYS E 246 -13.26 51.38 36.23
CA LYS E 246 -13.54 49.99 35.92
C LYS E 246 -14.91 49.60 36.46
N LYS E 247 -15.52 48.60 35.82
CA LYS E 247 -16.80 48.09 36.27
C LYS E 247 -16.67 47.41 37.62
N GLY E 248 -17.73 47.51 38.42
CA GLY E 248 -17.78 46.82 39.68
C GLY E 248 -17.96 45.33 39.51
N GLU E 249 -17.79 44.59 40.62
CA GLU E 249 -17.89 43.15 40.57
C GLU E 249 -19.30 42.70 40.24
N SER E 250 -20.29 43.25 40.93
CA SER E 250 -21.67 42.87 40.71
C SER E 250 -22.17 43.35 39.36
N GLN E 251 -23.09 42.59 38.78
CA GLN E 251 -23.66 42.96 37.48
C GLN E 251 -24.51 44.21 37.64
N THR E 252 -24.13 45.29 36.94
CA THR E 252 -24.81 46.57 37.03
C THR E 252 -25.24 46.99 35.64
N ASP E 253 -26.51 47.35 35.50
CA ASP E 253 -27.05 47.85 34.25
C ASP E 253 -27.78 49.16 34.53
N ILE E 254 -27.46 50.18 33.76
CA ILE E 254 -28.11 51.47 33.89
C ILE E 254 -29.27 51.50 32.89
N GLU E 255 -30.22 52.40 33.14
CA GLU E 255 -31.34 52.61 32.24
C GLU E 255 -31.55 54.11 32.06
N ILE E 256 -31.43 54.59 30.83
CA ILE E 256 -31.48 56.02 30.53
C ILE E 256 -32.81 56.33 29.87
N THR E 257 -33.57 57.22 30.49
CA THR E 257 -34.80 57.73 29.91
C THR E 257 -34.79 59.25 29.75
N ARG E 258 -33.81 59.95 30.33
CA ARG E 258 -33.71 61.39 30.23
C ARG E 258 -32.53 61.77 29.35
N GLU E 259 -32.58 63.00 28.83
CA GLU E 259 -31.58 63.44 27.86
C GLU E 259 -30.19 63.57 28.49
N GLU E 260 -30.11 64.14 29.68
CA GLU E 260 -28.83 64.51 30.27
C GLU E 260 -28.15 63.40 31.05
N ASP E 261 -28.79 62.23 31.17
CA ASP E 261 -28.23 61.18 32.01
C ASP E 261 -26.95 60.60 31.45
N PHE E 262 -26.86 60.47 30.12
CA PHE E 262 -25.65 59.93 29.50
C PHE E 262 -24.45 60.83 29.76
N THR E 263 -24.59 62.12 29.43
CA THR E 263 -23.51 63.07 29.66
C THR E 263 -23.23 63.18 31.15
N ARG E 264 -24.26 63.09 31.99
CA ARG E 264 -24.03 63.12 33.42
C ARG E 264 -23.18 61.96 33.87
N ILE E 265 -23.45 60.76 33.35
CA ILE E 265 -22.68 59.59 33.74
C ILE E 265 -21.22 59.74 33.31
N LEU E 266 -21.00 60.22 32.10
CA LEU E 266 -19.61 60.44 31.65
C LEU E 266 -18.91 61.46 32.53
N GLN E 267 -19.62 62.53 32.90
CA GLN E 267 -19.04 63.53 33.78
C GLN E 267 -18.73 62.96 35.15
N MET E 268 -19.57 62.08 35.68
CA MET E 268 -19.25 61.47 36.98
C MET E 268 -18.06 60.52 36.86
N GLU E 269 -17.89 59.85 35.72
CA GLU E 269 -16.67 59.09 35.52
C GLU E 269 -15.44 59.98 35.63
N GLU E 270 -15.47 61.11 34.92
CA GLU E 270 -14.36 62.05 34.99
C GLU E 270 -14.15 62.57 36.41
N GLU E 271 -15.25 62.86 37.11
CA GLU E 271 -15.16 63.41 38.46
C GLU E 271 -14.62 62.38 39.44
N TYR E 272 -14.97 61.11 39.27
CA TYR E 272 -14.43 60.06 40.13
C TYR E 272 -12.93 59.92 39.91
N ILE E 273 -12.49 59.97 38.65
CA ILE E 273 -11.05 59.94 38.39
C ILE E 273 -10.37 61.13 39.04
N GLN E 274 -10.97 62.31 38.92
CA GLN E 274 -10.38 63.51 39.50
C GLN E 274 -10.30 63.41 41.02
N GLN E 275 -11.34 62.88 41.65
CA GLN E 275 -11.33 62.73 43.11
C GLN E 275 -10.26 61.75 43.55
N LEU E 276 -10.10 60.64 42.83
CA LEU E 276 -9.04 59.69 43.15
C LEU E 276 -7.67 60.35 43.05
N CYS E 277 -7.45 61.09 41.96
CA CYS E 277 -6.16 61.76 41.77
C CYS E 277 -5.93 62.82 42.84
N GLU E 278 -6.99 63.52 43.24
CA GLU E 278 -6.84 64.54 44.28
C GLU E 278 -6.54 63.91 45.63
N ASP E 279 -7.13 62.75 45.90
CA ASP E 279 -6.78 62.01 47.12
C ASP E 279 -5.31 61.62 47.10
N ILE E 280 -4.81 61.21 45.94
CA ILE E 280 -3.37 60.93 45.82
C ILE E 280 -2.56 62.19 46.08
N ILE E 281 -2.98 63.31 45.48
CA ILE E 281 -2.22 64.56 45.53
C ILE E 281 -2.19 65.13 46.95
N GLN E 282 -3.23 64.87 47.74
CA GLN E 282 -3.33 65.46 49.07
C GLN E 282 -2.10 65.17 49.93
N LEU E 283 -1.43 64.04 49.69
CA LEU E 283 -0.19 63.74 50.40
C LEU E 283 0.99 64.54 49.91
N LYS E 284 0.83 65.29 48.82
CA LYS E 284 1.92 66.04 48.18
C LYS E 284 3.12 65.14 47.85
N PRO E 285 2.92 64.13 46.99
CA PRO E 285 4.06 63.29 46.62
C PRO E 285 4.81 63.85 45.43
N ASP E 286 5.84 63.15 44.99
CA ASP E 286 6.59 63.56 43.80
C ASP E 286 6.51 62.55 42.68
N VAL E 287 6.57 61.25 42.99
CA VAL E 287 6.40 60.21 41.99
C VAL E 287 5.35 59.22 42.47
N VAL E 288 4.69 58.57 41.53
CA VAL E 288 3.67 57.57 41.82
C VAL E 288 3.94 56.36 40.93
N ILE E 289 4.11 55.20 41.56
CA ILE E 289 4.35 53.95 40.85
C ILE E 289 3.20 53.00 41.14
N THR E 290 2.61 52.46 40.08
CA THR E 290 1.44 51.61 40.19
C THR E 290 1.68 50.31 39.43
N GLU E 291 1.17 49.21 39.98
CA GLU E 291 1.24 47.93 39.27
C GLU E 291 0.23 47.83 38.14
N LYS E 292 -0.90 48.53 38.25
CA LYS E 292 -1.96 48.49 37.27
C LYS E 292 -1.95 49.75 36.43
N GLY E 293 -2.80 49.78 35.41
CA GLY E 293 -2.77 50.87 34.45
C GLY E 293 -3.17 52.19 35.08
N ILE E 294 -2.73 53.27 34.44
CA ILE E 294 -3.08 54.63 34.81
C ILE E 294 -3.73 55.30 33.61
N SER E 295 -4.93 55.83 33.81
CA SER E 295 -5.67 56.42 32.70
C SER E 295 -5.04 57.73 32.27
N ASP E 296 -5.35 58.14 31.04
CA ASP E 296 -4.81 59.39 30.50
C ASP E 296 -5.29 60.58 31.31
N LEU E 297 -6.57 60.59 31.69
CA LEU E 297 -7.08 61.67 32.53
C LEU E 297 -6.38 61.70 33.88
N ALA E 298 -6.09 60.52 34.43
CA ALA E 298 -5.33 60.47 35.67
C ALA E 298 -3.93 61.05 35.48
N GLN E 299 -3.31 60.77 34.33
CA GLN E 299 -2.01 61.36 34.05
C GLN E 299 -2.10 62.88 33.97
N HIS E 300 -3.15 63.40 33.35
CA HIS E 300 -3.32 64.85 33.28
C HIS E 300 -3.47 65.45 34.67
N TYR E 301 -4.29 64.83 35.52
CA TYR E 301 -4.50 65.37 36.86
C TYR E 301 -3.26 65.23 37.72
N LEU E 302 -2.43 64.23 37.47
CA LEU E 302 -1.18 64.09 38.21
C LEU E 302 -0.16 65.11 37.76
N MET E 303 -0.08 65.37 36.45
CA MET E 303 0.82 66.42 35.96
C MET E 303 0.38 67.80 36.42
N ARG E 304 -0.93 68.01 36.60
CA ARG E 304 -1.41 69.29 37.10
C ARG E 304 -0.76 69.62 38.45
N ALA E 305 -0.46 68.60 39.25
CA ALA E 305 0.20 68.78 40.54
C ALA E 305 1.69 68.48 40.48
N ASN E 306 2.26 68.38 39.28
CA ASN E 306 3.69 68.15 39.09
C ASN E 306 4.13 66.84 39.74
N ILE E 307 3.57 65.73 39.24
CA ILE E 307 3.85 64.39 39.75
C ILE E 307 4.25 63.51 38.59
N THR E 308 5.32 62.74 38.78
CA THR E 308 5.77 61.77 37.78
C THR E 308 5.11 60.42 38.06
N ALA E 309 4.60 59.77 37.03
CA ALA E 309 3.89 58.51 37.17
C ALA E 309 4.50 57.45 36.28
N ILE E 310 4.66 56.25 36.83
CA ILE E 310 5.08 55.07 36.08
C ILE E 310 3.90 54.11 36.03
N ARG E 311 3.58 53.64 34.83
CA ARG E 311 2.26 53.06 34.60
C ARG E 311 2.13 51.68 35.21
N ARG E 312 2.91 50.71 34.73
CA ARG E 312 2.72 49.30 35.11
C ARG E 312 4.04 48.70 35.54
N VAL E 313 4.09 48.20 36.76
CA VAL E 313 5.28 47.61 37.34
C VAL E 313 4.92 46.27 37.95
N ARG E 314 5.81 45.29 37.82
CA ARG E 314 5.58 43.97 38.36
C ARG E 314 5.48 44.02 39.89
N LYS E 315 4.84 42.98 40.45
CA LYS E 315 4.67 42.90 41.89
C LYS E 315 6.02 42.83 42.60
N THR E 316 6.93 41.99 42.11
CA THR E 316 8.22 41.84 42.76
C THR E 316 9.04 43.13 42.68
N ASP E 317 9.04 43.79 41.52
CA ASP E 317 9.76 45.04 41.38
C ASP E 317 9.17 46.12 42.29
N ASN E 318 7.84 46.17 42.41
CA ASN E 318 7.21 47.16 43.27
C ASN E 318 7.53 46.90 44.73
N ASN E 319 7.55 45.63 45.14
CA ASN E 319 7.95 45.30 46.51
C ASN E 319 9.40 45.69 46.76
N ARG E 320 10.27 45.47 45.77
CA ARG E 320 11.67 45.88 45.90
C ARG E 320 11.77 47.39 46.05
N ILE E 321 10.98 48.15 45.29
CA ILE E 321 10.96 49.61 45.42
C ILE E 321 10.51 49.99 46.82
N ALA E 322 9.47 49.33 47.34
CA ALA E 322 8.98 49.62 48.68
C ALA E 322 10.07 49.37 49.72
N ARG E 323 10.81 48.27 49.59
CA ARG E 323 11.89 47.99 50.53
C ARG E 323 13.00 49.03 50.41
N ALA E 324 13.33 49.43 49.17
CA ALA E 324 14.47 50.33 48.97
C ALA E 324 14.17 51.74 49.48
N CYS E 325 13.02 52.29 49.12
CA CYS E 325 12.70 53.68 49.45
C CYS E 325 11.87 53.82 50.72
N GLY E 326 11.58 52.72 51.41
CA GLY E 326 10.87 52.81 52.67
C GLY E 326 9.41 53.17 52.55
N ALA E 327 8.78 52.93 51.40
CA ALA E 327 7.37 53.23 51.21
C ALA E 327 6.54 52.07 51.72
N ARG E 328 5.24 52.09 51.40
CA ARG E 328 4.34 50.99 51.73
C ARG E 328 3.25 50.95 50.67
N ILE E 329 3.14 49.81 49.98
CA ILE E 329 2.18 49.70 48.88
C ILE E 329 0.77 49.74 49.44
N VAL E 330 -0.06 50.61 48.87
CA VAL E 330 -1.46 50.75 49.29
C VAL E 330 -2.34 50.55 48.07
N SER E 331 -3.59 50.19 48.32
CA SER E 331 -4.55 49.91 47.26
C SER E 331 -5.56 51.04 47.07
N ARG E 332 -6.15 51.54 48.16
CA ARG E 332 -7.13 52.60 48.06
C ARG E 332 -6.48 53.92 48.44
N PRO E 333 -6.29 54.85 47.50
CA PRO E 333 -5.63 56.12 47.83
C PRO E 333 -6.38 56.96 48.83
N GLU E 334 -7.68 56.73 49.02
CA GLU E 334 -8.40 57.48 50.05
C GLU E 334 -7.96 57.09 51.45
N GLU E 335 -7.35 55.92 51.61
CA GLU E 335 -6.81 55.48 52.89
C GLU E 335 -5.32 55.72 53.01
N LEU E 336 -4.74 56.48 52.08
CA LEU E 336 -3.31 56.76 52.12
C LEU E 336 -2.96 57.62 53.32
N ARG E 337 -1.84 57.31 53.96
CA ARG E 337 -1.34 58.05 55.10
C ARG E 337 0.07 58.55 54.81
N GLU E 338 0.55 59.45 55.68
CA GLU E 338 1.91 59.96 55.53
C GLU E 338 2.93 58.85 55.73
N ASP E 339 2.66 57.91 56.63
CA ASP E 339 3.59 56.81 56.87
C ASP E 339 3.76 55.93 55.64
N ASP E 340 2.79 55.91 54.72
CA ASP E 340 2.93 55.14 53.50
C ASP E 340 3.69 55.89 52.42
N VAL E 341 4.00 57.16 52.62
CA VAL E 341 4.75 57.94 51.64
C VAL E 341 6.22 57.59 51.76
N GLY E 342 6.84 57.25 50.64
CA GLY E 342 8.22 56.81 50.65
C GLY E 342 9.22 57.93 50.55
N THR E 343 9.77 58.34 51.69
CA THR E 343 10.87 59.27 51.75
C THR E 343 12.13 58.52 52.20
N GLY E 344 13.23 58.77 51.51
CA GLY E 344 14.45 58.03 51.77
C GLY E 344 15.21 57.73 50.51
N ALA E 345 14.57 57.95 49.35
CA ALA E 345 15.23 57.86 48.06
C ALA E 345 15.75 59.25 47.69
N GLY E 346 17.07 59.38 47.61
CA GLY E 346 17.68 60.66 47.37
C GLY E 346 17.90 61.04 45.92
N LEU E 347 17.38 60.27 44.97
CA LEU E 347 17.47 60.60 43.57
C LEU E 347 16.56 59.69 42.77
N LEU E 348 15.85 60.26 41.81
CA LEU E 348 15.11 59.47 40.81
C LEU E 348 15.44 60.06 39.44
N GLU E 349 16.17 59.29 38.64
CA GLU E 349 16.59 59.73 37.31
C GLU E 349 16.17 58.67 36.30
N ILE E 350 15.53 59.12 35.22
CA ILE E 350 15.11 58.21 34.17
C ILE E 350 15.96 58.47 32.92
N LYS E 351 17.06 57.74 32.79
CA LYS E 351 17.99 57.93 31.69
C LYS E 351 17.82 56.82 30.66
N LYS E 352 18.46 57.02 29.51
CA LYS E 352 18.38 56.09 28.40
C LYS E 352 19.69 55.31 28.30
N ILE E 353 19.58 53.98 28.29
CA ILE E 353 20.72 53.10 28.13
C ILE E 353 20.54 52.35 26.83
N GLY E 354 21.37 52.65 25.84
CA GLY E 354 21.19 52.09 24.52
C GLY E 354 20.01 52.71 23.80
N ASP E 355 18.96 51.92 23.57
CA ASP E 355 17.75 52.41 22.92
C ASP E 355 16.53 52.23 23.81
N GLU E 356 16.72 52.15 25.12
CA GLU E 356 15.61 51.93 26.05
C GLU E 356 15.76 52.86 27.24
N TYR E 357 14.62 53.13 27.88
CA TYR E 357 14.57 54.00 29.04
C TYR E 357 14.58 53.16 30.31
N PHE E 358 15.38 53.58 31.30
CA PHE E 358 15.47 52.89 32.57
C PHE E 358 15.27 53.88 33.70
N THR E 359 14.52 53.46 34.72
CA THR E 359 14.22 54.30 35.87
C THR E 359 15.12 53.93 37.03
N PHE E 360 15.83 54.92 37.56
CA PHE E 360 16.76 54.70 38.67
C PHE E 360 16.23 55.42 39.91
N ILE E 361 16.14 54.69 41.02
CA ILE E 361 15.72 55.26 42.29
C ILE E 361 16.88 55.14 43.26
N THR E 362 18.10 55.25 42.73
CA THR E 362 19.31 55.05 43.50
C THR E 362 19.49 56.15 44.54
N ASP E 363 20.62 56.06 45.27
CA ASP E 363 21.00 57.00 46.31
C ASP E 363 19.92 57.04 47.40
N CYS E 364 19.79 55.92 48.08
CA CYS E 364 18.84 55.77 49.18
C CYS E 364 19.58 55.72 50.51
N LYS E 365 18.97 56.32 51.52
CA LYS E 365 19.52 56.32 52.88
C LYS E 365 19.05 55.04 53.57
N ASP E 366 19.97 54.10 53.75
CA ASP E 366 19.69 52.80 54.35
C ASP E 366 18.58 52.07 53.61
N PRO E 367 18.80 51.65 52.37
CA PRO E 367 17.80 50.81 51.69
C PRO E 367 17.92 49.36 52.12
N LYS E 368 16.81 48.63 51.99
CA LYS E 368 16.78 47.21 52.32
C LYS E 368 16.63 46.34 51.08
N ALA E 369 16.80 46.92 49.90
CA ALA E 369 16.77 46.16 48.65
C ALA E 369 17.70 46.83 47.66
N CYS E 370 18.17 46.05 46.69
CA CYS E 370 19.17 46.55 45.76
C CYS E 370 18.97 45.91 44.39
N THR E 371 19.54 46.56 43.38
CA THR E 371 19.56 46.02 42.03
C THR E 371 21.00 46.00 41.55
N ILE E 372 21.49 44.81 41.20
CA ILE E 372 22.86 44.63 40.77
C ILE E 372 22.90 44.81 39.25
N LEU E 373 23.37 45.97 38.81
CA LEU E 373 23.41 46.28 37.38
C LEU E 373 24.62 45.62 36.75
N LEU E 374 24.40 44.71 35.82
CA LEU E 374 25.46 43.98 35.14
C LEU E 374 25.51 44.38 33.68
N ARG E 375 26.68 44.82 33.22
CA ARG E 375 26.91 45.13 31.83
C ARG E 375 28.09 44.30 31.35
N GLY E 376 27.98 43.73 30.16
CA GLY E 376 29.01 42.84 29.69
C GLY E 376 29.01 42.69 28.19
N ALA E 377 29.73 41.67 27.72
CA ALA E 377 29.91 41.48 26.29
C ALA E 377 28.61 41.14 25.59
N SER E 378 27.87 40.15 26.12
CA SER E 378 26.66 39.69 25.48
C SER E 378 25.75 39.07 26.53
N LYS E 379 24.70 38.38 26.07
CA LYS E 379 23.71 37.83 26.98
C LYS E 379 24.24 36.61 27.72
N GLU E 380 24.96 35.73 27.02
CA GLU E 380 25.46 34.51 27.66
C GLU E 380 26.54 34.82 28.68
N ILE E 381 27.45 35.75 28.36
CA ILE E 381 28.47 36.15 29.31
C ILE E 381 27.81 36.74 30.55
N LEU E 382 26.79 37.57 30.36
CA LEU E 382 26.10 38.16 31.50
C LEU E 382 25.36 37.12 32.32
N SER E 383 24.80 36.09 31.67
CA SER E 383 24.16 35.02 32.42
C SER E 383 25.17 34.26 33.27
N GLU E 384 26.35 33.97 32.72
CA GLU E 384 27.38 33.32 33.52
C GLU E 384 27.82 34.20 34.68
N VAL E 385 27.97 35.51 34.43
CA VAL E 385 28.33 36.43 35.49
C VAL E 385 27.26 36.47 36.57
N GLU E 386 25.99 36.40 36.16
CA GLU E 386 24.90 36.38 37.14
C GLU E 386 24.95 35.12 37.98
N ARG E 387 25.24 33.98 37.36
CA ARG E 387 25.38 32.74 38.14
C ARG E 387 26.53 32.84 39.14
N ASN E 388 27.65 33.42 38.71
CA ASN E 388 28.78 33.59 39.63
C ASN E 388 28.43 34.53 40.78
N LEU E 389 27.71 35.61 40.48
CA LEU E 389 27.26 36.52 41.53
C LEU E 389 26.33 35.82 42.51
N GLN E 390 25.45 34.96 41.99
CA GLN E 390 24.57 34.20 42.87
C GLN E 390 25.37 33.28 43.78
N ASP E 391 26.39 32.63 43.24
CA ASP E 391 27.25 31.78 44.06
C ASP E 391 27.92 32.59 45.16
N ALA E 392 28.46 33.76 44.80
CA ALA E 392 29.14 34.60 45.78
C ALA E 392 28.19 35.08 46.87
N MET E 393 26.99 35.50 46.48
CA MET E 393 26.02 35.98 47.46
C MET E 393 25.55 34.86 48.37
N GLN E 394 25.36 33.65 47.83
CA GLN E 394 24.98 32.53 48.67
C GLN E 394 26.07 32.18 49.66
N VAL E 395 27.34 32.21 49.23
CA VAL E 395 28.43 31.95 50.15
C VAL E 395 28.50 33.02 51.23
N CYS E 396 28.30 34.29 50.85
CA CYS E 396 28.30 35.37 51.83
C CYS E 396 27.19 35.18 52.85
N ARG E 397 25.99 34.81 52.39
CA ARG E 397 24.89 34.56 53.32
C ARG E 397 25.22 33.39 54.24
N ASN E 398 25.81 32.33 53.70
CA ASN E 398 26.15 31.16 54.51
C ASN E 398 27.14 31.53 55.61
N VAL E 399 28.18 32.30 55.27
CA VAL E 399 29.15 32.66 56.29
C VAL E 399 28.57 33.67 57.28
N LEU E 400 27.64 34.51 56.82
CA LEU E 400 26.99 35.44 57.74
C LEU E 400 26.13 34.68 58.76
N LEU E 401 25.43 33.64 58.31
CA LEU E 401 24.63 32.85 59.24
C LEU E 401 25.50 31.95 60.10
N ASP E 402 26.50 31.34 59.51
CA ASP E 402 27.42 30.45 60.23
C ASP E 402 28.84 30.98 60.09
N PRO E 403 29.42 31.55 61.14
CA PRO E 403 30.74 32.20 61.00
C PRO E 403 31.91 31.24 61.02
N GLN E 404 31.66 29.95 60.84
CA GLN E 404 32.71 28.95 60.86
C GLN E 404 33.30 28.75 59.47
N LEU E 405 34.61 28.49 59.42
CA LEU E 405 35.29 28.17 58.17
C LEU E 405 36.16 26.93 58.36
N VAL E 406 36.40 26.23 57.25
CA VAL E 406 37.30 25.08 57.23
C VAL E 406 38.25 25.24 56.05
N PRO E 407 39.46 24.69 56.11
CA PRO E 407 40.40 24.86 54.99
C PRO E 407 39.88 24.19 53.73
N GLY E 408 40.22 24.79 52.59
CA GLY E 408 39.79 24.30 51.30
C GLY E 408 40.91 23.66 50.50
N GLY E 409 40.64 23.47 49.22
CA GLY E 409 41.61 22.87 48.33
C GLY E 409 41.99 21.45 48.68
N GLY E 410 41.05 20.69 49.23
CA GLY E 410 41.30 19.32 49.61
C GLY E 410 41.92 19.13 50.98
N ALA E 411 42.30 20.22 51.66
CA ALA E 411 42.89 20.08 52.98
C ALA E 411 41.89 19.49 53.96
N SER E 412 40.65 19.96 53.93
CA SER E 412 39.62 19.40 54.80
C SER E 412 39.35 17.95 54.45
N GLU E 413 39.32 17.62 53.15
CA GLU E 413 39.10 16.24 52.74
C GLU E 413 40.18 15.32 53.31
N MET E 414 41.44 15.71 53.14
CA MET E 414 42.54 14.87 53.64
C MET E 414 42.53 14.79 55.16
N ALA E 415 42.22 15.90 55.83
CA ALA E 415 42.19 15.88 57.29
C ALA E 415 41.10 14.94 57.80
N VAL E 416 39.91 15.03 57.22
CA VAL E 416 38.82 14.15 57.64
C VAL E 416 39.12 12.70 57.29
N ALA E 417 39.72 12.46 56.12
CA ALA E 417 40.09 11.10 55.75
C ALA E 417 41.09 10.51 56.73
N HIS E 418 42.09 11.28 57.12
CA HIS E 418 43.08 10.79 58.07
C HIS E 418 42.44 10.53 59.43
N ALA E 419 41.58 11.43 59.89
CA ALA E 419 40.93 11.23 61.18
C ALA E 419 40.06 9.98 61.15
N LEU E 420 39.30 9.79 60.07
CA LEU E 420 38.45 8.60 59.94
C LEU E 420 39.28 7.33 59.91
N THR E 421 40.40 7.35 59.17
CA THR E 421 41.26 6.17 59.12
C THR E 421 41.85 5.86 60.49
N GLU E 422 42.26 6.89 61.23
CA GLU E 422 42.80 6.67 62.57
C GLU E 422 41.73 6.11 63.51
N LYS E 423 40.50 6.62 63.40
CA LYS E 423 39.43 6.13 64.27
C LYS E 423 39.02 4.70 63.90
N SER E 424 39.18 4.32 62.63
CA SER E 424 38.75 2.99 62.20
C SER E 424 39.57 1.88 62.85
N LYS E 425 40.77 2.18 63.34
CA LYS E 425 41.62 1.13 63.90
C LYS E 425 41.05 0.53 65.18
N ALA E 426 40.15 1.23 65.86
CA ALA E 426 39.51 0.68 67.05
C ALA E 426 38.43 -0.33 66.72
N MET E 427 37.91 -0.33 65.50
CA MET E 427 36.85 -1.25 65.13
C MET E 427 37.44 -2.62 64.77
N THR E 428 36.67 -3.67 65.08
CA THR E 428 37.07 -5.03 64.81
C THR E 428 36.13 -5.80 63.91
N GLY E 429 34.88 -5.34 63.75
CA GLY E 429 33.91 -6.06 62.95
C GLY E 429 34.14 -5.88 61.47
N VAL E 430 33.25 -6.50 60.69
CA VAL E 430 33.33 -6.39 59.24
C VAL E 430 32.98 -4.99 58.76
N GLU E 431 32.35 -4.18 59.60
CA GLU E 431 31.96 -2.83 59.19
C GLU E 431 33.14 -1.89 59.04
N GLN E 432 34.32 -2.27 59.49
CA GLN E 432 35.47 -1.37 59.40
C GLN E 432 35.93 -1.17 57.97
N TRP E 433 35.80 -2.19 57.13
CA TRP E 433 36.31 -2.08 55.76
C TRP E 433 35.59 -1.03 54.93
N PRO E 434 34.25 -1.01 54.84
CA PRO E 434 33.60 0.09 54.12
C PRO E 434 33.79 1.44 54.79
N TYR E 435 33.97 1.45 56.11
CA TYR E 435 34.28 2.69 56.83
C TYR E 435 35.56 3.31 56.30
N ARG E 436 36.64 2.53 56.27
CA ARG E 436 37.89 3.01 55.68
C ARG E 436 37.73 3.29 54.20
N ALA E 437 36.90 2.52 53.51
CA ALA E 437 36.72 2.72 52.08
C ALA E 437 36.16 4.10 51.79
N VAL E 438 35.10 4.49 52.49
CA VAL E 438 34.54 5.82 52.29
C VAL E 438 35.48 6.89 52.84
N ALA E 439 36.22 6.59 53.90
CA ALA E 439 37.21 7.53 54.41
C ALA E 439 38.20 7.91 53.33
N GLN E 440 38.82 6.92 52.68
CA GLN E 440 39.74 7.21 51.59
C GLN E 440 39.05 7.64 50.30
N ALA E 441 37.77 7.31 50.13
CA ALA E 441 37.03 7.81 48.98
C ALA E 441 36.77 9.30 49.07
N LEU E 442 36.78 9.84 50.29
CA LEU E 442 36.68 11.29 50.45
C LEU E 442 37.83 12.03 49.78
N GLU E 443 38.93 11.35 49.49
CA GLU E 443 40.12 11.95 48.89
C GLU E 443 39.97 12.25 47.41
N VAL E 444 38.76 12.15 46.85
CA VAL E 444 38.62 12.36 45.42
C VAL E 444 38.72 13.83 45.06
N ILE E 445 38.36 14.72 45.98
CA ILE E 445 38.43 16.16 45.69
C ILE E 445 39.87 16.61 45.44
N PRO E 446 40.84 16.35 46.32
CA PRO E 446 42.22 16.73 45.98
C PRO E 446 42.74 16.05 44.73
N ARG E 447 42.36 14.79 44.51
CA ARG E 447 42.79 14.10 43.30
C ARG E 447 42.23 14.79 42.06
N THR E 448 40.96 15.18 42.10
CA THR E 448 40.38 15.88 40.97
C THR E 448 41.03 17.24 40.77
N LEU E 449 41.34 17.94 41.85
CA LEU E 449 42.04 19.23 41.72
C LEU E 449 43.40 19.05 41.06
N ILE E 450 44.14 18.02 41.47
CA ILE E 450 45.45 17.76 40.87
C ILE E 450 45.31 17.40 39.40
N GLN E 451 44.32 16.56 39.07
CA GLN E 451 44.12 16.16 37.68
C GLN E 451 43.77 17.36 36.81
N ASN E 452 42.88 18.24 37.29
CA ASN E 452 42.53 19.42 36.52
C ASN E 452 43.71 20.37 36.39
N CYS E 453 44.53 20.48 37.44
CA CYS E 453 45.72 21.32 37.35
C CYS E 453 46.72 20.78 36.33
N GLY E 454 46.72 19.47 36.11
CA GLY E 454 47.63 18.85 35.18
C GLY E 454 48.87 18.23 35.80
N ALA E 455 48.99 18.27 37.12
CA ALA E 455 50.16 17.71 37.78
C ALA E 455 50.02 16.20 37.92
N SER E 456 51.10 15.56 38.37
CA SER E 456 51.10 14.12 38.57
C SER E 456 50.27 13.78 39.79
N THR E 457 49.25 12.93 39.60
CA THR E 457 48.30 12.66 40.67
C THR E 457 48.92 11.82 41.77
N ILE E 458 49.62 10.74 41.40
CA ILE E 458 49.96 9.71 42.38
C ILE E 458 50.97 10.23 43.40
N ARG E 459 52.05 10.87 42.94
CA ARG E 459 53.09 11.26 43.87
C ARG E 459 52.65 12.47 44.70
N LEU E 460 51.92 13.40 44.10
CA LEU E 460 51.41 14.54 44.86
C LEU E 460 50.42 14.08 45.92
N LEU E 461 49.52 13.17 45.57
CA LEU E 461 48.56 12.66 46.54
C LEU E 461 49.27 11.90 47.65
N THR E 462 50.28 11.11 47.30
CA THR E 462 51.03 10.37 48.33
C THR E 462 51.74 11.33 49.28
N SER E 463 52.37 12.38 48.74
CA SER E 463 53.05 13.35 49.59
C SER E 463 52.05 14.08 50.48
N LEU E 464 50.89 14.44 49.94
CA LEU E 464 49.89 15.12 50.75
C LEU E 464 49.38 14.21 51.87
N ARG E 465 49.12 12.94 51.55
CA ARG E 465 48.67 12.00 52.57
C ARG E 465 49.73 11.81 53.65
N ALA E 466 51.00 11.74 53.25
CA ALA E 466 52.08 11.64 54.24
C ALA E 466 52.14 12.89 55.11
N LYS E 467 51.95 14.07 54.50
CA LYS E 467 51.97 15.30 55.27
C LYS E 467 50.84 15.34 56.28
N HIS E 468 49.65 14.89 55.90
CA HIS E 468 48.50 14.98 56.79
C HIS E 468 48.58 14.01 57.97
N THR E 469 49.55 13.11 57.99
CA THR E 469 49.74 12.20 59.12
C THR E 469 50.55 12.83 60.24
N GLN E 470 51.01 14.06 60.08
CA GLN E 470 51.80 14.73 61.11
C GLN E 470 50.87 15.37 62.13
N GLU E 471 51.46 16.03 63.14
CA GLU E 471 50.67 16.48 64.29
C GLU E 471 49.68 17.57 63.92
N ASN E 472 50.15 18.62 63.22
CA ASN E 472 49.30 19.75 62.87
C ASN E 472 49.49 20.06 61.39
N CYS E 473 48.72 19.38 60.55
CA CYS E 473 48.77 19.63 59.10
C CYS E 473 47.37 19.57 58.49
N GLU E 474 46.34 19.83 59.29
CA GLU E 474 44.98 19.79 58.77
C GLU E 474 44.72 20.84 57.70
N THR E 475 45.49 21.93 57.70
CA THR E 475 45.30 23.01 56.74
C THR E 475 46.17 22.85 55.49
N TRP E 476 46.90 21.75 55.38
CA TRP E 476 47.78 21.53 54.23
C TRP E 476 46.96 20.96 53.08
N GLY E 477 46.80 21.74 52.02
CA GLY E 477 46.06 21.30 50.86
C GLY E 477 46.89 21.30 49.59
N VAL E 478 46.24 21.43 48.44
CA VAL E 478 46.93 21.43 47.16
C VAL E 478 46.62 22.75 46.45
N ASN E 479 47.66 23.38 45.89
CA ASN E 479 47.46 24.59 45.10
C ASN E 479 46.94 24.21 43.73
N GLY E 480 45.79 24.76 43.37
CA GLY E 480 45.10 24.35 42.16
C GLY E 480 45.64 24.92 40.88
N GLU E 481 46.64 25.79 40.93
CA GLU E 481 47.22 26.39 39.73
C GLU E 481 48.64 25.93 39.47
N THR E 482 49.50 25.93 40.49
CA THR E 482 50.89 25.53 40.31
C THR E 482 51.12 24.04 40.53
N GLY E 483 50.11 23.31 41.00
CA GLY E 483 50.28 21.88 41.23
C GLY E 483 51.29 21.55 42.30
N THR E 484 51.22 22.24 43.43
CA THR E 484 52.12 22.02 44.55
C THR E 484 51.33 22.04 45.86
N LEU E 485 51.89 21.41 46.88
CA LEU E 485 51.28 21.42 48.20
C LEU E 485 51.66 22.69 48.93
N VAL E 486 50.66 23.43 49.40
CA VAL E 486 50.87 24.66 50.15
C VAL E 486 49.94 24.65 51.35
N ASP E 487 50.43 25.17 52.48
CA ASP E 487 49.58 25.39 53.63
C ASP E 487 48.52 26.42 53.28
N MET E 488 47.27 26.14 53.62
CA MET E 488 46.20 27.08 53.32
C MET E 488 46.08 28.19 54.34
N LYS E 489 46.88 28.15 55.42
CA LYS E 489 47.00 29.32 56.27
C LYS E 489 47.66 30.47 55.53
N GLU E 490 48.50 30.17 54.55
CA GLU E 490 49.18 31.20 53.77
C GLU E 490 48.62 31.38 52.36
N LEU E 491 47.98 30.36 51.79
CA LEU E 491 47.30 30.56 50.52
C LEU E 491 45.98 31.30 50.70
N GLY E 492 45.30 31.04 51.82
CA GLY E 492 44.09 31.78 52.13
C GLY E 492 42.82 31.28 51.50
N ILE E 493 42.80 30.03 51.02
CA ILE E 493 41.60 29.45 50.43
C ILE E 493 40.80 28.80 51.56
N TRP E 494 39.74 29.48 51.99
CA TRP E 494 38.85 28.97 53.02
C TRP E 494 37.43 29.02 52.51
N GLU E 495 36.61 28.08 52.99
CA GLU E 495 35.24 27.93 52.54
C GLU E 495 34.35 27.63 53.74
N PRO E 496 33.08 28.03 53.68
CA PRO E 496 32.22 27.94 54.87
C PRO E 496 32.03 26.50 55.33
N LEU E 497 31.91 26.35 56.65
CA LEU E 497 31.68 25.03 57.22
C LEU E 497 30.33 24.46 56.80
N ALA E 498 29.31 25.32 56.68
CA ALA E 498 27.99 24.84 56.30
C ALA E 498 28.00 24.17 54.94
N VAL E 499 28.75 24.75 53.99
CA VAL E 499 28.82 24.17 52.64
C VAL E 499 29.43 22.78 52.70
N LYS E 500 30.52 22.61 53.45
CA LYS E 500 31.15 21.30 53.53
C LYS E 500 30.27 20.29 54.23
N LEU E 501 29.60 20.71 55.32
CA LEU E 501 28.69 19.81 56.00
C LEU E 501 27.59 19.34 55.06
N GLN E 502 26.99 20.28 54.33
CA GLN E 502 25.92 19.92 53.40
C GLN E 502 26.43 19.01 52.30
N THR E 503 27.62 19.28 51.78
CA THR E 503 28.18 18.44 50.71
C THR E 503 28.37 17.01 51.19
N TYR E 504 29.02 16.84 52.35
CA TYR E 504 29.27 15.50 52.86
C TYR E 504 27.96 14.79 53.17
N LYS E 505 27.02 15.49 53.80
CA LYS E 505 25.74 14.88 54.12
C LYS E 505 25.01 14.42 52.87
N THR E 506 24.93 15.29 51.86
CA THR E 506 24.21 14.93 50.64
C THR E 506 24.87 13.77 49.93
N ALA E 507 26.20 13.76 49.85
CA ALA E 507 26.90 12.66 49.19
C ALA E 507 26.64 11.34 49.89
N VAL E 508 26.82 11.32 51.22
CA VAL E 508 26.65 10.08 51.96
C VAL E 508 25.21 9.60 51.88
N GLU E 509 24.25 10.51 52.00
CA GLU E 509 22.85 10.10 51.97
C GLU E 509 22.42 9.65 50.59
N THR E 510 22.97 10.24 49.53
CA THR E 510 22.67 9.72 48.19
C THR E 510 23.24 8.34 48.00
N ALA E 511 24.46 8.09 48.50
CA ALA E 511 25.01 6.75 48.44
C ALA E 511 24.12 5.77 49.20
N VAL E 512 23.65 6.17 50.39
CA VAL E 512 22.76 5.32 51.18
C VAL E 512 21.48 5.03 50.43
N LEU E 513 20.89 6.07 49.81
CA LEU E 513 19.64 5.89 49.10
C LEU E 513 19.80 4.94 47.92
N LEU E 514 20.86 5.11 47.13
CA LEU E 514 21.03 4.27 45.96
C LEU E 514 21.45 2.86 46.34
N LEU E 515 22.09 2.66 47.50
CA LEU E 515 22.49 1.33 47.91
C LEU E 515 21.31 0.45 48.31
N ARG E 516 20.27 1.05 48.90
CA ARG E 516 19.10 0.30 49.35
C ARG E 516 18.27 -0.27 48.21
N ILE E 517 18.53 0.17 46.98
CA ILE E 517 17.59 -0.03 45.88
C ILE E 517 17.89 -1.32 45.14
N ASP E 518 16.83 -2.03 44.79
CA ASP E 518 16.89 -3.27 44.02
C ASP E 518 15.54 -3.46 43.35
N ASP E 519 15.49 -4.38 42.39
CA ASP E 519 14.24 -4.76 41.73
C ASP E 519 13.57 -3.57 41.05
N ILE E 520 14.27 -3.04 40.03
CA ILE E 520 13.71 -1.94 39.26
C ILE E 520 12.52 -2.45 38.44
N VAL E 521 11.39 -1.76 38.56
CA VAL E 521 10.18 -2.08 37.82
C VAL E 521 9.76 -0.83 37.04
N SER E 522 9.48 -1.00 35.75
CA SER E 522 9.13 0.12 34.90
C SER E 522 8.08 -0.31 33.87
N GLY E 523 7.33 0.68 33.37
CA GLY E 523 6.35 0.48 32.32
C GLY E 523 4.95 0.88 32.72
N HIS E 524 4.62 0.79 34.00
CA HIS E 524 3.27 1.08 34.45
C HIS E 524 2.94 2.56 34.29
N LYS E 525 1.67 2.84 34.00
CA LYS E 525 1.19 4.20 33.89
C LYS E 525 0.80 4.72 35.27
N LYS E 526 0.12 5.87 35.30
CA LYS E 526 -0.34 6.45 36.56
C LYS E 526 -1.29 5.50 37.27
N MET F 1 18.18 25.41 -24.58
CA MET F 1 17.96 26.10 -23.32
C MET F 1 18.89 25.56 -22.23
N MET F 2 19.25 26.41 -21.28
CA MET F 2 20.19 26.07 -20.22
C MET F 2 19.44 26.08 -18.90
N PRO F 3 19.89 25.29 -17.91
CA PRO F 3 19.16 25.23 -16.63
C PRO F 3 19.01 26.57 -15.93
N THR F 4 19.98 27.48 -16.05
CA THR F 4 19.91 28.80 -15.43
C THR F 4 19.64 28.68 -13.93
N PRO F 5 20.67 28.32 -13.12
CA PRO F 5 20.48 27.96 -11.71
C PRO F 5 19.38 28.70 -10.97
N VAL F 6 19.30 30.02 -11.13
CA VAL F 6 18.19 30.81 -10.60
C VAL F 6 17.37 31.24 -11.79
N ILE F 7 16.24 30.56 -12.03
CA ILE F 7 15.43 30.80 -13.21
C ILE F 7 14.74 32.15 -13.11
N LEU F 8 14.32 32.67 -14.27
CA LEU F 8 13.77 34.01 -14.32
C LEU F 8 12.35 34.06 -13.76
N LEU F 9 11.43 33.35 -14.41
CA LEU F 9 10.05 33.34 -13.98
C LEU F 9 9.79 32.18 -13.02
N LYS F 10 8.55 32.08 -12.55
CA LYS F 10 8.18 30.95 -11.73
C LYS F 10 8.21 29.66 -12.55
N GLU F 11 8.59 28.56 -11.91
CA GLU F 11 8.67 27.29 -12.60
C GLU F 11 7.29 26.87 -13.11
N GLY F 12 7.28 26.20 -14.26
CA GLY F 12 6.04 25.82 -14.89
C GLY F 12 5.39 26.88 -15.74
N THR F 13 6.01 28.05 -15.88
CA THR F 13 5.46 29.08 -16.74
C THR F 13 5.56 28.65 -18.20
N ASP F 14 4.43 28.69 -18.91
CA ASP F 14 4.35 28.25 -20.29
C ASP F 14 4.27 29.48 -21.19
N SER F 15 5.21 29.60 -22.12
CA SER F 15 5.25 30.71 -23.05
C SER F 15 5.31 30.17 -24.48
N SER F 16 4.37 30.59 -25.32
CA SER F 16 4.34 30.23 -26.72
C SER F 16 4.30 31.50 -27.55
N GLN F 17 5.15 31.58 -28.57
CA GLN F 17 5.27 32.79 -29.37
C GLN F 17 5.51 32.42 -30.82
N GLY F 18 5.61 33.44 -31.66
CA GLY F 18 5.90 33.24 -33.06
C GLY F 18 4.68 32.93 -33.89
N ILE F 19 4.94 32.62 -35.17
CA ILE F 19 3.87 32.26 -36.09
C ILE F 19 3.07 31.05 -35.61
N PRO F 20 3.68 29.97 -35.10
CA PRO F 20 2.87 28.85 -34.63
C PRO F 20 1.84 29.22 -33.59
N GLN F 21 2.17 30.16 -32.69
CA GLN F 21 1.21 30.58 -31.68
C GLN F 21 -0.03 31.22 -32.31
N LEU F 22 0.18 32.09 -33.31
CA LEU F 22 -0.94 32.73 -33.98
C LEU F 22 -1.75 31.71 -34.79
N VAL F 23 -1.06 30.76 -35.43
CA VAL F 23 -1.78 29.74 -36.19
C VAL F 23 -2.63 28.89 -35.26
N SER F 24 -2.10 28.54 -34.08
CA SER F 24 -2.88 27.79 -33.11
C SER F 24 -4.07 28.60 -32.62
N ASN F 25 -3.89 29.92 -32.44
CA ASN F 25 -5.02 30.76 -32.06
C ASN F 25 -6.12 30.72 -33.12
N ILE F 26 -5.73 30.82 -34.39
CA ILE F 26 -6.70 30.78 -35.47
C ILE F 26 -7.43 29.44 -35.49
N SER F 27 -6.68 28.34 -35.29
CA SER F 27 -7.30 27.02 -35.25
C SER F 27 -8.28 26.90 -34.09
N ALA F 28 -7.93 27.46 -32.94
CA ALA F 28 -8.85 27.44 -31.79
C ALA F 28 -10.12 28.19 -32.10
N CYS F 29 -10.00 29.35 -32.76
CA CYS F 29 -11.19 30.10 -33.15
C CYS F 29 -12.05 29.30 -34.12
N GLN F 30 -11.40 28.57 -35.04
CA GLN F 30 -12.15 27.69 -35.94
C GLN F 30 -12.91 26.63 -35.16
N VAL F 31 -12.26 26.03 -34.16
CA VAL F 31 -12.90 25.01 -33.35
C VAL F 31 -14.12 25.58 -32.63
N ILE F 32 -13.98 26.78 -32.08
CA ILE F 32 -15.11 27.41 -31.39
C ILE F 32 -16.25 27.69 -32.35
N ALA F 33 -15.94 28.19 -33.54
CA ALA F 33 -16.99 28.45 -34.52
C ALA F 33 -17.69 27.17 -34.96
N GLU F 34 -16.96 26.05 -34.97
CA GLU F 34 -17.58 24.79 -35.34
C GLU F 34 -18.68 24.39 -34.36
N ALA F 35 -18.62 24.88 -33.13
CA ALA F 35 -19.59 24.48 -32.12
C ALA F 35 -20.99 24.99 -32.42
N VAL F 36 -21.10 26.18 -33.03
CA VAL F 36 -22.39 26.78 -33.31
C VAL F 36 -22.65 26.89 -34.81
N ARG F 37 -21.91 26.12 -35.61
CA ARG F 37 -22.01 26.25 -37.06
C ARG F 37 -23.35 25.76 -37.59
N THR F 38 -23.91 24.73 -36.99
CA THR F 38 -25.13 24.10 -37.49
C THR F 38 -26.40 24.71 -36.92
N THR F 39 -26.28 25.75 -36.09
CA THR F 39 -27.43 26.38 -35.46
C THR F 39 -27.95 27.58 -36.25
N LEU F 40 -27.39 27.85 -37.42
CA LEU F 40 -27.69 29.07 -38.16
C LEU F 40 -28.63 28.77 -39.31
N GLY F 41 -29.69 29.57 -39.41
CA GLY F 41 -30.63 29.46 -40.51
C GLY F 41 -31.94 28.82 -40.11
N PRO F 42 -32.95 28.91 -40.98
CA PRO F 42 -34.22 28.22 -40.70
C PRO F 42 -34.07 26.71 -40.64
N ARG F 43 -33.02 26.15 -41.22
CA ARG F 43 -32.73 24.73 -41.11
C ARG F 43 -31.71 24.43 -40.01
N GLY F 44 -31.52 25.36 -39.09
CA GLY F 44 -30.58 25.13 -38.01
C GLY F 44 -31.08 24.09 -37.02
N MET F 45 -30.14 23.54 -36.25
CA MET F 45 -30.43 22.47 -35.31
C MET F 45 -30.00 22.89 -33.91
N ASP F 46 -30.72 22.40 -32.92
CA ASP F 46 -30.44 22.73 -31.53
C ASP F 46 -29.21 21.98 -31.04
N LYS F 47 -28.69 22.42 -29.90
CA LYS F 47 -27.58 21.76 -29.23
C LYS F 47 -27.97 21.46 -27.79
N LEU F 48 -27.54 20.31 -27.30
CA LEU F 48 -27.81 19.90 -25.92
C LEU F 48 -26.47 19.82 -25.19
N ILE F 49 -26.37 20.54 -24.07
CA ILE F 49 -25.17 20.54 -23.25
C ILE F 49 -25.56 20.16 -21.83
N VAL F 50 -24.89 19.16 -21.28
CA VAL F 50 -25.11 18.71 -19.91
C VAL F 50 -23.99 19.24 -19.04
N ASP F 51 -24.35 19.91 -17.95
CA ASP F 51 -23.35 20.46 -17.04
C ASP F 51 -22.92 19.38 -16.06
N GLY F 52 -22.06 19.75 -15.10
CA GLY F 52 -21.56 18.77 -14.16
C GLY F 52 -22.62 18.25 -13.21
N ARG F 53 -23.69 19.02 -13.01
CA ARG F 53 -24.75 18.62 -12.10
C ARG F 53 -25.83 17.77 -12.77
N GLY F 54 -25.68 17.45 -14.05
CA GLY F 54 -26.65 16.65 -14.76
C GLY F 54 -27.74 17.43 -15.45
N LYS F 55 -27.83 18.74 -15.22
CA LYS F 55 -28.83 19.56 -15.88
C LYS F 55 -28.48 19.71 -17.36
N ALA F 56 -29.49 19.55 -18.21
CA ALA F 56 -29.33 19.65 -19.65
C ALA F 56 -29.94 20.94 -20.17
N THR F 57 -29.18 21.69 -20.96
CA THR F 57 -29.65 22.91 -21.58
C THR F 57 -29.71 22.71 -23.09
N ILE F 58 -30.89 22.94 -23.67
CA ILE F 58 -31.12 22.76 -25.09
C ILE F 58 -31.42 24.13 -25.69
N SER F 59 -30.56 24.58 -26.61
CA SER F 59 -30.70 25.94 -27.12
C SER F 59 -30.20 26.01 -28.56
N ASN F 60 -30.75 26.97 -29.29
CA ASN F 60 -30.28 27.33 -30.61
C ASN F 60 -29.50 28.64 -30.62
N ASP F 61 -29.61 29.42 -29.54
CA ASP F 61 -28.91 30.69 -29.45
C ASP F 61 -27.40 30.45 -29.37
N GLY F 62 -26.65 31.17 -30.22
CA GLY F 62 -25.21 31.00 -30.20
C GLY F 62 -24.57 31.44 -28.91
N ALA F 63 -25.04 32.57 -28.37
CA ALA F 63 -24.48 33.08 -27.12
C ALA F 63 -24.69 32.11 -25.97
N THR F 64 -25.88 31.51 -25.89
CA THR F 64 -26.14 30.54 -24.83
C THR F 64 -25.23 29.33 -24.96
N ILE F 65 -25.08 28.80 -26.17
CA ILE F 65 -24.23 27.63 -26.37
C ILE F 65 -22.79 27.95 -26.00
N LEU F 66 -22.30 29.12 -26.40
CA LEU F 66 -20.93 29.49 -26.07
C LEU F 66 -20.76 29.67 -24.56
N LYS F 67 -21.76 30.25 -23.88
CA LYS F 67 -21.67 30.41 -22.43
C LYS F 67 -21.64 29.05 -21.74
N LEU F 68 -22.49 28.11 -22.16
CA LEU F 68 -22.48 26.79 -21.55
C LEU F 68 -21.17 26.06 -21.80
N LEU F 69 -20.60 26.20 -22.99
CA LEU F 69 -19.26 25.71 -23.24
C LEU F 69 -18.27 26.40 -22.31
N ASP F 70 -17.40 25.62 -21.68
CA ASP F 70 -16.43 26.17 -20.73
C ASP F 70 -15.11 26.36 -21.49
N VAL F 71 -15.06 27.42 -22.29
CA VAL F 71 -13.90 27.71 -23.11
C VAL F 71 -12.80 28.31 -22.24
N VAL F 72 -11.62 27.70 -22.27
CA VAL F 72 -10.48 28.19 -21.51
C VAL F 72 -9.33 28.64 -22.38
N HIS F 73 -9.39 28.44 -23.69
CA HIS F 73 -8.35 28.93 -24.57
C HIS F 73 -8.36 30.45 -24.59
N PRO F 74 -7.24 31.10 -24.27
CA PRO F 74 -7.26 32.57 -24.18
C PRO F 74 -7.69 33.26 -25.46
N ALA F 75 -7.29 32.74 -26.62
CA ALA F 75 -7.70 33.35 -27.88
C ALA F 75 -9.14 33.01 -28.22
N ALA F 76 -9.57 31.79 -27.92
CA ALA F 76 -10.91 31.36 -28.28
C ALA F 76 -11.98 32.06 -27.46
N LYS F 77 -11.64 32.50 -26.24
CA LYS F 77 -12.61 33.19 -25.40
C LYS F 77 -13.04 34.53 -26.01
N THR F 78 -12.26 35.08 -26.94
CA THR F 78 -12.66 36.32 -27.58
C THR F 78 -13.93 36.15 -28.39
N LEU F 79 -14.10 34.98 -29.03
CA LEU F 79 -15.32 34.72 -29.78
C LEU F 79 -16.53 34.67 -28.86
N VAL F 80 -16.39 34.04 -27.70
CA VAL F 80 -17.48 34.02 -26.72
C VAL F 80 -17.78 35.43 -26.24
N ASP F 81 -16.73 36.22 -26.01
CA ASP F 81 -16.91 37.59 -25.55
C ASP F 81 -17.66 38.43 -26.58
N ILE F 82 -17.31 38.29 -27.87
CA ILE F 82 -17.99 39.08 -28.89
C ILE F 82 -19.40 38.57 -29.12
N ALA F 83 -19.64 37.27 -28.92
CA ALA F 83 -21.02 36.78 -28.97
C ALA F 83 -21.86 37.40 -27.85
N LYS F 84 -21.30 37.47 -26.65
CA LYS F 84 -21.98 38.15 -25.55
C LYS F 84 -22.21 39.61 -25.88
N SER F 85 -21.22 40.27 -26.48
CA SER F 85 -21.36 41.68 -26.85
C SER F 85 -22.48 41.88 -27.87
N GLN F 86 -22.55 41.02 -28.88
CA GLN F 86 -23.61 41.13 -29.88
C GLN F 86 -24.96 40.87 -29.25
N ASP F 87 -25.05 39.90 -28.33
CA ASP F 87 -26.30 39.67 -27.63
C ASP F 87 -26.72 40.88 -26.81
N ALA F 88 -25.75 41.53 -26.15
CA ALA F 88 -26.05 42.68 -25.31
C ALA F 88 -26.51 43.86 -26.15
N GLU F 89 -25.77 44.21 -27.19
CA GLU F 89 -26.07 45.41 -27.95
C GLU F 89 -27.31 45.24 -28.81
N VAL F 90 -27.43 44.11 -29.51
CA VAL F 90 -28.47 43.89 -30.49
C VAL F 90 -29.49 42.87 -30.00
N GLY F 91 -29.03 41.70 -29.58
CA GLY F 91 -29.91 40.61 -29.19
C GLY F 91 -30.04 39.51 -30.23
N ASP F 92 -29.61 39.76 -31.46
CA ASP F 92 -29.61 38.76 -32.51
C ASP F 92 -28.31 38.85 -33.27
N GLY F 93 -27.95 37.76 -33.95
CA GLY F 93 -26.69 37.70 -34.65
C GLY F 93 -25.55 37.08 -33.88
N THR F 94 -25.84 36.41 -32.76
CA THR F 94 -24.78 35.82 -31.96
C THR F 94 -24.07 34.69 -32.69
N THR F 95 -24.79 33.98 -33.56
CA THR F 95 -24.12 32.96 -34.36
C THR F 95 -23.36 33.57 -35.53
N SER F 96 -23.88 34.66 -36.11
CA SER F 96 -23.23 35.27 -37.26
C SER F 96 -21.87 35.84 -36.90
N VAL F 97 -21.75 36.46 -35.71
CA VAL F 97 -20.50 37.10 -35.35
C VAL F 97 -19.37 36.09 -35.25
N THR F 98 -19.63 34.95 -34.61
CA THR F 98 -18.59 33.95 -34.44
C THR F 98 -18.15 33.37 -35.79
N LEU F 99 -19.12 33.07 -36.65
CA LEU F 99 -18.79 32.55 -37.98
C LEU F 99 -17.96 33.56 -38.76
N LEU F 100 -18.37 34.83 -38.74
CA LEU F 100 -17.67 35.85 -39.49
C LEU F 100 -16.24 36.04 -38.98
N ALA F 101 -16.07 36.08 -37.65
CA ALA F 101 -14.74 36.28 -37.10
C ALA F 101 -13.82 35.10 -37.41
N ALA F 102 -14.30 33.88 -37.16
CA ALA F 102 -13.48 32.72 -37.44
C ALA F 102 -13.18 32.58 -38.91
N GLU F 103 -14.10 33.01 -39.78
CA GLU F 103 -13.84 32.90 -41.20
C GLU F 103 -12.85 33.97 -41.67
N PHE F 104 -12.89 35.16 -41.08
CA PHE F 104 -11.83 36.14 -41.30
C PHE F 104 -10.47 35.55 -40.96
N LEU F 105 -10.37 34.95 -39.76
CA LEU F 105 -9.09 34.39 -39.33
C LEU F 105 -8.65 33.26 -40.24
N LYS F 106 -9.58 32.39 -40.65
CA LYS F 106 -9.25 31.31 -41.56
C LYS F 106 -8.75 31.84 -42.90
N GLN F 107 -9.39 32.90 -43.41
CA GLN F 107 -9.00 33.44 -44.70
C GLN F 107 -7.60 34.05 -44.64
N VAL F 108 -7.26 34.73 -43.54
CA VAL F 108 -5.94 35.34 -43.46
C VAL F 108 -4.89 34.40 -42.88
N LYS F 109 -5.26 33.19 -42.49
CA LYS F 109 -4.26 32.24 -42.01
C LYS F 109 -3.16 31.96 -43.03
N PRO F 110 -3.43 31.74 -44.32
CA PRO F 110 -2.32 31.50 -45.26
C PRO F 110 -1.32 32.63 -45.31
N TYR F 111 -1.78 33.88 -45.23
CA TYR F 111 -0.84 35.00 -45.26
C TYR F 111 -0.04 35.11 -43.97
N VAL F 112 -0.68 34.81 -42.84
CA VAL F 112 0.03 34.79 -41.57
C VAL F 112 1.12 33.72 -41.59
N GLU F 113 0.81 32.55 -42.13
CA GLU F 113 1.76 31.45 -42.14
C GLU F 113 2.97 31.73 -43.01
N GLU F 114 2.86 32.65 -43.97
CA GLU F 114 3.98 32.98 -44.85
C GLU F 114 4.71 34.24 -44.43
N GLY F 115 4.47 34.74 -43.22
CA GLY F 115 5.27 35.80 -42.66
C GLY F 115 4.77 37.21 -42.88
N LEU F 116 3.52 37.39 -43.28
CA LEU F 116 2.98 38.73 -43.44
C LEU F 116 2.88 39.43 -42.10
N HIS F 117 3.25 40.71 -42.08
CA HIS F 117 3.22 41.47 -40.84
C HIS F 117 1.78 41.66 -40.37
N PRO F 118 1.44 41.31 -39.13
CA PRO F 118 0.05 41.39 -38.70
C PRO F 118 -0.54 42.80 -38.73
N GLN F 119 0.30 43.83 -38.65
CA GLN F 119 -0.23 45.19 -38.69
C GLN F 119 -0.89 45.49 -40.04
N ILE F 120 -0.34 44.95 -41.12
CA ILE F 120 -0.95 45.13 -42.44
C ILE F 120 -2.33 44.49 -42.47
N ILE F 121 -2.45 43.28 -41.92
CA ILE F 121 -3.74 42.60 -41.88
C ILE F 121 -4.73 43.38 -41.04
N ILE F 122 -4.29 43.92 -39.91
CA ILE F 122 -5.17 44.69 -39.05
C ILE F 122 -5.66 45.94 -39.76
N ARG F 123 -4.76 46.64 -40.46
CA ARG F 123 -5.17 47.82 -41.21
C ARG F 123 -6.17 47.46 -42.31
N ALA F 124 -5.93 46.33 -42.99
CA ALA F 124 -6.86 45.90 -44.03
C ALA F 124 -8.24 45.61 -43.45
N PHE F 125 -8.29 44.92 -42.32
CA PHE F 125 -9.58 44.67 -41.68
C PHE F 125 -10.27 45.96 -41.28
N ARG F 126 -9.53 46.91 -40.72
CA ARG F 126 -10.15 48.17 -40.31
C ARG F 126 -10.74 48.90 -41.51
N THR F 127 -9.99 48.98 -42.61
CA THR F 127 -10.47 49.67 -43.80
C THR F 127 -11.70 48.97 -44.38
N ALA F 128 -11.62 47.63 -44.48
CA ALA F 128 -12.74 46.89 -45.06
C ALA F 128 -13.99 47.03 -44.20
N THR F 129 -13.84 46.97 -42.89
CA THR F 129 -14.99 47.08 -42.00
C THR F 129 -15.61 48.47 -42.07
N GLN F 130 -14.78 49.51 -42.11
CA GLN F 130 -15.33 50.86 -42.24
C GLN F 130 -16.10 51.01 -43.55
N LEU F 131 -15.54 50.51 -44.66
CA LEU F 131 -16.23 50.60 -45.93
C LEU F 131 -17.54 49.81 -45.90
N ALA F 132 -17.52 48.62 -45.30
CA ALA F 132 -18.73 47.80 -45.26
C ALA F 132 -19.81 48.45 -44.42
N VAL F 133 -19.44 49.04 -43.28
CA VAL F 133 -20.44 49.71 -42.45
C VAL F 133 -21.03 50.90 -43.18
N ASN F 134 -20.19 51.68 -43.86
CA ASN F 134 -20.71 52.80 -44.65
C ASN F 134 -21.66 52.33 -45.74
N LYS F 135 -21.30 51.24 -46.42
CA LYS F 135 -22.16 50.72 -47.47
C LYS F 135 -23.49 50.22 -46.90
N ILE F 136 -23.45 49.56 -45.74
CA ILE F 136 -24.69 49.08 -45.13
C ILE F 136 -25.59 50.26 -44.78
N LYS F 137 -25.01 51.32 -44.19
CA LYS F 137 -25.82 52.48 -43.86
C LYS F 137 -26.37 53.16 -45.11
N GLU F 138 -25.61 53.12 -46.22
CA GLU F 138 -26.06 53.79 -47.43
C GLU F 138 -27.18 53.02 -48.13
N ILE F 139 -27.06 51.69 -48.21
CA ILE F 139 -28.00 50.90 -49.01
C ILE F 139 -29.16 50.35 -48.20
N ALA F 140 -29.18 50.55 -46.88
CA ALA F 140 -30.30 50.09 -46.09
C ALA F 140 -31.57 50.83 -46.48
N VAL F 141 -32.67 50.09 -46.55
CA VAL F 141 -33.93 50.64 -47.06
C VAL F 141 -34.74 51.17 -45.88
N THR F 142 -35.02 52.47 -45.91
CA THR F 142 -35.90 53.10 -44.95
C THR F 142 -36.89 53.99 -45.70
N VAL F 143 -38.10 54.07 -45.18
CA VAL F 143 -39.17 54.85 -45.80
C VAL F 143 -39.61 55.93 -44.82
N LYS F 144 -39.67 57.17 -45.30
CA LYS F 144 -40.08 58.30 -44.47
C LYS F 144 -41.56 58.60 -44.69
N LYS F 145 -42.38 57.72 -44.11
CA LYS F 145 -43.83 57.84 -44.25
C LYS F 145 -44.48 57.87 -42.88
N ALA F 146 -43.85 57.21 -41.91
CA ALA F 146 -44.22 57.33 -40.49
C ALA F 146 -45.71 57.04 -40.25
N ASP F 147 -46.22 56.00 -40.88
CA ASP F 147 -47.59 55.57 -40.68
C ASP F 147 -47.63 54.29 -39.86
N LYS F 148 -48.68 54.15 -39.05
CA LYS F 148 -48.75 53.05 -38.10
C LYS F 148 -48.82 51.70 -38.79
N VAL F 149 -49.56 51.62 -39.90
CA VAL F 149 -49.80 50.32 -40.54
C VAL F 149 -48.50 49.73 -41.07
N GLU F 150 -47.74 50.52 -41.82
CA GLU F 150 -46.51 50.01 -42.41
C GLU F 150 -45.45 49.74 -41.35
N GLN F 151 -45.39 50.58 -40.31
CA GLN F 151 -44.46 50.32 -39.21
C GLN F 151 -44.81 49.02 -38.51
N ARG F 152 -46.10 48.78 -38.26
CA ARG F 152 -46.52 47.53 -37.65
C ARG F 152 -46.16 46.34 -38.52
N LYS F 153 -46.38 46.44 -39.83
CA LYS F 153 -46.02 45.35 -40.73
C LYS F 153 -44.53 45.11 -40.73
N LEU F 154 -43.73 46.17 -40.73
CA LEU F 154 -42.28 46.02 -40.71
C LEU F 154 -41.81 45.33 -39.44
N LEU F 155 -42.38 45.73 -38.31
CA LEU F 155 -42.03 45.07 -37.05
C LEU F 155 -42.41 43.59 -37.08
N GLU F 156 -43.59 43.28 -37.62
CA GLU F 156 -44.02 41.89 -37.69
C GLU F 156 -43.08 41.07 -38.57
N LYS F 157 -42.68 41.62 -39.71
CA LYS F 157 -41.78 40.89 -40.61
C LYS F 157 -40.40 40.70 -39.99
N CYS F 158 -39.89 41.72 -39.31
CA CYS F 158 -38.60 41.56 -38.62
C CYS F 158 -38.69 40.51 -37.53
N ALA F 159 -39.79 40.50 -36.77
CA ALA F 159 -39.96 39.49 -35.73
C ALA F 159 -40.05 38.09 -36.33
N MET F 160 -40.77 37.94 -37.43
CA MET F 160 -40.87 36.64 -38.08
C MET F 160 -39.51 36.17 -38.58
N THR F 161 -38.72 37.08 -39.17
CA THR F 161 -37.39 36.71 -39.61
C THR F 161 -36.51 36.31 -38.44
N ALA F 162 -36.61 37.02 -37.32
CA ALA F 162 -35.82 36.66 -36.15
C ALA F 162 -36.24 35.32 -35.58
N LEU F 163 -37.53 35.01 -35.63
CA LEU F 163 -38.06 33.78 -35.05
C LEU F 163 -38.00 32.58 -35.98
N SER F 164 -37.72 32.78 -37.27
CA SER F 164 -37.76 31.67 -38.19
C SER F 164 -36.44 30.91 -38.21
N SER F 165 -35.92 30.60 -37.03
CA SER F 165 -34.80 29.67 -36.90
C SER F 165 -34.91 28.81 -35.66
N LYS F 166 -35.98 28.92 -34.89
CA LYS F 166 -36.14 28.23 -33.62
C LYS F 166 -37.21 27.15 -33.74
N LEU F 167 -37.44 26.45 -32.64
CA LEU F 167 -38.44 25.38 -32.66
C LEU F 167 -39.85 25.93 -32.81
N ILE F 168 -40.04 27.23 -32.60
CA ILE F 168 -41.34 27.86 -32.75
C ILE F 168 -41.49 28.50 -34.13
N SER F 169 -40.65 28.09 -35.10
CA SER F 169 -40.75 28.67 -36.43
C SER F 169 -42.08 28.32 -37.10
N GLN F 170 -42.69 27.20 -36.72
CA GLN F 170 -43.98 26.84 -37.30
C GLN F 170 -45.06 27.85 -36.91
N GLN F 171 -44.99 28.35 -35.67
CA GLN F 171 -45.91 29.38 -35.19
C GLN F 171 -45.26 30.75 -35.17
N LYS F 172 -44.42 31.05 -36.16
CA LYS F 172 -43.68 32.30 -36.13
C LYS F 172 -44.58 33.51 -36.36
N ALA F 173 -45.65 33.36 -37.13
CA ALA F 173 -46.56 34.48 -37.35
C ALA F 173 -47.31 34.82 -36.07
N PHE F 174 -47.83 33.81 -35.39
CA PHE F 174 -48.56 34.02 -34.14
C PHE F 174 -47.68 34.70 -33.10
N PHE F 175 -46.48 34.15 -32.87
CA PHE F 175 -45.59 34.72 -31.87
C PHE F 175 -45.05 36.07 -32.28
N ALA F 176 -44.84 36.29 -33.58
CA ALA F 176 -44.38 37.60 -34.04
C ALA F 176 -45.44 38.67 -33.78
N LYS F 177 -46.70 38.35 -34.07
CA LYS F 177 -47.77 39.29 -33.78
C LYS F 177 -47.87 39.56 -32.29
N MET F 178 -47.76 38.50 -31.48
CA MET F 178 -47.79 38.68 -30.02
C MET F 178 -46.65 39.59 -29.56
N VAL F 179 -45.44 39.37 -30.09
CA VAL F 179 -44.29 40.14 -29.65
C VAL F 179 -44.42 41.60 -30.04
N VAL F 180 -44.86 41.86 -31.27
CA VAL F 180 -45.03 43.24 -31.71
C VAL F 180 -46.10 43.94 -30.87
N ASP F 181 -47.22 43.24 -30.62
CA ASP F 181 -48.26 43.83 -29.78
C ASP F 181 -47.74 44.13 -28.39
N ALA F 182 -46.93 43.22 -27.83
CA ALA F 182 -46.39 43.44 -26.50
C ALA F 182 -45.46 44.63 -26.46
N VAL F 183 -44.60 44.77 -27.47
CA VAL F 183 -43.64 45.87 -27.48
C VAL F 183 -44.34 47.20 -27.68
N MET F 184 -45.40 47.24 -28.51
CA MET F 184 -46.05 48.50 -28.80
C MET F 184 -46.67 49.16 -27.56
N MET F 185 -46.94 48.40 -26.51
CA MET F 185 -47.53 49.00 -25.31
C MET F 185 -46.50 49.53 -24.31
N LEU F 186 -45.22 49.23 -24.49
CA LEU F 186 -44.20 49.91 -23.70
C LEU F 186 -44.13 51.37 -24.11
N ASP F 187 -43.92 52.26 -23.14
CA ASP F 187 -44.14 53.68 -23.39
C ASP F 187 -42.96 54.35 -24.08
N ASP F 188 -41.84 54.48 -23.37
CA ASP F 188 -40.67 55.14 -23.94
C ASP F 188 -39.34 54.49 -23.61
N LEU F 189 -39.23 53.74 -22.51
CA LEU F 189 -37.96 53.15 -22.13
C LEU F 189 -37.78 51.74 -22.68
N LEU F 190 -38.88 51.06 -23.02
CA LEU F 190 -38.83 49.71 -23.59
C LEU F 190 -38.05 48.77 -22.69
N GLN F 191 -38.28 48.86 -21.39
CA GLN F 191 -37.56 48.03 -20.43
C GLN F 191 -38.01 46.59 -20.52
N LEU F 192 -37.04 45.67 -20.51
CA LEU F 192 -37.36 44.25 -20.61
C LEU F 192 -38.15 43.77 -19.41
N LYS F 193 -37.90 44.35 -18.23
CA LYS F 193 -38.61 43.92 -17.03
C LYS F 193 -40.09 44.30 -17.05
N MET F 194 -40.52 45.12 -18.01
CA MET F 194 -41.93 45.45 -18.15
C MET F 194 -42.69 44.46 -19.01
N ILE F 195 -42.04 43.40 -19.48
CA ILE F 195 -42.68 42.33 -20.23
C ILE F 195 -42.41 41.05 -19.47
N GLY F 196 -43.36 40.62 -18.63
CA GLY F 196 -43.21 39.37 -17.91
C GLY F 196 -43.39 38.18 -18.83
N ILE F 197 -42.62 37.14 -18.56
CA ILE F 197 -42.68 35.90 -19.34
C ILE F 197 -42.85 34.75 -18.36
N LYS F 198 -44.07 34.21 -18.30
CA LYS F 198 -44.39 33.09 -17.43
C LYS F 198 -44.43 31.81 -18.23
N LYS F 199 -43.87 30.74 -17.67
CA LYS F 199 -43.83 29.45 -18.33
C LYS F 199 -44.62 28.45 -17.50
N VAL F 200 -45.67 27.89 -18.09
CA VAL F 200 -46.53 26.92 -17.42
C VAL F 200 -46.47 25.61 -18.19
N GLN F 201 -46.09 24.54 -17.50
CA GLN F 201 -45.92 23.24 -18.14
C GLN F 201 -47.26 22.69 -18.60
N GLY F 202 -47.24 21.98 -19.73
CA GLY F 202 -48.44 21.37 -20.26
C GLY F 202 -49.21 22.29 -21.18
N GLY F 203 -49.51 21.83 -22.39
CA GLY F 203 -50.24 22.64 -23.34
C GLY F 203 -49.44 22.92 -24.60
N ALA F 204 -50.13 23.06 -25.72
CA ALA F 204 -49.46 23.31 -26.99
C ALA F 204 -48.92 24.74 -27.05
N LEU F 205 -48.05 24.98 -28.03
CA LEU F 205 -47.51 26.32 -28.22
C LEU F 205 -48.61 27.32 -28.56
N GLU F 206 -49.58 26.90 -29.38
CA GLU F 206 -50.67 27.79 -29.75
C GLU F 206 -51.53 28.18 -28.56
N ASP F 207 -51.44 27.44 -27.46
CA ASP F 207 -52.19 27.79 -26.26
C ASP F 207 -51.55 28.91 -25.47
N SER F 208 -50.31 29.28 -25.78
CA SER F 208 -49.67 30.41 -25.11
C SER F 208 -50.41 31.70 -25.43
N GLN F 209 -50.50 32.59 -24.45
CA GLN F 209 -51.32 33.79 -24.57
C GLN F 209 -50.55 35.00 -24.08
N LEU F 210 -50.94 36.17 -24.59
CA LEU F 210 -50.44 37.45 -24.13
C LEU F 210 -51.53 38.14 -23.33
N VAL F 211 -51.21 38.54 -22.10
CA VAL F 211 -52.17 39.17 -21.21
C VAL F 211 -51.97 40.67 -21.26
N ALA F 212 -52.98 41.39 -21.74
CA ALA F 212 -52.94 42.86 -21.76
C ALA F 212 -53.20 43.38 -20.34
N GLY F 213 -52.23 43.14 -19.48
CA GLY F 213 -52.36 43.42 -18.07
C GLY F 213 -51.21 42.80 -17.29
N VAL F 214 -51.52 42.06 -16.24
CA VAL F 214 -50.50 41.38 -15.46
C VAL F 214 -51.09 40.08 -14.93
N ALA F 215 -50.27 39.03 -14.90
CA ALA F 215 -50.66 37.74 -14.36
C ALA F 215 -49.49 37.14 -13.61
N PHE F 216 -49.79 36.52 -12.46
CA PHE F 216 -48.75 35.87 -11.67
C PHE F 216 -49.35 34.71 -10.89
N LYS F 217 -48.48 33.80 -10.46
CA LYS F 217 -48.90 32.57 -9.82
C LYS F 217 -49.45 32.85 -8.43
N LYS F 218 -50.31 31.94 -7.97
CA LYS F 218 -50.84 32.02 -6.62
C LYS F 218 -49.72 31.83 -5.60
N THR F 219 -49.75 32.62 -4.53
CA THR F 219 -48.63 32.72 -3.60
C THR F 219 -49.05 32.31 -2.20
N PHE F 220 -48.99 31.01 -1.91
CA PHE F 220 -49.09 30.45 -0.56
C PHE F 220 -50.26 31.05 0.21
N SER F 221 -51.46 30.73 -0.27
CA SER F 221 -52.66 31.14 0.43
C SER F 221 -52.75 30.47 1.79
N TYR F 222 -53.22 31.23 2.79
CA TYR F 222 -53.37 30.72 4.14
C TYR F 222 -54.75 30.12 4.32
N ALA F 223 -55.11 29.80 5.55
CA ALA F 223 -56.44 29.25 5.83
C ALA F 223 -57.50 30.33 5.65
N GLY F 224 -58.67 29.89 5.18
CA GLY F 224 -59.76 30.82 4.91
C GLY F 224 -59.68 31.52 3.58
N PHE F 225 -58.63 31.26 2.80
CA PHE F 225 -58.50 31.90 1.49
C PHE F 225 -59.58 31.43 0.53
N GLU F 226 -59.94 30.15 0.59
CA GLU F 226 -60.88 29.58 -0.38
C GLU F 226 -62.27 30.19 -0.27
N MET F 227 -62.56 30.91 0.82
CA MET F 227 -63.84 31.60 0.93
C MET F 227 -63.86 32.93 0.20
N GLN F 228 -62.71 33.45 -0.20
CA GLN F 228 -62.70 34.72 -0.90
C GLN F 228 -63.22 34.52 -2.32
N PRO F 229 -64.11 35.39 -2.80
CA PRO F 229 -64.56 35.28 -4.18
C PRO F 229 -63.39 35.47 -5.14
N LYS F 230 -63.41 34.70 -6.23
CA LYS F 230 -62.28 34.62 -7.14
C LYS F 230 -62.57 35.30 -8.47
N LYS F 231 -63.53 36.21 -8.51
CA LYS F 231 -63.81 36.97 -9.73
C LYS F 231 -64.50 38.27 -9.36
N TYR F 232 -64.00 39.38 -9.89
CA TYR F 232 -64.58 40.70 -9.67
C TYR F 232 -64.73 41.40 -11.01
N HIS F 233 -65.74 42.27 -11.11
CA HIS F 233 -66.11 42.83 -12.39
C HIS F 233 -65.70 44.29 -12.58
N ASN F 234 -65.33 44.99 -11.52
CA ASN F 234 -64.65 46.29 -11.56
C ASN F 234 -63.92 46.51 -10.25
N PRO F 235 -62.92 45.71 -9.93
CA PRO F 235 -62.26 45.82 -8.63
C PRO F 235 -61.29 46.99 -8.58
N LYS F 236 -61.09 47.49 -7.36
CA LYS F 236 -60.04 48.46 -7.07
C LYS F 236 -58.94 47.73 -6.31
N ILE F 237 -57.70 47.84 -6.80
CA ILE F 237 -56.60 47.05 -6.30
C ILE F 237 -55.78 47.90 -5.36
N ALA F 238 -55.52 47.38 -4.16
CA ALA F 238 -54.74 48.06 -3.14
C ALA F 238 -53.34 47.46 -3.14
N LEU F 239 -52.43 48.10 -3.86
CA LEU F 239 -51.05 47.67 -3.91
C LEU F 239 -50.34 48.15 -2.64
N LEU F 240 -49.85 47.22 -1.85
CA LEU F 240 -49.30 47.54 -0.54
C LEU F 240 -47.96 46.89 -0.34
N ASN F 241 -47.13 47.52 0.50
CA ASN F 241 -45.93 46.91 1.05
C ASN F 241 -46.09 46.94 2.57
N VAL F 242 -46.83 45.97 3.09
CA VAL F 242 -47.23 45.95 4.49
C VAL F 242 -47.30 44.50 4.94
N GLU F 243 -46.81 44.23 6.15
CA GLU F 243 -46.93 42.90 6.76
C GLU F 243 -48.17 42.91 7.63
N LEU F 244 -49.26 42.31 7.14
CA LEU F 244 -50.53 42.29 7.86
C LEU F 244 -50.59 41.02 8.70
N GLU F 245 -49.95 41.08 9.87
CA GLU F 245 -49.87 39.93 10.76
C GLU F 245 -49.88 40.41 12.20
N LEU F 246 -50.23 39.51 13.11
CA LEU F 246 -50.03 39.75 14.53
C LEU F 246 -48.56 39.50 14.84
N LYS F 247 -47.83 40.55 15.15
CA LYS F 247 -46.38 40.46 15.30
C LYS F 247 -45.91 41.50 16.31
N ALA F 248 -44.70 41.30 16.79
CA ALA F 248 -44.08 42.31 17.65
C ALA F 248 -44.02 43.64 16.92
N GLU F 249 -44.34 44.72 17.64
CA GLU F 249 -44.40 46.02 17.01
C GLU F 249 -43.05 46.42 16.43
N LYS F 250 -41.98 46.18 17.18
CA LYS F 250 -40.63 46.41 16.68
C LYS F 250 -39.72 45.31 17.21
N ASP F 251 -38.59 45.12 16.53
CA ASP F 251 -37.65 44.10 16.95
C ASP F 251 -37.09 44.41 18.34
N ASN F 252 -36.79 45.68 18.60
CA ASN F 252 -36.26 46.10 19.88
C ASN F 252 -37.34 46.53 20.87
N ALA F 253 -38.61 46.39 20.50
CA ALA F 253 -39.69 46.76 21.40
C ALA F 253 -39.78 45.79 22.57
N GLU F 254 -40.09 46.34 23.74
CA GLU F 254 -40.20 45.53 24.95
C GLU F 254 -41.25 46.17 25.85
N ILE F 255 -42.23 45.39 26.27
CA ILE F 255 -43.38 45.88 27.03
C ILE F 255 -43.20 45.50 28.48
N ARG F 256 -43.36 46.47 29.38
CA ARG F 256 -43.25 46.26 30.82
C ARG F 256 -44.52 46.76 31.48
N VAL F 257 -45.29 45.82 32.06
CA VAL F 257 -46.51 46.15 32.78
C VAL F 257 -46.49 45.43 34.11
N HIS F 258 -47.25 45.98 35.07
CA HIS F 258 -47.32 45.42 36.41
C HIS F 258 -48.76 45.20 36.86
N THR F 259 -49.69 45.07 35.92
CA THR F 259 -51.09 44.87 36.25
C THR F 259 -51.73 43.99 35.20
N VAL F 260 -52.63 43.11 35.64
CA VAL F 260 -53.35 42.25 34.70
C VAL F 260 -54.24 43.10 33.79
N GLU F 261 -54.78 44.21 34.31
CA GLU F 261 -55.55 45.10 33.47
C GLU F 261 -54.70 45.65 32.33
N ASP F 262 -53.47 46.06 32.62
CA ASP F 262 -52.58 46.53 31.58
C ASP F 262 -52.18 45.41 30.63
N TYR F 263 -52.06 44.18 31.13
CA TYR F 263 -51.79 43.03 30.26
C TYR F 263 -52.91 42.87 29.24
N GLN F 264 -54.16 42.85 29.71
CA GLN F 264 -55.30 42.73 28.81
C GLN F 264 -55.37 43.91 27.86
N ALA F 265 -55.05 45.11 28.35
CA ALA F 265 -55.06 46.29 27.49
C ALA F 265 -54.02 46.17 26.38
N ILE F 266 -52.84 45.63 26.71
CA ILE F 266 -51.81 45.45 25.69
C ILE F 266 -52.24 44.45 24.64
N VAL F 267 -52.83 43.33 25.07
CA VAL F 267 -53.31 42.33 24.11
C VAL F 267 -54.35 42.94 23.18
N ASP F 268 -55.34 43.61 23.77
CA ASP F 268 -56.37 44.25 22.96
C ASP F 268 -55.80 45.35 22.09
N ALA F 269 -54.72 46.00 22.53
CA ALA F 269 -54.10 47.05 21.73
C ALA F 269 -53.44 46.47 20.48
N GLU F 270 -52.75 45.34 20.62
CA GLU F 270 -52.18 44.68 19.44
C GLU F 270 -53.27 44.27 18.47
N TRP F 271 -54.33 43.66 19.00
CA TRP F 271 -55.45 43.26 18.13
C TRP F 271 -56.06 44.48 17.46
N ASN F 272 -56.18 45.60 18.18
CA ASN F 272 -56.77 46.80 17.63
C ASN F 272 -55.87 47.43 16.57
N ILE F 273 -54.55 47.31 16.72
CA ILE F 273 -53.65 47.82 15.68
C ILE F 273 -53.85 47.04 14.39
N LEU F 274 -53.87 45.72 14.49
CA LEU F 274 -54.09 44.91 13.29
C LEU F 274 -55.44 45.23 12.66
N TYR F 275 -56.49 45.29 13.48
CA TYR F 275 -57.82 45.56 12.94
C TYR F 275 -57.93 46.98 12.42
N ASP F 276 -57.16 47.92 12.94
CA ASP F 276 -57.18 49.28 12.40
C ASP F 276 -56.57 49.32 11.01
N LYS F 277 -55.45 48.63 10.81
CA LYS F 277 -54.88 48.54 9.47
C LYS F 277 -55.85 47.88 8.51
N LEU F 278 -56.46 46.77 8.93
CA LEU F 278 -57.41 46.08 8.07
C LEU F 278 -58.63 46.95 7.79
N GLU F 279 -59.09 47.71 8.78
CA GLU F 279 -60.24 48.60 8.61
C GLU F 279 -59.94 49.71 7.62
N LYS F 280 -58.73 50.28 7.69
CA LYS F 280 -58.36 51.30 6.71
C LYS F 280 -58.31 50.73 5.31
N ILE F 281 -57.74 49.52 5.16
CA ILE F 281 -57.70 48.90 3.84
C ILE F 281 -59.11 48.64 3.32
N HIS F 282 -60.00 48.15 4.18
CA HIS F 282 -61.37 47.87 3.76
C HIS F 282 -62.12 49.14 3.38
N HIS F 283 -61.96 50.20 4.17
CA HIS F 283 -62.65 51.46 3.89
C HIS F 283 -62.03 52.24 2.76
N SER F 284 -60.84 51.84 2.29
CA SER F 284 -60.28 52.44 1.09
C SER F 284 -61.14 52.15 -0.15
N GLY F 285 -62.04 51.19 -0.07
CA GLY F 285 -62.87 50.79 -1.18
C GLY F 285 -62.29 49.68 -2.04
N ALA F 286 -61.09 49.22 -1.74
CA ALA F 286 -60.45 48.20 -2.56
C ALA F 286 -61.14 46.86 -2.39
N LYS F 287 -61.15 46.07 -3.47
CA LYS F 287 -61.66 44.70 -3.44
C LYS F 287 -60.58 43.65 -3.62
N VAL F 288 -59.42 44.03 -4.16
CA VAL F 288 -58.28 43.13 -4.31
C VAL F 288 -57.10 43.74 -3.56
N VAL F 289 -56.50 42.95 -2.68
CA VAL F 289 -55.40 43.41 -1.84
C VAL F 289 -54.16 42.58 -2.16
N LEU F 290 -53.10 43.24 -2.59
CA LEU F 290 -51.83 42.58 -2.88
C LEU F 290 -50.75 43.24 -2.04
N SER F 291 -49.92 42.43 -1.40
CA SER F 291 -48.86 42.92 -0.53
C SER F 291 -47.56 42.19 -0.84
N LYS F 292 -46.45 42.94 -0.80
CA LYS F 292 -45.14 42.32 -0.96
C LYS F 292 -44.75 41.52 0.27
N LEU F 293 -45.12 42.01 1.45
CA LEU F 293 -44.86 41.33 2.70
C LEU F 293 -45.96 40.31 2.99
N PRO F 294 -45.68 39.32 3.84
CA PRO F 294 -46.68 38.28 4.12
C PRO F 294 -47.97 38.85 4.68
N ILE F 295 -49.08 38.21 4.30
CA ILE F 295 -50.40 38.50 4.85
C ILE F 295 -50.83 37.30 5.67
N GLY F 296 -51.13 37.54 6.94
CA GLY F 296 -51.40 36.44 7.85
C GLY F 296 -52.77 35.83 7.67
N ASP F 297 -53.00 34.76 8.43
CA ASP F 297 -54.28 34.06 8.35
C ASP F 297 -55.42 34.92 8.89
N VAL F 298 -55.15 35.71 9.93
CA VAL F 298 -56.18 36.58 10.49
C VAL F 298 -56.65 37.59 9.46
N ALA F 299 -55.69 38.21 8.76
CA ALA F 299 -56.05 39.16 7.72
C ALA F 299 -56.77 38.48 6.56
N THR F 300 -56.34 37.26 6.21
CA THR F 300 -57.00 36.53 5.13
C THR F 300 -58.45 36.25 5.47
N GLN F 301 -58.71 35.81 6.70
CA GLN F 301 -60.10 35.55 7.11
C GLN F 301 -60.89 36.85 7.20
N TYR F 302 -60.26 37.92 7.67
CA TYR F 302 -60.93 39.22 7.71
C TYR F 302 -61.38 39.65 6.33
N PHE F 303 -60.50 39.50 5.34
CA PHE F 303 -60.86 39.86 3.97
C PHE F 303 -61.90 38.91 3.39
N ALA F 304 -61.85 37.64 3.77
CA ALA F 304 -62.86 36.69 3.31
C ALA F 304 -64.23 37.04 3.84
N ASP F 305 -64.30 37.54 5.08
CA ASP F 305 -65.58 37.96 5.63
C ASP F 305 -66.16 39.15 4.88
N ARG F 306 -65.31 40.00 4.32
CA ARG F 306 -65.75 41.20 3.62
C ARG F 306 -65.87 41.00 2.11
N ASP F 307 -65.82 39.75 1.64
CA ASP F 307 -65.85 39.44 0.22
C ASP F 307 -64.71 40.13 -0.52
N MET F 308 -63.53 40.15 0.09
CA MET F 308 -62.34 40.75 -0.48
C MET F 308 -61.33 39.66 -0.83
N PHE F 309 -60.34 40.05 -1.63
CA PHE F 309 -59.31 39.13 -2.09
C PHE F 309 -57.96 39.62 -1.60
N CYS F 310 -57.14 38.68 -1.12
CA CYS F 310 -55.81 39.00 -0.61
C CYS F 310 -54.80 38.04 -1.19
N ALA F 311 -53.57 38.53 -1.35
CA ALA F 311 -52.47 37.70 -1.84
C ALA F 311 -51.17 38.30 -1.29
N GLY F 312 -50.60 37.63 -0.29
CA GLY F 312 -49.36 38.10 0.30
C GLY F 312 -48.15 37.48 -0.36
N ARG F 313 -46.98 38.02 -0.02
CA ARG F 313 -45.70 37.55 -0.53
C ARG F 313 -45.62 37.65 -2.05
N VAL F 314 -46.34 38.59 -2.63
CA VAL F 314 -46.27 38.81 -4.08
C VAL F 314 -44.87 39.31 -4.44
N PRO F 315 -44.22 38.75 -5.47
CA PRO F 315 -42.87 39.21 -5.81
C PRO F 315 -42.86 40.69 -6.15
N GLU F 316 -41.75 41.34 -5.80
CA GLU F 316 -41.64 42.79 -5.95
C GLU F 316 -41.77 43.21 -7.41
N GLU F 317 -41.13 42.46 -8.31
CA GLU F 317 -41.22 42.77 -9.73
C GLU F 317 -42.65 42.65 -10.23
N ASP F 318 -43.38 41.63 -9.75
CA ASP F 318 -44.77 41.48 -10.14
C ASP F 318 -45.64 42.62 -9.63
N LEU F 319 -45.34 43.14 -8.43
CA LEU F 319 -46.05 44.32 -7.96
C LEU F 319 -45.76 45.53 -8.82
N LYS F 320 -44.50 45.72 -9.23
CA LYS F 320 -44.19 46.83 -10.12
C LYS F 320 -44.94 46.69 -11.44
N ARG F 321 -45.01 45.48 -11.98
CA ARG F 321 -45.74 45.25 -13.21
C ARG F 321 -47.23 45.54 -13.04
N THR F 322 -47.81 45.11 -11.92
CA THR F 322 -49.21 45.38 -11.66
C THR F 322 -49.47 46.87 -11.50
N MET F 323 -48.56 47.58 -10.84
CA MET F 323 -48.69 49.03 -10.71
C MET F 323 -48.65 49.70 -12.07
N MET F 324 -47.74 49.27 -12.94
CA MET F 324 -47.67 49.83 -14.28
C MET F 324 -48.93 49.54 -15.08
N ALA F 325 -49.48 48.34 -14.94
CA ALA F 325 -50.66 47.97 -15.72
C ALA F 325 -51.91 48.67 -15.22
N CYS F 326 -52.29 48.43 -13.97
CA CYS F 326 -53.55 48.96 -13.44
C CYS F 326 -53.44 50.45 -13.17
N GLY F 327 -52.29 50.92 -12.74
CA GLY F 327 -52.08 52.35 -12.53
C GLY F 327 -52.32 52.82 -11.12
N GLY F 328 -51.70 52.15 -10.15
CA GLY F 328 -51.81 52.59 -8.77
C GLY F 328 -50.50 53.08 -8.21
N SER F 329 -50.25 52.82 -6.93
CA SER F 329 -48.99 53.15 -6.29
C SER F 329 -48.76 52.20 -5.14
N ILE F 330 -47.54 51.68 -5.03
CA ILE F 330 -47.20 50.73 -3.99
C ILE F 330 -47.11 51.50 -2.67
N GLN F 331 -48.03 51.21 -1.75
CA GLN F 331 -48.16 51.95 -0.50
C GLN F 331 -47.50 51.17 0.62
N THR F 332 -46.54 51.79 1.30
CA THR F 332 -45.95 51.20 2.50
C THR F 332 -46.76 51.53 3.75
N SER F 333 -47.54 52.61 3.71
CA SER F 333 -48.40 53.00 4.82
C SER F 333 -49.85 52.97 4.37
N VAL F 334 -50.73 52.43 5.21
CA VAL F 334 -52.15 52.36 4.89
C VAL F 334 -52.92 53.55 5.41
N ASN F 335 -52.24 54.55 5.99
CA ASN F 335 -52.95 55.67 6.59
C ASN F 335 -53.68 56.51 5.55
N ALA F 336 -53.06 56.73 4.39
CA ALA F 336 -53.65 57.55 3.34
C ALA F 336 -53.80 56.68 2.08
N LEU F 337 -54.90 55.93 2.01
CA LEU F 337 -55.22 55.13 0.84
C LEU F 337 -56.27 55.89 0.03
N SER F 338 -55.81 56.93 -0.65
CA SER F 338 -56.70 57.79 -1.42
C SER F 338 -57.15 57.07 -2.69
N ALA F 339 -57.99 57.74 -3.47
CA ALA F 339 -58.51 57.15 -4.69
C ALA F 339 -57.46 57.11 -5.80
N ASP F 340 -56.41 57.91 -5.70
CA ASP F 340 -55.40 57.98 -6.75
C ASP F 340 -54.27 56.98 -6.56
N VAL F 341 -54.27 56.22 -5.45
CA VAL F 341 -53.24 55.24 -5.19
C VAL F 341 -53.77 53.82 -5.31
N LEU F 342 -54.95 53.64 -5.89
CA LEU F 342 -55.56 52.33 -6.07
C LEU F 342 -55.62 51.99 -7.55
N GLY F 343 -55.14 50.81 -7.90
CA GLY F 343 -55.19 50.38 -9.28
C GLY F 343 -56.60 50.02 -9.71
N ARG F 344 -56.87 50.17 -11.00
CA ARG F 344 -58.17 49.85 -11.57
C ARG F 344 -57.99 48.90 -12.73
N CYS F 345 -58.68 47.77 -12.68
CA CYS F 345 -58.69 46.81 -13.78
C CYS F 345 -60.13 46.40 -14.05
N GLN F 346 -60.41 46.09 -15.31
CA GLN F 346 -61.78 45.76 -15.67
C GLN F 346 -62.21 44.43 -15.07
N VAL F 347 -61.38 43.40 -15.19
CA VAL F 347 -61.74 42.06 -14.71
C VAL F 347 -60.55 41.46 -13.99
N PHE F 348 -60.77 40.99 -12.77
CA PHE F 348 -59.79 40.19 -12.04
C PHE F 348 -60.37 38.80 -11.85
N GLU F 349 -59.55 37.78 -12.11
CA GLU F 349 -60.02 36.41 -12.06
C GLU F 349 -58.87 35.49 -11.74
N GLU F 350 -59.16 34.42 -10.98
CA GLU F 350 -58.21 33.36 -10.72
C GLU F 350 -58.65 32.12 -11.49
N THR F 351 -57.80 31.66 -12.40
CA THR F 351 -58.08 30.49 -13.23
C THR F 351 -56.94 29.51 -13.11
N GLN F 352 -57.24 28.25 -13.40
CA GLN F 352 -56.23 27.20 -13.38
C GLN F 352 -55.64 27.04 -14.77
N ILE F 353 -54.32 27.06 -14.85
CA ILE F 353 -53.59 26.86 -16.09
C ILE F 353 -52.61 25.72 -15.87
N GLY F 354 -52.89 24.56 -16.45
CA GLY F 354 -51.98 23.44 -16.40
C GLY F 354 -51.59 23.00 -15.00
N GLY F 355 -52.57 22.88 -14.11
CA GLY F 355 -52.30 22.44 -12.76
C GLY F 355 -51.78 23.49 -11.83
N GLU F 356 -51.77 24.76 -12.24
CA GLU F 356 -51.34 25.86 -11.40
C GLU F 356 -52.38 26.97 -11.43
N ARG F 357 -52.51 27.68 -10.32
CA ARG F 357 -53.47 28.77 -10.18
C ARG F 357 -52.79 30.09 -10.48
N TYR F 358 -53.41 30.90 -11.33
CA TYR F 358 -52.86 32.18 -11.74
C TYR F 358 -53.89 33.27 -11.53
N ASN F 359 -53.43 34.44 -11.09
CA ASN F 359 -54.28 35.61 -10.93
C ASN F 359 -54.17 36.48 -12.16
N PHE F 360 -55.31 36.85 -12.73
CA PHE F 360 -55.36 37.59 -13.99
C PHE F 360 -55.91 39.00 -13.76
N PHE F 361 -55.27 39.97 -14.40
CA PHE F 361 -55.71 41.37 -14.39
C PHE F 361 -55.84 41.80 -15.83
N THR F 362 -57.04 41.67 -16.39
CA THR F 362 -57.30 42.04 -17.78
C THR F 362 -58.08 43.35 -17.84
N GLY F 363 -58.28 43.83 -19.06
CA GLY F 363 -59.04 45.04 -19.29
C GLY F 363 -58.44 46.29 -18.71
N CYS F 364 -57.14 46.49 -18.91
CA CYS F 364 -56.47 47.71 -18.46
C CYS F 364 -56.18 48.60 -19.67
N PRO F 365 -57.03 49.59 -19.95
CA PRO F 365 -56.79 50.43 -21.13
C PRO F 365 -55.50 51.21 -21.07
N LYS F 366 -55.08 51.65 -19.89
CA LYS F 366 -53.86 52.43 -19.72
C LYS F 366 -52.67 51.58 -19.31
N ALA F 367 -52.68 50.30 -19.66
CA ALA F 367 -51.58 49.42 -19.30
C ALA F 367 -50.31 49.79 -20.06
N LYS F 368 -49.18 49.72 -19.36
CA LYS F 368 -47.87 49.95 -19.97
C LYS F 368 -46.97 48.74 -19.80
N THR F 369 -47.56 47.55 -19.75
CA THR F 369 -46.80 46.33 -19.53
C THR F 369 -47.59 45.16 -20.09
N CYS F 370 -46.99 43.97 -20.04
CA CYS F 370 -47.57 42.76 -20.61
C CYS F 370 -47.28 41.59 -19.69
N THR F 371 -47.66 40.40 -20.14
CA THR F 371 -47.27 39.17 -19.46
C THR F 371 -47.45 38.02 -20.46
N PHE F 372 -46.36 37.38 -20.82
CA PHE F 372 -46.40 36.19 -21.66
C PHE F 372 -46.58 34.96 -20.79
N ILE F 373 -47.59 34.16 -21.10
CA ILE F 373 -47.81 32.87 -20.44
C ILE F 373 -47.51 31.81 -21.47
N LEU F 374 -46.32 31.22 -21.39
CA LEU F 374 -45.85 30.26 -22.39
C LEU F 374 -46.24 28.86 -21.97
N ARG F 375 -46.87 28.14 -22.89
CA ARG F 375 -47.27 26.75 -22.68
C ARG F 375 -46.34 25.84 -23.45
N GLY F 376 -45.83 24.81 -22.78
CA GLY F 376 -44.92 23.88 -23.41
C GLY F 376 -45.02 22.52 -22.73
N GLY F 377 -44.30 21.55 -23.29
CA GLY F 377 -44.36 20.21 -22.77
C GLY F 377 -43.17 19.82 -21.91
N ALA F 378 -42.18 20.70 -21.81
CA ALA F 378 -40.99 20.41 -21.03
C ALA F 378 -40.38 21.71 -20.55
N GLU F 379 -39.55 21.60 -19.51
CA GLU F 379 -38.89 22.79 -18.96
C GLU F 379 -37.97 23.44 -19.99
N GLN F 380 -37.14 22.63 -20.66
CA GLN F 380 -36.27 23.17 -21.68
C GLN F 380 -37.05 23.68 -22.88
N PHE F 381 -38.20 23.05 -23.18
CA PHE F 381 -39.07 23.55 -24.24
C PHE F 381 -39.47 24.99 -23.98
N MET F 382 -39.99 25.27 -22.78
CA MET F 382 -40.41 26.62 -22.44
C MET F 382 -39.22 27.55 -22.31
N GLU F 383 -38.08 27.06 -21.83
CA GLU F 383 -36.89 27.91 -21.74
C GLU F 383 -36.44 28.37 -23.13
N GLU F 384 -36.41 27.46 -24.09
CA GLU F 384 -35.98 27.85 -25.44
C GLU F 384 -37.03 28.71 -26.13
N THR F 385 -38.31 28.47 -25.85
CA THR F 385 -39.34 29.39 -26.34
C THR F 385 -39.13 30.79 -25.79
N GLU F 386 -38.78 30.88 -24.50
CA GLU F 386 -38.49 32.18 -23.90
C GLU F 386 -37.28 32.84 -24.53
N ARG F 387 -36.24 32.06 -24.82
CA ARG F 387 -35.06 32.61 -25.49
C ARG F 387 -35.42 33.17 -26.86
N SER F 388 -36.21 32.42 -27.63
CA SER F 388 -36.61 32.87 -28.95
C SER F 388 -37.45 34.14 -28.86
N LEU F 389 -38.38 34.18 -27.91
CA LEU F 389 -39.19 35.38 -27.73
C LEU F 389 -38.33 36.56 -27.30
N HIS F 390 -37.28 36.31 -26.50
CA HIS F 390 -36.38 37.39 -26.13
C HIS F 390 -35.66 37.94 -27.35
N ASP F 391 -35.19 37.06 -28.23
CA ASP F 391 -34.54 37.53 -29.46
C ASP F 391 -35.50 38.37 -30.29
N ALA F 392 -36.74 37.90 -30.44
CA ALA F 392 -37.73 38.65 -31.21
C ALA F 392 -38.03 40.00 -30.56
N ILE F 393 -38.12 40.04 -29.24
CA ILE F 393 -38.43 41.28 -28.54
C ILE F 393 -37.31 42.29 -28.73
N MET F 394 -36.05 41.85 -28.61
CA MET F 394 -34.94 42.77 -28.83
C MET F 394 -34.91 43.27 -30.27
N ILE F 395 -35.18 42.40 -31.24
CA ILE F 395 -35.24 42.85 -32.63
C ILE F 395 -36.33 43.89 -32.82
N VAL F 396 -37.50 43.66 -32.24
CA VAL F 396 -38.60 44.62 -32.39
C VAL F 396 -38.25 45.94 -31.73
N ARG F 397 -37.61 45.91 -30.57
CA ARG F 397 -37.21 47.14 -29.91
C ARG F 397 -36.22 47.93 -30.76
N ARG F 398 -35.21 47.24 -31.31
CA ARG F 398 -34.24 47.93 -32.15
C ARG F 398 -34.89 48.48 -33.40
N ALA F 399 -35.86 47.76 -33.98
CA ALA F 399 -36.56 48.28 -35.14
C ALA F 399 -37.41 49.50 -34.78
N ILE F 400 -37.96 49.51 -33.57
CA ILE F 400 -38.67 50.69 -33.09
C ILE F 400 -37.73 51.88 -32.99
N LYS F 401 -36.48 51.63 -32.55
CA LYS F 401 -35.50 52.70 -32.48
C LYS F 401 -35.26 53.33 -33.84
N ASN F 402 -35.13 52.52 -34.88
CA ASN F 402 -34.99 53.02 -36.24
C ASN F 402 -35.46 51.97 -37.23
N ASP F 403 -36.24 52.40 -38.21
CA ASP F 403 -36.81 51.49 -39.20
C ASP F 403 -35.91 51.34 -40.42
N SER F 404 -34.65 50.99 -40.18
CA SER F 404 -33.67 50.76 -41.24
C SER F 404 -33.44 49.26 -41.35
N VAL F 405 -33.80 48.68 -42.48
CA VAL F 405 -33.75 47.22 -42.65
C VAL F 405 -32.97 46.89 -43.91
N VAL F 406 -32.43 45.66 -43.91
CA VAL F 406 -31.77 45.08 -45.07
C VAL F 406 -32.28 43.66 -45.23
N ALA F 407 -32.18 43.14 -46.44
CA ALA F 407 -32.64 41.79 -46.73
C ALA F 407 -31.65 40.77 -46.20
N GLY F 408 -32.18 39.74 -45.54
CA GLY F 408 -31.37 38.69 -44.98
C GLY F 408 -31.16 37.54 -45.95
N GLY F 409 -30.85 36.37 -45.39
CA GLY F 409 -30.60 35.21 -46.21
C GLY F 409 -29.27 35.25 -46.94
N GLY F 410 -28.32 36.04 -46.46
CA GLY F 410 -27.05 36.18 -47.12
C GLY F 410 -26.98 37.25 -48.19
N ALA F 411 -28.11 37.90 -48.50
CA ALA F 411 -28.13 38.90 -49.56
C ALA F 411 -27.22 40.09 -49.22
N ILE F 412 -27.31 40.58 -47.99
CA ILE F 412 -26.51 41.75 -47.60
C ILE F 412 -25.03 41.39 -47.59
N GLU F 413 -24.69 40.20 -47.09
CA GLU F 413 -23.29 39.78 -47.11
C GLU F 413 -22.78 39.62 -48.53
N MET F 414 -23.61 39.08 -49.43
CA MET F 414 -23.17 38.93 -50.82
C MET F 414 -22.94 40.29 -51.47
N GLU F 415 -23.85 41.24 -51.24
CA GLU F 415 -23.67 42.58 -51.80
C GLU F 415 -22.43 43.25 -51.24
N LEU F 416 -22.20 43.12 -49.93
CA LEU F 416 -21.00 43.69 -49.33
C LEU F 416 -19.75 43.04 -49.90
N SER F 417 -19.78 41.73 -50.12
CA SER F 417 -18.62 41.05 -50.69
C SER F 417 -18.34 41.55 -52.09
N LYS F 418 -19.38 41.71 -52.90
CA LYS F 418 -19.18 42.24 -54.25
C LYS F 418 -18.61 43.64 -54.22
N TYR F 419 -19.15 44.50 -53.35
CA TYR F 419 -18.65 45.87 -53.25
C TYR F 419 -17.20 45.91 -52.79
N LEU F 420 -16.85 45.09 -51.80
CA LEU F 420 -15.48 45.08 -51.29
C LEU F 420 -14.51 44.54 -52.33
N ARG F 421 -14.92 43.52 -53.10
CA ARG F 421 -14.06 43.03 -54.16
C ARG F 421 -13.84 44.10 -55.22
N ASP F 422 -14.92 44.82 -55.59
CA ASP F 422 -14.78 45.88 -56.58
C ASP F 422 -13.86 46.98 -56.08
N TYR F 423 -13.96 47.33 -54.80
CA TYR F 423 -13.06 48.33 -54.23
C TYR F 423 -11.62 47.83 -54.23
N SER F 424 -11.41 46.59 -53.80
CA SER F 424 -10.06 46.04 -53.69
C SER F 424 -9.40 45.90 -55.05
N ARG F 425 -10.19 45.78 -56.10
CA ARG F 425 -9.53 45.74 -57.40
C ARG F 425 -8.95 47.11 -57.83
N THR F 426 -8.93 48.14 -56.99
CA THR F 426 -8.43 49.46 -57.36
C THR F 426 -7.38 49.97 -56.37
N ILE F 427 -6.55 49.07 -55.86
CA ILE F 427 -5.49 49.45 -54.91
C ILE F 427 -4.21 48.71 -55.27
N PRO F 428 -3.06 49.21 -54.80
CA PRO F 428 -1.78 48.73 -55.35
C PRO F 428 -1.57 47.21 -55.31
N GLY F 429 -2.01 46.52 -54.26
CA GLY F 429 -1.92 45.08 -54.30
C GLY F 429 -1.59 44.38 -53.00
N LYS F 430 -0.87 45.04 -52.10
CA LYS F 430 -0.65 44.43 -50.79
C LYS F 430 -1.93 44.39 -49.98
N GLN F 431 -2.68 45.50 -49.96
CA GLN F 431 -3.99 45.52 -49.34
C GLN F 431 -5.05 44.85 -50.20
N GLN F 432 -4.81 44.73 -51.50
CA GLN F 432 -5.81 44.14 -52.38
C GLN F 432 -6.09 42.70 -52.02
N LEU F 433 -5.03 41.91 -51.77
CA LEU F 433 -5.22 40.51 -51.42
C LEU F 433 -5.98 40.37 -50.12
N LEU F 434 -5.66 41.20 -49.13
CA LEU F 434 -6.31 41.08 -47.82
C LEU F 434 -7.77 41.52 -47.88
N ILE F 435 -8.07 42.59 -48.63
CA ILE F 435 -9.46 43.01 -48.74
C ILE F 435 -10.26 41.98 -49.56
N GLY F 436 -9.63 41.39 -50.58
CA GLY F 436 -10.29 40.30 -51.29
C GLY F 436 -10.56 39.10 -50.40
N ALA F 437 -9.61 38.80 -49.50
CA ALA F 437 -9.84 37.74 -48.53
C ALA F 437 -11.00 38.07 -47.60
N TYR F 438 -11.10 39.34 -47.20
CA TYR F 438 -12.23 39.79 -46.39
C TYR F 438 -13.55 39.59 -47.14
N ALA F 439 -13.58 39.99 -48.42
CA ALA F 439 -14.79 39.83 -49.22
C ALA F 439 -15.16 38.36 -49.37
N LYS F 440 -14.17 37.50 -49.60
CA LYS F 440 -14.44 36.07 -49.70
C LYS F 440 -14.94 35.51 -48.37
N ALA F 441 -14.40 36.02 -47.26
CA ALA F 441 -14.83 35.58 -45.94
C ALA F 441 -16.26 35.99 -45.65
N LEU F 442 -16.70 37.10 -46.23
CA LEU F 442 -18.09 37.53 -46.04
C LEU F 442 -19.08 36.56 -46.66
N GLU F 443 -18.63 35.63 -47.50
CA GLU F 443 -19.49 34.67 -48.17
C GLU F 443 -19.85 33.47 -47.29
N ILE F 444 -19.41 33.45 -46.04
CA ILE F 444 -19.64 32.28 -45.20
C ILE F 444 -21.12 32.12 -44.89
N ILE F 445 -21.85 33.23 -44.72
CA ILE F 445 -23.24 33.14 -44.29
C ILE F 445 -24.12 32.41 -45.30
N PRO F 446 -24.18 32.80 -46.58
CA PRO F 446 -24.96 31.98 -47.53
C PRO F 446 -24.45 30.56 -47.66
N ARG F 447 -23.13 30.37 -47.61
CA ARG F 447 -22.57 29.02 -47.68
C ARG F 447 -23.02 28.19 -46.48
N GLN F 448 -23.01 28.77 -45.28
CA GLN F 448 -23.46 28.04 -44.11
C GLN F 448 -24.95 27.75 -44.17
N LEU F 449 -25.74 28.69 -44.69
CA LEU F 449 -27.17 28.45 -44.86
C LEU F 449 -27.41 27.27 -45.78
N CYS F 450 -26.71 27.24 -46.92
CA CYS F 450 -26.88 26.14 -47.86
C CYS F 450 -26.42 24.82 -47.27
N ASP F 451 -25.30 24.83 -46.54
CA ASP F 451 -24.80 23.61 -45.93
C ASP F 451 -25.78 23.06 -44.89
N ASN F 452 -26.35 23.96 -44.08
CA ASN F 452 -27.33 23.52 -43.08
C ASN F 452 -28.61 23.03 -43.73
N ALA F 453 -29.02 23.64 -44.83
CA ALA F 453 -30.25 23.25 -45.50
C ALA F 453 -30.10 21.99 -46.34
N GLY F 454 -28.88 21.47 -46.48
CA GLY F 454 -28.67 20.33 -47.36
C GLY F 454 -28.57 20.66 -48.82
N PHE F 455 -28.28 21.91 -49.17
CA PHE F 455 -28.20 22.34 -50.56
C PHE F 455 -26.85 21.94 -51.14
N ASP F 456 -26.54 22.46 -52.32
CA ASP F 456 -25.20 22.46 -52.87
C ASP F 456 -24.69 23.89 -52.79
N ALA F 457 -23.78 24.15 -51.85
CA ALA F 457 -23.39 25.51 -51.55
C ALA F 457 -22.70 26.18 -52.75
N THR F 458 -21.88 25.44 -53.48
CA THR F 458 -21.09 26.04 -54.54
C THR F 458 -21.96 26.61 -55.65
N ASN F 459 -22.96 25.86 -56.09
CA ASN F 459 -23.82 26.33 -57.17
C ASN F 459 -24.64 27.54 -56.74
N ILE F 460 -25.20 27.51 -55.53
CA ILE F 460 -25.97 28.64 -55.03
C ILE F 460 -25.09 29.88 -54.92
N LEU F 461 -23.87 29.70 -54.39
CA LEU F 461 -22.95 30.83 -54.29
C LEU F 461 -22.59 31.39 -55.65
N ASN F 462 -22.35 30.52 -56.63
CA ASN F 462 -22.04 31.02 -57.98
C ASN F 462 -23.21 31.79 -58.56
N LYS F 463 -24.43 31.28 -58.39
CA LYS F 463 -25.59 31.99 -58.92
C LYS F 463 -25.79 33.32 -58.21
N LEU F 464 -25.60 33.36 -56.89
CA LEU F 464 -25.72 34.60 -56.15
C LEU F 464 -24.68 35.61 -56.59
N ARG F 465 -23.43 35.16 -56.79
CA ARG F 465 -22.38 36.06 -57.23
C ARG F 465 -22.69 36.62 -58.60
N ALA F 466 -23.12 35.75 -59.53
CA ALA F 466 -23.45 36.21 -60.88
C ALA F 466 -24.61 37.19 -60.86
N ARG F 467 -25.61 36.94 -60.01
CA ARG F 467 -26.76 37.83 -59.96
C ARG F 467 -26.38 39.19 -59.36
N HIS F 468 -25.66 39.18 -58.23
CA HIS F 468 -25.27 40.44 -57.61
C HIS F 468 -24.35 41.25 -58.51
N ALA F 469 -23.49 40.56 -59.27
CA ALA F 469 -22.62 41.28 -60.20
C ALA F 469 -23.43 42.00 -61.27
N GLN F 470 -24.48 41.35 -61.77
CA GLN F 470 -25.29 41.91 -62.85
C GLN F 470 -26.48 42.71 -62.35
N GLY F 471 -26.62 42.88 -61.03
CA GLY F 471 -27.70 43.69 -60.52
C GLY F 471 -28.64 42.94 -59.59
N GLY F 472 -29.17 43.65 -58.60
CA GLY F 472 -30.02 43.04 -57.60
C GLY F 472 -29.35 43.03 -56.25
N THR F 473 -29.73 43.99 -55.40
CA THR F 473 -29.08 44.17 -54.12
C THR F 473 -29.52 43.12 -53.11
N TRP F 474 -30.76 42.64 -53.21
CA TRP F 474 -31.40 41.85 -52.17
C TRP F 474 -31.68 40.43 -52.63
N TYR F 475 -30.73 39.80 -53.31
CA TYR F 475 -30.86 38.42 -53.74
C TYR F 475 -30.07 37.53 -52.77
N GLY F 476 -30.77 36.58 -52.16
CA GLY F 476 -30.16 35.69 -51.20
C GLY F 476 -30.65 34.27 -51.31
N VAL F 477 -30.35 33.45 -50.31
CA VAL F 477 -30.69 32.03 -50.34
C VAL F 477 -32.19 31.87 -50.07
N ASP F 478 -32.85 31.09 -50.91
CA ASP F 478 -34.25 30.72 -50.72
C ASP F 478 -34.29 29.28 -50.27
N ILE F 479 -34.59 29.06 -48.98
CA ILE F 479 -34.46 27.71 -48.41
C ILE F 479 -35.53 26.79 -48.95
N ASN F 480 -36.77 27.26 -49.05
CA ASN F 480 -37.87 26.37 -49.41
C ASN F 480 -37.77 25.90 -50.86
N ASN F 481 -37.33 26.78 -51.75
CA ASN F 481 -37.30 26.47 -53.17
C ASN F 481 -35.95 25.94 -53.65
N GLU F 482 -34.99 25.75 -52.75
CA GLU F 482 -33.67 25.21 -53.09
C GLU F 482 -32.99 26.07 -54.15
N ASP F 483 -33.20 27.38 -54.10
CA ASP F 483 -32.72 28.28 -55.14
C ASP F 483 -32.43 29.63 -54.50
N ILE F 484 -32.27 30.66 -55.31
CA ILE F 484 -32.08 32.02 -54.84
C ILE F 484 -33.30 32.84 -55.24
N ALA F 485 -33.55 33.91 -54.47
CA ALA F 485 -34.71 34.76 -54.73
C ALA F 485 -34.47 36.12 -54.10
N ASP F 486 -35.26 37.09 -54.54
CA ASP F 486 -35.21 38.42 -53.95
C ASP F 486 -35.74 38.36 -52.52
N ASN F 487 -34.84 38.45 -51.54
CA ASN F 487 -35.25 38.31 -50.15
C ASN F 487 -36.01 39.52 -49.66
N PHE F 488 -35.79 40.69 -50.25
CA PHE F 488 -36.54 41.87 -49.84
C PHE F 488 -38.02 41.71 -50.16
N GLU F 489 -38.34 41.19 -51.34
CA GLU F 489 -39.73 40.91 -51.69
C GLU F 489 -40.24 39.64 -51.04
N ALA F 490 -39.35 38.79 -50.54
CA ALA F 490 -39.74 37.61 -49.78
C ALA F 490 -39.91 37.91 -48.30
N PHE F 491 -39.75 39.18 -47.91
CA PHE F 491 -39.97 39.62 -46.54
C PHE F 491 -39.03 38.93 -45.55
N VAL F 492 -37.79 38.72 -45.99
CA VAL F 492 -36.71 38.30 -45.09
C VAL F 492 -35.99 39.59 -44.72
N TRP F 493 -36.47 40.25 -43.67
CA TRP F 493 -35.99 41.57 -43.27
C TRP F 493 -35.33 41.48 -41.90
N GLU F 494 -34.15 42.08 -41.79
CA GLU F 494 -33.50 42.27 -40.50
C GLU F 494 -32.95 43.69 -40.45
N PRO F 495 -32.93 44.30 -39.25
CA PRO F 495 -32.43 45.67 -39.15
C PRO F 495 -30.96 45.76 -39.54
N ALA F 496 -30.59 46.90 -40.13
CA ALA F 496 -29.21 47.12 -40.51
C ALA F 496 -28.28 47.15 -39.29
N MET F 497 -28.81 47.48 -38.12
CA MET F 497 -28.00 47.52 -36.91
C MET F 497 -27.41 46.16 -36.61
N VAL F 498 -28.15 45.08 -36.88
CA VAL F 498 -27.66 43.74 -36.59
C VAL F 498 -26.39 43.46 -37.37
N ARG F 499 -26.41 43.70 -38.68
CA ARG F 499 -25.24 43.41 -39.50
C ARG F 499 -24.11 44.40 -39.22
N ILE F 500 -24.44 45.66 -38.94
CA ILE F 500 -23.42 46.64 -38.61
C ILE F 500 -22.64 46.19 -37.37
N ASN F 501 -23.37 45.83 -36.31
CA ASN F 501 -22.72 45.40 -35.08
C ASN F 501 -21.99 44.09 -35.27
N ALA F 502 -22.56 43.17 -36.05
CA ALA F 502 -21.89 41.90 -36.29
C ALA F 502 -20.55 42.12 -36.98
N LEU F 503 -20.53 42.93 -38.04
CA LEU F 503 -19.29 43.21 -38.74
C LEU F 503 -18.29 43.90 -37.83
N THR F 504 -18.74 44.90 -37.07
CA THR F 504 -17.83 45.63 -36.21
C THR F 504 -17.20 44.72 -35.15
N ALA F 505 -18.02 43.93 -34.48
CA ALA F 505 -17.51 43.05 -33.43
C ALA F 505 -16.61 41.96 -34.00
N ALA F 506 -16.98 41.37 -35.14
CA ALA F 506 -16.15 40.35 -35.74
C ALA F 506 -14.79 40.91 -36.16
N SER F 507 -14.78 42.10 -36.76
CA SER F 507 -13.54 42.73 -37.15
C SER F 507 -12.67 43.03 -35.93
N GLU F 508 -13.27 43.56 -34.86
CA GLU F 508 -12.51 43.87 -33.67
C GLU F 508 -11.90 42.61 -33.07
N ALA F 509 -12.68 41.52 -33.00
CA ALA F 509 -12.15 40.27 -32.47
C ALA F 509 -11.02 39.74 -33.34
N ALA F 510 -11.18 39.79 -34.66
CA ALA F 510 -10.13 39.30 -35.55
C ALA F 510 -8.85 40.11 -35.38
N CYS F 511 -8.98 41.43 -35.31
CA CYS F 511 -7.80 42.28 -35.13
C CYS F 511 -7.13 42.02 -33.79
N LEU F 512 -7.92 41.84 -32.73
CA LEU F 512 -7.33 41.56 -31.42
C LEU F 512 -6.59 40.23 -31.43
N ILE F 513 -7.17 39.21 -32.05
CA ILE F 513 -6.51 37.91 -32.10
C ILE F 513 -5.24 37.98 -32.93
N VAL F 514 -5.29 38.66 -34.07
CA VAL F 514 -4.12 38.73 -34.95
C VAL F 514 -2.99 39.52 -34.30
N SER F 515 -3.33 40.58 -33.56
CA SER F 515 -2.30 41.42 -32.97
C SER F 515 -1.44 40.67 -31.96
N VAL F 516 -2.00 39.69 -31.27
CA VAL F 516 -1.28 38.95 -30.24
C VAL F 516 -0.24 38.04 -30.91
N ASP F 517 0.96 38.03 -30.37
CA ASP F 517 2.03 37.18 -30.87
C ASP F 517 2.55 36.16 -29.85
N GLU F 518 2.47 36.47 -28.56
CA GLU F 518 3.00 35.58 -27.53
C GLU F 518 1.95 35.38 -26.44
N THR F 519 1.82 34.14 -25.99
CA THR F 519 0.91 33.77 -24.91
C THR F 519 1.72 33.25 -23.74
N ILE F 520 1.48 33.80 -22.55
CA ILE F 520 2.18 33.41 -21.34
C ILE F 520 1.15 32.95 -20.32
N LYS F 521 1.36 31.75 -19.78
CA LYS F 521 0.45 31.15 -18.80
C LYS F 521 1.22 30.93 -17.50
N ASN F 522 0.90 31.71 -16.47
CA ASN F 522 1.53 31.53 -15.18
C ASN F 522 1.02 30.25 -14.52
N PRO F 523 1.84 29.63 -13.68
CA PRO F 523 1.37 28.44 -12.95
C PRO F 523 0.22 28.79 -12.00
N ARG F 524 -0.68 27.84 -11.83
CA ARG F 524 -1.86 28.07 -11.02
C ARG F 524 -1.51 28.20 -9.54
N SER F 525 -2.35 28.94 -8.83
CA SER F 525 -2.24 29.08 -7.38
C SER F 525 -3.47 28.46 -6.72
N THR F 526 -3.25 27.79 -5.59
CA THR F 526 -4.30 27.06 -4.88
C THR F 526 -4.99 26.05 -5.80
N VAL F 527 -4.19 25.11 -6.29
CA VAL F 527 -4.71 24.08 -7.19
C VAL F 527 -5.68 23.16 -6.46
N ASP F 528 -5.51 22.99 -5.15
CA ASP F 528 -6.34 22.12 -4.32
C ASP F 528 -6.33 20.68 -4.85
N ALA G 1 37.10 8.66 -2.07
CA ALA G 1 37.57 9.01 -3.41
C ALA G 1 36.42 9.04 -4.40
N LEU G 2 35.20 9.28 -3.89
CA LEU G 2 34.04 9.29 -4.75
C LEU G 2 33.05 10.40 -4.41
N HIS G 3 33.38 11.31 -3.51
CA HIS G 3 32.45 12.37 -3.14
C HIS G 3 33.23 13.59 -2.67
N VAL G 4 32.77 14.77 -3.09
CA VAL G 4 33.37 16.04 -2.68
C VAL G 4 32.64 16.52 -1.44
N PRO G 5 33.28 16.59 -0.28
CA PRO G 5 32.63 17.15 0.90
C PRO G 5 32.49 18.66 0.78
N LYS G 6 31.54 19.21 1.53
CA LYS G 6 31.38 20.66 1.57
C LYS G 6 32.59 21.28 2.26
N ALA G 7 33.07 22.38 1.68
CA ALA G 7 34.29 23.00 2.19
C ALA G 7 34.07 23.49 3.62
N PRO G 8 35.06 23.35 4.49
CA PRO G 8 34.91 23.86 5.86
C PRO G 8 34.73 25.37 5.86
N GLY G 9 33.89 25.84 6.77
CA GLY G 9 33.59 27.26 6.83
C GLY G 9 32.15 27.56 6.49
N PHE G 10 31.92 28.61 5.70
CA PHE G 10 30.55 29.06 5.43
C PHE G 10 29.74 28.02 4.68
N ALA G 11 30.38 27.18 3.88
CA ALA G 11 29.65 26.17 3.11
C ALA G 11 28.94 25.19 4.03
N GLN G 12 29.61 24.76 5.10
CA GLN G 12 29.01 23.79 6.01
C GLN G 12 27.98 24.41 6.93
N MET G 13 28.12 25.69 7.27
CA MET G 13 27.18 26.35 8.16
C MET G 13 25.91 26.81 7.45
N LEU G 14 25.86 26.74 6.13
CA LEU G 14 24.67 27.16 5.40
C LEU G 14 23.50 26.27 5.73
N LYS G 15 22.29 26.82 5.62
CA LYS G 15 21.09 26.07 5.95
C LYS G 15 20.77 25.07 4.84
N GLU G 16 19.65 24.36 5.00
CA GLU G 16 19.34 23.26 4.10
C GLU G 16 18.91 23.75 2.73
N GLY G 17 18.09 24.79 2.66
CA GLY G 17 17.58 25.29 1.40
C GLY G 17 18.24 26.54 0.88
N ALA G 18 19.18 27.11 1.62
CA ALA G 18 19.78 28.37 1.22
C ALA G 18 20.72 28.18 0.04
N LYS G 19 20.91 29.28 -0.70
CA LYS G 19 21.84 29.32 -1.82
C LYS G 19 22.78 30.50 -1.64
N HIS G 20 24.06 30.29 -1.93
CA HIS G 20 25.06 31.33 -1.81
C HIS G 20 25.81 31.46 -3.12
N PHE G 21 25.85 32.68 -3.67
CA PHE G 21 26.58 32.99 -4.88
C PHE G 21 27.53 34.14 -4.60
N SER G 22 28.78 34.01 -5.06
CA SER G 22 29.78 35.03 -4.80
C SER G 22 30.74 35.11 -5.97
N GLY G 23 31.16 36.33 -6.31
CA GLY G 23 32.10 36.56 -7.38
C GLY G 23 31.43 36.98 -8.67
N LEU G 24 32.28 37.30 -9.65
CA LEU G 24 31.77 37.77 -10.93
C LEU G 24 30.94 36.71 -11.63
N GLU G 25 31.51 35.52 -11.79
CA GLU G 25 30.94 34.53 -12.71
C GLU G 25 29.56 34.06 -12.26
N GLU G 26 29.42 33.68 -11.00
CA GLU G 26 28.19 33.08 -10.54
C GLU G 26 27.20 34.06 -9.93
N ALA G 27 27.56 35.33 -9.79
CA ALA G 27 26.61 36.34 -9.33
C ALA G 27 26.35 37.41 -10.37
N VAL G 28 27.38 38.14 -10.81
CA VAL G 28 27.15 39.30 -11.65
C VAL G 28 26.68 38.87 -13.04
N TYR G 29 27.33 37.87 -13.61
CA TYR G 29 26.95 37.41 -14.94
C TYR G 29 25.56 36.78 -14.93
N ARG G 30 25.22 36.05 -13.87
CA ARG G 30 23.88 35.50 -13.76
C ARG G 30 22.83 36.59 -13.66
N ASN G 31 23.09 37.62 -12.86
CA ASN G 31 22.15 38.72 -12.76
C ASN G 31 21.97 39.43 -14.09
N ILE G 32 23.08 39.66 -14.80
CA ILE G 32 23.00 40.33 -16.09
C ILE G 32 22.24 39.49 -17.09
N GLN G 33 22.47 38.18 -17.08
CA GLN G 33 21.74 37.28 -17.97
C GLN G 33 20.24 37.31 -17.68
N ALA G 34 19.87 37.29 -16.40
CA ALA G 34 18.45 37.33 -16.07
C ALA G 34 17.81 38.65 -16.51
N CYS G 35 18.50 39.76 -16.29
CA CYS G 35 17.96 41.04 -16.72
C CYS G 35 17.83 41.11 -18.24
N LYS G 36 18.81 40.56 -18.96
CA LYS G 36 18.72 40.51 -20.41
C LYS G 36 17.54 39.67 -20.87
N GLU G 37 17.30 38.54 -20.18
CA GLU G 37 16.14 37.71 -20.52
C GLU G 37 14.84 38.47 -20.31
N LEU G 38 14.72 39.20 -19.21
CA LEU G 38 13.52 39.99 -18.96
C LEU G 38 13.33 41.05 -20.04
N ALA G 39 14.42 41.72 -20.42
CA ALA G 39 14.34 42.72 -21.47
C ALA G 39 13.90 42.09 -22.79
N GLN G 40 14.40 40.90 -23.10
CA GLN G 40 13.96 40.22 -24.32
C GLN G 40 12.48 39.87 -24.25
N THR G 41 12.00 39.44 -23.09
CA THR G 41 10.59 39.10 -22.96
C THR G 41 9.71 40.31 -23.21
N THR G 42 10.13 41.49 -22.74
CA THR G 42 9.29 42.67 -22.89
C THR G 42 9.56 43.43 -24.20
N ARG G 43 10.63 43.10 -24.92
CA ARG G 43 11.08 43.93 -26.03
C ARG G 43 10.06 44.04 -27.16
N THR G 44 9.42 42.92 -27.53
CA THR G 44 8.60 42.92 -28.73
C THR G 44 7.33 43.75 -28.62
N ALA G 45 7.08 44.40 -27.49
CA ALA G 45 5.93 45.27 -27.33
C ALA G 45 6.28 46.75 -27.47
N TYR G 46 7.50 47.06 -27.86
CA TYR G 46 7.96 48.44 -27.91
C TYR G 46 7.56 49.09 -29.24
N GLY G 47 7.15 50.35 -29.17
CA GLY G 47 6.87 51.13 -30.34
C GLY G 47 5.44 50.95 -30.85
N PRO G 48 5.07 51.74 -31.86
CA PRO G 48 3.72 51.60 -32.42
C PRO G 48 3.46 50.23 -33.01
N ASN G 49 4.46 49.60 -33.61
CA ASN G 49 4.31 48.27 -34.17
C ASN G 49 4.50 47.17 -33.15
N GLY G 50 4.42 47.49 -31.86
CA GLY G 50 4.53 46.48 -30.84
C GLY G 50 3.35 45.53 -30.88
N MET G 51 3.55 44.33 -30.35
CA MET G 51 2.57 43.26 -30.42
C MET G 51 1.97 43.02 -29.04
N ASN G 52 0.65 42.89 -28.98
CA ASN G 52 -0.01 42.58 -27.73
C ASN G 52 0.39 41.19 -27.24
N LYS G 53 0.38 41.01 -25.93
CA LYS G 53 0.75 39.75 -25.31
C LYS G 53 -0.38 39.26 -24.42
N MET G 54 -0.80 38.02 -24.62
CA MET G 54 -1.82 37.39 -23.79
C MET G 54 -1.14 36.82 -22.55
N VAL G 55 -1.45 37.38 -21.40
CA VAL G 55 -0.85 36.96 -20.14
C VAL G 55 -1.95 36.46 -19.21
N ILE G 56 -1.77 35.27 -18.66
CA ILE G 56 -2.70 34.68 -17.72
C ILE G 56 -1.98 34.55 -16.38
N ASN G 57 -2.50 35.22 -15.35
CA ASN G 57 -1.88 35.19 -14.05
C ASN G 57 -2.33 33.96 -13.28
N HIS G 58 -1.97 33.87 -11.99
CA HIS G 58 -2.31 32.71 -11.19
C HIS G 58 -3.79 32.58 -10.90
N LEU G 59 -4.58 33.62 -11.17
CA LEU G 59 -6.02 33.59 -10.91
C LEU G 59 -6.83 33.44 -12.19
N GLU G 60 -6.21 32.94 -13.26
CA GLU G 60 -6.85 32.75 -14.57
C GLU G 60 -7.34 34.05 -15.18
N LYS G 61 -6.99 35.19 -14.60
CA LYS G 61 -7.35 36.48 -15.18
C LYS G 61 -6.52 36.73 -16.42
N LEU G 62 -7.17 37.11 -17.51
CA LEU G 62 -6.52 37.26 -18.80
C LEU G 62 -6.23 38.72 -19.09
N PHE G 63 -4.96 39.01 -19.42
CA PHE G 63 -4.54 40.34 -19.82
C PHE G 63 -3.95 40.28 -21.22
N VAL G 64 -4.47 41.12 -22.11
CA VAL G 64 -3.88 41.30 -23.43
C VAL G 64 -3.55 42.78 -23.61
N THR G 65 -2.27 43.07 -23.77
CA THR G 65 -1.80 44.45 -23.83
C THR G 65 -0.34 44.46 -24.22
N ASN G 66 0.12 45.61 -24.70
CA ASN G 66 1.52 45.87 -24.97
C ASN G 66 2.10 46.93 -24.05
N ASP G 67 1.51 47.10 -22.87
CA ASP G 67 2.02 48.01 -21.85
C ASP G 67 3.02 47.26 -20.99
N ALA G 68 4.25 47.75 -20.95
CA ALA G 68 5.33 47.01 -20.29
C ALA G 68 5.06 46.85 -18.80
N ALA G 69 4.59 47.91 -18.14
CA ALA G 69 4.33 47.84 -16.71
C ALA G 69 3.29 46.79 -16.38
N THR G 70 2.22 46.73 -17.18
CA THR G 70 1.18 45.74 -16.95
C THR G 70 1.72 44.32 -17.14
N ILE G 71 2.53 44.11 -18.19
CA ILE G 71 3.07 42.78 -18.45
C ILE G 71 3.97 42.34 -17.31
N LEU G 72 4.82 43.25 -16.81
CA LEU G 72 5.68 42.91 -15.68
C LEU G 72 4.86 42.64 -14.43
N ARG G 73 3.80 43.43 -14.20
CA ARG G 73 2.98 43.21 -13.02
C ARG G 73 2.30 41.86 -13.06
N GLU G 74 1.82 41.44 -14.24
CA GLU G 74 1.14 40.16 -14.38
C GLU G 74 2.09 39.02 -14.69
N LEU G 75 3.39 39.19 -14.41
CA LEU G 75 4.38 38.14 -14.59
C LEU G 75 4.98 37.79 -13.24
N GLU G 76 5.05 36.50 -12.93
CA GLU G 76 5.59 36.04 -11.65
C GLU G 76 7.11 35.98 -11.74
N VAL G 77 7.72 37.16 -11.77
CA VAL G 77 9.17 37.27 -11.85
C VAL G 77 9.77 36.80 -10.54
N GLN G 78 10.77 35.91 -10.63
CA GLN G 78 11.39 35.34 -9.45
C GLN G 78 12.85 35.72 -9.27
N HIS G 79 13.55 36.05 -10.34
CA HIS G 79 14.96 36.42 -10.21
C HIS G 79 15.07 37.80 -9.57
N PRO G 80 15.83 37.94 -8.49
CA PRO G 80 15.85 39.22 -7.76
C PRO G 80 16.39 40.39 -8.57
N ALA G 81 17.36 40.18 -9.47
CA ALA G 81 17.84 41.29 -10.29
C ALA G 81 16.77 41.78 -11.26
N ALA G 82 16.10 40.84 -11.92
CA ALA G 82 14.93 41.21 -12.72
C ALA G 82 13.86 41.85 -11.85
N LYS G 83 13.79 41.45 -10.58
CA LYS G 83 12.86 42.10 -9.67
C LYS G 83 13.22 43.56 -9.47
N MET G 84 14.52 43.88 -9.31
CA MET G 84 14.91 45.28 -9.23
C MET G 84 14.54 46.04 -10.49
N ILE G 85 14.77 45.42 -11.65
CA ILE G 85 14.40 46.08 -12.90
C ILE G 85 12.89 46.35 -12.94
N VAL G 86 12.11 45.41 -12.43
CA VAL G 86 10.66 45.58 -12.39
C VAL G 86 10.29 46.73 -11.46
N MET G 87 10.94 46.83 -10.30
CA MET G 87 10.66 47.96 -9.40
C MET G 87 11.01 49.28 -10.05
N ALA G 88 12.12 49.32 -10.79
CA ALA G 88 12.48 50.54 -11.50
C ALA G 88 11.41 50.91 -12.53
N SER G 89 10.91 49.92 -13.26
CA SER G 89 9.87 50.17 -14.23
C SER G 89 8.59 50.68 -13.57
N HIS G 90 8.22 50.08 -12.44
CA HIS G 90 7.01 50.52 -11.73
C HIS G 90 7.18 51.92 -11.16
N MET G 91 8.39 52.25 -10.69
CA MET G 91 8.64 53.61 -10.23
C MET G 91 8.53 54.60 -11.37
N GLN G 92 9.03 54.24 -12.55
CA GLN G 92 8.87 55.11 -13.71
C GLN G 92 7.39 55.30 -14.05
N GLU G 93 6.61 54.21 -13.98
CA GLU G 93 5.18 54.32 -14.24
C GLU G 93 4.49 55.22 -13.25
N GLN G 94 4.83 55.09 -11.96
CA GLN G 94 4.20 55.93 -10.94
C GLN G 94 4.60 57.39 -11.09
N GLU G 95 5.86 57.65 -11.43
CA GLU G 95 6.34 59.03 -11.49
C GLU G 95 5.82 59.76 -12.71
N VAL G 96 5.82 59.10 -13.88
CA VAL G 96 5.51 59.74 -15.15
C VAL G 96 4.26 59.14 -15.79
N GLY G 97 4.18 57.82 -15.85
CA GLY G 97 3.07 57.13 -16.48
C GLY G 97 3.38 56.54 -17.83
N ASP G 98 4.49 56.92 -18.45
CA ASP G 98 4.91 56.35 -19.72
C ASP G 98 6.43 56.23 -19.72
N GLY G 99 6.94 55.27 -20.48
CA GLY G 99 8.36 55.03 -20.56
C GLY G 99 8.86 53.80 -19.85
N THR G 100 7.96 52.91 -19.42
CA THR G 100 8.39 51.69 -18.73
C THR G 100 9.20 50.78 -19.65
N ASN G 101 8.71 50.59 -20.89
CA ASN G 101 9.44 49.76 -21.83
C ASN G 101 10.80 50.37 -22.16
N PHE G 102 10.86 51.70 -22.24
CA PHE G 102 12.15 52.36 -22.39
C PHE G 102 13.08 52.01 -21.23
N VAL G 103 12.55 52.00 -20.01
CA VAL G 103 13.36 51.69 -18.85
C VAL G 103 13.92 50.28 -18.96
N LEU G 104 13.07 49.32 -19.31
CA LEU G 104 13.54 47.94 -19.42
C LEU G 104 14.58 47.79 -20.52
N VAL G 105 14.33 48.37 -21.69
CA VAL G 105 15.25 48.22 -22.81
C VAL G 105 16.59 48.85 -22.48
N PHE G 106 16.58 50.06 -21.92
CA PHE G 106 17.82 50.73 -21.59
C PHE G 106 18.58 50.00 -20.50
N ALA G 107 17.89 49.51 -19.46
CA ALA G 107 18.57 48.78 -18.41
C ALA G 107 19.19 47.49 -18.93
N GLY G 108 18.46 46.78 -19.78
CA GLY G 108 19.01 45.55 -20.35
C GLY G 108 20.23 45.81 -21.21
N ALA G 109 20.16 46.83 -22.06
CA ALA G 109 21.32 47.17 -22.88
C ALA G 109 22.51 47.58 -22.02
N LEU G 110 22.26 48.39 -20.99
CA LEU G 110 23.33 48.81 -20.10
C LEU G 110 23.98 47.62 -19.42
N LEU G 111 23.18 46.68 -18.94
CA LEU G 111 23.75 45.53 -18.22
C LEU G 111 24.48 44.59 -19.16
N GLU G 112 23.98 44.41 -20.39
CA GLU G 112 24.68 43.57 -21.35
C GLU G 112 26.03 44.17 -21.73
N LEU G 113 26.06 45.47 -22.00
CA LEU G 113 27.33 46.11 -22.33
C LEU G 113 28.26 46.16 -21.14
N ALA G 114 27.72 46.26 -19.92
CA ALA G 114 28.55 46.17 -18.73
C ALA G 114 29.16 44.79 -18.60
N GLU G 115 28.40 43.74 -18.93
CA GLU G 115 28.96 42.39 -18.94
C GLU G 115 30.11 42.28 -19.94
N GLU G 116 29.93 42.87 -21.12
CA GLU G 116 31.01 42.87 -22.10
C GLU G 116 32.24 43.59 -21.56
N LEU G 117 32.05 44.75 -20.95
CA LEU G 117 33.17 45.52 -20.41
C LEU G 117 33.88 44.75 -19.31
N LEU G 118 33.13 44.10 -18.43
CA LEU G 118 33.74 43.29 -17.39
C LEU G 118 34.54 42.14 -17.99
N ARG G 119 34.01 41.52 -19.04
CA ARG G 119 34.70 40.41 -19.67
C ARG G 119 36.03 40.86 -20.30
N ILE G 120 36.04 42.01 -20.97
CA ILE G 120 37.26 42.40 -21.67
C ILE G 120 38.37 42.85 -20.71
N GLY G 121 38.06 43.05 -19.43
CA GLY G 121 39.11 43.33 -18.47
C GLY G 121 38.83 44.47 -17.51
N LEU G 122 37.73 45.18 -17.69
CA LEU G 122 37.41 46.29 -16.81
C LEU G 122 36.92 45.79 -15.47
N SER G 123 36.90 46.69 -14.49
CA SER G 123 36.39 46.39 -13.16
C SER G 123 34.99 46.97 -12.98
N VAL G 124 34.30 46.47 -11.96
CA VAL G 124 32.93 46.91 -11.71
C VAL G 124 32.89 48.40 -11.36
N SER G 125 33.81 48.84 -10.51
CA SER G 125 33.81 50.23 -10.08
C SER G 125 34.04 51.18 -11.24
N GLU G 126 34.96 50.82 -12.14
CA GLU G 126 35.22 51.67 -13.31
C GLU G 126 34.00 51.75 -14.21
N VAL G 127 33.31 50.63 -14.41
CA VAL G 127 32.10 50.63 -15.23
C VAL G 127 31.03 51.51 -14.59
N ILE G 128 30.87 51.40 -13.27
CA ILE G 128 29.87 52.20 -12.57
C ILE G 128 30.20 53.68 -12.69
N GLU G 129 31.47 54.04 -12.50
CA GLU G 129 31.86 55.44 -12.61
C GLU G 129 31.64 55.97 -14.01
N GLY G 130 31.97 55.17 -15.03
CA GLY G 130 31.73 55.60 -16.39
C GLY G 130 30.25 55.78 -16.69
N TYR G 131 29.41 54.86 -16.22
CA TYR G 131 27.98 55.02 -16.41
C TYR G 131 27.45 56.26 -15.71
N GLU G 132 27.92 56.54 -14.50
CA GLU G 132 27.47 57.74 -13.80
C GLU G 132 27.88 59.01 -14.56
N ILE G 133 29.13 59.05 -15.05
CA ILE G 133 29.59 60.21 -15.80
C ILE G 133 28.76 60.38 -17.06
N ALA G 134 28.50 59.28 -17.78
CA ALA G 134 27.73 59.36 -19.01
C ALA G 134 26.29 59.76 -18.73
N CYS G 135 25.71 59.29 -17.63
CA CYS G 135 24.35 59.69 -17.28
C CYS G 135 24.28 61.18 -16.98
N ARG G 136 25.27 61.70 -16.25
CA ARG G 136 25.31 63.14 -16.00
C ARG G 136 25.44 63.92 -17.30
N LYS G 137 26.29 63.44 -18.21
CA LYS G 137 26.45 64.11 -19.50
C LYS G 137 25.15 64.08 -20.30
N ALA G 138 24.45 62.95 -20.27
CA ALA G 138 23.18 62.85 -21.00
C ALA G 138 22.14 63.79 -20.42
N HIS G 139 22.06 63.88 -19.09
CA HIS G 139 21.11 64.79 -18.48
C HIS G 139 21.48 66.24 -18.77
N GLU G 140 22.77 66.53 -18.94
CA GLU G 140 23.16 67.87 -19.35
C GLU G 140 22.78 68.16 -20.79
N ILE G 141 22.95 67.17 -21.68
CA ILE G 141 22.68 67.37 -23.09
C ILE G 141 21.19 67.49 -23.36
N LEU G 142 20.38 66.73 -22.63
CA LEU G 142 18.96 66.61 -22.94
C LEU G 142 18.21 67.93 -23.10
N PRO G 143 18.40 68.94 -22.25
CA PRO G 143 17.69 70.21 -22.48
C PRO G 143 18.01 70.84 -23.83
N ASN G 144 19.18 70.59 -24.39
CA ASN G 144 19.55 71.15 -25.68
C ASN G 144 18.86 70.47 -26.84
N LEU G 145 18.21 69.33 -26.62
CA LEU G 145 17.51 68.61 -27.67
C LEU G 145 16.03 68.94 -27.73
N VAL G 146 15.54 69.85 -26.90
CA VAL G 146 14.14 70.22 -26.92
C VAL G 146 13.83 70.95 -28.23
N CYS G 147 12.81 70.49 -28.94
CA CYS G 147 12.46 71.02 -30.24
C CYS G 147 11.33 72.04 -30.19
N CYS G 148 10.30 71.79 -29.38
CA CYS G 148 9.17 72.71 -29.29
C CYS G 148 8.47 72.49 -27.95
N SER G 149 7.64 73.45 -27.59
CA SER G 149 6.91 73.43 -26.33
C SER G 149 5.41 73.43 -26.58
N ALA G 150 4.66 72.96 -25.58
CA ALA G 150 3.21 72.84 -25.72
C ALA G 150 2.56 74.21 -25.94
N LYS G 151 2.95 75.20 -25.15
CA LYS G 151 2.60 76.61 -25.33
C LYS G 151 1.11 76.90 -25.29
N ASN G 152 0.29 75.87 -25.10
CA ASN G 152 -1.15 76.04 -24.89
C ASN G 152 -1.78 74.73 -24.45
N LEU G 153 -2.59 74.78 -23.38
CA LEU G 153 -3.22 73.58 -22.86
C LEU G 153 -4.73 73.70 -22.74
N ARG G 154 -5.32 74.86 -23.02
CA ARG G 154 -6.77 74.99 -23.06
C ARG G 154 -7.36 74.70 -24.43
N ASP G 155 -6.52 74.52 -25.45
CA ASP G 155 -6.99 74.22 -26.79
C ASP G 155 -7.25 72.73 -26.93
N ILE G 156 -8.17 72.41 -27.84
CA ILE G 156 -8.53 71.01 -28.08
C ILE G 156 -7.64 70.39 -29.16
N ASP G 157 -7.48 71.08 -30.29
CA ASP G 157 -6.70 70.53 -31.39
C ASP G 157 -5.25 70.33 -30.99
N GLU G 158 -4.65 71.32 -30.34
CA GLU G 158 -3.25 71.23 -29.96
C GLU G 158 -3.03 70.11 -28.96
N VAL G 159 -3.91 69.99 -27.96
CA VAL G 159 -3.78 68.93 -26.97
C VAL G 159 -3.96 67.56 -27.63
N SER G 160 -4.91 67.45 -28.56
CA SER G 160 -5.08 66.19 -29.27
C SER G 160 -3.83 65.81 -30.05
N SER G 161 -3.22 66.79 -30.73
CA SER G 161 -2.00 66.52 -31.47
C SER G 161 -0.87 66.13 -30.53
N LEU G 162 -0.81 66.74 -29.36
CA LEU G 162 0.25 66.41 -28.39
C LEU G 162 0.09 65.00 -27.86
N LEU G 163 -1.12 64.59 -27.52
CA LEU G 163 -1.37 63.27 -26.95
C LEU G 163 -1.46 62.17 -28.01
N ARG G 164 -1.54 62.53 -29.28
CA ARG G 164 -1.56 61.52 -30.33
C ARG G 164 -0.31 60.66 -30.30
N THR G 165 0.85 61.27 -30.09
CA THR G 165 2.08 60.50 -29.99
C THR G 165 2.06 59.57 -28.79
N SER G 166 1.54 60.05 -27.67
CA SER G 166 1.53 59.25 -26.45
C SER G 166 0.65 58.01 -26.62
N ILE G 167 -0.51 58.17 -27.24
CA ILE G 167 -1.43 57.04 -27.41
C ILE G 167 -1.34 56.46 -28.83
N MET G 168 -0.26 56.73 -29.55
CA MET G 168 0.00 56.05 -30.81
C MET G 168 0.73 54.73 -30.61
N SER G 169 1.54 54.60 -29.56
CA SER G 169 2.26 53.36 -29.31
C SER G 169 1.28 52.23 -29.00
N LYS G 170 0.28 52.50 -28.18
CA LYS G 170 -0.82 51.58 -27.96
C LYS G 170 -1.99 52.01 -28.86
N GLN G 171 -2.64 51.02 -29.47
CA GLN G 171 -3.71 51.28 -30.44
C GLN G 171 -3.19 52.13 -31.59
N TYR G 172 -2.25 51.56 -32.34
CA TYR G 172 -1.65 52.26 -33.47
C TYR G 172 -2.65 52.51 -34.59
N GLY G 173 -3.60 51.60 -34.78
CA GLY G 173 -4.51 51.73 -35.91
C GLY G 173 -5.38 52.97 -35.82
N ASN G 174 -5.97 53.22 -34.66
CA ASN G 174 -6.92 54.31 -34.47
C ASN G 174 -6.50 55.11 -33.23
N GLU G 175 -5.67 56.13 -33.44
CA GLU G 175 -5.21 56.98 -32.37
C GLU G 175 -5.75 58.40 -32.45
N VAL G 176 -6.21 58.84 -33.62
CA VAL G 176 -6.78 60.18 -33.73
C VAL G 176 -8.07 60.30 -32.93
N PHE G 177 -8.94 59.30 -33.02
CA PHE G 177 -10.20 59.32 -32.29
C PHE G 177 -9.97 59.34 -30.79
N LEU G 178 -9.11 58.44 -30.30
CA LEU G 178 -8.81 58.41 -28.88
C LEU G 178 -8.12 59.69 -28.45
N ALA G 179 -7.27 60.26 -29.31
CA ALA G 179 -6.64 61.54 -29.00
C ALA G 179 -7.69 62.63 -28.82
N LYS G 180 -8.68 62.67 -29.72
CA LYS G 180 -9.73 63.67 -29.60
C LYS G 180 -10.51 63.49 -28.30
N LEU G 181 -10.87 62.25 -27.97
CA LEU G 181 -11.66 62.01 -26.76
C LEU G 181 -10.88 62.42 -25.51
N ILE G 182 -9.62 61.98 -25.41
CA ILE G 182 -8.84 62.28 -24.21
C ILE G 182 -8.54 63.76 -24.14
N ALA G 183 -8.33 64.42 -25.28
CA ALA G 183 -8.12 65.85 -25.29
C ALA G 183 -9.33 66.60 -24.76
N GLN G 184 -10.53 66.21 -25.21
CA GLN G 184 -11.74 66.84 -24.70
C GLN G 184 -11.88 66.63 -23.20
N ALA G 185 -11.64 65.39 -22.74
CA ALA G 185 -11.78 65.09 -21.33
C ALA G 185 -10.79 65.91 -20.50
N CYS G 186 -9.56 66.04 -20.97
CA CYS G 186 -8.55 66.78 -20.21
C CYS G 186 -8.81 68.27 -20.24
N VAL G 187 -9.31 68.79 -21.37
CA VAL G 187 -9.58 70.23 -21.47
C VAL G 187 -10.75 70.62 -20.59
N SER G 188 -11.76 69.75 -20.47
CA SER G 188 -12.87 70.05 -19.57
C SER G 188 -12.39 70.24 -18.14
N ILE G 189 -11.57 69.32 -17.66
CA ILE G 189 -10.82 69.42 -16.40
C ILE G 189 -9.68 70.41 -16.63
N PHE G 190 -8.87 70.66 -15.59
CA PHE G 190 -7.76 71.60 -15.65
C PHE G 190 -8.28 73.02 -15.80
N PRO G 191 -8.86 73.58 -14.72
CA PRO G 191 -9.39 74.94 -14.77
C PRO G 191 -8.30 76.00 -14.79
N ASP G 192 -8.70 77.26 -14.63
CA ASP G 192 -7.74 78.36 -14.64
C ASP G 192 -6.62 78.15 -13.63
N SER G 193 -6.92 77.56 -12.48
CA SER G 193 -5.87 77.16 -11.56
C SER G 193 -4.94 76.15 -12.22
N GLY G 194 -3.63 76.36 -12.06
CA GLY G 194 -2.67 75.56 -12.80
C GLY G 194 -2.66 74.09 -12.44
N HIS G 195 -3.19 73.73 -11.28
CA HIS G 195 -3.14 72.35 -10.84
C HIS G 195 -4.12 71.49 -11.64
N PHE G 196 -3.67 70.27 -11.99
CA PHE G 196 -4.48 69.31 -12.72
C PHE G 196 -4.45 67.98 -11.98
N ASN G 197 -5.60 67.33 -11.91
CA ASN G 197 -5.74 66.07 -11.18
C ASN G 197 -6.01 64.93 -12.15
N VAL G 198 -5.18 63.89 -12.08
CA VAL G 198 -5.37 62.72 -12.93
C VAL G 198 -6.62 61.96 -12.51
N ASP G 199 -6.90 61.90 -11.21
CA ASP G 199 -8.03 61.13 -10.71
C ASP G 199 -9.36 61.66 -11.22
N ASN G 200 -9.41 62.95 -11.58
CA ASN G 200 -10.67 63.57 -11.98
C ASN G 200 -11.23 63.00 -13.27
N ILE G 201 -10.45 62.26 -14.05
CA ILE G 201 -10.93 61.63 -15.27
C ILE G 201 -11.44 60.24 -14.92
N ARG G 202 -12.69 59.95 -15.27
CA ARG G 202 -13.33 58.69 -14.97
C ARG G 202 -13.59 57.92 -16.25
N VAL G 203 -13.44 56.60 -16.19
CA VAL G 203 -13.61 55.72 -17.34
C VAL G 203 -14.70 54.72 -17.02
N CYS G 204 -15.74 54.68 -17.85
CA CYS G 204 -16.81 53.71 -17.74
C CYS G 204 -16.79 52.81 -18.95
N LYS G 205 -16.69 51.50 -18.72
CA LYS G 205 -16.56 50.51 -19.78
C LYS G 205 -17.89 49.77 -19.91
N ILE G 206 -18.59 50.01 -21.02
CA ILE G 206 -19.87 49.37 -21.31
C ILE G 206 -19.71 48.58 -22.61
N LEU G 207 -20.01 47.29 -22.55
CA LEU G 207 -19.85 46.42 -23.70
C LEU G 207 -20.90 46.71 -24.77
N GLY G 208 -20.54 46.43 -26.02
CA GLY G 208 -21.56 46.25 -27.04
C GLY G 208 -21.37 46.86 -28.42
N SER G 209 -20.77 48.04 -28.55
CA SER G 209 -20.90 48.80 -29.79
C SER G 209 -19.57 49.15 -30.44
N GLY G 210 -18.48 48.46 -30.08
CA GLY G 210 -17.20 48.77 -30.69
C GLY G 210 -16.60 50.05 -30.16
N ILE G 211 -15.27 50.16 -30.18
CA ILE G 211 -14.60 51.28 -29.52
C ILE G 211 -14.78 52.60 -30.25
N SER G 212 -15.28 52.59 -31.48
CA SER G 212 -15.52 53.85 -32.18
C SER G 212 -16.78 54.56 -31.70
N SER G 213 -17.60 53.91 -30.89
CA SER G 213 -18.82 54.50 -30.36
C SER G 213 -18.61 55.15 -29.00
N SER G 214 -17.38 55.19 -28.51
CA SER G 214 -17.11 55.80 -27.23
C SER G 214 -17.29 57.31 -27.30
N SER G 215 -17.45 57.93 -26.13
CA SER G 215 -17.68 59.36 -26.05
C SER G 215 -17.24 59.84 -24.68
N VAL G 216 -17.26 61.16 -24.51
CA VAL G 216 -16.93 61.81 -23.26
C VAL G 216 -18.18 62.52 -22.74
N LEU G 217 -18.46 62.37 -21.45
CA LEU G 217 -19.62 62.96 -20.83
C LEU G 217 -19.18 63.88 -19.70
N HIS G 218 -19.74 65.09 -19.66
CA HIS G 218 -19.40 66.06 -18.62
C HIS G 218 -20.24 65.75 -17.39
N GLY G 219 -19.78 64.76 -16.63
CA GLY G 219 -20.50 64.32 -15.44
C GLY G 219 -19.98 62.96 -15.00
N MET G 220 -20.87 62.20 -14.37
CA MET G 220 -20.54 60.87 -13.87
C MET G 220 -21.60 59.88 -14.30
N VAL G 221 -21.18 58.65 -14.56
CA VAL G 221 -22.07 57.56 -14.92
C VAL G 221 -21.90 56.45 -13.90
N PHE G 222 -23.01 56.00 -13.32
CA PHE G 222 -23.00 54.93 -12.35
C PHE G 222 -23.84 53.78 -12.88
N LYS G 223 -23.26 52.58 -12.92
CA LYS G 223 -23.97 51.39 -13.42
C LYS G 223 -24.89 50.88 -12.31
N LYS G 224 -25.98 51.63 -12.10
CA LYS G 224 -26.95 51.32 -11.08
C LYS G 224 -28.33 51.65 -11.62
N GLU G 225 -29.33 51.61 -10.73
CA GLU G 225 -30.70 51.90 -11.11
C GLU G 225 -31.35 52.70 -9.99
N THR G 226 -32.28 53.57 -10.36
CA THR G 226 -32.97 54.41 -9.39
C THR G 226 -33.85 53.54 -8.49
N GLU G 227 -33.88 53.89 -7.21
CA GLU G 227 -34.64 53.11 -6.24
C GLU G 227 -36.08 53.57 -6.09
N GLY G 228 -36.47 54.66 -6.72
CA GLY G 228 -37.82 55.17 -6.65
C GLY G 228 -38.55 55.08 -7.97
N ASP G 229 -39.76 55.66 -7.98
CA ASP G 229 -40.55 55.69 -9.20
C ASP G 229 -40.05 56.72 -10.19
N VAL G 230 -39.45 57.81 -9.71
CA VAL G 230 -38.94 58.86 -10.59
C VAL G 230 -37.64 58.40 -11.21
N THR G 231 -37.52 58.56 -12.53
CA THR G 231 -36.35 58.09 -13.27
C THR G 231 -35.73 59.18 -14.15
N SER G 232 -36.20 60.42 -14.06
CA SER G 232 -35.64 61.48 -14.89
C SER G 232 -35.97 62.83 -14.27
N VAL G 233 -34.96 63.69 -14.17
CA VAL G 233 -35.11 65.04 -13.64
C VAL G 233 -34.39 66.01 -14.57
N LYS G 234 -35.03 67.13 -14.88
CA LYS G 234 -34.51 68.07 -15.86
C LYS G 234 -33.77 69.26 -15.26
N ASP G 235 -34.01 69.58 -13.99
CA ASP G 235 -33.39 70.72 -13.30
C ASP G 235 -32.89 70.29 -11.93
N ALA G 236 -32.12 69.20 -11.91
CA ALA G 236 -31.74 68.54 -10.67
C ALA G 236 -31.20 69.50 -9.63
N LYS G 237 -31.60 69.28 -8.38
CA LYS G 237 -31.18 70.02 -7.21
C LYS G 237 -30.65 69.06 -6.16
N ILE G 238 -29.71 68.21 -6.60
CA ILE G 238 -29.27 67.07 -5.81
C ILE G 238 -28.86 67.47 -4.41
N ALA G 239 -29.30 66.69 -3.42
CA ALA G 239 -28.86 66.77 -2.05
C ALA G 239 -28.22 65.45 -1.68
N VAL G 240 -26.99 65.49 -1.19
CA VAL G 240 -26.18 64.28 -0.97
C VAL G 240 -26.06 64.05 0.53
N TYR G 241 -26.39 62.83 0.96
CA TYR G 241 -26.30 62.43 2.36
C TYR G 241 -25.36 61.25 2.48
N SER G 242 -24.41 61.32 3.41
CA SER G 242 -23.56 60.19 3.70
C SER G 242 -24.23 59.18 4.62
N CYS G 243 -25.29 59.59 5.31
CA CYS G 243 -26.07 58.76 6.22
C CYS G 243 -27.16 58.00 5.46
N PRO G 244 -27.58 56.84 5.97
CA PRO G 244 -28.66 56.12 5.31
C PRO G 244 -29.95 56.92 5.31
N PHE G 245 -30.75 56.74 4.26
CA PHE G 245 -32.04 57.43 4.13
C PHE G 245 -33.06 56.73 5.03
N ASP G 246 -32.92 56.94 6.32
CA ASP G 246 -33.76 56.31 7.32
C ASP G 246 -33.70 57.12 8.60
N GLY G 247 -34.68 56.91 9.46
CA GLY G 247 -34.64 57.51 10.77
C GLY G 247 -33.45 57.00 11.57
N MET G 248 -32.60 57.91 12.02
CA MET G 248 -31.39 57.51 12.73
C MET G 248 -31.74 56.96 14.10
N ILE G 249 -30.83 56.13 14.63
CA ILE G 249 -31.04 55.45 15.88
C ILE G 249 -29.88 55.74 16.82
N THR G 250 -30.12 55.54 18.11
CA THR G 250 -29.09 55.74 19.11
C THR G 250 -27.93 54.77 18.88
N GLU G 251 -26.71 55.27 19.09
CA GLU G 251 -25.54 54.44 18.87
C GLU G 251 -25.25 53.50 20.03
N THR G 252 -25.82 53.76 21.21
CA THR G 252 -25.52 52.91 22.37
C THR G 252 -26.35 51.63 22.36
N LYS G 253 -27.67 51.77 22.50
CA LYS G 253 -28.57 50.62 22.50
C LYS G 253 -30.01 51.08 22.38
N GLY G 254 -30.74 50.55 21.39
CA GLY G 254 -32.11 50.93 21.17
C GLY G 254 -33.06 49.95 21.83
N THR G 255 -33.95 50.49 22.67
CA THR G 255 -34.95 49.67 23.35
C THR G 255 -36.21 50.50 23.48
N VAL G 256 -37.28 50.06 22.81
CA VAL G 256 -38.56 50.74 22.92
C VAL G 256 -39.27 50.21 24.17
N LEU G 257 -39.52 51.10 25.11
CA LEU G 257 -40.18 50.75 26.37
C LEU G 257 -41.65 51.12 26.29
N ILE G 258 -42.51 50.12 26.37
CA ILE G 258 -43.96 50.30 26.31
C ILE G 258 -44.54 49.96 27.67
N LYS G 259 -45.29 50.90 28.25
CA LYS G 259 -45.91 50.70 29.54
C LYS G 259 -47.43 50.83 29.52
N THR G 260 -48.01 51.42 28.48
CA THR G 260 -49.45 51.56 28.36
C THR G 260 -49.89 51.16 26.97
N ALA G 261 -51.19 50.94 26.81
CA ALA G 261 -51.73 50.61 25.50
C ALA G 261 -51.55 51.78 24.53
N GLU G 262 -51.70 53.01 25.02
CA GLU G 262 -51.63 54.17 24.15
C GLU G 262 -50.29 54.28 23.46
N GLU G 263 -49.20 54.04 24.19
CA GLU G 263 -47.88 54.11 23.59
C GLU G 263 -47.72 53.07 22.50
N LEU G 264 -48.19 51.84 22.74
CA LEU G 264 -48.10 50.80 21.74
C LEU G 264 -48.89 51.15 20.50
N MET G 265 -50.09 51.69 20.68
CA MET G 265 -50.89 52.08 19.52
C MET G 265 -50.25 53.23 18.74
N ASN G 266 -49.66 54.20 19.43
CA ASN G 266 -49.20 55.43 18.79
C ASN G 266 -47.75 55.38 18.33
N PHE G 267 -46.98 54.35 18.69
CA PHE G 267 -45.56 54.35 18.35
C PHE G 267 -45.35 54.34 16.84
N SER G 268 -45.97 53.40 16.14
CA SER G 268 -45.76 53.28 14.70
C SER G 268 -46.27 54.51 13.97
N LYS G 269 -47.44 55.03 14.39
CA LYS G 269 -47.97 56.23 13.76
C LYS G 269 -47.04 57.41 13.95
N GLY G 270 -46.47 57.57 15.16
CA GLY G 270 -45.54 58.66 15.39
C GLY G 270 -44.27 58.52 14.57
N GLU G 271 -43.75 57.30 14.47
CA GLU G 271 -42.56 57.07 13.66
C GLU G 271 -42.81 57.42 12.20
N GLU G 272 -43.95 56.97 11.67
CA GLU G 272 -44.28 57.26 10.27
C GLU G 272 -44.48 58.75 10.05
N ASN G 273 -45.15 59.42 10.99
CA ASN G 273 -45.35 60.87 10.87
C ASN G 273 -44.03 61.61 10.90
N LEU G 274 -43.11 61.19 11.77
CA LEU G 274 -41.80 61.84 11.83
C LEU G 274 -41.03 61.64 10.53
N MET G 275 -41.06 60.42 9.98
CA MET G 275 -40.36 60.18 8.73
C MET G 275 -40.95 61.00 7.60
N ASP G 276 -42.29 61.09 7.53
CA ASP G 276 -42.93 61.92 6.52
C ASP G 276 -42.55 63.39 6.69
N ALA G 277 -42.51 63.88 7.92
CA ALA G 277 -42.14 65.27 8.14
C ALA G 277 -40.72 65.53 7.69
N GLN G 278 -39.79 64.61 7.99
CA GLN G 278 -38.41 64.79 7.55
C GLN G 278 -38.30 64.80 6.03
N VAL G 279 -38.98 63.87 5.36
CA VAL G 279 -38.90 63.81 3.90
C VAL G 279 -39.51 65.06 3.29
N LYS G 280 -40.64 65.52 3.82
CA LYS G 280 -41.25 66.73 3.28
C LYS G 280 -40.38 67.95 3.54
N ALA G 281 -39.70 68.00 4.69
CA ALA G 281 -38.77 69.09 4.94
C ALA G 281 -37.63 69.08 3.94
N ILE G 282 -37.12 67.90 3.61
CA ILE G 282 -36.08 67.81 2.59
C ILE G 282 -36.61 68.29 1.24
N ALA G 283 -37.82 67.86 0.87
CA ALA G 283 -38.37 68.20 -0.43
C ALA G 283 -38.70 69.69 -0.55
N ASP G 284 -39.08 70.33 0.56
CA ASP G 284 -39.48 71.73 0.52
C ASP G 284 -38.34 72.67 0.14
N THR G 285 -37.09 72.19 0.17
CA THR G 285 -35.96 73.00 -0.26
C THR G 285 -35.78 73.00 -1.77
N GLY G 286 -36.63 72.30 -2.50
CA GLY G 286 -36.50 72.19 -3.93
C GLY G 286 -35.66 71.03 -4.41
N ALA G 287 -35.04 70.29 -3.50
CA ALA G 287 -34.20 69.16 -3.88
C ALA G 287 -35.06 68.05 -4.47
N ASN G 288 -35.01 67.88 -5.78
CA ASN G 288 -35.77 66.85 -6.47
C ASN G 288 -34.97 65.57 -6.70
N VAL G 289 -33.70 65.55 -6.29
CA VAL G 289 -32.87 64.35 -6.36
C VAL G 289 -32.17 64.19 -5.02
N VAL G 290 -32.27 62.99 -4.43
CA VAL G 290 -31.64 62.69 -3.16
C VAL G 290 -30.69 61.51 -3.37
N VAL G 291 -29.44 61.67 -2.96
CA VAL G 291 -28.43 60.63 -3.07
C VAL G 291 -27.94 60.27 -1.68
N THR G 292 -27.91 58.98 -1.39
CA THR G 292 -27.49 58.49 -0.08
C THR G 292 -26.42 57.43 -0.25
N GLY G 293 -25.62 57.24 0.80
CA GLY G 293 -24.55 56.26 0.76
C GLY G 293 -24.86 55.00 1.55
N GLY G 294 -25.99 55.00 2.27
CA GLY G 294 -26.39 53.88 3.07
C GLY G 294 -27.64 53.20 2.56
N LYS G 295 -28.24 52.38 3.41
CA LYS G 295 -29.47 51.71 3.05
C LYS G 295 -30.63 52.71 3.00
N VAL G 296 -31.68 52.33 2.28
CA VAL G 296 -32.88 53.14 2.14
C VAL G 296 -34.04 52.38 2.76
N ALA G 297 -34.68 52.98 3.76
CA ALA G 297 -35.81 52.34 4.41
C ALA G 297 -37.03 52.35 3.50
N ASP G 298 -37.94 51.40 3.73
CA ASP G 298 -39.14 51.32 2.91
C ASP G 298 -40.03 52.53 3.13
N MET G 299 -40.17 53.00 4.37
CA MET G 299 -41.00 54.16 4.65
C MET G 299 -40.44 55.41 3.99
N ALA G 300 -39.11 55.58 4.07
CA ALA G 300 -38.47 56.72 3.43
C ALA G 300 -38.65 56.67 1.92
N LEU G 301 -38.52 55.48 1.32
CA LEU G 301 -38.73 55.35 -0.11
C LEU G 301 -40.17 55.68 -0.48
N HIS G 302 -41.12 55.22 0.32
CA HIS G 302 -42.52 55.56 0.09
C HIS G 302 -42.73 57.07 0.10
N TYR G 303 -42.22 57.75 1.12
CA TYR G 303 -42.52 59.17 1.23
C TYR G 303 -41.73 59.99 0.21
N ALA G 304 -40.59 59.48 -0.24
CA ALA G 304 -39.88 60.13 -1.33
C ALA G 304 -40.64 59.96 -2.65
N ASN G 305 -41.19 58.77 -2.89
CA ASN G 305 -42.02 58.57 -4.07
C ASN G 305 -43.25 59.47 -4.04
N LYS G 306 -43.84 59.64 -2.86
CA LYS G 306 -45.03 60.49 -2.75
C LYS G 306 -44.74 61.93 -3.13
N TYR G 307 -43.52 62.40 -2.90
CA TYR G 307 -43.15 63.79 -3.17
C TYR G 307 -42.33 63.93 -4.44
N ASN G 308 -42.26 62.89 -5.27
CA ASN G 308 -41.57 62.94 -6.56
C ASN G 308 -40.09 63.31 -6.39
N ILE G 309 -39.37 62.43 -5.69
CA ILE G 309 -37.95 62.61 -5.42
C ILE G 309 -37.20 61.42 -5.99
N MET G 310 -36.16 61.69 -6.77
CA MET G 310 -35.34 60.63 -7.33
C MET G 310 -34.34 60.15 -6.30
N LEU G 311 -34.22 58.84 -6.14
CA LEU G 311 -33.31 58.23 -5.19
C LEU G 311 -32.20 57.50 -5.93
N VAL G 312 -30.95 57.85 -5.60
CA VAL G 312 -29.77 57.15 -6.10
C VAL G 312 -28.94 56.74 -4.91
N ARG G 313 -28.59 55.46 -4.84
CA ARG G 313 -27.80 54.92 -3.75
C ARG G 313 -26.42 54.55 -4.27
N LEU G 314 -25.38 55.03 -3.58
CA LEU G 314 -24.00 54.76 -3.97
C LEU G 314 -23.32 54.00 -2.84
N ASN G 315 -22.86 52.78 -3.14
CA ASN G 315 -22.25 51.96 -2.10
C ASN G 315 -20.88 52.48 -1.71
N SER G 316 -20.05 52.85 -2.69
CA SER G 316 -18.70 53.29 -2.41
C SER G 316 -18.68 54.74 -1.96
N LYS G 317 -17.95 55.02 -0.89
CA LYS G 317 -17.80 56.40 -0.43
C LYS G 317 -16.96 57.22 -1.41
N TRP G 318 -16.07 56.58 -2.15
CA TRP G 318 -15.32 57.29 -3.19
C TRP G 318 -16.25 57.83 -4.26
N ASP G 319 -17.24 57.02 -4.66
CA ASP G 319 -18.23 57.50 -5.62
C ASP G 319 -19.02 58.67 -5.06
N LEU G 320 -19.36 58.62 -3.76
CA LEU G 320 -20.08 59.73 -3.15
C LEU G 320 -19.25 61.01 -3.17
N ARG G 321 -17.96 60.90 -2.82
CA ARG G 321 -17.11 62.08 -2.83
C ARG G 321 -16.94 62.64 -4.24
N ARG G 322 -16.76 61.76 -5.23
CA ARG G 322 -16.62 62.21 -6.60
C ARG G 322 -17.89 62.87 -7.10
N LEU G 323 -19.05 62.32 -6.73
CA LEU G 323 -20.32 62.96 -7.10
C LEU G 323 -20.46 64.31 -6.44
N CYS G 324 -20.06 64.43 -5.17
CA CYS G 324 -20.12 65.72 -4.50
C CYS G 324 -19.25 66.75 -5.20
N LYS G 325 -18.04 66.35 -5.63
CA LYS G 325 -17.21 67.27 -6.40
C LYS G 325 -17.85 67.62 -7.73
N THR G 326 -18.45 66.64 -8.41
CA THR G 326 -19.03 66.86 -9.73
C THR G 326 -20.18 67.86 -9.65
N VAL G 327 -21.07 67.66 -8.69
CA VAL G 327 -22.28 68.48 -8.62
C VAL G 327 -22.06 69.74 -7.81
N GLY G 328 -21.22 69.68 -6.79
CA GLY G 328 -20.99 70.81 -5.93
C GLY G 328 -21.79 70.80 -4.64
N ALA G 329 -22.10 69.63 -4.11
CA ALA G 329 -22.88 69.50 -2.89
C ALA G 329 -22.02 68.98 -1.75
N THR G 330 -22.55 69.09 -0.54
CA THR G 330 -21.87 68.65 0.67
C THR G 330 -22.58 67.43 1.23
N ALA G 331 -21.81 66.40 1.56
CA ALA G 331 -22.37 65.16 2.09
C ALA G 331 -22.79 65.39 3.53
N LEU G 332 -24.07 65.66 3.74
CA LEU G 332 -24.58 65.94 5.07
C LEU G 332 -24.55 64.68 5.92
N PRO G 333 -23.98 64.73 7.13
CA PRO G 333 -23.96 63.53 7.98
C PRO G 333 -25.29 63.22 8.64
N ARG G 334 -26.24 64.15 8.63
CA ARG G 334 -27.55 63.96 9.22
C ARG G 334 -28.60 63.94 8.11
N LEU G 335 -29.87 63.86 8.50
CA LEU G 335 -30.98 63.91 7.57
C LEU G 335 -31.62 65.29 7.51
N THR G 336 -30.88 66.33 7.85
CA THR G 336 -31.41 67.68 7.80
C THR G 336 -31.51 68.16 6.36
N PRO G 337 -32.47 69.04 6.05
CA PRO G 337 -32.55 69.58 4.71
C PRO G 337 -31.31 70.38 4.37
N PRO G 338 -30.90 70.38 3.11
CA PRO G 338 -29.67 71.09 2.73
C PRO G 338 -29.89 72.60 2.63
N VAL G 339 -28.93 73.36 3.13
CA VAL G 339 -28.95 74.81 3.05
C VAL G 339 -28.64 75.22 1.61
N LEU G 340 -28.82 76.50 1.31
CA LEU G 340 -28.64 76.97 -0.07
C LEU G 340 -27.24 76.72 -0.60
N GLU G 341 -26.25 76.66 0.28
CA GLU G 341 -24.87 76.44 -0.15
C GLU G 341 -24.52 74.97 -0.28
N GLU G 342 -25.14 74.11 0.52
CA GLU G 342 -24.85 72.67 0.49
C GLU G 342 -25.60 71.93 -0.61
N MET G 343 -26.42 72.61 -1.39
CA MET G 343 -27.26 71.97 -2.39
C MET G 343 -26.53 71.96 -3.72
N GLY G 344 -26.36 70.76 -4.29
CA GLY G 344 -25.72 70.65 -5.57
C GLY G 344 -26.69 70.82 -6.72
N HIS G 345 -26.16 71.24 -7.86
CA HIS G 345 -26.95 71.47 -9.06
C HIS G 345 -26.36 70.70 -10.23
N CYS G 346 -27.21 69.97 -10.94
CA CYS G 346 -26.82 69.26 -12.14
C CYS G 346 -27.86 69.55 -13.22
N ASP G 347 -27.40 69.65 -14.47
CA ASP G 347 -28.29 70.10 -15.53
C ASP G 347 -29.29 69.02 -15.96
N SER G 348 -28.98 67.75 -15.71
CA SER G 348 -29.91 66.67 -16.05
C SER G 348 -29.46 65.39 -15.36
N VAL G 349 -30.39 64.73 -14.67
CA VAL G 349 -30.14 63.44 -14.06
C VAL G 349 -31.25 62.51 -14.51
N TYR G 350 -30.88 61.39 -15.10
CA TYR G 350 -31.87 60.48 -15.69
C TYR G 350 -31.34 59.07 -15.69
N LEU G 351 -32.25 58.12 -15.83
CA LEU G 351 -31.93 56.70 -15.95
C LEU G 351 -31.91 56.32 -17.42
N SER G 352 -30.82 55.68 -17.86
CA SER G 352 -30.65 55.30 -19.24
C SER G 352 -30.15 53.87 -19.31
N GLU G 353 -30.26 53.29 -20.51
CA GLU G 353 -29.77 51.94 -20.77
C GLU G 353 -28.80 51.99 -21.94
N VAL G 354 -27.58 51.55 -21.70
CA VAL G 354 -26.55 51.47 -22.73
C VAL G 354 -26.18 50.01 -22.90
N GLY G 355 -26.35 49.50 -24.12
CA GLY G 355 -26.20 48.06 -24.32
C GLY G 355 -27.26 47.30 -23.59
N ASP G 356 -26.88 46.58 -22.53
CA ASP G 356 -27.82 45.91 -21.65
C ASP G 356 -27.66 46.33 -20.20
N THR G 357 -26.96 47.42 -19.94
CA THR G 357 -26.68 47.87 -18.59
C THR G 357 -27.50 49.11 -18.27
N GLN G 358 -28.14 49.10 -17.10
CA GLN G 358 -28.88 50.27 -16.62
C GLN G 358 -27.92 51.20 -15.89
N VAL G 359 -27.92 52.46 -16.28
CA VAL G 359 -27.00 53.45 -15.71
C VAL G 359 -27.77 54.68 -15.28
N VAL G 360 -27.21 55.40 -14.31
CA VAL G 360 -27.75 56.68 -13.87
C VAL G 360 -26.73 57.74 -14.24
N VAL G 361 -27.18 58.74 -15.01
CA VAL G 361 -26.29 59.72 -15.62
C VAL G 361 -26.54 61.09 -14.99
N PHE G 362 -25.47 61.72 -14.51
CA PHE G 362 -25.49 63.09 -14.02
C PHE G 362 -24.81 63.93 -15.08
N LYS G 363 -25.60 64.68 -15.85
CA LYS G 363 -25.13 65.33 -17.06
C LYS G 363 -25.05 66.84 -16.86
N HIS G 364 -23.91 67.42 -17.24
CA HIS G 364 -23.73 68.87 -17.30
C HIS G 364 -23.69 69.29 -18.75
N GLU G 365 -24.56 70.22 -19.15
CA GLU G 365 -24.54 70.69 -20.52
C GLU G 365 -23.37 71.64 -20.78
N LYS G 366 -22.90 72.32 -19.75
CA LYS G 366 -21.77 73.23 -19.92
C LYS G 366 -20.50 72.46 -20.27
N GLU G 367 -19.59 73.13 -20.95
CA GLU G 367 -18.30 72.54 -21.31
C GLU G 367 -17.27 72.72 -20.20
N ASP G 368 -17.66 72.36 -18.99
CA ASP G 368 -16.80 72.51 -17.82
C ASP G 368 -17.17 71.42 -16.82
N GLY G 369 -16.73 71.58 -15.57
CA GLY G 369 -17.04 70.63 -14.53
C GLY G 369 -15.78 70.14 -13.84
N ALA G 370 -15.92 69.75 -12.58
CA ALA G 370 -14.77 69.28 -11.83
C ALA G 370 -14.35 67.88 -12.25
N ILE G 371 -15.30 67.05 -12.69
CA ILE G 371 -15.03 65.66 -13.05
C ILE G 371 -15.69 65.37 -14.39
N SER G 372 -14.93 64.75 -15.29
CA SER G 372 -15.43 64.33 -16.59
C SER G 372 -15.30 62.82 -16.72
N THR G 373 -16.25 62.22 -17.44
CA THR G 373 -16.31 60.77 -17.58
C THR G 373 -16.21 60.39 -19.05
N ILE G 374 -15.38 59.41 -19.36
CA ILE G 374 -15.25 58.85 -20.69
C ILE G 374 -15.94 57.49 -20.70
N VAL G 375 -17.01 57.37 -21.46
CA VAL G 375 -17.72 56.10 -21.60
C VAL G 375 -17.10 55.32 -22.75
N LEU G 376 -16.64 54.12 -22.46
CA LEU G 376 -15.94 53.29 -23.42
C LEU G 376 -16.85 52.17 -23.91
N ARG G 377 -16.97 52.05 -25.22
CA ARG G 377 -17.68 50.95 -25.85
C ARG G 377 -16.67 49.98 -26.45
N GLY G 378 -17.15 48.79 -26.78
CA GLY G 378 -16.29 47.78 -27.34
C GLY G 378 -17.00 46.45 -27.41
N SER G 379 -16.33 45.51 -28.09
CA SER G 379 -16.88 44.17 -28.28
C SER G 379 -16.24 43.14 -27.36
N THR G 380 -15.31 43.54 -26.51
CA THR G 380 -14.64 42.61 -25.61
C THR G 380 -14.21 43.36 -24.35
N ASP G 381 -14.28 42.66 -23.22
CA ASP G 381 -13.81 43.27 -21.98
C ASP G 381 -12.32 43.56 -22.03
N ASN G 382 -11.53 42.64 -22.59
CA ASN G 382 -10.10 42.84 -22.70
C ASN G 382 -9.77 44.03 -23.60
N LEU G 383 -10.52 44.18 -24.69
CA LEU G 383 -10.31 45.33 -25.57
C LEU G 383 -10.56 46.64 -24.84
N MET G 384 -11.64 46.70 -24.05
CA MET G 384 -11.90 47.91 -23.28
C MET G 384 -10.85 48.14 -22.21
N ASP G 385 -10.31 47.07 -21.62
CA ASP G 385 -9.21 47.25 -20.66
C ASP G 385 -8.00 47.85 -21.34
N ASP G 386 -7.67 47.38 -22.54
CA ASP G 386 -6.55 47.97 -23.29
C ASP G 386 -6.81 49.43 -23.62
N ILE G 387 -8.05 49.75 -24.03
CA ILE G 387 -8.38 51.14 -24.33
C ILE G 387 -8.27 52.00 -23.09
N GLU G 388 -8.68 51.46 -21.94
CA GLU G 388 -8.57 52.19 -20.68
C GLU G 388 -7.11 52.43 -20.31
N ARG G 389 -6.25 51.45 -20.55
CA ARG G 389 -4.83 51.65 -20.30
C ARG G 389 -4.26 52.74 -21.21
N ALA G 390 -4.68 52.75 -22.48
CA ALA G 390 -4.26 53.82 -23.38
C ALA G 390 -4.74 55.18 -22.90
N VAL G 391 -5.98 55.24 -22.41
CA VAL G 391 -6.53 56.48 -21.89
C VAL G 391 -5.73 56.94 -20.67
N ASP G 392 -5.34 56.01 -19.81
CA ASP G 392 -4.52 56.34 -18.66
C ASP G 392 -3.18 56.91 -19.10
N ASP G 393 -2.56 56.31 -20.11
CA ASP G 393 -1.30 56.82 -20.62
C ASP G 393 -1.46 58.24 -21.18
N GLY G 394 -2.54 58.48 -21.92
CA GLY G 394 -2.77 59.82 -22.46
C GLY G 394 -3.00 60.85 -21.39
N VAL G 395 -3.78 60.49 -20.36
CA VAL G 395 -4.04 61.42 -19.27
C VAL G 395 -2.75 61.73 -18.51
N ASN G 396 -1.92 60.70 -18.27
CA ASN G 396 -0.64 60.94 -17.62
C ASN G 396 0.26 61.84 -18.46
N THR G 397 0.22 61.66 -19.78
CA THR G 397 0.99 62.54 -20.66
C THR G 397 0.51 63.98 -20.55
N PHE G 398 -0.81 64.19 -20.50
CA PHE G 398 -1.33 65.54 -20.33
C PHE G 398 -0.90 66.13 -18.99
N LYS G 399 -0.92 65.32 -17.93
CA LYS G 399 -0.47 65.80 -16.63
C LYS G 399 1.00 66.22 -16.67
N VAL G 400 1.84 65.40 -17.32
CA VAL G 400 3.25 65.75 -17.45
C VAL G 400 3.40 67.04 -18.23
N LEU G 401 2.62 67.20 -19.29
CA LEU G 401 2.67 68.43 -20.07
C LEU G 401 2.29 69.64 -19.22
N THR G 402 1.31 69.48 -18.33
CA THR G 402 0.99 70.55 -17.40
C THR G 402 2.17 70.84 -16.48
N ARG G 403 2.89 69.79 -16.06
CA ARG G 403 4.06 69.98 -15.22
C ARG G 403 5.19 70.66 -16.00
N ASP G 404 5.66 70.02 -17.07
CA ASP G 404 6.72 70.56 -17.91
C ASP G 404 6.24 70.56 -19.35
N LYS G 405 6.42 71.69 -20.04
CA LYS G 405 5.88 71.86 -21.38
C LYS G 405 6.88 71.54 -22.48
N ARG G 406 8.10 71.16 -22.13
CA ARG G 406 9.12 70.89 -23.14
C ARG G 406 8.92 69.50 -23.73
N LEU G 407 9.26 69.37 -25.02
CA LEU G 407 9.13 68.12 -25.75
C LEU G 407 10.40 67.84 -26.53
N VAL G 408 10.67 66.57 -26.77
CA VAL G 408 11.85 66.14 -27.53
C VAL G 408 11.39 65.25 -28.69
N PRO G 409 12.12 65.20 -29.79
CA PRO G 409 11.69 64.37 -30.91
C PRO G 409 11.72 62.89 -30.55
N GLY G 410 10.78 62.14 -31.13
CA GLY G 410 10.65 60.73 -30.87
C GLY G 410 11.16 59.87 -32.01
N GLY G 411 10.82 58.59 -31.94
CA GLY G 411 11.24 57.65 -32.97
C GLY G 411 12.72 57.33 -32.94
N GLY G 412 13.38 57.51 -31.81
CA GLY G 412 14.79 57.26 -31.70
C GLY G 412 15.70 58.40 -32.08
N ALA G 413 15.13 59.50 -32.59
CA ALA G 413 15.97 60.64 -32.97
C ALA G 413 16.69 61.22 -31.75
N THR G 414 15.97 61.40 -30.64
CA THR G 414 16.60 61.87 -29.42
C THR G 414 17.64 60.87 -28.92
N GLU G 415 17.33 59.58 -28.99
CA GLU G 415 18.27 58.56 -28.55
C GLU G 415 19.53 58.55 -29.40
N ILE G 416 19.37 58.66 -30.72
CA ILE G 416 20.54 58.68 -31.60
C ILE G 416 21.38 59.93 -31.36
N GLU G 417 20.72 61.08 -31.19
CA GLU G 417 21.47 62.31 -30.91
C GLU G 417 22.23 62.20 -29.60
N LEU G 418 21.58 61.65 -28.56
CA LEU G 418 22.26 61.46 -27.29
C LEU G 418 23.44 60.52 -27.43
N ALA G 419 23.26 59.42 -28.16
CA ALA G 419 24.36 58.48 -28.37
C ALA G 419 25.53 59.15 -29.07
N LYS G 420 25.25 59.93 -30.12
CA LYS G 420 26.32 60.58 -30.85
C LYS G 420 27.07 61.58 -29.99
N GLN G 421 26.31 62.40 -29.23
CA GLN G 421 26.96 63.41 -28.40
C GLN G 421 27.76 62.79 -27.27
N ILE G 422 27.23 61.73 -26.64
CA ILE G 422 27.95 61.09 -25.55
C ILE G 422 29.19 60.38 -26.07
N THR G 423 29.10 59.78 -27.26
CA THR G 423 30.30 59.18 -27.86
C THR G 423 31.35 60.25 -28.14
N SER G 424 30.93 61.40 -28.67
CA SER G 424 31.88 62.48 -28.92
C SER G 424 32.54 62.93 -27.63
N TYR G 425 31.76 63.07 -26.56
CA TYR G 425 32.33 63.47 -25.28
C TYR G 425 33.29 62.42 -24.75
N GLY G 426 32.92 61.14 -24.84
CA GLY G 426 33.77 60.09 -24.33
C GLY G 426 35.07 59.94 -25.08
N GLU G 427 35.06 60.21 -26.39
CA GLU G 427 36.29 60.12 -27.17
C GLU G 427 37.34 61.11 -26.66
N THR G 428 36.92 62.19 -26.02
CA THR G 428 37.83 63.19 -25.48
C THR G 428 38.12 63.00 -24.00
N CYS G 429 37.70 61.89 -23.42
CA CYS G 429 37.90 61.65 -22.00
C CYS G 429 39.03 60.66 -21.81
N PRO G 430 40.20 61.09 -21.32
CA PRO G 430 41.28 60.14 -21.07
C PRO G 430 40.99 59.28 -19.85
N GLY G 431 41.65 58.13 -19.80
CA GLY G 431 41.46 57.18 -18.72
C GLY G 431 40.66 55.97 -19.19
N LEU G 432 40.40 55.09 -18.23
CA LEU G 432 39.69 53.85 -18.52
C LEU G 432 38.18 54.03 -18.59
N GLU G 433 37.65 55.15 -18.11
CA GLU G 433 36.21 55.36 -18.13
C GLU G 433 35.66 55.66 -19.51
N GLN G 434 36.55 55.89 -20.50
CA GLN G 434 36.06 56.16 -21.85
C GLN G 434 35.33 54.97 -22.43
N TYR G 435 35.79 53.75 -22.10
CA TYR G 435 35.09 52.57 -22.58
C TYR G 435 33.67 52.51 -22.03
N ALA G 436 33.52 52.77 -20.73
CA ALA G 436 32.19 52.76 -20.13
C ALA G 436 31.31 53.86 -20.69
N ILE G 437 31.87 55.04 -20.94
CA ILE G 437 31.09 56.13 -21.53
C ILE G 437 30.62 55.76 -22.93
N LYS G 438 31.51 55.19 -23.73
CA LYS G 438 31.14 54.79 -25.08
C LYS G 438 30.09 53.70 -25.06
N LYS G 439 30.20 52.75 -24.13
CA LYS G 439 29.20 51.71 -24.03
C LYS G 439 27.85 52.27 -23.59
N PHE G 440 27.85 53.24 -22.67
CA PHE G 440 26.62 53.90 -22.28
C PHE G 440 25.98 54.59 -23.47
N ALA G 441 26.79 55.26 -24.29
CA ALA G 441 26.26 55.89 -25.50
C ALA G 441 25.68 54.84 -26.44
N GLU G 442 26.38 53.72 -26.62
CA GLU G 442 25.90 52.67 -27.52
C GLU G 442 24.61 52.06 -27.01
N ALA G 443 24.39 52.03 -25.70
CA ALA G 443 23.17 51.46 -25.15
C ALA G 443 21.94 52.18 -25.67
N PHE G 444 22.06 53.46 -26.02
CA PHE G 444 20.93 54.20 -26.57
C PHE G 444 20.49 53.67 -27.93
N GLU G 445 21.35 52.93 -28.63
CA GLU G 445 20.98 52.38 -29.92
C GLU G 445 19.87 51.34 -29.81
N ALA G 446 19.62 50.82 -28.62
CA ALA G 446 18.62 49.76 -28.45
C ALA G 446 17.21 50.26 -28.71
N ILE G 447 16.96 51.56 -28.59
CA ILE G 447 15.63 52.11 -28.82
C ILE G 447 15.32 52.13 -30.31
N PRO G 448 16.12 52.81 -31.17
CA PRO G 448 15.84 52.70 -32.61
C PRO G 448 15.97 51.29 -33.13
N ARG G 449 16.86 50.48 -32.55
CA ARG G 449 16.97 49.09 -32.98
C ARG G 449 15.69 48.32 -32.70
N ALA G 450 15.12 48.50 -31.50
CA ALA G 450 13.88 47.83 -31.17
C ALA G 450 12.74 48.33 -32.06
N LEU G 451 12.69 49.64 -32.32
CA LEU G 451 11.66 50.18 -33.19
C LEU G 451 11.76 49.59 -34.59
N ALA G 452 12.98 49.52 -35.15
CA ALA G 452 13.16 48.97 -36.48
C ALA G 452 12.84 47.49 -36.52
N GLU G 453 13.22 46.75 -35.48
CA GLU G 453 12.90 45.33 -35.43
C GLU G 453 11.39 45.10 -35.39
N ASN G 454 10.68 45.89 -34.59
CA ASN G 454 9.24 45.72 -34.49
C ASN G 454 8.53 46.14 -35.77
N SER G 455 9.05 47.17 -36.45
CA SER G 455 8.43 47.62 -37.69
C SER G 455 8.66 46.65 -38.83
N GLY G 456 9.54 45.67 -38.69
CA GLY G 456 9.77 44.70 -39.73
C GLY G 456 10.87 45.03 -40.71
N VAL G 457 11.75 45.98 -40.38
CA VAL G 457 12.86 46.34 -41.25
C VAL G 457 14.16 46.01 -40.54
N LYS G 458 15.25 46.02 -41.31
CA LYS G 458 16.57 45.73 -40.76
C LYS G 458 17.06 46.95 -39.97
N ALA G 459 17.52 46.71 -38.74
CA ALA G 459 17.93 47.81 -37.88
C ALA G 459 19.27 48.40 -38.27
N ASN G 460 20.14 47.62 -38.94
CA ASN G 460 21.50 48.06 -39.18
C ASN G 460 21.54 49.30 -40.08
N GLU G 461 20.89 49.23 -41.25
CA GLU G 461 20.94 50.38 -42.13
C GLU G 461 20.07 51.52 -41.61
N VAL G 462 19.05 51.23 -40.82
CA VAL G 462 18.29 52.30 -40.17
C VAL G 462 19.21 53.11 -39.27
N ILE G 463 20.00 52.42 -38.44
CA ILE G 463 20.89 53.12 -37.53
C ILE G 463 22.00 53.83 -38.28
N SER G 464 22.51 53.21 -39.36
CA SER G 464 23.54 53.86 -40.14
C SER G 464 23.02 55.15 -40.79
N LYS G 465 21.80 55.11 -41.33
CA LYS G 465 21.20 56.31 -41.91
C LYS G 465 20.95 57.36 -40.84
N LEU G 466 20.54 56.93 -39.64
CA LEU G 466 20.32 57.88 -38.57
C LEU G 466 21.61 58.59 -38.19
N TYR G 467 22.71 57.84 -38.05
CA TYR G 467 24.01 58.46 -37.81
C TYR G 467 24.42 59.39 -38.94
N ALA G 468 24.21 58.99 -40.18
CA ALA G 468 24.59 59.85 -41.30
C ALA G 468 23.83 61.17 -41.24
N VAL G 469 22.52 61.11 -41.06
CA VAL G 469 21.70 62.32 -41.03
C VAL G 469 22.07 63.19 -39.85
N HIS G 470 22.27 62.58 -38.68
CA HIS G 470 22.60 63.38 -37.50
C HIS G 470 23.99 63.98 -37.59
N GLN G 471 24.92 63.31 -38.27
CA GLN G 471 26.20 63.92 -38.58
C GLN G 471 26.01 65.11 -39.52
N GLU G 472 25.08 65.00 -40.46
CA GLU G 472 24.78 66.13 -41.32
C GLU G 472 24.21 67.32 -40.55
N GLY G 473 23.68 67.10 -39.36
CA GLY G 473 23.21 68.18 -38.51
C GLY G 473 21.72 68.19 -38.23
N ASN G 474 20.95 67.22 -38.74
CA ASN G 474 19.50 67.18 -38.48
C ASN G 474 19.26 66.39 -37.21
N LYS G 475 18.90 67.09 -36.13
CA LYS G 475 18.67 66.47 -34.84
C LYS G 475 17.24 66.04 -34.62
N ASN G 476 16.36 66.20 -35.61
CA ASN G 476 14.95 65.86 -35.47
C ASN G 476 14.53 64.74 -36.41
N VAL G 477 15.47 63.94 -36.90
CA VAL G 477 15.20 62.90 -37.88
C VAL G 477 15.28 61.55 -37.18
N GLY G 478 14.19 60.79 -37.26
CA GLY G 478 14.15 59.48 -36.65
C GLY G 478 13.58 58.42 -37.56
N LEU G 479 13.14 57.29 -37.00
CA LEU G 479 12.64 56.19 -37.80
C LEU G 479 11.28 56.53 -38.41
N ASP G 480 11.08 56.11 -39.65
CA ASP G 480 9.80 56.25 -40.35
C ASP G 480 9.17 54.87 -40.47
N ILE G 481 8.07 54.66 -39.76
CA ILE G 481 7.41 53.35 -39.75
C ILE G 481 6.37 53.21 -40.85
N GLU G 482 6.08 54.28 -41.59
CA GLU G 482 5.16 54.19 -42.72
C GLU G 482 5.91 53.90 -44.02
N ALA G 483 6.74 52.87 -44.00
CA ALA G 483 7.54 52.50 -45.16
C ALA G 483 7.89 51.03 -45.08
N GLU G 484 7.95 50.39 -46.24
CA GLU G 484 8.30 48.97 -46.33
C GLU G 484 9.80 48.75 -46.37
N VAL G 485 10.60 49.80 -46.51
CA VAL G 485 12.05 49.68 -46.54
C VAL G 485 12.63 50.64 -45.49
N PRO G 486 13.84 50.36 -45.01
CA PRO G 486 14.49 51.26 -44.04
C PRO G 486 14.56 52.69 -44.58
N ALA G 487 13.87 53.59 -43.89
CA ALA G 487 13.86 54.99 -44.27
C ALA G 487 13.70 55.86 -43.03
N VAL G 488 14.10 57.12 -43.15
CA VAL G 488 14.03 58.08 -42.05
C VAL G 488 13.39 59.36 -42.57
N LYS G 489 12.85 60.13 -41.64
CA LYS G 489 12.22 61.41 -41.97
C LYS G 489 12.30 62.33 -40.77
N ASP G 490 12.19 63.63 -41.03
CA ASP G 490 12.14 64.60 -39.95
C ASP G 490 10.83 64.43 -39.19
N MET G 491 10.92 64.37 -37.87
CA MET G 491 9.76 64.03 -37.05
C MET G 491 9.21 65.22 -36.28
N LEU G 492 9.89 66.37 -36.30
CA LEU G 492 9.28 67.58 -35.77
C LEU G 492 8.06 67.97 -36.58
N GLU G 493 8.15 67.89 -37.91
CA GLU G 493 6.99 68.14 -38.75
C GLU G 493 5.99 67.00 -38.68
N ALA G 494 6.47 65.77 -38.48
CA ALA G 494 5.58 64.62 -38.44
C ALA G 494 4.74 64.60 -37.17
N GLY G 495 5.13 65.33 -36.13
CA GLY G 495 4.33 65.46 -34.93
C GLY G 495 4.63 64.46 -33.84
N ILE G 496 5.49 63.47 -34.08
CA ILE G 496 5.84 62.50 -33.06
C ILE G 496 6.78 63.18 -32.08
N LEU G 497 6.32 63.36 -30.83
CA LEU G 497 7.06 64.09 -29.82
C LEU G 497 6.98 63.35 -28.50
N ASP G 498 8.08 63.36 -27.76
CA ASP G 498 8.15 62.74 -26.44
C ASP G 498 8.35 63.82 -25.38
N THR G 499 7.73 63.64 -24.23
CA THR G 499 7.87 64.61 -23.15
C THR G 499 9.28 64.62 -22.61
N TYR G 500 9.77 65.81 -22.26
CA TYR G 500 11.11 65.94 -21.70
C TYR G 500 11.21 65.22 -20.36
N LEU G 501 10.22 65.39 -19.50
CA LEU G 501 10.25 64.74 -18.20
C LEU G 501 10.26 63.23 -18.31
N GLY G 502 9.51 62.69 -19.27
CA GLY G 502 9.49 61.24 -19.44
C GLY G 502 10.86 60.69 -19.77
N LYS G 503 11.55 61.30 -20.74
CA LYS G 503 12.89 60.84 -21.09
C LYS G 503 13.85 61.04 -19.94
N TYR G 504 13.79 62.20 -19.28
CA TYR G 504 14.68 62.48 -18.16
C TYR G 504 14.55 61.42 -17.07
N TRP G 505 13.32 61.16 -16.62
CA TRP G 505 13.11 60.22 -15.54
C TRP G 505 13.41 58.80 -15.98
N ALA G 506 13.09 58.45 -17.22
CA ALA G 506 13.38 57.10 -17.71
C ALA G 506 14.87 56.84 -17.73
N ILE G 507 15.65 57.80 -18.24
CA ILE G 507 17.11 57.64 -18.26
C ILE G 507 17.64 57.53 -16.84
N LYS G 508 17.17 58.41 -15.95
CA LYS G 508 17.68 58.40 -14.58
C LYS G 508 17.40 57.07 -13.90
N LEU G 509 16.16 56.58 -14.02
CA LEU G 509 15.78 55.35 -13.34
C LEU G 509 16.48 54.14 -13.95
N ALA G 510 16.61 54.11 -15.27
CA ALA G 510 17.30 52.98 -15.90
C ALA G 510 18.76 52.94 -15.49
N THR G 511 19.43 54.10 -15.48
CA THR G 511 20.82 54.13 -15.04
C THR G 511 20.95 53.71 -13.59
N ASN G 512 20.05 54.19 -12.74
CA ASN G 512 20.11 53.84 -11.32
C ASN G 512 19.92 52.34 -11.13
N ALA G 513 18.96 51.74 -11.84
CA ALA G 513 18.73 50.31 -11.71
C ALA G 513 19.92 49.51 -12.20
N ALA G 514 20.51 49.91 -13.33
CA ALA G 514 21.68 49.19 -13.83
C ALA G 514 22.84 49.28 -12.86
N VAL G 515 23.10 50.46 -12.31
CA VAL G 515 24.20 50.63 -11.37
C VAL G 515 23.95 49.82 -10.11
N THR G 516 22.71 49.85 -9.59
CA THR G 516 22.39 49.11 -8.39
C THR G 516 22.57 47.60 -8.60
N VAL G 517 22.15 47.10 -9.75
CA VAL G 517 22.36 45.68 -10.06
C VAL G 517 23.86 45.38 -10.13
N LEU G 518 24.63 46.26 -10.78
CA LEU G 518 26.06 46.02 -10.92
C LEU G 518 26.78 46.02 -9.57
N ARG G 519 26.32 46.82 -8.62
CA ARG G 519 27.02 46.93 -7.33
C ARG G 519 26.96 45.65 -6.52
N VAL G 520 25.99 44.77 -6.79
CA VAL G 520 25.86 43.55 -6.00
C VAL G 520 26.97 42.58 -6.36
N ASP G 521 27.63 42.04 -5.34
CA ASP G 521 28.70 41.07 -5.54
C ASP G 521 28.39 39.69 -4.98
N GLN G 522 27.63 39.60 -3.90
CA GLN G 522 27.27 38.33 -3.30
C GLN G 522 25.76 38.26 -3.11
N ILE G 523 25.21 37.06 -3.30
CA ILE G 523 23.78 36.81 -3.13
C ILE G 523 23.61 35.68 -2.13
N ILE G 524 22.78 35.92 -1.13
CA ILE G 524 22.44 34.90 -0.13
C ILE G 524 20.92 34.80 -0.10
N MET G 525 20.38 33.75 -0.71
CA MET G 525 18.94 33.55 -0.80
C MET G 525 18.51 32.54 0.23
N ALA G 526 17.53 32.91 1.06
CA ALA G 526 16.99 31.99 2.04
C ALA G 526 16.14 30.93 1.35
N LYS G 527 15.85 29.86 2.09
CA LYS G 527 15.01 28.80 1.56
C LYS G 527 13.61 29.34 1.28
N PRO G 528 13.08 29.15 0.08
CA PRO G 528 11.75 29.70 -0.23
C PRO G 528 10.68 29.11 0.68
N ALA G 529 9.73 29.94 1.06
CA ALA G 529 8.64 29.55 1.94
C ALA G 529 7.33 29.65 1.19
N GLY G 530 6.51 28.60 1.30
CA GLY G 530 5.23 28.57 0.63
C GLY G 530 4.11 29.17 1.45
N GLY G 531 4.37 30.32 2.08
CA GLY G 531 3.38 30.99 2.89
C GLY G 531 2.34 31.70 2.04
N PRO G 532 1.20 32.04 2.64
CA PRO G 532 0.13 32.73 1.91
C PRO G 532 0.32 34.25 1.87
N LYS G 533 1.48 34.67 1.34
CA LYS G 533 1.90 36.05 1.19
C LYS G 533 2.14 36.72 2.55
N PRO G 534 3.04 37.70 2.62
CA PRO G 534 3.26 38.40 3.89
C PRO G 534 2.01 39.15 4.30
N PRO G 535 1.79 39.33 5.60
CA PRO G 535 0.57 40.02 6.05
C PRO G 535 0.46 41.46 5.57
N SER G 536 1.59 42.16 5.42
CA SER G 536 1.55 43.56 5.05
C SER G 536 0.89 43.77 3.68
N GLY G 537 1.24 42.93 2.71
CA GLY G 537 0.67 43.04 1.39
C GLY G 537 -0.74 42.51 1.26
N LYS G 538 -1.22 41.78 2.26
CA LYS G 538 -2.57 41.19 2.24
C LYS G 538 -2.80 40.32 1.01
N ALA H 2 30.74 8.52 24.38
CA ALA H 2 30.80 9.52 25.45
C ALA H 2 29.87 9.15 26.60
N ALA H 3 30.15 9.71 27.77
CA ALA H 3 29.32 9.42 28.95
C ALA H 3 27.89 9.92 28.75
N VAL H 4 27.73 11.12 28.20
CA VAL H 4 26.39 11.64 27.94
C VAL H 4 25.66 10.77 26.94
N LYS H 5 26.35 10.34 25.88
CA LYS H 5 25.75 9.43 24.92
C LYS H 5 25.33 8.13 25.58
N THR H 6 26.12 7.66 26.56
CA THR H 6 25.73 6.48 27.31
C THR H 6 24.45 6.72 28.09
N LEU H 7 24.33 7.88 28.73
CA LEU H 7 23.10 8.21 29.45
C LEU H 7 21.97 8.57 28.49
N ASN H 8 22.26 9.40 27.49
CA ASN H 8 21.27 9.84 26.52
C ASN H 8 21.72 9.44 25.12
N PRO H 9 21.18 8.36 24.55
CA PRO H 9 21.65 7.90 23.23
C PRO H 9 21.47 8.93 22.12
N LYS H 10 20.39 9.73 22.16
CA LYS H 10 20.10 10.68 21.09
C LYS H 10 20.67 12.06 21.42
N ALA H 11 21.97 12.07 21.72
CA ALA H 11 22.69 13.31 22.02
C ALA H 11 24.02 13.29 21.28
N GLU H 12 24.41 14.45 20.74
CA GLU H 12 25.68 14.61 20.05
C GLU H 12 26.58 15.54 20.85
N VAL H 13 27.85 15.15 20.99
CA VAL H 13 28.80 15.81 21.87
C VAL H 13 30.16 15.89 21.18
N ALA H 14 30.83 17.02 21.33
CA ALA H 14 32.21 17.19 20.89
C ALA H 14 33.07 17.49 22.11
N ARG H 15 34.19 16.79 22.24
CA ARG H 15 35.02 16.86 23.43
C ARG H 15 36.47 17.14 23.07
N ALA H 16 37.20 17.69 24.04
CA ALA H 16 38.65 17.91 23.96
C ALA H 16 38.94 18.85 22.79
N GLN H 17 39.86 18.53 21.89
CA GLN H 17 40.19 19.43 20.80
C GLN H 17 39.08 19.55 19.76
N ALA H 18 38.10 18.66 19.77
CA ALA H 18 36.99 18.77 18.84
C ALA H 18 36.20 20.04 19.08
N ALA H 19 36.03 20.42 20.34
CA ALA H 19 35.30 21.65 20.66
C ALA H 19 36.01 22.87 20.11
N LEU H 20 37.33 22.96 20.32
CA LEU H 20 38.10 24.06 19.75
C LEU H 20 38.02 24.05 18.24
N ALA H 21 38.14 22.88 17.63
CA ALA H 21 38.07 22.79 16.18
C ALA H 21 36.75 23.32 15.64
N VAL H 22 35.64 22.91 16.27
CA VAL H 22 34.32 23.34 15.81
C VAL H 22 34.16 24.84 15.97
N ASN H 23 34.49 25.36 17.16
CA ASN H 23 34.31 26.78 17.42
C ASN H 23 35.18 27.63 16.49
N ILE H 24 36.44 27.24 16.30
CA ILE H 24 37.34 28.01 15.47
C ILE H 24 36.93 27.93 14.01
N SER H 25 36.45 26.77 13.55
CA SER H 25 35.96 26.67 12.18
C SER H 25 34.76 27.59 11.95
N ALA H 26 33.82 27.62 12.90
CA ALA H 26 32.68 28.51 12.75
C ALA H 26 33.11 29.97 12.73
N ALA H 27 34.00 30.35 13.65
CA ALA H 27 34.47 31.73 13.70
C ALA H 27 35.20 32.11 12.42
N ARG H 28 36.02 31.19 11.89
CA ARG H 28 36.75 31.47 10.65
C ARG H 28 35.80 31.59 9.47
N GLY H 29 34.73 30.78 9.45
CA GLY H 29 33.74 30.94 8.40
C GLY H 29 33.05 32.30 8.45
N LEU H 30 32.66 32.72 9.65
CA LEU H 30 32.06 34.05 9.79
C LEU H 30 33.02 35.14 9.36
N GLN H 31 34.29 35.03 9.75
CA GLN H 31 35.29 36.01 9.36
C GLN H 31 35.49 36.03 7.85
N ASP H 32 35.50 34.85 7.23
CA ASP H 32 35.68 34.78 5.78
C ASP H 32 34.52 35.44 5.06
N VAL H 33 33.30 35.27 5.57
CA VAL H 33 32.16 35.92 4.93
C VAL H 33 32.22 37.43 5.11
N LEU H 34 32.51 37.89 6.33
CA LEU H 34 32.41 39.31 6.65
C LEU H 34 33.69 40.08 6.35
N ARG H 35 34.72 39.43 5.80
CA ARG H 35 35.94 40.16 5.44
C ARG H 35 35.65 41.24 4.39
N THR H 36 34.84 40.91 3.39
CA THR H 36 34.62 41.83 2.28
C THR H 36 33.76 43.04 2.66
N ASN H 37 33.18 43.05 3.85
CA ASN H 37 32.35 44.19 4.26
C ASN H 37 33.18 45.40 4.68
N LEU H 38 34.35 45.17 5.26
CA LEU H 38 35.11 46.25 5.89
C LEU H 38 35.59 47.28 4.88
N GLY H 39 35.48 48.55 5.26
CA GLY H 39 36.01 49.63 4.47
C GLY H 39 35.01 50.19 3.47
N PRO H 40 35.26 51.42 3.02
CA PRO H 40 34.41 52.00 1.97
C PRO H 40 34.50 51.28 0.65
N LYS H 41 35.56 50.49 0.42
CA LYS H 41 35.72 49.74 -0.80
C LYS H 41 35.08 48.35 -0.72
N GLY H 42 34.35 48.06 0.35
CA GLY H 42 33.73 46.76 0.48
C GLY H 42 32.62 46.55 -0.53
N THR H 43 32.22 45.29 -0.66
CA THR H 43 31.25 44.87 -1.66
C THR H 43 29.88 44.74 -1.04
N MET H 44 28.87 45.32 -1.69
CA MET H 44 27.50 45.19 -1.22
C MET H 44 27.03 43.76 -1.37
N LYS H 45 26.29 43.28 -0.37
CA LYS H 45 25.72 41.94 -0.39
C LYS H 45 24.22 42.01 -0.62
N MET H 46 23.69 40.94 -1.21
CA MET H 46 22.27 40.85 -1.52
C MET H 46 21.65 39.77 -0.65
N LEU H 47 20.57 40.11 0.04
CA LEU H 47 19.92 39.21 0.99
C LEU H 47 18.46 39.07 0.59
N VAL H 48 18.06 37.84 0.28
CA VAL H 48 16.71 37.52 -0.16
C VAL H 48 16.06 36.65 0.90
N SER H 49 14.92 37.10 1.42
CA SER H 49 14.22 36.36 2.46
C SER H 49 13.39 35.24 1.84
N GLY H 50 12.69 34.50 2.70
CA GLY H 50 11.85 33.42 2.21
C GLY H 50 10.70 33.92 1.36
N ALA H 51 10.13 35.08 1.71
CA ALA H 51 9.03 35.66 0.95
C ALA H 51 9.48 36.31 -0.36
N GLY H 52 10.79 36.43 -0.59
CA GLY H 52 11.30 37.05 -1.78
C GLY H 52 11.69 38.50 -1.64
N ASP H 53 11.66 39.05 -0.43
CA ASP H 53 12.04 40.44 -0.23
C ASP H 53 13.54 40.62 -0.45
N ILE H 54 13.91 41.74 -1.06
CA ILE H 54 15.29 42.05 -1.38
C ILE H 54 15.86 42.96 -0.31
N LYS H 55 17.03 42.60 0.21
CA LYS H 55 17.72 43.37 1.25
C LYS H 55 19.14 43.63 0.77
N LEU H 56 19.42 44.88 0.40
CA LEU H 56 20.76 45.30 0.03
C LEU H 56 21.40 45.98 1.22
N THR H 57 22.55 45.48 1.66
CA THR H 57 23.16 46.01 2.87
C THR H 57 24.66 45.76 2.84
N LYS H 58 25.34 46.40 3.79
CA LYS H 58 26.77 46.24 3.99
C LYS H 58 27.14 46.10 5.46
N ASP H 59 26.16 46.19 6.37
CA ASP H 59 26.43 46.05 7.79
C ASP H 59 26.91 44.64 8.12
N GLY H 60 27.77 44.55 9.12
CA GLY H 60 28.07 43.25 9.70
C GLY H 60 26.88 42.66 10.44
N ASN H 61 26.15 43.51 11.19
CA ASN H 61 25.05 43.00 12.00
C ASN H 61 23.87 42.57 11.14
N VAL H 62 23.50 43.39 10.14
CA VAL H 62 22.40 43.03 9.26
C VAL H 62 22.72 41.75 8.50
N LEU H 63 23.95 41.65 7.99
CA LEU H 63 24.36 40.44 7.30
C LEU H 63 24.29 39.24 8.23
N LEU H 64 24.86 39.36 9.43
CA LEU H 64 24.85 38.26 10.39
C LEU H 64 23.42 37.81 10.69
N HIS H 65 22.50 38.76 10.83
CA HIS H 65 21.11 38.41 11.04
C HIS H 65 20.52 37.67 9.85
N GLU H 66 20.88 38.09 8.64
CA GLU H 66 20.26 37.54 7.45
C GLU H 66 21.06 36.42 6.78
N MET H 67 22.19 36.01 7.35
CA MET H 67 22.84 34.80 6.89
C MET H 67 22.08 33.58 7.40
N GLN H 68 21.96 32.56 6.55
CA GLN H 68 21.25 31.33 6.90
C GLN H 68 22.22 30.40 7.61
N ILE H 69 22.39 30.65 8.91
CA ILE H 69 23.37 29.95 9.73
C ILE H 69 22.67 29.38 10.96
N GLN H 70 23.02 28.14 11.32
CA GLN H 70 22.48 27.47 12.50
C GLN H 70 23.61 26.88 13.33
N HIS H 71 24.64 27.68 13.58
CA HIS H 71 25.80 27.21 14.33
C HIS H 71 25.87 27.89 15.69
N PRO H 72 26.17 27.14 16.75
CA PRO H 72 26.20 27.76 18.09
C PRO H 72 27.21 28.87 18.24
N THR H 73 28.45 28.66 17.79
CA THR H 73 29.45 29.71 17.87
C THR H 73 29.03 30.93 17.05
N ALA H 74 28.39 30.68 15.90
CA ALA H 74 27.86 31.79 15.12
C ALA H 74 26.81 32.55 15.90
N SER H 75 25.97 31.85 16.67
CA SER H 75 24.99 32.52 17.51
C SER H 75 25.66 33.37 18.58
N LEU H 76 26.74 32.85 19.17
CA LEU H 76 27.47 33.63 20.17
C LEU H 76 28.04 34.91 19.57
N ILE H 77 28.67 34.79 18.42
CA ILE H 77 29.23 35.97 17.76
C ILE H 77 28.13 36.93 17.37
N ALA H 78 26.99 36.41 16.93
CA ALA H 78 25.86 37.26 16.57
C ALA H 78 25.35 38.03 17.78
N LYS H 79 25.28 37.37 18.95
CA LYS H 79 24.85 38.08 20.15
C LYS H 79 25.84 39.17 20.53
N VAL H 80 27.14 38.88 20.42
CA VAL H 80 28.14 39.91 20.75
C VAL H 80 28.00 41.10 19.82
N ALA H 81 27.84 40.83 18.52
CA ALA H 81 27.69 41.91 17.54
C ALA H 81 26.40 42.68 17.79
N THR H 82 25.33 41.99 18.17
CA THR H 82 24.07 42.66 18.47
C THR H 82 24.22 43.62 19.64
N ALA H 83 24.90 43.18 20.70
CA ALA H 83 25.14 44.07 21.83
C ALA H 83 25.97 45.27 21.41
N GLN H 84 27.03 45.03 20.63
CA GLN H 84 27.86 46.12 20.14
C GLN H 84 27.04 47.14 19.37
N ASP H 85 26.19 46.65 18.46
CA ASP H 85 25.38 47.55 17.63
C ASP H 85 24.35 48.30 18.47
N ASP H 86 23.74 47.62 19.44
CA ASP H 86 22.71 48.26 20.25
C ASP H 86 23.30 49.36 21.12
N ILE H 87 24.50 49.16 21.65
CA ILE H 87 25.09 50.16 22.54
C ILE H 87 25.79 51.26 21.76
N THR H 88 26.71 50.90 20.86
CA THR H 88 27.54 51.89 20.18
C THR H 88 27.10 52.19 18.75
N GLY H 89 26.47 51.24 18.08
CA GLY H 89 25.98 51.48 16.74
C GLY H 89 26.97 51.31 15.62
N ASP H 90 28.17 50.80 15.90
CA ASP H 90 29.17 50.60 14.87
C ASP H 90 30.17 49.57 15.35
N GLY H 91 30.95 49.04 14.41
CA GLY H 91 32.01 48.12 14.74
C GLY H 91 31.66 46.65 14.73
N THR H 92 30.52 46.28 14.13
CA THR H 92 30.12 44.87 14.11
C THR H 92 31.05 44.04 13.23
N THR H 93 31.33 44.52 12.02
CA THR H 93 32.24 43.81 11.14
C THR H 93 33.62 43.67 11.75
N SER H 94 34.13 44.76 12.33
CA SER H 94 35.41 44.70 13.01
C SER H 94 35.36 43.75 14.20
N ASN H 95 34.22 43.72 14.90
CA ASN H 95 34.05 42.77 16.00
C ASN H 95 34.25 41.34 15.52
N VAL H 96 33.52 40.96 14.46
CA VAL H 96 33.62 39.59 13.97
C VAL H 96 35.02 39.29 13.47
N LEU H 97 35.62 40.23 12.73
CA LEU H 97 36.97 40.01 12.20
C LEU H 97 37.97 39.80 13.33
N ILE H 98 37.92 40.63 14.36
CA ILE H 98 38.88 40.53 15.44
C ILE H 98 38.68 39.24 16.23
N ILE H 99 37.42 38.84 16.46
CA ILE H 99 37.18 37.58 17.16
C ILE H 99 37.73 36.41 16.37
N GLY H 100 37.43 36.37 15.07
CA GLY H 100 37.92 35.28 14.25
C GLY H 100 39.44 35.22 14.20
N GLU H 101 40.09 36.37 14.06
CA GLU H 101 41.54 36.39 14.01
C GLU H 101 42.15 36.03 15.35
N LEU H 102 41.51 36.43 16.45
CA LEU H 102 41.98 36.03 17.78
C LEU H 102 41.97 34.53 17.93
N LEU H 103 40.85 33.89 17.55
CA LEU H 103 40.77 32.44 17.63
C LEU H 103 41.79 31.77 16.71
N LYS H 104 41.98 32.29 15.50
CA LYS H 104 42.94 31.70 14.57
C LYS H 104 44.35 31.78 15.14
N GLN H 105 44.75 32.95 15.63
CA GLN H 105 46.09 33.10 16.16
C GLN H 105 46.28 32.28 17.43
N ALA H 106 45.25 32.15 18.25
CA ALA H 106 45.33 31.30 19.43
C ALA H 106 45.52 29.85 19.04
N ASP H 107 44.77 29.38 18.04
CA ASP H 107 44.93 28.01 17.59
C ASP H 107 46.30 27.76 16.99
N LEU H 108 46.89 28.79 16.36
CA LEU H 108 48.22 28.64 15.79
C LEU H 108 49.22 28.16 16.82
N TYR H 109 49.06 28.54 18.09
CA TYR H 109 49.90 28.05 19.17
C TYR H 109 49.30 26.86 19.91
N ILE H 110 47.97 26.77 19.97
CA ILE H 110 47.34 25.68 20.71
C ILE H 110 47.60 24.35 20.01
N SER H 111 47.62 24.35 18.68
CA SER H 111 47.85 23.11 17.94
C SER H 111 49.22 22.51 18.21
N GLU H 112 50.13 23.28 18.79
CA GLU H 112 51.47 22.81 19.13
C GLU H 112 51.59 22.46 20.61
N GLY H 113 50.52 21.96 21.22
CA GLY H 113 50.58 21.46 22.57
C GLY H 113 50.51 22.49 23.67
N LEU H 114 50.16 23.74 23.35
CA LEU H 114 50.04 24.78 24.37
C LEU H 114 48.63 24.79 24.93
N HIS H 115 48.52 24.88 26.24
CA HIS H 115 47.20 24.92 26.88
C HIS H 115 46.54 26.27 26.62
N PRO H 116 45.23 26.29 26.37
CA PRO H 116 44.56 27.57 26.09
C PRO H 116 44.59 28.55 27.25
N ARG H 117 44.81 28.09 28.48
CA ARG H 117 44.83 28.99 29.62
C ARG H 117 45.95 30.00 29.51
N ILE H 118 47.12 29.56 29.03
CA ILE H 118 48.24 30.47 28.84
C ILE H 118 47.89 31.54 27.82
N ILE H 119 47.23 31.14 26.72
CA ILE H 119 46.84 32.08 25.70
C ILE H 119 45.83 33.09 26.26
N THR H 120 44.91 32.62 27.11
CA THR H 120 43.95 33.54 27.71
C THR H 120 44.62 34.54 28.65
N GLU H 121 45.59 34.08 29.44
CA GLU H 121 46.32 35.01 30.30
C GLU H 121 47.07 36.05 29.48
N GLY H 122 47.72 35.62 28.40
CA GLY H 122 48.35 36.57 27.50
C GLY H 122 47.35 37.53 26.90
N PHE H 123 46.15 37.04 26.56
CA PHE H 123 45.11 37.91 26.02
C PHE H 123 44.71 38.98 27.02
N GLU H 124 44.55 38.60 28.28
CA GLU H 124 44.15 39.58 29.30
C GLU H 124 45.25 40.63 29.49
N ALA H 125 46.50 40.20 29.58
CA ALA H 125 47.59 41.17 29.72
C ALA H 125 47.65 42.11 28.52
N ALA H 126 47.55 41.57 27.32
CA ALA H 126 47.59 42.39 26.12
C ALA H 126 46.39 43.32 26.05
N LYS H 127 45.22 42.88 26.51
CA LYS H 127 44.06 43.75 26.51
C LYS H 127 44.25 44.92 27.46
N GLU H 128 44.81 44.67 28.64
CA GLU H 128 45.09 45.76 29.57
C GLU H 128 46.05 46.77 28.95
N LYS H 129 47.15 46.27 28.37
CA LYS H 129 48.12 47.18 27.76
C LYS H 129 47.50 47.95 26.59
N ALA H 130 46.68 47.28 25.79
CA ALA H 130 46.05 47.93 24.65
C ALA H 130 45.07 49.02 25.09
N LEU H 131 44.32 48.76 26.17
CA LEU H 131 43.43 49.80 26.68
C LEU H 131 44.23 50.99 27.18
N GLN H 132 45.34 50.74 27.88
CA GLN H 132 46.18 51.85 28.31
C GLN H 132 46.69 52.66 27.12
N PHE H 133 47.14 51.97 26.07
CA PHE H 133 47.63 52.68 24.89
C PHE H 133 46.53 53.45 24.20
N LEU H 134 45.31 52.88 24.15
CA LEU H 134 44.19 53.59 23.55
C LEU H 134 43.86 54.86 24.31
N GLU H 135 43.90 54.79 25.64
CA GLU H 135 43.74 56.02 26.43
C GLU H 135 44.83 57.02 26.11
N GLU H 136 46.05 56.54 25.92
CA GLU H 136 47.17 57.45 25.64
C GLU H 136 47.02 58.13 24.27
N VAL H 137 46.51 57.39 23.27
CA VAL H 137 46.58 57.85 21.88
C VAL H 137 45.36 58.65 21.44
N LYS H 138 44.28 58.63 22.21
CA LYS H 138 43.06 59.32 21.79
C LYS H 138 43.29 60.81 21.65
N VAL H 139 42.58 61.43 20.72
CA VAL H 139 42.72 62.84 20.40
C VAL H 139 41.53 63.59 20.98
N SER H 140 41.75 64.32 22.06
CA SER H 140 40.71 65.12 22.68
C SER H 140 40.56 66.42 21.91
N ARG H 141 39.39 66.62 21.32
CA ARG H 141 39.14 67.76 20.44
C ARG H 141 37.79 68.39 20.79
N GLU H 142 37.72 69.71 20.65
CA GLU H 142 36.44 70.40 20.76
C GLU H 142 35.57 70.02 19.56
N MET H 143 34.42 69.39 19.82
CA MET H 143 33.58 68.85 18.76
C MET H 143 32.85 69.99 18.06
N ASP H 144 33.54 70.58 17.09
CA ASP H 144 32.94 71.59 16.23
C ASP H 144 32.18 70.90 15.10
N ARG H 145 31.72 71.67 14.12
CA ARG H 145 30.96 71.08 13.03
C ARG H 145 31.85 70.29 12.08
N GLU H 146 33.08 70.75 11.85
CA GLU H 146 33.96 70.09 10.89
C GLU H 146 34.33 68.68 11.35
N THR H 147 34.65 68.51 12.63
CA THR H 147 35.00 67.18 13.13
C THR H 147 33.83 66.23 13.04
N LEU H 148 32.62 66.71 13.37
CA LEU H 148 31.44 65.87 13.25
C LEU H 148 31.18 65.51 11.79
N ILE H 149 31.41 66.45 10.88
CA ILE H 149 31.29 66.15 9.46
C ILE H 149 32.25 65.05 9.05
N ASP H 150 33.49 65.14 9.54
CA ASP H 150 34.49 64.12 9.21
C ASP H 150 34.07 62.74 9.74
N VAL H 151 33.57 62.69 10.97
CA VAL H 151 33.14 61.42 11.54
C VAL H 151 31.97 60.85 10.76
N ALA H 152 30.98 61.69 10.45
CA ALA H 152 29.83 61.24 9.67
C ALA H 152 30.26 60.73 8.31
N ARG H 153 31.27 61.37 7.70
CA ARG H 153 31.79 60.86 6.44
C ARG H 153 32.44 59.50 6.62
N THR H 154 33.31 59.37 7.63
CA THR H 154 33.98 58.09 7.84
C THR H 154 33.02 56.97 8.14
N SER H 155 31.80 57.28 8.57
CA SER H 155 30.80 56.23 8.73
C SER H 155 30.01 55.99 7.44
N LEU H 156 29.36 57.04 6.93
CA LEU H 156 28.44 56.87 5.80
C LEU H 156 29.17 56.44 4.54
N ARG H 157 30.36 56.99 4.26
CA ARG H 157 31.11 56.59 3.08
C ARG H 157 31.39 55.09 3.11
N THR H 158 31.74 54.56 4.28
CA THR H 158 31.85 53.11 4.41
C THR H 158 30.51 52.43 4.28
N LYS H 159 29.41 53.15 4.51
CA LYS H 159 28.12 52.49 4.43
C LYS H 159 27.42 52.65 3.08
N VAL H 160 27.52 53.81 2.43
CA VAL H 160 26.80 54.02 1.18
C VAL H 160 27.70 54.62 0.11
N HIS H 161 27.13 54.91 -1.05
CA HIS H 161 27.86 55.43 -2.19
C HIS H 161 28.34 56.86 -1.90
N ALA H 162 29.18 57.39 -2.80
CA ALA H 162 29.96 58.59 -2.51
C ALA H 162 29.08 59.79 -2.21
N GLU H 163 28.35 60.29 -3.22
CA GLU H 163 27.63 61.55 -3.01
C GLU H 163 26.40 61.35 -2.13
N LEU H 164 25.83 60.14 -2.12
CA LEU H 164 24.79 59.85 -1.16
C LEU H 164 25.30 59.99 0.27
N ALA H 165 26.51 59.48 0.53
CA ALA H 165 27.13 59.67 1.83
C ALA H 165 27.42 61.15 2.08
N ASP H 166 27.81 61.88 1.03
CA ASP H 166 28.09 63.30 1.18
C ASP H 166 26.85 64.06 1.63
N VAL H 167 25.69 63.74 1.07
CA VAL H 167 24.45 64.39 1.48
C VAL H 167 24.05 63.94 2.89
N LEU H 168 24.15 62.64 3.16
CA LEU H 168 23.76 62.14 4.47
C LEU H 168 24.61 62.71 5.58
N THR H 169 25.88 63.05 5.29
CA THR H 169 26.73 63.66 6.30
C THR H 169 26.14 64.97 6.78
N GLU H 170 25.83 65.87 5.84
CA GLU H 170 25.25 67.15 6.22
C GLU H 170 23.91 66.94 6.93
N ALA H 171 23.08 66.03 6.41
CA ALA H 171 21.78 65.80 7.04
C ALA H 171 21.95 65.36 8.49
N VAL H 172 22.80 64.36 8.73
CA VAL H 172 22.94 63.79 10.07
C VAL H 172 23.56 64.80 11.02
N VAL H 173 24.61 65.49 10.58
CA VAL H 173 25.28 66.45 11.46
C VAL H 173 24.33 67.59 11.81
N ASP H 174 23.60 68.11 10.83
CA ASP H 174 22.68 69.20 11.10
C ASP H 174 21.56 68.76 12.04
N SER H 175 21.02 67.55 11.85
CA SER H 175 19.97 67.07 12.74
C SER H 175 20.49 66.92 14.16
N ILE H 176 21.67 66.33 14.33
CA ILE H 176 22.22 66.13 15.67
C ILE H 176 22.46 67.46 16.35
N LEU H 177 23.04 68.43 15.62
CA LEU H 177 23.26 69.74 16.21
C LEU H 177 21.95 70.44 16.53
N ALA H 178 20.91 70.19 15.74
CA ALA H 178 19.61 70.82 16.01
C ALA H 178 18.99 70.29 17.28
N ILE H 179 19.02 68.97 17.49
CA ILE H 179 18.36 68.41 18.67
C ILE H 179 19.23 68.42 19.91
N LYS H 180 20.50 68.78 19.82
CA LYS H 180 21.40 68.68 20.94
C LYS H 180 21.28 69.89 21.85
N LYS H 181 21.08 69.63 23.15
CA LYS H 181 21.08 70.68 24.16
C LYS H 181 22.40 70.65 24.91
N GLN H 182 22.90 71.84 25.24
CA GLN H 182 24.22 71.95 25.86
C GLN H 182 24.25 71.24 27.21
N ASP H 183 25.30 70.44 27.41
CA ASP H 183 25.55 69.74 28.67
C ASP H 183 24.37 68.85 29.07
N GLU H 184 23.75 68.20 28.10
CA GLU H 184 22.68 67.25 28.35
C GLU H 184 22.83 66.08 27.40
N PRO H 185 22.43 64.88 27.82
CA PRO H 185 22.51 63.72 26.93
C PRO H 185 21.59 63.88 25.73
N ILE H 186 22.03 63.34 24.60
CA ILE H 186 21.27 63.44 23.35
C ILE H 186 20.21 62.36 23.32
N ASP H 187 18.97 62.74 23.10
CA ASP H 187 17.85 61.82 22.98
C ASP H 187 17.60 61.58 21.49
N LEU H 188 18.06 60.44 20.99
CA LEU H 188 17.94 60.14 19.57
C LEU H 188 16.51 59.86 19.13
N PHE H 189 15.59 59.69 20.08
CA PHE H 189 14.18 59.51 19.71
C PHE H 189 13.56 60.77 19.15
N MET H 190 14.20 61.93 19.30
CA MET H 190 13.67 63.19 18.80
C MET H 190 13.97 63.41 17.32
N ILE H 191 14.70 62.52 16.67
CA ILE H 191 14.98 62.62 15.24
C ILE H 191 14.10 61.60 14.55
N GLU H 192 12.94 62.04 14.09
CA GLU H 192 12.02 61.14 13.40
C GLU H 192 12.59 60.76 12.04
N ILE H 193 12.57 59.47 11.73
CA ILE H 193 13.06 58.99 10.45
C ILE H 193 11.89 58.56 9.60
N MET H 194 11.39 59.46 8.76
CA MET H 194 10.28 59.19 7.85
C MET H 194 10.82 58.98 6.44
N GLU H 195 10.29 57.99 5.74
CA GLU H 195 10.75 57.65 4.41
C GLU H 195 9.60 57.67 3.42
N MET H 196 9.85 58.27 2.26
CA MET H 196 8.92 58.25 1.14
C MET H 196 9.63 57.70 -0.09
N LYS H 197 8.84 57.23 -1.04
CA LYS H 197 9.32 56.39 -2.13
C LYS H 197 8.98 56.98 -3.48
N HIS H 198 9.30 58.25 -3.70
CA HIS H 198 8.95 58.88 -4.95
C HIS H 198 10.05 59.71 -5.60
N LYS H 199 11.23 59.81 -5.01
CA LYS H 199 12.29 60.63 -5.58
C LYS H 199 13.59 59.83 -5.62
N SER H 200 14.66 60.50 -6.02
CA SER H 200 15.98 59.88 -6.07
C SER H 200 16.56 59.75 -4.67
N GLU H 201 17.60 58.93 -4.55
CA GLU H 201 18.22 58.71 -3.25
C GLU H 201 18.93 59.95 -2.74
N THR H 202 19.36 60.83 -3.64
CA THR H 202 20.07 62.04 -3.24
C THR H 202 19.14 63.16 -2.81
N ASP H 203 17.83 62.96 -2.89
CA ASP H 203 16.87 63.97 -2.46
C ASP H 203 16.58 63.90 -0.96
N THR H 204 17.21 62.98 -0.24
CA THR H 204 17.08 62.94 1.21
C THR H 204 17.57 64.25 1.82
N SER H 205 16.75 64.82 2.70
CA SER H 205 17.06 66.12 3.29
C SER H 205 16.60 66.13 4.73
N LEU H 206 16.84 67.25 5.40
CA LEU H 206 16.46 67.45 6.79
C LEU H 206 15.40 68.54 6.87
N ILE H 207 14.29 68.24 7.55
CA ILE H 207 13.22 69.19 7.77
C ILE H 207 13.26 69.61 9.23
N ARG H 208 13.39 70.91 9.47
CA ARG H 208 13.41 71.44 10.84
C ARG H 208 11.98 71.49 11.40
N GLY H 209 11.40 70.29 11.53
CA GLY H 209 10.04 70.16 12.01
C GLY H 209 9.62 68.71 12.07
N LEU H 210 8.36 68.43 11.77
CA LEU H 210 7.82 67.08 11.81
C LEU H 210 7.21 66.71 10.47
N VAL H 211 7.27 65.42 10.15
CA VAL H 211 6.57 64.86 9.00
C VAL H 211 5.72 63.71 9.51
N LEU H 212 4.42 63.76 9.26
CA LEU H 212 3.49 62.74 9.71
C LEU H 212 2.93 61.98 8.52
N ASP H 213 2.84 60.66 8.66
CA ASP H 213 2.42 59.78 7.58
C ASP H 213 0.91 59.74 7.40
N HIS H 214 0.19 60.71 7.95
CA HIS H 214 -1.26 60.79 7.78
C HIS H 214 -1.66 62.24 7.64
N GLY H 215 -2.83 62.47 7.05
CA GLY H 215 -3.32 63.82 6.84
C GLY H 215 -4.73 64.03 7.34
N ALA H 216 -5.34 65.14 6.94
CA ALA H 216 -6.71 65.43 7.35
C ALA H 216 -7.67 64.50 6.63
N ARG H 217 -8.56 63.88 7.38
CA ARG H 217 -9.51 62.91 6.82
C ARG H 217 -10.74 63.57 6.20
N HIS H 218 -10.99 64.84 6.51
CA HIS H 218 -12.13 65.55 5.95
C HIS H 218 -11.71 66.27 4.69
N PRO H 219 -12.36 66.00 3.54
CA PRO H 219 -11.91 66.63 2.29
C PRO H 219 -12.04 68.15 2.28
N ASP H 220 -12.88 68.73 3.13
CA ASP H 220 -13.05 70.18 3.13
C ASP H 220 -11.97 70.90 3.91
N MET H 221 -11.09 70.18 4.60
CA MET H 221 -10.04 70.82 5.38
C MET H 221 -9.00 71.44 4.46
N LYS H 222 -8.35 72.50 4.95
CA LYS H 222 -7.34 73.18 4.17
C LYS H 222 -6.13 72.29 3.96
N LYS H 223 -5.57 72.35 2.76
CA LYS H 223 -4.38 71.57 2.42
C LYS H 223 -3.09 72.33 2.66
N ARG H 224 -3.16 73.60 3.09
CA ARG H 224 -1.97 74.39 3.34
C ARG H 224 -2.34 75.55 4.25
N VAL H 225 -1.70 75.62 5.42
CA VAL H 225 -1.93 76.67 6.39
C VAL H 225 -0.62 77.40 6.63
N GLU H 226 -0.64 78.72 6.52
CA GLU H 226 0.60 79.48 6.59
C GLU H 226 1.08 79.65 8.02
N ASP H 227 0.31 80.36 8.85
CA ASP H 227 0.67 80.62 10.23
C ASP H 227 -0.28 79.83 11.11
N ALA H 228 0.22 78.74 11.70
CA ALA H 228 -0.61 77.77 12.37
C ALA H 228 -0.34 77.76 13.87
N TYR H 229 -1.42 77.73 14.65
CA TYR H 229 -1.34 77.44 16.08
C TYR H 229 -1.50 75.94 16.24
N ILE H 230 -0.44 75.28 16.70
CA ILE H 230 -0.43 73.83 16.83
C ILE H 230 -1.01 73.45 18.17
N LEU H 231 -2.02 72.57 18.15
CA LEU H 231 -2.63 72.04 19.36
C LEU H 231 -2.35 70.55 19.42
N THR H 232 -1.53 70.14 20.39
CA THR H 232 -1.19 68.74 20.58
C THR H 232 -2.02 68.21 21.74
N CYS H 233 -2.90 67.26 21.45
CA CYS H 233 -3.85 66.75 22.44
C CYS H 233 -3.90 65.24 22.40
N ASN H 234 -4.23 64.64 23.53
CA ASN H 234 -4.44 63.22 23.68
C ASN H 234 -5.85 62.94 24.19
N VAL H 235 -6.83 63.63 23.61
CA VAL H 235 -8.22 63.55 24.04
C VAL H 235 -9.03 62.91 22.93
N SER H 236 -9.85 61.92 23.29
CA SER H 236 -10.69 61.25 22.32
C SER H 236 -11.83 62.18 21.90
N LEU H 237 -11.93 62.45 20.60
CA LEU H 237 -12.98 63.30 20.05
C LEU H 237 -14.03 62.49 19.29
N GLU H 238 -14.10 61.19 19.54
CA GLU H 238 -15.08 60.32 18.92
C GLU H 238 -16.05 59.79 19.97
N TYR H 239 -17.17 59.25 19.49
CA TYR H 239 -18.18 58.71 20.40
C TYR H 239 -17.62 57.54 21.19
N GLU H 240 -17.87 57.55 22.50
CA GLU H 240 -17.43 56.49 23.39
C GLU H 240 -18.59 56.08 24.28
N LYS H 241 -18.75 54.78 24.47
CA LYS H 241 -19.85 54.25 25.25
C LYS H 241 -19.53 54.31 26.74
N THR H 242 -20.60 54.32 27.54
CA THR H 242 -20.45 54.30 28.99
C THR H 242 -19.84 52.98 29.45
N GLU H 243 -18.98 53.06 30.47
CA GLU H 243 -18.30 51.88 30.99
C GLU H 243 -19.22 50.89 31.70
N VAL H 244 -20.45 51.30 32.03
CA VAL H 244 -21.28 50.48 32.92
C VAL H 244 -22.54 50.05 32.18
N ASN H 245 -22.44 49.85 30.87
CA ASN H 245 -23.52 49.27 30.05
C ASN H 245 -24.80 50.10 30.17
N SER H 246 -24.71 51.32 29.63
CA SER H 246 -25.76 52.31 29.85
C SER H 246 -27.07 51.90 29.17
N GLY H 247 -27.07 51.83 27.83
CA GLY H 247 -28.30 51.56 27.11
C GLY H 247 -29.31 52.70 27.14
N PHE H 248 -30.25 52.70 26.21
CA PHE H 248 -31.24 53.76 26.10
C PHE H 248 -32.64 53.16 26.12
N PHE H 249 -33.60 53.92 26.65
CA PHE H 249 -34.98 53.49 26.74
C PHE H 249 -35.89 54.65 26.35
N TYR H 250 -36.71 54.44 25.32
CA TYR H 250 -37.61 55.47 24.83
C TYR H 250 -38.94 54.83 24.48
N LYS H 251 -39.97 55.66 24.35
CA LYS H 251 -41.32 55.19 24.06
C LYS H 251 -41.91 55.74 22.77
N SER H 252 -41.23 56.64 22.08
CA SER H 252 -41.78 57.24 20.87
C SER H 252 -40.63 57.70 19.99
N ALA H 253 -40.96 58.03 18.74
CA ALA H 253 -39.95 58.48 17.79
C ALA H 253 -39.34 59.81 18.21
N GLU H 254 -40.16 60.72 18.74
CA GLU H 254 -39.63 62.00 19.21
C GLU H 254 -38.65 61.81 20.36
N GLU H 255 -38.97 60.91 21.29
CA GLU H 255 -38.05 60.62 22.37
C GLU H 255 -36.75 60.04 21.84
N ARG H 256 -36.83 59.15 20.85
CA ARG H 256 -35.62 58.59 20.27
C ARG H 256 -34.78 59.68 19.60
N GLU H 257 -35.43 60.61 18.91
CA GLU H 257 -34.69 61.71 18.29
C GLU H 257 -33.99 62.56 19.35
N LYS H 258 -34.70 62.88 20.43
CA LYS H 258 -34.10 63.67 21.50
C LYS H 258 -32.93 62.95 22.14
N LEU H 259 -33.05 61.64 22.34
CA LEU H 259 -31.96 60.87 22.92
C LEU H 259 -30.77 60.80 21.96
N VAL H 260 -31.03 60.69 20.65
CA VAL H 260 -29.95 60.67 19.68
C VAL H 260 -29.21 62.00 19.69
N LYS H 261 -29.95 63.11 19.73
CA LYS H 261 -29.32 64.41 19.76
C LYS H 261 -28.55 64.64 21.06
N ALA H 262 -29.06 64.13 22.18
CA ALA H 262 -28.47 64.38 23.48
C ALA H 262 -27.34 63.44 23.84
N GLU H 263 -27.11 62.38 23.05
CA GLU H 263 -26.03 61.44 23.36
C GLU H 263 -24.68 61.90 22.83
N ARG H 264 -24.65 62.93 21.99
CA ARG H 264 -23.42 63.46 21.42
C ARG H 264 -22.92 64.69 22.16
N LYS H 265 -23.58 65.09 23.24
CA LYS H 265 -23.25 66.36 23.89
C LYS H 265 -21.88 66.31 24.56
N PHE H 266 -21.45 65.14 25.05
CA PHE H 266 -20.17 65.06 25.73
C PHE H 266 -19.02 65.40 24.78
N ILE H 267 -19.01 64.80 23.59
CA ILE H 267 -17.96 65.09 22.63
C ILE H 267 -18.11 66.50 22.07
N GLU H 268 -19.36 66.92 21.82
CA GLU H 268 -19.59 68.25 21.28
C GLU H 268 -19.13 69.33 22.24
N ASP H 269 -19.17 69.07 23.54
CA ASP H 269 -18.68 70.05 24.51
C ASP H 269 -17.19 70.29 24.35
N ARG H 270 -16.41 69.22 24.20
CA ARG H 270 -14.98 69.38 24.02
C ARG H 270 -14.64 69.98 22.66
N VAL H 271 -15.39 69.61 21.62
CA VAL H 271 -15.20 70.24 20.32
C VAL H 271 -15.50 71.72 20.40
N LYS H 272 -16.55 72.09 21.17
CA LYS H 272 -16.87 73.49 21.36
C LYS H 272 -15.77 74.22 22.12
N LYS H 273 -15.16 73.57 23.10
CA LYS H 273 -14.04 74.19 23.80
C LYS H 273 -12.88 74.45 22.84
N ILE H 274 -12.59 73.47 21.97
CA ILE H 274 -11.53 73.66 20.98
C ILE H 274 -11.86 74.84 20.07
N ILE H 275 -13.11 74.90 19.59
CA ILE H 275 -13.51 75.97 18.67
C ILE H 275 -13.44 77.32 19.35
N GLU H 276 -13.87 77.40 20.62
CA GLU H 276 -13.80 78.65 21.36
C GLU H 276 -12.35 79.10 21.54
N LEU H 277 -11.46 78.17 21.86
CA LEU H 277 -10.05 78.54 21.97
C LEU H 277 -9.51 79.04 20.64
N LYS H 278 -9.88 78.38 19.54
CA LYS H 278 -9.43 78.83 18.23
C LYS H 278 -9.93 80.23 17.92
N ARG H 279 -11.20 80.50 18.23
CA ARG H 279 -11.75 81.83 17.98
C ARG H 279 -11.04 82.89 18.82
N LYS H 280 -10.77 82.58 20.09
CA LYS H 280 -10.13 83.55 20.96
C LYS H 280 -8.69 83.83 20.52
N VAL H 281 -7.94 82.79 20.17
CA VAL H 281 -6.52 82.99 19.90
C VAL H 281 -6.29 83.76 18.60
N CYS H 282 -7.09 83.48 17.58
CA CYS H 282 -6.92 84.10 16.27
C CYS H 282 -8.26 84.59 15.75
N GLY H 283 -8.28 85.84 15.28
CA GLY H 283 -9.47 86.43 14.69
C GLY H 283 -9.36 86.79 13.23
N ASP H 284 -8.30 86.40 12.55
CA ASP H 284 -8.11 86.72 11.15
C ASP H 284 -7.96 85.43 10.35
N SER H 285 -8.27 85.52 9.05
CA SER H 285 -8.15 84.36 8.18
C SER H 285 -6.70 83.96 7.94
N ASP H 286 -5.75 84.86 8.18
CA ASP H 286 -4.35 84.53 7.94
C ASP H 286 -3.85 83.46 8.91
N LYS H 287 -4.08 83.66 10.20
CA LYS H 287 -3.64 82.67 11.19
C LYS H 287 -4.46 81.40 11.08
N GLY H 288 -3.79 80.26 11.23
CA GLY H 288 -4.43 78.97 11.10
C GLY H 288 -4.37 78.20 12.41
N PHE H 289 -5.19 77.16 12.46
CA PHE H 289 -5.28 76.28 13.63
C PHE H 289 -5.14 74.84 13.18
N VAL H 290 -4.24 74.10 13.83
CA VAL H 290 -4.00 72.71 13.52
C VAL H 290 -4.17 71.89 14.80
N VAL H 291 -4.96 70.83 14.72
CA VAL H 291 -5.20 69.94 15.85
C VAL H 291 -4.60 68.59 15.51
N ILE H 292 -3.65 68.15 16.33
CA ILE H 292 -3.04 66.84 16.19
C ILE H 292 -3.41 66.02 17.42
N ASN H 293 -4.18 64.95 17.20
CA ASN H 293 -4.74 64.17 18.28
C ASN H 293 -4.20 62.75 18.23
N GLN H 294 -3.77 62.24 19.39
CA GLN H 294 -3.32 60.86 19.46
C GLN H 294 -4.49 59.89 19.33
N LYS H 295 -5.68 60.29 19.79
CA LYS H 295 -6.87 59.45 19.73
C LYS H 295 -7.68 59.76 18.48
N GLY H 296 -8.72 58.97 18.28
CA GLY H 296 -9.52 59.10 17.08
C GLY H 296 -10.48 60.28 17.11
N ILE H 297 -10.91 60.68 15.92
CA ILE H 297 -11.89 61.74 15.74
C ILE H 297 -12.98 61.23 14.82
N ASP H 298 -14.22 61.23 15.31
CA ASP H 298 -15.33 60.72 14.53
C ASP H 298 -15.76 61.74 13.46
N PRO H 299 -16.49 61.30 12.44
CA PRO H 299 -16.85 62.21 11.34
C PRO H 299 -17.61 63.45 11.77
N PHE H 300 -18.46 63.35 12.81
CA PHE H 300 -19.21 64.53 13.24
C PHE H 300 -18.29 65.61 13.76
N SER H 301 -17.32 65.22 14.60
CA SER H 301 -16.35 66.20 15.09
C SER H 301 -15.49 66.74 13.97
N LEU H 302 -15.13 65.89 13.00
CA LEU H 302 -14.36 66.35 11.86
C LEU H 302 -15.11 67.41 11.08
N ASP H 303 -16.41 67.17 10.84
CA ASP H 303 -17.22 68.16 10.12
C ASP H 303 -17.34 69.45 10.92
N ALA H 304 -17.57 69.34 12.22
CA ALA H 304 -17.69 70.55 13.04
C ALA H 304 -16.40 71.34 13.04
N LEU H 305 -15.25 70.66 13.08
CA LEU H 305 -13.97 71.35 13.08
C LEU H 305 -13.69 71.98 11.72
N SER H 306 -14.02 71.27 10.63
CA SER H 306 -13.78 71.83 9.30
C SER H 306 -14.67 73.04 9.04
N LYS H 307 -15.89 73.05 9.58
CA LYS H 307 -16.74 74.20 9.41
C LYS H 307 -16.16 75.46 10.06
N GLU H 308 -15.23 75.30 11.00
CA GLU H 308 -14.56 76.42 11.62
C GLU H 308 -13.15 76.63 11.09
N GLY H 309 -12.80 75.99 9.98
CA GLY H 309 -11.48 76.16 9.39
C GLY H 309 -10.34 75.63 10.24
N ILE H 310 -10.51 74.45 10.81
CA ILE H 310 -9.49 73.83 11.66
C ILE H 310 -9.03 72.54 11.01
N VAL H 311 -7.72 72.38 10.87
CA VAL H 311 -7.14 71.16 10.34
C VAL H 311 -6.91 70.20 11.50
N ALA H 312 -7.49 69.00 11.41
CA ALA H 312 -7.44 68.02 12.49
C ALA H 312 -6.84 66.73 11.98
N LEU H 313 -5.84 66.22 12.69
CA LEU H 313 -5.22 64.93 12.40
C LEU H 313 -5.45 64.00 13.58
N ARG H 314 -5.87 62.77 13.29
CA ARG H 314 -6.23 61.81 14.33
C ARG H 314 -5.26 60.64 14.31
N ARG H 315 -5.28 59.89 15.41
CA ARG H 315 -4.48 58.67 15.56
C ARG H 315 -2.99 58.93 15.32
N ALA H 316 -2.50 60.02 15.90
CA ALA H 316 -1.08 60.32 15.80
C ALA H 316 -0.27 59.37 16.68
N LYS H 317 1.00 59.23 16.34
CA LYS H 317 1.89 58.36 17.08
C LYS H 317 2.12 58.91 18.49
N ARG H 318 2.36 57.99 19.44
CA ARG H 318 2.52 58.40 20.83
C ARG H 318 3.74 59.29 21.01
N ARG H 319 4.88 58.90 20.42
CA ARG H 319 6.08 59.72 20.53
C ARG H 319 5.94 61.03 19.79
N ASN H 320 5.02 61.12 18.83
CA ASN H 320 4.81 62.37 18.13
C ASN H 320 4.29 63.46 19.07
N MET H 321 3.67 63.09 20.18
CA MET H 321 3.28 64.08 21.18
C MET H 321 4.51 64.83 21.69
N GLU H 322 5.51 64.09 22.16
CA GLU H 322 6.74 64.71 22.64
C GLU H 322 7.47 65.43 21.52
N ARG H 323 7.50 64.84 20.33
CA ARG H 323 8.22 65.46 19.23
C ARG H 323 7.61 66.80 18.86
N LEU H 324 6.28 66.88 18.79
CA LEU H 324 5.61 68.13 18.47
C LEU H 324 5.75 69.14 19.60
N THR H 325 5.70 68.68 20.85
CA THR H 325 5.88 69.58 21.97
C THR H 325 7.27 70.22 21.95
N LEU H 326 8.29 69.42 21.64
CA LEU H 326 9.65 69.96 21.59
C LEU H 326 9.87 70.83 20.36
N ALA H 327 9.26 70.49 19.22
CA ALA H 327 9.48 71.26 18.02
C ALA H 327 8.62 72.52 17.98
N CYS H 328 7.30 72.35 18.00
CA CYS H 328 6.40 73.49 17.90
C CYS H 328 6.45 74.34 19.16
N GLY H 329 6.51 73.72 20.32
CA GLY H 329 6.61 74.44 21.57
C GLY H 329 5.33 74.61 22.35
N GLY H 330 4.39 73.69 22.24
CA GLY H 330 3.14 73.74 22.97
C GLY H 330 3.17 72.90 24.23
N VAL H 331 1.99 72.46 24.66
CA VAL H 331 1.85 71.54 25.78
C VAL H 331 0.88 70.45 25.37
N ALA H 332 1.33 69.19 25.44
CA ALA H 332 0.45 68.07 25.14
C ALA H 332 -0.61 67.95 26.22
N LEU H 333 -1.88 67.89 25.80
CA LEU H 333 -3.01 67.92 26.71
C LEU H 333 -3.72 66.57 26.71
N ASN H 334 -3.91 66.00 27.90
CA ASN H 334 -4.74 64.83 28.05
C ASN H 334 -6.18 65.17 28.37
N SER H 335 -6.49 66.44 28.59
CA SER H 335 -7.86 66.86 28.84
C SER H 335 -7.99 68.33 28.47
N PHE H 336 -9.24 68.76 28.26
CA PHE H 336 -9.55 70.14 27.93
C PHE H 336 -10.20 70.88 29.08
N ASP H 337 -10.01 70.41 30.31
CA ASP H 337 -10.65 71.03 31.46
C ASP H 337 -10.23 72.48 31.60
N ASP H 338 -8.93 72.75 31.48
CA ASP H 338 -8.39 74.11 31.57
C ASP H 338 -7.32 74.25 30.48
N LEU H 339 -7.73 74.72 29.32
CA LEU H 339 -6.82 74.95 28.20
C LEU H 339 -6.73 76.44 27.93
N SER H 340 -5.51 76.91 27.71
CA SER H 340 -5.20 78.33 27.61
C SER H 340 -4.38 78.58 26.35
N PRO H 341 -4.42 79.81 25.82
CA PRO H 341 -3.62 80.10 24.62
C PRO H 341 -2.14 79.87 24.79
N ASP H 342 -1.62 79.86 26.03
CA ASP H 342 -0.20 79.62 26.23
C ASP H 342 0.18 78.16 26.05
N CYS H 343 -0.77 77.26 25.89
CA CYS H 343 -0.49 75.85 25.68
C CYS H 343 -0.47 75.47 24.19
N LEU H 344 -0.60 76.45 23.30
CA LEU H 344 -0.65 76.21 21.87
C LEU H 344 0.74 76.37 21.26
N GLY H 345 1.17 75.38 20.50
CA GLY H 345 2.40 75.51 19.76
C GLY H 345 2.22 76.32 18.49
N HIS H 346 3.34 76.78 17.95
CA HIS H 346 3.33 77.61 16.75
C HIS H 346 4.21 77.00 15.68
N ALA H 347 3.72 77.02 14.44
CA ALA H 347 4.47 76.51 13.28
C ALA H 347 4.36 77.51 12.15
N GLY H 348 5.48 77.82 11.52
CA GLY H 348 5.50 78.82 10.47
C GLY H 348 4.96 78.38 9.13
N LEU H 349 4.74 77.08 8.94
CA LEU H 349 4.12 76.57 7.73
C LEU H 349 3.69 75.12 7.91
N VAL H 350 2.42 74.83 7.61
CA VAL H 350 1.89 73.48 7.64
C VAL H 350 1.20 73.22 6.31
N TYR H 351 1.71 72.27 5.54
CA TYR H 351 1.10 71.89 4.28
C TYR H 351 1.03 70.38 4.18
N GLU H 352 0.05 69.91 3.42
CA GLU H 352 -0.23 68.49 3.29
C GLU H 352 0.22 68.00 1.92
N TYR H 353 1.02 66.94 1.90
CA TYR H 353 1.55 66.38 0.66
C TYR H 353 1.00 64.98 0.48
N THR H 354 0.53 64.69 -0.74
CA THR H 354 -0.03 63.39 -1.05
C THR H 354 0.93 62.60 -1.94
N LEU H 355 0.91 61.28 -1.79
CA LEU H 355 1.80 60.39 -2.54
C LEU H 355 1.06 59.07 -2.75
N GLY H 356 0.47 58.90 -3.92
CA GLY H 356 -0.29 57.69 -4.19
C GLY H 356 -1.47 57.59 -3.26
N GLU H 357 -1.59 56.45 -2.59
CA GLU H 357 -2.70 56.20 -1.68
C GLU H 357 -2.44 56.69 -0.26
N GLU H 358 -1.25 57.19 0.03
CA GLU H 358 -0.90 57.67 1.36
C GLU H 358 -0.62 59.16 1.33
N LYS H 359 -0.96 59.84 2.42
CA LYS H 359 -0.83 61.28 2.53
C LYS H 359 0.14 61.63 3.65
N PHE H 360 0.86 62.73 3.45
CA PHE H 360 1.86 63.18 4.40
C PHE H 360 1.57 64.62 4.82
N THR H 361 1.89 64.94 6.07
CA THR H 361 1.71 66.27 6.61
C THR H 361 3.05 66.83 7.03
N PHE H 362 3.37 68.03 6.57
CA PHE H 362 4.64 68.68 6.86
C PHE H 362 4.41 69.85 7.80
N ILE H 363 5.20 69.92 8.86
CA ILE H 363 5.12 70.99 9.84
C ILE H 363 6.51 71.60 9.93
N GLU H 364 6.74 72.70 9.20
CA GLU H 364 8.06 73.30 9.06
C GLU H 364 8.05 74.72 9.60
N LYS H 365 9.18 75.39 9.43
CA LYS H 365 9.35 76.80 9.78
C LYS H 365 9.03 77.05 11.25
N CYS H 366 9.44 76.12 12.12
CA CYS H 366 9.31 76.34 13.54
C CYS H 366 10.36 77.34 14.01
N ASN H 367 10.14 77.89 15.20
CA ASN H 367 11.02 78.93 15.72
C ASN H 367 12.41 78.36 15.99
N ASN H 368 12.52 77.39 16.88
CA ASN H 368 13.79 76.76 17.20
C ASN H 368 13.52 75.30 17.55
N PRO H 369 13.34 74.45 16.54
CA PRO H 369 12.89 73.07 16.79
C PRO H 369 13.97 72.26 17.50
N ARG H 370 13.63 71.74 18.66
CA ARG H 370 14.48 70.80 19.37
C ARG H 370 14.27 69.36 18.92
N SER H 371 13.36 69.14 17.99
CA SER H 371 13.12 67.81 17.42
C SER H 371 12.91 67.97 15.93
N VAL H 372 13.81 67.38 15.13
CA VAL H 372 13.73 67.49 13.68
C VAL H 372 13.44 66.12 13.09
N THR H 373 13.25 66.05 11.79
CA THR H 373 12.96 64.80 11.11
C THR H 373 13.87 64.63 9.91
N LEU H 374 14.18 63.38 9.59
CA LEU H 374 14.98 63.02 8.44
C LEU H 374 14.07 62.37 7.41
N LEU H 375 13.99 62.95 6.22
CA LEU H 375 13.12 62.46 5.16
C LEU H 375 13.97 61.66 4.17
N ILE H 376 13.81 60.35 4.19
CA ILE H 376 14.55 59.47 3.29
C ILE H 376 13.74 59.28 2.02
N LYS H 377 14.34 59.62 0.88
CA LYS H 377 13.70 59.49 -0.42
C LYS H 377 14.50 58.54 -1.29
N GLY H 378 13.80 57.66 -1.99
CA GLY H 378 14.43 56.72 -2.87
C GLY H 378 13.41 56.00 -3.74
N PRO H 379 13.88 55.42 -4.85
CA PRO H 379 12.96 54.75 -5.77
C PRO H 379 12.63 53.30 -5.41
N ASN H 380 13.35 52.70 -4.46
CA ASN H 380 13.18 51.30 -4.13
C ASN H 380 13.06 51.13 -2.62
N LYS H 381 12.36 50.08 -2.21
CA LYS H 381 12.24 49.78 -0.79
C LYS H 381 13.60 49.41 -0.20
N HIS H 382 14.39 48.62 -0.93
CA HIS H 382 15.70 48.25 -0.41
C HIS H 382 16.63 49.45 -0.32
N THR H 383 16.50 50.41 -1.25
CA THR H 383 17.27 51.64 -1.13
C THR H 383 16.90 52.40 0.14
N LEU H 384 15.59 52.47 0.44
CA LEU H 384 15.17 53.12 1.67
C LEU H 384 15.71 52.42 2.91
N THR H 385 15.68 51.08 2.91
CA THR H 385 16.21 50.34 4.05
C THR H 385 17.70 50.57 4.22
N GLN H 386 18.45 50.55 3.12
CA GLN H 386 19.89 50.76 3.19
C GLN H 386 20.20 52.16 3.71
N ILE H 387 19.48 53.18 3.21
CA ILE H 387 19.70 54.54 3.68
C ILE H 387 19.34 54.66 5.15
N LYS H 388 18.28 53.97 5.59
CA LYS H 388 17.90 54.01 6.99
C LYS H 388 18.98 53.43 7.87
N ASP H 389 19.54 52.28 7.49
CA ASP H 389 20.63 51.70 8.27
C ASP H 389 21.85 52.62 8.28
N ALA H 390 22.17 53.22 7.13
CA ALA H 390 23.32 54.11 7.06
C ALA H 390 23.14 55.32 7.96
N VAL H 391 21.95 55.94 7.95
CA VAL H 391 21.73 57.12 8.78
C VAL H 391 21.69 56.73 10.24
N ARG H 392 21.22 55.52 10.57
CA ARG H 392 21.31 55.07 11.96
C ARG H 392 22.76 54.99 12.41
N ASP H 393 23.62 54.39 11.58
CA ASP H 393 25.03 54.30 11.92
C ASP H 393 25.65 55.68 12.07
N GLY H 394 25.32 56.59 11.14
CA GLY H 394 25.89 57.93 11.21
C GLY H 394 25.43 58.70 12.43
N LEU H 395 24.15 58.58 12.78
CA LEU H 395 23.65 59.25 13.97
C LEU H 395 24.33 58.71 15.22
N ARG H 396 24.49 57.40 15.32
CA ARG H 396 25.20 56.84 16.46
C ARG H 396 26.64 57.34 16.51
N ALA H 397 27.30 57.41 15.36
CA ALA H 397 28.69 57.85 15.32
C ALA H 397 28.83 59.29 15.79
N VAL H 398 27.95 60.18 15.30
CA VAL H 398 28.03 61.58 15.68
C VAL H 398 27.68 61.75 17.16
N LYS H 399 26.68 61.00 17.65
CA LYS H 399 26.33 61.10 19.06
C LYS H 399 27.46 60.64 19.95
N ASN H 400 28.13 59.55 19.58
CA ASN H 400 29.27 59.08 20.36
C ASN H 400 30.41 60.07 20.32
N ALA H 401 30.66 60.68 19.16
CA ALA H 401 31.73 61.66 19.04
C ALA H 401 31.44 62.88 19.91
N ILE H 402 30.18 63.29 20.00
CA ILE H 402 29.82 64.42 20.85
C ILE H 402 29.94 64.05 22.31
N ASP H 403 29.46 62.86 22.70
CA ASP H 403 29.49 62.44 24.09
C ASP H 403 30.91 62.38 24.62
N ASP H 404 31.73 61.49 24.06
CA ASP H 404 33.13 61.41 24.42
C ASP H 404 33.88 62.49 23.68
N GLY H 405 34.45 63.46 24.41
CA GLY H 405 35.11 64.58 23.77
C GLY H 405 36.30 64.19 22.91
N CYS H 406 36.79 62.97 23.03
CA CYS H 406 37.94 62.50 22.27
C CYS H 406 37.49 61.77 21.01
N VAL H 407 38.48 61.48 20.16
CA VAL H 407 38.25 60.73 18.93
C VAL H 407 39.56 60.06 18.56
N VAL H 408 39.47 58.90 17.92
CA VAL H 408 40.61 58.04 17.63
C VAL H 408 40.87 58.06 16.14
N PRO H 409 42.12 58.20 15.70
CA PRO H 409 42.41 58.12 14.26
C PRO H 409 42.00 56.77 13.68
N GLY H 410 41.48 56.80 12.47
CA GLY H 410 40.95 55.63 11.81
C GLY H 410 41.94 55.02 10.83
N ALA H 411 41.40 54.34 9.82
CA ALA H 411 42.17 53.71 8.76
C ALA H 411 43.13 52.64 9.28
N GLY H 412 42.89 52.14 10.48
CA GLY H 412 43.73 51.10 11.05
C GLY H 412 45.03 51.59 11.65
N ALA H 413 45.26 52.90 11.72
CA ALA H 413 46.50 53.41 12.29
C ALA H 413 46.60 53.05 13.76
N VAL H 414 45.50 53.18 14.50
CA VAL H 414 45.52 52.86 15.92
C VAL H 414 45.78 51.37 16.14
N GLU H 415 45.27 50.51 15.25
CA GLU H 415 45.54 49.08 15.36
C GLU H 415 47.03 48.79 15.20
N VAL H 416 47.67 49.43 14.21
CA VAL H 416 49.10 49.23 14.01
C VAL H 416 49.88 49.73 15.22
N ALA H 417 49.51 50.90 15.74
CA ALA H 417 50.22 51.44 16.89
C ALA H 417 50.06 50.54 18.12
N MET H 418 48.85 50.03 18.35
CA MET H 418 48.64 49.10 19.47
C MET H 418 49.42 47.82 19.28
N ALA H 419 49.49 47.31 18.05
CA ALA H 419 50.28 46.10 17.81
C ALA H 419 51.75 46.34 18.13
N GLU H 420 52.28 47.49 17.70
CA GLU H 420 53.67 47.81 18.01
C GLU H 420 53.88 47.94 19.51
N ALA H 421 52.95 48.61 20.20
CA ALA H 421 53.08 48.78 21.64
C ALA H 421 53.01 47.44 22.37
N LEU H 422 52.13 46.55 21.93
CA LEU H 422 52.03 45.23 22.54
C LEU H 422 53.30 44.42 22.31
N ILE H 423 53.86 44.50 21.11
CA ILE H 423 55.12 43.80 20.84
C ILE H 423 56.23 44.34 21.72
N LYS H 424 56.29 45.66 21.88
CA LYS H 424 57.30 46.26 22.75
C LYS H 424 57.11 45.86 24.21
N HIS H 425 55.86 45.73 24.65
CA HIS H 425 55.56 45.37 26.03
C HIS H 425 55.69 43.88 26.29
N LYS H 426 55.73 43.07 25.24
CA LYS H 426 55.78 41.62 25.40
C LYS H 426 56.91 41.12 26.31
N PRO H 427 58.15 41.61 26.22
CA PRO H 427 59.18 41.13 27.15
C PRO H 427 58.83 41.34 28.62
N SER H 428 58.05 42.39 28.93
CA SER H 428 57.69 42.64 30.32
C SER H 428 56.77 41.56 30.88
N VAL H 429 56.03 40.85 30.04
CA VAL H 429 55.13 39.81 30.51
C VAL H 429 55.95 38.58 30.87
N LYS H 430 55.76 38.09 32.09
CA LYS H 430 56.51 36.95 32.59
C LYS H 430 55.84 35.64 32.22
N GLY H 431 56.64 34.69 31.75
CA GLY H 431 56.15 33.36 31.44
C GLY H 431 55.91 33.14 29.96
N ARG H 432 55.03 32.18 29.68
CA ARG H 432 54.67 31.84 28.32
C ARG H 432 53.47 32.62 27.81
N ALA H 433 52.94 33.56 28.60
CA ALA H 433 51.88 34.43 28.12
C ALA H 433 52.34 35.38 27.03
N GLN H 434 53.65 35.49 26.81
CA GLN H 434 54.14 36.28 25.69
C GLN H 434 53.61 35.77 24.36
N LEU H 435 53.41 34.46 24.24
CA LEU H 435 52.79 33.92 23.04
C LEU H 435 51.37 34.43 22.86
N GLY H 436 50.60 34.48 23.96
CA GLY H 436 49.27 35.05 23.88
C GLY H 436 49.30 36.53 23.53
N VAL H 437 50.26 37.26 24.06
CA VAL H 437 50.40 38.68 23.72
C VAL H 437 50.69 38.85 22.24
N GLN H 438 51.60 38.03 21.70
CA GLN H 438 51.91 38.09 20.27
C GLN H 438 50.70 37.74 19.42
N ALA H 439 49.94 36.73 19.84
CA ALA H 439 48.72 36.38 19.12
C ALA H 439 47.71 37.51 19.14
N PHE H 440 47.59 38.20 20.29
CA PHE H 440 46.68 39.34 20.38
C PHE H 440 47.11 40.46 19.46
N ALA H 441 48.42 40.74 19.38
CA ALA H 441 48.90 41.77 18.48
C ALA H 441 48.63 41.40 17.02
N ASP H 442 48.89 40.15 16.66
CA ASP H 442 48.61 39.70 15.30
C ASP H 442 47.13 39.82 14.98
N ALA H 443 46.26 39.46 15.93
CA ALA H 443 44.83 39.60 15.72
C ALA H 443 44.43 41.06 15.54
N LEU H 444 45.01 41.96 16.35
CA LEU H 444 44.73 43.38 16.18
C LEU H 444 45.16 43.86 14.80
N LEU H 445 46.22 43.29 14.25
CA LEU H 445 46.67 43.69 12.92
C LEU H 445 45.73 43.24 11.79
N ILE H 446 44.56 42.66 12.05
CA ILE H 446 43.70 42.20 10.96
C ILE H 446 43.07 43.38 10.23
N ILE H 447 42.77 44.47 10.92
CA ILE H 447 42.04 45.58 10.30
C ILE H 447 42.81 46.20 9.14
N PRO H 448 44.07 46.61 9.29
CA PRO H 448 44.80 47.10 8.11
C PRO H 448 44.95 46.04 7.03
N LYS H 449 45.12 44.78 7.42
CA LYS H 449 45.22 43.71 6.45
C LYS H 449 43.96 43.63 5.59
N VAL H 450 42.79 43.61 6.24
CA VAL H 450 41.54 43.50 5.50
C VAL H 450 41.28 44.75 4.68
N LEU H 451 41.64 45.92 5.21
CA LEU H 451 41.46 47.15 4.43
C LEU H 451 42.30 47.12 3.16
N ALA H 452 43.56 46.71 3.27
CA ALA H 452 44.41 46.62 2.09
C ALA H 452 43.90 45.56 1.12
N GLN H 453 43.44 44.42 1.65
CA GLN H 453 42.93 43.36 0.79
C GLN H 453 41.71 43.82 0.01
N ASN H 454 40.76 44.48 0.68
CA ASN H 454 39.57 44.96 0.00
C ASN H 454 39.91 46.06 -1.00
N SER H 455 40.88 46.92 -0.66
CA SER H 455 41.28 47.97 -1.59
C SER H 455 41.92 47.42 -2.86
N GLY H 456 42.41 46.18 -2.82
CA GLY H 456 42.98 45.53 -3.99
C GLY H 456 44.46 45.24 -3.91
N PHE H 457 45.15 45.75 -2.90
CA PHE H 457 46.57 45.49 -2.74
C PHE H 457 46.79 44.18 -2.00
N ASP H 458 48.05 43.85 -1.74
CA ASP H 458 48.40 42.63 -1.02
C ASP H 458 48.67 42.97 0.44
N LEU H 459 48.26 42.06 1.33
CA LEU H 459 48.27 42.36 2.76
C LEU H 459 49.69 42.55 3.29
N GLN H 460 50.61 41.65 2.93
CA GLN H 460 51.91 41.60 3.59
C GLN H 460 52.73 42.84 3.30
N GLU H 461 52.87 43.19 2.01
CA GLU H 461 53.73 44.31 1.66
C GLU H 461 53.15 45.64 2.14
N THR H 462 51.83 45.83 1.99
CA THR H 462 51.21 47.04 2.49
C THR H 462 51.38 47.15 4.00
N LEU H 463 51.16 46.05 4.72
CA LEU H 463 51.28 46.09 6.17
C LEU H 463 52.71 46.38 6.62
N VAL H 464 53.70 45.78 5.98
CA VAL H 464 55.07 46.05 6.38
C VAL H 464 55.45 47.48 6.04
N LYS H 465 54.93 48.04 4.94
CA LYS H 465 55.16 49.44 4.65
C LYS H 465 54.58 50.34 5.74
N ILE H 466 53.34 50.04 6.16
CA ILE H 466 52.71 50.83 7.21
C ILE H 466 53.51 50.76 8.50
N GLN H 467 53.92 49.54 8.87
CA GLN H 467 54.66 49.35 10.12
C GLN H 467 56.02 50.04 10.08
N ALA H 468 56.72 49.95 8.95
CA ALA H 468 58.00 50.63 8.82
C ALA H 468 57.83 52.14 8.91
N GLU H 469 56.81 52.68 8.26
CA GLU H 469 56.57 54.13 8.33
C GLU H 469 56.26 54.55 9.76
N HIS H 470 55.42 53.78 10.45
CA HIS H 470 55.07 54.13 11.83
C HIS H 470 56.29 54.05 12.75
N SER H 471 57.12 53.03 12.58
CA SER H 471 58.31 52.90 13.42
C SER H 471 59.29 54.04 13.14
N GLU H 472 59.46 54.41 11.87
CA GLU H 472 60.43 55.45 11.52
C GLU H 472 59.96 56.81 12.00
N SER H 473 58.71 57.16 11.73
CA SER H 473 58.23 58.51 12.02
C SER H 473 57.60 58.63 13.40
N GLY H 474 56.91 57.59 13.86
CA GLY H 474 56.18 57.65 15.11
C GLY H 474 54.76 58.19 14.98
N GLN H 475 54.36 58.63 13.80
CA GLN H 475 53.02 59.16 13.60
C GLN H 475 52.01 58.03 13.47
N LEU H 476 50.73 58.39 13.63
CA LEU H 476 49.63 57.44 13.50
C LEU H 476 49.26 57.36 12.02
N VAL H 477 50.03 56.55 11.29
CA VAL H 477 49.84 56.38 9.86
C VAL H 477 48.95 55.17 9.61
N GLY H 478 47.91 55.37 8.80
CA GLY H 478 46.97 54.33 8.46
C GLY H 478 47.22 53.78 7.08
N VAL H 479 46.14 53.33 6.43
CA VAL H 479 46.19 52.74 5.09
C VAL H 479 45.44 53.65 4.14
N ASP H 480 46.09 54.03 3.05
CA ASP H 480 45.45 54.80 1.99
C ASP H 480 44.80 53.81 1.03
N LEU H 481 43.46 53.85 0.96
CA LEU H 481 42.74 52.87 0.15
C LEU H 481 42.82 53.18 -1.34
N ASN H 482 43.38 54.31 -1.72
CA ASN H 482 43.53 54.64 -3.13
C ASN H 482 44.90 54.27 -3.68
N THR H 483 45.94 54.29 -2.85
CA THR H 483 47.29 53.98 -3.29
C THR H 483 47.99 52.91 -2.48
N GLY H 484 47.57 52.63 -1.25
CA GLY H 484 48.23 51.66 -0.41
C GLY H 484 49.38 52.21 0.40
N GLU H 485 49.81 53.43 0.13
CA GLU H 485 50.91 54.04 0.86
C GLU H 485 50.46 54.43 2.27
N PRO H 486 51.41 54.55 3.20
CA PRO H 486 51.05 55.06 4.53
C PRO H 486 50.53 56.47 4.47
N MET H 487 49.62 56.80 5.38
CA MET H 487 48.95 58.08 5.38
C MET H 487 48.43 58.37 6.77
N VAL H 488 48.53 59.64 7.18
CA VAL H 488 48.12 60.05 8.52
C VAL H 488 46.61 60.21 8.53
N ALA H 489 45.94 59.41 9.37
CA ALA H 489 44.48 59.46 9.42
C ALA H 489 43.99 60.79 9.99
N ALA H 490 44.70 61.34 10.97
CA ALA H 490 44.26 62.58 11.61
C ALA H 490 44.27 63.74 10.62
N GLU H 491 45.31 63.81 9.78
CA GLU H 491 45.44 64.95 8.87
C GLU H 491 44.44 64.93 7.74
N VAL H 492 43.85 63.77 7.43
CA VAL H 492 42.91 63.67 6.32
C VAL H 492 41.46 63.59 6.78
N GLY H 493 41.21 63.43 8.07
CA GLY H 493 39.85 63.38 8.57
C GLY H 493 39.26 62.01 8.73
N VAL H 494 40.06 60.94 8.68
CA VAL H 494 39.57 59.60 8.90
C VAL H 494 39.58 59.36 10.42
N TRP H 495 38.40 59.43 11.03
CA TRP H 495 38.24 59.34 12.47
C TRP H 495 37.43 58.11 12.84
N ASP H 496 37.77 57.51 13.99
CA ASP H 496 37.03 56.40 14.54
C ASP H 496 36.57 56.76 15.95
N ASN H 497 35.43 56.20 16.35
CA ASN H 497 34.90 56.48 17.67
C ASN H 497 35.74 55.78 18.74
N TYR H 498 36.14 56.53 19.76
CA TYR H 498 36.93 55.96 20.86
C TYR H 498 36.13 54.92 21.62
N CYS H 499 34.85 55.19 21.88
CA CYS H 499 34.01 54.23 22.58
C CYS H 499 33.86 52.95 21.78
N VAL H 500 33.75 53.06 20.46
CA VAL H 500 33.64 51.89 19.61
C VAL H 500 34.89 51.02 19.74
N LYS H 501 36.07 51.64 19.72
CA LYS H 501 37.30 50.87 19.86
C LYS H 501 37.41 50.21 21.22
N LYS H 502 37.05 50.94 22.29
CA LYS H 502 37.12 50.35 23.63
C LYS H 502 36.17 49.17 23.76
N GLN H 503 34.94 49.31 23.26
CA GLN H 503 33.99 48.22 23.29
C GLN H 503 34.49 47.05 22.46
N LEU H 504 35.09 47.32 21.31
CA LEU H 504 35.66 46.26 20.48
C LEU H 504 36.68 45.46 21.27
N LEU H 505 37.65 46.16 21.89
CA LEU H 505 38.68 45.47 22.66
C LEU H 505 38.05 44.62 23.76
N HIS H 506 37.19 45.22 24.58
CA HIS H 506 36.63 44.50 25.72
C HIS H 506 35.83 43.29 25.27
N SER H 507 34.87 43.48 24.36
CA SER H 507 34.00 42.39 23.96
C SER H 507 34.76 41.29 23.25
N CYS H 508 35.66 41.66 22.33
CA CYS H 508 36.41 40.64 21.60
C CYS H 508 37.27 39.82 22.56
N THR H 509 37.97 40.49 23.47
CA THR H 509 38.81 39.75 24.42
C THR H 509 37.96 38.81 25.27
N VAL H 510 36.84 39.30 25.79
CA VAL H 510 36.01 38.49 26.68
C VAL H 510 35.48 37.26 25.94
N ILE H 511 34.93 37.47 24.74
CA ILE H 511 34.30 36.36 24.04
C ILE H 511 35.33 35.36 23.56
N ALA H 512 36.50 35.84 23.09
CA ALA H 512 37.54 34.91 22.66
C ALA H 512 38.06 34.10 23.84
N THR H 513 38.26 34.75 24.99
CA THR H 513 38.71 34.03 26.18
C THR H 513 37.71 32.97 26.59
N ASN H 514 36.42 33.31 26.57
CA ASN H 514 35.41 32.33 26.97
C ASN H 514 35.33 31.18 25.97
N ILE H 515 35.44 31.46 24.67
CA ILE H 515 35.34 30.41 23.68
C ILE H 515 36.54 29.48 23.74
N LEU H 516 37.74 30.04 23.93
CA LEU H 516 38.95 29.21 23.96
C LEU H 516 38.93 28.23 25.12
N LEU H 517 38.28 28.59 26.22
CA LEU H 517 38.23 27.73 27.41
C LEU H 517 37.12 26.69 27.35
N VAL H 518 36.31 26.69 26.30
CA VAL H 518 35.24 25.70 26.16
C VAL H 518 35.85 24.41 25.61
N ASP H 519 35.71 23.33 26.36
CA ASP H 519 36.27 22.04 25.97
C ASP H 519 35.21 21.01 25.60
N GLU H 520 33.93 21.37 25.65
CA GLU H 520 32.88 20.43 25.31
C GLU H 520 31.60 21.16 24.96
N ILE H 521 30.97 20.76 23.86
CA ILE H 521 29.65 21.23 23.47
C ILE H 521 28.68 20.07 23.61
N MET H 522 27.57 20.31 24.30
CA MET H 522 26.57 19.28 24.55
C MET H 522 25.22 19.70 23.98
N ARG H 523 24.43 18.71 23.61
CA ARG H 523 23.01 18.90 23.30
C ARG H 523 22.28 17.66 23.81
N ALA H 524 21.80 17.72 25.05
CA ALA H 524 21.15 16.56 25.66
C ALA H 524 19.88 16.96 26.39
N GLY H 525 19.19 17.99 25.89
CA GLY H 525 17.97 18.44 26.52
C GLY H 525 16.71 17.68 26.14
N MET H 526 16.82 16.69 25.26
CA MET H 526 15.66 15.92 24.83
C MET H 526 15.51 14.65 25.67
N PRO I 3 -24.46 -0.22 -30.59
CA PRO I 3 -25.00 -0.82 -31.81
C PRO I 3 -23.92 -1.57 -32.61
N LEU I 4 -22.84 -0.88 -32.98
CA LEU I 4 -21.76 -1.53 -33.71
C LEU I 4 -21.10 -2.60 -32.87
N SER I 5 -20.90 -2.35 -31.58
CA SER I 5 -20.26 -3.27 -30.65
C SER I 5 -18.83 -3.61 -31.06
N VAL I 6 -18.19 -2.72 -31.80
CA VAL I 6 -16.79 -2.91 -32.18
C VAL I 6 -15.90 -2.45 -31.04
N PHE I 7 -14.96 -3.30 -30.63
CA PHE I 7 -14.05 -2.97 -29.54
C PHE I 7 -12.95 -2.05 -30.09
N GLY I 8 -13.29 -0.77 -30.19
CA GLY I 8 -12.35 0.21 -30.69
C GLY I 8 -13.01 1.55 -30.86
N ASP I 9 -12.19 2.53 -31.21
CA ASP I 9 -12.64 3.90 -31.41
C ASP I 9 -12.87 4.17 -32.89
N ARG I 10 -13.96 4.88 -33.19
CA ARG I 10 -14.33 5.17 -34.58
C ARG I 10 -14.46 6.67 -34.76
N SER I 11 -13.84 7.19 -35.81
CA SER I 11 -13.94 8.58 -36.21
C SER I 11 -14.43 8.65 -37.65
N THR I 12 -15.45 9.46 -37.90
CA THR I 12 -16.09 9.50 -39.20
C THR I 12 -16.33 10.94 -39.62
N GLY I 13 -16.25 11.19 -40.92
CA GLY I 13 -16.63 12.48 -41.46
C GLY I 13 -15.54 13.53 -41.46
N GLU I 14 -15.89 14.76 -41.09
CA GLU I 14 -14.91 15.84 -41.09
C GLU I 14 -13.83 15.63 -40.06
N THR I 15 -14.14 14.91 -38.97
CA THR I 15 -13.17 14.74 -37.89
C THR I 15 -11.93 14.00 -38.37
N ILE I 16 -12.12 12.86 -39.04
CA ILE I 16 -10.97 12.06 -39.46
C ILE I 16 -10.19 12.78 -40.56
N ARG I 17 -10.88 13.46 -41.46
CA ARG I 17 -10.17 14.19 -42.51
C ARG I 17 -9.32 15.32 -41.92
N SER I 18 -9.89 16.06 -40.97
CA SER I 18 -9.13 17.12 -40.33
C SER I 18 -7.95 16.56 -39.54
N GLN I 19 -8.15 15.41 -38.89
CA GLN I 19 -7.05 14.79 -38.15
C GLN I 19 -5.94 14.35 -39.09
N ASN I 20 -6.29 13.76 -40.23
CA ASN I 20 -5.28 13.35 -41.20
C ASN I 20 -4.50 14.55 -41.72
N VAL I 21 -5.20 15.63 -42.05
CA VAL I 21 -4.52 16.81 -42.55
C VAL I 21 -3.66 17.43 -41.45
N MET I 22 -4.11 17.37 -40.20
CA MET I 22 -3.30 17.83 -39.08
C MET I 22 -2.00 17.06 -38.99
N ALA I 23 -2.08 15.73 -39.10
CA ALA I 23 -0.86 14.92 -39.03
C ALA I 23 0.09 15.23 -40.17
N ALA I 24 -0.45 15.34 -41.40
CA ALA I 24 0.40 15.67 -42.54
C ALA I 24 1.04 17.04 -42.37
N ALA I 25 0.27 18.01 -41.88
CA ALA I 25 0.82 19.35 -41.66
C ALA I 25 1.89 19.34 -40.58
N SER I 26 1.71 18.52 -39.54
CA SER I 26 2.74 18.42 -38.52
C SER I 26 4.03 17.87 -39.10
N ILE I 27 3.93 16.83 -39.93
CA ILE I 27 5.12 16.28 -40.56
C ILE I 27 5.78 17.32 -41.46
N ALA I 28 4.98 18.05 -42.23
CA ALA I 28 5.54 19.08 -43.09
C ALA I 28 6.23 20.16 -42.30
N ASN I 29 5.63 20.61 -41.20
CA ASN I 29 6.21 21.67 -40.39
C ASN I 29 7.44 21.19 -39.64
N ILE I 30 7.59 19.88 -39.44
CA ILE I 30 8.82 19.37 -38.84
C ILE I 30 10.03 19.73 -39.70
N VAL I 31 9.90 19.58 -41.02
CA VAL I 31 11.03 19.73 -41.93
C VAL I 31 10.95 20.97 -42.80
N LYS I 32 9.94 21.82 -42.62
CA LYS I 32 9.80 22.99 -43.47
C LYS I 32 10.94 23.98 -43.28
N SER I 33 11.58 23.99 -42.11
CA SER I 33 12.60 24.97 -41.82
C SER I 33 13.98 24.61 -42.37
N SER I 34 14.11 23.47 -43.04
CA SER I 34 15.38 23.02 -43.59
C SER I 34 15.33 22.92 -45.10
N LEU I 35 14.73 23.93 -45.74
CA LEU I 35 14.52 23.92 -47.18
C LEU I 35 15.27 25.09 -47.80
N GLY I 36 16.09 24.81 -48.80
CA GLY I 36 16.78 25.84 -49.54
C GLY I 36 18.04 26.31 -48.86
N PRO I 37 18.83 27.11 -49.59
CA PRO I 37 20.15 27.51 -49.06
C PRO I 37 20.09 28.24 -47.74
N VAL I 38 18.98 28.90 -47.44
CA VAL I 38 18.84 29.65 -46.20
C VAL I 38 18.21 28.75 -45.14
N GLY I 39 18.09 27.46 -45.44
CA GLY I 39 17.65 26.51 -44.44
C GLY I 39 18.75 26.16 -43.46
N LEU I 40 18.34 25.65 -42.29
CA LEU I 40 19.26 25.36 -41.21
C LEU I 40 19.08 23.92 -40.76
N ASP I 41 20.17 23.32 -40.28
CA ASP I 41 20.16 21.93 -39.89
C ASP I 41 19.37 21.73 -38.60
N LYS I 42 19.22 20.46 -38.22
CA LYS I 42 18.52 20.07 -37.01
C LYS I 42 19.37 19.09 -36.23
N MET I 43 19.23 19.11 -34.92
CA MET I 43 19.96 18.24 -34.02
C MET I 43 18.99 17.27 -33.36
N LEU I 44 19.27 15.97 -33.49
CA LEU I 44 18.38 14.93 -33.00
C LEU I 44 19.09 14.13 -31.91
N VAL I 45 18.39 13.93 -30.79
CA VAL I 45 18.90 13.16 -29.67
C VAL I 45 17.95 12.00 -29.43
N ASP I 46 18.51 10.82 -29.21
CA ASP I 46 17.74 9.58 -29.15
C ASP I 46 17.65 9.01 -27.74
N ASP I 47 17.50 9.89 -26.76
CA ASP I 47 17.27 9.56 -25.33
C ASP I 47 18.32 8.60 -24.77
N ILE I 48 19.43 8.42 -25.48
CA ILE I 48 20.57 7.67 -24.95
C ILE I 48 21.84 8.52 -24.89
N GLY I 49 21.95 9.55 -25.71
CA GLY I 49 23.15 10.37 -25.74
C GLY I 49 23.65 10.58 -27.16
N ASP I 50 23.24 9.71 -28.07
CA ASP I 50 23.65 9.82 -29.46
C ASP I 50 23.02 11.05 -30.08
N VAL I 51 23.81 11.78 -30.86
CA VAL I 51 23.41 13.04 -31.45
C VAL I 51 23.55 12.93 -32.97
N THR I 52 22.52 13.37 -33.68
CA THR I 52 22.51 13.33 -35.15
C THR I 52 22.18 14.71 -35.66
N ILE I 53 23.19 15.45 -36.11
CA ILE I 53 23.00 16.74 -36.74
C ILE I 53 22.79 16.51 -38.23
N THR I 54 21.62 16.87 -38.73
CA THR I 54 21.28 16.54 -40.11
C THR I 54 20.41 17.62 -40.72
N ASN I 55 20.45 17.67 -42.05
CA ASN I 55 19.56 18.51 -42.84
C ASN I 55 18.69 17.71 -43.80
N ASP I 56 19.00 16.45 -44.05
CA ASP I 56 18.22 15.63 -44.97
C ASP I 56 16.83 15.36 -44.41
N GLY I 57 15.81 15.56 -45.24
CA GLY I 57 14.46 15.29 -44.79
C GLY I 57 14.21 13.82 -44.53
N ALA I 58 14.73 12.95 -45.40
CA ALA I 58 14.53 11.52 -45.22
C ALA I 58 15.13 11.04 -43.91
N THR I 59 16.33 11.48 -43.59
CA THR I 59 16.96 11.08 -42.33
C THR I 59 16.16 11.57 -41.13
N ILE I 60 15.71 12.83 -41.16
CA ILE I 60 14.96 13.39 -40.05
C ILE I 60 13.68 12.59 -39.82
N LEU I 61 12.96 12.30 -40.92
CA LEU I 61 11.69 11.59 -40.77
C LEU I 61 11.90 10.12 -40.43
N LYS I 62 13.05 9.56 -40.81
CA LYS I 62 13.32 8.16 -40.47
C LYS I 62 13.68 8.01 -38.99
N LEU I 63 14.44 8.96 -38.45
CA LEU I 63 14.86 8.84 -37.05
C LEU I 63 13.69 9.04 -36.10
N LEU I 64 12.75 9.92 -36.45
CA LEU I 64 11.61 10.19 -35.59
C LEU I 64 10.71 8.97 -35.47
N GLU I 65 10.17 8.75 -34.28
CA GLU I 65 9.15 7.72 -34.08
C GLU I 65 7.78 8.37 -34.24
N VAL I 66 7.02 7.90 -35.23
CA VAL I 66 5.77 8.50 -35.63
C VAL I 66 4.64 7.54 -35.31
N GLU I 67 3.50 8.07 -34.87
CA GLU I 67 2.38 7.26 -34.43
C GLU I 67 1.22 7.27 -35.41
N HIS I 68 0.84 8.43 -35.92
CA HIS I 68 -0.35 8.52 -36.76
C HIS I 68 -0.08 7.91 -38.13
N PRO I 69 -0.98 7.06 -38.64
CA PRO I 69 -0.73 6.42 -39.94
C PRO I 69 -0.61 7.40 -41.10
N ALA I 70 -1.38 8.49 -41.09
CA ALA I 70 -1.29 9.45 -42.18
C ALA I 70 0.07 10.12 -42.21
N ALA I 71 0.70 10.28 -41.05
CA ALA I 71 2.06 10.82 -40.99
C ALA I 71 3.09 9.78 -41.43
N LYS I 72 2.88 8.52 -41.05
CA LYS I 72 3.76 7.46 -41.51
C LYS I 72 3.73 7.35 -43.03
N VAL I 73 2.58 7.66 -43.65
CA VAL I 73 2.51 7.65 -45.10
C VAL I 73 3.50 8.65 -45.69
N LEU I 74 3.54 9.86 -45.13
CA LEU I 74 4.48 10.87 -45.62
C LEU I 74 5.91 10.47 -45.33
N CYS I 75 6.16 9.81 -44.19
CA CYS I 75 7.51 9.35 -43.89
C CYS I 75 8.00 8.32 -44.92
N GLU I 76 7.17 7.33 -45.22
CA GLU I 76 7.54 6.38 -46.26
C GLU I 76 7.62 7.05 -47.63
N LEU I 77 6.84 8.11 -47.85
CA LEU I 77 6.95 8.85 -49.11
C LEU I 77 8.33 9.47 -49.25
N ALA I 78 8.82 10.10 -48.16
CA ALA I 78 10.16 10.67 -48.19
C ALA I 78 11.21 9.59 -48.38
N ASP I 79 11.03 8.43 -47.72
CA ASP I 79 11.98 7.33 -47.89
C ASP I 79 12.01 6.85 -49.33
N LEU I 80 10.84 6.71 -49.96
CA LEU I 80 10.78 6.27 -51.35
C LEU I 80 11.42 7.29 -52.28
N GLN I 81 11.17 8.57 -52.04
CA GLN I 81 11.80 9.60 -52.87
C GLN I 81 13.32 9.55 -52.74
N ASP I 82 13.82 9.33 -51.52
CA ASP I 82 15.26 9.18 -51.33
C ASP I 82 15.76 7.96 -52.11
N LYS I 83 15.06 6.83 -52.01
CA LYS I 83 15.54 5.60 -52.63
C LYS I 83 15.58 5.71 -54.14
N GLU I 84 14.53 6.27 -54.74
CA GLU I 84 14.44 6.28 -56.20
C GLU I 84 15.12 7.47 -56.85
N VAL I 85 15.34 8.56 -56.12
CA VAL I 85 15.96 9.74 -56.70
C VAL I 85 17.19 10.15 -55.91
N GLY I 86 17.02 10.36 -54.60
CA GLY I 86 18.11 10.78 -53.75
C GLY I 86 18.13 12.26 -53.42
N ASP I 87 17.25 13.05 -54.03
CA ASP I 87 17.19 14.48 -53.77
C ASP I 87 15.73 14.90 -53.71
N GLY I 88 15.50 16.05 -53.06
CA GLY I 88 14.15 16.55 -52.96
C GLY I 88 13.27 15.82 -51.96
N THR I 89 13.87 15.14 -50.98
CA THR I 89 13.09 14.40 -50.01
C THR I 89 12.29 15.30 -49.08
N THR I 90 12.63 16.59 -49.01
CA THR I 90 11.84 17.55 -48.25
C THR I 90 10.76 18.20 -49.09
N SER I 91 11.09 18.51 -50.35
CA SER I 91 10.12 19.13 -51.24
C SER I 91 8.93 18.22 -51.48
N VAL I 92 9.17 16.91 -51.62
CA VAL I 92 8.08 15.99 -51.86
C VAL I 92 7.13 15.97 -50.67
N VAL I 93 7.67 15.94 -49.44
CA VAL I 93 6.83 15.94 -48.25
C VAL I 93 6.02 17.23 -48.16
N ILE I 94 6.68 18.37 -48.39
CA ILE I 94 5.99 19.65 -48.29
C ILE I 94 4.87 19.74 -49.33
N ILE I 95 5.16 19.34 -50.56
CA ILE I 95 4.16 19.40 -51.62
C ILE I 95 2.99 18.48 -51.32
N ALA I 96 3.28 17.27 -50.82
CA ALA I 96 2.20 16.34 -50.50
C ALA I 96 1.31 16.90 -49.39
N ALA I 97 1.92 17.47 -48.36
CA ALA I 97 1.11 18.02 -47.27
C ALA I 97 0.27 19.19 -47.75
N GLU I 98 0.84 20.07 -48.58
CA GLU I 98 0.06 21.20 -49.09
C GLU I 98 -1.09 20.73 -49.98
N LEU I 99 -0.83 19.74 -50.82
CA LEU I 99 -1.89 19.17 -51.64
C LEU I 99 -3.00 18.60 -50.79
N LEU I 100 -2.65 17.87 -49.74
CA LEU I 100 -3.65 17.30 -48.85
C LEU I 100 -4.46 18.40 -48.16
N LYS I 101 -3.79 19.45 -47.70
CA LYS I 101 -4.51 20.53 -47.02
C LYS I 101 -5.49 21.24 -47.94
N ASN I 102 -5.05 21.56 -49.15
CA ASN I 102 -5.95 22.23 -50.09
C ASN I 102 -7.09 21.31 -50.52
N ALA I 103 -6.81 20.02 -50.69
CA ALA I 103 -7.87 19.08 -51.02
C ALA I 103 -8.89 18.97 -49.89
N ASP I 104 -8.43 18.99 -48.65
CA ASP I 104 -9.36 18.96 -47.52
C ASP I 104 -10.20 20.23 -47.51
N GLU I 105 -9.60 21.37 -47.82
CA GLU I 105 -10.39 22.60 -47.90
C GLU I 105 -11.47 22.49 -48.97
N LEU I 106 -11.12 21.95 -50.13
CA LEU I 106 -12.11 21.74 -51.18
C LEU I 106 -13.22 20.80 -50.72
N VAL I 107 -12.85 19.73 -50.03
CA VAL I 107 -13.86 18.78 -49.53
C VAL I 107 -14.79 19.46 -48.54
N LYS I 108 -14.23 20.24 -47.62
CA LYS I 108 -15.04 21.02 -46.68
C LYS I 108 -15.94 22.00 -47.41
N GLN I 109 -15.57 22.42 -48.62
CA GLN I 109 -16.45 23.21 -49.46
C GLN I 109 -17.48 22.36 -50.20
N LYS I 110 -17.72 21.13 -49.73
CA LYS I 110 -18.74 20.23 -50.27
C LYS I 110 -18.43 19.80 -51.70
N ILE I 111 -17.15 19.77 -52.06
CA ILE I 111 -16.71 19.17 -53.31
C ILE I 111 -16.40 17.71 -53.03
N HIS I 112 -16.96 16.82 -53.83
CA HIS I 112 -16.77 15.39 -53.57
C HIS I 112 -15.30 15.02 -53.76
N PRO I 113 -14.74 14.19 -52.87
CA PRO I 113 -13.32 13.84 -52.99
C PRO I 113 -12.97 13.15 -54.29
N THR I 114 -13.92 12.47 -54.93
CA THR I 114 -13.64 11.84 -56.22
C THR I 114 -13.29 12.89 -57.27
N SER I 115 -14.04 13.98 -57.30
CA SER I 115 -13.73 15.06 -58.24
C SER I 115 -12.37 15.67 -57.94
N VAL I 116 -12.04 15.86 -56.67
CA VAL I 116 -10.75 16.41 -56.29
C VAL I 116 -9.63 15.49 -56.74
N ILE I 117 -9.81 14.17 -56.57
CA ILE I 117 -8.78 13.22 -56.97
C ILE I 117 -8.61 13.21 -58.48
N SER I 118 -9.70 13.25 -59.23
CA SER I 118 -9.60 13.32 -60.68
C SER I 118 -8.88 14.59 -61.12
N GLY I 119 -9.22 15.72 -60.52
CA GLY I 119 -8.55 16.96 -60.84
C GLY I 119 -7.07 16.92 -60.51
N TYR I 120 -6.71 16.31 -59.38
CA TYR I 120 -5.31 16.20 -59.02
C TYR I 120 -4.55 15.32 -60.01
N ARG I 121 -5.16 14.22 -60.44
CA ARG I 121 -4.51 13.37 -61.44
C ARG I 121 -4.30 14.13 -62.74
N LEU I 122 -5.32 14.84 -63.20
CA LEU I 122 -5.19 15.61 -64.44
C LEU I 122 -4.12 16.69 -64.30
N ALA I 123 -4.10 17.37 -63.16
CA ALA I 123 -3.13 18.44 -62.96
C ALA I 123 -1.71 17.89 -62.91
N CYS I 124 -1.50 16.75 -62.26
CA CYS I 124 -0.17 16.15 -62.21
C CYS I 124 0.28 15.73 -63.60
N LYS I 125 -0.63 15.12 -64.38
CA LYS I 125 -0.28 14.72 -65.73
C LYS I 125 0.11 15.91 -66.58
N GLU I 126 -0.69 16.99 -66.50
CA GLU I 126 -0.39 18.18 -67.30
C GLU I 126 0.87 18.87 -66.83
N ALA I 127 1.15 18.86 -65.52
CA ALA I 127 2.37 19.46 -65.01
C ALA I 127 3.59 18.70 -65.53
N VAL I 128 3.54 17.37 -65.50
CA VAL I 128 4.65 16.59 -66.04
C VAL I 128 4.84 16.86 -67.52
N ARG I 129 3.72 16.91 -68.26
CA ARG I 129 3.82 17.17 -69.70
C ARG I 129 4.43 18.54 -69.98
N TYR I 130 3.98 19.56 -69.26
CA TYR I 130 4.51 20.91 -69.47
C TYR I 130 5.99 20.98 -69.10
N ILE I 131 6.38 20.32 -68.02
CA ILE I 131 7.79 20.30 -67.63
C ILE I 131 8.63 19.67 -68.74
N ASN I 132 8.20 18.49 -69.21
CA ASN I 132 8.97 17.79 -70.23
C ASN I 132 8.94 18.49 -71.58
N GLU I 133 7.95 19.37 -71.81
CA GLU I 133 7.85 20.02 -73.10
C GLU I 133 8.58 21.36 -73.14
N ASN I 134 8.51 22.14 -72.06
CA ASN I 134 9.00 23.52 -72.09
C ASN I 134 10.18 23.77 -71.18
N LEU I 135 10.11 23.37 -69.91
CA LEU I 135 11.04 23.86 -68.91
C LEU I 135 12.36 23.11 -68.86
N ILE I 136 12.52 22.02 -69.59
CA ILE I 136 13.76 21.26 -69.52
C ILE I 136 14.85 21.99 -70.30
N VAL I 137 16.10 21.79 -69.88
CA VAL I 137 17.27 22.31 -70.56
C VAL I 137 18.16 21.12 -70.90
N ASN I 138 18.52 20.99 -72.18
CA ASN I 138 19.39 19.91 -72.60
C ASN I 138 20.83 20.23 -72.19
N THR I 139 21.47 19.28 -71.50
CA THR I 139 22.81 19.50 -70.99
C THR I 139 23.89 19.23 -72.03
N ASP I 140 23.52 18.82 -73.24
CA ASP I 140 24.52 18.55 -74.27
C ASP I 140 25.28 19.81 -74.64
N GLU I 141 24.60 20.93 -74.74
CA GLU I 141 25.24 22.20 -75.10
C GLU I 141 25.83 22.93 -73.91
N LEU I 142 25.70 22.39 -72.70
CA LEU I 142 26.24 23.04 -71.51
C LEU I 142 27.65 22.54 -71.19
N GLY I 143 27.80 21.24 -70.97
CA GLY I 143 29.10 20.66 -70.66
C GLY I 143 29.29 20.36 -69.19
N ARG I 144 30.58 20.22 -68.82
CA ARG I 144 30.93 19.91 -67.43
C ARG I 144 30.51 21.01 -66.47
N ASP I 145 30.38 22.25 -66.96
CA ASP I 145 29.90 23.32 -66.10
C ASP I 145 28.50 23.05 -65.61
N CYS I 146 27.67 22.38 -66.42
CA CYS I 146 26.34 22.01 -65.98
C CYS I 146 26.40 21.03 -64.82
N LEU I 147 27.28 20.04 -64.90
CA LEU I 147 27.44 19.09 -63.79
C LEU I 147 27.94 19.80 -62.54
N ILE I 148 28.90 20.71 -62.70
CA ILE I 148 29.43 21.44 -61.56
C ILE I 148 28.33 22.26 -60.90
N ASN I 149 27.53 22.95 -61.71
CA ASN I 149 26.44 23.77 -61.18
C ASN I 149 25.37 22.92 -60.51
N ALA I 150 25.05 21.76 -61.09
CA ALA I 150 24.06 20.88 -60.49
C ALA I 150 24.55 20.37 -59.14
N ALA I 151 25.82 19.97 -59.05
CA ALA I 151 26.37 19.51 -57.78
C ALA I 151 26.37 20.64 -56.75
N LYS I 152 26.75 21.85 -57.17
CA LYS I 152 26.76 22.98 -56.25
C LYS I 152 25.35 23.30 -55.75
N THR I 153 24.36 23.24 -56.65
CA THR I 153 22.98 23.47 -56.24
C THR I 153 22.51 22.41 -55.26
N SER I 154 22.86 21.14 -55.51
CA SER I 154 22.44 20.08 -54.62
C SER I 154 23.13 20.18 -53.26
N MET I 155 24.36 20.71 -53.24
CA MET I 155 25.11 20.79 -52.00
C MET I 155 24.81 22.05 -51.19
N SER I 156 24.01 22.97 -51.72
CA SER I 156 23.55 24.08 -50.90
C SER I 156 22.62 23.56 -49.82
N SER I 157 22.43 24.38 -48.78
CA SER I 157 21.65 24.02 -47.60
C SER I 157 22.27 22.87 -46.82
N LYS I 158 23.56 22.61 -47.04
CA LYS I 158 24.27 21.53 -46.37
C LYS I 158 25.49 22.07 -45.67
N ILE I 159 26.11 21.22 -44.85
CA ILE I 159 27.32 21.61 -44.13
C ILE I 159 28.47 21.90 -45.06
N ILE I 160 28.41 21.44 -46.31
CA ILE I 160 29.48 21.64 -47.27
C ILE I 160 29.03 22.60 -48.36
N GLY I 161 28.04 23.44 -48.04
CA GLY I 161 27.49 24.33 -49.04
C GLY I 161 28.48 25.38 -49.52
N ILE I 162 29.18 26.02 -48.58
CA ILE I 162 30.08 27.11 -48.95
C ILE I 162 31.29 26.57 -49.70
N ASN I 163 31.78 25.39 -49.32
CA ASN I 163 32.92 24.77 -49.97
C ASN I 163 32.55 24.03 -51.25
N GLY I 164 31.40 24.39 -51.84
CA GLY I 164 30.94 23.74 -53.05
C GLY I 164 31.91 23.86 -54.20
N ASP I 165 32.64 24.98 -54.28
CA ASP I 165 33.54 25.21 -55.41
C ASP I 165 34.54 24.08 -55.56
N PHE I 166 34.91 23.42 -54.47
CA PHE I 166 35.83 22.30 -54.45
C PHE I 166 35.13 20.96 -54.29
N PHE I 167 34.06 20.92 -53.50
CA PHE I 167 33.33 19.68 -53.29
C PHE I 167 32.65 19.21 -54.57
N ALA I 168 32.10 20.13 -55.36
CA ALA I 168 31.47 19.76 -56.62
C ALA I 168 32.48 19.20 -57.60
N ASN I 169 33.68 19.79 -57.65
CA ASN I 169 34.73 19.23 -58.49
C ASN I 169 35.07 17.81 -58.06
N MET I 170 35.18 17.58 -56.75
CA MET I 170 35.48 16.24 -56.27
C MET I 170 34.36 15.27 -56.64
N VAL I 171 33.10 15.69 -56.48
CA VAL I 171 31.97 14.83 -56.78
C VAL I 171 31.95 14.45 -58.26
N VAL I 172 32.11 15.45 -59.12
CA VAL I 172 32.08 15.19 -60.57
C VAL I 172 33.23 14.28 -60.96
N ASP I 173 34.42 14.50 -60.40
CA ASP I 173 35.55 13.64 -60.71
C ASP I 173 35.28 12.21 -60.31
N ALA I 174 34.74 12.00 -59.10
CA ALA I 174 34.45 10.64 -58.66
C ALA I 174 33.41 9.96 -59.55
N VAL I 175 32.33 10.67 -59.86
CA VAL I 175 31.27 10.08 -60.69
C VAL I 175 31.81 9.71 -62.06
N LEU I 176 32.59 10.60 -62.67
CA LEU I 176 33.19 10.29 -63.97
C LEU I 176 34.17 9.13 -63.86
N ALA I 177 34.84 9.00 -62.71
CA ALA I 177 35.80 7.91 -62.55
C ALA I 177 35.10 6.56 -62.48
N ILE I 178 33.94 6.49 -61.83
CA ILE I 178 33.28 5.20 -61.64
C ILE I 178 32.37 4.88 -62.81
N LYS I 179 32.47 5.66 -63.89
CA LYS I 179 31.59 5.46 -65.04
C LYS I 179 31.88 4.13 -65.73
N TYR I 180 30.81 3.44 -66.15
CA TYR I 180 30.92 2.24 -66.95
C TYR I 180 29.77 2.20 -67.94
N THR I 181 29.93 1.39 -68.98
CA THR I 181 28.92 1.22 -70.01
C THR I 181 28.40 -0.20 -69.99
N ASP I 182 27.17 -0.37 -70.49
CA ASP I 182 26.54 -1.70 -70.51
C ASP I 182 26.08 -2.04 -71.92
N ILE I 183 25.30 -3.11 -72.06
CA ILE I 183 24.68 -3.41 -73.34
C ILE I 183 23.73 -2.28 -73.72
N ARG I 184 23.43 -2.21 -75.03
CA ARG I 184 22.65 -1.16 -75.65
C ARG I 184 23.36 0.19 -75.60
N GLY I 185 24.63 0.22 -75.22
CA GLY I 185 25.40 1.46 -75.23
C GLY I 185 24.88 2.54 -74.31
N GLN I 186 24.42 2.16 -73.11
CA GLN I 186 23.89 3.12 -72.16
C GLN I 186 24.92 3.38 -71.08
N PRO I 187 25.47 4.58 -70.97
CA PRO I 187 26.41 4.85 -69.89
C PRO I 187 25.73 4.83 -68.53
N ARG I 188 26.10 3.85 -67.70
CA ARG I 188 25.51 3.68 -66.38
C ARG I 188 26.54 4.06 -65.32
N TYR I 189 26.12 4.89 -64.36
CA TYR I 189 27.02 5.39 -63.33
C TYR I 189 26.65 4.77 -61.99
N PRO I 190 27.37 3.76 -61.51
CA PRO I 190 27.00 3.06 -60.27
C PRO I 190 27.51 3.73 -59.01
N VAL I 191 26.77 4.75 -58.57
CA VAL I 191 27.02 5.32 -57.24
C VAL I 191 26.79 4.22 -56.20
N ASN I 192 27.32 4.46 -55.00
CA ASN I 192 27.50 3.51 -53.90
C ASN I 192 28.71 2.62 -54.16
N SER I 193 29.34 2.74 -55.33
CA SER I 193 30.67 2.17 -55.54
C SER I 193 31.77 3.11 -55.11
N VAL I 194 31.44 4.36 -54.80
CA VAL I 194 32.40 5.32 -54.27
C VAL I 194 32.44 5.12 -52.76
N ASN I 195 33.47 4.45 -52.27
CA ASN I 195 33.59 4.19 -50.84
C ASN I 195 33.84 5.50 -50.11
N ILE I 196 32.88 5.93 -49.31
CA ILE I 196 32.99 7.15 -48.54
C ILE I 196 33.56 6.80 -47.18
N LEU I 197 34.75 7.33 -46.89
CA LEU I 197 35.41 7.12 -45.61
C LEU I 197 35.40 8.42 -44.82
N LYS I 198 35.09 8.33 -43.54
CA LYS I 198 35.04 9.48 -42.66
C LYS I 198 36.16 9.38 -41.63
N ALA I 199 36.76 10.53 -41.31
CA ALA I 199 37.80 10.59 -40.28
C ALA I 199 37.94 12.03 -39.84
N HIS I 200 37.69 12.30 -38.57
CA HIS I 200 37.85 13.65 -38.06
C HIS I 200 39.32 14.06 -38.09
N GLY I 201 39.55 15.37 -38.00
CA GLY I 201 40.90 15.87 -38.11
C GLY I 201 41.00 17.21 -38.81
N ARG I 202 41.75 17.27 -39.90
CA ARG I 202 42.00 18.52 -40.60
C ARG I 202 40.72 19.11 -41.18
N SER I 203 40.82 20.29 -41.79
CA SER I 203 39.66 20.98 -42.32
C SER I 203 39.05 20.20 -43.49
N GLN I 204 37.85 20.61 -43.87
CA GLN I 204 37.16 19.98 -44.99
C GLN I 204 37.93 20.13 -46.29
N MET I 205 38.75 21.17 -46.42
CA MET I 205 39.55 21.34 -47.63
C MET I 205 40.60 20.25 -47.78
N GLU I 206 40.90 19.51 -46.72
CA GLU I 206 41.85 18.41 -46.78
C GLU I 206 41.20 17.09 -47.12
N SER I 207 39.91 17.07 -47.44
CA SER I 207 39.27 15.84 -47.88
C SER I 207 39.93 15.34 -49.15
N MET I 208 40.24 14.05 -49.17
CA MET I 208 41.02 13.46 -50.26
C MET I 208 40.12 12.67 -51.19
N LEU I 209 40.36 12.82 -52.49
CA LEU I 209 39.71 12.00 -53.51
C LEU I 209 40.75 10.99 -53.98
N ILE I 210 40.64 9.77 -53.48
CA ILE I 210 41.63 8.74 -53.80
C ILE I 210 41.40 8.25 -55.23
N SER I 211 42.47 8.24 -56.02
CA SER I 211 42.40 7.71 -57.38
C SER I 211 42.62 6.20 -57.37
N GLY I 212 41.66 5.52 -56.74
CA GLY I 212 41.73 4.09 -56.54
C GLY I 212 40.64 3.63 -55.59
N TYR I 213 41.01 2.84 -54.59
CA TYR I 213 40.06 2.41 -53.58
C TYR I 213 40.66 2.59 -52.19
N ALA I 214 39.80 2.86 -51.22
CA ALA I 214 40.19 3.05 -49.84
C ALA I 214 39.52 1.99 -48.98
N LEU I 215 40.33 1.26 -48.22
CA LEU I 215 39.84 0.22 -47.32
C LEU I 215 39.89 0.71 -45.88
N ASN I 216 38.89 0.33 -45.11
CA ASN I 216 38.91 0.56 -43.66
C ASN I 216 39.50 -0.64 -42.93
N CYS I 217 40.68 -1.07 -43.36
CA CYS I 217 41.33 -2.25 -42.82
C CYS I 217 42.83 -2.01 -42.75
N VAL I 218 43.50 -2.76 -41.89
CA VAL I 218 44.94 -2.68 -41.71
C VAL I 218 45.54 -4.06 -41.95
N VAL I 219 46.87 -4.09 -42.05
CA VAL I 219 47.56 -5.36 -42.24
C VAL I 219 47.39 -6.24 -41.01
N GLY I 220 47.38 -7.55 -41.22
CA GLY I 220 47.09 -8.48 -40.14
C GLY I 220 48.18 -8.59 -39.09
N SER I 221 49.42 -8.28 -39.45
CA SER I 221 50.52 -8.41 -38.51
C SER I 221 51.56 -7.33 -38.79
N GLN I 222 52.28 -6.93 -37.75
CA GLN I 222 53.29 -5.88 -37.87
C GLN I 222 54.50 -6.33 -38.66
N GLY I 223 54.68 -7.63 -38.88
CA GLY I 223 55.83 -8.10 -39.63
C GLY I 223 55.78 -7.69 -41.09
N MET I 224 54.58 -7.71 -41.68
CA MET I 224 54.45 -7.43 -43.10
C MET I 224 54.74 -5.96 -43.39
N PRO I 225 55.29 -5.65 -44.57
CA PRO I 225 55.49 -4.26 -44.95
C PRO I 225 54.17 -3.55 -45.11
N LYS I 226 54.21 -2.23 -44.91
CA LYS I 226 53.02 -1.40 -45.04
C LYS I 226 52.91 -0.72 -46.40
N ARG I 227 53.81 -1.01 -47.32
CA ARG I 227 53.78 -0.37 -48.64
C ARG I 227 54.37 -1.31 -49.67
N ILE I 228 53.57 -1.61 -50.70
CA ILE I 228 54.00 -2.44 -51.82
C ILE I 228 53.86 -1.62 -53.09
N VAL I 229 54.92 -1.59 -53.90
CA VAL I 229 54.92 -0.73 -55.07
C VAL I 229 54.13 -1.36 -56.21
N ASN I 230 54.59 -2.50 -56.72
CA ASN I 230 53.94 -3.16 -57.84
C ASN I 230 53.04 -4.28 -57.29
N ALA I 231 51.88 -3.87 -56.80
CA ALA I 231 50.99 -4.80 -56.11
C ALA I 231 50.41 -5.82 -57.08
N LYS I 232 50.35 -7.07 -56.63
CA LYS I 232 49.65 -8.15 -57.33
C LYS I 232 48.58 -8.64 -56.36
N ILE I 233 47.40 -8.01 -56.43
CA ILE I 233 46.36 -8.28 -55.45
C ILE I 233 45.74 -9.65 -55.72
N ALA I 234 45.62 -10.45 -54.66
CA ALA I 234 44.94 -11.74 -54.72
C ALA I 234 43.74 -11.67 -53.80
N CYS I 235 42.54 -11.74 -54.37
CA CYS I 235 41.31 -11.66 -53.61
C CYS I 235 40.78 -13.06 -53.34
N LEU I 236 40.48 -13.35 -52.08
CA LEU I 236 40.01 -14.66 -51.68
C LEU I 236 38.72 -14.53 -50.88
N ASP I 237 37.83 -15.51 -51.05
CA ASP I 237 36.57 -15.56 -50.33
C ASP I 237 36.56 -16.63 -49.24
N PHE I 238 37.71 -17.21 -48.93
CA PHE I 238 37.78 -18.29 -47.96
C PHE I 238 38.81 -17.96 -46.89
N SER I 239 38.59 -18.48 -45.69
CA SER I 239 39.50 -18.26 -44.59
C SER I 239 40.78 -19.07 -44.76
N LEU I 240 41.85 -18.59 -44.15
CA LEU I 240 43.14 -19.28 -44.13
C LEU I 240 43.46 -19.61 -42.68
N GLN I 241 42.97 -20.76 -42.22
CA GLN I 241 43.17 -21.21 -40.84
C GLN I 241 43.62 -22.67 -40.86
N LYS I 242 43.89 -23.20 -39.68
CA LYS I 242 44.17 -24.63 -39.56
C LYS I 242 42.96 -25.43 -39.99
N THR I 243 43.18 -26.45 -40.81
CA THR I 243 42.08 -27.20 -41.38
C THR I 243 41.33 -27.98 -40.31
N LYS I 244 40.01 -27.84 -40.29
CA LYS I 244 39.14 -28.60 -39.41
C LYS I 244 38.17 -29.40 -40.27
N MET I 245 38.09 -30.70 -40.01
CA MET I 245 37.28 -31.57 -40.85
C MET I 245 35.79 -31.30 -40.63
N LYS I 246 35.00 -31.64 -41.63
CA LYS I 246 33.58 -31.31 -41.64
C LYS I 246 32.84 -32.06 -40.54
N LEU I 247 31.56 -31.72 -40.39
CA LEU I 247 30.76 -32.34 -39.34
C LEU I 247 30.52 -33.83 -39.59
N GLY I 248 30.47 -34.24 -40.85
CA GLY I 248 30.23 -35.63 -41.18
C GLY I 248 31.44 -36.53 -41.14
N VAL I 249 32.61 -36.00 -40.79
CA VAL I 249 33.85 -36.77 -40.76
C VAL I 249 34.45 -36.66 -39.37
N GLN I 250 34.87 -37.80 -38.82
CA GLN I 250 35.52 -37.84 -37.52
C GLN I 250 36.77 -38.71 -37.61
N VAL I 251 37.74 -38.42 -36.73
CA VAL I 251 39.01 -39.12 -36.72
C VAL I 251 38.99 -40.13 -35.58
N VAL I 252 39.23 -41.39 -35.91
CA VAL I 252 39.34 -42.47 -34.93
C VAL I 252 40.70 -43.10 -35.09
N ILE I 253 41.46 -43.15 -33.99
CA ILE I 253 42.84 -43.64 -34.00
C ILE I 253 42.86 -45.01 -33.34
N THR I 254 43.36 -46.00 -34.07
CA THR I 254 43.64 -47.31 -33.52
C THR I 254 45.13 -47.62 -33.44
N ASP I 255 45.93 -47.02 -34.31
CA ASP I 255 47.39 -47.11 -34.26
C ASP I 255 47.95 -45.74 -33.90
N PRO I 256 48.63 -45.60 -32.77
CA PRO I 256 49.12 -44.27 -32.38
C PRO I 256 50.06 -43.63 -33.38
N GLU I 257 50.79 -44.42 -34.18
CA GLU I 257 51.83 -43.88 -35.03
C GLU I 257 51.30 -42.93 -36.09
N LYS I 258 49.99 -42.92 -36.35
CA LYS I 258 49.41 -42.05 -37.36
C LYS I 258 48.94 -40.71 -36.81
N LEU I 259 48.89 -40.55 -35.48
CA LEU I 259 48.36 -39.32 -34.89
C LEU I 259 49.23 -38.12 -35.24
N ASP I 260 50.55 -38.27 -35.15
CA ASP I 260 51.43 -37.16 -35.46
C ASP I 260 51.30 -36.74 -36.92
N GLN I 261 51.22 -37.73 -37.82
CA GLN I 261 51.05 -37.41 -39.24
C GLN I 261 49.75 -36.68 -39.48
N ILE I 262 48.67 -37.11 -38.83
CA ILE I 262 47.37 -36.46 -39.01
C ILE I 262 47.44 -35.02 -38.52
N ARG I 263 48.01 -34.82 -37.33
CA ARG I 263 48.10 -33.47 -36.78
C ARG I 263 48.97 -32.57 -37.65
N GLN I 264 50.05 -33.11 -38.20
CA GLN I 264 50.91 -32.30 -39.05
C GLN I 264 50.20 -31.90 -40.34
N ARG I 265 49.54 -32.86 -40.99
CA ARG I 265 48.83 -32.53 -42.23
C ARG I 265 47.71 -31.54 -41.97
N GLU I 266 47.14 -31.55 -40.76
CA GLU I 266 46.07 -30.64 -40.41
C GLU I 266 46.45 -29.18 -40.64
N SER I 267 47.72 -28.83 -40.49
CA SER I 267 48.20 -27.50 -40.82
C SER I 267 48.96 -27.44 -42.14
N ASP I 268 49.55 -28.56 -42.56
CA ASP I 268 50.24 -28.58 -43.84
C ASP I 268 49.29 -28.33 -45.00
N ILE I 269 48.01 -28.62 -44.85
CA ILE I 269 47.05 -28.32 -45.91
C ILE I 269 47.02 -26.82 -46.19
N THR I 270 46.84 -26.02 -45.14
CA THR I 270 46.85 -24.58 -45.30
C THR I 270 48.22 -24.07 -45.71
N LYS I 271 49.28 -24.70 -45.21
CA LYS I 271 50.63 -24.34 -45.65
C LYS I 271 50.77 -24.46 -47.16
N GLU I 272 50.31 -25.59 -47.71
CA GLU I 272 50.40 -25.82 -49.15
C GLU I 272 49.53 -24.84 -49.92
N ARG I 273 48.34 -24.54 -49.40
CA ARG I 273 47.49 -23.55 -50.08
C ARG I 273 48.17 -22.19 -50.15
N ILE I 274 48.77 -21.76 -49.03
CA ILE I 274 49.44 -20.46 -49.02
C ILE I 274 50.65 -20.47 -49.95
N GLN I 275 51.39 -21.58 -49.97
CA GLN I 275 52.53 -21.66 -50.86
C GLN I 275 52.10 -21.60 -52.33
N LYS I 276 50.98 -22.25 -52.65
CA LYS I 276 50.44 -22.16 -54.01
C LYS I 276 50.06 -20.73 -54.35
N ILE I 277 49.43 -20.03 -53.41
CA ILE I 277 49.02 -18.65 -53.66
C ILE I 277 50.24 -17.76 -53.88
N LEU I 278 51.26 -17.91 -53.04
CA LEU I 278 52.42 -17.03 -53.08
C LEU I 278 53.39 -17.37 -54.21
N ALA I 279 53.38 -18.60 -54.70
CA ALA I 279 54.33 -19.00 -55.73
C ALA I 279 54.10 -18.29 -57.06
N THR I 280 52.95 -17.65 -57.25
CA THR I 280 52.62 -16.98 -58.50
C THR I 280 53.00 -15.50 -58.49
N GLY I 281 53.62 -15.02 -57.42
CA GLY I 281 54.06 -13.64 -57.36
C GLY I 281 53.11 -12.67 -56.70
N ALA I 282 52.09 -13.17 -56.00
CA ALA I 282 51.14 -12.29 -55.34
C ALA I 282 51.82 -11.51 -54.21
N ASN I 283 51.54 -10.21 -54.16
CA ASN I 283 52.08 -9.33 -53.12
C ASN I 283 51.07 -8.97 -52.05
N VAL I 284 49.84 -8.67 -52.44
CA VAL I 284 48.78 -8.27 -51.52
C VAL I 284 47.70 -9.34 -51.56
N ILE I 285 47.31 -9.84 -50.39
CA ILE I 285 46.30 -10.87 -50.26
C ILE I 285 45.17 -10.32 -49.40
N LEU I 286 43.99 -10.19 -49.99
CA LEU I 286 42.79 -9.76 -49.29
C LEU I 286 41.80 -10.90 -49.23
N THR I 287 41.30 -11.21 -48.04
CA THR I 287 40.35 -12.29 -47.84
C THR I 287 39.20 -11.81 -46.98
N THR I 288 38.01 -12.35 -47.25
CA THR I 288 36.85 -12.07 -46.42
C THR I 288 36.90 -12.83 -45.11
N GLY I 289 37.50 -14.02 -45.11
CA GLY I 289 37.63 -14.82 -43.91
C GLY I 289 38.81 -14.39 -43.06
N GLY I 290 39.03 -15.15 -42.00
CA GLY I 290 40.09 -14.83 -41.07
C GLY I 290 41.41 -15.49 -41.41
N ILE I 291 42.47 -14.98 -40.79
CA ILE I 291 43.81 -15.53 -40.92
C ILE I 291 44.38 -15.67 -39.52
N ASP I 292 44.89 -16.87 -39.20
CA ASP I 292 45.47 -17.11 -37.89
C ASP I 292 46.97 -16.81 -37.91
N ASP I 293 47.66 -17.20 -36.84
CA ASP I 293 49.03 -16.73 -36.65
C ASP I 293 50.01 -17.37 -37.63
N MET I 294 49.89 -18.68 -37.87
CA MET I 294 50.85 -19.35 -38.73
C MET I 294 50.79 -18.83 -40.16
N CYS I 295 49.57 -18.63 -40.68
CA CYS I 295 49.43 -18.10 -42.03
C CYS I 295 49.95 -16.66 -42.12
N LEU I 296 49.72 -15.86 -41.07
CA LEU I 296 50.27 -14.52 -41.04
C LEU I 296 51.79 -14.56 -41.08
N LYS I 297 52.40 -15.51 -40.36
CA LYS I 297 53.84 -15.66 -40.41
C LYS I 297 54.30 -16.07 -41.80
N TYR I 298 53.56 -16.97 -42.45
CA TYR I 298 53.90 -17.37 -43.80
C TYR I 298 53.93 -16.17 -44.73
N PHE I 299 52.92 -15.31 -44.64
CA PHE I 299 52.90 -14.10 -45.44
C PHE I 299 54.01 -13.13 -45.05
N VAL I 300 54.36 -13.08 -43.77
CA VAL I 300 55.42 -12.17 -43.32
C VAL I 300 56.75 -12.58 -43.93
N GLU I 301 57.07 -13.87 -43.91
CA GLU I 301 58.37 -14.32 -44.37
C GLU I 301 58.57 -14.06 -45.86
N ALA I 302 57.49 -14.06 -46.64
CA ALA I 302 57.57 -13.81 -48.07
C ALA I 302 57.55 -12.33 -48.41
N GLY I 303 57.45 -11.46 -47.42
CA GLY I 303 57.37 -10.03 -47.67
C GLY I 303 56.11 -9.62 -48.39
N ALA I 304 55.01 -10.31 -48.16
CA ALA I 304 53.73 -10.00 -48.77
C ALA I 304 52.92 -9.09 -47.86
N MET I 305 51.66 -8.87 -48.22
CA MET I 305 50.74 -8.06 -47.43
C MET I 305 49.41 -8.79 -47.36
N ALA I 306 49.01 -9.18 -46.15
CA ALA I 306 47.79 -9.95 -45.94
C ALA I 306 46.82 -9.14 -45.10
N VAL I 307 45.58 -9.06 -45.55
CA VAL I 307 44.51 -8.37 -44.84
C VAL I 307 43.36 -9.34 -44.63
N ARG I 308 42.87 -9.41 -43.40
CA ARG I 308 41.78 -10.31 -43.04
C ARG I 308 40.51 -9.53 -42.76
N ARG I 309 39.40 -10.25 -42.76
CA ARG I 309 38.09 -9.69 -42.44
C ARG I 309 37.73 -8.53 -43.36
N VAL I 310 38.09 -8.65 -44.63
CA VAL I 310 37.71 -7.64 -45.62
C VAL I 310 36.22 -7.78 -45.92
N LEU I 311 35.53 -6.65 -45.99
CA LEU I 311 34.10 -6.67 -46.30
C LEU I 311 33.87 -7.23 -47.69
N LYS I 312 32.76 -7.96 -47.85
CA LYS I 312 32.49 -8.61 -49.13
C LYS I 312 32.30 -7.59 -50.25
N ARG I 313 31.58 -6.51 -49.98
CA ARG I 313 31.36 -5.49 -51.01
C ARG I 313 32.67 -4.80 -51.36
N ASP I 314 33.50 -4.49 -50.37
CA ASP I 314 34.80 -3.88 -50.65
C ASP I 314 35.66 -4.82 -51.47
N LEU I 315 35.67 -6.11 -51.13
CA LEU I 315 36.46 -7.07 -51.89
C LEU I 315 35.96 -7.17 -53.32
N LYS I 316 34.64 -7.17 -53.52
CA LYS I 316 34.10 -7.23 -54.86
C LYS I 316 34.50 -6.00 -55.67
N ARG I 317 34.41 -4.82 -55.07
CA ARG I 317 34.80 -3.60 -55.77
C ARG I 317 36.28 -3.62 -56.12
N ILE I 318 37.13 -4.05 -55.19
CA ILE I 318 38.57 -4.09 -55.45
C ILE I 318 38.88 -5.08 -56.56
N ALA I 319 38.24 -6.26 -56.52
CA ALA I 319 38.48 -7.26 -57.56
C ALA I 319 38.04 -6.75 -58.92
N LYS I 320 36.88 -6.09 -58.98
CA LYS I 320 36.41 -5.55 -60.25
C LYS I 320 37.33 -4.46 -60.77
N ALA I 321 37.82 -3.60 -59.88
CA ALA I 321 38.66 -2.49 -60.32
C ALA I 321 40.04 -2.97 -60.76
N SER I 322 40.64 -3.91 -60.03
CA SER I 322 41.99 -4.35 -60.30
C SER I 322 42.05 -5.48 -61.31
N GLY I 323 40.92 -6.06 -61.70
CA GLY I 323 40.90 -7.17 -62.62
C GLY I 323 41.06 -8.53 -61.99
N ALA I 324 41.19 -8.60 -60.67
CA ALA I 324 41.28 -9.88 -60.01
C ALA I 324 39.94 -10.60 -60.02
N THR I 325 39.99 -11.92 -59.87
CA THR I 325 38.80 -12.76 -59.78
C THR I 325 38.71 -13.31 -58.37
N ILE I 326 37.55 -13.10 -57.72
CA ILE I 326 37.35 -13.58 -56.36
C ILE I 326 37.29 -15.11 -56.38
N LEU I 327 38.16 -15.75 -55.62
CA LEU I 327 38.25 -17.20 -55.58
C LEU I 327 37.66 -17.68 -54.26
N SER I 328 36.50 -18.35 -54.35
CA SER I 328 35.93 -18.95 -53.15
C SER I 328 36.72 -20.15 -52.68
N THR I 329 37.42 -20.82 -53.61
CA THR I 329 38.23 -21.98 -53.26
C THR I 329 39.27 -22.18 -54.35
N LEU I 330 40.32 -22.93 -54.00
CA LEU I 330 41.40 -23.23 -54.93
C LEU I 330 41.16 -24.58 -55.62
N ALA I 331 40.02 -24.67 -56.30
CA ALA I 331 39.64 -25.88 -57.02
C ALA I 331 39.45 -25.55 -58.49
N ASN I 332 40.10 -26.30 -59.36
CA ASN I 332 39.97 -26.14 -60.79
C ASN I 332 39.06 -27.23 -61.35
N LEU I 333 38.96 -27.31 -62.67
CA LEU I 333 38.09 -28.27 -63.32
C LEU I 333 38.72 -29.66 -63.46
N GLU I 334 39.97 -29.83 -63.01
CA GLU I 334 40.63 -31.13 -63.03
C GLU I 334 40.69 -31.76 -61.65
N GLY I 335 39.98 -31.21 -60.67
CA GLY I 335 39.97 -31.80 -59.34
C GLY I 335 41.21 -31.55 -58.53
N GLU I 336 42.05 -30.61 -58.93
CA GLU I 336 43.30 -30.31 -58.26
C GLU I 336 43.20 -28.99 -57.53
N GLU I 337 44.32 -28.58 -56.92
CA GLU I 337 44.45 -27.32 -56.21
C GLU I 337 45.46 -26.46 -56.96
N THR I 338 44.97 -25.47 -57.69
CA THR I 338 45.84 -24.61 -58.48
C THR I 338 45.43 -23.15 -58.29
N PHE I 339 46.40 -22.26 -58.49
CA PHE I 339 46.16 -20.82 -58.45
C PHE I 339 46.91 -20.19 -59.62
N GLU I 340 46.21 -19.94 -60.71
CA GLU I 340 46.82 -19.35 -61.89
C GLU I 340 47.14 -17.88 -61.67
N ALA I 341 48.16 -17.40 -62.40
CA ALA I 341 48.52 -15.99 -62.31
C ALA I 341 47.47 -15.09 -62.92
N ALA I 342 46.59 -15.62 -63.77
CA ALA I 342 45.55 -14.81 -64.40
C ALA I 342 44.50 -14.34 -63.40
N MET I 343 44.46 -14.94 -62.20
CA MET I 343 43.51 -14.54 -61.16
C MET I 343 44.06 -13.44 -60.26
N LEU I 344 45.10 -12.75 -60.69
CA LEU I 344 45.75 -11.72 -59.89
C LEU I 344 45.38 -10.34 -60.41
N GLY I 345 44.93 -9.47 -59.51
CA GLY I 345 44.74 -8.09 -59.86
C GLY I 345 46.04 -7.32 -59.84
N GLN I 346 46.00 -6.13 -60.41
CA GLN I 346 47.18 -5.29 -60.51
C GLN I 346 46.84 -3.87 -60.05
N ALA I 347 47.73 -3.28 -59.27
CA ALA I 347 47.57 -1.91 -58.82
C ALA I 347 48.94 -1.23 -58.83
N GLU I 348 48.92 0.08 -59.01
CA GLU I 348 50.16 0.84 -59.07
C GLU I 348 50.81 1.02 -57.71
N GLU I 349 50.05 0.84 -56.63
CA GLU I 349 50.58 1.02 -55.28
C GLU I 349 49.53 0.58 -54.28
N VAL I 350 49.99 0.06 -53.14
CA VAL I 350 49.14 -0.26 -52.01
C VAL I 350 49.86 0.25 -50.76
N VAL I 351 49.26 1.24 -50.09
CA VAL I 351 49.89 1.93 -48.97
C VAL I 351 48.95 1.92 -47.78
N GLN I 352 49.49 1.66 -46.60
CA GLN I 352 48.75 1.82 -45.35
C GLN I 352 49.11 3.18 -44.78
N GLU I 353 48.25 4.17 -45.03
CA GLU I 353 48.48 5.52 -44.56
C GLU I 353 47.87 5.72 -43.18
N ARG I 354 48.36 6.75 -42.49
CA ARG I 354 47.86 7.11 -41.17
C ARG I 354 46.95 8.32 -41.30
N ILE I 355 45.74 8.21 -40.77
CA ILE I 355 44.72 9.25 -40.87
C ILE I 355 44.21 9.52 -39.46
N CYS I 356 44.76 10.54 -38.80
CA CYS I 356 44.31 11.01 -37.49
C CYS I 356 44.37 9.88 -36.45
N ASP I 357 45.61 9.45 -36.19
CA ASP I 357 45.90 8.42 -35.19
C ASP I 357 45.21 7.10 -35.51
N ASP I 358 44.93 6.86 -36.78
CA ASP I 358 44.41 5.58 -37.23
C ASP I 358 44.90 5.34 -38.64
N GLU I 359 44.92 4.06 -39.03
CA GLU I 359 45.51 3.65 -40.29
C GLU I 359 44.48 2.96 -41.16
N LEU I 360 44.52 3.27 -42.45
CA LEU I 360 43.68 2.63 -43.46
C LEU I 360 44.52 2.35 -44.69
N ILE I 361 44.09 1.36 -45.46
CA ILE I 361 44.85 0.88 -46.61
C ILE I 361 44.33 1.56 -47.86
N LEU I 362 45.24 2.11 -48.66
CA LEU I 362 44.91 2.80 -49.91
C LEU I 362 45.46 1.99 -51.07
N ILE I 363 44.59 1.66 -52.02
CA ILE I 363 44.99 0.99 -53.25
C ILE I 363 44.90 2.04 -54.36
N LYS I 364 46.04 2.41 -54.93
CA LYS I 364 46.15 3.56 -55.81
C LYS I 364 46.32 3.12 -57.26
N ASN I 365 45.52 3.71 -58.14
CA ASN I 365 45.67 3.57 -59.59
C ASN I 365 45.59 2.10 -60.03
N THR I 366 44.42 1.52 -59.80
CA THR I 366 44.18 0.15 -60.23
C THR I 366 44.21 0.05 -61.75
N LYS I 367 44.65 -1.10 -62.24
CA LYS I 367 44.75 -1.35 -63.67
C LYS I 367 43.48 -1.99 -64.19
N ALA I 368 43.21 -1.79 -65.48
CA ALA I 368 42.09 -2.36 -66.22
C ALA I 368 40.75 -1.74 -65.83
N ARG I 369 40.77 -0.85 -64.84
CA ARG I 369 39.56 -0.12 -64.43
C ARG I 369 39.96 0.97 -63.45
N THR I 370 39.31 2.12 -63.55
CA THR I 370 39.52 3.23 -62.65
C THR I 370 38.35 3.32 -61.68
N SER I 371 38.65 3.40 -60.39
CA SER I 371 37.65 3.57 -59.35
C SER I 371 37.93 4.87 -58.60
N ALA I 372 37.16 5.12 -57.55
CA ALA I 372 37.33 6.32 -56.76
C ALA I 372 36.86 6.08 -55.35
N SER I 373 37.40 6.87 -54.42
CA SER I 373 36.99 6.83 -53.03
C SER I 373 37.26 8.20 -52.42
N ILE I 374 36.46 8.57 -51.42
CA ILE I 374 36.52 9.89 -50.81
C ILE I 374 36.72 9.72 -49.32
N ILE I 375 37.74 10.38 -48.78
CA ILE I 375 38.00 10.43 -47.35
C ILE I 375 37.60 11.82 -46.86
N LEU I 376 36.60 11.88 -46.00
CA LEU I 376 36.05 13.13 -45.52
C LEU I 376 36.70 13.51 -44.19
N ARG I 377 37.26 14.72 -44.14
CA ARG I 377 37.90 15.24 -42.93
C ARG I 377 37.03 16.35 -42.37
N GLY I 378 36.60 16.20 -41.14
CA GLY I 378 35.75 17.18 -40.48
C GLY I 378 36.34 17.58 -39.13
N ALA I 379 35.45 18.00 -38.24
CA ALA I 379 35.84 18.41 -36.90
C ALA I 379 35.44 17.42 -35.82
N ASN I 380 34.41 16.61 -36.07
CA ASN I 380 34.00 15.57 -35.15
C ASN I 380 33.17 14.55 -35.92
N ASP I 381 32.62 13.57 -35.20
CA ASP I 381 31.86 12.51 -35.86
C ASP I 381 30.60 13.04 -36.51
N PHE I 382 29.89 13.94 -35.84
CA PHE I 382 28.63 14.46 -36.37
C PHE I 382 28.85 15.22 -37.67
N MET I 383 29.90 16.04 -37.70
CA MET I 383 30.20 16.80 -38.91
C MET I 383 30.54 15.87 -40.06
N CYS I 384 31.32 14.81 -39.79
CA CYS I 384 31.66 13.87 -40.83
C CYS I 384 30.44 13.13 -41.35
N ASP I 385 29.53 12.75 -40.45
CA ASP I 385 28.30 12.08 -40.88
C ASP I 385 27.45 12.98 -41.77
N GLU I 386 27.30 14.25 -41.38
CA GLU I 386 26.52 15.17 -42.19
C GLU I 386 27.20 15.42 -43.54
N MET I 387 28.53 15.51 -43.55
CA MET I 387 29.26 15.63 -44.81
C MET I 387 29.00 14.41 -45.69
N GLU I 388 28.98 13.22 -45.10
CA GLU I 388 28.73 12.01 -45.87
C GLU I 388 27.33 12.04 -46.48
N ARG I 389 26.33 12.46 -45.70
CA ARG I 389 24.96 12.52 -46.23
C ARG I 389 24.86 13.51 -47.37
N SER I 390 25.42 14.71 -47.20
CA SER I 390 25.37 15.71 -48.26
C SER I 390 26.13 15.24 -49.49
N LEU I 391 27.27 14.57 -49.29
CA LEU I 391 28.05 14.06 -50.40
C LEU I 391 27.28 13.00 -51.17
N HIS I 392 26.57 12.13 -50.46
CA HIS I 392 25.74 11.13 -51.13
C HIS I 392 24.64 11.79 -51.94
N ASP I 393 24.01 12.84 -51.38
CA ASP I 393 23.00 13.57 -52.14
C ASP I 393 23.58 14.15 -53.42
N ALA I 394 24.77 14.76 -53.33
CA ALA I 394 25.40 15.34 -54.51
C ALA I 394 25.75 14.28 -55.54
N LEU I 395 26.26 13.13 -55.08
CA LEU I 395 26.59 12.05 -56.01
C LEU I 395 25.34 11.55 -56.73
N CYS I 396 24.24 11.38 -56.00
CA CYS I 396 23.00 10.94 -56.63
C CYS I 396 22.51 11.95 -57.65
N VAL I 397 22.60 13.25 -57.31
CA VAL I 397 22.15 14.28 -58.24
C VAL I 397 22.99 14.26 -59.51
N VAL I 398 24.31 14.13 -59.38
CA VAL I 398 25.17 14.10 -60.55
C VAL I 398 24.89 12.87 -61.39
N LYS I 399 24.62 11.73 -60.74
CA LYS I 399 24.26 10.53 -61.49
C LYS I 399 22.97 10.73 -62.27
N ARG I 400 21.98 11.36 -61.65
CA ARG I 400 20.73 11.63 -62.36
C ARG I 400 20.96 12.55 -63.55
N VAL I 401 21.77 13.58 -63.38
CA VAL I 401 22.03 14.52 -64.47
C VAL I 401 22.77 13.82 -65.61
N LEU I 402 23.71 12.93 -65.28
CA LEU I 402 24.49 12.27 -66.31
C LEU I 402 23.69 11.19 -67.04
N GLU I 403 22.78 10.51 -66.34
CA GLU I 403 21.98 9.47 -66.99
C GLU I 403 20.92 10.09 -67.90
N SER I 404 20.04 10.91 -67.33
CA SER I 404 19.07 11.68 -68.09
C SER I 404 19.63 13.07 -68.32
N LYS I 405 19.79 13.46 -69.58
CA LYS I 405 20.55 14.64 -69.95
C LYS I 405 19.72 15.91 -69.94
N SER I 406 18.65 15.96 -69.15
CA SER I 406 17.80 17.14 -69.04
C SER I 406 17.81 17.66 -67.61
N VAL I 407 17.90 18.98 -67.48
CA VAL I 407 17.84 19.64 -66.18
C VAL I 407 16.84 20.78 -66.26
N VAL I 408 16.36 21.21 -65.10
CA VAL I 408 15.38 22.29 -65.01
C VAL I 408 15.90 23.36 -64.07
N PRO I 409 15.54 24.63 -64.27
CA PRO I 409 16.01 25.68 -63.37
C PRO I 409 15.47 25.49 -61.96
N GLY I 410 16.30 25.85 -60.97
CA GLY I 410 15.94 25.75 -59.59
C GLY I 410 15.44 27.07 -59.03
N GLY I 411 15.34 27.11 -57.70
CA GLY I 411 14.87 28.32 -57.04
C GLY I 411 13.39 28.59 -57.18
N GLY I 412 12.60 27.56 -57.48
CA GLY I 412 11.16 27.73 -57.57
C GLY I 412 10.65 28.25 -58.88
N ALA I 413 11.53 28.44 -59.89
CA ALA I 413 11.07 28.91 -61.18
C ALA I 413 10.13 27.91 -61.83
N VAL I 414 10.49 26.63 -61.79
CA VAL I 414 9.69 25.59 -62.44
C VAL I 414 8.30 25.54 -61.84
N GLU I 415 8.20 25.66 -60.52
CA GLU I 415 6.89 25.55 -59.87
C GLU I 415 6.06 26.80 -60.04
N ALA I 416 6.67 27.99 -60.08
CA ALA I 416 5.90 29.19 -60.40
C ALA I 416 5.34 29.11 -61.81
N ALA I 417 6.17 28.69 -62.78
CA ALA I 417 5.68 28.52 -64.14
C ALA I 417 4.57 27.48 -64.20
N LEU I 418 4.73 26.37 -63.46
CA LEU I 418 3.71 25.34 -63.44
C LEU I 418 2.41 25.87 -62.86
N SER I 419 2.49 26.65 -61.78
CA SER I 419 1.28 27.20 -61.17
C SER I 419 0.56 28.12 -62.15
N ILE I 420 1.31 28.98 -62.84
CA ILE I 420 0.68 29.88 -63.81
C ILE I 420 0.01 29.07 -64.92
N TYR I 421 0.74 28.10 -65.49
CA TYR I 421 0.18 27.33 -66.59
C TYR I 421 -1.03 26.53 -66.15
N LEU I 422 -1.00 25.96 -64.95
CA LEU I 422 -2.09 25.13 -64.49
C LEU I 422 -3.32 25.95 -64.16
N GLU I 423 -3.14 27.13 -63.54
CA GLU I 423 -4.31 27.97 -63.30
C GLU I 423 -4.88 28.50 -64.61
N ASN I 424 -4.05 28.64 -65.65
CA ASN I 424 -4.59 29.01 -66.95
C ASN I 424 -5.34 27.84 -67.59
N TYR I 425 -4.81 26.64 -67.48
CA TYR I 425 -5.37 25.46 -68.13
C TYR I 425 -6.60 24.92 -67.41
N ALA I 426 -6.78 25.25 -66.13
CA ALA I 426 -7.90 24.71 -65.37
C ALA I 426 -9.24 25.12 -65.96
N THR I 427 -9.34 26.33 -66.53
CA THR I 427 -10.60 26.80 -67.08
C THR I 427 -11.06 25.98 -68.27
N SER I 428 -10.17 25.24 -68.91
CA SER I 428 -10.50 24.45 -70.09
C SER I 428 -10.85 23.00 -69.78
N MET I 429 -10.86 22.62 -68.50
CA MET I 429 -11.11 21.24 -68.11
C MET I 429 -12.20 21.18 -67.07
N GLY I 430 -13.25 20.40 -67.34
CA GLY I 430 -14.32 20.13 -66.39
C GLY I 430 -15.06 21.37 -65.90
N SER I 431 -15.88 21.14 -64.88
CA SER I 431 -16.65 22.21 -64.26
C SER I 431 -16.39 22.24 -62.76
N ARG I 432 -16.15 21.07 -62.16
CA ARG I 432 -15.80 20.98 -60.76
C ARG I 432 -14.37 20.51 -60.51
N GLU I 433 -13.81 19.72 -61.42
CA GLU I 433 -12.40 19.35 -61.31
C GLU I 433 -11.49 20.54 -61.61
N GLN I 434 -12.01 21.60 -62.22
CA GLN I 434 -11.20 22.79 -62.43
C GLN I 434 -10.80 23.44 -61.12
N LEU I 435 -11.67 23.37 -60.11
CA LEU I 435 -11.28 23.84 -58.78
C LEU I 435 -10.13 23.02 -58.23
N ALA I 436 -10.17 21.71 -58.43
CA ALA I 436 -9.07 20.86 -57.98
C ALA I 436 -7.77 21.19 -58.70
N ILE I 437 -7.85 21.45 -60.01
CA ILE I 437 -6.65 21.83 -60.76
C ILE I 437 -6.10 23.16 -60.25
N ALA I 438 -6.98 24.12 -60.00
CA ALA I 438 -6.54 25.41 -59.47
C ALA I 438 -5.89 25.25 -58.10
N GLU I 439 -6.45 24.39 -57.26
CA GLU I 439 -5.86 24.18 -55.94
C GLU I 439 -4.51 23.47 -56.05
N PHE I 440 -4.37 22.56 -57.01
CA PHE I 440 -3.07 21.96 -57.27
C PHE I 440 -2.05 23.02 -57.66
N ALA I 441 -2.45 23.92 -58.55
CA ALA I 441 -1.56 25.01 -58.97
C ALA I 441 -1.17 25.88 -57.80
N ARG I 442 -2.13 26.24 -56.95
CA ARG I 442 -1.84 27.07 -55.79
C ARG I 442 -0.94 26.35 -54.81
N SER I 443 -1.15 25.05 -54.61
CA SER I 443 -0.32 24.28 -53.70
C SER I 443 1.11 24.15 -54.20
N LEU I 444 1.30 24.18 -55.52
CA LEU I 444 2.66 24.08 -56.06
C LEU I 444 3.54 25.24 -55.65
N LEU I 445 2.96 26.33 -55.15
CA LEU I 445 3.70 27.53 -54.77
C LEU I 445 4.22 27.48 -53.34
N VAL I 446 4.04 26.36 -52.65
CA VAL I 446 4.46 26.28 -51.25
C VAL I 446 5.97 26.31 -51.12
N ILE I 447 6.70 25.77 -52.10
CA ILE I 447 8.15 25.68 -52.00
C ILE I 447 8.80 27.06 -52.14
N PRO I 448 8.51 27.86 -53.17
CA PRO I 448 9.09 29.21 -53.20
C PRO I 448 8.69 30.05 -52.00
N ASN I 449 7.46 29.88 -51.51
CA ASN I 449 7.04 30.55 -50.29
C ASN I 449 7.91 30.14 -49.11
N THR I 450 8.21 28.84 -49.01
CA THR I 450 9.04 28.37 -47.90
C THR I 450 10.46 28.89 -48.03
N LEU I 451 11.00 28.94 -49.25
CA LEU I 451 12.34 29.49 -49.44
C LEU I 451 12.39 30.95 -49.02
N ALA I 452 11.41 31.75 -49.44
CA ALA I 452 11.38 33.16 -49.08
C ALA I 452 11.22 33.34 -47.58
N VAL I 453 10.38 32.50 -46.94
CA VAL I 453 10.20 32.60 -45.50
C VAL I 453 11.49 32.26 -44.77
N ASN I 454 12.17 31.21 -45.21
CA ASN I 454 13.44 30.82 -44.59
C ASN I 454 14.47 31.92 -44.73
N ALA I 455 14.49 32.60 -45.88
CA ALA I 455 15.41 33.70 -46.09
C ALA I 455 15.02 34.96 -45.32
N ALA I 456 13.88 34.95 -44.64
CA ALA I 456 13.36 36.12 -43.92
C ALA I 456 13.16 37.30 -44.88
N GLN I 457 12.73 36.99 -46.09
CA GLN I 457 12.41 37.99 -47.09
C GLN I 457 10.90 38.12 -47.24
N ASP I 458 10.47 39.14 -48.00
CA ASP I 458 9.05 39.37 -48.21
C ASP I 458 8.48 38.28 -49.12
N SER I 459 7.92 37.23 -48.53
CA SER I 459 7.46 36.09 -49.32
C SER I 459 6.34 36.49 -50.28
N THR I 460 5.38 37.28 -49.80
CA THR I 460 4.24 37.64 -50.63
C THR I 460 4.68 38.45 -51.85
N ASP I 461 5.45 39.52 -51.62
CA ASP I 461 5.88 40.38 -52.71
C ASP I 461 6.81 39.63 -53.67
N LEU I 462 7.74 38.84 -53.13
CA LEU I 462 8.68 38.12 -53.98
C LEU I 462 7.96 37.11 -54.87
N VAL I 463 7.03 36.35 -54.28
CA VAL I 463 6.29 35.36 -55.06
C VAL I 463 5.38 36.05 -56.06
N ALA I 464 4.82 37.21 -55.69
CA ALA I 464 4.01 37.97 -56.65
C ALA I 464 4.84 38.42 -57.84
N LYS I 465 6.06 38.92 -57.58
CA LYS I 465 6.94 39.32 -58.68
C LYS I 465 7.30 38.13 -59.56
N LEU I 466 7.61 36.99 -58.93
CA LEU I 466 7.95 35.80 -59.70
C LEU I 466 6.78 35.35 -60.57
N ARG I 467 5.57 35.37 -60.00
CA ARG I 467 4.39 34.97 -60.75
C ARG I 467 4.12 35.95 -61.90
N ALA I 468 4.34 37.24 -61.67
CA ALA I 468 4.16 38.21 -62.74
C ALA I 468 5.16 37.96 -63.87
N PHE I 469 6.41 37.69 -63.52
CA PHE I 469 7.42 37.39 -64.54
C PHE I 469 7.01 36.16 -65.35
N HIS I 470 6.59 35.10 -64.68
CA HIS I 470 6.25 33.87 -65.38
C HIS I 470 4.98 34.03 -66.21
N ASN I 471 4.01 34.80 -65.71
CA ASN I 471 2.82 35.08 -66.50
C ASN I 471 3.16 35.86 -67.76
N GLU I 472 4.02 36.87 -67.63
CA GLU I 472 4.45 37.60 -68.82
C GLU I 472 5.19 36.70 -69.79
N ALA I 473 5.99 35.77 -69.27
CA ALA I 473 6.69 34.82 -70.13
C ALA I 473 5.71 33.94 -70.90
N GLN I 474 4.68 33.42 -70.21
CA GLN I 474 3.75 32.52 -70.85
C GLN I 474 2.79 33.23 -71.79
N VAL I 475 2.50 34.51 -71.54
CA VAL I 475 1.58 35.25 -72.39
C VAL I 475 2.30 35.82 -73.62
N ASN I 476 3.42 36.50 -73.40
CA ASN I 476 4.15 37.12 -74.49
C ASN I 476 4.95 36.07 -75.25
N PRO I 477 4.71 35.88 -76.56
CA PRO I 477 5.46 34.86 -77.30
C PRO I 477 6.95 35.18 -77.44
N GLU I 478 7.36 36.43 -77.31
CA GLU I 478 8.75 36.82 -77.48
C GLU I 478 9.55 36.77 -76.19
N ARG I 479 8.93 36.39 -75.07
CA ARG I 479 9.59 36.39 -73.77
C ARG I 479 9.74 34.97 -73.22
N LYS I 480 10.07 34.02 -74.11
CA LYS I 480 10.33 32.65 -73.68
C LYS I 480 11.60 32.51 -72.85
N ASN I 481 12.44 33.54 -72.80
CA ASN I 481 13.64 33.49 -71.96
C ASN I 481 13.34 33.82 -70.50
N LEU I 482 12.13 34.26 -70.18
CA LEU I 482 11.76 34.56 -68.81
C LEU I 482 11.28 33.34 -68.04
N LYS I 483 11.23 32.16 -68.67
CA LYS I 483 10.85 30.95 -67.97
C LYS I 483 11.86 30.58 -66.89
N TRP I 484 13.10 31.03 -67.01
CA TRP I 484 14.15 30.67 -66.07
C TRP I 484 14.21 31.57 -64.85
N ILE I 485 13.32 32.55 -64.73
CA ILE I 485 13.38 33.48 -63.61
C ILE I 485 12.97 32.75 -62.34
N GLY I 486 13.90 32.65 -61.39
CA GLY I 486 13.62 32.01 -60.12
C GLY I 486 13.83 32.94 -58.95
N LEU I 487 14.38 32.43 -57.85
CA LEU I 487 14.61 33.23 -56.64
C LEU I 487 16.09 33.27 -56.32
N ASP I 488 16.59 34.46 -56.01
CA ASP I 488 17.94 34.64 -55.48
C ASP I 488 17.80 34.89 -53.98
N LEU I 489 18.04 33.84 -53.19
CA LEU I 489 17.73 33.90 -51.77
C LEU I 489 18.67 34.83 -51.02
N SER I 490 19.87 35.07 -51.56
CA SER I 490 20.81 35.97 -50.89
C SER I 490 20.36 37.42 -51.00
N ASN I 491 19.95 37.84 -52.19
CA ASN I 491 19.52 39.22 -52.41
C ASN I 491 18.03 39.42 -52.28
N GLY I 492 17.25 38.34 -52.17
CA GLY I 492 15.81 38.46 -52.03
C GLY I 492 15.14 39.11 -53.23
N LYS I 493 15.56 38.75 -54.43
CA LYS I 493 14.99 39.29 -55.65
C LYS I 493 14.94 38.20 -56.72
N PRO I 494 14.04 38.31 -57.69
CA PRO I 494 14.01 37.34 -58.78
C PRO I 494 15.31 37.38 -59.59
N ARG I 495 15.71 36.22 -60.08
CA ARG I 495 16.96 36.09 -60.80
C ARG I 495 16.83 35.00 -61.85
N ASP I 496 17.46 35.21 -63.00
CA ASP I 496 17.48 34.20 -64.06
C ASP I 496 18.42 33.09 -63.62
N ASN I 497 17.83 31.99 -63.13
CA ASN I 497 18.64 30.94 -62.52
C ASN I 497 19.39 30.12 -63.57
N LYS I 498 18.90 30.06 -64.80
CA LYS I 498 19.64 29.36 -65.85
C LYS I 498 20.98 30.03 -66.11
N GLN I 499 21.01 31.36 -66.12
CA GLN I 499 22.28 32.06 -66.26
C GLN I 499 23.10 31.95 -64.97
N ALA I 500 22.44 32.03 -63.81
CA ALA I 500 23.14 31.95 -62.55
C ALA I 500 23.68 30.56 -62.25
N GLY I 501 23.21 29.54 -62.97
CA GLY I 501 23.70 28.19 -62.76
C GLY I 501 23.02 27.43 -61.65
N VAL I 502 21.74 27.64 -61.43
CA VAL I 502 20.97 26.90 -60.44
C VAL I 502 20.16 25.86 -61.21
N PHE I 503 20.62 24.61 -61.19
CA PHE I 503 20.00 23.53 -61.94
C PHE I 503 19.71 22.37 -61.01
N GLU I 504 18.80 21.51 -61.47
CA GLU I 504 18.49 20.26 -60.79
C GLU I 504 17.89 19.31 -61.81
N PRO I 505 18.04 18.00 -61.62
CA PRO I 505 17.53 17.05 -62.61
C PRO I 505 16.01 17.14 -62.75
N THR I 506 15.55 16.93 -63.99
CA THR I 506 14.11 16.89 -64.24
C THR I 506 13.46 15.73 -63.49
N ILE I 507 14.18 14.62 -63.34
CA ILE I 507 13.63 13.45 -62.68
C ILE I 507 13.22 13.76 -61.26
N VAL I 508 13.95 14.68 -60.59
CA VAL I 508 13.62 15.02 -59.22
C VAL I 508 12.22 15.61 -59.14
N LYS I 509 11.95 16.63 -59.96
CA LYS I 509 10.63 17.25 -59.94
C LYS I 509 9.54 16.30 -60.42
N VAL I 510 9.82 15.53 -61.47
CA VAL I 510 8.80 14.63 -62.00
C VAL I 510 8.40 13.59 -60.95
N LYS I 511 9.40 12.92 -60.36
CA LYS I 511 9.12 11.90 -59.37
C LYS I 511 8.49 12.49 -58.12
N SER I 512 8.95 13.66 -57.69
CA SER I 512 8.35 14.28 -56.50
C SER I 512 6.89 14.61 -56.75
N LEU I 513 6.58 15.15 -57.93
CA LEU I 513 5.19 15.48 -58.24
C LEU I 513 4.33 14.22 -58.26
N LYS I 514 4.80 13.17 -58.93
CA LYS I 514 4.01 11.94 -59.02
C LYS I 514 3.78 11.33 -57.64
N PHE I 515 4.85 11.26 -56.84
CA PHE I 515 4.74 10.63 -55.52
C PHE I 515 3.85 11.45 -54.59
N ALA I 516 3.99 12.78 -54.62
CA ALA I 516 3.14 13.62 -53.77
C ALA I 516 1.69 13.52 -54.18
N THR I 517 1.41 13.48 -55.49
CA THR I 517 0.04 13.32 -55.95
C THR I 517 -0.54 11.99 -55.48
N GLU I 518 0.24 10.91 -55.61
CA GLU I 518 -0.27 9.61 -55.20
C GLU I 518 -0.51 9.56 -53.69
N ALA I 519 0.40 10.13 -52.90
CA ALA I 519 0.22 10.13 -51.45
C ALA I 519 -1.00 10.96 -51.04
N ALA I 520 -1.18 12.12 -51.65
CA ALA I 520 -2.34 12.95 -51.34
C ALA I 520 -3.63 12.25 -51.73
N ILE I 521 -3.63 11.58 -52.89
CA ILE I 521 -4.82 10.83 -53.30
C ILE I 521 -5.11 9.70 -52.33
N THR I 522 -4.06 8.98 -51.89
CA THR I 522 -4.25 7.88 -50.97
C THR I 522 -4.85 8.36 -49.65
N ILE I 523 -4.31 9.44 -49.10
CA ILE I 523 -4.84 9.94 -47.83
C ILE I 523 -6.26 10.49 -48.01
N LEU I 524 -6.52 11.12 -49.16
CA LEU I 524 -7.81 11.76 -49.40
C LEU I 524 -8.97 10.78 -49.43
N ARG I 525 -8.71 9.51 -49.68
CA ARG I 525 -9.78 8.51 -49.74
C ARG I 525 -10.30 8.12 -48.37
N ILE I 526 -9.54 8.38 -47.31
CA ILE I 526 -9.93 7.94 -45.98
C ILE I 526 -10.97 8.89 -45.41
N ASP I 527 -12.15 8.36 -45.10
CA ASP I 527 -13.19 9.14 -44.44
C ASP I 527 -13.72 8.43 -43.20
N ASP I 528 -13.14 7.31 -42.81
CA ASP I 528 -13.58 6.56 -41.65
C ASP I 528 -12.40 5.81 -41.07
N LEU I 529 -12.16 5.98 -39.78
CA LEU I 529 -11.07 5.31 -39.09
C LEU I 529 -11.61 4.49 -37.94
N ILE I 530 -11.29 3.20 -37.92
CA ILE I 530 -11.62 2.31 -36.82
C ILE I 530 -10.31 1.86 -36.19
N LYS I 531 -10.12 2.19 -34.92
CA LYS I 531 -8.87 1.90 -34.22
C LYS I 531 -9.16 0.89 -33.13
N LEU I 532 -8.94 -0.39 -33.44
CA LEU I 532 -9.19 -1.46 -32.48
C LEU I 532 -8.22 -1.36 -31.32
N HIS I 533 -8.73 -1.56 -30.11
CA HIS I 533 -7.90 -1.51 -28.93
C HIS I 533 -7.00 -2.75 -28.87
N PRO I 534 -5.73 -2.60 -28.49
CA PRO I 534 -4.78 -3.71 -28.41
C PRO I 534 -5.12 -4.70 -27.30
N ALA J 1 -28.73 -35.37 14.80
CA ALA J 1 -28.28 -34.07 14.32
C ALA J 1 -27.66 -34.18 12.93
N SER J 2 -27.41 -33.04 12.30
CA SER J 2 -26.85 -32.97 10.97
C SER J 2 -25.38 -32.56 11.02
N LEU J 3 -24.67 -32.86 9.93
CA LEU J 3 -23.26 -32.49 9.85
C LEU J 3 -23.09 -30.97 9.86
N SER J 4 -23.90 -30.26 9.08
CA SER J 4 -23.77 -28.81 9.00
C SER J 4 -24.27 -28.13 10.27
N LEU J 5 -25.43 -28.56 10.77
CA LEU J 5 -26.03 -27.94 11.95
C LEU J 5 -25.66 -28.70 13.21
N ALA J 6 -24.34 -28.79 13.45
CA ALA J 6 -23.81 -29.39 14.66
C ALA J 6 -22.83 -28.42 15.30
N PRO J 7 -22.77 -28.39 16.63
CA PRO J 7 -21.83 -27.48 17.30
C PRO J 7 -20.39 -27.70 16.88
N VAL J 8 -20.00 -28.94 16.61
CA VAL J 8 -18.67 -29.25 16.13
C VAL J 8 -18.71 -29.33 14.60
N ASN J 9 -17.72 -28.73 13.95
CA ASN J 9 -17.66 -28.70 12.50
C ASN J 9 -16.84 -29.88 11.96
N ILE J 10 -17.42 -30.61 11.01
CA ILE J 10 -16.77 -31.75 10.38
C ILE J 10 -16.83 -31.50 8.87
N PHE J 11 -15.85 -30.78 8.35
CA PHE J 11 -15.60 -30.51 6.93
C PHE J 11 -14.34 -29.67 6.83
N LYS J 12 -13.74 -29.68 5.65
CA LYS J 12 -12.64 -28.78 5.37
C LYS J 12 -13.18 -27.41 4.99
N ALA J 13 -12.29 -26.50 4.63
CA ALA J 13 -12.70 -25.18 4.17
C ALA J 13 -13.27 -25.29 2.77
N GLY J 14 -14.50 -24.83 2.58
CA GLY J 14 -15.16 -24.85 1.30
C GLY J 14 -16.05 -26.05 1.06
N ALA J 15 -15.93 -27.10 1.88
CA ALA J 15 -16.81 -28.25 1.73
C ALA J 15 -18.17 -27.95 2.33
N ASP J 16 -19.22 -28.26 1.58
CA ASP J 16 -20.59 -28.00 2.00
C ASP J 16 -21.36 -29.31 2.02
N GLU J 17 -22.66 -29.21 2.32
CA GLU J 17 -23.51 -30.37 2.50
C GLU J 17 -24.96 -29.91 2.55
N GLU J 18 -25.83 -30.63 1.86
CA GLU J 18 -27.25 -30.30 1.77
C GLU J 18 -28.08 -31.48 2.23
N ARG J 19 -28.98 -31.23 3.18
CA ARG J 19 -29.84 -32.28 3.71
C ARG J 19 -31.02 -32.52 2.76
N ALA J 20 -32.03 -33.23 3.24
CA ALA J 20 -33.09 -33.76 2.38
C ALA J 20 -33.76 -32.67 1.56
N GLU J 21 -34.41 -31.71 2.22
CA GLU J 21 -35.19 -30.71 1.51
C GLU J 21 -34.30 -29.86 0.61
N THR J 22 -33.13 -29.46 1.11
CA THR J 22 -32.26 -28.60 0.34
C THR J 22 -31.67 -29.34 -0.87
N ALA J 23 -31.26 -30.58 -0.69
CA ALA J 23 -30.73 -31.35 -1.81
C ALA J 23 -31.81 -31.60 -2.85
N ARG J 24 -33.03 -31.92 -2.41
CA ARG J 24 -34.12 -32.12 -3.35
C ARG J 24 -34.41 -30.83 -4.10
N LEU J 25 -34.41 -29.69 -3.41
CA LEU J 25 -34.64 -28.41 -4.07
C LEU J 25 -33.57 -28.14 -5.12
N THR J 26 -32.29 -28.37 -4.76
CA THR J 26 -31.21 -28.12 -5.70
C THR J 26 -31.35 -29.00 -6.93
N SER J 27 -31.60 -30.29 -6.72
CA SER J 27 -31.72 -31.21 -7.86
C SER J 27 -32.89 -30.83 -8.75
N PHE J 28 -34.04 -30.51 -8.15
CA PHE J 28 -35.21 -30.17 -8.94
C PHE J 28 -35.00 -28.87 -9.72
N ILE J 29 -34.41 -27.85 -9.09
CA ILE J 29 -34.16 -26.61 -9.79
C ILE J 29 -33.20 -26.84 -10.96
N GLY J 30 -32.13 -27.60 -10.74
CA GLY J 30 -31.21 -27.87 -11.83
C GLY J 30 -31.87 -28.59 -13.00
N ALA J 31 -32.63 -29.64 -12.68
CA ALA J 31 -33.27 -30.42 -13.73
C ALA J 31 -34.31 -29.58 -14.49
N ILE J 32 -35.11 -28.80 -13.77
CA ILE J 32 -36.12 -27.98 -14.43
C ILE J 32 -35.45 -26.91 -15.28
N ALA J 33 -34.34 -26.34 -14.81
CA ALA J 33 -33.62 -25.35 -15.60
C ALA J 33 -33.12 -25.96 -16.91
N ILE J 34 -32.54 -27.16 -16.83
CA ILE J 34 -32.06 -27.82 -18.05
C ILE J 34 -33.21 -28.11 -18.99
N GLY J 35 -34.32 -28.64 -18.46
CA GLY J 35 -35.46 -28.96 -19.31
C GLY J 35 -36.06 -27.74 -19.97
N ASP J 36 -36.17 -26.64 -19.23
CA ASP J 36 -36.71 -25.41 -19.79
C ASP J 36 -35.76 -24.81 -20.82
N LEU J 37 -34.46 -24.94 -20.60
CA LEU J 37 -33.49 -24.42 -21.57
C LEU J 37 -33.56 -25.21 -22.87
N VAL J 38 -33.53 -26.54 -22.79
CA VAL J 38 -33.45 -27.34 -24.01
C VAL J 38 -34.77 -27.30 -24.77
N LYS J 39 -35.90 -27.18 -24.08
CA LYS J 39 -37.18 -27.10 -24.76
C LYS J 39 -37.29 -25.76 -25.50
N SER J 40 -38.42 -25.56 -26.16
CA SER J 40 -38.66 -24.49 -27.14
C SER J 40 -37.86 -24.71 -28.41
N THR J 41 -37.02 -25.74 -28.46
CA THR J 41 -36.36 -26.19 -29.67
C THR J 41 -36.89 -27.54 -30.13
N LEU J 42 -38.11 -27.88 -29.73
CA LEU J 42 -38.66 -29.21 -29.90
C LEU J 42 -39.82 -29.16 -30.88
N GLY J 43 -39.85 -30.10 -31.82
CA GLY J 43 -40.94 -30.19 -32.77
C GLY J 43 -40.63 -29.44 -34.05
N PRO J 44 -41.56 -29.49 -35.00
CA PRO J 44 -41.34 -28.81 -36.29
C PRO J 44 -41.13 -27.31 -36.16
N LYS J 45 -41.77 -26.66 -35.20
CA LYS J 45 -41.70 -25.22 -35.06
C LYS J 45 -40.70 -24.77 -34.01
N GLY J 46 -39.84 -25.67 -33.53
CA GLY J 46 -38.83 -25.29 -32.57
C GLY J 46 -37.80 -24.35 -33.19
N MET J 47 -37.26 -23.47 -32.36
CA MET J 47 -36.29 -22.48 -32.79
C MET J 47 -34.87 -22.92 -32.44
N ASP J 48 -33.91 -22.11 -32.84
CA ASP J 48 -32.49 -22.44 -32.64
C ASP J 48 -31.91 -21.60 -31.52
N LYS J 49 -30.66 -21.90 -31.16
CA LYS J 49 -29.95 -21.23 -30.09
C LYS J 49 -28.62 -20.71 -30.62
N ILE J 50 -28.11 -19.67 -29.96
CA ILE J 50 -26.80 -19.12 -30.24
C ILE J 50 -25.90 -19.47 -29.07
N LEU J 51 -24.86 -20.26 -29.33
CA LEU J 51 -23.90 -20.66 -28.30
C LEU J 51 -22.66 -19.77 -28.44
N LEU J 52 -22.58 -18.75 -27.60
CA LEU J 52 -21.48 -17.80 -27.64
C LEU J 52 -20.42 -18.22 -26.63
N SER J 53 -19.30 -18.74 -27.12
CA SER J 53 -18.23 -19.16 -26.24
C SER J 53 -17.57 -17.96 -25.59
N SER J 54 -17.22 -18.12 -24.31
CA SER J 54 -16.57 -17.07 -23.54
C SER J 54 -15.04 -17.20 -23.55
N GLY J 55 -14.50 -18.13 -24.31
CA GLY J 55 -13.07 -18.34 -24.36
C GLY J 55 -12.36 -17.32 -25.24
N ARG J 56 -11.05 -17.51 -25.35
CA ARG J 56 -10.23 -16.62 -26.17
C ARG J 56 -10.64 -16.71 -27.65
N ASP J 57 -10.88 -17.92 -28.14
CA ASP J 57 -11.27 -18.09 -29.54
C ASP J 57 -12.65 -17.52 -29.81
N ALA J 58 -13.53 -17.53 -28.80
CA ALA J 58 -14.89 -17.00 -28.92
C ALA J 58 -15.64 -17.66 -30.08
N SER J 59 -15.78 -18.97 -29.98
CA SER J 59 -16.47 -19.73 -31.01
C SER J 59 -17.95 -19.39 -31.02
N LEU J 60 -18.50 -19.23 -32.23
CA LEU J 60 -19.91 -18.94 -32.43
C LEU J 60 -20.58 -20.18 -33.01
N MET J 61 -21.70 -20.58 -32.41
CA MET J 61 -22.37 -21.82 -32.79
C MET J 61 -23.87 -21.59 -32.73
N VAL J 62 -24.53 -21.72 -33.88
CA VAL J 62 -25.99 -21.63 -33.98
C VAL J 62 -26.50 -23.04 -34.22
N THR J 63 -27.32 -23.54 -33.30
CA THR J 63 -27.68 -24.94 -33.34
C THR J 63 -29.10 -25.15 -32.85
N ASN J 64 -29.66 -26.29 -33.25
CA ASN J 64 -30.96 -26.76 -32.77
C ASN J 64 -30.85 -28.09 -32.03
N ASP J 65 -29.72 -28.78 -32.11
CA ASP J 65 -29.58 -30.07 -31.49
C ASP J 65 -29.48 -29.92 -29.98
N GLY J 66 -30.29 -30.68 -29.25
CA GLY J 66 -30.32 -30.55 -27.80
C GLY J 66 -29.03 -31.00 -27.14
N ALA J 67 -28.43 -32.08 -27.64
CA ALA J 67 -27.20 -32.59 -27.05
C ALA J 67 -26.06 -31.59 -27.20
N THR J 68 -25.95 -30.94 -28.36
CA THR J 68 -24.89 -29.95 -28.55
C THR J 68 -25.12 -28.73 -27.67
N ILE J 69 -26.37 -28.32 -27.48
CA ILE J 69 -26.66 -27.23 -26.55
C ILE J 69 -26.24 -27.61 -25.15
N LEU J 70 -26.58 -28.83 -24.71
CA LEU J 70 -26.32 -29.23 -23.33
C LEU J 70 -24.84 -29.43 -23.06
N LYS J 71 -24.09 -29.97 -24.03
CA LYS J 71 -22.68 -30.23 -23.77
C LYS J 71 -21.86 -28.95 -23.80
N ASN J 72 -22.27 -27.96 -24.58
CA ASN J 72 -21.54 -26.69 -24.69
C ASN J 72 -22.09 -25.62 -23.75
N ILE J 73 -22.25 -25.94 -22.46
CA ILE J 73 -22.62 -24.94 -21.46
C ILE J 73 -21.88 -25.25 -20.17
N GLY J 74 -21.61 -24.21 -19.40
CA GLY J 74 -21.02 -24.37 -18.09
C GLY J 74 -22.05 -24.73 -17.05
N VAL J 75 -22.05 -25.98 -16.62
CA VAL J 75 -23.05 -26.52 -15.70
C VAL J 75 -22.39 -26.78 -14.36
N ASP J 76 -22.97 -26.24 -13.30
CA ASP J 76 -22.51 -26.48 -11.93
C ASP J 76 -23.44 -27.38 -11.13
N ASN J 77 -24.74 -27.33 -11.38
CA ASN J 77 -25.68 -28.15 -10.65
C ASN J 77 -25.47 -29.61 -10.98
N PRO J 78 -25.25 -30.49 -9.99
CA PRO J 78 -24.97 -31.89 -10.31
C PRO J 78 -26.09 -32.62 -11.03
N ALA J 79 -27.36 -32.33 -10.68
CA ALA J 79 -28.47 -32.95 -11.40
C ALA J 79 -28.48 -32.49 -12.85
N ALA J 80 -28.14 -31.23 -13.09
CA ALA J 80 -27.97 -30.75 -14.46
C ALA J 80 -26.88 -31.54 -15.18
N LYS J 81 -25.82 -31.90 -14.46
CA LYS J 81 -24.79 -32.76 -15.05
C LYS J 81 -25.35 -34.13 -15.40
N VAL J 82 -26.22 -34.66 -14.55
CA VAL J 82 -26.86 -35.94 -14.86
C VAL J 82 -27.65 -35.84 -16.15
N LEU J 83 -28.43 -34.76 -16.29
CA LEU J 83 -29.21 -34.56 -17.51
C LEU J 83 -28.32 -34.42 -18.74
N VAL J 84 -27.22 -33.65 -18.60
CA VAL J 84 -26.31 -33.45 -19.72
C VAL J 84 -25.70 -34.77 -20.17
N ASP J 85 -25.26 -35.59 -19.22
CA ASP J 85 -24.66 -36.87 -19.59
C ASP J 85 -25.70 -37.81 -20.18
N MET J 86 -26.95 -37.75 -19.68
CA MET J 86 -28.01 -38.52 -20.32
C MET J 86 -28.18 -38.13 -21.78
N SER J 87 -28.21 -36.83 -22.05
CA SER J 87 -28.38 -36.39 -23.44
C SER J 87 -27.20 -36.82 -24.30
N ARG J 88 -25.99 -36.75 -23.75
CA ARG J 88 -24.81 -37.17 -24.51
C ARG J 88 -24.87 -38.66 -24.83
N VAL J 89 -25.27 -39.48 -23.86
CA VAL J 89 -25.39 -40.92 -24.12
C VAL J 89 -26.50 -41.20 -25.11
N GLN J 90 -27.60 -40.44 -25.03
CA GLN J 90 -28.67 -40.56 -26.00
C GLN J 90 -28.16 -40.29 -27.41
N ASP J 91 -27.38 -39.23 -27.57
CA ASP J 91 -26.80 -38.91 -28.88
C ASP J 91 -25.86 -40.03 -29.33
N ASP J 92 -25.10 -40.59 -28.40
CA ASP J 92 -24.17 -41.66 -28.76
C ASP J 92 -24.92 -42.89 -29.26
N GLU J 93 -25.99 -43.27 -28.58
CA GLU J 93 -26.72 -44.48 -28.97
C GLU J 93 -27.46 -44.27 -30.29
N VAL J 94 -28.21 -43.18 -30.42
CA VAL J 94 -28.93 -42.86 -31.64
C VAL J 94 -28.81 -41.36 -31.89
N GLY J 95 -28.99 -40.96 -33.14
CA GLY J 95 -28.74 -39.57 -33.51
C GLY J 95 -29.79 -38.58 -33.03
N ASP J 96 -31.02 -39.03 -32.80
CA ASP J 96 -32.11 -38.12 -32.49
C ASP J 96 -32.69 -38.47 -31.14
N GLY J 97 -33.52 -37.57 -30.63
CA GLY J 97 -34.21 -37.78 -29.36
C GLY J 97 -33.56 -37.16 -28.15
N THR J 98 -32.49 -36.38 -28.32
CA THR J 98 -31.82 -35.79 -27.17
C THR J 98 -32.72 -34.78 -26.46
N THR J 99 -33.31 -33.86 -27.22
CA THR J 99 -34.23 -32.90 -26.64
C THR J 99 -35.43 -33.60 -26.02
N SER J 100 -35.95 -34.61 -26.71
CA SER J 100 -37.13 -35.33 -26.21
C SER J 100 -36.83 -35.99 -24.86
N VAL J 101 -35.68 -36.68 -24.76
CA VAL J 101 -35.38 -37.38 -23.52
C VAL J 101 -35.09 -36.40 -22.41
N THR J 102 -34.39 -35.29 -22.71
CA THR J 102 -34.12 -34.30 -21.68
C THR J 102 -35.43 -33.69 -21.16
N VAL J 103 -36.33 -33.33 -22.07
CA VAL J 103 -37.59 -32.73 -21.66
C VAL J 103 -38.43 -33.74 -20.87
N LEU J 104 -38.45 -35.00 -21.29
CA LEU J 104 -39.21 -36.00 -20.57
C LEU J 104 -38.68 -36.19 -19.14
N ALA J 105 -37.35 -36.24 -19.00
CA ALA J 105 -36.78 -36.37 -17.67
C ALA J 105 -37.10 -35.15 -16.80
N ALA J 106 -37.02 -33.96 -17.38
CA ALA J 106 -37.34 -32.75 -16.62
C ALA J 106 -38.79 -32.74 -16.18
N GLU J 107 -39.70 -33.13 -17.08
CA GLU J 107 -41.12 -33.17 -16.72
C GLU J 107 -41.38 -34.22 -15.64
N LEU J 108 -40.74 -35.38 -15.75
CA LEU J 108 -40.88 -36.40 -14.72
C LEU J 108 -40.41 -35.88 -13.37
N LEU J 109 -39.28 -35.17 -13.35
CA LEU J 109 -38.76 -34.66 -12.09
C LEU J 109 -39.64 -33.54 -11.54
N ARG J 110 -40.24 -32.73 -12.40
CA ARG J 110 -41.20 -31.73 -11.92
C ARG J 110 -42.42 -32.40 -11.28
N GLU J 111 -42.94 -33.45 -11.91
CA GLU J 111 -44.04 -34.18 -11.32
C GLU J 111 -43.64 -34.82 -10.00
N ALA J 112 -42.41 -35.33 -9.93
CA ALA J 112 -41.91 -35.90 -8.68
C ALA J 112 -41.81 -34.85 -7.59
N GLU J 113 -41.38 -33.64 -7.95
CA GLU J 113 -41.34 -32.56 -6.98
C GLU J 113 -42.73 -32.25 -6.45
N SER J 114 -43.72 -32.21 -7.34
CA SER J 114 -45.11 -32.01 -6.90
C SER J 114 -45.55 -33.13 -5.96
N LEU J 115 -45.22 -34.37 -6.30
CA LEU J 115 -45.63 -35.51 -5.47
C LEU J 115 -44.97 -35.46 -4.10
N ILE J 116 -43.69 -35.11 -4.05
CA ILE J 116 -43.00 -34.96 -2.77
C ILE J 116 -43.65 -33.86 -1.94
N ALA J 117 -44.00 -32.75 -2.60
CA ALA J 117 -44.74 -31.69 -1.90
C ALA J 117 -46.08 -32.20 -1.39
N LYS J 118 -46.66 -33.20 -2.05
CA LYS J 118 -47.90 -33.80 -1.61
C LYS J 118 -47.68 -34.92 -0.58
N LYS J 119 -46.51 -34.94 0.06
CA LYS J 119 -46.19 -35.88 1.14
C LYS J 119 -46.28 -37.33 0.67
N ILE J 120 -45.47 -37.66 -0.32
CA ILE J 120 -45.34 -39.03 -0.83
C ILE J 120 -43.88 -39.41 -0.77
N HIS J 121 -43.59 -40.57 -0.17
CA HIS J 121 -42.21 -41.01 -0.06
C HIS J 121 -41.64 -41.29 -1.44
N PRO J 122 -40.39 -40.90 -1.70
CA PRO J 122 -39.82 -41.07 -3.05
C PRO J 122 -39.77 -42.52 -3.51
N GLN J 123 -39.64 -43.48 -2.60
CA GLN J 123 -39.60 -44.88 -3.03
C GLN J 123 -40.95 -45.30 -3.60
N THR J 124 -42.04 -44.79 -3.05
CA THR J 124 -43.36 -45.05 -3.64
C THR J 124 -43.44 -44.51 -5.06
N ILE J 125 -42.92 -43.29 -5.26
CA ILE J 125 -42.90 -42.72 -6.61
C ILE J 125 -42.06 -43.59 -7.53
N ILE J 126 -40.94 -44.11 -7.04
CA ILE J 126 -40.06 -44.93 -7.86
C ILE J 126 -40.76 -46.22 -8.26
N ALA J 127 -41.46 -46.86 -7.32
CA ALA J 127 -42.18 -48.09 -7.65
C ALA J 127 -43.28 -47.82 -8.66
N GLY J 128 -44.04 -46.74 -8.46
CA GLY J 128 -45.08 -46.40 -9.41
C GLY J 128 -44.52 -46.11 -10.80
N TRP J 129 -43.39 -45.43 -10.84
CA TRP J 129 -42.76 -45.13 -12.12
C TRP J 129 -42.22 -46.39 -12.79
N ARG J 130 -41.73 -47.35 -12.01
CA ARG J 130 -41.30 -48.61 -12.60
C ARG J 130 -42.47 -49.34 -13.25
N GLU J 131 -43.60 -49.39 -12.54
CA GLU J 131 -44.79 -50.01 -13.12
C GLU J 131 -45.24 -49.27 -14.38
N ALA J 132 -45.24 -47.94 -14.32
CA ALA J 132 -45.65 -47.15 -15.48
C ALA J 132 -44.71 -47.35 -16.66
N THR J 133 -43.41 -47.42 -16.39
CA THR J 133 -42.45 -47.63 -17.46
C THR J 133 -42.64 -49.00 -18.10
N LYS J 134 -42.89 -50.03 -17.29
CA LYS J 134 -43.17 -51.34 -17.86
C LYS J 134 -44.39 -51.31 -18.76
N ALA J 135 -45.47 -50.68 -18.28
CA ALA J 135 -46.69 -50.62 -19.08
C ALA J 135 -46.47 -49.84 -20.38
N ALA J 136 -45.79 -48.70 -20.29
CA ALA J 136 -45.56 -47.87 -21.48
C ALA J 136 -44.67 -48.59 -22.49
N ARG J 137 -43.63 -49.28 -22.01
CA ARG J 137 -42.76 -50.02 -22.91
C ARG J 137 -43.52 -51.13 -23.61
N GLU J 138 -44.37 -51.86 -22.87
CA GLU J 138 -45.17 -52.91 -23.50
C GLU J 138 -46.12 -52.33 -24.54
N ALA J 139 -46.76 -51.20 -24.22
CA ALA J 139 -47.67 -50.59 -25.19
C ALA J 139 -46.94 -50.13 -26.44
N LEU J 140 -45.79 -49.49 -26.28
CA LEU J 140 -45.03 -49.04 -27.44
C LEU J 140 -44.57 -50.23 -28.28
N LEU J 141 -44.12 -51.30 -27.64
CA LEU J 141 -43.72 -52.49 -28.38
C LEU J 141 -44.89 -53.07 -29.16
N SER J 142 -46.07 -53.11 -28.54
CA SER J 142 -47.25 -53.61 -29.25
C SER J 142 -47.71 -52.68 -30.37
N SER J 143 -47.34 -51.40 -30.31
CA SER J 143 -47.80 -50.43 -31.29
C SER J 143 -46.86 -50.31 -32.49
N ALA J 144 -45.73 -51.00 -32.50
CA ALA J 144 -44.76 -50.86 -33.58
C ALA J 144 -45.21 -51.60 -34.82
N VAL J 145 -44.76 -51.12 -35.98
CA VAL J 145 -45.01 -51.76 -37.26
C VAL J 145 -43.69 -52.01 -37.95
N ASP J 146 -43.66 -53.06 -38.78
CA ASP J 146 -42.44 -53.47 -39.48
C ASP J 146 -42.74 -53.57 -40.96
N HIS J 147 -41.85 -53.01 -41.78
CA HIS J 147 -41.99 -53.05 -43.24
C HIS J 147 -40.70 -53.50 -43.91
N GLY J 148 -39.84 -54.23 -43.20
CA GLY J 148 -38.60 -54.68 -43.80
C GLY J 148 -38.80 -55.64 -44.94
N SER J 149 -39.85 -56.46 -44.89
CA SER J 149 -40.09 -57.44 -45.95
C SER J 149 -40.37 -56.76 -47.28
N ASP J 150 -41.19 -55.72 -47.28
CA ASP J 150 -41.57 -55.02 -48.50
C ASP J 150 -40.53 -53.95 -48.82
N GLU J 151 -40.00 -53.99 -50.04
CA GLU J 151 -38.94 -53.04 -50.40
C GLU J 151 -39.48 -51.63 -50.56
N VAL J 152 -40.58 -51.47 -51.30
CA VAL J 152 -41.11 -50.13 -51.57
C VAL J 152 -41.68 -49.52 -50.30
N LYS J 153 -42.35 -50.32 -49.47
CA LYS J 153 -42.87 -49.81 -48.21
C LYS J 153 -41.73 -49.40 -47.28
N PHE J 154 -40.64 -50.18 -47.26
CA PHE J 154 -39.50 -49.81 -46.45
C PHE J 154 -38.86 -48.52 -46.95
N ARG J 155 -38.79 -48.34 -48.26
CA ARG J 155 -38.26 -47.10 -48.81
C ARG J 155 -39.13 -45.91 -48.42
N GLN J 156 -40.44 -46.07 -48.49
CA GLN J 156 -41.34 -45.00 -48.08
C GLN J 156 -41.21 -44.69 -46.60
N ASP J 157 -41.05 -45.74 -45.77
CA ASP J 157 -40.83 -45.53 -44.35
C ASP J 157 -39.54 -44.77 -44.09
N LEU J 158 -38.48 -45.11 -44.83
CA LEU J 158 -37.22 -44.39 -44.69
C LEU J 158 -37.39 -42.92 -45.07
N MET J 159 -38.09 -42.64 -46.16
CA MET J 159 -38.32 -41.26 -46.56
C MET J 159 -39.11 -40.51 -45.51
N ASN J 160 -40.16 -41.12 -44.97
CA ASN J 160 -40.95 -40.46 -43.93
C ASN J 160 -40.12 -40.20 -42.68
N ILE J 161 -39.29 -41.17 -42.30
CA ILE J 161 -38.46 -41.00 -41.11
C ILE J 161 -37.46 -39.88 -41.31
N ALA J 162 -36.83 -39.82 -42.48
CA ALA J 162 -35.89 -38.74 -42.75
C ALA J 162 -36.59 -37.38 -42.73
N GLY J 163 -37.78 -37.30 -43.32
CA GLY J 163 -38.51 -36.05 -43.28
C GLY J 163 -38.88 -35.62 -41.87
N THR J 164 -39.33 -36.58 -41.05
CA THR J 164 -39.68 -36.26 -39.67
C THR J 164 -38.44 -35.80 -38.89
N THR J 165 -37.31 -36.46 -39.11
CA THR J 165 -36.08 -36.06 -38.42
C THR J 165 -35.65 -34.67 -38.84
N LEU J 166 -35.76 -34.35 -40.12
CA LEU J 166 -35.32 -33.05 -40.61
C LEU J 166 -36.35 -31.95 -40.42
N SER J 167 -37.55 -32.27 -39.96
CA SER J 167 -38.59 -31.25 -39.84
C SER J 167 -38.19 -30.17 -38.82
N SER J 168 -37.60 -30.57 -37.71
CA SER J 168 -37.27 -29.62 -36.66
C SER J 168 -36.06 -28.76 -37.00
N LYS J 169 -35.15 -29.26 -37.82
CA LYS J 169 -33.87 -28.62 -38.03
C LYS J 169 -33.97 -27.50 -39.06
N LEU J 170 -32.84 -26.84 -39.29
CA LEU J 170 -32.79 -25.75 -40.27
C LEU J 170 -33.04 -26.23 -41.69
N LEU J 171 -32.82 -27.51 -41.96
CA LEU J 171 -33.02 -28.05 -43.30
C LEU J 171 -34.49 -28.17 -43.68
N THR J 172 -35.41 -27.81 -42.79
CA THR J 172 -36.82 -27.92 -43.11
C THR J 172 -37.22 -27.04 -44.28
N HIS J 173 -36.39 -26.06 -44.64
CA HIS J 173 -36.66 -25.23 -45.82
C HIS J 173 -36.64 -26.07 -47.09
N HIS J 174 -35.70 -27.02 -47.19
CA HIS J 174 -35.57 -27.88 -48.35
C HIS J 174 -35.71 -29.35 -47.95
N LYS J 175 -36.51 -29.59 -46.90
CA LYS J 175 -36.79 -30.92 -46.38
C LYS J 175 -36.88 -32.01 -47.45
N ASP J 176 -37.60 -31.76 -48.54
CA ASP J 176 -37.76 -32.81 -49.56
C ASP J 176 -36.43 -33.17 -50.21
N HIS J 177 -35.68 -32.15 -50.66
CA HIS J 177 -34.40 -32.39 -51.30
C HIS J 177 -33.42 -33.05 -50.34
N PHE J 178 -33.35 -32.55 -49.11
CA PHE J 178 -32.42 -33.14 -48.16
C PHE J 178 -32.84 -34.53 -47.73
N THR J 179 -34.14 -34.81 -47.70
CA THR J 179 -34.62 -36.15 -47.40
C THR J 179 -34.19 -37.13 -48.48
N LYS J 180 -34.38 -36.76 -49.74
CA LYS J 180 -33.91 -37.62 -50.82
C LYS J 180 -32.41 -37.83 -50.73
N LEU J 181 -31.66 -36.76 -50.45
CA LEU J 181 -30.21 -36.86 -50.33
C LEU J 181 -29.82 -37.86 -49.24
N ALA J 182 -30.38 -37.69 -48.04
CA ALA J 182 -30.01 -38.54 -46.92
C ALA J 182 -30.41 -39.99 -47.15
N VAL J 183 -31.60 -40.22 -47.71
CA VAL J 183 -32.06 -41.58 -47.96
C VAL J 183 -31.14 -42.27 -48.96
N GLU J 184 -30.78 -41.57 -50.05
CA GLU J 184 -29.88 -42.16 -51.03
C GLU J 184 -28.51 -42.43 -50.42
N ALA J 185 -28.01 -41.49 -49.61
CA ALA J 185 -26.70 -41.67 -49.00
C ALA J 185 -26.67 -42.89 -48.08
N VAL J 186 -27.72 -43.08 -47.28
CA VAL J 186 -27.76 -44.24 -46.39
C VAL J 186 -27.94 -45.52 -47.18
N LEU J 187 -28.78 -45.50 -48.22
CA LEU J 187 -29.00 -46.71 -49.00
C LEU J 187 -27.74 -47.13 -49.77
N ARG J 188 -26.87 -46.17 -50.10
CA ARG J 188 -25.63 -46.54 -50.78
C ARG J 188 -24.66 -47.32 -49.90
N LEU J 189 -24.90 -47.36 -48.58
CA LEU J 189 -24.02 -48.10 -47.69
C LEU J 189 -24.17 -49.60 -47.81
N LYS J 190 -25.21 -50.09 -48.50
CA LYS J 190 -25.44 -51.51 -48.70
C LYS J 190 -25.56 -52.26 -47.36
N GLY J 191 -26.15 -51.59 -46.37
CA GLY J 191 -26.40 -52.22 -45.08
C GLY J 191 -25.29 -52.07 -44.07
N SER J 192 -24.11 -51.63 -44.48
CA SER J 192 -23.03 -51.40 -43.53
C SER J 192 -23.40 -50.25 -42.60
N GLY J 193 -23.12 -50.43 -41.32
CA GLY J 193 -23.53 -49.46 -40.33
C GLY J 193 -22.58 -48.33 -40.07
N ASN J 194 -21.38 -48.34 -40.67
CA ASN J 194 -20.39 -47.33 -40.35
C ASN J 194 -20.74 -46.01 -41.03
N LEU J 195 -21.02 -45.00 -40.22
CA LEU J 195 -21.31 -43.67 -40.75
C LEU J 195 -20.05 -42.91 -41.14
N GLU J 196 -18.87 -43.40 -40.77
CA GLU J 196 -17.63 -42.78 -41.22
C GLU J 196 -17.43 -42.94 -42.72
N ALA J 197 -18.12 -43.90 -43.35
CA ALA J 197 -18.04 -44.07 -44.79
C ALA J 197 -18.75 -42.96 -45.55
N ILE J 198 -19.51 -42.11 -44.85
CA ILE J 198 -20.18 -40.96 -45.46
C ILE J 198 -19.45 -39.71 -45.02
N HIS J 199 -18.88 -39.00 -45.99
CA HIS J 199 -18.09 -37.81 -45.72
C HIS J 199 -18.91 -36.58 -46.07
N ILE J 200 -18.91 -35.60 -45.17
CA ILE J 200 -19.63 -34.34 -45.37
C ILE J 200 -18.60 -33.24 -45.55
N ILE J 201 -18.65 -32.56 -46.69
CA ILE J 201 -17.71 -31.50 -47.03
C ILE J 201 -18.48 -30.18 -47.01
N LYS J 202 -18.02 -29.24 -46.21
CA LYS J 202 -18.67 -27.94 -46.06
C LYS J 202 -17.89 -26.91 -46.84
N LYS J 203 -18.45 -26.47 -47.97
CA LYS J 203 -17.84 -25.46 -48.82
C LYS J 203 -18.67 -24.20 -48.74
N LEU J 204 -18.05 -23.12 -48.27
CA LEU J 204 -18.76 -21.85 -48.10
C LEU J 204 -19.17 -21.29 -49.45
N GLY J 205 -20.27 -20.55 -49.44
CA GLY J 205 -20.80 -20.00 -50.68
C GLY J 205 -21.85 -20.88 -51.30
N GLY J 206 -22.80 -20.25 -51.98
CA GLY J 206 -23.89 -20.96 -52.61
C GLY J 206 -25.04 -21.21 -51.65
N SER J 207 -26.21 -21.42 -52.22
CA SER J 207 -27.41 -21.64 -51.43
C SER J 207 -27.38 -23.02 -50.77
N LEU J 208 -28.23 -23.19 -49.76
CA LEU J 208 -28.33 -24.48 -49.10
C LEU J 208 -28.88 -25.54 -50.05
N ALA J 209 -29.81 -25.15 -50.92
CA ALA J 209 -30.37 -26.09 -51.89
C ALA J 209 -29.35 -26.54 -52.93
N ASP J 210 -28.22 -25.83 -53.04
CA ASP J 210 -27.17 -26.25 -53.95
C ASP J 210 -26.42 -27.48 -53.44
N SER J 211 -26.63 -27.87 -52.18
CA SER J 211 -25.98 -29.06 -51.66
C SER J 211 -26.49 -30.30 -52.39
N TYR J 212 -25.59 -31.27 -52.58
CA TYR J 212 -25.92 -32.45 -53.35
C TYR J 212 -25.10 -33.64 -52.85
N LEU J 213 -25.59 -34.83 -53.15
CA LEU J 213 -24.86 -36.07 -52.90
C LEU J 213 -24.16 -36.45 -54.18
N ASP J 214 -22.83 -36.52 -54.13
CA ASP J 214 -22.05 -36.74 -55.34
C ASP J 214 -22.26 -38.17 -55.82
N GLU J 215 -22.38 -38.32 -57.15
CA GLU J 215 -22.58 -39.65 -57.73
C GLU J 215 -21.37 -40.55 -57.52
N GLY J 216 -20.19 -39.98 -57.35
CA GLY J 216 -18.99 -40.75 -57.12
C GLY J 216 -18.37 -40.45 -55.77
N PHE J 217 -17.14 -39.94 -55.77
CA PHE J 217 -16.45 -39.59 -54.54
C PHE J 217 -15.58 -38.38 -54.79
N LEU J 218 -15.31 -37.65 -53.71
CA LEU J 218 -14.48 -36.45 -53.75
C LEU J 218 -13.38 -36.54 -52.72
N LEU J 219 -12.17 -36.16 -53.12
CA LEU J 219 -11.01 -36.15 -52.24
C LEU J 219 -10.41 -34.75 -52.21
N ASP J 220 -9.98 -34.33 -51.03
CA ASP J 220 -9.45 -32.98 -50.80
C ASP J 220 -7.93 -32.96 -50.83
N LYS J 221 -7.30 -33.78 -51.67
CA LYS J 221 -5.86 -33.88 -51.76
C LYS J 221 -5.38 -33.32 -53.10
N LYS J 222 -4.08 -33.44 -53.35
CA LYS J 222 -3.45 -32.88 -54.53
C LYS J 222 -2.67 -33.96 -55.27
N ILE J 223 -2.54 -33.77 -56.56
CA ILE J 223 -1.76 -34.66 -57.41
C ILE J 223 -0.35 -34.11 -57.55
N GLY J 224 0.59 -34.99 -57.91
CA GLY J 224 1.98 -34.60 -58.05
C GLY J 224 2.22 -33.57 -59.14
N VAL J 225 3.48 -33.20 -59.35
CA VAL J 225 3.80 -32.11 -60.26
C VAL J 225 3.69 -32.56 -61.70
N ASN J 226 4.41 -33.62 -62.07
CA ASN J 226 4.45 -34.10 -63.44
C ASN J 226 3.55 -35.31 -63.65
N GLN J 227 2.43 -35.37 -62.95
CA GLN J 227 1.55 -36.51 -63.08
C GLN J 227 0.26 -36.12 -63.82
N PRO J 228 -0.38 -37.06 -64.49
CA PRO J 228 -1.62 -36.73 -65.21
C PRO J 228 -2.69 -36.20 -64.27
N LYS J 229 -3.46 -35.23 -64.75
CA LYS J 229 -4.55 -34.63 -63.99
C LYS J 229 -5.90 -35.24 -64.33
N ARG J 230 -5.94 -36.23 -65.22
CA ARG J 230 -7.21 -36.83 -65.65
C ARG J 230 -6.90 -38.14 -66.35
N ILE J 231 -7.54 -39.22 -65.90
CA ILE J 231 -7.33 -40.54 -66.47
C ILE J 231 -8.68 -41.20 -66.72
N GLU J 232 -8.68 -42.15 -67.64
CA GLU J 232 -9.87 -42.89 -68.04
C GLU J 232 -9.71 -44.35 -67.67
N ASN J 233 -10.78 -44.96 -67.15
CA ASN J 233 -10.79 -46.35 -66.71
C ASN J 233 -9.66 -46.59 -65.72
N ALA J 234 -9.72 -45.89 -64.61
CA ALA J 234 -8.64 -45.92 -63.62
C ALA J 234 -8.52 -47.30 -62.99
N LYS J 235 -7.28 -47.73 -62.77
CA LYS J 235 -6.97 -48.96 -62.05
C LYS J 235 -6.24 -48.52 -60.78
N ILE J 236 -7.00 -48.21 -59.75
CA ILE J 236 -6.46 -47.56 -58.56
C ILE J 236 -5.82 -48.60 -57.66
N LEU J 237 -4.63 -48.28 -57.16
CA LEU J 237 -3.98 -49.05 -56.10
C LEU J 237 -3.87 -48.16 -54.87
N ILE J 238 -4.40 -48.64 -53.75
CA ILE J 238 -4.38 -47.90 -52.50
C ILE J 238 -3.32 -48.51 -51.59
N ALA J 239 -2.46 -47.67 -51.03
CA ALA J 239 -1.30 -48.12 -50.29
C ALA J 239 -1.20 -47.40 -48.95
N ASN J 240 -0.51 -48.05 -48.02
CA ASN J 240 -0.21 -47.51 -46.70
C ASN J 240 1.26 -47.71 -46.38
N THR J 241 2.12 -47.40 -47.34
CA THR J 241 3.56 -47.54 -47.19
C THR J 241 4.20 -46.20 -46.86
N GLY J 242 5.49 -46.26 -46.53
CA GLY J 242 6.22 -45.05 -46.20
C GLY J 242 6.41 -44.14 -47.39
N MET J 243 7.19 -44.59 -48.37
CA MET J 243 7.50 -43.82 -49.58
C MET J 243 8.05 -42.43 -49.26
N ASP J 244 8.59 -42.25 -48.06
CA ASP J 244 9.14 -40.97 -47.63
C ASP J 244 10.49 -41.27 -46.98
N THR J 245 11.57 -41.03 -47.72
CA THR J 245 12.94 -41.37 -47.30
C THR J 245 12.97 -42.68 -46.54
N ASP J 246 12.34 -43.70 -47.14
CA ASP J 246 12.08 -44.98 -46.50
C ASP J 246 13.34 -45.58 -45.91
N LYS J 247 13.39 -45.70 -44.59
CA LYS J 247 14.56 -46.19 -43.88
C LYS J 247 14.32 -47.62 -43.43
N ILE J 248 15.37 -48.44 -43.51
CA ILE J 248 15.29 -49.80 -43.02
C ILE J 248 15.03 -49.76 -41.51
N LYS J 249 14.13 -50.62 -41.05
CA LYS J 249 13.63 -50.56 -39.69
C LYS J 249 14.60 -51.12 -38.67
N ILE J 250 15.85 -51.34 -39.03
CA ILE J 250 16.89 -51.67 -38.06
C ILE J 250 17.40 -50.37 -37.47
N PHE J 251 16.99 -50.09 -36.22
CA PHE J 251 17.29 -48.80 -35.61
C PHE J 251 18.78 -48.59 -35.43
N GLY J 252 19.53 -49.66 -35.13
CA GLY J 252 20.94 -49.54 -34.88
C GLY J 252 21.83 -49.48 -36.10
N SER J 253 21.25 -49.50 -37.29
CA SER J 253 22.05 -49.46 -38.52
C SER J 253 22.61 -48.06 -38.76
N ARG J 254 23.82 -48.03 -39.32
CA ARG J 254 24.50 -46.78 -39.63
C ARG J 254 25.53 -47.05 -40.71
N VAL J 255 26.01 -45.96 -41.31
CA VAL J 255 27.02 -46.03 -42.37
C VAL J 255 28.34 -45.57 -41.79
N ARG J 256 29.35 -46.43 -41.87
CA ARG J 256 30.68 -46.14 -41.33
C ARG J 256 31.71 -46.58 -42.36
N VAL J 257 32.23 -45.62 -43.12
CA VAL J 257 33.22 -45.87 -44.15
C VAL J 257 34.38 -44.90 -43.96
N ASP J 258 35.36 -44.98 -44.87
CA ASP J 258 36.57 -44.19 -44.80
C ASP J 258 36.77 -43.30 -46.02
N SER J 259 35.70 -43.01 -46.77
CA SER J 259 35.82 -42.19 -47.96
C SER J 259 34.43 -41.68 -48.35
N THR J 260 34.39 -40.51 -48.98
CA THR J 260 33.13 -39.97 -49.46
C THR J 260 32.61 -40.72 -50.69
N ALA J 261 33.50 -41.40 -51.41
CA ALA J 261 33.04 -42.20 -52.55
C ALA J 261 32.11 -43.31 -52.08
N LYS J 262 32.44 -43.95 -50.96
CA LYS J 262 31.57 -44.98 -50.42
C LYS J 262 30.25 -44.41 -49.94
N VAL J 263 30.26 -43.19 -49.39
CA VAL J 263 29.00 -42.56 -48.99
C VAL J 263 28.14 -42.28 -50.21
N ALA J 264 28.76 -41.81 -51.30
CA ALA J 264 28.02 -41.61 -52.55
C ALA J 264 27.45 -42.92 -53.06
N GLU J 265 28.23 -44.00 -52.98
CA GLU J 265 27.73 -45.30 -53.39
C GLU J 265 26.52 -45.72 -52.55
N ILE J 266 26.59 -45.49 -51.24
CA ILE J 266 25.48 -45.87 -50.37
C ILE J 266 24.23 -45.06 -50.70
N GLU J 267 24.38 -43.76 -50.94
CA GLU J 267 23.20 -42.96 -51.26
C GLU J 267 22.64 -43.33 -52.64
N HIS J 268 23.51 -43.68 -53.58
CA HIS J 268 23.03 -44.20 -54.85
C HIS J 268 22.26 -45.50 -54.66
N ALA J 269 22.73 -46.36 -53.74
CA ALA J 269 22.02 -47.58 -53.44
C ALA J 269 20.66 -47.30 -52.82
N GLU J 270 20.57 -46.28 -51.96
CA GLU J 270 19.28 -45.90 -51.37
C GLU J 270 18.31 -45.44 -52.45
N LYS J 271 18.79 -44.58 -53.36
CA LYS J 271 17.93 -44.13 -54.45
C LYS J 271 17.52 -45.30 -55.34
N GLU J 272 18.44 -46.25 -55.56
CA GLU J 272 18.11 -47.43 -56.33
C GLU J 272 17.05 -48.27 -55.64
N LYS J 273 17.13 -48.38 -54.31
CA LYS J 273 16.10 -49.12 -53.58
C LYS J 273 14.74 -48.46 -53.72
N MET J 274 14.69 -47.13 -53.62
CA MET J 274 13.42 -46.44 -53.81
C MET J 274 12.89 -46.64 -55.22
N LYS J 275 13.77 -46.58 -56.22
CA LYS J 275 13.35 -46.81 -57.59
C LYS J 275 12.84 -48.24 -57.79
N GLU J 276 13.49 -49.21 -57.16
CA GLU J 276 13.03 -50.59 -57.25
C GLU J 276 11.65 -50.76 -56.62
N LYS J 277 11.43 -50.09 -55.49
CA LYS J 277 10.11 -50.15 -54.86
C LYS J 277 9.05 -49.54 -55.76
N VAL J 278 9.35 -48.41 -56.39
CA VAL J 278 8.40 -47.79 -57.31
C VAL J 278 8.14 -48.72 -58.50
N GLU J 279 9.19 -49.39 -59.00
CA GLU J 279 9.01 -50.32 -60.10
C GLU J 279 8.12 -51.49 -59.69
N ARG J 280 8.31 -52.00 -58.47
CA ARG J 280 7.45 -53.07 -57.98
C ARG J 280 6.00 -52.60 -57.89
N ILE J 281 5.78 -51.38 -57.43
CA ILE J 281 4.43 -50.83 -57.37
C ILE J 281 3.83 -50.75 -58.77
N LEU J 282 4.61 -50.24 -59.73
CA LEU J 282 4.12 -50.12 -61.09
C LEU J 282 3.88 -51.48 -61.75
N LYS J 283 4.53 -52.53 -61.25
CA LYS J 283 4.34 -53.85 -61.81
C LYS J 283 2.89 -54.32 -61.69
N HIS J 284 2.13 -53.75 -60.76
CA HIS J 284 0.71 -54.08 -60.63
C HIS J 284 -0.11 -53.60 -61.81
N GLY J 285 0.45 -52.76 -62.68
CA GLY J 285 -0.30 -52.24 -63.81
C GLY J 285 -1.38 -51.27 -63.40
N ILE J 286 -0.99 -50.13 -62.86
CA ILE J 286 -1.93 -49.18 -62.29
C ILE J 286 -1.82 -47.85 -63.03
N ASN J 287 -2.88 -47.05 -62.92
CA ASN J 287 -2.93 -45.69 -63.43
C ASN J 287 -2.88 -44.65 -62.34
N CYS J 288 -3.54 -44.92 -61.21
CA CYS J 288 -3.57 -44.00 -60.08
C CYS J 288 -3.05 -44.72 -58.85
N PHE J 289 -2.25 -44.01 -58.06
CA PHE J 289 -1.66 -44.56 -56.83
C PHE J 289 -2.02 -43.63 -55.68
N ILE J 290 -2.66 -44.17 -54.66
CA ILE J 290 -3.09 -43.40 -53.50
C ILE J 290 -2.35 -43.95 -52.28
N ASN J 291 -1.62 -43.08 -51.60
CA ASN J 291 -0.82 -43.46 -50.45
C ASN J 291 -1.28 -42.69 -49.22
N ARG J 292 -1.38 -43.39 -48.10
CA ARG J 292 -1.78 -42.73 -46.86
C ARG J 292 -0.73 -41.73 -46.40
N GLN J 293 0.54 -42.09 -46.51
CA GLN J 293 1.62 -41.23 -46.05
C GLN J 293 2.13 -40.35 -47.19
N LEU J 294 3.03 -39.44 -46.84
CA LEU J 294 3.57 -38.49 -47.81
C LEU J 294 4.42 -39.20 -48.85
N ILE J 295 4.46 -38.61 -50.04
CA ILE J 295 5.32 -39.07 -51.13
C ILE J 295 6.32 -37.96 -51.42
N TYR J 296 7.61 -38.26 -51.23
CA TYR J 296 8.65 -37.26 -51.43
C TYR J 296 8.95 -37.07 -52.91
N ASN J 297 9.98 -36.27 -53.19
CA ASN J 297 10.21 -35.77 -54.54
C ASN J 297 10.63 -36.89 -55.50
N TYR J 298 11.53 -37.76 -55.05
CA TYR J 298 12.00 -38.82 -55.95
C TYR J 298 10.90 -39.81 -56.33
N PRO J 299 10.14 -40.40 -55.39
CA PRO J 299 9.03 -41.28 -55.82
C PRO J 299 7.98 -40.55 -56.64
N GLU J 300 7.70 -39.28 -56.32
CA GLU J 300 6.73 -38.53 -57.10
C GLU J 300 7.20 -38.33 -58.52
N GLN J 301 8.48 -38.00 -58.71
CA GLN J 301 9.03 -37.85 -60.04
C GLN J 301 9.01 -39.17 -60.79
N LEU J 302 9.34 -40.27 -60.11
CA LEU J 302 9.31 -41.58 -60.76
C LEU J 302 7.90 -41.93 -61.21
N PHE J 303 6.91 -41.61 -60.38
CA PHE J 303 5.52 -41.83 -60.78
C PHE J 303 5.15 -40.96 -61.98
N GLY J 304 5.56 -39.70 -61.97
CA GLY J 304 5.24 -38.82 -63.07
C GLY J 304 5.86 -39.25 -64.38
N ALA J 305 7.08 -39.80 -64.32
CA ALA J 305 7.73 -40.28 -65.53
C ALA J 305 6.98 -41.45 -66.14
N ALA J 306 6.24 -42.21 -65.34
CA ALA J 306 5.47 -43.34 -65.83
C ALA J 306 4.04 -42.96 -66.20
N GLY J 307 3.67 -41.69 -66.10
CA GLY J 307 2.31 -41.28 -66.39
C GLY J 307 1.30 -41.86 -65.43
N VAL J 308 1.63 -41.87 -64.13
CA VAL J 308 0.79 -42.47 -63.10
C VAL J 308 0.39 -41.38 -62.12
N MET J 309 -0.90 -41.25 -61.87
CA MET J 309 -1.39 -40.32 -60.86
C MET J 309 -0.97 -40.82 -59.48
N ALA J 310 -0.46 -39.91 -58.65
CA ALA J 310 0.03 -40.25 -57.32
C ALA J 310 -0.52 -39.25 -56.32
N ILE J 311 -1.56 -39.65 -55.59
CA ILE J 311 -2.18 -38.81 -54.56
C ILE J 311 -1.59 -39.20 -53.22
N GLU J 312 -1.09 -38.20 -52.50
CA GLU J 312 -0.35 -38.44 -51.26
C GLU J 312 -1.12 -37.89 -50.06
N HIS J 313 -0.75 -38.39 -48.89
CA HIS J 313 -1.26 -37.90 -47.60
C HIS J 313 -2.78 -37.99 -47.53
N ALA J 314 -3.33 -39.10 -48.02
CA ALA J 314 -4.74 -39.41 -47.80
C ALA J 314 -4.84 -40.20 -46.49
N ASP J 315 -5.34 -39.56 -45.44
CA ASP J 315 -5.27 -40.10 -44.10
C ASP J 315 -6.08 -41.41 -44.00
N PHE J 316 -6.04 -42.04 -42.82
CA PHE J 316 -6.68 -43.33 -42.63
C PHE J 316 -8.13 -43.31 -43.11
N ALA J 317 -8.87 -42.25 -42.76
CA ALA J 317 -10.23 -42.13 -43.24
C ALA J 317 -10.28 -42.08 -44.76
N GLY J 318 -9.34 -41.35 -45.37
CA GLY J 318 -9.33 -41.23 -46.82
C GLY J 318 -9.11 -42.58 -47.51
N VAL J 319 -8.11 -43.33 -47.05
CA VAL J 319 -7.82 -44.61 -47.70
C VAL J 319 -8.93 -45.61 -47.43
N GLU J 320 -9.51 -45.59 -46.22
CA GLU J 320 -10.63 -46.49 -45.95
C GLU J 320 -11.82 -46.18 -46.85
N ARG J 321 -12.15 -44.89 -46.99
CA ARG J 321 -13.27 -44.52 -47.86
C ARG J 321 -12.99 -44.86 -49.31
N LEU J 322 -11.76 -44.63 -49.77
CA LEU J 322 -11.41 -44.98 -51.15
C LEU J 322 -11.51 -46.48 -51.38
N ALA J 323 -11.07 -47.29 -50.41
CA ALA J 323 -11.21 -48.73 -50.53
C ALA J 323 -12.67 -49.14 -50.57
N LEU J 324 -13.50 -48.50 -49.76
CA LEU J 324 -14.92 -48.83 -49.76
C LEU J 324 -15.58 -48.45 -51.07
N VAL J 325 -15.19 -47.32 -51.66
CA VAL J 325 -15.90 -46.82 -52.83
C VAL J 325 -15.36 -47.42 -54.13
N THR J 326 -14.10 -47.85 -54.16
CA THR J 326 -13.50 -48.38 -55.38
C THR J 326 -13.20 -49.86 -55.32
N GLY J 327 -13.34 -50.50 -54.16
CA GLY J 327 -13.12 -51.92 -54.05
C GLY J 327 -11.67 -52.36 -53.94
N GLY J 328 -10.73 -51.43 -53.86
CA GLY J 328 -9.34 -51.80 -53.73
C GLY J 328 -9.00 -52.26 -52.33
N GLU J 329 -7.76 -52.72 -52.17
CA GLU J 329 -7.25 -53.20 -50.90
C GLU J 329 -6.07 -52.34 -50.48
N ILE J 330 -6.08 -51.88 -49.23
CA ILE J 330 -5.00 -51.05 -48.71
C ILE J 330 -3.79 -51.93 -48.45
N ALA J 331 -2.80 -51.86 -49.34
CA ALA J 331 -1.63 -52.71 -49.28
C ALA J 331 -0.44 -51.97 -48.69
N SER J 332 0.49 -52.74 -48.11
CA SER J 332 1.73 -52.19 -47.61
C SER J 332 2.95 -52.93 -48.12
N THR J 333 2.79 -54.02 -48.87
CA THR J 333 3.88 -54.71 -49.52
C THR J 333 3.48 -55.03 -50.95
N PHE J 334 4.47 -55.13 -51.82
CA PHE J 334 4.23 -55.29 -53.25
C PHE J 334 5.12 -56.37 -53.84
N ASP J 335 5.18 -57.51 -53.16
CA ASP J 335 5.92 -58.65 -53.67
C ASP J 335 5.02 -59.72 -54.28
N HIS J 336 3.70 -59.60 -54.11
CA HIS J 336 2.74 -60.53 -54.70
C HIS J 336 1.64 -59.72 -55.35
N PRO J 337 1.89 -59.20 -56.56
CA PRO J 337 0.88 -58.35 -57.22
C PRO J 337 -0.44 -59.07 -57.49
N GLU J 338 -0.40 -60.39 -57.71
CA GLU J 338 -1.63 -61.10 -58.03
C GLU J 338 -2.53 -61.29 -56.82
N LEU J 339 -2.01 -61.10 -55.61
CA LEU J 339 -2.78 -61.31 -54.39
C LEU J 339 -3.45 -60.05 -53.87
N VAL J 340 -3.32 -58.92 -54.57
CA VAL J 340 -3.92 -57.68 -54.14
C VAL J 340 -4.96 -57.26 -55.16
N LYS J 341 -6.01 -56.60 -54.69
CA LYS J 341 -7.11 -56.17 -55.53
C LYS J 341 -6.97 -54.68 -55.82
N LEU J 342 -7.10 -54.31 -57.09
CA LEU J 342 -6.94 -52.94 -57.54
C LEU J 342 -8.31 -52.28 -57.64
N GLY J 343 -8.44 -51.10 -57.04
CA GLY J 343 -9.68 -50.35 -57.17
C GLY J 343 -9.92 -49.90 -58.59
N SER J 344 -11.20 -49.82 -58.96
CA SER J 344 -11.59 -49.47 -60.31
C SER J 344 -12.65 -48.38 -60.28
N CYS J 345 -12.50 -47.40 -61.16
CA CYS J 345 -13.51 -46.36 -61.34
C CYS J 345 -13.44 -45.86 -62.77
N LYS J 346 -14.54 -45.25 -63.21
CA LYS J 346 -14.66 -44.90 -64.63
C LYS J 346 -13.77 -43.72 -65.00
N LEU J 347 -13.66 -42.73 -64.11
CA LEU J 347 -12.94 -41.52 -64.47
C LEU J 347 -12.43 -40.83 -63.21
N ILE J 348 -11.24 -40.25 -63.31
CA ILE J 348 -10.65 -39.41 -62.26
C ILE J 348 -10.31 -38.07 -62.88
N GLU J 349 -10.64 -36.99 -62.18
CA GLU J 349 -10.39 -35.65 -62.68
C GLU J 349 -10.33 -34.70 -61.51
N GLU J 350 -10.15 -33.42 -61.82
CA GLU J 350 -10.16 -32.35 -60.83
C GLU J 350 -11.39 -31.48 -61.08
N VAL J 351 -12.20 -31.30 -60.04
CA VAL J 351 -13.39 -30.47 -60.13
C VAL J 351 -13.15 -29.20 -59.33
N MET J 352 -13.83 -28.14 -59.73
CA MET J 352 -13.65 -26.81 -59.16
C MET J 352 -14.89 -26.48 -58.34
N ILE J 353 -14.80 -26.66 -57.02
CA ILE J 353 -15.90 -26.38 -56.11
C ILE J 353 -15.52 -25.16 -55.28
N GLY J 354 -16.38 -24.14 -55.31
CA GLY J 354 -16.03 -22.89 -54.66
C GLY J 354 -14.79 -22.30 -55.30
N GLU J 355 -13.80 -21.97 -54.47
CA GLU J 355 -12.50 -21.55 -54.94
C GLU J 355 -11.45 -22.63 -54.79
N ASP J 356 -11.85 -23.82 -54.37
CA ASP J 356 -10.92 -24.91 -54.11
C ASP J 356 -11.01 -25.97 -55.21
N LYS J 357 -9.92 -26.73 -55.35
CA LYS J 357 -9.82 -27.78 -56.35
C LYS J 357 -9.80 -29.13 -55.66
N LEU J 358 -10.68 -30.04 -56.08
CA LEU J 358 -10.82 -31.34 -55.48
C LEU J 358 -10.75 -32.42 -56.54
N ILE J 359 -10.38 -33.62 -56.12
CA ILE J 359 -10.28 -34.77 -57.01
C ILE J 359 -11.62 -35.49 -57.04
N HIS J 360 -12.12 -35.77 -58.24
CA HIS J 360 -13.41 -36.39 -58.43
C HIS J 360 -13.24 -37.80 -58.97
N PHE J 361 -13.78 -38.78 -58.26
CA PHE J 361 -13.81 -40.17 -58.71
C PHE J 361 -15.22 -40.44 -59.23
N SER J 362 -15.33 -40.65 -60.53
CA SER J 362 -16.62 -40.83 -61.18
C SER J 362 -16.77 -42.26 -61.69
N GLY J 363 -17.99 -42.78 -61.62
CA GLY J 363 -18.26 -44.12 -62.08
C GLY J 363 -17.54 -45.19 -61.29
N VAL J 364 -17.60 -45.09 -59.96
CA VAL J 364 -16.89 -46.03 -59.11
C VAL J 364 -17.50 -47.42 -59.24
N ALA J 365 -16.74 -48.42 -58.77
CA ALA J 365 -17.17 -49.81 -58.90
C ALA J 365 -18.13 -50.20 -57.78
N LEU J 366 -17.67 -50.14 -56.53
CA LEU J 366 -18.52 -50.53 -55.40
C LEU J 366 -19.48 -49.41 -55.01
N GLY J 367 -18.94 -48.28 -54.61
CA GLY J 367 -19.76 -47.15 -54.23
C GLY J 367 -20.32 -47.20 -52.82
N GLU J 368 -19.82 -48.09 -51.96
CA GLU J 368 -20.30 -48.14 -50.59
C GLU J 368 -19.59 -47.10 -49.74
N ALA J 369 -19.57 -45.86 -50.22
CA ALA J 369 -18.99 -44.73 -49.51
C ALA J 369 -19.41 -43.45 -50.21
N CYS J 370 -19.95 -42.50 -49.46
CA CYS J 370 -20.55 -41.31 -50.04
C CYS J 370 -19.81 -40.06 -49.58
N THR J 371 -19.80 -39.06 -50.45
CA THR J 371 -19.35 -37.72 -50.10
C THR J 371 -20.49 -36.74 -50.38
N ILE J 372 -20.76 -35.86 -49.42
CA ILE J 372 -21.84 -34.91 -49.52
C ILE J 372 -21.25 -33.52 -49.45
N VAL J 373 -21.54 -32.70 -50.44
CA VAL J 373 -21.06 -31.32 -50.50
C VAL J 373 -22.16 -30.43 -49.94
N LEU J 374 -21.85 -29.70 -48.88
CA LEU J 374 -22.79 -28.78 -48.24
C LEU J 374 -22.40 -27.36 -48.58
N ARG J 375 -23.36 -26.60 -49.11
CA ARG J 375 -23.15 -25.20 -49.45
C ARG J 375 -24.06 -24.33 -48.59
N GLY J 376 -23.51 -23.22 -48.09
CA GLY J 376 -24.27 -22.35 -47.23
C GLY J 376 -23.76 -20.92 -47.31
N ALA J 377 -24.49 -20.02 -46.67
CA ALA J 377 -24.14 -18.61 -46.67
C ALA J 377 -23.23 -18.22 -45.52
N THR J 378 -23.30 -18.94 -44.40
CA THR J 378 -22.45 -18.67 -43.25
C THR J 378 -21.86 -19.98 -42.75
N GLN J 379 -20.76 -19.86 -42.01
CA GLN J 379 -20.16 -21.05 -41.41
C GLN J 379 -21.10 -21.70 -40.41
N GLN J 380 -21.86 -20.89 -39.68
CA GLN J 380 -22.85 -21.43 -38.74
C GLN J 380 -23.91 -22.23 -39.48
N ILE J 381 -24.36 -21.73 -40.64
CA ILE J 381 -25.33 -22.48 -41.43
C ILE J 381 -24.75 -23.82 -41.86
N LEU J 382 -23.49 -23.82 -42.31
CA LEU J 382 -22.87 -25.07 -42.75
C LEU J 382 -22.75 -26.05 -41.59
N ASP J 383 -22.32 -25.58 -40.42
CA ASP J 383 -22.17 -26.47 -39.28
C ASP J 383 -23.52 -27.04 -38.85
N GLU J 384 -24.55 -26.21 -38.81
CA GLU J 384 -25.86 -26.70 -38.40
C GLU J 384 -26.44 -27.66 -39.43
N ALA J 385 -26.21 -27.40 -40.72
CA ALA J 385 -26.65 -28.33 -41.74
C ALA J 385 -25.93 -29.66 -41.61
N GLU J 386 -24.63 -29.64 -41.31
CA GLU J 386 -23.90 -30.88 -41.11
C GLU J 386 -24.43 -31.64 -39.91
N ARG J 387 -24.72 -30.94 -38.80
CA ARG J 387 -25.27 -31.62 -37.62
C ARG J 387 -26.63 -32.24 -37.92
N SER J 388 -27.50 -31.50 -38.61
CA SER J 388 -28.82 -32.02 -38.94
C SER J 388 -28.72 -33.22 -39.86
N LEU J 389 -27.84 -33.15 -40.87
CA LEU J 389 -27.65 -34.28 -41.76
C LEU J 389 -27.10 -35.48 -41.00
N HIS J 390 -26.22 -35.25 -40.03
CA HIS J 390 -25.71 -36.34 -39.22
C HIS J 390 -26.83 -36.99 -38.42
N ASP J 391 -27.72 -36.18 -37.84
CA ASP J 391 -28.87 -36.75 -37.13
C ASP J 391 -29.71 -37.61 -38.06
N ALA J 392 -30.00 -37.10 -39.26
CA ALA J 392 -30.81 -37.86 -40.21
C ALA J 392 -30.14 -39.16 -40.61
N LEU J 393 -28.84 -39.11 -40.88
CA LEU J 393 -28.11 -40.32 -41.28
C LEU J 393 -28.09 -41.34 -40.15
N CYS J 394 -27.89 -40.87 -38.90
CA CYS J 394 -27.89 -41.79 -37.78
C CYS J 394 -29.23 -42.48 -37.62
N VAL J 395 -30.32 -41.72 -37.72
CA VAL J 395 -31.64 -42.31 -37.57
C VAL J 395 -31.92 -43.30 -38.70
N LEU J 396 -31.52 -42.94 -39.92
CA LEU J 396 -31.76 -43.84 -41.05
C LEU J 396 -30.95 -45.13 -40.91
N ALA J 397 -29.70 -45.02 -40.43
CA ALA J 397 -28.90 -46.22 -40.21
C ALA J 397 -29.52 -47.11 -39.14
N GLN J 398 -30.01 -46.50 -38.06
CA GLN J 398 -30.67 -47.28 -37.02
C GLN J 398 -31.92 -47.97 -37.56
N THR J 399 -32.69 -47.27 -38.39
CA THR J 399 -33.88 -47.87 -38.98
C THR J 399 -33.51 -49.01 -39.93
N VAL J 400 -32.40 -48.87 -40.64
CA VAL J 400 -31.94 -49.96 -41.51
C VAL J 400 -31.56 -51.17 -40.66
N LYS J 401 -30.87 -50.95 -39.56
CA LYS J 401 -30.49 -52.05 -38.68
C LYS J 401 -31.73 -52.69 -38.05
N ASP J 402 -32.66 -51.87 -37.55
CA ASP J 402 -33.90 -52.34 -36.97
C ASP J 402 -35.05 -51.61 -37.65
N SER J 403 -35.83 -52.35 -38.45
CA SER J 403 -36.82 -51.74 -39.32
C SER J 403 -38.14 -51.43 -38.63
N ARG J 404 -38.27 -51.76 -37.35
CA ARG J 404 -39.49 -51.44 -36.62
C ARG J 404 -39.64 -49.94 -36.47
N THR J 405 -40.83 -49.42 -36.76
CA THR J 405 -41.09 -48.00 -36.73
C THR J 405 -42.35 -47.72 -35.90
N VAL J 406 -42.41 -46.51 -35.35
CA VAL J 406 -43.56 -46.06 -34.58
C VAL J 406 -43.98 -44.69 -35.10
N TYR J 407 -45.20 -44.30 -34.74
CA TYR J 407 -45.77 -43.05 -35.23
C TYR J 407 -45.40 -41.91 -34.28
N GLY J 408 -44.93 -40.80 -34.85
CA GLY J 408 -44.54 -39.64 -34.09
C GLY J 408 -45.66 -38.62 -34.00
N GLY J 409 -45.28 -37.37 -33.77
CA GLY J 409 -46.26 -36.32 -33.63
C GLY J 409 -47.09 -36.41 -32.38
N GLY J 410 -46.60 -37.08 -31.34
CA GLY J 410 -47.33 -37.24 -30.11
C GLY J 410 -48.15 -38.51 -30.01
N CYS J 411 -48.30 -39.26 -31.12
CA CYS J 411 -49.08 -40.48 -31.08
C CYS J 411 -48.47 -41.50 -30.12
N SER J 412 -47.15 -41.69 -30.20
CA SER J 412 -46.49 -42.65 -29.33
C SER J 412 -46.62 -42.25 -27.86
N GLU J 413 -46.39 -40.97 -27.56
CA GLU J 413 -46.54 -40.51 -26.19
C GLU J 413 -47.98 -40.65 -25.73
N MET J 414 -48.94 -40.35 -26.60
CA MET J 414 -50.34 -40.48 -26.23
C MET J 414 -50.71 -41.92 -25.89
N LEU J 415 -50.25 -42.88 -26.70
CA LEU J 415 -50.61 -44.27 -26.43
C LEU J 415 -49.87 -44.79 -25.20
N MET J 416 -48.61 -44.40 -25.01
CA MET J 416 -47.89 -44.77 -23.79
C MET J 416 -48.63 -44.26 -22.56
N ALA J 417 -49.04 -43.00 -22.59
CA ALA J 417 -49.72 -42.40 -21.45
C ALA J 417 -51.09 -43.01 -21.24
N HIS J 418 -51.79 -43.37 -22.31
CA HIS J 418 -53.07 -44.06 -22.15
C HIS J 418 -52.89 -45.40 -21.46
N ALA J 419 -51.86 -46.16 -21.87
CA ALA J 419 -51.58 -47.43 -21.20
C ALA J 419 -51.21 -47.20 -19.74
N VAL J 420 -50.42 -46.16 -19.47
CA VAL J 420 -50.03 -45.87 -18.09
C VAL J 420 -51.24 -45.52 -17.24
N THR J 421 -52.16 -44.71 -17.80
CA THR J 421 -53.37 -44.37 -17.07
C THR J 421 -54.23 -45.60 -16.82
N GLN J 422 -54.36 -46.47 -17.83
CA GLN J 422 -55.14 -47.69 -17.65
C GLN J 422 -54.55 -48.56 -16.55
N LEU J 423 -53.22 -48.63 -16.47
CA LEU J 423 -52.59 -49.34 -15.36
C LEU J 423 -52.86 -48.62 -14.04
N ALA J 424 -52.82 -47.29 -14.04
CA ALA J 424 -52.89 -46.54 -12.80
C ALA J 424 -54.27 -46.64 -12.15
N ASN J 425 -55.33 -46.50 -12.93
CA ASN J 425 -56.66 -46.48 -12.31
C ASN J 425 -57.09 -47.84 -11.80
N ARG J 426 -56.34 -48.90 -12.08
CA ARG J 426 -56.60 -50.23 -11.53
C ARG J 426 -55.67 -50.57 -10.38
N THR J 427 -54.91 -49.61 -9.87
CA THR J 427 -53.93 -49.86 -8.83
C THR J 427 -54.28 -49.06 -7.58
N PRO J 428 -54.33 -49.69 -6.41
CA PRO J 428 -54.58 -48.95 -5.18
C PRO J 428 -53.31 -48.31 -4.64
N GLY J 429 -53.50 -47.34 -3.75
CA GLY J 429 -52.39 -46.65 -3.12
C GLY J 429 -51.93 -45.44 -3.89
N LYS J 430 -50.85 -44.85 -3.40
CA LYS J 430 -50.27 -43.66 -4.01
C LYS J 430 -49.40 -43.98 -5.22
N GLU J 431 -49.05 -45.25 -5.42
CA GLU J 431 -48.39 -45.64 -6.67
C GLU J 431 -49.23 -45.26 -7.87
N ALA J 432 -50.57 -45.33 -7.74
CA ALA J 432 -51.44 -44.86 -8.81
C ALA J 432 -51.22 -43.39 -9.09
N VAL J 433 -51.05 -42.58 -8.04
CA VAL J 433 -50.79 -41.17 -8.23
C VAL J 433 -49.45 -40.97 -8.93
N ALA J 434 -48.45 -41.79 -8.58
CA ALA J 434 -47.16 -41.71 -9.26
C ALA J 434 -47.29 -42.01 -10.76
N MET J 435 -48.03 -43.06 -11.11
CA MET J 435 -48.23 -43.36 -12.52
C MET J 435 -49.05 -42.28 -13.21
N GLU J 436 -49.99 -41.65 -12.51
CA GLU J 436 -50.72 -40.55 -13.10
C GLU J 436 -49.79 -39.38 -13.42
N SER J 437 -48.83 -39.12 -12.53
CA SER J 437 -47.83 -38.08 -12.82
C SER J 437 -46.96 -38.48 -14.02
N TYR J 438 -46.60 -39.76 -14.11
CA TYR J 438 -45.89 -40.27 -15.28
C TYR J 438 -46.66 -39.96 -16.56
N ALA J 439 -47.94 -40.30 -16.57
CA ALA J 439 -48.78 -40.03 -17.74
C ALA J 439 -48.89 -38.53 -18.00
N LYS J 440 -48.90 -37.73 -16.94
CA LYS J 440 -48.97 -36.28 -17.11
C LYS J 440 -47.74 -35.75 -17.83
N ALA J 441 -46.56 -36.27 -17.47
CA ALA J 441 -45.34 -35.87 -18.19
C ALA J 441 -45.38 -36.31 -19.65
N LEU J 442 -45.84 -37.55 -19.88
CA LEU J 442 -45.95 -38.04 -21.26
C LEU J 442 -46.90 -37.17 -22.07
N ARG J 443 -47.98 -36.68 -21.44
CA ARG J 443 -48.85 -35.71 -22.10
C ARG J 443 -48.13 -34.39 -22.33
N MET J 444 -47.32 -33.97 -21.36
CA MET J 444 -46.67 -32.66 -21.45
C MET J 444 -45.71 -32.59 -22.63
N LEU J 445 -45.18 -33.74 -23.06
CA LEU J 445 -44.27 -33.70 -24.21
C LEU J 445 -44.94 -33.18 -25.49
N PRO J 446 -45.99 -33.80 -26.03
CA PRO J 446 -46.67 -33.19 -27.18
C PRO J 446 -47.31 -31.86 -26.84
N THR J 447 -47.62 -31.59 -25.57
CA THR J 447 -48.09 -30.26 -25.19
C THR J 447 -47.03 -29.22 -25.49
N ILE J 448 -45.77 -29.50 -25.17
CA ILE J 448 -44.69 -28.57 -25.51
C ILE J 448 -44.51 -28.49 -27.02
N ILE J 449 -44.68 -29.63 -27.72
CA ILE J 449 -44.62 -29.59 -29.18
C ILE J 449 -45.65 -28.60 -29.72
N ALA J 450 -46.86 -28.62 -29.15
CA ALA J 450 -47.91 -27.71 -29.62
C ALA J 450 -47.63 -26.26 -29.20
N ASP J 451 -47.08 -26.06 -28.00
CA ASP J 451 -46.74 -24.71 -27.57
C ASP J 451 -45.73 -24.07 -28.51
N ASN J 452 -44.75 -24.84 -28.95
CA ASN J 452 -43.71 -24.27 -29.82
C ASN J 452 -44.29 -23.72 -31.11
N ALA J 453 -45.45 -24.23 -31.54
CA ALA J 453 -46.10 -23.73 -32.74
C ALA J 453 -47.14 -22.64 -32.46
N GLY J 454 -47.42 -22.36 -31.19
CA GLY J 454 -48.41 -21.36 -30.85
C GLY J 454 -49.84 -21.80 -30.99
N TYR J 455 -50.10 -23.09 -31.16
CA TYR J 455 -51.46 -23.59 -31.31
C TYR J 455 -52.14 -23.68 -29.94
N ASP J 456 -53.44 -23.98 -29.97
CA ASP J 456 -54.19 -24.19 -28.75
C ASP J 456 -53.83 -25.54 -28.15
N SER J 457 -52.81 -25.56 -27.30
CA SER J 457 -52.26 -26.82 -26.82
C SER J 457 -53.27 -27.61 -25.98
N ALA J 458 -54.01 -26.93 -25.10
CA ALA J 458 -54.93 -27.64 -24.22
C ALA J 458 -55.98 -28.39 -25.03
N ASP J 459 -56.60 -27.72 -26.00
CA ASP J 459 -57.63 -28.36 -26.80
C ASP J 459 -57.06 -29.49 -27.64
N LEU J 460 -55.89 -29.28 -28.24
CA LEU J 460 -55.28 -30.32 -29.07
C LEU J 460 -54.94 -31.55 -28.25
N VAL J 461 -54.36 -31.36 -27.07
CA VAL J 461 -53.98 -32.49 -26.23
C VAL J 461 -55.23 -33.21 -25.71
N ALA J 462 -56.27 -32.46 -25.37
CA ALA J 462 -57.52 -33.09 -24.96
C ALA J 462 -58.12 -33.92 -26.08
N GLN J 463 -58.09 -33.39 -27.31
CA GLN J 463 -58.60 -34.15 -28.45
C GLN J 463 -57.79 -35.41 -28.68
N LEU J 464 -56.46 -35.32 -28.59
CA LEU J 464 -55.63 -36.50 -28.76
C LEU J 464 -55.91 -37.54 -27.69
N ARG J 465 -56.05 -37.11 -26.44
CA ARG J 465 -56.33 -38.04 -25.34
C ARG J 465 -57.67 -38.71 -25.54
N ALA J 466 -58.69 -37.94 -25.93
CA ALA J 466 -60.01 -38.54 -26.17
C ALA J 466 -59.96 -39.52 -27.33
N ALA J 467 -59.26 -39.17 -28.40
CA ALA J 467 -59.19 -40.07 -29.56
C ALA J 467 -58.46 -41.36 -29.21
N HIS J 468 -57.37 -41.26 -28.43
CA HIS J 468 -56.62 -42.45 -28.08
C HIS J 468 -57.38 -43.31 -27.08
N SER J 469 -58.15 -42.71 -26.19
CA SER J 469 -58.99 -43.49 -25.28
C SER J 469 -60.13 -44.16 -26.02
N GLU J 470 -60.66 -43.51 -27.07
CA GLU J 470 -61.74 -44.10 -27.84
C GLU J 470 -61.29 -45.38 -28.52
N GLY J 471 -60.08 -45.40 -29.06
CA GLY J 471 -59.57 -46.56 -29.76
C GLY J 471 -58.77 -46.19 -30.99
N ASN J 472 -58.70 -44.90 -31.29
CA ASN J 472 -57.93 -44.39 -32.42
C ASN J 472 -56.48 -44.32 -31.99
N THR J 473 -55.70 -45.36 -32.29
CA THR J 473 -54.34 -45.47 -31.83
C THR J 473 -53.32 -44.85 -32.78
N THR J 474 -53.78 -44.20 -33.84
CA THR J 474 -52.88 -43.57 -34.80
C THR J 474 -53.04 -42.06 -34.87
N ALA J 475 -53.87 -41.48 -34.01
CA ALA J 475 -54.07 -40.04 -34.03
C ALA J 475 -52.84 -39.31 -33.50
N GLY J 476 -52.57 -38.15 -34.10
CA GLY J 476 -51.43 -37.35 -33.70
C GLY J 476 -51.65 -35.91 -34.11
N LEU J 477 -50.65 -35.09 -33.81
CA LEU J 477 -50.73 -33.66 -34.11
C LEU J 477 -50.44 -33.42 -35.58
N ASP J 478 -51.39 -32.77 -36.27
CA ASP J 478 -51.20 -32.35 -37.65
C ASP J 478 -50.67 -30.92 -37.61
N MET J 479 -49.36 -30.76 -37.73
CA MET J 479 -48.72 -29.47 -37.55
C MET J 479 -48.81 -28.57 -38.77
N ARG J 480 -49.37 -29.07 -39.88
CA ARG J 480 -49.50 -28.23 -41.07
C ARG J 480 -50.39 -27.03 -40.81
N GLU J 481 -51.50 -27.23 -40.10
CA GLU J 481 -52.41 -26.12 -39.79
C GLU J 481 -52.84 -26.07 -38.33
N GLY J 482 -52.60 -27.11 -37.54
CA GLY J 482 -52.90 -27.04 -36.12
C GLY J 482 -54.08 -27.86 -35.67
N THR J 483 -54.33 -28.98 -36.34
CA THR J 483 -55.39 -29.91 -35.98
C THR J 483 -54.77 -31.26 -35.64
N ILE J 484 -55.62 -32.26 -35.43
CA ILE J 484 -55.18 -33.62 -35.23
C ILE J 484 -55.56 -34.44 -36.45
N GLY J 485 -54.79 -35.49 -36.72
CA GLY J 485 -55.03 -36.31 -37.88
C GLY J 485 -54.35 -37.65 -37.73
N ASP J 486 -54.55 -38.49 -38.74
CA ASP J 486 -53.97 -39.84 -38.74
C ASP J 486 -52.52 -39.75 -39.19
N MET J 487 -51.60 -40.22 -38.33
CA MET J 487 -50.19 -40.16 -38.64
C MET J 487 -49.80 -41.10 -39.78
N ALA J 488 -50.56 -42.16 -40.00
CA ALA J 488 -50.23 -43.09 -41.08
C ALA J 488 -50.39 -42.43 -42.44
N ILE J 489 -51.51 -41.74 -42.67
CA ILE J 489 -51.73 -41.08 -43.94
C ILE J 489 -50.81 -39.87 -44.08
N LEU J 490 -50.65 -39.09 -43.01
CA LEU J 490 -49.79 -37.91 -43.07
C LEU J 490 -48.32 -38.26 -43.18
N GLY J 491 -47.95 -39.53 -43.02
CA GLY J 491 -46.56 -39.93 -43.18
C GLY J 491 -45.61 -39.36 -42.15
N ILE J 492 -46.02 -39.35 -40.89
CA ILE J 492 -45.16 -38.92 -39.79
C ILE J 492 -44.76 -40.18 -39.04
N THR J 493 -43.50 -40.60 -39.21
CA THR J 493 -43.01 -41.85 -38.67
C THR J 493 -41.69 -41.60 -37.97
N GLU J 494 -41.43 -42.38 -36.91
CA GLU J 494 -40.18 -42.27 -36.18
C GLU J 494 -39.72 -43.68 -35.82
N SER J 495 -38.40 -43.83 -35.65
CA SER J 495 -37.83 -45.13 -35.37
C SER J 495 -38.27 -45.63 -34.00
N PHE J 496 -38.61 -46.92 -33.92
CA PHE J 496 -39.01 -47.51 -32.65
C PHE J 496 -37.87 -47.47 -31.64
N GLN J 497 -36.64 -47.75 -32.10
CA GLN J 497 -35.51 -47.77 -31.20
C GLN J 497 -35.28 -46.42 -30.56
N VAL J 498 -35.41 -45.34 -31.33
CA VAL J 498 -35.16 -44.00 -30.80
C VAL J 498 -36.18 -43.67 -29.72
N LYS J 499 -37.46 -43.92 -29.98
CA LYS J 499 -38.49 -43.61 -29.00
C LYS J 499 -38.35 -44.45 -27.74
N ARG J 500 -38.07 -45.75 -27.90
CA ARG J 500 -37.90 -46.60 -26.73
C ARG J 500 -36.70 -46.17 -25.91
N GLN J 501 -35.60 -45.82 -26.58
CA GLN J 501 -34.42 -45.34 -25.86
C GLN J 501 -34.72 -44.04 -25.12
N VAL J 502 -35.47 -43.13 -25.75
CA VAL J 502 -35.84 -41.89 -25.09
C VAL J 502 -36.61 -42.19 -23.81
N LEU J 503 -37.64 -43.04 -23.91
CA LEU J 503 -38.47 -43.35 -22.75
C LEU J 503 -37.64 -43.98 -21.64
N LEU J 504 -36.85 -45.00 -21.97
CA LEU J 504 -36.12 -45.74 -20.95
C LEU J 504 -35.04 -44.88 -20.31
N SER J 505 -34.30 -44.11 -21.10
CA SER J 505 -33.25 -43.27 -20.54
C SER J 505 -33.83 -42.17 -19.65
N ALA J 506 -34.95 -41.57 -20.08
CA ALA J 506 -35.58 -40.56 -19.23
C ALA J 506 -36.05 -41.17 -17.91
N ALA J 507 -36.65 -42.36 -17.96
CA ALA J 507 -37.08 -43.01 -16.74
C ALA J 507 -35.91 -43.31 -15.82
N GLU J 508 -34.81 -43.82 -16.39
CA GLU J 508 -33.64 -44.14 -15.57
C GLU J 508 -33.05 -42.90 -14.91
N ALA J 509 -32.92 -41.81 -15.67
CA ALA J 509 -32.35 -40.59 -15.09
C ALA J 509 -33.25 -40.03 -14.00
N ALA J 510 -34.56 -40.02 -14.24
CA ALA J 510 -35.48 -39.54 -13.22
C ALA J 510 -35.37 -40.39 -11.96
N GLU J 511 -35.27 -41.71 -12.13
CA GLU J 511 -35.18 -42.60 -10.97
C GLU J 511 -33.90 -42.37 -10.19
N VAL J 512 -32.77 -42.24 -10.89
CA VAL J 512 -31.49 -42.09 -10.18
C VAL J 512 -31.42 -40.74 -9.49
N ILE J 513 -31.99 -39.69 -10.09
CA ILE J 513 -31.98 -38.38 -9.43
C ILE J 513 -32.93 -38.37 -8.24
N LEU J 514 -34.09 -39.00 -8.39
CA LEU J 514 -35.09 -39.00 -7.32
C LEU J 514 -34.59 -39.71 -6.08
N ARG J 515 -33.70 -40.70 -6.25
CA ARG J 515 -33.19 -41.46 -5.11
C ARG J 515 -32.28 -40.64 -4.21
N VAL J 516 -31.85 -39.46 -4.63
CA VAL J 516 -30.86 -38.68 -3.91
C VAL J 516 -31.56 -37.80 -2.89
N ASP J 517 -31.08 -37.84 -1.64
CA ASP J 517 -31.61 -36.99 -0.57
C ASP J 517 -30.52 -36.20 0.12
N ASN J 518 -29.29 -36.20 -0.40
CA ASN J 518 -28.19 -35.52 0.26
C ASN J 518 -27.09 -35.27 -0.77
N ILE J 519 -26.71 -34.02 -0.93
CA ILE J 519 -25.66 -33.63 -1.87
C ILE J 519 -24.47 -33.13 -1.04
N ILE J 520 -23.33 -33.78 -1.21
CA ILE J 520 -22.11 -33.43 -0.49
C ILE J 520 -21.07 -33.00 -1.53
N LYS J 521 -20.56 -31.78 -1.37
CA LYS J 521 -19.59 -31.21 -2.30
C LYS J 521 -18.24 -31.07 -1.62
N ALA J 522 -17.20 -31.57 -2.27
CA ALA J 522 -15.85 -31.41 -1.76
C ALA J 522 -15.37 -29.99 -2.00
N ALA J 523 -14.26 -29.64 -1.36
CA ALA J 523 -13.69 -28.31 -1.55
C ALA J 523 -13.17 -28.19 -2.98
N PRO J 524 -13.59 -27.17 -3.72
CA PRO J 524 -13.15 -27.06 -5.11
C PRO J 524 -11.66 -26.79 -5.23
N ARG J 525 -11.10 -27.22 -6.34
CA ARG J 525 -9.67 -27.05 -6.60
C ARG J 525 -9.38 -25.68 -7.21
N ARG K 1 -58.91 -17.33 -32.26
CA ARG K 1 -60.16 -17.79 -31.69
C ARG K 1 -60.36 -17.22 -30.30
N GLY K 2 -60.64 -15.93 -30.22
CA GLY K 2 -60.84 -15.26 -28.95
C GLY K 2 -59.55 -14.59 -28.48
N LYS K 3 -59.20 -14.80 -27.21
CA LYS K 3 -57.96 -14.24 -26.68
C LYS K 3 -56.75 -14.84 -27.38
N GLY K 4 -56.77 -16.14 -27.64
CA GLY K 4 -55.66 -16.81 -28.28
C GLY K 4 -54.53 -17.09 -27.31
N ALA K 5 -53.46 -17.67 -27.85
CA ALA K 5 -52.30 -18.02 -27.04
C ALA K 5 -51.62 -16.77 -26.51
N TYR K 6 -50.99 -16.92 -25.34
CA TYR K 6 -50.33 -15.81 -24.66
C TYR K 6 -48.84 -16.00 -24.76
N GLN K 7 -48.14 -15.01 -25.32
CA GLN K 7 -46.69 -15.06 -25.46
C GLN K 7 -46.07 -14.59 -24.15
N ASP K 8 -45.84 -15.54 -23.24
CA ASP K 8 -45.33 -15.22 -21.92
C ASP K 8 -43.84 -14.92 -21.93
N ARG K 9 -43.09 -15.49 -22.87
CA ARG K 9 -41.64 -15.48 -22.75
C ARG K 9 -41.08 -14.07 -23.01
N ASP K 10 -41.39 -13.49 -24.17
CA ASP K 10 -41.00 -12.14 -24.58
C ASP K 10 -39.49 -11.97 -24.76
N LYS K 11 -38.69 -12.94 -24.32
CA LYS K 11 -37.24 -12.89 -24.51
C LYS K 11 -36.86 -13.22 -25.94
N PRO K 12 -37.52 -14.17 -26.62
CA PRO K 12 -37.25 -14.34 -28.05
C PRO K 12 -37.41 -13.06 -28.86
N ALA K 13 -38.43 -12.25 -28.55
CA ALA K 13 -38.59 -10.98 -29.24
C ALA K 13 -37.41 -10.06 -28.99
N GLN K 14 -36.93 -10.01 -27.75
CA GLN K 14 -35.77 -9.18 -27.43
C GLN K 14 -34.54 -9.65 -28.19
N ILE K 15 -34.35 -10.97 -28.29
CA ILE K 15 -33.21 -11.51 -29.03
C ILE K 15 -33.30 -11.12 -30.50
N ARG K 16 -34.50 -11.25 -31.08
CA ARG K 16 -34.66 -10.89 -32.50
C ARG K 16 -34.39 -9.41 -32.72
N PHE K 17 -34.90 -8.55 -31.83
CA PHE K 17 -34.66 -7.12 -31.96
C PHE K 17 -33.18 -6.79 -31.85
N SER K 18 -32.48 -7.45 -30.91
CA SER K 18 -31.05 -7.21 -30.76
C SER K 18 -30.28 -7.63 -32.00
N ASN K 19 -30.61 -8.79 -32.56
CA ASN K 19 -29.93 -9.26 -33.76
C ASN K 19 -30.17 -8.30 -34.92
N ILE K 20 -31.41 -7.84 -35.08
CA ILE K 20 -31.71 -6.91 -36.16
C ILE K 20 -30.95 -5.61 -35.98
N SER K 21 -30.90 -5.11 -34.73
CA SER K 21 -30.18 -3.87 -34.48
C SER K 21 -28.70 -4.01 -34.81
N ALA K 22 -28.11 -5.14 -34.44
CA ALA K 22 -26.70 -5.35 -34.77
C ALA K 22 -26.48 -5.39 -36.28
N ALA K 23 -27.34 -6.09 -37.01
CA ALA K 23 -27.19 -6.16 -38.46
C ALA K 23 -27.37 -4.78 -39.10
N LYS K 24 -28.35 -4.02 -38.63
CA LYS K 24 -28.58 -2.68 -39.16
C LYS K 24 -27.40 -1.76 -38.87
N ALA K 25 -26.81 -1.88 -37.68
CA ALA K 25 -25.63 -1.10 -37.37
C ALA K 25 -24.47 -1.45 -38.29
N VAL K 26 -24.30 -2.74 -38.59
CA VAL K 26 -23.22 -3.15 -39.50
C VAL K 26 -23.45 -2.57 -40.89
N ALA K 27 -24.69 -2.61 -41.38
CA ALA K 27 -25.00 -2.06 -42.69
C ALA K 27 -24.74 -0.55 -42.73
N ASP K 28 -25.21 0.16 -41.71
CA ASP K 28 -24.97 1.60 -41.65
C ASP K 28 -23.49 1.91 -41.55
N ALA K 29 -22.72 1.04 -40.91
CA ALA K 29 -21.27 1.19 -40.91
C ALA K 29 -20.73 1.10 -42.33
N ILE K 30 -20.89 -0.05 -42.97
CA ILE K 30 -20.54 -0.16 -44.40
C ILE K 30 -21.82 0.16 -45.18
N ARG K 31 -22.10 1.45 -45.29
CA ARG K 31 -23.13 1.97 -46.17
C ARG K 31 -22.55 3.07 -47.05
N THR K 32 -21.55 3.78 -46.54
CA THR K 32 -20.93 4.89 -47.23
C THR K 32 -19.76 4.48 -48.11
N SER K 33 -19.46 3.18 -48.20
CA SER K 33 -18.40 2.67 -49.03
C SER K 33 -18.92 2.08 -50.34
N LEU K 34 -20.17 2.35 -50.67
CA LEU K 34 -20.84 1.70 -51.80
C LEU K 34 -20.85 2.65 -52.99
N GLY K 35 -20.61 2.09 -54.18
CA GLY K 35 -20.74 2.83 -55.40
C GLY K 35 -19.48 3.55 -55.80
N PRO K 36 -19.48 4.13 -57.01
CA PRO K 36 -18.27 4.82 -57.49
C PRO K 36 -17.87 6.02 -56.65
N LYS K 37 -18.82 6.62 -55.93
CA LYS K 37 -18.56 7.79 -55.12
C LYS K 37 -18.40 7.46 -53.64
N GLY K 38 -17.98 6.23 -53.33
CA GLY K 38 -17.78 5.81 -51.95
C GLY K 38 -16.32 5.95 -51.56
N MET K 39 -16.09 6.30 -50.31
CA MET K 39 -14.76 6.51 -49.78
C MET K 39 -14.26 5.27 -49.04
N ASP K 40 -12.97 5.27 -48.72
CA ASP K 40 -12.32 4.14 -48.09
C ASP K 40 -12.37 4.26 -46.57
N LYS K 41 -12.08 3.15 -45.90
CA LYS K 41 -11.97 3.12 -44.45
C LYS K 41 -10.58 2.66 -44.07
N MET K 42 -10.01 3.30 -43.05
CA MET K 42 -8.71 2.95 -42.53
C MET K 42 -8.89 2.26 -41.18
N ILE K 43 -8.37 1.04 -41.08
CA ILE K 43 -8.56 0.20 -39.89
C ILE K 43 -7.20 -0.09 -39.29
N GLN K 44 -7.06 0.19 -38.00
CA GLN K 44 -5.86 -0.12 -37.23
C GLN K 44 -6.20 -1.20 -36.22
N ASP K 45 -5.58 -2.37 -36.37
CA ASP K 45 -5.93 -3.52 -35.56
C ASP K 45 -5.28 -3.41 -34.18
N GLY K 46 -5.28 -4.51 -33.43
CA GLY K 46 -4.70 -4.49 -32.10
C GLY K 46 -3.24 -4.08 -32.11
N LYS K 47 -2.46 -4.65 -33.02
CA LYS K 47 -1.08 -4.23 -33.21
C LYS K 47 -1.06 -2.97 -34.07
N GLY K 48 0.11 -2.59 -34.55
CA GLY K 48 0.23 -1.38 -35.33
C GLY K 48 -0.17 -1.50 -36.78
N ASP K 49 -0.63 -2.66 -37.22
CA ASP K 49 -0.98 -2.85 -38.63
C ASP K 49 -2.12 -1.93 -39.02
N VAL K 50 -2.02 -1.35 -40.21
CA VAL K 50 -3.00 -0.41 -40.74
C VAL K 50 -3.30 -0.79 -42.18
N THR K 51 -4.58 -0.68 -42.56
CA THR K 51 -5.00 -0.97 -43.92
C THR K 51 -6.04 0.06 -44.36
N ILE K 52 -5.99 0.40 -45.65
CA ILE K 52 -6.99 1.24 -46.29
C ILE K 52 -7.69 0.39 -47.33
N THR K 53 -9.01 0.29 -47.24
CA THR K 53 -9.72 -0.62 -48.12
C THR K 53 -11.14 -0.17 -48.36
N ASN K 54 -11.65 -0.51 -49.54
CA ASN K 54 -13.05 -0.35 -49.89
C ASN K 54 -13.78 -1.68 -49.97
N ASP K 55 -13.06 -2.80 -49.95
CA ASP K 55 -13.67 -4.11 -50.06
C ASP K 55 -14.52 -4.38 -48.82
N GLY K 56 -15.79 -4.75 -49.05
CA GLY K 56 -16.68 -4.99 -47.93
C GLY K 56 -16.25 -6.16 -47.06
N ALA K 57 -15.83 -7.26 -47.71
CA ALA K 57 -15.39 -8.42 -46.94
C ALA K 57 -14.15 -8.10 -46.11
N THR K 58 -13.20 -7.37 -46.69
CA THR K 58 -12.00 -7.00 -45.95
C THR K 58 -12.33 -6.08 -44.79
N ILE K 59 -13.20 -5.11 -45.01
CA ILE K 59 -13.59 -4.21 -43.92
C ILE K 59 -14.25 -4.98 -42.80
N LEU K 60 -15.17 -5.87 -43.15
CA LEU K 60 -15.91 -6.60 -42.13
C LEU K 60 -15.01 -7.55 -41.35
N LYS K 61 -14.12 -8.27 -42.03
CA LYS K 61 -13.27 -9.22 -41.34
C LYS K 61 -12.10 -8.57 -40.62
N GLN K 62 -11.73 -7.35 -41.00
CA GLN K 62 -10.60 -6.69 -40.34
C GLN K 62 -10.99 -6.19 -38.96
N MET K 63 -12.20 -5.66 -38.82
CA MET K 63 -12.67 -5.15 -37.54
C MET K 63 -13.45 -6.24 -36.81
N GLN K 64 -13.26 -6.30 -35.50
CA GLN K 64 -13.95 -7.26 -34.66
C GLN K 64 -15.29 -6.69 -34.22
N VAL K 65 -16.36 -7.45 -34.44
CA VAL K 65 -17.71 -6.93 -34.27
C VAL K 65 -18.33 -7.40 -32.97
N LEU K 66 -17.92 -8.58 -32.50
CA LEU K 66 -18.27 -9.17 -31.21
C LEU K 66 -19.76 -9.46 -31.05
N HIS K 67 -20.59 -9.19 -32.05
CA HIS K 67 -21.99 -9.54 -31.90
C HIS K 67 -22.33 -10.71 -32.81
N PRO K 68 -23.07 -11.71 -32.31
CA PRO K 68 -23.34 -12.90 -33.14
C PRO K 68 -23.96 -12.59 -34.48
N ALA K 69 -24.95 -11.68 -34.52
CA ALA K 69 -25.55 -11.33 -35.81
C ALA K 69 -24.54 -10.66 -36.72
N ALA K 70 -23.72 -9.77 -36.17
CA ALA K 70 -22.69 -9.12 -36.97
C ALA K 70 -21.67 -10.13 -37.48
N ARG K 71 -21.33 -11.12 -36.65
CA ARG K 71 -20.41 -12.15 -37.09
C ARG K 71 -21.00 -12.99 -38.21
N MET K 72 -22.31 -13.29 -38.15
CA MET K 72 -22.94 -13.99 -39.26
C MET K 72 -22.94 -13.15 -40.52
N LEU K 73 -23.13 -11.84 -40.39
CA LEU K 73 -23.03 -10.97 -41.57
C LEU K 73 -21.62 -10.97 -42.14
N VAL K 74 -20.61 -10.99 -41.28
CA VAL K 74 -19.22 -11.07 -41.76
C VAL K 74 -19.00 -12.36 -42.54
N GLU K 75 -19.48 -13.47 -41.99
CA GLU K 75 -19.37 -14.75 -42.69
C GLU K 75 -20.12 -14.71 -44.02
N LEU K 76 -21.27 -14.04 -44.05
CA LEU K 76 -22.04 -13.91 -45.28
C LEU K 76 -21.25 -13.14 -46.34
N SER K 77 -20.61 -12.04 -45.95
CA SER K 77 -19.80 -11.29 -46.90
C SER K 77 -18.63 -12.12 -47.39
N LYS K 78 -18.02 -12.91 -46.51
CA LYS K 78 -16.94 -13.80 -46.93
C LYS K 78 -17.44 -14.83 -47.93
N ALA K 79 -18.62 -15.39 -47.69
CA ALA K 79 -19.18 -16.37 -48.62
C ALA K 79 -19.48 -15.74 -49.97
N GLN K 80 -20.02 -14.52 -49.98
CA GLN K 80 -20.27 -13.82 -51.24
C GLN K 80 -18.97 -13.55 -51.98
N ASP K 81 -17.91 -13.20 -51.24
CA ASP K 81 -16.60 -13.05 -51.85
C ASP K 81 -16.13 -14.36 -52.47
N ILE K 82 -16.34 -15.47 -51.77
CA ILE K 82 -15.88 -16.77 -52.25
C ILE K 82 -16.61 -17.15 -53.53
N GLU K 83 -17.93 -16.96 -53.55
CA GLU K 83 -18.74 -17.44 -54.66
C GLU K 83 -18.80 -16.44 -55.82
N ALA K 84 -19.28 -15.23 -55.55
CA ALA K 84 -19.50 -14.24 -56.59
C ALA K 84 -18.33 -13.27 -56.76
N GLY K 85 -17.25 -13.44 -56.01
CA GLY K 85 -16.09 -12.60 -56.21
C GLY K 85 -16.21 -11.20 -55.66
N ASP K 86 -17.15 -10.42 -56.19
CA ASP K 86 -17.38 -9.07 -55.67
C ASP K 86 -18.84 -8.87 -55.30
N GLY K 87 -19.22 -7.63 -54.99
CA GLY K 87 -20.54 -7.39 -54.44
C GLY K 87 -20.67 -7.74 -52.99
N THR K 88 -19.57 -7.71 -52.24
CA THR K 88 -19.60 -8.10 -50.83
C THR K 88 -20.18 -7.02 -49.93
N THR K 89 -20.32 -5.80 -50.43
CA THR K 89 -20.96 -4.73 -49.67
C THR K 89 -22.47 -4.70 -49.90
N SER K 90 -22.89 -4.95 -51.14
CA SER K 90 -24.32 -4.94 -51.46
C SER K 90 -25.05 -6.03 -50.69
N VAL K 91 -24.43 -7.20 -50.55
CA VAL K 91 -25.09 -8.31 -49.87
C VAL K 91 -25.32 -7.97 -48.40
N VAL K 92 -24.32 -7.36 -47.75
CA VAL K 92 -24.47 -6.99 -46.35
C VAL K 92 -25.52 -5.90 -46.19
N ILE K 93 -25.52 -4.92 -47.09
CA ILE K 93 -26.53 -3.86 -47.03
C ILE K 93 -27.92 -4.45 -47.20
N ILE K 94 -28.07 -5.39 -48.14
CA ILE K 94 -29.38 -6.02 -48.37
C ILE K 94 -29.83 -6.79 -47.14
N ALA K 95 -28.92 -7.56 -46.53
CA ALA K 95 -29.30 -8.33 -45.34
C ALA K 95 -29.71 -7.41 -44.20
N GLY K 96 -28.96 -6.34 -43.97
CA GLY K 96 -29.33 -5.39 -42.94
C GLY K 96 -30.68 -4.75 -43.20
N SER K 97 -30.95 -4.39 -44.45
CA SER K 97 -32.24 -3.80 -44.79
C SER K 97 -33.37 -4.79 -44.58
N LEU K 98 -33.16 -6.05 -44.95
CA LEU K 98 -34.18 -7.07 -44.76
C LEU K 98 -34.51 -7.25 -43.29
N LEU K 99 -33.49 -7.30 -42.44
CA LEU K 99 -33.77 -7.44 -41.01
C LEU K 99 -34.43 -6.18 -40.44
N ASP K 100 -34.04 -5.00 -40.94
CA ASP K 100 -34.70 -3.77 -40.50
C ASP K 100 -36.19 -3.81 -40.82
N SER K 101 -36.54 -4.30 -42.01
CA SER K 101 -37.96 -4.49 -42.33
C SER K 101 -38.59 -5.54 -41.43
N CYS K 102 -37.84 -6.59 -41.11
CA CYS K 102 -38.35 -7.62 -40.20
C CYS K 102 -38.76 -7.05 -38.85
N THR K 103 -38.06 -6.00 -38.39
CA THR K 103 -38.46 -5.39 -37.12
C THR K 103 -39.90 -4.90 -37.17
N LYS K 104 -40.23 -4.09 -38.18
CA LYS K 104 -41.59 -3.57 -38.30
C LYS K 104 -42.58 -4.70 -38.53
N LEU K 105 -42.18 -5.71 -39.31
CA LEU K 105 -43.08 -6.84 -39.53
C LEU K 105 -43.40 -7.56 -38.24
N LEU K 106 -42.39 -7.78 -37.39
CA LEU K 106 -42.60 -8.47 -36.12
C LEU K 106 -43.44 -7.63 -35.17
N GLN K 107 -43.23 -6.31 -35.16
CA GLN K 107 -44.03 -5.46 -34.27
C GLN K 107 -45.51 -5.50 -34.64
N LYS K 108 -45.82 -5.75 -35.91
CA LYS K 108 -47.21 -5.86 -36.34
C LYS K 108 -47.89 -7.14 -35.87
N GLY K 109 -47.12 -8.12 -35.42
CA GLY K 109 -47.67 -9.36 -34.93
C GLY K 109 -47.58 -10.54 -35.87
N ILE K 110 -46.54 -10.63 -36.69
CA ILE K 110 -46.35 -11.73 -37.60
C ILE K 110 -45.28 -12.66 -37.02
N HIS K 111 -45.60 -13.94 -36.92
CA HIS K 111 -44.65 -14.90 -36.38
C HIS K 111 -43.42 -14.96 -37.29
N PRO K 112 -42.22 -15.08 -36.72
CA PRO K 112 -41.02 -15.11 -37.57
C PRO K 112 -40.83 -16.45 -38.25
N THR K 113 -41.90 -16.99 -38.79
CA THR K 113 -41.91 -18.16 -39.65
C THR K 113 -42.67 -17.90 -40.95
N ILE K 114 -43.75 -17.13 -40.88
CA ILE K 114 -44.40 -16.65 -42.10
C ILE K 114 -43.48 -15.68 -42.82
N ILE K 115 -42.71 -14.89 -42.07
CA ILE K 115 -41.78 -13.96 -42.68
C ILE K 115 -40.73 -14.70 -43.49
N SER K 116 -40.21 -15.80 -42.96
CA SER K 116 -39.17 -16.55 -43.66
C SER K 116 -39.70 -17.14 -44.96
N GLU K 117 -40.90 -17.74 -44.93
CA GLU K 117 -41.46 -18.33 -46.14
C GLU K 117 -41.79 -17.25 -47.17
N SER K 118 -42.33 -16.12 -46.72
CA SER K 118 -42.62 -15.03 -47.65
C SER K 118 -41.35 -14.48 -48.26
N PHE K 119 -40.28 -14.40 -47.46
CA PHE K 119 -38.99 -13.96 -47.99
C PHE K 119 -38.46 -14.95 -49.02
N GLN K 120 -38.66 -16.25 -48.78
CA GLN K 120 -38.25 -17.24 -49.77
C GLN K 120 -39.01 -17.07 -51.09
N LYS K 121 -40.32 -16.85 -51.00
CA LYS K 121 -41.11 -16.63 -52.21
C LYS K 121 -40.65 -15.37 -52.93
N ALA K 122 -40.39 -14.30 -52.18
CA ALA K 122 -39.91 -13.07 -52.78
C ALA K 122 -38.54 -13.27 -53.43
N LEU K 123 -37.68 -14.06 -52.80
CA LEU K 123 -36.37 -14.33 -53.38
C LEU K 123 -36.49 -15.09 -54.69
N GLU K 124 -37.38 -16.08 -54.73
CA GLU K 124 -37.59 -16.82 -55.98
C GLU K 124 -38.10 -15.90 -57.07
N LYS K 125 -39.08 -15.06 -56.74
CA LYS K 125 -39.61 -14.13 -57.73
C LYS K 125 -38.53 -13.16 -58.20
N GLY K 126 -37.70 -12.66 -57.27
CA GLY K 126 -36.65 -11.74 -57.65
C GLY K 126 -35.59 -12.38 -58.53
N ILE K 127 -35.27 -13.64 -58.26
CA ILE K 127 -34.34 -14.36 -59.13
C ILE K 127 -34.92 -14.48 -60.52
N GLU K 128 -36.22 -14.80 -60.62
CA GLU K 128 -36.87 -14.85 -61.92
C GLU K 128 -36.80 -13.50 -62.63
N ILE K 129 -37.05 -12.41 -61.89
CA ILE K 129 -37.03 -11.08 -62.49
C ILE K 129 -35.63 -10.75 -63.00
N LEU K 130 -34.61 -11.00 -62.18
CA LEU K 130 -33.25 -10.70 -62.57
C LEU K 130 -32.83 -11.52 -63.79
N THR K 131 -33.23 -12.79 -63.84
CA THR K 131 -32.93 -13.61 -65.01
C THR K 131 -33.61 -13.05 -66.25
N ASP K 132 -34.86 -12.61 -66.12
CA ASP K 132 -35.56 -12.01 -67.26
C ASP K 132 -34.91 -10.71 -67.70
N MET K 133 -34.29 -9.99 -66.76
CA MET K 133 -33.68 -8.69 -67.06
C MET K 133 -32.30 -8.82 -67.69
N SER K 134 -31.69 -10.00 -67.64
CA SER K 134 -30.31 -10.17 -68.08
C SER K 134 -30.22 -10.17 -69.61
N ARG K 135 -28.97 -10.20 -70.09
CA ARG K 135 -28.68 -10.22 -71.52
C ARG K 135 -27.54 -11.21 -71.73
N PRO K 136 -27.68 -12.14 -72.68
CA PRO K 136 -26.61 -13.13 -72.90
C PRO K 136 -25.33 -12.46 -73.41
N VAL K 137 -24.20 -13.03 -73.00
CA VAL K 137 -22.89 -12.50 -73.36
C VAL K 137 -22.00 -13.65 -73.81
N GLU K 138 -21.03 -13.33 -74.66
CA GLU K 138 -20.03 -14.29 -75.12
C GLU K 138 -18.65 -13.77 -74.76
N LEU K 139 -17.74 -14.71 -74.47
CA LEU K 139 -16.39 -14.33 -74.09
C LEU K 139 -15.61 -13.70 -75.23
N SER K 140 -16.03 -13.92 -76.48
CA SER K 140 -15.35 -13.31 -77.61
C SER K 140 -15.63 -11.81 -77.72
N ASP K 141 -16.61 -11.29 -77.01
CA ASP K 141 -16.94 -9.87 -77.03
C ASP K 141 -16.07 -9.17 -76.00
N ARG K 142 -14.95 -8.59 -76.47
CA ARG K 142 -14.01 -7.97 -75.54
C ARG K 142 -14.58 -6.71 -74.89
N GLU K 143 -15.46 -6.00 -75.60
CA GLU K 143 -15.97 -4.73 -75.07
C GLU K 143 -16.79 -4.95 -73.81
N THR K 144 -17.63 -5.98 -73.78
CA THR K 144 -18.43 -6.25 -72.58
C THR K 144 -17.53 -6.62 -71.40
N LEU K 145 -16.49 -7.43 -71.64
CA LEU K 145 -15.57 -7.77 -70.58
C LEU K 145 -14.84 -6.55 -70.05
N LEU K 146 -14.39 -5.67 -70.95
CA LEU K 146 -13.72 -4.45 -70.52
C LEU K 146 -14.65 -3.55 -69.73
N ASN K 147 -15.91 -3.44 -70.17
CA ASN K 147 -16.88 -2.64 -69.43
C ASN K 147 -17.14 -3.21 -68.05
N SER K 148 -17.24 -4.54 -67.95
CA SER K 148 -17.45 -5.17 -66.64
C SER K 148 -16.27 -4.90 -65.72
N ALA K 149 -15.05 -5.06 -66.22
CA ALA K 149 -13.88 -4.81 -65.38
C ALA K 149 -13.79 -3.35 -64.96
N THR K 150 -14.09 -2.43 -65.89
CA THR K 150 -14.04 -1.01 -65.55
C THR K 150 -15.11 -0.65 -64.52
N THR K 151 -16.31 -1.23 -64.66
CA THR K 151 -17.36 -1.00 -63.67
C THR K 151 -16.93 -1.53 -62.30
N SER K 152 -16.29 -2.70 -62.28
CA SER K 152 -15.80 -3.25 -61.02
C SER K 152 -14.77 -2.33 -60.38
N LEU K 153 -13.86 -1.77 -61.20
CA LEU K 153 -12.81 -0.91 -60.68
C LEU K 153 -13.28 0.51 -60.38
N ASN K 154 -14.46 0.90 -60.86
CA ASN K 154 -14.91 2.28 -60.70
C ASN K 154 -14.98 2.73 -59.25
N SER K 155 -15.30 1.82 -58.34
CA SER K 155 -15.52 2.19 -56.95
C SER K 155 -14.27 2.13 -56.09
N LYS K 156 -13.12 1.80 -56.67
CA LYS K 156 -11.88 1.64 -55.92
C LYS K 156 -10.97 2.85 -56.14
N VAL K 157 -9.85 2.85 -55.42
CA VAL K 157 -8.89 3.94 -55.53
C VAL K 157 -8.23 3.94 -56.91
N VAL K 158 -8.30 2.84 -57.63
CA VAL K 158 -7.67 2.70 -58.93
C VAL K 158 -8.66 3.02 -60.06
N SER K 159 -9.72 3.77 -59.77
CA SER K 159 -10.60 4.19 -60.84
C SER K 159 -9.89 5.08 -61.84
N GLN K 160 -8.84 5.79 -61.39
CA GLN K 160 -8.06 6.63 -62.30
C GLN K 160 -7.14 5.79 -63.19
N TYR K 161 -6.61 4.69 -62.66
CA TYR K 161 -5.75 3.79 -63.41
C TYR K 161 -6.54 2.67 -64.08
N SER K 162 -7.87 2.71 -64.00
CA SER K 162 -8.70 1.70 -64.63
C SER K 162 -8.37 1.54 -66.11
N SER K 163 -8.06 2.64 -66.81
CA SER K 163 -7.78 2.58 -68.23
C SER K 163 -6.62 1.62 -68.53
N LEU K 164 -5.72 1.44 -67.58
CA LEU K 164 -4.63 0.48 -67.71
C LEU K 164 -4.95 -0.86 -67.07
N LEU K 165 -5.60 -0.85 -65.91
CA LEU K 165 -5.79 -2.09 -65.15
C LEU K 165 -6.86 -2.98 -65.76
N SER K 166 -7.96 -2.42 -66.25
CA SER K 166 -9.05 -3.24 -66.78
C SER K 166 -8.63 -4.10 -67.96
N PRO K 167 -7.98 -3.57 -69.01
CA PRO K 167 -7.47 -4.47 -70.05
C PRO K 167 -6.46 -5.47 -69.52
N MET K 168 -5.68 -5.09 -68.52
CA MET K 168 -4.72 -6.02 -67.93
C MET K 168 -5.45 -7.20 -67.29
N SER K 169 -6.52 -6.93 -66.54
CA SER K 169 -7.28 -8.01 -65.91
C SER K 169 -7.96 -8.87 -66.96
N VAL K 170 -8.53 -8.26 -68.00
CA VAL K 170 -9.19 -9.04 -69.03
C VAL K 170 -8.19 -9.95 -69.73
N ASN K 171 -7.01 -9.42 -70.08
CA ASN K 171 -5.99 -10.24 -70.71
C ASN K 171 -5.52 -11.35 -69.78
N ALA K 172 -5.38 -11.04 -68.50
CA ALA K 172 -4.94 -12.07 -67.54
C ALA K 172 -5.94 -13.22 -67.49
N VAL K 173 -7.23 -12.91 -67.48
CA VAL K 173 -8.22 -13.98 -67.43
C VAL K 173 -8.26 -14.75 -68.75
N MET K 174 -8.15 -14.04 -69.87
CA MET K 174 -8.24 -14.73 -71.16
C MET K 174 -7.02 -15.61 -71.43
N LYS K 175 -5.84 -15.21 -70.95
CA LYS K 175 -4.64 -15.98 -71.23
C LYS K 175 -4.47 -17.18 -70.32
N VAL K 176 -5.33 -17.35 -69.32
CA VAL K 176 -5.20 -18.45 -68.37
C VAL K 176 -6.25 -19.54 -68.58
N ILE K 177 -7.31 -19.28 -69.34
CA ILE K 177 -8.35 -20.26 -69.57
C ILE K 177 -8.55 -20.44 -71.07
N ASP K 178 -9.19 -21.55 -71.43
CA ASP K 178 -9.60 -21.79 -72.80
C ASP K 178 -10.88 -21.02 -73.09
N PRO K 179 -10.91 -20.17 -74.13
CA PRO K 179 -12.12 -19.39 -74.40
C PRO K 179 -13.36 -20.26 -74.60
N ALA K 180 -13.22 -21.45 -75.16
CA ALA K 180 -14.31 -22.39 -75.30
C ALA K 180 -14.14 -23.54 -74.31
N THR K 181 -15.27 -24.16 -73.97
CA THR K 181 -15.30 -25.31 -73.05
C THR K 181 -14.64 -24.98 -71.71
N ALA K 182 -14.95 -23.81 -71.18
CA ALA K 182 -14.48 -23.39 -69.86
C ALA K 182 -15.68 -23.10 -68.98
N THR K 183 -15.69 -23.68 -67.79
CA THR K 183 -16.77 -23.48 -66.83
C THR K 183 -16.33 -22.76 -65.56
N SER K 184 -15.03 -22.58 -65.35
CA SER K 184 -14.55 -21.86 -64.18
C SER K 184 -13.13 -21.38 -64.45
N VAL K 185 -12.67 -20.46 -63.61
CA VAL K 185 -11.33 -19.90 -63.69
C VAL K 185 -10.65 -20.12 -62.35
N ASP K 186 -9.46 -20.72 -62.37
CA ASP K 186 -8.66 -20.92 -61.17
C ASP K 186 -7.74 -19.71 -61.03
N LEU K 187 -8.09 -18.80 -60.13
CA LEU K 187 -7.31 -17.59 -59.94
C LEU K 187 -5.94 -17.85 -59.33
N ARG K 188 -5.69 -19.05 -58.82
CA ARG K 188 -4.36 -19.36 -58.31
C ARG K 188 -3.33 -19.44 -59.41
N ASP K 189 -3.75 -19.56 -60.66
CA ASP K 189 -2.83 -19.53 -61.80
C ASP K 189 -2.47 -18.10 -62.20
N ILE K 190 -3.11 -17.10 -61.62
CA ILE K 190 -2.74 -15.71 -61.85
C ILE K 190 -2.06 -15.19 -60.60
N LYS K 191 -0.73 -15.26 -60.58
CA LYS K 191 0.02 -14.85 -59.40
C LYS K 191 0.18 -13.33 -59.37
N ILE K 192 -0.12 -12.73 -58.23
CA ILE K 192 0.01 -11.29 -58.02
C ILE K 192 1.25 -11.06 -57.17
N VAL K 193 2.18 -10.26 -57.69
CA VAL K 193 3.42 -9.94 -56.99
C VAL K 193 3.44 -8.44 -56.71
N LYS K 194 3.65 -8.08 -55.45
CA LYS K 194 3.63 -6.71 -55.02
C LYS K 194 5.06 -6.25 -54.75
N LYS K 195 5.47 -5.18 -55.43
CA LYS K 195 6.81 -4.62 -55.26
C LYS K 195 6.67 -3.13 -54.93
N LEU K 196 7.18 -2.73 -53.78
CA LEU K 196 7.09 -1.33 -53.37
C LEU K 196 7.93 -0.45 -54.28
N GLY K 197 7.45 0.77 -54.48
CA GLY K 197 8.15 1.72 -55.32
C GLY K 197 7.39 2.00 -56.61
N GLY K 198 7.78 3.09 -57.26
CA GLY K 198 7.10 3.49 -58.47
C GLY K 198 5.69 3.96 -58.18
N THR K 199 4.87 3.95 -59.23
CA THR K 199 3.47 4.31 -59.14
C THR K 199 2.62 3.17 -59.68
N ILE K 200 1.30 3.31 -59.49
CA ILE K 200 0.37 2.29 -59.98
C ILE K 200 0.42 2.18 -61.50
N ASP K 201 0.87 3.23 -62.19
CA ASP K 201 0.99 3.20 -63.63
C ASP K 201 2.07 2.24 -64.11
N ASP K 202 2.91 1.74 -63.21
CA ASP K 202 4.01 0.85 -63.58
C ASP K 202 3.65 -0.63 -63.50
N CYS K 203 2.37 -0.95 -63.30
CA CYS K 203 1.96 -2.34 -63.21
C CYS K 203 2.24 -3.08 -64.52
N GLU K 204 2.61 -4.35 -64.40
CA GLU K 204 3.02 -5.15 -65.54
C GLU K 204 2.20 -6.43 -65.61
N LEU K 205 2.24 -7.06 -66.79
CA LEU K 205 1.52 -8.29 -67.09
C LEU K 205 2.47 -9.33 -67.63
N VAL K 206 3.57 -9.56 -66.90
CA VAL K 206 4.64 -10.46 -67.31
C VAL K 206 4.08 -11.80 -67.77
N GLU K 207 4.41 -12.18 -69.01
CA GLU K 207 3.89 -13.43 -69.57
C GLU K 207 4.45 -14.65 -68.84
N GLY K 208 5.74 -14.61 -68.48
CA GLY K 208 6.35 -15.72 -67.81
C GLY K 208 6.14 -15.66 -66.31
N LEU K 209 7.21 -15.73 -65.53
CA LEU K 209 7.10 -15.64 -64.09
C LEU K 209 8.18 -14.71 -63.56
N VAL K 210 7.91 -14.12 -62.40
CA VAL K 210 8.87 -13.31 -61.68
C VAL K 210 9.16 -13.98 -60.35
N LEU K 211 10.43 -14.09 -60.01
CA LEU K 211 10.87 -14.73 -58.77
C LEU K 211 11.53 -13.68 -57.88
N THR K 212 11.07 -13.58 -56.64
CA THR K 212 11.67 -12.64 -55.71
C THR K 212 13.06 -13.07 -55.27
N GLN K 213 13.41 -14.35 -55.46
CA GLN K 213 14.71 -14.83 -55.06
C GLN K 213 15.81 -14.15 -55.87
N LYS K 214 16.91 -13.83 -55.21
CA LYS K 214 18.04 -13.19 -55.88
C LYS K 214 18.95 -14.25 -56.50
N VAL K 215 19.68 -13.84 -57.53
CA VAL K 215 20.61 -14.74 -58.20
C VAL K 215 21.83 -14.93 -57.31
N SER K 216 22.03 -16.16 -56.83
CA SER K 216 23.20 -16.44 -56.00
C SER K 216 24.48 -16.28 -56.79
N ASN K 217 24.48 -16.69 -58.07
CA ASN K 217 25.65 -16.58 -58.93
C ASN K 217 25.78 -15.13 -59.37
N SER K 218 26.27 -14.31 -58.44
CA SER K 218 26.48 -12.89 -58.72
C SER K 218 27.61 -12.73 -59.72
N GLY K 219 27.33 -12.03 -60.82
CA GLY K 219 28.30 -11.87 -61.88
C GLY K 219 27.74 -12.27 -63.23
N ILE K 220 26.71 -13.11 -63.22
CA ILE K 220 26.03 -13.56 -64.43
C ILE K 220 24.57 -13.12 -64.34
N THR K 221 24.09 -12.43 -65.37
CA THR K 221 22.71 -11.99 -65.43
C THR K 221 22.32 -11.90 -66.90
N ARG K 222 21.01 -11.96 -67.16
CA ARG K 222 20.46 -11.85 -68.51
C ARG K 222 21.00 -12.97 -69.40
N VAL K 223 20.61 -14.19 -69.05
CA VAL K 223 20.90 -15.35 -69.88
C VAL K 223 19.92 -15.37 -71.04
N GLU K 224 20.44 -15.37 -72.26
CA GLU K 224 19.60 -15.42 -73.46
C GLU K 224 19.49 -16.85 -73.97
N LYS K 225 18.34 -17.15 -74.54
CA LYS K 225 18.02 -18.51 -74.99
C LYS K 225 18.21 -19.51 -73.86
N ALA K 226 17.70 -19.13 -72.69
CA ALA K 226 17.93 -19.90 -71.48
C ALA K 226 17.28 -21.28 -71.57
N LYS K 227 18.01 -22.29 -71.13
CA LYS K 227 17.49 -23.65 -70.97
C LYS K 227 17.35 -23.88 -69.47
N ILE K 228 16.19 -23.50 -68.93
CA ILE K 228 15.99 -23.51 -67.50
C ILE K 228 15.89 -24.94 -66.99
N GLY K 229 16.54 -25.21 -65.87
CA GLY K 229 16.44 -26.50 -65.22
C GLY K 229 16.08 -26.36 -63.76
N LEU K 230 15.16 -27.19 -63.27
CA LEU K 230 14.72 -27.16 -61.89
C LEU K 230 15.07 -28.49 -61.24
N ILE K 231 15.84 -28.45 -60.16
CA ILE K 231 16.27 -29.65 -59.48
C ILE K 231 15.71 -29.64 -58.06
N GLN K 232 15.56 -30.83 -57.49
CA GLN K 232 15.06 -30.99 -56.14
C GLN K 232 16.04 -31.70 -55.23
N PHE K 233 17.24 -32.03 -55.71
CA PHE K 233 18.29 -32.58 -54.87
C PHE K 233 19.27 -31.49 -54.49
N CYS K 234 20.28 -31.85 -53.72
CA CYS K 234 21.21 -30.90 -53.14
C CYS K 234 22.59 -31.06 -53.75
N LEU K 235 23.29 -29.94 -53.96
CA LEU K 235 24.65 -29.93 -54.47
C LEU K 235 25.60 -29.68 -53.31
N SER K 236 25.94 -30.75 -52.60
CA SER K 236 26.85 -30.66 -51.47
C SER K 236 27.54 -32.02 -51.31
N ALA K 237 28.25 -32.18 -50.20
CA ALA K 237 28.96 -33.43 -49.96
C ALA K 237 27.96 -34.58 -49.83
N PRO K 238 28.36 -35.80 -50.19
CA PRO K 238 27.45 -36.93 -50.09
C PRO K 238 26.97 -37.14 -48.66
N LYS K 239 25.70 -37.49 -48.54
CA LYS K 239 25.07 -37.63 -47.23
C LYS K 239 23.87 -38.54 -47.38
N THR K 240 23.95 -39.74 -46.81
CA THR K 240 22.87 -40.70 -46.92
C THR K 240 21.71 -40.33 -46.01
N ASP K 241 20.54 -40.93 -46.29
CA ASP K 241 19.37 -40.69 -45.46
C ASP K 241 19.56 -41.21 -44.05
N MET K 242 20.19 -42.38 -43.91
CA MET K 242 20.50 -42.92 -42.61
C MET K 242 21.77 -42.27 -42.05
N ASP K 243 22.02 -42.51 -40.76
CA ASP K 243 23.18 -41.93 -40.10
C ASP K 243 24.46 -42.39 -40.78
N ASN K 244 25.37 -41.44 -41.02
CA ASN K 244 26.61 -41.74 -41.73
C ASN K 244 27.75 -40.96 -41.10
N GLN K 245 28.90 -41.61 -40.96
CA GLN K 245 30.12 -40.96 -40.52
C GLN K 245 31.27 -41.49 -41.35
N ILE K 246 32.32 -40.67 -41.50
CA ILE K 246 33.53 -41.06 -42.18
C ILE K 246 34.65 -41.07 -41.16
N VAL K 247 35.32 -42.22 -41.01
CA VAL K 247 36.36 -42.39 -40.02
C VAL K 247 37.72 -42.27 -40.71
N VAL K 248 38.58 -41.44 -40.16
CA VAL K 248 39.92 -41.22 -40.70
C VAL K 248 40.92 -41.81 -39.71
N SER K 249 41.72 -42.76 -40.18
CA SER K 249 42.74 -43.41 -39.36
C SER K 249 44.14 -43.21 -39.94
N ASP K 250 44.30 -42.26 -40.85
CA ASP K 250 45.55 -42.05 -41.56
C ASP K 250 45.47 -40.73 -42.30
N TYR K 251 46.61 -40.05 -42.42
CA TYR K 251 46.63 -38.76 -43.10
C TYR K 251 46.26 -38.89 -44.57
N ALA K 252 46.60 -40.02 -45.19
CA ALA K 252 46.25 -40.23 -46.59
C ALA K 252 44.75 -40.19 -46.77
N GLN K 253 44.00 -40.83 -45.88
CA GLN K 253 42.55 -40.74 -45.92
C GLN K 253 42.09 -39.31 -45.69
N MET K 254 42.82 -38.54 -44.87
CA MET K 254 42.40 -37.19 -44.55
C MET K 254 42.61 -36.25 -45.74
N ASP K 255 43.50 -36.60 -46.66
CA ASP K 255 43.56 -35.85 -47.92
C ASP K 255 42.56 -36.39 -48.93
N ARG K 256 42.40 -37.71 -48.97
CA ARG K 256 41.54 -38.33 -49.97
C ARG K 256 40.07 -37.97 -49.77
N VAL K 257 39.66 -37.72 -48.52
CA VAL K 257 38.27 -37.34 -48.29
C VAL K 257 37.95 -36.01 -48.97
N LEU K 258 38.83 -35.02 -48.82
CA LEU K 258 38.64 -33.73 -49.50
C LEU K 258 38.72 -33.91 -51.01
N ARG K 259 39.69 -34.69 -51.48
CA ARG K 259 39.84 -34.89 -52.92
C ARG K 259 38.58 -35.50 -53.52
N GLU K 260 38.03 -36.52 -52.86
CA GLU K 260 36.87 -37.21 -53.40
C GLU K 260 35.60 -36.39 -53.28
N GLU K 261 35.46 -35.59 -52.22
CA GLU K 261 34.32 -34.69 -52.14
C GLU K 261 34.36 -33.67 -53.27
N ARG K 262 35.54 -33.10 -53.54
CA ARG K 262 35.67 -32.17 -54.65
C ARG K 262 35.34 -32.85 -55.97
N ALA K 263 35.84 -34.08 -56.17
CA ALA K 263 35.56 -34.79 -57.41
C ALA K 263 34.08 -35.06 -57.58
N TYR K 264 33.39 -35.44 -56.49
CA TYR K 264 31.96 -35.72 -56.57
C TYR K 264 31.18 -34.47 -56.93
N ILE K 265 31.50 -33.34 -56.30
CA ILE K 265 30.80 -32.10 -56.62
C ILE K 265 31.05 -31.70 -58.07
N LEU K 266 32.30 -31.82 -58.52
CA LEU K 266 32.63 -31.47 -59.90
C LEU K 266 31.89 -32.37 -60.87
N ASN K 267 31.77 -33.66 -60.56
CA ASN K 267 31.04 -34.57 -61.42
C ASN K 267 29.57 -34.19 -61.50
N LEU K 268 28.96 -33.84 -60.37
CA LEU K 268 27.57 -33.39 -60.41
C LEU K 268 27.41 -32.17 -61.30
N VAL K 269 28.29 -31.19 -61.13
CA VAL K 269 28.16 -29.95 -61.91
C VAL K 269 28.37 -30.23 -63.39
N LYS K 270 29.35 -31.08 -63.72
CA LYS K 270 29.60 -31.41 -65.13
C LYS K 270 28.41 -32.16 -65.74
N GLN K 271 27.80 -33.07 -64.98
CA GLN K 271 26.62 -33.76 -65.47
C GLN K 271 25.48 -32.78 -65.73
N ILE K 272 25.31 -31.81 -64.83
CA ILE K 272 24.27 -30.80 -65.04
C ILE K 272 24.57 -29.98 -66.29
N LYS K 273 25.82 -29.57 -66.47
CA LYS K 273 26.18 -28.71 -67.59
C LYS K 273 26.08 -29.43 -68.93
N LYS K 274 26.39 -30.72 -68.96
CA LYS K 274 26.40 -31.45 -70.23
C LYS K 274 25.03 -31.48 -70.88
N THR K 275 23.96 -31.34 -70.10
CA THR K 275 22.61 -31.35 -70.64
C THR K 275 22.28 -30.09 -71.44
N GLY K 276 23.14 -29.08 -71.41
CA GLY K 276 22.85 -27.82 -72.06
C GLY K 276 22.18 -26.79 -71.18
N CYS K 277 21.93 -27.13 -69.91
CA CYS K 277 21.31 -26.18 -68.99
C CYS K 277 22.22 -24.98 -68.75
N ASN K 278 21.61 -23.81 -68.63
CA ASN K 278 22.35 -22.59 -68.30
C ASN K 278 21.68 -21.76 -67.21
N VAL K 279 20.46 -22.10 -66.79
CA VAL K 279 19.81 -21.49 -65.64
C VAL K 279 19.31 -22.61 -64.75
N LEU K 280 19.73 -22.60 -63.48
CA LEU K 280 19.39 -23.66 -62.55
C LEU K 280 18.58 -23.09 -61.39
N LEU K 281 17.43 -23.70 -61.13
CA LEU K 281 16.61 -23.40 -59.96
C LEU K 281 16.72 -24.53 -58.96
N ILE K 282 17.04 -24.21 -57.72
CA ILE K 282 17.29 -25.19 -56.68
C ILE K 282 16.22 -25.05 -55.60
N GLN K 283 15.54 -26.14 -55.30
CA GLN K 283 14.50 -26.14 -54.29
C GLN K 283 15.10 -25.93 -52.90
N LYS K 284 14.35 -25.23 -52.06
CA LYS K 284 14.83 -24.94 -50.71
C LYS K 284 14.97 -26.23 -49.91
N SER K 285 16.10 -26.36 -49.23
CA SER K 285 16.39 -27.53 -48.39
C SER K 285 16.78 -27.06 -47.01
N ILE K 286 16.17 -27.65 -45.99
CA ILE K 286 16.42 -27.28 -44.60
C ILE K 286 17.15 -28.37 -43.83
N LEU K 287 17.44 -29.51 -44.46
CA LEU K 287 18.19 -30.57 -43.81
C LEU K 287 19.69 -30.46 -44.12
N ARG K 288 20.04 -30.51 -45.40
CA ARG K 288 21.42 -30.39 -45.83
C ARG K 288 21.58 -29.14 -46.69
N ASP K 289 22.83 -28.73 -46.86
CA ASP K 289 23.13 -27.55 -47.68
C ASP K 289 22.74 -27.83 -49.12
N ALA K 290 21.83 -27.01 -49.66
CA ALA K 290 21.36 -27.23 -51.02
C ALA K 290 22.38 -26.80 -52.06
N LEU K 291 23.20 -25.80 -51.75
CA LEU K 291 24.18 -25.27 -52.69
C LEU K 291 25.43 -24.88 -51.92
N SER K 292 26.43 -25.76 -51.94
CA SER K 292 27.69 -25.45 -51.28
C SER K 292 28.49 -24.43 -52.10
N ASP K 293 29.37 -23.71 -51.40
CA ASP K 293 30.17 -22.69 -52.07
C ASP K 293 31.07 -23.30 -53.14
N LEU K 294 31.55 -24.53 -52.92
CA LEU K 294 32.29 -25.23 -53.96
C LEU K 294 31.43 -25.47 -55.18
N ALA K 295 30.19 -25.92 -54.97
CA ALA K 295 29.29 -26.15 -56.10
C ALA K 295 28.95 -24.85 -56.81
N LEU K 296 28.72 -23.77 -56.04
CA LEU K 296 28.44 -22.48 -56.66
C LEU K 296 29.61 -21.99 -57.49
N HIS K 297 30.83 -22.16 -56.97
CA HIS K 297 32.02 -21.76 -57.73
C HIS K 297 32.16 -22.58 -59.01
N PHE K 298 31.91 -23.89 -58.91
CA PHE K 298 31.99 -24.73 -60.11
C PHE K 298 30.95 -24.32 -61.14
N LEU K 299 29.72 -24.04 -60.70
CA LEU K 299 28.67 -23.63 -61.63
C LEU K 299 29.00 -22.30 -62.28
N ASN K 300 29.54 -21.36 -61.49
CA ASN K 300 29.94 -20.07 -62.04
C ASN K 300 31.05 -20.24 -63.06
N LYS K 301 31.99 -21.16 -62.82
CA LYS K 301 33.08 -21.37 -63.75
C LYS K 301 32.58 -21.86 -65.10
N MET K 302 31.48 -22.62 -65.12
CA MET K 302 30.91 -23.13 -66.36
C MET K 302 29.82 -22.22 -66.92
N LYS K 303 29.67 -21.01 -66.38
CA LYS K 303 28.73 -20.01 -66.88
C LYS K 303 27.29 -20.52 -66.83
N ILE K 304 26.85 -20.84 -65.61
CA ILE K 304 25.47 -21.24 -65.35
C ILE K 304 24.93 -20.37 -64.23
N MET K 305 23.80 -19.71 -64.47
CA MET K 305 23.20 -18.85 -63.47
C MET K 305 22.41 -19.69 -62.48
N VAL K 306 22.70 -19.51 -61.20
CA VAL K 306 22.15 -20.34 -60.13
C VAL K 306 21.15 -19.52 -59.32
N ILE K 307 20.00 -20.12 -59.03
CA ILE K 307 18.92 -19.47 -58.30
C ILE K 307 18.43 -20.48 -57.26
N LYS K 308 18.81 -20.27 -56.01
CA LYS K 308 18.50 -21.22 -54.95
C LYS K 308 17.33 -20.74 -54.12
N ASP K 309 17.01 -21.52 -53.07
CA ASP K 309 15.94 -21.19 -52.12
C ASP K 309 14.59 -21.03 -52.81
N ILE K 310 14.30 -21.89 -53.77
CA ILE K 310 12.98 -21.94 -54.39
C ILE K 310 12.03 -22.63 -53.44
N GLU K 311 10.89 -22.00 -53.17
CA GLU K 311 9.95 -22.52 -52.20
C GLU K 311 9.37 -23.86 -52.64
N ARG K 312 9.09 -24.72 -51.66
CA ARG K 312 8.59 -26.05 -51.95
C ARG K 312 7.22 -25.99 -52.61
N GLU K 313 6.35 -25.08 -52.15
CA GLU K 313 5.00 -24.99 -52.68
C GLU K 313 4.92 -24.23 -54.00
N ASP K 314 6.00 -23.58 -54.42
CA ASP K 314 6.01 -22.84 -55.68
C ASP K 314 6.44 -23.70 -56.86
N ILE K 315 6.76 -24.97 -56.63
CA ILE K 315 7.27 -25.81 -57.71
C ILE K 315 6.22 -26.01 -58.79
N GLU K 316 4.98 -26.26 -58.39
CA GLU K 316 3.92 -26.54 -59.37
C GLU K 316 3.68 -25.35 -60.29
N PHE K 317 3.64 -24.14 -59.72
CA PHE K 317 3.41 -22.95 -60.55
C PHE K 317 4.56 -22.73 -61.54
N ILE K 318 5.80 -22.89 -61.07
CA ILE K 318 6.96 -22.72 -61.95
C ILE K 318 6.93 -23.76 -63.06
N CYS K 319 6.61 -25.00 -62.72
CA CYS K 319 6.56 -26.05 -63.74
C CYS K 319 5.46 -25.79 -64.76
N LYS K 320 4.30 -25.31 -64.30
CA LYS K 320 3.22 -24.98 -65.23
C LYS K 320 3.60 -23.82 -66.13
N THR K 321 4.32 -22.84 -65.60
CA THR K 321 4.67 -21.66 -66.38
C THR K 321 5.77 -21.97 -67.39
N ILE K 322 6.96 -22.34 -66.91
CA ILE K 322 8.10 -22.54 -67.79
C ILE K 322 7.93 -23.82 -68.61
N GLY K 323 7.56 -24.91 -67.94
CA GLY K 323 7.51 -26.22 -68.57
C GLY K 323 8.59 -27.17 -68.12
N THR K 324 9.41 -26.80 -67.15
CA THR K 324 10.42 -27.70 -66.62
C THR K 324 9.76 -28.79 -65.78
N LYS K 325 10.39 -29.96 -65.75
CA LYS K 325 9.96 -31.05 -64.90
C LYS K 325 10.95 -31.22 -63.76
N PRO K 326 10.48 -31.30 -62.52
CA PRO K 326 11.41 -31.40 -61.39
C PRO K 326 12.27 -32.65 -61.47
N VAL K 327 13.53 -32.52 -61.07
CA VAL K 327 14.47 -33.63 -61.03
C VAL K 327 14.94 -33.78 -59.59
N ALA K 328 14.74 -34.97 -59.02
CA ALA K 328 15.11 -35.24 -57.65
C ALA K 328 16.36 -36.10 -57.54
N HIS K 329 16.96 -36.50 -58.65
CA HIS K 329 18.20 -37.27 -58.63
C HIS K 329 18.96 -36.99 -59.91
N ILE K 330 20.28 -36.87 -59.78
CA ILE K 330 21.12 -36.51 -60.92
C ILE K 330 21.07 -37.57 -62.03
N ASP K 331 20.68 -38.79 -61.69
CA ASP K 331 20.62 -39.85 -62.70
C ASP K 331 19.60 -39.52 -63.79
N GLN K 332 18.47 -38.94 -63.40
CA GLN K 332 17.40 -38.65 -64.34
C GLN K 332 17.46 -37.24 -64.91
N PHE K 333 18.48 -36.46 -64.58
CA PHE K 333 18.58 -35.09 -65.08
C PHE K 333 19.07 -35.13 -66.52
N THR K 334 18.19 -34.81 -67.46
CA THR K 334 18.51 -34.82 -68.87
C THR K 334 17.89 -33.60 -69.53
N ALA K 335 18.32 -33.34 -70.77
CA ALA K 335 17.83 -32.18 -71.51
C ALA K 335 16.34 -32.28 -71.81
N ASP K 336 15.76 -33.47 -71.75
CA ASP K 336 14.33 -33.62 -71.97
C ASP K 336 13.51 -32.99 -70.85
N MET K 337 14.12 -32.71 -69.71
CA MET K 337 13.43 -32.12 -68.57
C MET K 337 13.72 -30.64 -68.42
N LEU K 338 14.30 -30.01 -69.43
CA LEU K 338 14.60 -28.59 -69.40
C LEU K 338 13.49 -27.79 -70.07
N GLY K 339 13.33 -26.55 -69.63
CA GLY K 339 12.34 -25.67 -70.22
C GLY K 339 12.96 -24.48 -70.93
N SER K 340 12.86 -24.46 -72.25
CA SER K 340 13.45 -23.39 -73.03
C SER K 340 12.70 -22.08 -72.80
N ALA K 341 13.45 -20.99 -72.70
CA ALA K 341 12.89 -19.67 -72.55
C ALA K 341 13.64 -18.70 -73.45
N GLU K 342 12.94 -17.64 -73.87
CA GLU K 342 13.56 -16.64 -74.73
C GLU K 342 14.60 -15.83 -73.98
N LEU K 343 14.32 -15.46 -72.73
CA LEU K 343 15.21 -14.61 -71.97
C LEU K 343 14.96 -14.82 -70.48
N ALA K 344 16.03 -14.83 -69.70
CA ALA K 344 15.95 -14.93 -68.25
C ALA K 344 16.92 -13.90 -67.68
N GLU K 345 16.39 -12.78 -67.18
CA GLU K 345 17.20 -11.69 -66.69
C GLU K 345 16.69 -11.23 -65.33
N GLU K 346 17.57 -10.56 -64.60
CA GLU K 346 17.23 -9.96 -63.31
C GLU K 346 17.16 -8.45 -63.49
N VAL K 347 15.96 -7.90 -63.40
CA VAL K 347 15.74 -6.48 -63.62
C VAL K 347 15.91 -5.74 -62.30
N ASN K 348 16.17 -4.44 -62.40
CA ASN K 348 16.32 -3.56 -61.25
C ASN K 348 15.18 -2.56 -61.23
N LEU K 349 14.50 -2.47 -60.09
CA LEU K 349 13.33 -1.59 -59.96
C LEU K 349 13.72 -0.21 -59.44
N ASN K 350 14.67 0.43 -60.13
CA ASN K 350 15.10 1.79 -59.80
C ASN K 350 15.51 1.93 -58.34
N GLY K 351 16.26 0.94 -57.86
CA GLY K 351 16.76 0.96 -56.50
C GLY K 351 15.80 0.49 -55.45
N SER K 352 14.60 0.05 -55.83
CA SER K 352 13.60 -0.46 -54.88
C SER K 352 13.56 -1.98 -54.85
N GLY K 353 14.69 -2.63 -55.11
CA GLY K 353 14.76 -4.08 -55.11
C GLY K 353 15.11 -4.62 -56.50
N LYS K 354 15.17 -5.94 -56.57
CA LYS K 354 15.50 -6.65 -57.81
C LYS K 354 14.47 -7.74 -58.04
N LEU K 355 13.98 -7.84 -59.27
CA LEU K 355 13.06 -8.90 -59.68
C LEU K 355 13.73 -9.75 -60.74
N LEU K 356 13.45 -11.05 -60.70
CA LEU K 356 14.03 -12.00 -61.65
C LEU K 356 12.92 -12.37 -62.63
N LYS K 357 13.01 -11.83 -63.83
CA LYS K 357 11.95 -11.96 -64.83
C LYS K 357 12.38 -12.95 -65.91
N ILE K 358 11.53 -13.92 -66.20
CA ILE K 358 11.75 -14.88 -67.28
C ILE K 358 10.60 -14.72 -68.26
N THR K 359 10.82 -13.93 -69.30
CA THR K 359 9.78 -13.62 -70.28
C THR K 359 10.08 -14.34 -71.59
N GLY K 360 9.07 -14.96 -72.16
CA GLY K 360 9.22 -15.68 -73.41
C GLY K 360 9.53 -17.14 -73.17
N CYS K 361 8.57 -18.01 -73.46
CA CYS K 361 8.74 -19.44 -73.18
C CYS K 361 8.20 -20.24 -74.36
N ALA K 362 9.00 -21.18 -74.84
CA ALA K 362 8.51 -22.12 -75.84
C ALA K 362 7.40 -22.96 -75.24
N SER K 363 6.29 -23.09 -75.98
CA SER K 363 5.07 -23.71 -75.49
C SER K 363 4.66 -23.07 -74.17
N PRO K 364 4.18 -21.82 -74.21
CA PRO K 364 3.84 -21.13 -72.95
C PRO K 364 2.76 -21.87 -72.17
N GLY K 365 2.88 -21.83 -70.85
CA GLY K 365 1.88 -22.43 -70.00
C GLY K 365 0.66 -21.55 -69.82
N LYS K 366 -0.34 -22.10 -69.14
CA LYS K 366 -1.58 -21.38 -68.87
C LYS K 366 -1.51 -20.62 -67.55
N THR K 367 -0.48 -19.77 -67.41
CA THR K 367 -0.32 -18.95 -66.23
C THR K 367 0.18 -17.57 -66.64
N VAL K 368 -0.25 -16.55 -65.89
CA VAL K 368 0.25 -15.19 -66.05
C VAL K 368 0.57 -14.64 -64.68
N THR K 369 1.44 -13.62 -64.67
CA THR K 369 1.86 -12.98 -63.43
C THR K 369 1.69 -11.48 -63.56
N ILE K 370 1.15 -10.86 -62.52
CA ILE K 370 0.92 -9.42 -62.48
C ILE K 370 1.81 -8.81 -61.41
N VAL K 371 2.56 -7.79 -61.78
CA VAL K 371 3.42 -7.07 -60.85
C VAL K 371 2.74 -5.76 -60.50
N VAL K 372 2.50 -5.54 -59.21
CA VAL K 372 1.76 -4.38 -58.72
C VAL K 372 2.75 -3.44 -58.04
N ARG K 373 2.75 -2.18 -58.46
CA ARG K 373 3.62 -1.16 -57.90
C ARG K 373 2.79 -0.07 -57.25
N GLY K 374 3.43 0.69 -56.38
CA GLY K 374 2.76 1.78 -55.70
C GLY K 374 3.73 2.60 -54.89
N SER K 375 3.26 3.77 -54.45
CA SER K 375 4.10 4.65 -53.65
C SER K 375 4.32 4.11 -52.25
N ASN K 376 3.26 3.62 -51.61
CA ASN K 376 3.36 3.07 -50.27
C ASN K 376 2.60 1.75 -50.20
N LYS K 377 2.75 1.05 -49.08
CA LYS K 377 2.22 -0.29 -48.97
C LYS K 377 0.70 -0.32 -49.03
N LEU K 378 0.05 0.66 -48.40
CA LEU K 378 -1.41 0.63 -48.30
C LEU K 378 -2.06 0.69 -49.68
N VAL K 379 -1.59 1.60 -50.53
CA VAL K 379 -2.17 1.70 -51.86
C VAL K 379 -1.85 0.45 -52.67
N ILE K 380 -0.71 -0.19 -52.41
CA ILE K 380 -0.37 -1.42 -53.10
C ILE K 380 -1.34 -2.52 -52.73
N GLU K 381 -1.65 -2.66 -51.44
CA GLU K 381 -2.60 -3.68 -51.02
C GLU K 381 -3.98 -3.40 -51.60
N GLU K 382 -4.41 -2.14 -51.58
CA GLU K 382 -5.73 -1.82 -52.12
C GLU K 382 -5.78 -2.05 -53.62
N ALA K 383 -4.71 -1.74 -54.35
CA ALA K 383 -4.67 -2.01 -55.77
C ALA K 383 -4.72 -3.51 -56.04
N GLU K 384 -4.03 -4.30 -55.23
CA GLU K 384 -4.09 -5.74 -55.38
C GLU K 384 -5.51 -6.25 -55.15
N ARG K 385 -6.19 -5.74 -54.12
CA ARG K 385 -7.57 -6.15 -53.87
C ARG K 385 -8.48 -5.75 -55.02
N SER K 386 -8.29 -4.55 -55.57
CA SER K 386 -9.11 -4.11 -56.69
C SER K 386 -8.88 -4.96 -57.93
N ILE K 387 -7.63 -5.29 -58.22
CA ILE K 387 -7.33 -6.15 -59.37
C ILE K 387 -7.95 -7.53 -59.16
N HIS K 388 -7.88 -8.04 -57.92
CA HIS K 388 -8.52 -9.32 -57.62
C HIS K 388 -10.03 -9.24 -57.83
N ASP K 389 -10.64 -8.12 -57.46
CA ASP K 389 -12.07 -7.94 -57.69
C ASP K 389 -12.39 -7.96 -59.18
N ALA K 390 -11.57 -7.29 -59.98
CA ALA K 390 -11.78 -7.31 -61.43
C ALA K 390 -11.65 -8.72 -62.00
N LEU K 391 -10.63 -9.45 -61.55
CA LEU K 391 -10.46 -10.82 -62.02
C LEU K 391 -11.64 -11.69 -61.61
N CYS K 392 -12.14 -11.51 -60.39
CA CYS K 392 -13.30 -12.26 -59.94
C CYS K 392 -14.54 -11.92 -60.75
N VAL K 393 -14.70 -10.66 -61.13
CA VAL K 393 -15.83 -10.27 -61.97
C VAL K 393 -15.75 -10.96 -63.32
N ILE K 394 -14.56 -10.96 -63.93
CA ILE K 394 -14.42 -11.63 -65.22
C ILE K 394 -14.65 -13.13 -65.09
N ARG K 395 -14.21 -13.71 -63.97
CA ARG K 395 -14.46 -15.13 -63.73
C ARG K 395 -15.95 -15.41 -63.61
N CYS K 396 -16.67 -14.57 -62.86
CA CYS K 396 -18.12 -14.72 -62.74
C CYS K 396 -18.82 -14.45 -64.05
N LEU K 397 -18.14 -13.80 -65.00
CA LEU K 397 -18.68 -13.71 -66.35
C LEU K 397 -18.37 -14.96 -67.16
N VAL K 398 -17.27 -15.65 -66.84
CA VAL K 398 -16.91 -16.85 -67.58
C VAL K 398 -17.96 -17.94 -67.38
N LYS K 399 -18.36 -18.17 -66.14
CA LYS K 399 -19.47 -19.06 -65.83
C LYS K 399 -20.74 -18.25 -65.68
N LYS K 400 -21.85 -18.80 -66.16
CA LYS K 400 -23.14 -18.09 -66.16
C LYS K 400 -23.02 -16.79 -66.95
N ARG K 401 -22.83 -16.95 -68.26
CA ARG K 401 -22.60 -15.82 -69.16
C ARG K 401 -23.90 -15.03 -69.31
N ALA K 402 -24.14 -14.16 -68.33
CA ALA K 402 -25.31 -13.29 -68.34
C ALA K 402 -24.91 -11.93 -67.78
N LEU K 403 -25.40 -10.88 -68.42
CA LEU K 403 -25.02 -9.51 -68.08
C LEU K 403 -26.27 -8.69 -67.79
N ILE K 404 -26.19 -7.85 -66.76
CA ILE K 404 -27.26 -6.92 -66.42
C ILE K 404 -26.67 -5.53 -66.24
N ALA K 405 -27.53 -4.54 -66.40
CA ALA K 405 -27.13 -3.17 -66.14
C ALA K 405 -26.94 -2.95 -64.64
N GLY K 406 -25.97 -2.10 -64.29
CA GLY K 406 -25.70 -1.81 -62.91
C GLY K 406 -26.41 -0.56 -62.43
N GLY K 407 -25.67 0.35 -61.80
CA GLY K 407 -26.18 1.68 -61.51
C GLY K 407 -27.46 1.73 -60.72
N GLY K 408 -27.75 0.71 -59.93
CA GLY K 408 -28.96 0.67 -59.15
C GLY K 408 -30.19 0.22 -59.91
N ALA K 409 -30.08 -0.07 -61.21
CA ALA K 409 -31.23 -0.54 -61.97
C ALA K 409 -31.80 -1.86 -61.47
N PRO K 410 -30.99 -2.92 -61.24
CA PRO K 410 -31.60 -4.20 -60.84
C PRO K 410 -32.37 -4.13 -59.53
N GLU K 411 -31.86 -3.41 -58.54
CA GLU K 411 -32.55 -3.35 -57.26
C GLU K 411 -33.86 -2.57 -57.36
N ILE K 412 -33.88 -1.46 -58.09
CA ILE K 412 -35.11 -0.70 -58.22
C ILE K 412 -36.14 -1.48 -59.05
N GLU K 413 -35.67 -2.21 -60.07
CA GLU K 413 -36.57 -3.07 -60.82
C GLU K 413 -37.13 -4.17 -59.93
N LEU K 414 -36.30 -4.75 -59.08
CA LEU K 414 -36.77 -5.75 -58.13
C LEU K 414 -37.81 -5.17 -57.20
N ALA K 415 -37.57 -3.97 -56.69
CA ALA K 415 -38.53 -3.34 -55.77
C ALA K 415 -39.87 -3.13 -56.45
N LEU K 416 -39.85 -2.59 -57.67
CA LEU K 416 -41.11 -2.35 -58.38
C LEU K 416 -41.85 -3.65 -58.65
N ARG K 417 -41.14 -4.63 -59.21
CA ARG K 417 -41.80 -5.88 -59.59
C ARG K 417 -42.28 -6.66 -58.38
N LEU K 418 -41.52 -6.60 -57.27
CA LEU K 418 -41.95 -7.31 -56.07
C LEU K 418 -43.11 -6.62 -55.37
N THR K 419 -43.18 -5.29 -55.45
CA THR K 419 -44.39 -4.62 -54.98
C THR K 419 -45.60 -5.04 -55.81
N GLU K 420 -45.42 -5.11 -57.13
CA GLU K 420 -46.51 -5.58 -57.98
C GLU K 420 -46.91 -7.01 -57.62
N TYR K 421 -45.93 -7.88 -57.38
CA TYR K 421 -46.22 -9.27 -57.03
C TYR K 421 -46.92 -9.36 -55.68
N SER K 422 -46.50 -8.56 -54.70
CA SER K 422 -47.14 -8.55 -53.39
C SER K 422 -48.57 -8.05 -53.47
N ARG K 423 -48.86 -7.14 -54.40
CA ARG K 423 -50.23 -6.68 -54.56
C ARG K 423 -51.17 -7.79 -55.01
N THR K 424 -50.65 -8.91 -55.51
CA THR K 424 -51.46 -10.05 -55.92
C THR K 424 -51.58 -11.11 -54.83
N LEU K 425 -50.98 -10.90 -53.67
CA LEU K 425 -51.05 -11.86 -52.57
C LEU K 425 -52.04 -11.38 -51.51
N SER K 426 -52.33 -12.26 -50.56
CA SER K 426 -53.26 -11.97 -49.50
C SER K 426 -52.67 -12.40 -48.16
N GLY K 427 -53.08 -11.71 -47.10
CA GLY K 427 -52.63 -12.05 -45.77
C GLY K 427 -51.31 -11.40 -45.42
N MET K 428 -50.65 -11.99 -44.41
CA MET K 428 -49.40 -11.43 -43.90
C MET K 428 -48.27 -11.56 -44.91
N GLU K 429 -48.33 -12.55 -45.79
CA GLU K 429 -47.26 -12.72 -46.77
C GLU K 429 -47.19 -11.54 -47.73
N SER K 430 -48.33 -10.91 -48.03
CA SER K 430 -48.31 -9.71 -48.85
C SER K 430 -47.53 -8.59 -48.16
N TYR K 431 -47.78 -8.39 -46.86
CA TYR K 431 -47.03 -7.39 -46.12
C TYR K 431 -45.55 -7.72 -46.10
N CYS K 432 -45.21 -9.00 -45.92
CA CYS K 432 -43.80 -9.38 -45.87
C CYS K 432 -43.11 -9.14 -47.21
N VAL K 433 -43.80 -9.45 -48.32
CA VAL K 433 -43.18 -9.22 -49.63
C VAL K 433 -43.06 -7.72 -49.90
N ARG K 434 -44.03 -6.92 -49.46
CA ARG K 434 -43.90 -5.47 -49.59
C ARG K 434 -42.69 -4.97 -48.81
N ALA K 435 -42.49 -5.47 -47.59
CA ALA K 435 -41.32 -5.10 -46.82
C ALA K 435 -40.03 -5.55 -47.51
N PHE K 436 -40.07 -6.72 -48.14
CA PHE K 436 -38.91 -7.20 -48.90
C PHE K 436 -38.56 -6.24 -50.03
N ALA K 437 -39.57 -5.80 -50.78
CA ALA K 437 -39.32 -4.85 -51.86
C ALA K 437 -38.80 -3.52 -51.34
N ASP K 438 -39.39 -3.02 -50.25
CA ASP K 438 -38.94 -1.76 -49.68
C ASP K 438 -37.49 -1.86 -49.20
N ALA K 439 -37.11 -3.00 -48.62
CA ALA K 439 -35.73 -3.21 -48.20
C ALA K 439 -34.81 -3.32 -49.41
N MET K 440 -35.29 -3.94 -50.49
CA MET K 440 -34.49 -4.01 -51.71
C MET K 440 -34.26 -2.64 -52.33
N GLU K 441 -35.15 -1.70 -52.07
CA GLU K 441 -34.99 -0.34 -52.59
C GLU K 441 -33.83 0.43 -51.93
N VAL K 442 -33.17 -0.14 -50.92
CA VAL K 442 -32.17 0.62 -50.17
C VAL K 442 -30.96 0.97 -51.03
N ILE K 443 -30.48 0.01 -51.83
CA ILE K 443 -29.24 0.24 -52.59
C ILE K 443 -29.32 1.45 -53.51
N PRO K 444 -30.39 1.65 -54.29
CA PRO K 444 -30.48 2.90 -55.06
C PRO K 444 -30.47 4.14 -54.19
N SER K 445 -31.03 4.08 -52.98
CA SER K 445 -30.98 5.25 -52.11
C SER K 445 -29.56 5.59 -51.70
N THR K 446 -28.77 4.58 -51.33
CA THR K 446 -27.39 4.82 -50.95
C THR K 446 -26.51 5.14 -52.16
N LEU K 447 -26.94 4.78 -53.37
CA LEU K 447 -26.22 5.22 -54.56
C LEU K 447 -26.52 6.69 -54.85
N ALA K 448 -27.78 7.10 -54.67
CA ALA K 448 -28.12 8.51 -54.80
C ALA K 448 -27.44 9.33 -53.71
N GLU K 449 -27.47 8.83 -52.48
CA GLU K 449 -26.60 9.35 -51.45
C GLU K 449 -25.14 9.01 -51.81
N ASN K 450 -24.20 9.63 -51.11
CA ASN K 450 -22.77 9.49 -51.33
C ASN K 450 -22.33 10.13 -52.63
N ALA K 451 -23.24 10.62 -53.45
CA ALA K 451 -22.91 11.26 -54.72
C ALA K 451 -23.41 12.71 -54.77
N GLY K 452 -23.95 13.22 -53.67
CA GLY K 452 -24.48 14.57 -53.64
C GLY K 452 -25.86 14.73 -54.20
N LEU K 453 -26.48 13.66 -54.69
CA LEU K 453 -27.83 13.74 -55.22
C LEU K 453 -28.85 13.70 -54.10
N ASN K 454 -30.07 14.12 -54.42
CA ASN K 454 -31.16 14.03 -53.46
C ASN K 454 -31.71 12.61 -53.48
N PRO K 455 -31.59 11.86 -52.38
CA PRO K 455 -31.94 10.42 -52.44
C PRO K 455 -33.41 10.16 -52.73
N ILE K 456 -34.32 10.86 -52.05
CA ILE K 456 -35.74 10.58 -52.19
C ILE K 456 -36.20 10.86 -53.61
N SER K 457 -35.88 12.04 -54.14
CA SER K 457 -36.31 12.40 -55.48
C SER K 457 -35.67 11.52 -56.53
N THR K 458 -34.38 11.18 -56.34
CA THR K 458 -33.70 10.31 -57.30
C THR K 458 -34.34 8.93 -57.35
N VAL K 459 -34.65 8.36 -56.18
CA VAL K 459 -35.28 7.05 -56.15
C VAL K 459 -36.68 7.10 -56.75
N THR K 460 -37.42 8.18 -56.47
CA THR K 460 -38.75 8.33 -57.06
C THR K 460 -38.66 8.41 -58.58
N GLU K 461 -37.69 9.17 -59.09
CA GLU K 461 -37.50 9.26 -60.54
C GLU K 461 -37.12 7.91 -61.13
N LEU K 462 -36.26 7.15 -60.44
CA LEU K 462 -35.89 5.83 -60.92
C LEU K 462 -37.11 4.91 -60.99
N ARG K 463 -37.94 4.92 -59.95
CA ARG K 463 -39.14 4.09 -59.96
C ARG K 463 -40.08 4.51 -61.08
N ASN K 464 -40.25 5.82 -61.28
CA ASN K 464 -41.12 6.28 -62.36
C ASN K 464 -40.60 5.84 -63.72
N ARG K 465 -39.29 5.99 -63.95
CA ARG K 465 -38.71 5.61 -65.24
C ARG K 465 -38.82 4.11 -65.47
N HIS K 466 -38.64 3.30 -64.42
CA HIS K 466 -38.77 1.86 -64.59
C HIS K 466 -40.22 1.45 -64.80
N ALA K 467 -41.16 2.15 -64.17
CA ALA K 467 -42.57 1.87 -64.42
C ALA K 467 -42.98 2.28 -65.83
N GLN K 468 -42.34 3.32 -66.39
CA GLN K 468 -42.65 3.73 -67.75
C GLN K 468 -42.27 2.65 -68.76
N GLY K 469 -41.17 1.94 -68.54
CA GLY K 469 -40.75 0.90 -69.45
C GLY K 469 -39.24 0.84 -69.61
N GLU K 470 -38.54 1.83 -69.08
CA GLU K 470 -37.09 1.86 -69.15
C GLU K 470 -36.53 0.80 -68.21
N LYS K 471 -36.16 -0.36 -68.78
CA LYS K 471 -35.63 -1.44 -67.97
C LYS K 471 -34.23 -1.12 -67.44
N THR K 472 -33.42 -0.41 -68.22
CA THR K 472 -32.02 -0.18 -67.90
C THR K 472 -31.76 1.20 -67.30
N ALA K 473 -32.81 1.94 -66.95
CA ALA K 473 -32.61 3.25 -66.33
C ALA K 473 -31.92 3.08 -64.98
N GLY K 474 -30.89 3.90 -64.74
CA GLY K 474 -30.11 3.80 -63.53
C GLY K 474 -29.54 5.13 -63.13
N ILE K 475 -28.85 5.14 -62.00
CA ILE K 475 -28.27 6.36 -61.45
C ILE K 475 -27.00 6.70 -62.22
N ASN K 476 -26.92 7.92 -62.72
CA ASN K 476 -25.77 8.42 -63.45
C ASN K 476 -25.05 9.44 -62.60
N VAL K 477 -23.81 9.12 -62.21
CA VAL K 477 -23.04 10.05 -61.37
C VAL K 477 -22.19 11.01 -62.19
N ARG K 478 -21.89 10.68 -63.45
CA ARG K 478 -21.11 11.59 -64.28
C ARG K 478 -21.91 12.84 -64.61
N LYS K 479 -23.19 12.69 -64.96
CA LYS K 479 -24.06 13.81 -65.25
C LYS K 479 -24.89 14.24 -64.04
N GLY K 480 -24.84 13.49 -62.94
CA GLY K 480 -25.59 13.86 -61.75
C GLY K 480 -27.09 13.84 -61.93
N GLY K 481 -27.62 12.86 -62.62
CA GLY K 481 -29.06 12.74 -62.83
C GLY K 481 -29.46 11.30 -63.07
N ILE K 482 -30.56 11.12 -63.79
CA ILE K 482 -31.08 9.81 -64.13
C ILE K 482 -31.10 9.68 -65.64
N SER K 483 -30.48 8.62 -66.15
CA SER K 483 -30.44 8.37 -67.58
C SER K 483 -30.11 6.90 -67.80
N ASN K 484 -30.10 6.48 -69.06
CA ASN K 484 -29.68 5.13 -69.37
C ASN K 484 -28.20 4.96 -69.02
N ILE K 485 -27.87 3.81 -68.43
CA ILE K 485 -26.51 3.53 -68.02
C ILE K 485 -25.78 2.61 -68.98
N LEU K 486 -26.50 1.95 -69.90
CA LEU K 486 -25.82 1.18 -70.92
C LEU K 486 -24.98 2.08 -71.82
N GLU K 487 -25.45 3.29 -72.10
CA GLU K 487 -24.62 4.27 -72.79
C GLU K 487 -23.49 4.78 -71.91
N GLU K 488 -23.57 4.56 -70.60
CA GLU K 488 -22.48 4.86 -69.68
C GLU K 488 -21.57 3.66 -69.45
N LEU K 489 -21.86 2.52 -70.09
CA LEU K 489 -21.04 1.32 -69.99
C LEU K 489 -20.88 0.86 -68.53
N VAL K 490 -22.00 0.79 -67.83
CA VAL K 490 -22.02 0.32 -66.45
C VAL K 490 -22.80 -0.99 -66.39
N VAL K 491 -22.09 -2.12 -66.47
CA VAL K 491 -22.71 -3.43 -66.48
C VAL K 491 -21.99 -4.32 -65.48
N GLN K 492 -22.71 -5.33 -65.00
CA GLN K 492 -22.17 -6.29 -64.05
C GLN K 492 -22.73 -7.67 -64.38
N PRO K 493 -22.00 -8.74 -64.04
CA PRO K 493 -22.52 -10.08 -64.29
C PRO K 493 -23.74 -10.39 -63.44
N LEU K 494 -24.61 -11.24 -63.98
CA LEU K 494 -25.82 -11.62 -63.26
C LEU K 494 -25.51 -12.42 -62.02
N LEU K 495 -24.43 -13.21 -62.04
CA LEU K 495 -24.04 -13.98 -60.87
C LEU K 495 -23.25 -13.08 -59.93
N VAL K 496 -23.78 -11.89 -59.68
CA VAL K 496 -23.33 -11.04 -58.59
C VAL K 496 -24.60 -10.64 -57.85
N SER K 497 -25.55 -10.05 -58.59
CA SER K 497 -26.83 -9.71 -58.01
C SER K 497 -27.58 -10.96 -57.56
N VAL K 498 -27.60 -12.00 -58.39
CA VAL K 498 -28.33 -13.22 -58.02
C VAL K 498 -27.72 -13.85 -56.78
N SER K 499 -26.39 -13.96 -56.75
CA SER K 499 -25.72 -14.57 -55.61
C SER K 499 -25.94 -13.75 -54.34
N ALA K 500 -25.82 -12.42 -54.45
CA ALA K 500 -26.03 -11.58 -53.28
C ALA K 500 -27.44 -11.72 -52.75
N LEU K 501 -28.44 -11.72 -53.64
CA LEU K 501 -29.82 -11.87 -53.21
C LEU K 501 -30.04 -13.20 -52.50
N THR K 502 -29.57 -14.29 -53.11
CA THR K 502 -29.77 -15.61 -52.52
C THR K 502 -29.10 -15.71 -51.16
N LEU K 503 -27.84 -15.28 -51.08
CA LEU K 503 -27.09 -15.40 -49.83
C LEU K 503 -27.70 -14.53 -48.74
N ALA K 504 -28.11 -13.30 -49.09
CA ALA K 504 -28.71 -12.42 -48.09
C ALA K 504 -30.03 -12.98 -47.58
N THR K 505 -30.86 -13.50 -48.48
CA THR K 505 -32.14 -14.08 -48.04
C THR K 505 -31.90 -15.29 -47.14
N GLU K 506 -30.94 -16.13 -47.50
CA GLU K 506 -30.66 -17.30 -46.68
C GLU K 506 -30.16 -16.90 -45.30
N THR K 507 -29.26 -15.92 -45.24
CA THR K 507 -28.76 -15.47 -43.94
C THR K 507 -29.88 -14.86 -43.11
N VAL K 508 -30.77 -14.10 -43.74
CA VAL K 508 -31.88 -13.49 -43.01
C VAL K 508 -32.80 -14.56 -42.44
N ARG K 509 -33.10 -15.59 -43.23
CA ARG K 509 -33.94 -16.67 -42.72
C ARG K 509 -33.25 -17.39 -41.56
N SER K 510 -31.95 -17.65 -41.69
CA SER K 510 -31.22 -18.32 -40.61
C SER K 510 -31.26 -17.49 -39.34
N ILE K 511 -31.07 -16.18 -39.45
CA ILE K 511 -31.13 -15.31 -38.27
C ILE K 511 -32.53 -15.30 -37.69
N LEU K 512 -33.55 -15.28 -38.55
CA LEU K 512 -34.93 -15.28 -38.06
C LEU K 512 -35.26 -16.55 -37.30
N LYS K 513 -34.64 -17.67 -37.66
CA LYS K 513 -34.87 -18.90 -36.91
C LYS K 513 -33.94 -18.97 -35.70
N ILE K 514 -33.95 -17.92 -34.88
CA ILE K 514 -33.10 -17.85 -33.69
C ILE K 514 -33.87 -17.08 -32.62
N ASP K 515 -33.90 -17.61 -31.39
CA ASP K 515 -34.65 -16.94 -30.34
C ASP K 515 -33.95 -16.92 -28.98
N ASP K 516 -32.68 -17.33 -28.90
CA ASP K 516 -32.00 -17.31 -27.61
C ASP K 516 -30.50 -17.36 -27.83
N VAL K 517 -29.76 -16.81 -26.86
CA VAL K 517 -28.31 -16.82 -26.87
C VAL K 517 -27.84 -17.44 -25.56
N VAL K 518 -26.98 -18.44 -25.65
CA VAL K 518 -26.47 -19.15 -24.48
C VAL K 518 -24.96 -18.98 -24.43
N ASN K 519 -24.45 -18.56 -23.28
CA ASN K 519 -23.02 -18.38 -23.08
C ASN K 519 -22.42 -19.62 -22.45
N THR K 520 -21.36 -20.14 -23.04
CA THR K 520 -20.73 -21.37 -22.55
C THR K 520 -19.87 -21.08 -21.33
N ALA L 1 -9.64 -22.63 26.74
CA ALA L 1 -9.30 -24.04 26.82
C ALA L 1 -8.64 -24.52 25.53
N SER L 2 -7.50 -23.93 25.21
CA SER L 2 -6.77 -24.28 24.01
C SER L 2 -5.31 -23.87 24.19
N MET L 3 -4.55 -23.88 23.09
CA MET L 3 -3.14 -23.48 23.03
C MET L 3 -2.31 -24.03 24.19
N GLY L 4 -2.66 -25.25 24.64
CA GLY L 4 -1.96 -25.84 25.76
C GLY L 4 -2.14 -25.07 27.04
N THR L 5 -1.08 -24.40 27.49
CA THR L 5 -1.14 -23.57 28.69
C THR L 5 -0.60 -22.19 28.36
N LEU L 6 -0.71 -21.28 29.35
CA LEU L 6 -0.20 -19.92 29.21
C LEU L 6 0.10 -19.41 30.61
N ALA L 7 1.38 -19.42 30.99
CA ALA L 7 1.80 -19.02 32.32
C ALA L 7 2.76 -17.84 32.33
N PHE L 8 3.73 -17.83 31.40
N PHE L 8 3.73 -17.81 31.41
CA PHE L 8 4.76 -16.79 31.31
CA PHE L 8 4.73 -16.74 31.34
C PHE L 8 5.50 -16.63 32.65
C PHE L 8 5.51 -16.63 32.65
N ASP L 9 5.71 -17.76 33.33
CA ASP L 9 6.47 -17.84 34.57
C ASP L 9 5.81 -17.10 35.73
N GLU L 10 6.12 -17.51 36.96
CA GLU L 10 5.68 -16.78 38.14
C GLU L 10 6.61 -15.62 38.48
N TYR L 11 7.78 -15.55 37.86
CA TYR L 11 8.69 -14.42 38.03
C TYR L 11 8.63 -13.43 36.88
N GLY L 12 7.72 -13.63 35.94
CA GLY L 12 7.55 -12.71 34.82
C GLY L 12 8.43 -12.98 33.62
N ARG L 13 9.34 -13.94 33.69
CA ARG L 13 10.20 -14.25 32.57
C ARG L 13 9.43 -15.04 31.51
N PRO L 14 9.90 -15.01 30.26
CA PRO L 14 9.20 -15.77 29.20
C PRO L 14 9.22 -17.26 29.49
N PHE L 15 8.12 -17.93 29.12
CA PHE L 15 7.90 -19.35 29.43
C PHE L 15 7.47 -20.05 28.14
N LEU L 16 8.45 -20.53 27.39
CA LEU L 16 8.21 -21.25 26.14
C LEU L 16 8.60 -22.71 26.35
N ILE L 17 7.67 -23.62 26.05
CA ILE L 17 7.90 -25.04 26.25
C ILE L 17 7.79 -25.78 24.92
N ILE L 18 6.65 -25.64 24.26
CA ILE L 18 6.39 -26.31 22.99
C ILE L 18 6.38 -25.25 21.89
N LYS L 19 7.04 -25.55 20.77
CA LYS L 19 7.11 -24.61 19.68
C LYS L 19 5.71 -24.28 19.16
N ASP L 20 5.47 -22.98 18.93
CA ASP L 20 4.17 -22.48 18.48
C ASP L 20 3.05 -22.90 19.44
N GLN L 21 3.33 -22.82 20.75
CA GLN L 21 2.32 -23.16 21.73
C GLN L 21 1.21 -22.11 21.80
N ASP L 22 1.45 -20.91 21.26
CA ASP L 22 0.43 -19.87 21.23
C ASP L 22 -0.56 -20.06 20.09
N ARG L 23 -0.24 -20.92 19.12
CA ARG L 23 -1.09 -21.12 17.95
C ARG L 23 -1.70 -22.51 17.88
N LYS L 24 -1.37 -23.40 18.81
CA LYS L 24 -1.90 -24.75 18.82
C LYS L 24 -3.22 -24.77 19.60
N SER L 25 -3.71 -25.98 19.88
CA SER L 25 -4.97 -26.13 20.61
C SER L 25 -4.97 -27.50 21.27
N ARG L 26 -5.78 -27.65 22.31
CA ARG L 26 -5.89 -28.93 22.98
C ARG L 26 -7.23 -29.04 23.69
N LEU L 27 -7.73 -30.28 23.78
CA LEU L 27 -8.93 -30.61 24.52
C LEU L 27 -8.61 -31.74 25.50
N MET L 28 -9.18 -31.66 26.69
CA MET L 28 -8.91 -32.63 27.75
C MET L 28 -10.22 -33.13 28.31
N GLY L 29 -10.14 -34.22 29.09
CA GLY L 29 -11.24 -34.64 29.93
C GLY L 29 -12.47 -35.07 29.15
N LEU L 30 -13.63 -34.89 29.80
CA LEU L 30 -14.90 -35.33 29.22
C LEU L 30 -15.32 -34.49 28.02
N GLU L 31 -14.84 -33.26 27.90
CA GLU L 31 -15.18 -32.45 26.74
C GLU L 31 -14.65 -33.06 25.46
N ALA L 32 -13.45 -33.65 25.50
CA ALA L 32 -12.91 -34.31 24.33
C ALA L 32 -13.79 -35.50 23.91
N LEU L 33 -14.18 -36.32 24.88
CA LEU L 33 -15.06 -37.44 24.58
C LEU L 33 -16.39 -36.97 24.02
N LYS L 34 -16.95 -35.90 24.60
CA LYS L 34 -18.23 -35.39 24.13
C LYS L 34 -18.13 -34.88 22.69
N SER L 35 -17.05 -34.16 22.38
CA SER L 35 -16.88 -33.67 21.01
C SER L 35 -16.70 -34.82 20.02
N HIS L 36 -15.91 -35.82 20.40
CA HIS L 36 -15.74 -36.98 19.51
C HIS L 36 -17.06 -37.70 19.30
N ILE L 37 -17.83 -37.88 20.38
CA ILE L 37 -19.12 -38.55 20.26
C ILE L 37 -20.05 -37.74 19.38
N MET L 38 -20.01 -36.41 19.49
CA MET L 38 -20.87 -35.57 18.67
C MET L 38 -20.50 -35.69 17.19
N ALA L 39 -19.20 -35.68 16.88
CA ALA L 39 -18.79 -35.83 15.49
C ALA L 39 -19.19 -37.20 14.92
N ALA L 40 -18.95 -38.26 15.70
CA ALA L 40 -19.30 -39.59 15.24
C ALA L 40 -20.81 -39.74 15.06
N LYS L 41 -21.58 -39.15 15.98
CA LYS L 41 -23.04 -39.17 15.86
C LYS L 41 -23.49 -38.43 14.61
N ALA L 42 -22.85 -37.30 14.30
CA ALA L 42 -23.20 -36.57 13.08
C ALA L 42 -22.96 -37.43 11.86
N VAL L 43 -21.81 -38.10 11.80
CA VAL L 43 -21.50 -38.95 10.65
C VAL L 43 -22.50 -40.10 10.55
N ALA L 44 -22.78 -40.75 11.68
CA ALA L 44 -23.69 -41.88 11.68
C ALA L 44 -25.10 -41.48 11.29
N ASN L 45 -25.57 -40.31 11.76
CA ASN L 45 -26.90 -39.86 11.40
C ASN L 45 -26.97 -39.47 9.94
N THR L 46 -25.89 -38.91 9.40
CA THR L 46 -25.86 -38.65 7.96
C THR L 46 -25.95 -39.94 7.17
N MET L 47 -25.26 -40.99 7.63
CA MET L 47 -25.19 -42.22 6.86
C MET L 47 -26.37 -43.16 7.08
N ARG L 48 -27.13 -42.98 8.15
CA ARG L 48 -28.17 -43.94 8.49
C ARG L 48 -29.37 -43.89 7.56
N THR L 49 -29.52 -42.84 6.75
CA THR L 49 -30.65 -42.75 5.84
C THR L 49 -30.47 -43.70 4.65
N SER L 50 -29.27 -44.16 4.39
CA SER L 50 -28.95 -45.02 3.25
C SER L 50 -28.94 -46.49 3.64
N LEU L 51 -29.82 -46.90 4.55
CA LEU L 51 -29.85 -48.25 5.07
C LEU L 51 -31.14 -48.93 4.66
N GLY L 52 -31.03 -50.10 4.05
CA GLY L 52 -32.19 -50.90 3.72
C GLY L 52 -32.65 -50.72 2.29
N PRO L 53 -33.65 -51.52 1.89
CA PRO L 53 -34.17 -51.40 0.52
C PRO L 53 -34.74 -50.03 0.19
N ASN L 54 -35.35 -49.37 1.17
CA ASN L 54 -35.93 -48.05 0.96
C ASN L 54 -34.94 -46.93 1.27
N GLY L 55 -33.69 -47.27 1.52
CA GLY L 55 -32.70 -46.24 1.77
C GLY L 55 -32.43 -45.41 0.52
N LEU L 56 -31.97 -44.19 0.74
CA LEU L 56 -31.76 -43.22 -0.33
C LEU L 56 -30.27 -43.04 -0.58
N ASP L 57 -29.95 -42.51 -1.75
CA ASP L 57 -28.57 -42.36 -2.19
C ASP L 57 -28.05 -40.97 -1.87
N LYS L 58 -26.74 -40.79 -2.09
CA LYS L 58 -26.07 -39.52 -1.86
C LYS L 58 -25.36 -39.10 -3.15
N MET L 59 -25.48 -37.83 -3.50
CA MET L 59 -24.80 -37.27 -4.65
C MET L 59 -23.49 -36.66 -4.18
N MET L 60 -22.37 -37.31 -4.51
CA MET L 60 -21.06 -36.89 -4.06
C MET L 60 -20.34 -36.17 -5.20
N VAL L 61 -19.85 -34.98 -4.91
CA VAL L 61 -19.13 -34.15 -5.88
C VAL L 61 -17.70 -33.98 -5.39
N ASP L 62 -16.74 -34.25 -6.27
CA ASP L 62 -15.34 -34.19 -5.91
C ASP L 62 -14.79 -32.79 -6.20
N LYS L 63 -13.46 -32.65 -6.12
CA LYS L 63 -12.84 -31.34 -6.31
C LYS L 63 -13.06 -30.81 -7.73
N ASP L 64 -12.95 -31.68 -8.72
CA ASP L 64 -13.02 -31.25 -10.12
C ASP L 64 -14.45 -31.07 -10.61
N GLY L 65 -15.45 -31.43 -9.82
CA GLY L 65 -16.84 -31.25 -10.20
C GLY L 65 -17.53 -32.50 -10.71
N ASP L 66 -16.85 -33.64 -10.75
CA ASP L 66 -17.49 -34.87 -11.19
C ASP L 66 -18.53 -35.32 -10.17
N VAL L 67 -19.58 -35.96 -10.68
CA VAL L 67 -20.74 -36.37 -9.87
C VAL L 67 -20.72 -37.88 -9.72
N THR L 68 -20.92 -38.35 -8.50
CA THR L 68 -20.97 -39.78 -8.20
C THR L 68 -22.19 -40.05 -7.33
N VAL L 69 -23.29 -40.46 -7.95
CA VAL L 69 -24.48 -40.86 -7.22
C VAL L 69 -24.29 -42.29 -6.74
N THR L 70 -24.36 -42.49 -5.43
CA THR L 70 -24.05 -43.80 -4.88
C THR L 70 -24.79 -44.02 -3.58
N ASN L 71 -24.92 -45.31 -3.22
CA ASN L 71 -25.47 -45.73 -1.95
C ASN L 71 -24.47 -46.48 -1.08
N ASP L 72 -23.37 -46.97 -1.65
CA ASP L 72 -22.35 -47.68 -0.89
C ASP L 72 -21.77 -46.77 0.19
N GLY L 73 -21.81 -47.24 1.43
CA GLY L 73 -21.34 -46.41 2.53
C GLY L 73 -19.86 -46.13 2.47
N ALA L 74 -19.07 -47.14 2.12
CA ALA L 74 -17.62 -46.95 2.05
C ALA L 74 -17.24 -45.89 1.03
N THR L 75 -17.87 -45.95 -0.16
CA THR L 75 -17.58 -44.96 -1.19
C THR L 75 -18.01 -43.57 -0.73
N ILE L 76 -19.18 -43.47 -0.12
CA ILE L 76 -19.67 -42.17 0.35
C ILE L 76 -18.69 -41.56 1.33
N LEU L 77 -18.26 -42.34 2.32
CA LEU L 77 -17.35 -41.79 3.32
C LEU L 77 -15.96 -41.56 2.75
N SER L 78 -15.57 -42.30 1.71
CA SER L 78 -14.28 -42.05 1.07
C SER L 78 -14.30 -40.75 0.29
N MET L 79 -15.45 -40.38 -0.27
CA MET L 79 -15.54 -39.16 -1.07
C MET L 79 -15.78 -37.91 -0.23
N MET L 80 -15.96 -38.04 1.08
CA MET L 80 -16.21 -36.88 1.93
C MET L 80 -14.91 -36.16 2.28
N ASP L 81 -14.97 -34.84 2.27
CA ASP L 81 -13.82 -34.00 2.61
C ASP L 81 -13.88 -33.60 4.08
N VAL L 82 -13.66 -34.61 4.94
CA VAL L 82 -13.75 -34.38 6.37
C VAL L 82 -12.44 -33.77 6.88
N ASP L 83 -12.53 -33.14 8.05
CA ASP L 83 -11.37 -32.55 8.70
C ASP L 83 -11.25 -33.05 10.13
N HIS L 84 -12.38 -33.42 10.72
CA HIS L 84 -12.39 -33.98 12.06
C HIS L 84 -11.72 -35.35 12.07
N GLN L 85 -10.92 -35.60 13.10
CA GLN L 85 -10.16 -36.85 13.16
C GLN L 85 -11.08 -38.05 13.37
N ILE L 86 -12.13 -37.88 14.19
CA ILE L 86 -13.04 -38.99 14.44
C ILE L 86 -13.82 -39.33 13.17
N ALA L 87 -14.13 -38.33 12.34
CA ALA L 87 -14.74 -38.62 11.05
C ALA L 87 -13.82 -39.45 10.18
N LYS L 88 -12.52 -39.14 10.19
CA LYS L 88 -11.55 -39.96 9.46
C LYS L 88 -11.52 -41.37 10.02
N LEU L 89 -11.65 -41.51 11.34
CA LEU L 89 -11.70 -42.84 11.94
C LEU L 89 -12.91 -43.62 11.44
N MET L 90 -14.07 -42.96 11.35
CA MET L 90 -15.26 -43.63 10.83
C MET L 90 -15.07 -44.02 9.37
N VAL L 91 -14.45 -43.15 8.59
CA VAL L 91 -14.17 -43.48 7.18
C VAL L 91 -13.26 -44.70 7.09
N GLU L 92 -12.23 -44.74 7.93
CA GLU L 92 -11.33 -45.88 7.93
C GLU L 92 -12.05 -47.15 8.37
N LEU L 93 -12.96 -47.04 9.32
CA LEU L 93 -13.76 -48.20 9.73
C LEU L 93 -14.59 -48.73 8.57
N SER L 94 -15.21 -47.83 7.81
CA SER L 94 -15.97 -48.25 6.63
C SER L 94 -15.06 -48.92 5.60
N LYS L 95 -13.89 -48.34 5.36
CA LYS L 95 -12.97 -48.95 4.40
C LYS L 95 -12.52 -50.33 4.85
N SER L 96 -12.31 -50.50 6.16
CA SER L 96 -11.93 -51.81 6.68
C SER L 96 -13.05 -52.82 6.49
N GLN L 97 -14.28 -52.42 6.77
CA GLN L 97 -15.41 -53.32 6.54
C GLN L 97 -15.53 -53.69 5.07
N ASP L 98 -15.30 -52.72 4.17
CA ASP L 98 -15.32 -53.00 2.74
C ASP L 98 -14.23 -53.99 2.36
N ASP L 99 -13.02 -53.79 2.89
CA ASP L 99 -11.89 -54.64 2.50
C ASP L 99 -12.09 -56.06 2.98
N GLU L 100 -12.45 -56.25 4.25
CA GLU L 100 -12.57 -57.60 4.77
C GLU L 100 -13.78 -58.33 4.22
N ILE L 101 -14.93 -57.66 4.17
CA ILE L 101 -16.20 -58.29 3.84
C ILE L 101 -16.70 -57.86 2.46
N GLY L 102 -16.82 -56.56 2.23
CA GLY L 102 -17.38 -56.03 1.01
C GLY L 102 -18.82 -55.59 1.11
N ASP L 103 -19.53 -56.00 2.15
CA ASP L 103 -20.91 -55.60 2.38
C ASP L 103 -21.07 -55.22 3.84
N GLY L 104 -22.07 -54.40 4.12
CA GLY L 104 -22.29 -53.93 5.47
C GLY L 104 -21.50 -52.69 5.84
N THR L 105 -21.00 -51.96 4.86
CA THR L 105 -20.20 -50.76 5.15
C THR L 105 -21.02 -49.67 5.81
N THR L 106 -22.34 -49.69 5.65
CA THR L 106 -23.20 -48.72 6.32
C THR L 106 -23.61 -49.19 7.71
N GLY L 107 -23.75 -50.50 7.91
CA GLY L 107 -24.16 -50.99 9.21
C GLY L 107 -23.14 -50.71 10.29
N VAL L 108 -21.85 -50.79 9.95
CA VAL L 108 -20.81 -50.57 10.96
C VAL L 108 -20.85 -49.12 11.44
N VAL L 109 -21.06 -48.17 10.53
CA VAL L 109 -21.07 -46.76 10.92
C VAL L 109 -22.25 -46.47 11.83
N VAL L 110 -23.43 -46.96 11.47
CA VAL L 110 -24.62 -46.73 12.28
C VAL L 110 -24.46 -47.39 13.64
N LEU L 111 -23.93 -48.62 13.67
CA LEU L 111 -23.75 -49.32 14.93
C LEU L 111 -22.75 -48.60 15.83
N ALA L 112 -21.63 -48.13 15.27
CA ALA L 112 -20.65 -47.40 16.05
C ALA L 112 -21.21 -46.09 16.56
N GLY L 113 -21.97 -45.37 15.72
CA GLY L 113 -22.59 -44.15 16.17
C GLY L 113 -23.56 -44.38 17.31
N ALA L 114 -24.37 -45.43 17.22
CA ALA L 114 -25.29 -45.75 18.30
C ALA L 114 -24.55 -46.12 19.58
N LEU L 115 -23.46 -46.90 19.44
CA LEU L 115 -22.68 -47.27 20.61
C LEU L 115 -22.10 -46.05 21.30
N LEU L 116 -21.55 -45.11 20.52
CA LEU L 116 -21.00 -43.90 21.12
C LEU L 116 -22.09 -43.01 21.69
N GLU L 117 -23.27 -42.98 21.06
CA GLU L 117 -24.36 -42.19 21.61
C GLU L 117 -24.81 -42.73 22.96
N GLU L 118 -24.90 -44.05 23.12
CA GLU L 118 -25.22 -44.62 24.42
C GLU L 118 -24.09 -44.38 25.42
N ALA L 119 -22.85 -44.48 24.96
CA ALA L 119 -21.71 -44.22 25.84
C ALA L 119 -21.71 -42.78 26.35
N GLU L 120 -22.23 -41.85 25.55
CA GLU L 120 -22.34 -40.47 26.01
C GLU L 120 -23.21 -40.37 27.25
N GLN L 121 -24.39 -40.99 27.22
CA GLN L 121 -25.28 -40.97 28.37
C GLN L 121 -24.67 -41.70 29.55
N LEU L 122 -24.00 -42.82 29.28
CA LEU L 122 -23.35 -43.56 30.37
C LEU L 122 -22.27 -42.72 31.03
N LEU L 123 -21.46 -42.01 30.24
CA LEU L 123 -20.45 -41.13 30.80
C LEU L 123 -21.08 -40.01 31.61
N ASP L 124 -22.18 -39.45 31.11
CA ASP L 124 -22.91 -38.43 31.86
C ASP L 124 -23.38 -38.98 33.20
N ARG L 125 -23.70 -40.27 33.27
CA ARG L 125 -24.05 -40.87 34.56
C ARG L 125 -22.86 -41.06 35.47
N GLY L 126 -21.64 -40.90 34.98
CA GLY L 126 -20.46 -40.99 35.82
C GLY L 126 -19.77 -42.34 35.81
N ILE L 127 -19.53 -42.89 34.62
CA ILE L 127 -18.85 -44.17 34.46
C ILE L 127 -17.56 -43.93 33.71
N HIS L 128 -16.48 -44.56 34.17
CA HIS L 128 -15.20 -44.43 33.50
C HIS L 128 -15.30 -45.00 32.08
N PRO L 129 -14.80 -44.30 31.07
CA PRO L 129 -14.95 -44.80 29.69
C PRO L 129 -14.33 -46.17 29.45
N ILE L 130 -13.28 -46.52 30.18
CA ILE L 130 -12.69 -47.84 30.04
C ILE L 130 -13.68 -48.91 30.49
N ARG L 131 -14.47 -48.62 31.53
CA ARG L 131 -15.52 -49.54 31.94
C ARG L 131 -16.54 -49.73 30.84
N ILE L 132 -16.91 -48.65 30.15
CA ILE L 132 -17.85 -48.74 29.05
C ILE L 132 -17.27 -49.60 27.93
N ALA L 133 -15.99 -49.39 27.62
CA ALA L 133 -15.37 -50.19 26.57
C ALA L 133 -15.32 -51.67 26.94
N ASP L 134 -15.02 -51.97 28.20
CA ASP L 134 -14.99 -53.36 28.65
C ASP L 134 -16.37 -54.00 28.56
N GLY L 135 -17.40 -53.28 28.99
CA GLY L 135 -18.76 -53.79 28.87
C GLY L 135 -19.16 -54.00 27.43
N TYR L 136 -18.79 -53.07 26.56
CA TYR L 136 -19.07 -53.23 25.13
C TYR L 136 -18.40 -54.46 24.58
N GLU L 137 -17.15 -54.71 24.96
CA GLU L 137 -16.44 -55.89 24.47
C GLU L 137 -17.10 -57.18 24.96
N GLN L 138 -17.50 -57.21 26.23
CA GLN L 138 -18.16 -58.40 26.76
C GLN L 138 -19.48 -58.65 26.05
N ALA L 139 -20.28 -57.60 25.85
CA ALA L 139 -21.53 -57.76 25.13
C ALA L 139 -21.30 -58.16 23.69
N ALA L 140 -20.23 -57.67 23.06
CA ALA L 140 -19.91 -58.07 21.70
C ALA L 140 -19.56 -59.55 21.64
N ARG L 141 -18.82 -60.05 22.62
CA ARG L 141 -18.54 -61.48 22.68
C ARG L 141 -19.82 -62.28 22.81
N VAL L 142 -20.74 -61.83 23.67
CA VAL L 142 -22.02 -62.51 23.83
C VAL L 142 -22.79 -62.51 22.52
N ALA L 143 -22.80 -61.38 21.82
CA ALA L 143 -23.52 -61.29 20.56
C ALA L 143 -22.92 -62.20 19.50
N ILE L 144 -21.58 -62.29 19.45
CA ILE L 144 -20.94 -63.17 18.49
C ILE L 144 -21.32 -64.62 18.77
N GLU L 145 -21.29 -65.01 20.05
CA GLU L 145 -21.68 -66.38 20.39
C GLU L 145 -23.13 -66.65 19.98
N HIS L 146 -24.02 -65.69 20.24
CA HIS L 146 -25.43 -65.88 19.87
C HIS L 146 -25.58 -65.98 18.36
N LEU L 147 -24.83 -65.16 17.61
CA LEU L 147 -24.89 -65.24 16.16
C LEU L 147 -24.44 -66.61 15.66
N ASP L 148 -23.38 -67.15 16.27
CA ASP L 148 -22.99 -68.52 15.95
C ASP L 148 -24.08 -69.51 16.31
N LYS L 149 -24.86 -69.22 17.35
CA LYS L 149 -25.91 -70.15 17.77
C LYS L 149 -27.05 -70.20 16.77
N ILE L 150 -27.52 -69.04 16.31
CA ILE L 150 -28.70 -68.97 15.45
C ILE L 150 -28.30 -69.01 13.99
N SER L 151 -27.04 -69.32 13.72
CA SER L 151 -26.56 -69.39 12.34
C SER L 151 -27.21 -70.55 11.60
N ASP L 152 -27.39 -70.36 10.30
CA ASP L 152 -27.96 -71.37 9.42
C ASP L 152 -27.00 -71.65 8.28
N SER L 153 -26.90 -72.91 7.89
CA SER L 153 -25.95 -73.35 6.88
C SER L 153 -26.65 -73.54 5.54
N VAL L 154 -25.98 -73.13 4.47
CA VAL L 154 -26.47 -73.30 3.10
C VAL L 154 -25.38 -74.01 2.30
N LEU L 155 -25.79 -74.59 1.17
CA LEU L 155 -24.86 -75.28 0.30
C LEU L 155 -24.41 -74.34 -0.81
N VAL L 156 -23.14 -74.46 -1.20
CA VAL L 156 -22.55 -73.58 -2.19
C VAL L 156 -22.28 -74.46 -3.41
N ASP L 157 -23.08 -75.50 -3.57
CA ASP L 157 -22.92 -76.41 -4.70
C ASP L 157 -23.30 -75.71 -6.00
N ILE L 158 -22.62 -76.11 -7.09
CA ILE L 158 -22.87 -75.50 -8.38
C ILE L 158 -24.22 -75.92 -8.94
N LYS L 159 -24.63 -77.16 -8.68
CA LYS L 159 -25.86 -77.67 -9.28
C LYS L 159 -27.10 -77.00 -8.70
N ASP L 160 -27.02 -76.49 -7.47
CA ASP L 160 -28.14 -75.80 -6.82
C ASP L 160 -27.61 -74.46 -6.30
N THR L 161 -27.91 -73.38 -7.03
CA THR L 161 -27.45 -72.05 -6.69
C THR L 161 -28.54 -71.16 -6.13
N GLU L 162 -29.72 -71.72 -5.85
CA GLU L 162 -30.85 -70.88 -5.43
C GLU L 162 -30.58 -70.12 -4.13
N PRO L 163 -30.05 -70.71 -3.06
CA PRO L 163 -29.71 -69.89 -1.89
C PRO L 163 -28.69 -68.81 -2.20
N LEU L 164 -27.73 -69.10 -3.08
CA LEU L 164 -26.78 -68.08 -3.50
C LEU L 164 -27.49 -66.93 -4.22
N ILE L 165 -28.46 -67.27 -5.09
CA ILE L 165 -29.23 -66.24 -5.77
C ILE L 165 -29.99 -65.40 -4.76
N GLN L 166 -30.59 -66.04 -3.76
CA GLN L 166 -31.34 -65.30 -2.74
C GLN L 166 -30.42 -64.37 -1.96
N THR L 167 -29.23 -64.85 -1.59
CA THR L 167 -28.30 -64.00 -0.85
C THR L 167 -27.84 -62.82 -1.68
N ALA L 168 -27.53 -63.05 -2.96
CA ALA L 168 -27.13 -61.95 -3.83
C ALA L 168 -28.26 -60.95 -4.03
N LYS L 169 -29.49 -61.46 -4.15
CA LYS L 169 -30.65 -60.56 -4.27
C LYS L 169 -30.81 -59.73 -3.01
N THR L 170 -30.63 -60.33 -1.84
CA THR L 170 -30.72 -59.58 -0.60
C THR L 170 -29.65 -58.49 -0.55
N THR L 171 -28.45 -58.80 -1.02
CA THR L 171 -27.39 -57.80 -1.06
C THR L 171 -27.75 -56.66 -2.01
N LEU L 172 -28.28 -56.99 -3.19
CA LEU L 172 -28.55 -55.99 -4.21
C LEU L 172 -29.85 -55.24 -3.99
N GLY L 173 -30.68 -55.67 -3.04
CA GLY L 173 -31.98 -55.02 -2.86
C GLY L 173 -31.88 -53.54 -2.56
N SER L 174 -30.87 -53.14 -1.79
CA SER L 174 -30.72 -51.75 -1.41
C SER L 174 -30.12 -50.89 -2.51
N LYS L 175 -29.60 -51.48 -3.59
CA LYS L 175 -28.94 -50.72 -4.64
C LYS L 175 -29.92 -50.37 -5.75
N VAL L 176 -29.45 -49.56 -6.70
CA VAL L 176 -30.30 -49.08 -7.77
C VAL L 176 -30.58 -50.17 -8.81
N VAL L 177 -29.83 -51.27 -8.77
CA VAL L 177 -29.97 -52.32 -9.77
C VAL L 177 -31.11 -53.25 -9.40
N ASN L 178 -31.86 -52.91 -8.36
CA ASN L 178 -32.99 -53.76 -8.00
C ASN L 178 -34.08 -53.75 -9.06
N SER L 179 -33.92 -52.98 -10.15
CA SER L 179 -34.81 -53.12 -11.29
C SER L 179 -34.50 -54.41 -12.06
N CYS L 180 -33.22 -54.66 -12.32
CA CYS L 180 -32.76 -55.92 -12.91
C CYS L 180 -32.27 -56.90 -11.86
N HIS L 181 -32.77 -56.75 -10.63
CA HIS L 181 -32.39 -57.49 -9.43
C HIS L 181 -32.00 -58.96 -9.65
N ARG L 182 -32.91 -59.77 -10.18
CA ARG L 182 -32.60 -61.19 -10.28
C ARG L 182 -31.53 -61.46 -11.34
N GLN L 183 -31.58 -60.74 -12.46
CA GLN L 183 -30.56 -60.91 -13.49
C GLN L 183 -29.18 -60.55 -12.94
N MET L 184 -29.08 -59.45 -12.20
CA MET L 184 -27.80 -59.05 -11.63
C MET L 184 -27.33 -60.07 -10.59
N ALA L 185 -28.24 -60.58 -9.76
CA ALA L 185 -27.85 -61.56 -8.76
C ALA L 185 -27.33 -62.83 -9.43
N GLU L 186 -28.03 -63.30 -10.47
CA GLU L 186 -27.58 -64.50 -11.17
C GLU L 186 -26.25 -64.27 -11.87
N ILE L 187 -26.06 -63.07 -12.44
CA ILE L 187 -24.79 -62.75 -13.08
C ILE L 187 -23.66 -62.82 -12.07
N ALA L 188 -23.86 -62.22 -10.89
CA ALA L 188 -22.82 -62.24 -9.86
C ALA L 188 -22.54 -63.66 -9.39
N VAL L 189 -23.59 -64.45 -9.17
CA VAL L 189 -23.39 -65.81 -8.68
C VAL L 189 -22.62 -66.64 -9.69
N ASN L 190 -23.01 -66.56 -10.97
CA ASN L 190 -22.31 -67.33 -12.00
C ASN L 190 -20.88 -66.85 -12.17
N ALA L 191 -20.64 -65.54 -12.09
CA ALA L 191 -19.30 -65.01 -12.23
C ALA L 191 -18.40 -65.52 -11.10
N VAL L 192 -18.90 -65.52 -9.87
CA VAL L 192 -18.09 -65.99 -8.75
C VAL L 192 -17.84 -67.48 -8.85
N LEU L 193 -18.88 -68.26 -9.17
CA LEU L 193 -18.74 -69.70 -9.18
C LEU L 193 -17.89 -70.18 -10.36
N THR L 194 -17.86 -69.42 -11.45
CA THR L 194 -17.06 -69.82 -12.60
C THR L 194 -15.58 -69.79 -12.27
N VAL L 195 -15.12 -68.74 -11.59
CA VAL L 195 -13.73 -68.63 -11.16
C VAL L 195 -13.69 -68.69 -9.64
N ALA L 196 -13.34 -69.86 -9.11
CA ALA L 196 -13.21 -70.10 -7.70
C ALA L 196 -12.56 -71.44 -7.50
N ASP L 197 -11.60 -71.52 -6.58
CA ASP L 197 -10.95 -72.77 -6.28
C ASP L 197 -11.89 -73.56 -5.36
N MET L 198 -12.32 -74.74 -5.82
CA MET L 198 -13.55 -75.35 -5.30
C MET L 198 -13.44 -75.78 -3.84
N GLU L 199 -12.25 -76.07 -3.33
CA GLU L 199 -12.16 -76.55 -1.96
C GLU L 199 -12.22 -75.41 -0.94
N ARG L 200 -13.28 -74.60 -1.04
CA ARG L 200 -13.53 -73.48 -0.12
C ARG L 200 -12.34 -72.54 -0.04
N ARG L 201 -11.56 -72.48 -1.11
CA ARG L 201 -10.38 -71.63 -1.15
C ARG L 201 -10.79 -70.24 -1.60
N ASP L 202 -9.81 -69.39 -1.88
CA ASP L 202 -10.08 -67.99 -2.18
C ASP L 202 -10.69 -67.85 -3.58
N VAL L 203 -11.37 -66.72 -3.77
CA VAL L 203 -11.89 -66.31 -5.07
C VAL L 203 -11.06 -65.12 -5.52
N ASP L 204 -10.41 -65.26 -6.68
CA ASP L 204 -9.49 -64.25 -7.17
C ASP L 204 -10.26 -63.27 -8.05
N PHE L 205 -10.37 -62.03 -7.60
CA PHE L 205 -11.08 -61.01 -8.37
C PHE L 205 -10.26 -60.52 -9.57
N GLU L 206 -8.98 -60.88 -9.64
CA GLU L 206 -8.19 -60.52 -10.82
C GLU L 206 -8.69 -61.23 -12.07
N LEU L 207 -9.44 -62.32 -11.92
CA LEU L 207 -9.99 -63.05 -13.05
C LEU L 207 -11.46 -62.71 -13.31
N ILE L 208 -12.02 -61.73 -12.60
CA ILE L 208 -13.35 -61.21 -12.87
C ILE L 208 -13.16 -59.78 -13.35
N LYS L 209 -13.19 -59.57 -14.66
CA LYS L 209 -13.07 -58.25 -15.24
C LYS L 209 -14.45 -57.64 -15.39
N VAL L 210 -14.70 -56.55 -14.66
CA VAL L 210 -15.96 -55.83 -14.73
C VAL L 210 -15.71 -54.54 -15.50
N GLU L 211 -16.47 -54.33 -16.56
CA GLU L 211 -16.27 -53.17 -17.42
C GLU L 211 -17.62 -52.72 -17.95
N GLY L 212 -17.82 -51.41 -18.00
CA GLY L 212 -19.09 -50.83 -18.42
C GLY L 212 -18.92 -49.92 -19.62
N LYS L 213 -19.95 -49.86 -20.44
CA LYS L 213 -20.02 -48.97 -21.59
C LYS L 213 -21.38 -48.30 -21.63
N VAL L 214 -21.41 -47.03 -21.99
CA VAL L 214 -22.66 -46.26 -22.02
C VAL L 214 -23.54 -46.77 -23.16
N GLY L 215 -24.80 -46.36 -23.15
CA GLY L 215 -25.76 -46.82 -24.13
C GLY L 215 -26.46 -48.08 -23.69
N GLY L 216 -27.49 -48.44 -24.45
CA GLY L 216 -28.27 -49.61 -24.09
C GLY L 216 -29.07 -49.38 -22.82
N ARG L 217 -29.37 -50.49 -22.15
CA ARG L 217 -30.13 -50.47 -20.91
C ARG L 217 -29.43 -51.35 -19.87
N LEU L 218 -29.86 -51.22 -18.61
CA LEU L 218 -29.32 -52.07 -17.56
C LEU L 218 -29.63 -53.53 -17.83
N GLU L 219 -30.78 -53.82 -18.45
CA GLU L 219 -31.11 -55.20 -18.81
C GLU L 219 -30.13 -55.78 -19.83
N ASP L 220 -29.44 -54.92 -20.59
CA ASP L 220 -28.47 -55.40 -21.56
C ASP L 220 -27.19 -55.91 -20.90
N THR L 221 -27.03 -55.69 -19.60
CA THR L 221 -25.87 -56.23 -18.89
C THR L 221 -25.88 -57.75 -18.97
N LYS L 222 -24.75 -58.32 -19.35
CA LYS L 222 -24.67 -59.76 -19.55
C LYS L 222 -23.34 -60.28 -19.03
N LEU L 223 -23.29 -61.58 -18.77
CA LEU L 223 -22.08 -62.26 -18.33
C LEU L 223 -21.43 -62.92 -19.55
N ILE L 224 -20.19 -62.54 -19.82
CA ILE L 224 -19.44 -63.07 -20.95
C ILE L 224 -18.34 -63.98 -20.40
N LYS L 225 -18.41 -65.26 -20.73
CA LYS L 225 -17.41 -66.23 -20.29
C LYS L 225 -16.17 -66.14 -21.18
N GLY L 226 -15.53 -64.98 -21.15
CA GLY L 226 -14.37 -64.71 -21.95
C GLY L 226 -13.73 -63.39 -21.60
N VAL L 227 -13.25 -62.65 -22.61
CA VAL L 227 -12.55 -61.40 -22.39
C VAL L 227 -13.12 -60.35 -23.33
N ILE L 228 -13.31 -59.14 -22.82
CA ILE L 228 -13.74 -58.00 -23.62
C ILE L 228 -12.60 -57.01 -23.62
N VAL L 229 -12.12 -56.64 -24.81
CA VAL L 229 -11.01 -55.73 -24.97
C VAL L 229 -11.46 -54.53 -25.80
N ASP L 230 -10.98 -53.35 -25.43
CA ASP L 230 -11.36 -52.12 -26.12
C ASP L 230 -10.71 -52.01 -27.49
N LYS L 231 -9.77 -52.88 -27.81
CA LYS L 231 -9.08 -52.80 -29.10
C LYS L 231 -9.99 -53.30 -30.21
N ASP L 232 -9.51 -53.16 -31.45
CA ASP L 232 -10.20 -53.66 -32.62
C ASP L 232 -9.17 -54.35 -33.53
N PHE L 233 -9.64 -54.89 -34.65
CA PHE L 233 -8.74 -55.51 -35.60
C PHE L 233 -7.83 -54.47 -36.22
N SER L 234 -6.58 -54.85 -36.47
CA SER L 234 -5.59 -53.89 -36.93
C SER L 234 -5.89 -53.39 -38.34
N HIS L 235 -6.16 -54.31 -39.27
CA HIS L 235 -6.42 -53.78 -40.59
C HIS L 235 -7.92 -53.51 -40.78
N PRO L 236 -8.28 -52.37 -41.38
CA PRO L 236 -9.70 -52.09 -41.60
C PRO L 236 -10.41 -53.11 -42.47
N GLN L 237 -9.69 -53.78 -43.37
CA GLN L 237 -10.28 -54.75 -44.26
C GLN L 237 -10.24 -56.18 -43.72
N MET L 238 -9.70 -56.37 -42.52
CA MET L 238 -9.70 -57.69 -41.91
C MET L 238 -11.11 -58.11 -41.55
N PRO L 239 -11.43 -59.40 -41.63
CA PRO L 239 -12.79 -59.85 -41.30
C PRO L 239 -13.13 -59.56 -39.86
N LYS L 240 -14.40 -59.25 -39.63
CA LYS L 240 -14.89 -58.81 -38.32
C LYS L 240 -15.42 -59.95 -37.47
N LYS L 241 -15.30 -61.19 -37.91
CA LYS L 241 -15.90 -62.31 -37.20
C LYS L 241 -15.11 -63.57 -37.50
N VAL L 242 -14.58 -64.20 -36.46
CA VAL L 242 -13.79 -65.43 -36.58
C VAL L 242 -14.46 -66.50 -35.73
N GLU L 243 -14.69 -67.66 -36.33
CA GLU L 243 -15.28 -68.80 -35.64
C GLU L 243 -14.24 -69.91 -35.49
N ASP L 244 -14.30 -70.62 -34.37
CA ASP L 244 -13.33 -71.66 -34.05
C ASP L 244 -11.91 -71.13 -34.14
N ALA L 245 -11.71 -69.91 -33.65
CA ALA L 245 -10.42 -69.25 -33.75
C ALA L 245 -9.38 -69.99 -32.94
N LYS L 246 -8.20 -70.15 -33.52
CA LYS L 246 -7.04 -70.71 -32.83
C LYS L 246 -6.13 -69.53 -32.48
N ILE L 247 -6.32 -68.99 -31.29
CA ILE L 247 -5.62 -67.77 -30.88
C ILE L 247 -4.13 -68.04 -30.74
N ALA L 248 -3.31 -67.09 -31.17
CA ALA L 248 -1.86 -67.15 -31.02
C ALA L 248 -1.44 -65.92 -30.22
N ILE L 249 -1.29 -66.10 -28.91
CA ILE L 249 -0.93 -64.99 -28.04
C ILE L 249 0.57 -64.75 -28.12
N LEU L 250 0.96 -63.52 -28.44
CA LEU L 250 2.36 -63.17 -28.62
C LEU L 250 2.65 -61.86 -27.91
N THR L 251 3.83 -61.78 -27.28
CA THR L 251 4.29 -60.55 -26.66
C THR L 251 5.45 -59.92 -27.42
N CYS L 252 5.78 -60.43 -28.61
CA CYS L 252 6.85 -59.89 -29.42
C CYS L 252 6.24 -59.02 -30.51
N PRO L 253 6.62 -57.75 -30.62
CA PRO L 253 6.11 -56.92 -31.71
C PRO L 253 6.55 -57.48 -33.05
N PHE L 254 5.67 -57.38 -34.05
CA PHE L 254 5.96 -57.93 -35.38
C PHE L 254 6.86 -56.95 -36.13
N GLU L 255 8.06 -56.79 -35.61
CA GLU L 255 9.08 -55.88 -36.13
C GLU L 255 10.41 -56.61 -36.15
N PRO L 256 11.37 -56.14 -36.93
CA PRO L 256 12.70 -56.77 -36.94
C PRO L 256 13.31 -56.75 -35.56
N PRO L 257 14.05 -57.79 -35.19
CA PRO L 257 14.55 -57.89 -33.81
C PRO L 257 15.50 -56.75 -33.47
N LYS L 258 15.49 -56.38 -32.19
CA LYS L 258 16.34 -55.32 -31.69
C LYS L 258 16.94 -55.72 -30.35
N PRO L 259 18.26 -55.83 -30.24
CA PRO L 259 18.87 -56.21 -28.97
C PRO L 259 18.64 -55.14 -27.90
N LYS L 260 18.57 -55.60 -26.65
CA LYS L 260 18.41 -54.67 -25.55
C LYS L 260 19.67 -53.84 -25.32
N THR L 261 20.84 -54.48 -25.42
CA THR L 261 22.09 -53.77 -25.25
C THR L 261 22.27 -52.75 -26.36
N LYS L 262 22.81 -51.58 -26.00
CA LYS L 262 23.07 -50.56 -27.01
C LYS L 262 24.06 -51.11 -28.03
N HIS L 263 23.75 -50.90 -29.31
CA HIS L 263 24.44 -51.59 -30.38
C HIS L 263 24.49 -50.70 -31.61
N LYS L 264 25.39 -51.05 -32.53
CA LYS L 264 25.51 -50.36 -33.80
C LYS L 264 25.77 -51.39 -34.88
N LEU L 265 25.07 -51.27 -36.00
CA LEU L 265 25.25 -52.14 -37.16
C LEU L 265 25.88 -51.32 -38.27
N ASP L 266 27.13 -51.64 -38.62
CA ASP L 266 27.88 -50.86 -39.58
C ASP L 266 27.56 -51.33 -41.00
N VAL L 267 27.21 -50.38 -41.86
CA VAL L 267 27.03 -50.62 -43.28
C VAL L 267 28.21 -49.96 -43.99
N THR L 268 29.05 -50.76 -44.62
CA THR L 268 30.31 -50.28 -45.18
C THR L 268 30.37 -50.39 -46.70
N SER L 269 29.35 -50.94 -47.34
CA SER L 269 29.38 -51.12 -48.79
C SER L 269 27.95 -51.25 -49.29
N VAL L 270 27.80 -51.16 -50.62
CA VAL L 270 26.50 -51.33 -51.25
C VAL L 270 25.97 -52.74 -50.96
N GLU L 271 26.86 -53.73 -50.99
CA GLU L 271 26.44 -55.10 -50.69
C GLU L 271 25.87 -55.20 -49.28
N ASP L 272 26.44 -54.46 -48.33
CA ASP L 272 25.89 -54.44 -46.97
C ASP L 272 24.49 -53.86 -46.95
N TYR L 273 24.25 -52.80 -47.72
CA TYR L 273 22.90 -52.22 -47.78
C TYR L 273 21.90 -53.20 -48.37
N LYS L 274 22.29 -53.86 -49.48
CA LYS L 274 21.40 -54.85 -50.08
C LYS L 274 21.11 -55.99 -49.12
N ALA L 275 22.14 -56.46 -48.43
CA ALA L 275 21.95 -57.54 -47.46
C ALA L 275 21.03 -57.10 -46.33
N LEU L 276 21.16 -55.85 -45.88
CA LEU L 276 20.33 -55.36 -44.80
C LEU L 276 18.86 -55.29 -45.21
N GLN L 277 18.58 -54.74 -46.39
CA GLN L 277 17.18 -54.66 -46.82
C GLN L 277 16.60 -56.04 -47.08
N LYS L 278 17.40 -56.94 -47.66
CA LYS L 278 16.93 -58.32 -47.86
C LYS L 278 16.67 -58.99 -46.53
N TYR L 279 17.52 -58.73 -45.53
CA TYR L 279 17.32 -59.29 -44.20
C TYR L 279 16.02 -58.81 -43.58
N GLU L 280 15.73 -57.51 -43.71
CA GLU L 280 14.48 -56.99 -43.17
C GLU L 280 13.27 -57.64 -43.84
N LYS L 281 13.30 -57.71 -45.18
CA LYS L 281 12.17 -58.31 -45.90
C LYS L 281 11.99 -59.77 -45.52
N GLU L 282 13.08 -60.53 -45.49
CA GLU L 282 13.00 -61.94 -45.12
C GLU L 282 12.54 -62.11 -43.68
N LYS L 283 12.94 -61.21 -42.78
CA LYS L 283 12.48 -61.28 -41.40
C LYS L 283 10.97 -61.14 -41.31
N PHE L 284 10.42 -60.15 -42.02
CA PHE L 284 8.97 -59.99 -42.02
C PHE L 284 8.29 -61.23 -42.59
N GLU L 285 8.76 -61.70 -43.74
CA GLU L 285 8.14 -62.84 -44.37
C GLU L 285 8.19 -64.08 -43.48
N GLU L 286 9.33 -64.31 -42.82
CA GLU L 286 9.47 -65.53 -42.04
C GLU L 286 8.69 -65.44 -40.73
N MET L 287 8.58 -64.26 -40.12
CA MET L 287 7.74 -64.20 -38.91
C MET L 287 6.28 -64.46 -39.26
N ILE L 288 5.81 -63.90 -40.38
CA ILE L 288 4.42 -64.17 -40.77
C ILE L 288 4.23 -65.64 -41.09
N GLN L 289 5.17 -66.24 -41.83
CA GLN L 289 5.06 -67.65 -42.16
C GLN L 289 5.14 -68.53 -40.92
N GLN L 290 5.95 -68.15 -39.94
CA GLN L 290 6.05 -68.90 -38.70
C GLN L 290 4.74 -68.87 -37.93
N ILE L 291 4.09 -67.71 -37.88
CA ILE L 291 2.78 -67.65 -37.23
C ILE L 291 1.77 -68.48 -38.00
N LYS L 292 1.84 -68.45 -39.34
CA LYS L 292 0.88 -69.19 -40.15
C LYS L 292 1.06 -70.70 -40.04
N GLU L 293 2.30 -71.16 -39.85
CA GLU L 293 2.58 -72.59 -39.88
C GLU L 293 1.85 -73.35 -38.78
N THR L 294 1.65 -72.72 -37.62
CA THR L 294 0.99 -73.40 -36.51
C THR L 294 -0.48 -73.66 -36.77
N GLY L 295 -1.05 -73.08 -37.83
CA GLY L 295 -2.47 -73.20 -38.08
C GLY L 295 -3.33 -72.24 -37.32
N ALA L 296 -2.74 -71.22 -36.70
CA ALA L 296 -3.51 -70.26 -35.92
C ALA L 296 -4.41 -69.43 -36.83
N ASN L 297 -5.66 -69.26 -36.40
CA ASN L 297 -6.63 -68.47 -37.16
C ASN L 297 -6.64 -67.00 -36.77
N LEU L 298 -5.89 -66.62 -35.73
CA LEU L 298 -5.96 -65.26 -35.22
C LEU L 298 -4.76 -65.04 -34.30
N ALA L 299 -4.05 -63.94 -34.51
CA ALA L 299 -2.84 -63.62 -33.77
C ALA L 299 -3.08 -62.40 -32.89
N ILE L 300 -2.80 -62.53 -31.60
CA ILE L 300 -2.94 -61.44 -30.64
C ILE L 300 -1.55 -61.00 -30.23
N CYS L 301 -1.28 -59.70 -30.38
CA CYS L 301 -0.01 -59.12 -29.97
C CYS L 301 -0.23 -58.13 -28.84
N GLN L 302 0.86 -57.71 -28.23
CA GLN L 302 0.81 -56.75 -27.12
C GLN L 302 1.47 -55.42 -27.43
N TRP L 303 2.58 -55.42 -28.18
CA TRP L 303 3.34 -54.21 -28.44
C TRP L 303 3.12 -53.65 -29.83
N GLY L 304 2.12 -54.14 -30.55
CA GLY L 304 1.80 -53.58 -31.86
C GLY L 304 2.80 -53.96 -32.91
N PHE L 305 2.53 -53.50 -34.14
CA PHE L 305 3.39 -53.80 -35.27
C PHE L 305 3.18 -52.73 -36.33
N ASP L 306 3.92 -52.87 -37.43
CA ASP L 306 4.01 -51.85 -38.46
C ASP L 306 3.30 -52.31 -39.74
N ASP L 307 3.41 -51.48 -40.78
CA ASP L 307 2.57 -51.62 -41.97
C ASP L 307 2.82 -52.93 -42.70
N GLU L 308 4.09 -53.31 -42.88
CA GLU L 308 4.39 -54.51 -43.64
C GLU L 308 3.82 -55.75 -42.96
N ALA L 309 3.98 -55.86 -41.65
CA ALA L 309 3.41 -57.00 -40.93
C ALA L 309 1.90 -56.99 -41.02
N ASN L 310 1.28 -55.81 -40.94
CA ASN L 310 -0.17 -55.72 -41.05
C ASN L 310 -0.65 -56.23 -42.40
N HIS L 311 0.00 -55.81 -43.48
CA HIS L 311 -0.44 -56.23 -44.81
C HIS L 311 -0.17 -57.71 -45.03
N LEU L 312 0.94 -58.23 -44.50
CA LEU L 312 1.18 -59.67 -44.61
C LEU L 312 0.14 -60.46 -43.83
N LEU L 313 -0.27 -59.97 -42.66
CA LEU L 313 -1.30 -60.65 -41.89
C LEU L 313 -2.63 -60.65 -42.64
N LEU L 314 -2.99 -59.51 -43.24
CA LEU L 314 -4.22 -59.46 -44.01
C LEU L 314 -4.14 -60.36 -45.24
N GLN L 315 -2.98 -60.38 -45.90
CA GLN L 315 -2.83 -61.15 -47.13
C GLN L 315 -2.87 -62.65 -46.89
N ASN L 316 -2.44 -63.09 -45.71
CA ASN L 316 -2.39 -64.51 -45.39
C ASN L 316 -3.62 -64.98 -44.63
N ASN L 317 -4.65 -64.14 -44.50
CA ASN L 317 -5.91 -64.50 -43.85
C ASN L 317 -5.69 -64.82 -42.38
N LEU L 318 -5.00 -63.91 -41.69
CA LEU L 318 -4.79 -64.01 -40.24
C LEU L 318 -5.26 -62.72 -39.58
N PRO L 319 -6.51 -62.66 -39.12
CA PRO L 319 -6.94 -61.49 -38.35
C PRO L 319 -6.08 -61.32 -37.11
N ALA L 320 -5.75 -60.07 -36.80
CA ALA L 320 -4.83 -59.78 -35.72
C ALA L 320 -5.31 -58.59 -34.92
N VAL L 321 -4.92 -58.56 -33.65
CA VAL L 321 -5.20 -57.44 -32.75
C VAL L 321 -3.88 -57.00 -32.12
N ARG L 322 -3.63 -55.70 -32.14
CA ARG L 322 -2.38 -55.15 -31.64
C ARG L 322 -2.62 -54.25 -30.44
N TRP L 323 -1.56 -54.00 -29.69
CA TRP L 323 -1.56 -53.11 -28.54
C TRP L 323 -2.52 -53.56 -27.45
N VAL L 324 -2.69 -54.87 -27.29
CA VAL L 324 -3.50 -55.42 -26.22
C VAL L 324 -2.71 -55.31 -24.92
N GLY L 325 -3.38 -54.85 -23.85
CA GLY L 325 -2.72 -54.67 -22.59
C GLY L 325 -2.28 -55.96 -21.96
N GLY L 326 -1.34 -55.85 -21.03
CA GLY L 326 -0.78 -56.99 -20.34
C GLY L 326 -1.80 -57.82 -19.57
N PRO L 327 -2.59 -57.18 -18.71
CA PRO L 327 -3.68 -57.91 -18.05
C PRO L 327 -4.65 -58.52 -19.02
N GLU L 328 -4.96 -57.82 -20.11
CA GLU L 328 -5.86 -58.38 -21.12
C GLU L 328 -5.22 -59.57 -21.81
N ILE L 329 -3.92 -59.50 -22.09
CA ILE L 329 -3.21 -60.64 -22.68
C ILE L 329 -3.30 -61.84 -21.76
N GLU L 330 -3.05 -61.62 -20.47
CA GLU L 330 -3.11 -62.73 -19.52
C GLU L 330 -4.50 -63.31 -19.42
N LEU L 331 -5.52 -62.45 -19.41
CA LEU L 331 -6.90 -62.93 -19.34
C LEU L 331 -7.26 -63.73 -20.58
N ILE L 332 -6.83 -63.28 -21.76
CA ILE L 332 -7.10 -64.01 -22.99
C ILE L 332 -6.42 -65.38 -22.94
N ALA L 333 -5.18 -65.42 -22.48
CA ALA L 333 -4.47 -66.69 -22.38
C ALA L 333 -5.15 -67.63 -21.40
N ILE L 334 -5.63 -67.11 -20.27
CA ILE L 334 -6.29 -67.94 -19.27
C ILE L 334 -7.60 -68.48 -19.82
N ALA L 335 -8.40 -67.63 -20.46
CA ALA L 335 -9.71 -68.06 -20.93
C ALA L 335 -9.58 -69.04 -22.09
N THR L 336 -8.76 -68.71 -23.09
CA THR L 336 -8.65 -69.54 -24.28
C THR L 336 -7.85 -70.82 -24.06
N GLY L 337 -7.09 -70.91 -22.97
CA GLY L 337 -6.30 -72.09 -22.71
C GLY L 337 -4.94 -72.13 -23.37
N GLY L 338 -4.58 -71.09 -24.13
CA GLY L 338 -3.28 -71.03 -24.74
C GLY L 338 -2.22 -70.48 -23.81
N ARG L 339 -0.98 -70.50 -24.29
CA ARG L 339 0.17 -70.03 -23.53
C ARG L 339 0.72 -68.77 -24.18
N ILE L 340 1.21 -67.85 -23.35
CA ILE L 340 1.82 -66.63 -23.86
C ILE L 340 3.21 -66.96 -24.41
N VAL L 341 3.45 -66.57 -25.65
CA VAL L 341 4.67 -66.92 -26.38
C VAL L 341 5.49 -65.65 -26.55
N PRO L 342 6.78 -65.66 -26.17
CA PRO L 342 7.56 -64.41 -26.24
C PRO L 342 8.18 -64.14 -27.59
N ARG L 343 8.28 -65.12 -28.49
CA ARG L 343 8.83 -64.88 -29.81
C ARG L 343 8.33 -65.97 -30.76
N PHE L 344 8.40 -65.65 -32.06
CA PHE L 344 7.85 -66.57 -33.07
C PHE L 344 8.58 -67.89 -33.10
N SER L 345 9.86 -67.91 -32.73
CA SER L 345 10.64 -69.14 -32.81
C SER L 345 10.10 -70.22 -31.89
N GLU L 346 9.48 -69.82 -30.78
CA GLU L 346 8.94 -70.77 -29.81
C GLU L 346 7.46 -71.05 -30.01
N LEU L 347 6.82 -70.41 -31.00
CA LEU L 347 5.41 -70.64 -31.24
C LEU L 347 5.18 -72.03 -31.83
N THR L 348 4.12 -72.69 -31.36
CA THR L 348 3.77 -74.02 -31.85
C THR L 348 2.28 -74.23 -31.69
N ALA L 349 1.80 -75.35 -32.26
CA ALA L 349 0.37 -75.63 -32.24
C ALA L 349 -0.13 -75.86 -30.82
N GLU L 350 0.66 -76.53 -29.98
CA GLU L 350 0.22 -76.85 -28.63
C GLU L 350 0.00 -75.62 -27.78
N LYS L 351 0.64 -74.50 -28.12
CA LYS L 351 0.52 -73.27 -27.34
C LYS L 351 -0.61 -72.38 -27.84
N LEU L 352 -1.36 -72.82 -28.84
CA LEU L 352 -2.44 -72.01 -29.39
C LEU L 352 -3.70 -72.13 -28.52
N GLY L 353 -4.27 -70.99 -28.17
CA GLY L 353 -5.56 -70.99 -27.50
C GLY L 353 -6.69 -71.25 -28.46
N PHE L 354 -7.86 -71.56 -27.90
CA PHE L 354 -9.05 -71.82 -28.68
C PHE L 354 -10.20 -70.97 -28.16
N ALA L 355 -10.90 -70.31 -29.08
CA ALA L 355 -12.09 -69.53 -28.77
C ALA L 355 -13.19 -69.89 -29.75
N GLY L 356 -14.40 -70.10 -29.25
CA GLY L 356 -15.49 -70.49 -30.12
C GLY L 356 -15.87 -69.41 -31.11
N LEU L 357 -15.84 -68.15 -30.68
CA LEU L 357 -16.24 -67.05 -31.53
C LEU L 357 -15.53 -65.78 -31.11
N VAL L 358 -14.84 -65.14 -32.05
CA VAL L 358 -14.22 -63.84 -31.84
C VAL L 358 -14.90 -62.85 -32.78
N GLN L 359 -15.49 -61.81 -32.21
CA GLN L 359 -16.28 -60.87 -32.99
C GLN L 359 -15.97 -59.45 -32.56
N GLU L 360 -16.06 -58.53 -33.52
CA GLU L 360 -15.93 -57.10 -33.26
C GLU L 360 -17.33 -56.50 -33.17
N ILE L 361 -17.56 -55.68 -32.15
CA ILE L 361 -18.88 -55.19 -31.80
C ILE L 361 -18.94 -53.69 -32.02
N SER L 362 -19.97 -53.24 -32.72
CA SER L 362 -20.26 -51.82 -32.86
C SER L 362 -21.20 -51.36 -31.75
N PHE L 363 -21.19 -50.06 -31.50
CA PHE L 363 -21.94 -49.48 -30.38
C PHE L 363 -22.71 -48.25 -30.83
N GLY L 364 -23.42 -48.37 -31.94
CA GLY L 364 -24.25 -47.29 -32.43
C GLY L 364 -23.47 -46.25 -33.21
N THR L 365 -23.83 -44.98 -33.05
CA THR L 365 -23.20 -43.90 -33.80
C THR L 365 -21.97 -43.36 -33.08
N THR L 366 -21.03 -44.25 -32.75
CA THR L 366 -19.84 -43.87 -32.01
C THR L 366 -18.53 -44.37 -32.61
N LYS L 367 -18.57 -45.18 -33.68
CA LYS L 367 -17.39 -45.72 -34.35
C LYS L 367 -16.38 -46.31 -33.38
N ASP L 368 -16.85 -46.75 -32.21
CA ASP L 368 -16.02 -47.44 -31.23
C ASP L 368 -16.25 -48.94 -31.36
N LYS L 369 -15.16 -49.69 -31.48
CA LYS L 369 -15.22 -51.13 -31.68
C LYS L 369 -14.50 -51.84 -30.55
N MET L 370 -15.11 -52.91 -30.04
CA MET L 370 -14.52 -53.72 -28.97
C MET L 370 -14.75 -55.18 -29.31
N LEU L 371 -13.74 -56.01 -29.04
CA LEU L 371 -13.82 -57.43 -29.34
C LEU L 371 -14.52 -58.22 -28.23
N VAL L 372 -15.05 -59.37 -28.62
CA VAL L 372 -15.60 -60.35 -27.70
C VAL L 372 -14.93 -61.68 -28.00
N ILE L 373 -14.30 -62.28 -26.99
CA ILE L 373 -13.70 -63.59 -27.14
C ILE L 373 -14.45 -64.55 -26.23
N GLU L 374 -15.44 -65.24 -26.77
CA GLU L 374 -16.31 -66.07 -25.94
C GLU L 374 -16.43 -67.48 -26.49
N GLN L 375 -17.34 -68.27 -25.91
CA GLN L 375 -17.58 -69.65 -26.31
C GLN L 375 -16.31 -70.48 -26.18
N CYS L 376 -15.50 -70.19 -25.17
CA CYS L 376 -14.32 -70.99 -24.90
C CYS L 376 -14.72 -72.36 -24.35
N LYS L 377 -13.77 -73.29 -24.39
CA LYS L 377 -14.06 -74.65 -23.93
C LYS L 377 -14.28 -74.68 -22.41
N ASN L 378 -13.27 -74.28 -21.65
CA ASN L 378 -13.29 -74.35 -20.20
C ASN L 378 -12.78 -73.05 -19.61
N SER L 379 -13.32 -71.92 -20.08
CA SER L 379 -12.88 -70.61 -19.64
C SER L 379 -12.89 -70.48 -18.13
N ARG L 380 -11.71 -70.26 -17.56
CA ARG L 380 -11.54 -70.07 -16.12
C ARG L 380 -11.62 -68.62 -15.72
N ALA L 381 -11.70 -67.69 -16.67
CA ALA L 381 -11.85 -66.28 -16.40
C ALA L 381 -13.12 -65.79 -17.04
N VAL L 382 -13.79 -64.84 -16.39
CA VAL L 382 -15.09 -64.36 -16.83
C VAL L 382 -15.06 -62.83 -16.85
N THR L 383 -15.92 -62.25 -17.69
CA THR L 383 -16.01 -60.82 -17.84
C THR L 383 -17.46 -60.37 -17.76
N ILE L 384 -17.70 -59.29 -17.03
CA ILE L 384 -19.03 -58.71 -16.88
C ILE L 384 -19.08 -57.42 -17.67
N PHE L 385 -20.02 -57.32 -18.60
CA PHE L 385 -20.19 -56.15 -19.45
C PHE L 385 -21.46 -55.43 -19.02
N ILE L 386 -21.33 -54.15 -18.68
CA ILE L 386 -22.42 -53.38 -18.08
C ILE L 386 -22.82 -52.27 -19.04
N ARG L 387 -24.12 -52.18 -19.31
CA ARG L 387 -24.69 -51.12 -20.13
C ARG L 387 -25.68 -50.31 -19.31
N GLY L 388 -25.65 -49.00 -19.48
CA GLY L 388 -26.53 -48.13 -18.73
C GLY L 388 -26.87 -46.86 -19.50
N GLY L 389 -27.86 -46.13 -18.97
CA GLY L 389 -28.29 -44.91 -19.62
C GLY L 389 -27.35 -43.74 -19.44
N ASN L 390 -26.49 -43.77 -18.44
CA ASN L 390 -25.48 -42.74 -18.22
C ASN L 390 -24.36 -43.33 -17.39
N LYS L 391 -23.22 -42.63 -17.37
CA LYS L 391 -22.03 -43.21 -16.77
C LYS L 391 -22.17 -43.39 -15.27
N MET L 392 -22.96 -42.54 -14.61
CA MET L 392 -23.10 -42.63 -13.16
C MET L 392 -23.89 -43.87 -12.74
N ILE L 393 -24.97 -44.19 -13.45
CA ILE L 393 -25.66 -45.43 -13.14
C ILE L 393 -24.76 -46.62 -13.46
N ILE L 394 -23.87 -46.48 -14.44
CA ILE L 394 -22.93 -47.55 -14.75
C ILE L 394 -21.95 -47.76 -13.60
N GLU L 395 -21.43 -46.68 -13.04
CA GLU L 395 -20.52 -46.81 -11.91
C GLU L 395 -21.22 -47.40 -10.70
N GLU L 396 -22.47 -46.97 -10.45
CA GLU L 396 -23.23 -47.52 -9.34
C GLU L 396 -23.50 -49.01 -9.56
N ALA L 397 -23.81 -49.41 -10.78
CA ALA L 397 -23.97 -50.83 -11.08
C ALA L 397 -22.67 -51.59 -10.88
N LYS L 398 -21.55 -50.99 -11.26
CA LYS L 398 -20.26 -51.62 -11.05
C LYS L 398 -20.03 -51.91 -9.57
N ARG L 399 -20.25 -50.92 -8.71
CA ARG L 399 -20.00 -51.14 -7.29
C ARG L 399 -21.05 -52.05 -6.66
N SER L 400 -22.29 -52.02 -7.15
CA SER L 400 -23.29 -52.96 -6.65
C SER L 400 -22.93 -54.40 -7.01
N LEU L 401 -22.49 -54.63 -8.24
CA LEU L 401 -22.04 -55.96 -8.63
C LEU L 401 -20.82 -56.37 -7.84
N HIS L 402 -19.93 -55.41 -7.54
CA HIS L 402 -18.79 -55.71 -6.68
C HIS L 402 -19.25 -56.18 -5.31
N ASP L 403 -20.25 -55.51 -4.74
CA ASP L 403 -20.80 -55.93 -3.46
C ASP L 403 -21.36 -57.34 -3.54
N ALA L 404 -22.11 -57.64 -4.61
CA ALA L 404 -22.68 -58.98 -4.75
C ALA L 404 -21.61 -60.05 -4.89
N LEU L 405 -20.56 -59.77 -5.69
CA LEU L 405 -19.47 -60.71 -5.83
C LEU L 405 -18.75 -60.94 -4.51
N CYS L 406 -18.53 -59.87 -3.74
CA CYS L 406 -17.89 -60.01 -2.44
C CYS L 406 -18.75 -60.84 -1.50
N VAL L 407 -20.07 -60.66 -1.55
CA VAL L 407 -20.97 -61.44 -0.71
C VAL L 407 -20.89 -62.92 -1.06
N ILE L 408 -20.90 -63.24 -2.36
CA ILE L 408 -20.82 -64.65 -2.75
C ILE L 408 -19.46 -65.23 -2.39
N ARG L 409 -18.40 -64.42 -2.49
CA ARG L 409 -17.08 -64.86 -2.05
C ARG L 409 -17.08 -65.19 -0.56
N ASN L 410 -17.70 -64.32 0.24
CA ASN L 410 -17.79 -64.60 1.68
C ASN L 410 -18.58 -65.88 1.93
N LEU L 411 -19.65 -66.09 1.18
CA LEU L 411 -20.43 -67.31 1.34
C LEU L 411 -19.60 -68.54 1.00
N ILE L 412 -18.76 -68.44 -0.03
CA ILE L 412 -17.85 -69.53 -0.34
C ILE L 412 -16.89 -69.77 0.81
N ARG L 413 -16.33 -68.70 1.37
CA ARG L 413 -15.39 -68.85 2.47
C ARG L 413 -16.05 -69.49 3.69
N ASP L 414 -17.28 -69.06 4.02
CA ASP L 414 -18.04 -69.63 5.13
C ASP L 414 -19.49 -69.71 4.71
N ASN L 415 -20.03 -70.94 4.70
CA ASN L 415 -21.37 -71.17 4.16
C ASN L 415 -22.47 -71.02 5.19
N ARG L 416 -22.23 -70.27 6.26
CA ARG L 416 -23.25 -70.06 7.28
C ARG L 416 -23.89 -68.69 7.11
N VAL L 417 -25.21 -68.63 7.27
CA VAL L 417 -25.97 -67.42 7.03
C VAL L 417 -26.86 -67.11 8.23
N VAL L 418 -27.25 -65.84 8.33
CA VAL L 418 -28.25 -65.38 9.27
C VAL L 418 -29.27 -64.55 8.51
N TYR L 419 -30.47 -64.44 9.07
CA TYR L 419 -31.57 -63.77 8.40
C TYR L 419 -31.58 -62.30 8.77
N GLY L 420 -31.48 -61.43 7.77
CA GLY L 420 -31.38 -60.00 7.98
C GLY L 420 -32.70 -59.34 8.26
N GLY L 421 -32.83 -58.10 7.80
CA GLY L 421 -34.04 -57.34 8.07
C GLY L 421 -34.17 -56.90 9.50
N GLY L 422 -33.09 -56.89 10.27
CA GLY L 422 -33.12 -56.54 11.66
C GLY L 422 -33.32 -57.71 12.61
N ALA L 423 -33.59 -58.90 12.08
CA ALA L 423 -33.82 -60.05 12.96
C ALA L 423 -32.57 -60.41 13.74
N ALA L 424 -31.42 -60.42 13.07
CA ALA L 424 -30.18 -60.79 13.76
C ALA L 424 -29.84 -59.81 14.86
N GLU L 425 -29.97 -58.51 14.59
CA GLU L 425 -29.69 -57.51 15.62
C GLU L 425 -30.66 -57.65 16.80
N ILE L 426 -31.93 -57.89 16.52
CA ILE L 426 -32.91 -58.04 17.60
C ILE L 426 -32.59 -59.25 18.45
N SER L 427 -32.26 -60.38 17.82
CA SER L 427 -31.93 -61.58 18.58
C SER L 427 -30.65 -61.37 19.40
N CYS L 428 -29.65 -60.72 18.82
CA CYS L 428 -28.42 -60.45 19.56
C CYS L 428 -28.68 -59.54 20.75
N ALA L 429 -29.53 -58.53 20.56
CA ALA L 429 -29.86 -57.63 21.67
C ALA L 429 -30.63 -58.37 22.75
N LEU L 430 -31.52 -59.28 22.37
CA LEU L 430 -32.23 -60.09 23.36
C LEU L 430 -31.25 -60.94 24.15
N ALA L 431 -30.28 -61.57 23.47
CA ALA L 431 -29.30 -62.38 24.16
C ALA L 431 -28.45 -61.53 25.10
N VAL L 432 -28.05 -60.33 24.66
CA VAL L 432 -27.25 -59.46 25.50
C VAL L 432 -28.04 -59.03 26.73
N SER L 433 -29.31 -58.68 26.55
CA SER L 433 -30.14 -58.27 27.68
C SER L 433 -30.33 -59.43 28.66
N GLN L 434 -30.52 -60.65 28.14
CA GLN L 434 -30.63 -61.80 29.02
C GLN L 434 -29.32 -62.02 29.80
N GLU L 435 -28.19 -61.85 29.13
CA GLU L 435 -26.91 -62.02 29.81
C GLU L 435 -26.70 -60.96 30.89
N ALA L 436 -27.18 -59.74 30.64
CA ALA L 436 -26.96 -58.65 31.59
C ALA L 436 -27.64 -58.92 32.92
N ASP L 437 -28.81 -59.55 32.89
CA ASP L 437 -29.56 -59.79 34.13
C ASP L 437 -28.80 -60.68 35.10
N LYS L 438 -27.85 -61.47 34.62
CA LYS L 438 -27.03 -62.31 35.48
C LYS L 438 -25.70 -61.69 35.86
N CYS L 439 -25.26 -60.66 35.13
CA CYS L 439 -24.00 -60.02 35.42
C CYS L 439 -24.14 -59.11 36.66
N PRO L 440 -23.06 -58.89 37.39
CA PRO L 440 -23.08 -57.86 38.44
C PRO L 440 -23.52 -56.52 37.87
N THR L 441 -24.20 -55.73 38.70
CA THR L 441 -24.91 -54.56 38.21
C THR L 441 -24.01 -53.52 37.56
N LEU L 442 -22.70 -53.55 37.85
CA LEU L 442 -21.83 -52.48 37.35
C LEU L 442 -21.67 -52.56 35.84
N GLU L 443 -21.50 -53.76 35.28
CA GLU L 443 -21.42 -53.93 33.84
C GLU L 443 -22.78 -54.04 33.18
N GLN L 444 -23.85 -54.12 33.96
CA GLN L 444 -25.20 -54.21 33.40
C GLN L 444 -25.51 -53.00 32.55
N TYR L 445 -25.10 -51.81 33.00
CA TYR L 445 -25.39 -50.59 32.24
C TYR L 445 -24.71 -50.63 30.88
N ALA L 446 -23.45 -51.04 30.83
CA ALA L 446 -22.75 -51.13 29.55
C ALA L 446 -23.39 -52.18 28.64
N MET L 447 -23.76 -53.32 29.21
CA MET L 447 -24.40 -54.36 28.40
C MET L 447 -25.72 -53.89 27.82
N ARG L 448 -26.53 -53.20 28.64
CA ARG L 448 -27.82 -52.72 28.16
C ARG L 448 -27.66 -51.60 27.15
N ALA L 449 -26.64 -50.76 27.32
CA ALA L 449 -26.34 -49.75 26.30
C ALA L 449 -25.94 -50.41 25.00
N PHE L 450 -25.15 -51.48 25.06
CA PHE L 450 -24.81 -52.21 23.85
C PHE L 450 -26.05 -52.80 23.18
N ALA L 451 -26.96 -53.35 23.98
CA ALA L 451 -28.19 -53.91 23.41
C ALA L 451 -29.03 -52.83 22.74
N ASP L 452 -29.17 -51.67 23.39
CA ASP L 452 -29.93 -50.58 22.80
C ASP L 452 -29.29 -50.08 21.52
N ALA L 453 -27.96 -50.00 21.50
CA ALA L 453 -27.27 -49.60 20.28
C ALA L 453 -27.45 -50.62 19.18
N LEU L 454 -27.47 -51.91 19.54
CA LEU L 454 -27.75 -52.93 18.54
C LEU L 454 -29.14 -52.77 17.96
N GLU L 455 -30.11 -52.41 18.78
CA GLU L 455 -31.46 -52.27 18.26
C GLU L 455 -31.64 -51.06 17.34
N VAL L 456 -30.61 -50.30 16.95
CA VAL L 456 -30.86 -49.15 16.09
C VAL L 456 -31.06 -49.57 14.63
N ILE L 457 -30.46 -50.70 14.22
CA ILE L 457 -30.62 -51.14 12.84
C ILE L 457 -32.08 -51.44 12.48
N PRO L 458 -32.83 -52.21 13.27
CA PRO L 458 -34.27 -52.31 12.98
C PRO L 458 -34.98 -50.98 13.06
N MET L 459 -34.58 -50.11 13.98
CA MET L 459 -35.17 -48.77 14.06
C MET L 459 -34.93 -48.00 12.77
N ALA L 460 -33.71 -48.03 12.26
CA ALA L 460 -33.39 -47.34 11.03
C ALA L 460 -34.16 -47.93 9.85
N LEU L 461 -34.26 -49.26 9.80
CA LEU L 461 -34.99 -49.90 8.71
C LEU L 461 -36.46 -49.52 8.73
N SER L 462 -37.08 -49.50 9.92
CA SER L 462 -38.48 -49.12 10.01
C SER L 462 -38.68 -47.63 9.71
N GLU L 463 -37.74 -46.79 10.12
CA GLU L 463 -37.82 -45.37 9.80
C GLU L 463 -37.74 -45.13 8.30
N ASN L 464 -36.84 -45.84 7.61
CA ASN L 464 -36.68 -45.64 6.18
C ASN L 464 -37.89 -46.13 5.39
N SER L 465 -38.66 -47.05 5.96
CA SER L 465 -39.83 -47.62 5.28
C SER L 465 -41.12 -46.91 5.66
N GLY L 466 -41.05 -45.83 6.43
CA GLY L 466 -42.22 -45.07 6.80
C GLY L 466 -43.01 -45.61 7.97
N MET L 467 -42.61 -46.75 8.52
CA MET L 467 -43.31 -47.30 9.68
C MET L 467 -42.84 -46.61 10.96
N ASN L 468 -43.58 -46.83 12.03
CA ASN L 468 -43.21 -46.28 13.32
C ASN L 468 -42.07 -47.10 13.91
N PRO L 469 -40.92 -46.50 14.21
CA PRO L 469 -39.78 -47.31 14.66
C PRO L 469 -40.02 -48.04 15.98
N ILE L 470 -40.41 -47.32 17.02
CA ILE L 470 -40.50 -47.92 18.35
C ILE L 470 -41.59 -48.98 18.38
N GLN L 471 -42.75 -48.69 17.80
CA GLN L 471 -43.85 -49.66 17.82
C GLN L 471 -43.49 -50.93 17.07
N THR L 472 -42.97 -50.79 15.84
CA THR L 472 -42.62 -51.96 15.05
C THR L 472 -41.52 -52.78 15.72
N MET L 473 -40.49 -52.11 16.24
CA MET L 473 -39.41 -52.82 16.90
C MET L 473 -39.90 -53.56 18.14
N THR L 474 -40.73 -52.90 18.95
CA THR L 474 -41.24 -53.54 20.15
C THR L 474 -42.11 -54.74 19.80
N GLU L 475 -42.96 -54.61 18.78
CA GLU L 475 -43.81 -55.72 18.38
C GLU L 475 -42.98 -56.91 17.89
N VAL L 476 -41.97 -56.63 17.07
CA VAL L 476 -41.13 -57.72 16.55
C VAL L 476 -40.36 -58.38 17.68
N ARG L 477 -39.83 -57.60 18.62
CA ARG L 477 -39.10 -58.18 19.74
C ARG L 477 -40.02 -59.03 20.61
N ALA L 478 -41.25 -58.55 20.85
CA ALA L 478 -42.20 -59.34 21.62
C ALA L 478 -42.55 -60.64 20.92
N ARG L 479 -42.71 -60.59 19.60
CA ARG L 479 -42.98 -61.82 18.86
C ARG L 479 -41.81 -62.79 18.93
N GLN L 480 -40.59 -62.26 18.85
CA GLN L 480 -39.41 -63.12 18.97
C GLN L 480 -39.34 -63.78 20.34
N VAL L 481 -39.68 -63.03 21.40
CA VAL L 481 -39.65 -63.59 22.74
C VAL L 481 -40.74 -64.63 22.92
N LYS L 482 -41.94 -64.36 22.39
CA LYS L 482 -43.08 -65.25 22.63
C LYS L 482 -42.84 -66.63 22.02
N GLU L 483 -42.68 -66.68 20.69
CA GLU L 483 -42.32 -67.91 20.00
C GLU L 483 -40.87 -67.83 19.61
N MET L 484 -40.12 -68.89 19.90
CA MET L 484 -38.67 -68.89 19.68
C MET L 484 -38.43 -68.90 18.18
N ASN L 485 -38.16 -67.71 17.62
CA ASN L 485 -37.99 -67.56 16.19
C ASN L 485 -37.10 -66.37 15.90
N PRO L 486 -35.78 -66.57 15.76
CA PRO L 486 -34.88 -65.45 15.51
C PRO L 486 -34.91 -64.92 14.08
N ALA L 487 -35.86 -65.35 13.26
CA ALA L 487 -35.92 -64.92 11.86
C ALA L 487 -36.91 -63.78 11.64
N LEU L 488 -37.54 -63.27 12.69
CA LEU L 488 -38.54 -62.21 12.54
C LEU L 488 -37.85 -60.86 12.44
N GLY L 489 -38.07 -60.16 11.34
CA GLY L 489 -37.45 -58.87 11.13
C GLY L 489 -38.44 -57.78 10.78
N ILE L 490 -37.95 -56.71 10.17
CA ILE L 490 -38.77 -55.55 9.81
C ILE L 490 -39.24 -55.73 8.38
N ASP L 491 -40.56 -55.66 8.17
CA ASP L 491 -41.14 -55.79 6.84
C ASP L 491 -40.94 -54.49 6.08
N CYS L 492 -39.72 -54.31 5.56
CA CYS L 492 -39.38 -53.07 4.87
C CYS L 492 -40.19 -52.91 3.59
N LEU L 493 -40.41 -54.00 2.85
CA LEU L 493 -41.13 -53.94 1.59
C LEU L 493 -42.62 -54.17 1.75
N HIS L 494 -43.11 -54.34 2.98
CA HIS L 494 -44.53 -54.53 3.26
C HIS L 494 -45.09 -55.73 2.50
N LYS L 495 -44.43 -56.88 2.70
CA LYS L 495 -44.88 -58.12 2.10
C LYS L 495 -45.95 -58.83 2.93
N GLY L 496 -46.28 -58.30 4.11
CA GLY L 496 -47.34 -58.82 4.93
C GLY L 496 -46.88 -59.72 6.05
N THR L 497 -45.67 -60.26 5.95
CA THR L 497 -45.13 -61.15 6.97
C THR L 497 -43.83 -60.60 7.53
N ASN L 498 -43.62 -60.84 8.82
CA ASN L 498 -42.39 -60.42 9.49
C ASN L 498 -41.31 -61.49 9.46
N ASP L 499 -41.61 -62.68 8.95
CA ASP L 499 -40.67 -63.78 8.92
C ASP L 499 -39.72 -63.59 7.74
N MET L 500 -38.45 -63.28 8.04
CA MET L 500 -37.49 -63.05 6.98
C MET L 500 -37.07 -64.33 6.27
N LYS L 501 -37.25 -65.48 6.91
CA LYS L 501 -36.93 -66.73 6.24
C LYS L 501 -37.85 -66.97 5.05
N GLN L 502 -39.14 -66.67 5.19
CA GLN L 502 -40.05 -66.77 4.07
C GLN L 502 -39.71 -65.75 2.98
N GLN L 503 -39.37 -64.53 3.38
CA GLN L 503 -39.01 -63.50 2.44
C GLN L 503 -37.63 -63.71 1.83
N HIS L 504 -36.87 -64.70 2.31
CA HIS L 504 -35.54 -65.01 1.80
C HIS L 504 -34.60 -63.82 1.91
N VAL L 505 -34.63 -63.16 3.06
CA VAL L 505 -33.68 -62.10 3.38
C VAL L 505 -32.52 -62.77 4.10
N ILE L 506 -31.40 -62.90 3.40
CA ILE L 506 -30.27 -63.72 3.86
C ILE L 506 -29.03 -62.85 3.94
N GLU L 507 -28.30 -62.98 5.03
CA GLU L 507 -27.01 -62.31 5.20
C GLU L 507 -25.97 -63.30 5.66
N THR L 508 -24.73 -63.09 5.22
CA THR L 508 -23.64 -63.95 5.63
C THR L 508 -23.33 -63.76 7.11
N LEU L 509 -23.06 -64.86 7.81
CA LEU L 509 -22.78 -64.78 9.24
C LEU L 509 -21.50 -64.01 9.51
N ILE L 510 -20.45 -64.26 8.72
CA ILE L 510 -19.18 -63.59 8.94
C ILE L 510 -19.32 -62.08 8.73
N GLY L 511 -20.23 -61.66 7.85
CA GLY L 511 -20.46 -60.24 7.66
C GLY L 511 -20.96 -59.57 8.93
N LYS L 512 -21.97 -60.17 9.57
CA LYS L 512 -22.49 -59.62 10.81
C LYS L 512 -21.45 -59.69 11.94
N LYS L 513 -20.72 -60.80 12.02
CA LYS L 513 -19.69 -60.91 13.04
C LYS L 513 -18.64 -59.83 12.86
N GLN L 514 -18.22 -59.58 11.62
CA GLN L 514 -17.25 -58.53 11.35
C GLN L 514 -17.83 -57.15 11.67
N GLN L 515 -19.10 -56.93 11.35
CA GLN L 515 -19.75 -55.67 11.69
C GLN L 515 -19.64 -55.41 13.19
N ILE L 516 -20.07 -56.38 13.99
CA ILE L 516 -20.08 -56.20 15.44
C ILE L 516 -18.67 -56.02 15.96
N SER L 517 -17.72 -56.86 15.49
CA SER L 517 -16.36 -56.79 15.99
C SER L 517 -15.72 -55.45 15.67
N LEU L 518 -15.78 -55.02 14.40
CA LEU L 518 -15.15 -53.78 14.01
C LEU L 518 -15.77 -52.59 14.73
N ALA L 519 -17.11 -52.58 14.84
CA ALA L 519 -17.75 -51.48 15.56
C ALA L 519 -17.29 -51.43 17.01
N THR L 520 -17.21 -52.59 17.66
CA THR L 520 -16.80 -52.62 19.07
C THR L 520 -15.37 -52.12 19.24
N GLN L 521 -14.45 -52.60 18.41
CA GLN L 521 -13.06 -52.18 18.56
C GLN L 521 -12.90 -50.69 18.26
N MET L 522 -13.57 -50.18 17.23
CA MET L 522 -13.44 -48.76 16.91
C MET L 522 -14.06 -47.89 18.01
N VAL L 523 -15.20 -48.32 18.56
CA VAL L 523 -15.80 -47.57 19.66
C VAL L 523 -14.89 -47.57 20.87
N ARG L 524 -14.25 -48.71 21.17
CA ARG L 524 -13.31 -48.75 22.28
C ARG L 524 -12.14 -47.81 22.05
N MET L 525 -11.57 -47.82 20.85
CA MET L 525 -10.42 -46.97 20.58
C MET L 525 -10.80 -45.49 20.60
N ILE L 526 -12.03 -45.16 20.21
CA ILE L 526 -12.48 -43.77 20.30
C ILE L 526 -12.69 -43.37 21.75
N LEU L 527 -13.29 -44.26 22.55
CA LEU L 527 -13.53 -43.96 23.95
C LEU L 527 -12.23 -43.84 24.74
N LYS L 528 -11.17 -44.52 24.28
CA LYS L 528 -9.90 -44.45 24.98
C LYS L 528 -9.18 -43.13 24.76
N ILE L 529 -9.52 -42.38 23.71
CA ILE L 529 -8.86 -41.12 23.41
C ILE L 529 -9.47 -40.03 24.29
N ASP L 530 -8.64 -39.34 25.07
CA ASP L 530 -9.10 -38.27 25.95
C ASP L 530 -8.29 -36.99 25.79
N ASP L 531 -7.47 -36.88 24.76
CA ASP L 531 -6.62 -35.72 24.57
C ASP L 531 -6.37 -35.51 23.09
N ILE L 532 -6.44 -34.25 22.66
CA ILE L 532 -6.17 -33.88 21.28
C ILE L 532 -5.20 -32.71 21.31
N ARG L 533 -4.26 -32.68 20.39
CA ARG L 533 -3.32 -31.57 20.25
C ARG L 533 -3.22 -31.21 18.78
N LYS L 534 -4.12 -30.34 18.33
CA LYS L 534 -4.15 -29.89 16.95
C LYS L 534 -3.13 -28.78 16.72
N PRO L 535 -2.66 -28.62 15.49
CA PRO L 535 -1.70 -27.53 15.23
C PRO L 535 -2.39 -26.17 15.21
N GLY L 536 -3.64 -26.13 14.75
CA GLY L 536 -4.40 -24.89 14.74
C GLY L 536 -3.82 -23.81 13.87
N GLU L 537 -2.90 -24.15 12.95
CA GLU L 537 -2.27 -23.14 12.13
C GLU L 537 -3.22 -22.60 11.06
N SER L 538 -4.19 -23.41 10.64
CA SER L 538 -5.12 -23.03 9.56
C SER L 538 -4.34 -22.64 8.30
N GLU L 539 -3.46 -23.53 7.87
CA GLU L 539 -2.60 -23.25 6.73
C GLU L 539 -3.41 -23.16 5.44
N GLU L 540 -2.86 -22.44 4.47
CA GLU L 540 -3.52 -22.24 3.19
C GLU L 540 -3.18 -23.35 2.20
N ARG M 3 -5.34 5.74 -25.80
CA ARG M 3 -6.37 6.73 -25.49
C ARG M 3 -6.11 8.12 -26.11
N PRO M 4 -4.92 8.69 -25.94
CA PRO M 4 -4.66 9.99 -26.57
C PRO M 4 -4.28 9.83 -28.04
N VAL M 5 -4.62 10.86 -28.81
CA VAL M 5 -4.31 10.92 -30.23
C VAL M 5 -3.19 11.91 -30.43
N LEU M 6 -2.10 11.46 -31.07
CA LEU M 6 -0.90 12.27 -31.19
C LEU M 6 -0.07 11.77 -32.36
N VAL M 7 0.62 12.68 -33.02
CA VAL M 7 1.38 12.33 -34.22
C VAL M 7 2.71 11.70 -33.86
N LEU M 8 3.57 12.47 -33.17
CA LEU M 8 4.83 11.93 -32.71
C LEU M 8 4.65 11.17 -31.41
N SER M 9 5.75 10.64 -30.89
CA SER M 9 5.67 9.90 -29.64
C SER M 9 5.41 10.84 -28.47
N GLN M 10 4.99 10.26 -27.35
CA GLN M 10 4.70 11.05 -26.16
C GLN M 10 5.96 11.72 -25.62
N ASN M 11 7.08 11.00 -25.63
CA ASN M 11 8.32 11.50 -25.05
C ASN M 11 9.13 12.35 -26.01
N THR M 12 8.64 12.58 -27.22
CA THR M 12 9.36 13.39 -28.21
C THR M 12 9.19 14.86 -27.86
N LYS M 13 10.26 15.50 -27.39
CA LYS M 13 10.26 16.91 -27.04
C LYS M 13 11.05 17.67 -28.09
N ARG M 14 10.46 18.73 -28.64
CA ARG M 14 11.08 19.52 -29.69
C ARG M 14 10.99 20.99 -29.36
N GLU M 15 12.09 21.71 -29.59
CA GLU M 15 12.12 23.16 -29.43
C GLU M 15 12.91 23.76 -30.59
N SER M 16 12.59 25.01 -30.92
CA SER M 16 13.20 25.66 -32.07
C SER M 16 13.20 27.17 -31.86
N GLY M 17 13.93 27.86 -32.73
CA GLY M 17 13.95 29.29 -32.75
C GLY M 17 15.26 29.87 -32.24
N ARG M 18 15.18 31.12 -31.79
CA ARG M 18 16.36 31.78 -31.22
C ARG M 18 16.81 31.09 -29.95
N LYS M 19 15.88 30.43 -29.24
CA LYS M 19 16.23 29.75 -28.00
C LYS M 19 17.26 28.65 -28.24
N VAL M 20 17.12 27.91 -29.34
CA VAL M 20 18.04 26.82 -29.64
C VAL M 20 19.45 27.36 -29.87
N GLN M 21 19.56 28.41 -30.68
CA GLN M 21 20.87 29.00 -30.96
C GLN M 21 21.50 29.56 -29.69
N SER M 22 20.70 30.28 -28.89
CA SER M 22 21.23 30.84 -27.65
C SER M 22 21.68 29.74 -26.70
N GLY M 23 20.90 28.66 -26.61
CA GLY M 23 21.30 27.56 -25.74
C GLY M 23 22.57 26.87 -26.20
N ASN M 24 22.70 26.65 -27.51
CA ASN M 24 23.92 26.04 -28.03
C ASN M 24 25.14 26.89 -27.73
N ILE M 25 25.02 28.20 -27.97
CA ILE M 25 26.16 29.09 -27.73
C ILE M 25 26.48 29.17 -26.25
N ASN M 26 25.45 29.18 -25.39
CA ASN M 26 25.69 29.19 -23.95
C ASN M 26 26.36 27.90 -23.49
N ALA M 27 25.96 26.76 -24.05
CA ALA M 27 26.61 25.50 -23.69
C ALA M 27 28.07 25.50 -24.11
N ALA M 28 28.36 26.01 -25.31
CA ALA M 28 29.75 26.10 -25.73
C ALA M 28 30.56 27.02 -24.81
N LYS M 29 29.98 28.16 -24.44
CA LYS M 29 30.68 29.07 -23.54
C LYS M 29 30.91 28.44 -22.18
N THR M 30 29.94 27.67 -21.69
CA THR M 30 30.10 26.98 -20.41
C THR M 30 31.22 25.95 -20.48
N ILE M 31 31.28 25.19 -21.57
CA ILE M 31 32.36 24.21 -21.73
C ILE M 31 33.71 24.92 -21.76
N ALA M 32 33.77 26.06 -22.46
CA ALA M 32 35.01 26.83 -22.47
C ALA M 32 35.37 27.34 -21.09
N ASP M 33 34.38 27.80 -20.33
CA ASP M 33 34.62 28.32 -18.99
C ASP M 33 35.07 27.24 -18.01
N ILE M 34 34.72 25.98 -18.28
CA ILE M 34 35.17 24.90 -17.39
C ILE M 34 36.69 24.86 -17.31
N ILE M 35 37.36 24.96 -18.45
CA ILE M 35 38.81 24.81 -18.52
C ILE M 35 39.48 26.10 -18.94
N ARG M 36 38.84 27.24 -18.66
CA ARG M 36 39.40 28.51 -19.07
C ARG M 36 40.69 28.83 -18.32
N THR M 37 40.84 28.31 -17.11
CA THR M 37 41.98 28.63 -16.25
C THR M 37 43.11 27.61 -16.34
N CYS M 38 43.04 26.66 -17.27
CA CYS M 38 44.06 25.63 -17.41
C CYS M 38 44.99 25.89 -18.58
N LEU M 39 45.13 27.15 -19.00
CA LEU M 39 45.94 27.52 -20.15
C LEU M 39 47.09 28.40 -19.71
N GLY M 40 48.30 28.08 -20.17
CA GLY M 40 49.45 28.89 -19.91
C GLY M 40 50.43 28.25 -18.94
N PRO M 41 51.61 28.86 -18.80
CA PRO M 41 52.60 28.34 -17.85
C PRO M 41 52.20 28.47 -16.39
N LYS M 42 51.21 29.31 -16.08
CA LYS M 42 50.76 29.52 -14.72
C LYS M 42 49.43 28.84 -14.43
N SER M 43 49.10 27.79 -15.18
CA SER M 43 47.83 27.11 -14.98
C SER M 43 47.84 26.33 -13.68
N MET M 44 46.64 26.10 -13.13
CA MET M 44 46.45 25.36 -11.91
C MET M 44 45.77 24.03 -12.22
N MET M 45 46.17 22.98 -11.51
CA MET M 45 45.70 21.65 -11.79
C MET M 45 44.30 21.43 -11.22
N LYS M 46 43.67 20.35 -11.65
CA LYS M 46 42.32 20.00 -11.23
C LYS M 46 42.27 18.54 -10.81
N MET M 47 41.36 18.22 -9.90
CA MET M 47 41.15 16.85 -9.45
C MET M 47 39.79 16.38 -9.97
N LEU M 48 39.81 15.29 -10.73
CA LEU M 48 38.62 14.72 -11.33
C LEU M 48 38.31 13.40 -10.65
N LEU M 49 37.12 13.28 -10.07
CA LEU M 49 36.71 12.06 -9.39
C LEU M 49 36.14 11.09 -10.43
N ASP M 50 36.90 10.04 -10.72
CA ASP M 50 36.47 9.04 -11.67
C ASP M 50 35.24 8.31 -11.14
N PRO M 51 34.28 7.95 -12.00
CA PRO M 51 33.10 7.21 -11.53
C PRO M 51 33.42 5.86 -10.92
N MET M 52 34.55 5.25 -11.27
CA MET M 52 34.95 3.97 -10.73
C MET M 52 35.83 4.09 -9.50
N GLY M 53 36.08 5.30 -9.01
CA GLY M 53 36.84 5.52 -7.79
C GLY M 53 38.22 6.10 -7.98
N GLY M 54 38.67 6.27 -9.22
CA GLY M 54 39.99 6.80 -9.45
C GLY M 54 40.07 8.30 -9.21
N ILE M 55 41.31 8.79 -9.14
CA ILE M 55 41.60 10.21 -8.96
C ILE M 55 42.45 10.66 -10.14
N VAL M 56 42.08 11.78 -10.74
CA VAL M 56 42.78 12.31 -11.90
C VAL M 56 43.25 13.73 -11.58
N MET M 57 44.56 13.92 -11.52
CA MET M 57 45.15 15.25 -11.45
C MET M 57 45.71 15.60 -12.82
N THR M 58 45.19 16.67 -13.41
CA THR M 58 45.64 17.09 -14.72
C THR M 58 45.22 18.53 -14.98
N ASN M 59 45.93 19.17 -15.91
CA ASN M 59 45.52 20.43 -16.50
C ASN M 59 45.40 20.31 -18.01
N ASP M 60 45.41 19.09 -18.53
CA ASP M 60 45.17 18.84 -19.94
C ASP M 60 43.69 19.05 -20.26
N GLY M 61 43.41 19.73 -21.37
CA GLY M 61 42.03 19.98 -21.74
C GLY M 61 41.25 18.71 -22.02
N ASN M 62 41.84 17.81 -22.80
CA ASN M 62 41.12 16.59 -23.17
C ASN M 62 40.97 15.67 -21.97
N ALA M 63 41.99 15.59 -21.12
CA ALA M 63 41.90 14.74 -19.93
C ALA M 63 40.79 15.22 -19.00
N ILE M 64 40.65 16.54 -18.84
CA ILE M 64 39.59 17.08 -18.00
C ILE M 64 38.23 16.86 -18.66
N LEU M 65 38.12 17.15 -19.96
CA LEU M 65 36.82 17.13 -20.61
C LEU M 65 36.29 15.72 -20.79
N ARG M 66 37.16 14.73 -20.98
CA ARG M 66 36.69 13.36 -21.18
C ARG M 66 36.01 12.80 -19.93
N GLU M 67 36.27 13.40 -18.76
CA GLU M 67 35.71 12.92 -17.50
C GLU M 67 34.41 13.62 -17.13
N ILE M 68 33.90 14.52 -17.97
CA ILE M 68 32.67 15.25 -17.70
C ILE M 68 31.54 14.64 -18.50
N GLN M 69 30.45 14.29 -17.83
CA GLN M 69 29.25 13.80 -18.47
C GLN M 69 28.24 14.94 -18.57
N VAL M 70 27.77 15.20 -19.78
CA VAL M 70 26.88 16.32 -20.05
C VAL M 70 25.64 15.82 -20.77
N GLN M 71 24.57 16.60 -20.67
CA GLN M 71 23.31 16.28 -21.34
C GLN M 71 23.05 17.13 -22.57
N HIS M 72 23.51 18.37 -22.59
CA HIS M 72 23.29 19.24 -23.73
C HIS M 72 24.12 18.76 -24.91
N PRO M 73 23.52 18.53 -26.08
CA PRO M 73 24.30 18.01 -27.22
C PRO M 73 25.39 18.95 -27.69
N ALA M 74 25.26 20.26 -27.46
CA ALA M 74 26.32 21.18 -27.83
C ALA M 74 27.58 20.92 -27.01
N ALA M 75 27.41 20.62 -25.73
CA ALA M 75 28.57 20.26 -24.91
C ALA M 75 29.19 18.96 -25.39
N LYS M 76 28.37 18.01 -25.84
CA LYS M 76 28.90 16.79 -26.43
C LYS M 76 29.72 17.10 -27.68
N SER M 77 29.22 18.01 -28.52
CA SER M 77 29.98 18.41 -29.69
C SER M 77 31.31 19.02 -29.31
N MET M 78 31.32 19.89 -28.30
CA MET M 78 32.56 20.52 -27.87
C MET M 78 33.55 19.49 -27.32
N ILE M 79 33.06 18.51 -26.57
CA ILE M 79 33.93 17.47 -26.06
C ILE M 79 34.52 16.64 -27.20
N GLU M 80 33.70 16.34 -28.22
CA GLU M 80 34.20 15.62 -29.37
C GLU M 80 35.25 16.44 -30.11
N ILE M 81 35.08 17.76 -30.17
CA ILE M 81 36.09 18.64 -30.75
C ILE M 81 37.39 18.54 -29.97
N SER M 82 37.30 18.55 -28.64
CA SER M 82 38.50 18.39 -27.81
C SER M 82 39.22 17.08 -28.11
N ARG M 83 38.45 15.99 -28.21
CA ARG M 83 39.05 14.70 -28.49
C ARG M 83 39.67 14.67 -29.88
N THR M 84 39.02 15.29 -30.86
CA THR M 84 39.59 15.38 -32.20
C THR M 84 40.92 16.11 -32.20
N GLN M 85 40.99 17.25 -31.50
CA GLN M 85 42.24 17.99 -31.44
C GLN M 85 43.32 17.17 -30.75
N ASP M 86 42.96 16.47 -29.67
CA ASP M 86 43.95 15.66 -28.96
C ASP M 86 44.48 14.53 -29.82
N GLU M 87 43.60 13.87 -30.57
CA GLU M 87 44.03 12.72 -31.36
C GLU M 87 44.82 13.15 -32.58
N GLU M 88 44.44 14.28 -33.20
CA GLU M 88 45.06 14.68 -34.45
C GLU M 88 46.50 15.16 -34.23
N VAL M 89 46.72 16.02 -33.25
CA VAL M 89 48.05 16.60 -33.04
C VAL M 89 48.56 16.45 -31.62
N GLY M 90 47.72 16.17 -30.62
CA GLY M 90 48.19 15.94 -29.28
C GLY M 90 48.52 17.16 -28.46
N ASP M 91 48.25 18.36 -28.98
CA ASP M 91 48.55 19.59 -28.26
C ASP M 91 47.50 20.63 -28.62
N GLY M 92 47.48 21.72 -27.85
CA GLY M 92 46.52 22.79 -28.08
C GLY M 92 45.08 22.37 -27.82
N THR M 93 44.84 21.60 -26.77
CA THR M 93 43.50 21.09 -26.52
C THR M 93 42.62 22.12 -25.82
N THR M 94 43.17 22.87 -24.88
CA THR M 94 42.39 23.95 -24.27
C THR M 94 42.22 25.12 -25.22
N SER M 95 43.23 25.37 -26.07
CA SER M 95 43.18 26.51 -26.96
C SER M 95 42.04 26.40 -27.96
N VAL M 96 41.81 25.20 -28.50
CA VAL M 96 40.74 25.04 -29.48
C VAL M 96 39.38 25.23 -28.83
N ILE M 97 39.21 24.73 -27.60
CA ILE M 97 37.94 24.91 -26.90
C ILE M 97 37.69 26.39 -26.62
N ILE M 98 38.72 27.09 -26.15
CA ILE M 98 38.57 28.52 -25.84
C ILE M 98 38.25 29.30 -27.10
N LEU M 99 38.95 29.01 -28.20
CA LEU M 99 38.71 29.72 -29.45
C LEU M 99 37.30 29.45 -29.96
N ALA M 100 36.84 28.20 -29.88
CA ALA M 100 35.48 27.89 -30.32
C ALA M 100 34.45 28.65 -29.49
N GLY M 101 34.65 28.70 -28.18
CA GLY M 101 33.74 29.46 -27.33
C GLY M 101 33.70 30.93 -27.69
N GLU M 102 34.88 31.53 -27.91
CA GLU M 102 34.91 32.96 -28.25
C GLU M 102 34.25 33.23 -29.59
N MET M 103 34.52 32.38 -30.59
CA MET M 103 33.90 32.58 -31.89
C MET M 103 32.39 32.41 -31.83
N LEU M 104 31.92 31.46 -31.03
CA LEU M 104 30.47 31.30 -30.91
C LEU M 104 29.83 32.46 -30.17
N SER M 105 30.53 33.05 -29.20
CA SER M 105 30.00 34.24 -28.53
C SER M 105 29.88 35.41 -29.51
N VAL M 106 30.96 35.69 -30.25
CA VAL M 106 30.90 36.79 -31.20
C VAL M 106 29.92 36.51 -32.33
N ALA M 107 29.61 35.23 -32.59
CA ALA M 107 28.55 34.91 -33.55
C ALA M 107 27.18 35.19 -32.97
N GLU M 108 26.97 34.86 -31.69
CA GLU M 108 25.71 35.17 -31.04
C GLU M 108 25.46 36.67 -31.05
N HIS M 109 26.52 37.47 -30.96
CA HIS M 109 26.36 38.91 -31.04
C HIS M 109 25.59 39.32 -32.29
N PHE M 110 25.96 38.76 -33.44
CA PHE M 110 25.26 39.06 -34.69
C PHE M 110 23.93 38.35 -34.79
N LEU M 111 23.83 37.14 -34.24
CA LEU M 111 22.57 36.41 -34.28
C LEU M 111 21.47 37.13 -33.51
N GLU M 112 21.85 37.94 -32.50
CA GLU M 112 20.88 38.76 -31.81
C GLU M 112 20.22 39.75 -32.77
N GLN M 113 20.99 40.29 -33.70
CA GLN M 113 20.45 41.15 -34.75
C GLN M 113 19.81 40.28 -35.83
N GLN M 114 19.49 40.86 -36.97
CA GLN M 114 18.73 40.17 -38.01
C GLN M 114 19.63 39.60 -39.11
N MET M 115 20.81 39.13 -38.76
CA MET M 115 21.72 38.53 -39.73
C MET M 115 21.51 37.03 -39.77
N HIS M 116 21.32 36.48 -40.97
CA HIS M 116 21.13 35.06 -41.13
C HIS M 116 22.42 34.31 -40.80
N PRO M 117 22.33 33.12 -40.22
CA PRO M 117 23.55 32.37 -39.87
C PRO M 117 24.41 32.02 -41.07
N THR M 118 23.83 31.91 -42.27
CA THR M 118 24.62 31.54 -43.44
C THR M 118 25.64 32.62 -43.77
N VAL M 119 25.29 33.90 -43.62
CA VAL M 119 26.23 34.97 -43.85
C VAL M 119 27.38 34.89 -42.84
N VAL M 120 27.06 34.63 -41.57
CA VAL M 120 28.09 34.50 -40.55
C VAL M 120 29.02 33.34 -40.89
N ILE M 121 28.46 32.24 -41.38
CA ILE M 121 29.28 31.07 -41.73
C ILE M 121 30.19 31.39 -42.90
N SER M 122 29.67 32.10 -43.91
CA SER M 122 30.51 32.47 -45.05
C SER M 122 31.66 33.37 -44.61
N ALA M 123 31.36 34.35 -43.75
CA ALA M 123 32.42 35.20 -43.22
C ALA M 123 33.44 34.40 -42.43
N TYR M 124 32.95 33.43 -41.63
CA TYR M 124 33.86 32.60 -40.84
C TYR M 124 34.78 31.78 -41.72
N ARG M 125 34.26 31.23 -42.82
CA ARG M 125 35.10 30.42 -43.69
C ARG M 125 36.13 31.27 -44.43
N LYS M 126 35.71 32.46 -44.90
CA LYS M 126 36.69 33.38 -45.48
C LYS M 126 37.78 33.73 -44.48
N ALA M 127 37.37 33.98 -43.23
CA ALA M 127 38.34 34.29 -42.19
C ALA M 127 39.28 33.12 -41.94
N LEU M 128 38.76 31.89 -41.97
CA LEU M 128 39.61 30.72 -41.77
C LEU M 128 40.66 30.61 -42.87
N ASP M 129 40.25 30.83 -44.12
CA ASP M 129 41.23 30.80 -45.21
C ASP M 129 42.30 31.87 -45.00
N ASP M 130 41.89 33.08 -44.62
CA ASP M 130 42.85 34.15 -44.42
C ASP M 130 43.78 33.84 -43.23
N MET M 131 43.23 33.23 -42.18
CA MET M 131 44.06 32.82 -41.04
C MET M 131 45.11 31.81 -41.46
N ILE M 132 44.72 30.84 -42.28
CA ILE M 132 45.69 29.84 -42.76
C ILE M 132 46.78 30.53 -43.56
N SER M 133 46.39 31.44 -44.45
CA SER M 133 47.38 32.14 -45.27
C SER M 133 48.35 32.94 -44.40
N THR M 134 47.83 33.67 -43.42
CA THR M 134 48.68 34.48 -42.57
C THR M 134 49.60 33.62 -41.70
N LEU M 135 49.07 32.51 -41.17
CA LEU M 135 49.89 31.62 -40.35
C LEU M 135 51.04 31.04 -41.17
N LYS M 136 50.76 30.63 -42.41
CA LYS M 136 51.85 30.16 -43.26
C LYS M 136 52.81 31.29 -43.62
N LYS M 137 52.30 32.52 -43.67
CA LYS M 137 53.17 33.65 -44.00
C LYS M 137 54.15 33.96 -42.87
N ILE M 138 53.70 33.87 -41.62
CA ILE M 138 54.54 34.29 -40.49
C ILE M 138 55.32 33.12 -39.92
N SER M 139 55.28 31.97 -40.58
CA SER M 139 55.99 30.81 -40.10
C SER M 139 57.48 30.90 -40.44
N ILE M 140 58.29 30.14 -39.71
CA ILE M 140 59.73 30.08 -39.95
C ILE M 140 60.16 28.61 -40.01
N PRO M 141 61.20 28.28 -40.76
CA PRO M 141 61.64 26.89 -40.86
C PRO M 141 62.50 26.47 -39.68
N VAL M 142 62.66 25.16 -39.55
CA VAL M 142 63.46 24.55 -38.50
C VAL M 142 64.39 23.53 -39.12
N ASP M 143 65.66 23.55 -38.71
CA ASP M 143 66.62 22.53 -39.09
C ASP M 143 66.52 21.38 -38.11
N ILE M 144 65.91 20.28 -38.53
CA ILE M 144 65.69 19.15 -37.64
C ILE M 144 67.00 18.48 -37.24
N SER M 145 68.08 18.73 -37.97
CA SER M 145 69.38 18.20 -37.58
C SER M 145 69.90 18.82 -36.29
N ASP M 146 69.40 19.99 -35.91
CA ASP M 146 69.86 20.69 -34.72
C ASP M 146 69.12 20.12 -33.50
N SER M 147 69.86 19.44 -32.62
CA SER M 147 69.25 18.88 -31.42
C SER M 147 68.80 19.96 -30.46
N ASP M 148 69.57 21.05 -30.36
CA ASP M 148 69.23 22.12 -29.42
C ASP M 148 67.90 22.76 -29.77
N MET M 149 67.66 23.01 -31.06
CA MET M 149 66.40 23.62 -31.47
C MET M 149 65.21 22.71 -31.17
N MET M 150 65.35 21.41 -31.43
CA MET M 150 64.28 20.48 -31.13
C MET M 150 64.01 20.41 -29.63
N LEU M 151 65.08 20.41 -28.83
CA LEU M 151 64.91 20.41 -27.38
C LEU M 151 64.20 21.67 -26.91
N ASN M 152 64.56 22.82 -27.48
CA ASN M 152 63.88 24.06 -27.10
C ASN M 152 62.41 24.03 -27.49
N ILE M 153 62.10 23.45 -28.65
CA ILE M 153 60.70 23.35 -29.08
C ILE M 153 59.92 22.49 -28.10
N ILE M 154 60.48 21.34 -27.72
CA ILE M 154 59.79 20.47 -26.76
C ILE M 154 59.64 21.19 -25.42
N ASN M 155 60.67 21.93 -25.00
CA ASN M 155 60.60 22.69 -23.76
C ASN M 155 59.43 23.68 -23.80
N SER M 156 59.36 24.48 -24.86
CA SER M 156 58.25 25.42 -24.99
C SER M 156 56.92 24.69 -25.03
N SER M 157 56.91 23.45 -25.51
CA SER M 157 55.68 22.68 -25.50
C SER M 157 55.28 22.23 -24.10
N ILE M 158 56.25 21.95 -23.23
CA ILE M 158 55.95 21.37 -21.92
C ILE M 158 56.17 22.37 -20.79
N THR M 159 56.30 23.66 -21.09
CA THR M 159 56.41 24.65 -20.02
C THR M 159 55.12 24.78 -19.22
N THR M 160 53.98 24.35 -19.78
CA THR M 160 52.69 24.54 -19.15
C THR M 160 52.22 23.35 -18.34
N LYS M 161 53.03 22.31 -18.21
CA LYS M 161 52.63 21.10 -17.52
C LYS M 161 53.44 20.93 -16.24
N ALA M 162 53.00 19.97 -15.42
CA ALA M 162 53.66 19.71 -14.14
C ALA M 162 55.08 19.20 -14.32
N ILE M 163 55.40 18.60 -15.47
CA ILE M 163 56.75 18.10 -15.72
C ILE M 163 57.74 19.21 -16.01
N SER M 164 57.28 20.47 -16.07
CA SER M 164 58.18 21.57 -16.37
C SER M 164 59.27 21.75 -15.32
N ARG M 165 59.07 21.20 -14.11
CA ARG M 165 60.11 21.28 -13.09
C ARG M 165 61.37 20.54 -13.53
N TRP M 166 61.19 19.42 -14.23
CA TRP M 166 62.30 18.69 -14.83
C TRP M 166 62.11 18.77 -16.34
N SER M 167 62.61 19.86 -16.91
CA SER M 167 62.37 20.15 -18.32
C SER M 167 63.41 19.50 -19.22
N SER M 168 64.69 19.63 -18.87
CA SER M 168 65.74 19.07 -19.72
C SER M 168 65.63 17.55 -19.81
N LEU M 169 65.38 16.90 -18.67
CA LEU M 169 65.28 15.44 -18.66
C LEU M 169 64.10 14.97 -19.51
N ALA M 170 62.93 15.58 -19.32
CA ALA M 170 61.76 15.18 -20.10
C ALA M 170 61.95 15.45 -21.58
N CYS M 171 62.54 16.58 -21.92
CA CYS M 171 62.79 16.90 -23.33
C CYS M 171 63.74 15.90 -23.95
N ASN M 172 64.82 15.54 -23.24
CA ASN M 172 65.75 14.56 -23.77
C ASN M 172 65.07 13.21 -23.93
N ILE M 173 64.24 12.81 -22.96
CA ILE M 173 63.54 11.54 -23.05
C ILE M 173 62.65 11.50 -24.27
N ALA M 174 61.83 12.54 -24.45
CA ALA M 174 60.90 12.57 -25.58
C ALA M 174 61.65 12.59 -26.91
N LEU M 175 62.68 13.43 -27.01
CA LEU M 175 63.42 13.52 -28.27
C LEU M 175 64.10 12.20 -28.61
N ASP M 176 64.74 11.57 -27.63
CA ASP M 176 65.41 10.30 -27.90
C ASP M 176 64.42 9.21 -28.27
N ALA M 177 63.27 9.15 -27.58
CA ALA M 177 62.28 8.14 -27.91
C ALA M 177 61.75 8.34 -29.32
N VAL M 178 61.43 9.58 -29.69
CA VAL M 178 60.91 9.82 -31.04
C VAL M 178 61.97 9.54 -32.09
N LYS M 179 63.23 9.85 -31.79
CA LYS M 179 64.30 9.60 -32.76
C LYS M 179 64.51 8.10 -32.98
N MET M 180 64.51 7.31 -31.90
CA MET M 180 64.79 5.88 -32.07
C MET M 180 63.55 5.09 -32.49
N VAL M 181 62.35 5.66 -32.35
CA VAL M 181 61.17 4.97 -32.86
C VAL M 181 60.96 5.23 -34.35
N GLN M 182 61.67 6.21 -34.91
CA GLN M 182 61.51 6.53 -36.33
C GLN M 182 61.93 5.34 -37.19
N PHE M 183 61.12 5.04 -38.20
CA PHE M 183 61.35 3.89 -39.06
C PHE M 183 61.10 4.28 -40.50
N GLU M 184 61.74 3.53 -41.42
CA GLU M 184 61.57 3.75 -42.85
C GLU M 184 61.78 2.42 -43.55
N GLU M 185 60.70 1.81 -44.03
CA GLU M 185 60.76 0.52 -44.69
C GLU M 185 59.94 0.57 -45.97
N ASN M 186 60.51 0.00 -47.04
CA ASN M 186 59.84 -0.09 -48.35
C ASN M 186 59.45 1.30 -48.87
N GLY M 187 60.32 2.28 -48.63
CA GLY M 187 60.06 3.62 -49.12
C GLY M 187 58.95 4.35 -48.41
N ARG M 188 58.59 3.92 -47.22
CA ARG M 188 57.53 4.53 -46.43
C ARG M 188 58.10 5.00 -45.10
N LYS M 189 57.78 6.23 -44.71
CA LYS M 189 58.27 6.80 -43.46
C LYS M 189 57.16 6.75 -42.41
N GLU M 190 57.53 6.38 -41.19
CA GLU M 190 56.57 6.26 -40.11
C GLU M 190 57.23 6.65 -38.80
N ILE M 191 56.40 6.96 -37.81
CA ILE M 191 56.88 7.25 -36.46
C ILE M 191 56.28 6.22 -35.50
N ASP M 192 54.95 6.15 -35.46
CA ASP M 192 54.22 5.17 -34.65
C ASP M 192 54.56 5.27 -33.17
N ILE M 193 54.22 6.42 -32.59
CA ILE M 193 54.34 6.61 -31.16
C ILE M 193 53.35 5.71 -30.41
N LYS M 194 52.22 5.40 -31.02
CA LYS M 194 51.15 4.70 -30.31
C LYS M 194 51.56 3.27 -29.94
N LYS M 195 52.05 2.50 -30.90
CA LYS M 195 52.37 1.10 -30.64
C LYS M 195 53.71 0.96 -29.91
N TYR M 196 54.78 1.43 -30.55
CA TYR M 196 56.11 1.38 -29.94
C TYR M 196 56.27 2.57 -29.01
N ALA M 197 57.47 2.75 -28.46
CA ALA M 197 57.72 3.82 -27.48
C ALA M 197 56.73 3.75 -26.33
N ARG M 198 56.57 2.56 -25.78
CA ARG M 198 55.65 2.36 -24.66
C ARG M 198 56.18 3.05 -23.41
N VAL M 199 55.26 3.57 -22.61
CA VAL M 199 55.59 4.22 -21.35
C VAL M 199 55.17 3.30 -20.21
N GLU M 200 56.15 2.85 -19.42
CA GLU M 200 55.92 1.99 -18.27
C GLU M 200 56.25 2.77 -17.01
N LYS M 201 55.29 2.85 -16.10
CA LYS M 201 55.44 3.60 -14.87
C LYS M 201 55.45 2.66 -13.68
N ILE M 202 56.45 2.79 -12.82
CA ILE M 202 56.54 2.03 -11.58
C ILE M 202 56.54 3.02 -10.43
N PRO M 203 55.49 3.06 -9.59
CA PRO M 203 55.47 4.02 -8.48
C PRO M 203 56.62 3.78 -7.52
N GLY M 204 57.13 4.85 -6.95
CA GLY M 204 58.27 4.81 -6.06
C GLY M 204 59.50 5.41 -6.70
N GLY M 205 60.57 5.45 -5.91
CA GLY M 205 61.78 6.07 -6.41
C GLY M 205 61.63 7.57 -6.54
N ILE M 206 62.47 8.14 -7.40
CA ILE M 206 62.45 9.58 -7.66
C ILE M 206 62.28 9.80 -9.15
N ILE M 207 61.73 10.96 -9.49
CA ILE M 207 61.44 11.27 -10.90
C ILE M 207 62.73 11.42 -11.70
N GLU M 208 63.79 11.91 -11.08
CA GLU M 208 65.05 12.08 -11.81
C GLU M 208 65.67 10.76 -12.23
N ASP M 209 65.23 9.64 -11.63
CA ASP M 209 65.69 8.33 -12.03
C ASP M 209 65.00 7.83 -13.30
N SER M 210 64.00 8.56 -13.79
CA SER M 210 63.33 8.15 -15.02
C SER M 210 64.27 8.28 -16.21
N CYS M 211 64.12 7.36 -17.16
CA CYS M 211 64.95 7.36 -18.36
C CYS M 211 64.23 6.59 -19.45
N VAL M 212 64.69 6.78 -20.67
CA VAL M 212 64.23 6.01 -21.81
C VAL M 212 65.23 4.89 -22.06
N LEU M 213 64.75 3.65 -22.06
CA LEU M 213 65.63 2.50 -22.18
C LEU M 213 66.03 2.29 -23.62
N ARG M 214 67.24 1.78 -23.82
CA ARG M 214 67.75 1.54 -25.15
C ARG M 214 67.25 0.16 -25.58
N GLY M 215 65.95 -0.06 -25.43
CA GLY M 215 65.34 -1.37 -25.62
C GLY M 215 63.96 -1.42 -24.99
N VAL M 216 63.57 -2.63 -24.58
CA VAL M 216 62.23 -2.89 -24.06
C VAL M 216 62.33 -3.56 -22.69
N MET M 217 61.48 -3.14 -21.77
CA MET M 217 61.34 -3.75 -20.46
C MET M 217 59.92 -4.26 -20.27
N ILE M 218 59.78 -5.47 -19.74
CA ILE M 218 58.48 -6.07 -19.49
C ILE M 218 58.44 -6.62 -18.08
N ASN M 219 57.22 -6.79 -17.57
CA ASN M 219 56.99 -7.28 -16.20
C ASN M 219 56.81 -8.79 -16.25
N LYS M 220 57.94 -9.49 -16.40
CA LYS M 220 57.94 -10.94 -16.47
C LYS M 220 59.13 -11.49 -15.73
N ASP M 221 59.05 -12.77 -15.38
CA ASP M 221 60.13 -13.47 -14.69
C ASP M 221 60.38 -14.78 -15.40
N VAL M 222 61.59 -15.32 -15.20
CA VAL M 222 61.97 -16.57 -15.85
C VAL M 222 61.03 -17.68 -15.41
N THR M 223 60.71 -18.58 -16.34
CA THR M 223 59.76 -19.65 -16.04
C THR M 223 60.31 -20.62 -15.01
N HIS M 224 61.62 -20.82 -14.97
CA HIS M 224 62.23 -21.71 -14.01
C HIS M 224 63.35 -21.00 -13.27
N PRO M 225 63.54 -21.28 -11.98
CA PRO M 225 64.62 -20.60 -11.24
C PRO M 225 66.01 -20.89 -11.79
N ARG M 226 66.22 -22.06 -12.38
CA ARG M 226 67.55 -22.41 -12.89
C ARG M 226 67.90 -21.62 -14.14
N MET M 227 66.94 -20.92 -14.73
CA MET M 227 67.24 -20.05 -15.88
C MET M 227 68.22 -18.96 -15.47
N ARG M 228 69.07 -18.56 -16.40
CA ARG M 228 69.96 -17.44 -16.17
C ARG M 228 69.17 -16.13 -16.15
N ARG M 229 69.58 -15.22 -15.27
CA ARG M 229 68.96 -13.91 -15.16
C ARG M 229 69.85 -12.80 -15.68
N TYR M 230 70.98 -13.13 -16.29
CA TYR M 230 71.90 -12.12 -16.79
C TYR M 230 72.67 -12.73 -17.96
N ILE M 231 72.38 -12.27 -19.17
CA ILE M 231 73.02 -12.77 -20.38
C ILE M 231 73.71 -11.61 -21.07
N LYS M 232 74.99 -11.80 -21.42
CA LYS M 232 75.78 -10.69 -21.95
C LYS M 232 75.27 -10.24 -23.31
N ASN M 233 75.32 -11.12 -24.30
CA ASN M 233 74.92 -10.79 -25.67
C ASN M 233 73.92 -11.85 -26.13
N PRO M 234 72.65 -11.71 -25.73
CA PRO M 234 71.68 -12.77 -26.02
C PRO M 234 71.32 -12.84 -27.50
N ARG M 235 70.97 -14.03 -27.93
CA ARG M 235 70.32 -14.27 -29.21
C ARG M 235 68.87 -14.65 -28.90
N ILE M 236 67.94 -13.79 -29.28
CA ILE M 236 66.56 -13.87 -28.81
C ILE M 236 65.69 -14.48 -29.91
N VAL M 237 64.84 -15.41 -29.53
CA VAL M 237 63.89 -16.05 -30.44
C VAL M 237 62.49 -15.80 -29.92
N LEU M 238 61.61 -15.32 -30.78
CA LEU M 238 60.24 -14.98 -30.42
C LEU M 238 59.28 -15.94 -31.12
N LEU M 239 58.24 -16.34 -30.40
CA LEU M 239 57.28 -17.30 -30.93
C LEU M 239 55.86 -16.87 -30.57
N ASP M 240 54.90 -17.40 -31.33
CA ASP M 240 53.48 -17.27 -31.03
C ASP M 240 52.89 -18.55 -30.49
N SER M 241 53.15 -19.68 -31.14
CA SER M 241 52.56 -20.94 -30.73
C SER M 241 53.08 -21.36 -29.36
N SER M 242 52.20 -21.96 -28.57
CA SER M 242 52.61 -22.50 -27.29
C SER M 242 53.55 -23.69 -27.48
N LEU M 243 54.40 -23.91 -26.48
CA LEU M 243 55.35 -25.01 -26.49
C LEU M 243 54.85 -26.21 -25.69
N GLU M 244 53.54 -26.47 -25.73
CA GLU M 244 52.93 -27.57 -25.01
C GLU M 244 52.08 -28.40 -25.95
N TYR M 245 51.88 -29.66 -25.58
CA TYR M 245 51.00 -30.53 -26.35
C TYR M 245 49.55 -30.09 -26.19
N LYS M 246 48.85 -29.96 -27.32
CA LYS M 246 47.48 -29.48 -27.30
C LYS M 246 46.63 -30.30 -28.26
N LYS M 247 45.31 -30.24 -28.04
CA LYS M 247 44.38 -30.96 -28.90
C LYS M 247 44.35 -30.35 -30.30
N GLY M 248 43.99 -31.19 -31.27
CA GLY M 248 43.75 -30.69 -32.62
C GLY M 248 42.38 -30.06 -32.75
N GLU M 249 42.14 -29.46 -33.91
CA GLU M 249 40.85 -28.83 -34.15
C GLU M 249 39.76 -29.87 -34.40
N SER M 250 40.08 -30.91 -35.16
CA SER M 250 39.11 -31.95 -35.46
C SER M 250 38.93 -32.89 -34.27
N GLN M 251 37.75 -33.48 -34.18
CA GLN M 251 37.50 -34.49 -33.15
C GLN M 251 38.30 -35.75 -33.46
N THR M 252 39.14 -36.16 -32.52
CA THR M 252 40.21 -37.13 -32.75
C THR M 252 40.22 -38.19 -31.66
N ASP M 253 39.07 -38.78 -31.38
CA ASP M 253 38.98 -39.81 -30.35
C ASP M 253 39.86 -41.00 -30.71
N ILE M 254 40.47 -41.59 -29.68
CA ILE M 254 41.30 -42.77 -29.84
C ILE M 254 40.52 -43.97 -29.32
N GLU M 255 40.98 -45.17 -29.67
CA GLU M 255 40.39 -46.42 -29.19
C GLU M 255 41.51 -47.37 -28.82
N ILE M 256 41.71 -47.58 -27.53
CA ILE M 256 42.83 -48.36 -27.02
C ILE M 256 42.36 -49.78 -26.74
N THR M 257 43.07 -50.75 -27.32
CA THR M 257 42.81 -52.16 -27.07
C THR M 257 44.02 -52.91 -26.55
N ARG M 258 45.21 -52.60 -27.05
CA ARG M 258 46.43 -53.22 -26.55
C ARG M 258 46.83 -52.60 -25.22
N GLU M 259 47.60 -53.35 -24.44
CA GLU M 259 47.98 -52.90 -23.11
C GLU M 259 48.90 -51.68 -23.17
N GLU M 260 49.82 -51.65 -24.12
CA GLU M 260 50.87 -50.65 -24.14
C GLU M 260 50.51 -49.39 -24.92
N ASP M 261 49.29 -49.29 -25.45
CA ASP M 261 48.93 -48.13 -26.26
C ASP M 261 48.88 -46.85 -25.43
N PHE M 262 48.39 -46.95 -24.18
CA PHE M 262 48.34 -45.78 -23.32
C PHE M 262 49.74 -45.23 -23.03
N THR M 263 50.66 -46.12 -22.63
CA THR M 263 52.03 -45.71 -22.39
C THR M 263 52.66 -45.16 -23.66
N ARG M 264 52.38 -45.78 -24.80
CA ARG M 264 52.93 -45.29 -26.06
C ARG M 264 52.42 -43.89 -26.35
N ILE M 265 51.14 -43.63 -26.10
CA ILE M 265 50.56 -42.31 -26.38
C ILE M 265 51.24 -41.26 -25.51
N LEU M 266 51.41 -41.55 -24.22
CA LEU M 266 52.07 -40.58 -23.35
C LEU M 266 53.51 -40.34 -23.79
N GLN M 267 54.20 -41.40 -24.19
CA GLN M 267 55.57 -41.24 -24.66
C GLN M 267 55.62 -40.41 -25.94
N MET M 268 54.64 -40.57 -26.83
CA MET M 268 54.60 -39.73 -28.02
C MET M 268 54.36 -38.26 -27.69
N GLU M 269 53.53 -38.00 -26.67
CA GLU M 269 53.37 -36.61 -26.24
C GLU M 269 54.71 -36.03 -25.78
N GLU M 270 55.43 -36.79 -24.95
CA GLU M 270 56.74 -36.32 -24.48
C GLU M 270 57.70 -36.14 -25.65
N GLU M 271 57.69 -37.06 -26.60
CA GLU M 271 58.61 -36.98 -27.73
C GLU M 271 58.27 -35.83 -28.66
N TYR M 272 56.99 -35.50 -28.81
CA TYR M 272 56.61 -34.31 -29.57
C TYR M 272 57.14 -33.05 -28.91
N ILE M 273 57.00 -32.96 -27.58
CA ILE M 273 57.56 -31.81 -26.87
C ILE M 273 59.07 -31.74 -27.07
N GLN M 274 59.74 -32.89 -26.98
CA GLN M 274 61.20 -32.92 -27.17
C GLN M 274 61.58 -32.49 -28.58
N GLN M 275 60.81 -32.92 -29.58
CA GLN M 275 61.10 -32.53 -30.96
C GLN M 275 60.96 -31.03 -31.14
N LEU M 276 59.91 -30.44 -30.56
CA LEU M 276 59.74 -28.99 -30.64
C LEU M 276 60.92 -28.27 -29.99
N CYS M 277 61.34 -28.74 -28.81
CA CYS M 277 62.45 -28.10 -28.13
C CYS M 277 63.75 -28.24 -28.91
N GLU M 278 63.97 -29.40 -29.54
CA GLU M 278 65.16 -29.58 -30.37
C GLU M 278 65.14 -28.65 -31.57
N ASP M 279 63.96 -28.46 -32.17
CA ASP M 279 63.85 -27.53 -33.29
C ASP M 279 64.20 -26.11 -32.85
N ILE M 280 63.75 -25.71 -31.66
CA ILE M 280 64.17 -24.42 -31.11
C ILE M 280 65.68 -24.38 -30.91
N ILE M 281 66.24 -25.45 -30.35
CA ILE M 281 67.65 -25.47 -29.96
C ILE M 281 68.57 -25.41 -31.17
N GLN M 282 68.14 -25.96 -32.30
CA GLN M 282 69.01 -26.04 -33.47
C GLN M 282 69.54 -24.69 -33.91
N LEU M 283 68.83 -23.60 -33.61
CA LEU M 283 69.31 -22.26 -33.94
C LEU M 283 70.27 -21.70 -32.91
N LYS M 284 70.52 -22.42 -31.83
CA LYS M 284 71.42 -21.99 -30.77
C LYS M 284 71.08 -20.60 -30.23
N PRO M 285 69.88 -20.40 -29.68
CA PRO M 285 69.55 -19.10 -29.10
C PRO M 285 69.96 -19.02 -27.64
N ASP M 286 69.69 -17.89 -27.01
CA ASP M 286 69.89 -17.74 -25.57
C ASP M 286 68.61 -17.42 -24.83
N VAL M 287 67.66 -16.75 -25.47
CA VAL M 287 66.38 -16.38 -24.86
C VAL M 287 65.26 -16.80 -25.79
N VAL M 288 64.19 -17.33 -25.23
CA VAL M 288 62.99 -17.68 -25.98
C VAL M 288 61.80 -16.99 -25.33
N ILE M 289 61.09 -16.19 -26.12
CA ILE M 289 59.92 -15.45 -25.65
C ILE M 289 58.71 -15.97 -26.41
N THR M 290 57.65 -16.30 -25.67
CA THR M 290 56.45 -16.87 -26.26
C THR M 290 55.23 -16.09 -25.80
N GLU M 291 54.31 -15.84 -26.73
CA GLU M 291 53.02 -15.26 -26.37
C GLU M 291 52.15 -16.22 -25.58
N LYS M 292 52.40 -17.52 -25.67
CA LYS M 292 51.57 -18.53 -25.05
C LYS M 292 52.40 -19.35 -24.07
N GLY M 293 51.75 -20.32 -23.45
CA GLY M 293 52.39 -21.08 -22.38
C GLY M 293 53.52 -21.95 -22.88
N ILE M 294 54.40 -22.30 -21.94
CA ILE M 294 55.51 -23.20 -22.20
C ILE M 294 55.41 -24.35 -21.20
N SER M 295 55.39 -25.58 -21.70
CA SER M 295 55.21 -26.74 -20.84
C SER M 295 56.42 -26.94 -19.94
N ASP M 296 56.18 -27.63 -18.81
CA ASP M 296 57.26 -27.89 -17.87
C ASP M 296 58.34 -28.77 -18.50
N LEU M 297 57.93 -29.79 -19.26
CA LEU M 297 58.90 -30.60 -19.99
C LEU M 297 59.66 -29.76 -21.01
N ALA M 298 58.97 -28.83 -21.66
CA ALA M 298 59.64 -27.91 -22.57
C ALA M 298 60.65 -27.06 -21.82
N GLN M 299 60.31 -26.62 -20.61
CA GLN M 299 61.25 -25.87 -19.79
C GLN M 299 62.48 -26.69 -19.47
N HIS M 300 62.29 -27.97 -19.14
CA HIS M 300 63.43 -28.83 -18.85
C HIS M 300 64.32 -28.99 -20.08
N TYR M 301 63.72 -29.22 -21.25
CA TYR M 301 64.53 -29.41 -22.45
C TYR M 301 65.23 -28.14 -22.86
N LEU M 302 64.63 -26.97 -22.58
CA LEU M 302 65.31 -25.72 -22.88
C LEU M 302 66.45 -25.45 -21.89
N MET M 303 66.23 -25.76 -20.61
CA MET M 303 67.29 -25.59 -19.62
C MET M 303 68.47 -26.50 -19.91
N ARG M 304 68.21 -27.71 -20.40
CA ARG M 304 69.30 -28.62 -20.73
C ARG M 304 70.22 -28.05 -21.79
N ALA M 305 69.73 -27.11 -22.60
CA ALA M 305 70.55 -26.42 -23.58
C ALA M 305 70.97 -25.03 -23.12
N ASN M 306 70.72 -24.69 -21.85
CA ASN M 306 71.10 -23.41 -21.27
C ASN M 306 70.44 -22.25 -22.02
N ILE M 307 69.12 -22.32 -22.11
CA ILE M 307 68.31 -21.31 -22.78
C ILE M 307 67.30 -20.76 -21.78
N THR M 308 67.25 -19.45 -21.65
CA THR M 308 66.28 -18.80 -20.78
C THR M 308 64.96 -18.62 -21.51
N ALA M 309 63.86 -18.99 -20.85
CA ALA M 309 62.55 -18.95 -21.45
C ALA M 309 61.61 -18.05 -20.66
N ILE M 310 60.84 -17.24 -21.38
CA ILE M 310 59.80 -16.40 -20.79
C ILE M 310 58.52 -16.65 -21.57
N ARG M 311 57.41 -16.82 -20.85
CA ARG M 311 56.14 -17.21 -21.46
C ARG M 311 55.06 -16.19 -21.12
N ARG M 312 53.96 -16.27 -21.88
CA ARG M 312 52.76 -15.47 -21.64
C ARG M 312 53.06 -13.97 -21.75
N VAL M 313 53.67 -13.59 -22.86
CA VAL M 313 53.99 -12.19 -23.14
C VAL M 313 52.97 -11.65 -24.14
N ARG M 314 52.49 -10.43 -23.88
CA ARG M 314 51.45 -9.84 -24.69
C ARG M 314 51.94 -9.61 -26.12
N LYS M 315 50.99 -9.53 -27.05
CA LYS M 315 51.32 -9.37 -28.46
C LYS M 315 52.01 -8.04 -28.71
N THR M 316 51.52 -6.97 -28.09
CA THR M 316 52.16 -5.67 -28.25
C THR M 316 53.58 -5.69 -27.72
N ASP M 317 53.79 -6.30 -26.55
CA ASP M 317 55.12 -6.40 -26.00
C ASP M 317 56.03 -7.24 -26.89
N ASN M 318 55.51 -8.33 -27.44
CA ASN M 318 56.33 -9.16 -28.32
C ASN M 318 56.73 -8.42 -29.58
N ASN M 319 55.79 -7.68 -30.17
CA ASN M 319 56.12 -6.88 -31.36
C ASN M 319 57.15 -5.81 -31.03
N ARG M 320 57.00 -5.17 -29.86
CA ARG M 320 57.94 -4.14 -29.46
C ARG M 320 59.34 -4.72 -29.25
N ILE M 321 59.42 -5.92 -28.66
CA ILE M 321 60.70 -6.60 -28.48
C ILE M 321 61.30 -6.93 -29.84
N ALA M 322 60.47 -7.41 -30.77
CA ALA M 322 60.96 -7.73 -32.11
C ALA M 322 61.54 -6.50 -32.79
N ARG M 323 60.86 -5.36 -32.66
CA ARG M 323 61.40 -4.13 -33.22
C ARG M 323 62.70 -3.73 -32.53
N ALA M 324 62.77 -3.88 -31.21
CA ALA M 324 63.95 -3.42 -30.48
C ALA M 324 65.18 -4.24 -30.79
N CYS M 325 65.06 -5.57 -30.73
CA CYS M 325 66.22 -6.44 -30.85
C CYS M 325 66.42 -6.98 -32.26
N GLY M 326 65.63 -6.53 -33.23
CA GLY M 326 65.81 -6.98 -34.60
C GLY M 326 65.50 -8.44 -34.83
N ALA M 327 64.43 -8.95 -34.22
CA ALA M 327 63.98 -10.32 -34.40
C ALA M 327 62.70 -10.34 -35.20
N ARG M 328 62.26 -11.54 -35.57
CA ARG M 328 61.00 -11.75 -36.27
C ARG M 328 60.25 -12.87 -35.57
N ILE M 329 58.95 -12.63 -35.33
CA ILE M 329 58.14 -13.61 -34.62
C ILE M 329 57.85 -14.78 -35.54
N VAL M 330 58.04 -15.99 -35.03
CA VAL M 330 57.86 -17.22 -35.79
C VAL M 330 56.86 -18.10 -35.05
N SER M 331 55.82 -18.54 -35.76
CA SER M 331 54.78 -19.34 -35.12
C SER M 331 55.18 -20.81 -35.03
N ARG M 332 55.58 -21.40 -36.16
CA ARG M 332 55.94 -22.81 -36.18
C ARG M 332 57.44 -22.97 -35.98
N PRO M 333 57.88 -23.63 -34.91
CA PRO M 333 59.33 -23.68 -34.61
C PRO M 333 60.17 -24.31 -35.71
N GLU M 334 59.64 -25.30 -36.43
CA GLU M 334 60.44 -25.98 -37.44
C GLU M 334 60.80 -25.09 -38.62
N GLU M 335 60.18 -23.91 -38.72
CA GLU M 335 60.47 -22.96 -39.79
C GLU M 335 61.40 -21.84 -39.32
N LEU M 336 62.03 -21.98 -38.16
CA LEU M 336 62.97 -20.98 -37.69
C LEU M 336 64.17 -20.90 -38.62
N ARG M 337 64.62 -19.68 -38.88
CA ARG M 337 65.78 -19.43 -39.72
C ARG M 337 66.71 -18.45 -39.03
N GLU M 338 67.96 -18.43 -39.48
CA GLU M 338 68.96 -17.57 -38.86
C GLU M 338 68.55 -16.10 -38.94
N ASP M 339 67.80 -15.73 -39.98
CA ASP M 339 67.32 -14.36 -40.09
C ASP M 339 66.34 -14.04 -38.97
N ASP M 340 65.49 -14.99 -38.59
CA ASP M 340 64.50 -14.76 -37.55
C ASP M 340 65.11 -14.65 -36.17
N VAL M 341 66.32 -15.17 -35.97
CA VAL M 341 66.97 -15.07 -34.67
C VAL M 341 67.39 -13.63 -34.43
N GLY M 342 67.04 -13.10 -33.26
CA GLY M 342 67.30 -11.71 -32.96
C GLY M 342 68.68 -11.43 -32.40
N THR M 343 69.58 -10.97 -33.26
CA THR M 343 70.90 -10.53 -32.86
C THR M 343 70.94 -9.02 -32.89
N GLY M 344 71.43 -8.42 -31.82
CA GLY M 344 71.45 -6.96 -31.73
C GLY M 344 71.13 -6.47 -30.34
N ALA M 345 70.41 -7.29 -29.58
CA ALA M 345 70.16 -6.97 -28.17
C ALA M 345 71.46 -7.12 -27.40
N GLY M 346 71.98 -6.01 -26.88
CA GLY M 346 73.29 -6.01 -26.26
C GLY M 346 73.35 -6.48 -24.83
N LEU M 347 72.20 -6.72 -24.19
CA LEU M 347 72.18 -7.21 -22.82
C LEU M 347 70.75 -7.56 -22.44
N LEU M 348 70.59 -8.64 -21.67
CA LEU M 348 69.32 -9.00 -21.07
C LEU M 348 69.55 -9.29 -19.59
N GLU M 349 68.65 -8.80 -18.76
CA GLU M 349 68.81 -8.93 -17.32
C GLU M 349 67.45 -8.86 -16.64
N ILE M 350 67.13 -9.87 -15.83
CA ILE M 350 65.93 -9.88 -15.02
C ILE M 350 66.33 -9.40 -13.63
N LYS M 351 66.01 -8.15 -13.32
CA LYS M 351 66.31 -7.57 -12.03
C LYS M 351 65.00 -7.32 -11.27
N LYS M 352 65.11 -7.27 -9.96
CA LYS M 352 63.97 -7.11 -9.07
C LYS M 352 63.83 -5.65 -8.67
N ILE M 353 62.67 -5.07 -8.93
CA ILE M 353 62.36 -3.70 -8.55
C ILE M 353 61.23 -3.74 -7.54
N GLY M 354 61.48 -3.21 -6.35
CA GLY M 354 60.50 -3.29 -5.28
C GLY M 354 60.24 -4.71 -4.85
N ASP M 355 59.05 -5.23 -5.17
CA ASP M 355 58.70 -6.61 -4.85
C ASP M 355 58.25 -7.38 -6.08
N GLU M 356 58.67 -6.94 -7.27
CA GLU M 356 58.29 -7.58 -8.52
C GLU M 356 59.51 -7.76 -9.41
N TYR M 357 59.45 -8.74 -10.29
CA TYR M 357 60.53 -9.04 -11.22
C TYR M 357 60.24 -8.39 -12.56
N PHE M 358 61.24 -7.68 -13.10
CA PHE M 358 61.11 -7.02 -14.38
C PHE M 358 62.23 -7.49 -15.31
N THR M 359 61.88 -7.75 -16.56
CA THR M 359 62.83 -8.24 -17.55
C THR M 359 63.30 -7.07 -18.40
N PHE M 360 64.62 -6.86 -18.45
CA PHE M 360 65.21 -5.74 -19.16
C PHE M 360 66.01 -6.23 -20.35
N ILE M 361 65.73 -5.66 -21.52
CA ILE M 361 66.57 -5.83 -22.70
C ILE M 361 66.97 -4.42 -23.12
N THR M 362 68.08 -3.93 -22.60
CA THR M 362 68.36 -2.50 -22.61
C THR M 362 69.78 -2.19 -23.08
N ASP M 363 70.27 -2.91 -24.10
CA ASP M 363 71.52 -2.50 -24.71
C ASP M 363 71.50 -2.71 -26.22
N CYS M 364 70.31 -2.67 -26.83
CA CYS M 364 70.19 -2.95 -28.25
C CYS M 364 70.90 -1.90 -29.08
N LYS M 365 71.55 -2.36 -30.15
CA LYS M 365 72.17 -1.45 -31.11
C LYS M 365 71.18 -1.18 -32.24
N ASP M 366 70.92 0.10 -32.49
CA ASP M 366 69.93 0.53 -33.47
C ASP M 366 68.57 -0.09 -33.19
N PRO M 367 67.93 0.24 -32.08
CA PRO M 367 66.58 -0.27 -31.82
C PRO M 367 65.52 0.61 -32.43
N LYS M 368 64.46 -0.03 -32.95
CA LYS M 368 63.34 0.68 -33.53
C LYS M 368 62.14 0.75 -32.59
N ALA M 369 62.30 0.31 -31.34
CA ALA M 369 61.27 0.43 -30.32
C ALA M 369 61.95 0.68 -28.98
N CYS M 370 61.23 1.35 -28.09
CA CYS M 370 61.81 1.74 -26.82
C CYS M 370 60.75 1.69 -25.72
N THR M 371 61.21 1.69 -24.47
CA THR M 371 60.35 1.72 -23.31
C THR M 371 60.78 2.87 -22.42
N ILE M 372 59.86 3.77 -22.10
CA ILE M 372 60.13 4.90 -21.23
C ILE M 372 59.77 4.50 -19.80
N LEU M 373 60.78 4.40 -18.94
CA LEU M 373 60.59 3.97 -17.57
C LEU M 373 60.33 5.19 -16.70
N LEU M 374 59.14 5.24 -16.10
CA LEU M 374 58.75 6.33 -15.22
C LEU M 374 58.77 5.85 -13.78
N ARG M 375 59.44 6.60 -12.91
CA ARG M 375 59.50 6.29 -11.48
C ARG M 375 59.19 7.57 -10.72
N GLY M 376 58.07 7.58 -10.00
CA GLY M 376 57.65 8.80 -9.34
C GLY M 376 57.05 8.61 -7.96
N ALA M 377 56.36 9.64 -7.47
CA ALA M 377 55.83 9.60 -6.11
C ALA M 377 54.69 8.60 -5.98
N SER M 378 53.77 8.60 -6.93
CA SER M 378 52.60 7.72 -6.84
C SER M 378 52.08 7.47 -8.24
N LYS M 379 50.91 6.84 -8.32
CA LYS M 379 50.34 6.48 -9.62
C LYS M 379 49.71 7.68 -10.33
N GLU M 380 49.11 8.61 -9.57
CA GLU M 380 48.49 9.77 -10.20
C GLU M 380 49.55 10.73 -10.75
N ILE M 381 50.60 10.98 -9.98
CA ILE M 381 51.69 11.81 -10.47
C ILE M 381 52.32 11.18 -11.71
N LEU M 382 52.50 9.86 -11.68
CA LEU M 382 53.08 9.18 -12.84
C LEU M 382 52.15 9.22 -14.04
N SER M 383 50.84 9.15 -13.83
CA SER M 383 49.92 9.29 -14.95
C SER M 383 49.99 10.68 -15.56
N GLU M 384 50.07 11.71 -14.71
CA GLU M 384 50.21 13.07 -15.25
C GLU M 384 51.53 13.22 -16.00
N VAL M 385 52.60 12.63 -15.48
CA VAL M 385 53.89 12.67 -16.16
C VAL M 385 53.81 11.96 -17.51
N GLU M 386 53.09 10.84 -17.55
CA GLU M 386 52.90 10.13 -18.81
C GLU M 386 52.15 11.00 -19.81
N ARG M 387 51.10 11.69 -19.36
CA ARG M 387 50.37 12.58 -20.25
C ARG M 387 51.27 13.69 -20.79
N ASN M 388 52.10 14.28 -19.92
CA ASN M 388 52.99 15.34 -20.36
C ASN M 388 54.01 14.82 -21.38
N LEU M 389 54.58 13.64 -21.13
CA LEU M 389 55.51 13.06 -22.09
C LEU M 389 54.83 12.73 -23.40
N GLN M 390 53.57 12.28 -23.34
CA GLN M 390 52.83 12.02 -24.57
C GLN M 390 52.66 13.29 -25.38
N ASP M 391 52.33 14.39 -24.70
CA ASP M 391 52.23 15.68 -25.40
C ASP M 391 53.57 16.07 -26.01
N ALA M 392 54.65 15.89 -25.27
CA ALA M 392 55.98 16.24 -25.79
C ALA M 392 56.34 15.42 -27.02
N MET M 393 56.09 14.12 -26.97
CA MET M 393 56.40 13.26 -28.11
C MET M 393 55.52 13.58 -29.31
N GLN M 394 54.25 13.92 -29.06
CA GLN M 394 53.38 14.32 -30.17
C GLN M 394 53.90 15.59 -30.83
N VAL M 395 54.34 16.57 -30.03
CA VAL M 395 54.90 17.79 -30.59
C VAL M 395 56.17 17.48 -31.38
N CYS M 396 57.01 16.60 -30.85
CA CYS M 396 58.23 16.22 -31.55
C CYS M 396 57.93 15.59 -32.90
N ARG M 397 56.95 14.68 -32.93
CA ARG M 397 56.57 14.05 -34.19
C ARG M 397 56.00 15.07 -35.16
N ASN M 398 55.18 16.00 -34.68
CA ASN M 398 54.63 17.03 -35.55
C ASN M 398 55.72 17.89 -36.16
N VAL M 399 56.72 18.27 -35.35
CA VAL M 399 57.82 19.06 -35.88
C VAL M 399 58.63 18.26 -36.90
N LEU M 400 58.88 16.98 -36.61
CA LEU M 400 59.65 16.16 -37.54
C LEU M 400 58.92 15.99 -38.87
N LEU M 401 57.60 15.82 -38.83
CA LEU M 401 56.83 15.70 -40.07
C LEU M 401 56.78 17.04 -40.80
N ASP M 402 56.49 18.12 -40.08
CA ASP M 402 56.41 19.47 -40.68
C ASP M 402 57.39 20.39 -39.96
N PRO M 403 58.52 20.75 -40.57
CA PRO M 403 59.52 21.57 -39.89
C PRO M 403 59.19 23.05 -39.81
N GLN M 404 57.95 23.46 -40.12
CA GLN M 404 57.57 24.85 -39.97
C GLN M 404 57.27 25.17 -38.51
N LEU M 405 57.61 26.39 -38.11
CA LEU M 405 57.52 26.79 -36.70
C LEU M 405 56.86 28.16 -36.62
N VAL M 406 56.09 28.37 -35.56
CA VAL M 406 55.26 29.57 -35.42
C VAL M 406 55.43 30.16 -34.02
N PRO M 407 55.55 31.48 -33.89
CA PRO M 407 55.71 32.09 -32.56
C PRO M 407 54.51 31.81 -31.66
N GLY M 408 54.79 31.60 -30.38
CA GLY M 408 53.79 31.34 -29.39
C GLY M 408 53.53 32.54 -28.50
N GLY M 409 52.90 32.27 -27.36
CA GLY M 409 52.58 33.33 -26.42
C GLY M 409 51.54 34.31 -26.90
N GLY M 410 50.73 33.93 -27.89
CA GLY M 410 49.72 34.81 -28.43
C GLY M 410 50.21 35.76 -29.49
N ALA M 411 51.51 35.76 -29.80
CA ALA M 411 52.03 36.66 -30.83
C ALA M 411 51.45 36.31 -32.20
N SER M 412 51.38 35.02 -32.52
CA SER M 412 50.85 34.60 -33.81
C SER M 412 49.40 35.02 -33.96
N GLU M 413 48.61 34.86 -32.90
CA GLU M 413 47.21 35.23 -32.97
C GLU M 413 47.03 36.74 -33.08
N MET M 414 47.87 37.51 -32.40
CA MET M 414 47.84 38.96 -32.56
C MET M 414 48.14 39.34 -34.01
N ALA M 415 49.17 38.73 -34.60
CA ALA M 415 49.52 39.03 -35.97
C ALA M 415 48.40 38.65 -36.93
N VAL M 416 47.79 37.48 -36.72
CA VAL M 416 46.71 37.05 -37.60
C VAL M 416 45.52 37.99 -37.47
N ALA M 417 45.18 38.40 -36.25
CA ALA M 417 44.07 39.33 -36.06
C ALA M 417 44.34 40.66 -36.75
N HIS M 418 45.56 41.19 -36.61
CA HIS M 418 45.89 42.45 -37.28
C HIS M 418 45.81 42.31 -38.79
N ALA M 419 46.35 41.21 -39.33
CA ALA M 419 46.32 41.00 -40.78
C ALA M 419 44.89 40.89 -41.29
N LEU M 420 44.04 40.15 -40.57
CA LEU M 420 42.66 40.01 -40.98
C LEU M 420 41.90 41.33 -40.88
N THR M 421 42.21 42.16 -39.86
CA THR M 421 41.58 43.47 -39.79
C THR M 421 42.00 44.34 -40.97
N GLU M 422 43.27 44.31 -41.32
CA GLU M 422 43.75 45.08 -42.47
C GLU M 422 43.08 44.59 -43.76
N LYS M 423 42.91 43.28 -43.90
CA LYS M 423 42.17 42.74 -45.05
C LYS M 423 40.72 43.21 -45.05
N SER M 424 40.09 43.18 -43.87
CA SER M 424 38.68 43.56 -43.76
C SER M 424 38.46 45.03 -44.05
N LYS M 425 39.48 45.87 -43.89
CA LYS M 425 39.31 47.30 -44.14
C LYS M 425 39.01 47.61 -45.60
N ALA M 426 38.89 46.58 -46.45
CA ALA M 426 38.63 46.79 -47.87
C ALA M 426 37.48 45.93 -48.40
N MET M 427 36.70 45.29 -47.53
CA MET M 427 35.60 44.44 -48.00
C MET M 427 34.47 45.28 -48.60
N THR M 428 34.07 46.34 -47.89
CA THR M 428 32.96 47.21 -48.30
C THR M 428 31.69 46.40 -48.55
N GLY M 429 31.43 45.43 -47.68
CA GLY M 429 30.23 44.62 -47.80
C GLY M 429 29.48 44.52 -46.49
N VAL M 430 28.50 43.62 -46.43
CA VAL M 430 27.74 43.42 -45.20
C VAL M 430 28.34 42.30 -44.34
N GLU M 431 29.13 41.41 -44.91
CA GLU M 431 29.74 40.33 -44.17
C GLU M 431 31.07 40.72 -43.55
N GLN M 432 31.50 41.97 -43.70
CA GLN M 432 32.77 42.39 -43.13
C GLN M 432 32.72 42.42 -41.61
N TRP M 433 31.57 42.74 -41.03
CA TRP M 433 31.48 42.80 -39.56
C TRP M 433 31.72 41.44 -38.90
N PRO M 434 31.06 40.34 -39.32
CA PRO M 434 31.43 39.04 -38.73
C PRO M 434 32.86 38.65 -39.00
N TYR M 435 33.39 39.03 -40.18
CA TYR M 435 34.78 38.76 -40.50
C TYR M 435 35.71 39.40 -39.47
N ARG M 436 35.51 40.70 -39.22
CA ARG M 436 36.36 41.40 -38.26
C ARG M 436 36.13 40.89 -36.84
N ALA M 437 34.89 40.55 -36.50
CA ALA M 437 34.60 40.06 -35.16
C ALA M 437 35.31 38.74 -34.89
N VAL M 438 35.26 37.81 -35.86
CA VAL M 438 35.94 36.53 -35.67
C VAL M 438 37.44 36.71 -35.75
N ALA M 439 37.91 37.73 -36.48
CA ALA M 439 39.34 38.04 -36.47
C ALA M 439 39.80 38.49 -35.09
N GLN M 440 39.02 39.36 -34.45
CA GLN M 440 39.38 39.86 -33.12
C GLN M 440 39.08 38.84 -32.03
N ALA M 441 38.28 37.82 -32.31
CA ALA M 441 38.04 36.76 -31.33
C ALA M 441 39.29 35.95 -31.05
N LEU M 442 40.32 36.04 -31.90
CA LEU M 442 41.57 35.34 -31.63
C LEU M 442 42.33 35.92 -30.45
N GLU M 443 41.95 37.11 -30.00
CA GLU M 443 42.63 37.75 -28.87
C GLU M 443 42.29 37.09 -27.53
N VAL M 444 41.38 36.12 -27.51
CA VAL M 444 40.96 35.53 -26.25
C VAL M 444 42.10 34.79 -25.57
N ILE M 445 43.05 34.25 -26.34
CA ILE M 445 44.12 33.45 -25.77
C ILE M 445 45.19 34.34 -25.14
N PRO M 446 45.66 35.41 -25.79
CA PRO M 446 46.49 36.35 -25.03
C PRO M 446 45.78 36.93 -23.83
N ARG M 447 44.47 37.17 -23.95
CA ARG M 447 43.71 37.70 -22.83
C ARG M 447 43.69 36.71 -21.67
N THR M 448 43.47 35.43 -21.94
CA THR M 448 43.43 34.47 -20.85
C THR M 448 44.83 34.16 -20.32
N LEU M 449 45.85 34.30 -21.16
CA LEU M 449 47.22 34.20 -20.65
C LEU M 449 47.50 35.30 -19.65
N ILE M 450 47.09 36.54 -19.97
CA ILE M 450 47.28 37.65 -19.06
C ILE M 450 46.46 37.43 -17.79
N GLN M 451 45.23 36.94 -17.94
CA GLN M 451 44.37 36.70 -16.78
C GLN M 451 44.97 35.66 -15.85
N ASN M 452 45.50 34.58 -16.40
CA ASN M 452 46.15 33.57 -15.58
C ASN M 452 47.42 34.11 -14.93
N CYS M 453 48.16 34.95 -15.65
CA CYS M 453 49.33 35.59 -15.07
C CYS M 453 48.97 36.57 -13.96
N GLY M 454 47.73 37.05 -13.93
CA GLY M 454 47.31 38.01 -12.94
C GLY M 454 47.53 39.46 -13.30
N ALA M 455 48.08 39.74 -14.47
CA ALA M 455 48.36 41.11 -14.86
C ALA M 455 47.07 41.80 -15.32
N SER M 456 47.16 43.11 -15.56
CA SER M 456 46.00 43.88 -16.02
C SER M 456 45.70 43.53 -17.46
N THR M 457 44.49 43.02 -17.70
CA THR M 457 44.14 42.56 -19.04
C THR M 457 44.01 43.71 -20.01
N ILE M 458 43.30 44.77 -19.62
CA ILE M 458 42.96 45.83 -20.57
C ILE M 458 44.22 46.57 -21.02
N ARG M 459 45.09 46.95 -20.07
CA ARG M 459 46.27 47.73 -20.42
C ARG M 459 47.24 46.93 -21.27
N LEU M 460 47.52 45.69 -20.84
CA LEU M 460 48.46 44.86 -21.59
C LEU M 460 47.91 44.51 -22.97
N LEU M 461 46.62 44.21 -23.07
CA LEU M 461 46.05 43.89 -24.37
C LEU M 461 46.09 45.09 -25.30
N THR M 462 45.77 46.29 -24.79
CA THR M 462 45.86 47.47 -25.63
C THR M 462 47.30 47.73 -26.07
N SER M 463 48.26 47.55 -25.16
CA SER M 463 49.65 47.75 -25.52
C SER M 463 50.10 46.76 -26.58
N LEU M 464 49.69 45.49 -26.44
CA LEU M 464 50.07 44.47 -27.42
C LEU M 464 49.44 44.75 -28.77
N ARG M 465 48.17 45.14 -28.79
CA ARG M 465 47.51 45.45 -30.06
C ARG M 465 48.17 46.64 -30.73
N ALA M 466 48.55 47.67 -29.95
CA ALA M 466 49.26 48.80 -30.52
C ALA M 466 50.63 48.38 -31.04
N LYS M 467 51.33 47.49 -30.32
CA LYS M 467 52.65 47.05 -30.76
C LYS M 467 52.56 46.30 -32.07
N HIS M 468 51.54 45.45 -32.23
CA HIS M 468 51.43 44.66 -33.46
C HIS M 468 51.03 45.50 -34.66
N THR M 469 50.61 46.75 -34.47
CA THR M 469 50.28 47.61 -35.59
C THR M 469 51.51 48.12 -36.33
N GLN M 470 52.70 47.93 -35.77
CA GLN M 470 53.93 48.35 -36.43
C GLN M 470 54.30 47.33 -37.51
N GLU M 471 55.46 47.49 -38.13
CA GLU M 471 55.79 46.70 -39.31
C GLU M 471 56.30 45.31 -38.94
N ASN M 472 57.46 45.24 -38.27
CA ASN M 472 58.08 43.97 -37.93
C ASN M 472 57.85 43.69 -36.45
N CYS M 473 56.62 43.28 -36.13
CA CYS M 473 56.28 42.97 -34.75
C CYS M 473 55.39 41.74 -34.63
N GLU M 474 55.37 40.88 -35.65
CA GLU M 474 54.52 39.70 -35.62
C GLU M 474 54.96 38.70 -34.56
N THR M 475 56.18 38.81 -34.05
CA THR M 475 56.70 37.89 -33.04
C THR M 475 56.60 38.46 -31.64
N TRP M 476 55.90 39.57 -31.45
CA TRP M 476 55.78 40.19 -30.14
C TRP M 476 54.56 39.61 -29.42
N GLY M 477 54.82 38.89 -28.33
CA GLY M 477 53.75 38.28 -27.57
C GLY M 477 53.75 38.72 -26.12
N VAL M 478 53.16 37.92 -25.24
CA VAL M 478 53.04 38.24 -23.83
C VAL M 478 53.75 37.18 -23.01
N ASN M 479 54.54 37.62 -22.04
CA ASN M 479 55.19 36.69 -21.13
C ASN M 479 54.16 36.19 -20.12
N GLY M 480 53.84 34.90 -20.20
CA GLY M 480 52.75 34.37 -19.41
C GLY M 480 53.07 34.17 -17.94
N GLU M 481 54.34 34.25 -17.57
CA GLU M 481 54.75 34.05 -16.19
C GLU M 481 55.20 35.33 -15.51
N THR M 482 55.27 36.45 -16.23
CA THR M 482 55.57 37.75 -15.63
C THR M 482 54.65 38.86 -16.06
N GLY M 483 53.78 38.64 -17.05
CA GLY M 483 52.86 39.66 -17.50
C GLY M 483 53.50 40.87 -18.12
N THR M 484 54.48 40.67 -19.00
CA THR M 484 55.13 41.76 -19.71
C THR M 484 55.24 41.40 -21.18
N LEU M 485 55.19 42.42 -22.03
CA LEU M 485 55.38 42.22 -23.46
C LEU M 485 56.83 41.89 -23.75
N VAL M 486 57.05 40.87 -24.56
CA VAL M 486 58.41 40.43 -24.89
C VAL M 486 58.39 39.78 -26.26
N ASP M 487 59.45 40.02 -27.02
CA ASP M 487 59.58 39.41 -28.33
C ASP M 487 59.86 37.91 -28.18
N MET M 488 59.06 37.09 -28.86
CA MET M 488 59.20 35.64 -28.72
C MET M 488 60.49 35.10 -29.33
N LYS M 489 61.13 35.84 -30.23
CA LYS M 489 62.46 35.43 -30.68
C LYS M 489 63.53 35.68 -29.63
N GLU M 490 63.19 36.39 -28.55
CA GLU M 490 64.07 36.55 -27.40
C GLU M 490 63.69 35.60 -26.26
N LEU M 491 62.40 35.48 -25.96
CA LEU M 491 61.96 34.53 -24.94
C LEU M 491 62.15 33.10 -25.41
N GLY M 492 61.97 32.85 -26.71
CA GLY M 492 62.18 31.53 -27.26
C GLY M 492 61.00 30.59 -27.22
N ILE M 493 59.79 31.11 -27.05
CA ILE M 493 58.58 30.28 -27.06
C ILE M 493 58.09 30.17 -28.49
N TRP M 494 58.03 28.94 -29.00
CA TRP M 494 57.61 28.69 -30.37
C TRP M 494 56.71 27.47 -30.40
N GLU M 495 55.89 27.39 -31.45
CA GLU M 495 54.92 26.32 -31.60
C GLU M 495 54.99 25.76 -33.02
N PRO M 496 54.75 24.46 -33.18
CA PRO M 496 54.67 23.91 -34.53
C PRO M 496 53.51 24.52 -35.31
N LEU M 497 53.74 24.73 -36.60
CA LEU M 497 52.70 25.32 -37.43
C LEU M 497 51.49 24.40 -37.55
N ALA M 498 51.72 23.09 -37.54
CA ALA M 498 50.62 22.13 -37.66
C ALA M 498 49.65 22.26 -36.50
N VAL M 499 50.15 22.43 -35.28
CA VAL M 499 49.28 22.54 -34.12
C VAL M 499 48.40 23.78 -34.22
N LYS M 500 48.98 24.92 -34.58
CA LYS M 500 48.21 26.15 -34.70
C LYS M 500 47.19 26.04 -35.82
N LEU M 501 47.59 25.46 -36.96
CA LEU M 501 46.65 25.29 -38.07
C LEU M 501 45.48 24.41 -37.67
N GLN M 502 45.76 23.29 -36.99
CA GLN M 502 44.70 22.40 -36.56
C GLN M 502 43.77 23.10 -35.57
N THR M 503 44.34 23.86 -34.64
CA THR M 503 43.53 24.58 -33.67
C THR M 503 42.58 25.56 -34.37
N TYR M 504 43.12 26.36 -35.28
CA TYR M 504 42.28 27.32 -36.00
C TYR M 504 41.18 26.63 -36.78
N LYS M 505 41.54 25.61 -37.58
CA LYS M 505 40.56 24.94 -38.42
C LYS M 505 39.47 24.31 -37.58
N THR M 506 39.86 23.61 -36.51
CA THR M 506 38.90 22.92 -35.67
C THR M 506 37.97 23.89 -34.97
N ALA M 507 38.50 24.99 -34.44
CA ALA M 507 37.65 25.97 -33.76
C ALA M 507 36.66 26.61 -34.73
N VAL M 508 37.15 27.00 -35.91
CA VAL M 508 36.27 27.67 -36.88
C VAL M 508 35.17 26.72 -37.34
N GLU M 509 35.52 25.46 -37.62
CA GLU M 509 34.49 24.53 -38.07
C GLU M 509 33.55 24.12 -36.94
N THR M 510 34.01 24.13 -35.69
CA THR M 510 33.09 23.92 -34.58
C THR M 510 32.07 25.05 -34.52
N ALA M 511 32.54 26.29 -34.69
CA ALA M 511 31.62 27.42 -34.71
C ALA M 511 30.63 27.29 -35.86
N VAL M 512 31.11 26.90 -37.05
CA VAL M 512 30.22 26.72 -38.18
C VAL M 512 29.18 25.66 -37.90
N LEU M 513 29.61 24.51 -37.37
CA LEU M 513 28.70 23.41 -37.14
C LEU M 513 27.63 23.79 -36.12
N LEU M 514 28.02 24.47 -35.05
CA LEU M 514 27.03 24.88 -34.06
C LEU M 514 26.17 26.06 -34.53
N LEU M 515 26.64 26.83 -35.51
CA LEU M 515 25.81 27.88 -36.07
C LEU M 515 24.76 27.33 -37.03
N ARG M 516 25.07 26.26 -37.74
CA ARG M 516 24.11 25.72 -38.70
C ARG M 516 22.88 25.08 -38.05
N ILE M 517 22.70 25.11 -36.74
CA ILE M 517 21.63 24.38 -36.06
C ILE M 517 20.62 25.38 -35.51
N ASP M 518 19.33 25.13 -35.79
CA ASP M 518 18.28 25.97 -35.23
C ASP M 518 17.10 25.14 -34.70
N ASP M 519 17.24 23.83 -34.58
CA ASP M 519 16.14 22.99 -34.14
C ASP M 519 16.71 21.77 -33.42
N ILE M 520 16.10 21.41 -32.30
CA ILE M 520 16.52 20.27 -31.50
C ILE M 520 15.31 19.39 -31.24
N VAL M 521 15.41 18.11 -31.63
CA VAL M 521 14.37 17.13 -31.36
C VAL M 521 14.99 16.01 -30.54
N SER M 522 14.33 15.66 -29.43
CA SER M 522 14.90 14.70 -28.50
C SER M 522 13.79 13.86 -27.90
N GLY M 523 14.19 12.73 -27.32
CA GLY M 523 13.29 11.83 -26.65
C GLY M 523 12.92 10.59 -27.42
N HIS M 524 13.14 10.58 -28.73
CA HIS M 524 12.77 9.42 -29.54
C HIS M 524 13.70 8.25 -29.27
N LYS M 525 13.22 7.05 -29.60
CA LYS M 525 14.01 5.85 -29.43
C LYS M 525 14.96 5.66 -30.62
N LYS M 526 15.86 4.69 -30.48
CA LYS M 526 16.86 4.46 -31.52
C LYS M 526 16.25 3.85 -32.77
N LYS M 527 15.24 2.99 -32.61
CA LYS M 527 14.55 2.34 -33.72
C LYS M 527 15.53 1.54 -34.58
N GLY M 528 16.13 0.52 -33.96
CA GLY M 528 17.08 -0.34 -34.64
C GLY M 528 16.45 -1.62 -35.17
N MET N 1 20.73 -2.42 33.88
CA MET N 1 21.51 -2.61 32.65
C MET N 1 21.91 -1.26 32.05
N MET N 2 23.20 -0.93 32.17
CA MET N 2 23.71 0.32 31.61
C MET N 2 24.16 0.07 30.18
N PRO N 3 23.63 0.80 29.20
CA PRO N 3 23.96 0.51 27.79
C PRO N 3 25.39 0.88 27.40
N THR N 4 26.23 -0.13 27.23
CA THR N 4 27.57 0.10 26.72
C THR N 4 27.50 0.43 25.23
N PRO N 5 28.32 1.37 24.74
CA PRO N 5 28.28 1.69 23.31
C PRO N 5 28.49 0.49 22.40
N VAL N 6 29.37 -0.43 22.78
CA VAL N 6 29.51 -1.72 22.12
C VAL N 6 29.29 -2.80 23.17
N ILE N 7 28.36 -3.70 22.88
CA ILE N 7 27.89 -4.66 23.87
C ILE N 7 28.67 -5.95 23.76
N LEU N 8 28.67 -6.73 24.84
CA LEU N 8 29.52 -7.92 24.93
C LEU N 8 29.06 -9.00 23.97
N LEU N 9 27.85 -9.50 24.14
CA LEU N 9 27.30 -10.53 23.27
C LEU N 9 26.43 -9.89 22.20
N LYS N 10 25.87 -10.72 21.33
CA LYS N 10 24.99 -10.22 20.29
C LYS N 10 23.71 -9.64 20.88
N GLU N 11 23.14 -8.67 20.17
CA GLU N 11 21.82 -8.17 20.53
C GLU N 11 20.80 -9.28 20.40
N GLY N 12 19.87 -9.33 21.35
CA GLY N 12 18.87 -10.38 21.38
C GLY N 12 19.24 -11.61 22.17
N THR N 13 20.49 -11.70 22.66
CA THR N 13 20.87 -12.81 23.51
C THR N 13 20.13 -12.71 24.84
N ASP N 14 19.52 -13.82 25.26
CA ASP N 14 18.74 -13.89 26.47
C ASP N 14 19.49 -14.69 27.54
N SER N 15 19.33 -14.29 28.80
CA SER N 15 20.02 -14.94 29.90
C SER N 15 19.13 -14.93 31.12
N SER N 16 18.82 -16.11 31.66
CA SER N 16 18.09 -16.25 32.91
C SER N 16 18.97 -16.96 33.91
N GLN N 17 19.12 -16.36 35.10
CA GLN N 17 20.07 -16.84 36.08
C GLN N 17 19.44 -16.85 37.46
N GLY N 18 19.87 -17.79 38.28
CA GLY N 18 19.51 -17.82 39.69
C GLY N 18 18.39 -18.79 40.01
N ILE N 19 17.82 -18.57 41.20
CA ILE N 19 16.69 -19.41 41.64
C ILE N 19 15.51 -19.33 40.67
N PRO N 20 15.10 -18.15 40.17
CA PRO N 20 13.91 -18.12 39.30
C PRO N 20 14.00 -19.01 38.08
N GLN N 21 15.17 -19.10 37.44
CA GLN N 21 15.25 -19.94 36.24
C GLN N 21 15.20 -21.42 36.61
N LEU N 22 15.74 -21.79 37.77
CA LEU N 22 15.63 -23.18 38.21
C LEU N 22 14.18 -23.54 38.51
N VAL N 23 13.45 -22.62 39.16
CA VAL N 23 12.04 -22.86 39.41
C VAL N 23 11.27 -22.96 38.10
N SER N 24 11.64 -22.14 37.12
CA SER N 24 11.02 -22.23 35.80
C SER N 24 11.30 -23.58 35.14
N ASN N 25 12.53 -24.08 35.29
CA ASN N 25 12.86 -25.39 34.74
C ASN N 25 12.02 -26.48 35.39
N ILE N 26 11.85 -26.41 36.71
CA ILE N 26 11.02 -27.39 37.40
C ILE N 26 9.58 -27.32 36.92
N SER N 27 9.06 -26.11 36.74
CA SER N 27 7.69 -25.96 36.25
C SER N 27 7.53 -26.50 34.84
N ALA N 28 8.53 -26.28 33.99
CA ALA N 28 8.47 -26.83 32.64
C ALA N 28 8.48 -28.35 32.66
N CYS N 29 9.29 -28.95 33.54
CA CYS N 29 9.28 -30.39 33.68
C CYS N 29 7.91 -30.89 34.16
N GLN N 30 7.28 -30.16 35.08
CA GLN N 30 5.94 -30.50 35.50
C GLN N 30 4.95 -30.45 34.34
N VAL N 31 5.09 -29.43 33.48
CA VAL N 31 4.21 -29.30 32.32
C VAL N 31 4.38 -30.50 31.40
N ILE N 32 5.63 -30.90 31.15
CA ILE N 32 5.88 -32.06 30.29
C ILE N 32 5.30 -33.33 30.91
N ALA N 33 5.47 -33.52 32.22
CA ALA N 33 4.93 -34.70 32.86
C ALA N 33 3.41 -34.74 32.77
N GLU N 34 2.76 -33.58 32.89
CA GLU N 34 1.31 -33.54 32.80
C GLU N 34 0.81 -34.01 31.44
N ALA N 35 1.62 -33.86 30.40
CA ALA N 35 1.20 -34.25 29.05
C ALA N 35 1.16 -35.75 28.85
N VAL N 36 1.67 -36.54 29.79
CA VAL N 36 1.69 -37.99 29.67
C VAL N 36 1.16 -38.59 30.97
N ARG N 37 0.57 -37.74 31.80
CA ARG N 37 0.16 -38.16 33.14
C ARG N 37 -0.92 -39.24 33.08
N THR N 38 -1.89 -39.10 32.19
CA THR N 38 -3.08 -39.93 32.19
C THR N 38 -2.94 -41.19 31.34
N THR N 39 -1.75 -41.47 30.80
CA THR N 39 -1.53 -42.68 30.02
C THR N 39 -0.85 -43.77 30.83
N LEU N 40 -1.17 -43.86 32.11
CA LEU N 40 -0.49 -44.77 33.02
C LEU N 40 -1.49 -45.78 33.58
N GLY N 41 -1.11 -47.05 33.56
CA GLY N 41 -1.89 -48.09 34.21
C GLY N 41 -2.97 -48.68 33.34
N PRO N 42 -3.67 -49.68 33.86
CA PRO N 42 -4.75 -50.30 33.09
C PRO N 42 -5.89 -49.37 32.76
N ARG N 43 -6.08 -48.31 33.53
CA ARG N 43 -7.10 -47.31 33.26
C ARG N 43 -6.57 -46.10 32.51
N GLY N 44 -5.33 -46.17 32.03
CA GLY N 44 -4.77 -45.08 31.27
C GLY N 44 -5.47 -44.90 29.94
N MET N 45 -5.38 -43.67 29.41
CA MET N 45 -6.03 -43.31 28.18
C MET N 45 -4.99 -43.11 27.08
N ASP N 46 -5.46 -42.69 25.91
CA ASP N 46 -4.61 -42.43 24.76
C ASP N 46 -4.67 -40.94 24.41
N LYS N 47 -3.63 -40.48 23.74
CA LYS N 47 -3.54 -39.09 23.29
C LYS N 47 -3.46 -39.05 21.77
N LEU N 48 -4.18 -38.11 21.17
CA LEU N 48 -4.19 -37.94 19.72
C LEU N 48 -3.44 -36.66 19.40
N ILE N 49 -2.40 -36.77 18.57
CA ILE N 49 -1.57 -35.64 18.19
C ILE N 49 -1.66 -35.46 16.69
N VAL N 50 -1.93 -34.23 16.25
CA VAL N 50 -2.03 -33.90 14.83
C VAL N 50 -0.81 -33.05 14.48
N ASP N 51 -0.03 -33.50 13.50
CA ASP N 51 1.12 -32.73 13.06
C ASP N 51 0.70 -31.65 12.08
N GLY N 52 1.67 -30.92 11.55
CA GLY N 52 1.37 -29.82 10.65
C GLY N 52 0.73 -30.27 9.35
N ARG N 53 1.12 -31.43 8.84
CA ARG N 53 0.63 -31.90 7.55
C ARG N 53 -0.75 -32.52 7.62
N GLY N 54 -1.32 -32.68 8.82
CA GLY N 54 -2.66 -33.23 8.97
C GLY N 54 -2.70 -34.67 9.42
N LYS N 55 -1.59 -35.40 9.35
CA LYS N 55 -1.57 -36.78 9.81
C LYS N 55 -1.66 -36.82 11.34
N ALA N 56 -2.50 -37.71 11.84
CA ALA N 56 -2.74 -37.82 13.28
C ALA N 56 -2.22 -39.16 13.80
N THR N 57 -1.64 -39.14 14.99
CA THR N 57 -1.15 -40.34 15.64
C THR N 57 -1.85 -40.49 16.99
N ILE N 58 -2.24 -41.72 17.31
CA ILE N 58 -2.90 -42.06 18.56
C ILE N 58 -2.02 -43.05 19.28
N SER N 59 -1.64 -42.72 20.52
CA SER N 59 -0.68 -43.55 21.22
C SER N 59 -0.90 -43.48 22.72
N ASN N 60 -0.64 -44.61 23.39
CA ASN N 60 -0.54 -44.68 24.83
C ASN N 60 0.90 -44.68 25.31
N ASP N 61 1.85 -44.91 24.41
CA ASP N 61 3.26 -44.95 24.77
C ASP N 61 3.75 -43.56 25.12
N GLY N 62 4.41 -43.43 26.27
CA GLY N 62 4.89 -42.12 26.69
C GLY N 62 5.99 -41.58 25.80
N ALA N 63 6.91 -42.45 25.37
CA ALA N 63 8.00 -42.00 24.51
C ALA N 63 7.47 -41.46 23.20
N THR N 64 6.50 -42.14 22.60
CA THR N 64 5.94 -41.66 21.34
C THR N 64 5.26 -40.32 21.50
N ILE N 65 4.47 -40.16 22.57
CA ILE N 65 3.77 -38.90 22.78
C ILE N 65 4.76 -37.76 22.99
N LEU N 66 5.82 -38.02 23.77
CA LEU N 66 6.81 -36.98 23.98
C LEU N 66 7.58 -36.65 22.70
N LYS N 67 7.85 -37.66 21.87
CA LYS N 67 8.51 -37.40 20.61
C LYS N 67 7.65 -36.53 19.69
N LEU N 68 6.35 -36.81 19.63
CA LEU N 68 5.48 -36.02 18.76
C LEU N 68 5.24 -34.61 19.30
N LEU N 69 5.60 -34.32 20.54
CA LEU N 69 5.54 -32.96 21.07
C LEU N 69 6.85 -32.27 20.76
N ASP N 70 6.78 -31.18 20.00
CA ASP N 70 7.99 -30.44 19.61
C ASP N 70 8.39 -29.53 20.77
N VAL N 71 9.00 -30.15 21.78
CA VAL N 71 9.41 -29.43 22.98
C VAL N 71 10.70 -28.69 22.71
N VAL N 72 10.73 -27.40 23.03
CA VAL N 72 11.89 -26.56 22.79
C VAL N 72 12.52 -26.05 24.08
N HIS N 73 11.88 -26.23 25.23
CA HIS N 73 12.48 -25.78 26.47
C HIS N 73 13.69 -26.63 26.81
N PRO N 74 14.86 -26.01 27.04
CA PRO N 74 16.07 -26.82 27.25
C PRO N 74 15.97 -27.78 28.43
N ALA N 75 15.34 -27.36 29.53
CA ALA N 75 15.20 -28.24 30.68
C ALA N 75 14.11 -29.28 30.45
N ALA N 76 13.10 -28.96 29.67
CA ALA N 76 12.02 -29.90 29.41
C ALA N 76 12.44 -31.01 28.47
N LYS N 77 13.38 -30.72 27.55
CA LYS N 77 13.85 -31.74 26.63
C LYS N 77 14.56 -32.89 27.33
N THR N 78 15.03 -32.68 28.56
CA THR N 78 15.69 -33.74 29.29
C THR N 78 14.72 -34.88 29.58
N LEU N 79 13.47 -34.56 29.90
CA LEU N 79 12.47 -35.60 30.15
C LEU N 79 12.21 -36.40 28.88
N VAL N 80 12.12 -35.73 27.73
CA VAL N 80 11.96 -36.44 26.46
C VAL N 80 13.15 -37.34 26.21
N ASP N 81 14.36 -36.85 26.49
CA ASP N 81 15.56 -37.64 26.25
C ASP N 81 15.60 -38.87 27.15
N ILE N 82 15.22 -38.73 28.41
CA ILE N 82 15.24 -39.89 29.29
C ILE N 82 14.13 -40.86 28.93
N ALA N 83 13.00 -40.37 28.42
CA ALA N 83 11.98 -41.28 27.91
C ALA N 83 12.50 -42.06 26.72
N LYS N 84 13.22 -41.40 25.81
CA LYS N 84 13.83 -42.11 24.69
C LYS N 84 14.84 -43.13 25.19
N SER N 85 15.63 -42.77 26.20
CA SER N 85 16.61 -43.70 26.75
C SER N 85 15.95 -44.92 27.36
N GLN N 86 14.86 -44.73 28.10
CA GLN N 86 14.14 -45.85 28.67
C GLN N 86 13.54 -46.73 27.57
N ASP N 87 13.03 -46.11 26.51
CA ASP N 87 12.52 -46.90 25.38
C ASP N 87 13.63 -47.72 24.74
N ALA N 88 14.80 -47.11 24.56
CA ALA N 88 15.89 -47.79 23.87
C ALA N 88 16.44 -48.95 24.71
N GLU N 89 16.74 -48.69 25.98
CA GLU N 89 17.40 -49.69 26.80
C GLU N 89 16.45 -50.81 27.23
N VAL N 90 15.23 -50.46 27.60
CA VAL N 90 14.27 -51.41 28.17
C VAL N 90 13.05 -51.59 27.25
N GLY N 91 12.39 -50.48 26.90
CA GLY N 91 11.23 -50.52 26.05
C GLY N 91 9.91 -50.26 26.76
N ASP N 92 9.87 -50.42 28.08
CA ASP N 92 8.68 -50.15 28.87
C ASP N 92 9.04 -49.28 30.05
N GLY N 93 8.05 -48.52 30.54
CA GLY N 93 8.29 -47.58 31.60
C GLY N 93 8.61 -46.18 31.15
N THR N 94 8.36 -45.86 29.88
CA THR N 94 8.66 -44.53 29.36
C THR N 94 7.82 -43.45 30.01
N THR N 95 6.63 -43.79 30.51
CA THR N 95 5.85 -42.83 31.29
C THR N 95 6.36 -42.71 32.72
N SER N 96 6.79 -43.84 33.30
CA SER N 96 7.23 -43.85 34.68
C SER N 96 8.47 -42.99 34.87
N VAL N 97 9.39 -42.99 33.91
CA VAL N 97 10.62 -42.22 34.06
C VAL N 97 10.29 -40.72 34.13
N THR N 98 9.41 -40.25 33.24
CA THR N 98 9.05 -38.84 33.25
C THR N 98 8.31 -38.48 34.51
N LEU N 99 7.36 -39.33 34.94
CA LEU N 99 6.63 -39.04 36.17
C LEU N 99 7.57 -38.97 37.37
N LEU N 100 8.52 -39.92 37.45
CA LEU N 100 9.43 -39.94 38.58
C LEU N 100 10.36 -38.74 38.59
N ALA N 101 10.91 -38.37 37.43
CA ALA N 101 11.80 -37.22 37.38
C ALA N 101 11.06 -35.95 37.76
N ALA N 102 9.86 -35.75 37.20
CA ALA N 102 9.09 -34.57 37.53
C ALA N 102 8.71 -34.54 39.00
N GLU N 103 8.40 -35.71 39.59
CA GLU N 103 8.04 -35.73 40.99
C GLU N 103 9.24 -35.43 41.88
N PHE N 104 10.42 -35.94 41.52
CA PHE N 104 11.63 -35.57 42.25
C PHE N 104 11.81 -34.05 42.25
N LEU N 105 11.72 -33.45 41.06
CA LEU N 105 11.91 -32.00 40.95
C LEU N 105 10.85 -31.25 41.73
N LYS N 106 9.59 -31.69 41.66
CA LYS N 106 8.53 -31.02 42.39
C LYS N 106 8.74 -31.11 43.90
N GLN N 107 9.20 -32.27 44.39
CA GLN N 107 9.41 -32.43 45.82
C GLN N 107 10.55 -31.56 46.31
N VAL N 108 11.62 -31.42 45.51
CA VAL N 108 12.75 -30.60 45.95
C VAL N 108 12.59 -29.12 45.62
N LYS N 109 11.54 -28.75 44.89
CA LYS N 109 11.31 -27.34 44.58
C LYS N 109 11.21 -26.45 45.82
N PRO N 110 10.46 -26.81 46.87
CA PRO N 110 10.43 -25.93 48.05
C PRO N 110 11.79 -25.69 48.68
N TYR N 111 12.67 -26.69 48.66
CA TYR N 111 13.99 -26.51 49.22
C TYR N 111 14.86 -25.62 48.34
N VAL N 112 14.70 -25.73 47.03
CA VAL N 112 15.41 -24.83 46.12
C VAL N 112 14.95 -23.40 46.34
N GLU N 113 13.65 -23.20 46.50
CA GLU N 113 13.11 -21.85 46.63
C GLU N 113 13.64 -21.13 47.87
N GLU N 114 14.01 -21.88 48.90
CA GLU N 114 14.50 -21.29 50.15
C GLU N 114 16.01 -21.19 50.20
N GLY N 115 16.70 -21.39 49.08
CA GLY N 115 18.12 -21.13 49.02
C GLY N 115 19.03 -22.30 49.34
N LEU N 116 18.51 -23.53 49.33
CA LEU N 116 19.37 -24.69 49.55
C LEU N 116 20.35 -24.85 48.40
N HIS N 117 21.58 -25.21 48.73
CA HIS N 117 22.60 -25.39 47.71
C HIS N 117 22.28 -26.63 46.87
N PRO N 118 22.19 -26.50 45.55
CA PRO N 118 21.79 -27.65 44.72
C PRO N 118 22.73 -28.85 44.81
N GLN N 119 23.99 -28.65 45.18
CA GLN N 119 24.90 -29.78 45.29
C GLN N 119 24.47 -30.75 46.37
N ILE N 120 23.92 -30.23 47.47
CA ILE N 120 23.40 -31.11 48.52
C ILE N 120 22.25 -31.95 47.99
N ILE N 121 21.34 -31.34 47.23
CA ILE N 121 20.23 -32.08 46.65
C ILE N 121 20.72 -33.14 45.69
N ILE N 122 21.74 -32.81 44.90
CA ILE N 122 22.29 -33.77 43.95
C ILE N 122 22.90 -34.96 44.68
N ARG N 123 23.66 -34.69 45.74
CA ARG N 123 24.26 -35.77 46.51
C ARG N 123 23.19 -36.65 47.15
N ALA N 124 22.14 -36.02 47.69
CA ALA N 124 21.06 -36.79 48.28
C ALA N 124 20.36 -37.67 47.25
N PHE N 125 20.12 -37.12 46.06
CA PHE N 125 19.52 -37.91 44.99
C PHE N 125 20.40 -39.10 44.63
N ARG N 126 21.71 -38.88 44.50
CA ARG N 126 22.61 -39.97 44.14
C ARG N 126 22.58 -41.07 45.19
N THR N 127 22.66 -40.68 46.47
CA THR N 127 22.65 -41.67 47.54
C THR N 127 21.35 -42.45 47.56
N ALA N 128 20.21 -41.74 47.44
CA ALA N 128 18.92 -42.40 47.48
C ALA N 128 18.75 -43.35 46.30
N THR N 129 19.18 -42.93 45.11
CA THR N 129 19.06 -43.80 43.95
C THR N 129 19.94 -45.04 44.08
N GLN N 130 21.16 -44.88 44.58
CA GLN N 130 22.02 -46.03 44.79
C GLN N 130 21.38 -47.01 45.77
N LEU N 131 20.85 -46.49 46.88
CA LEU N 131 20.21 -47.36 47.87
C LEU N 131 19.00 -48.07 47.27
N ALA N 132 18.19 -47.35 46.51
CA ALA N 132 16.99 -47.95 45.92
C ALA N 132 17.36 -49.03 44.91
N VAL N 133 18.37 -48.79 44.08
CA VAL N 133 18.78 -49.80 43.10
C VAL N 133 19.31 -51.04 43.82
N ASN N 134 20.11 -50.85 44.85
CA ASN N 134 20.61 -52.00 45.60
C ASN N 134 19.48 -52.76 46.26
N LYS N 135 18.48 -52.04 46.80
CA LYS N 135 17.34 -52.72 47.40
C LYS N 135 16.55 -53.51 46.37
N ILE N 136 16.36 -52.94 45.17
CA ILE N 136 15.65 -53.65 44.11
C ILE N 136 16.39 -54.93 43.76
N LYS N 137 17.71 -54.84 43.60
CA LYS N 137 18.49 -56.04 43.29
C LYS N 137 18.42 -57.06 44.41
N GLU N 138 18.33 -56.60 45.66
CA GLU N 138 18.30 -57.52 46.79
C GLU N 138 16.97 -58.25 46.88
N ILE N 139 15.85 -57.54 46.73
CA ILE N 139 14.55 -58.11 47.01
C ILE N 139 13.86 -58.68 45.76
N ALA N 140 14.48 -58.56 44.59
CA ALA N 140 13.89 -59.11 43.39
C ALA N 140 13.80 -60.63 43.48
N VAL N 141 12.66 -61.17 43.07
CA VAL N 141 12.40 -62.60 43.15
C VAL N 141 12.84 -63.25 41.84
N THR N 142 13.71 -64.26 41.93
CA THR N 142 14.17 -65.00 40.78
C THR N 142 14.01 -66.49 41.05
N VAL N 143 13.72 -67.23 39.98
CA VAL N 143 13.56 -68.69 40.05
C VAL N 143 14.73 -69.32 39.32
N LYS N 144 15.68 -69.85 40.09
CA LYS N 144 16.90 -70.45 39.55
C LYS N 144 16.75 -71.96 39.40
N LYS N 145 15.66 -72.40 38.78
CA LYS N 145 15.45 -73.82 38.51
C LYS N 145 15.61 -74.17 37.04
N ALA N 146 15.66 -73.19 36.15
CA ALA N 146 15.84 -73.40 34.71
C ALA N 146 14.74 -74.28 34.13
N ASP N 147 13.54 -74.22 34.71
CA ASP N 147 12.41 -74.99 34.21
C ASP N 147 11.83 -74.30 32.98
N LYS N 148 11.52 -75.10 31.96
CA LYS N 148 10.98 -74.54 30.73
C LYS N 148 9.58 -74.00 30.93
N VAL N 149 8.70 -74.78 31.55
CA VAL N 149 7.31 -74.37 31.70
C VAL N 149 7.19 -73.21 32.70
N GLU N 150 8.00 -73.23 33.76
CA GLU N 150 8.00 -72.11 34.69
C GLU N 150 8.47 -70.84 34.00
N GLN N 151 9.47 -70.95 33.14
CA GLN N 151 9.89 -69.80 32.34
C GLN N 151 8.78 -69.34 31.41
N ARG N 152 7.99 -70.29 30.89
CA ARG N 152 6.85 -69.91 30.05
C ARG N 152 5.83 -69.09 30.82
N LYS N 153 5.45 -69.55 32.01
CA LYS N 153 4.52 -68.75 32.82
C LYS N 153 5.11 -67.40 33.17
N LEU N 154 6.40 -67.36 33.52
CA LEU N 154 7.03 -66.09 33.85
C LEU N 154 6.95 -65.11 32.69
N LEU N 155 7.34 -65.56 31.50
CA LEU N 155 7.32 -64.68 30.33
C LEU N 155 5.90 -64.26 29.99
N GLU N 156 4.95 -65.18 30.05
CA GLU N 156 3.57 -64.84 29.73
C GLU N 156 3.01 -63.81 30.70
N LYS N 157 3.29 -63.98 31.99
CA LYS N 157 2.82 -63.01 32.98
C LYS N 157 3.46 -61.65 32.77
N CYS N 158 4.77 -61.62 32.46
CA CYS N 158 5.43 -60.34 32.22
C CYS N 158 4.84 -59.65 30.99
N ALA N 159 4.60 -60.40 29.92
CA ALA N 159 4.00 -59.82 28.72
C ALA N 159 2.59 -59.32 29.00
N MET N 160 1.80 -60.09 29.76
CA MET N 160 0.44 -59.66 30.09
C MET N 160 0.47 -58.37 30.90
N THR N 161 1.37 -58.27 31.87
CA THR N 161 1.48 -57.05 32.66
C THR N 161 1.90 -55.87 31.80
N ALA N 162 2.86 -56.08 30.91
CA ALA N 162 3.27 -55.00 30.02
C ALA N 162 2.18 -54.59 29.05
N LEU N 163 1.27 -55.50 28.71
CA LEU N 163 0.21 -55.23 27.76
C LEU N 163 -1.07 -54.69 28.39
N SER N 164 -1.17 -54.69 29.72
CA SER N 164 -2.42 -54.32 30.37
C SER N 164 -2.50 -52.81 30.61
N SER N 165 -2.22 -52.03 29.58
CA SER N 165 -2.51 -50.60 29.61
C SER N 165 -2.94 -50.05 28.26
N LYS N 166 -3.07 -50.89 27.24
CA LYS N 166 -3.27 -50.45 25.87
C LYS N 166 -4.66 -50.85 25.39
N LEU N 167 -4.97 -50.49 24.15
CA LEU N 167 -6.29 -50.79 23.59
C LEU N 167 -6.48 -52.29 23.39
N ILE N 168 -5.40 -53.06 23.29
CA ILE N 168 -5.48 -54.50 23.12
C ILE N 168 -5.40 -55.23 24.46
N SER N 169 -5.57 -54.52 25.57
CA SER N 169 -5.50 -55.16 26.88
C SER N 169 -6.61 -56.17 27.07
N GLN N 170 -7.73 -56.01 26.37
CA GLN N 170 -8.83 -56.96 26.51
C GLN N 170 -8.49 -58.32 25.93
N GLN N 171 -7.52 -58.39 25.02
CA GLN N 171 -7.03 -59.64 24.47
C GLN N 171 -5.58 -59.88 24.89
N LYS N 172 -5.29 -59.62 26.16
CA LYS N 172 -3.91 -59.67 26.63
C LYS N 172 -3.35 -61.07 26.61
N ALA N 173 -4.16 -62.09 26.92
CA ALA N 173 -3.66 -63.46 26.96
C ALA N 173 -3.24 -63.94 25.58
N PHE N 174 -4.07 -63.67 24.57
CA PHE N 174 -3.77 -64.10 23.20
C PHE N 174 -2.46 -63.51 22.72
N PHE N 175 -2.34 -62.18 22.81
CA PHE N 175 -1.13 -61.51 22.32
C PHE N 175 0.07 -61.84 23.18
N ALA N 176 -0.12 -62.04 24.48
CA ALA N 176 1.00 -62.42 25.33
C ALA N 176 1.56 -63.78 24.94
N LYS N 177 0.68 -64.75 24.71
CA LYS N 177 1.15 -66.06 24.25
C LYS N 177 1.85 -65.96 22.90
N MET N 178 1.28 -65.18 21.98
CA MET N 178 1.90 -65.01 20.67
C MET N 178 3.29 -64.38 20.80
N VAL N 179 3.42 -63.36 21.65
CA VAL N 179 4.71 -62.69 21.82
C VAL N 179 5.72 -63.63 22.43
N VAL N 180 5.31 -64.42 23.43
CA VAL N 180 6.25 -65.34 24.07
C VAL N 180 6.75 -66.37 23.06
N ASP N 181 5.84 -66.93 22.26
CA ASP N 181 6.26 -67.88 21.23
C ASP N 181 7.20 -67.23 20.23
N ALA N 182 6.85 -66.01 19.79
CA ALA N 182 7.67 -65.32 18.79
C ALA N 182 9.07 -65.07 19.31
N VAL N 183 9.20 -64.64 20.56
CA VAL N 183 10.52 -64.34 21.11
C VAL N 183 11.30 -65.63 21.33
N MET N 184 10.64 -66.69 21.80
CA MET N 184 11.34 -67.95 21.96
C MET N 184 11.81 -68.52 20.63
N MET N 185 11.16 -68.14 19.53
CA MET N 185 11.60 -68.64 18.22
C MET N 185 13.01 -68.15 17.89
N LEU N 186 13.34 -66.92 18.25
CA LEU N 186 14.65 -66.37 17.97
C LEU N 186 15.73 -67.15 18.72
N ASP N 187 16.90 -67.27 18.10
CA ASP N 187 17.88 -68.25 18.58
C ASP N 187 18.71 -67.75 19.75
N ASP N 188 19.58 -66.76 19.51
CA ASP N 188 20.46 -66.29 20.58
C ASP N 188 20.64 -64.78 20.63
N LEU N 189 20.46 -64.05 19.53
CA LEU N 189 20.69 -62.61 19.53
C LEU N 189 19.40 -61.82 19.66
N LEU N 190 18.26 -62.43 19.38
CA LEU N 190 16.95 -61.80 19.55
C LEU N 190 16.85 -60.51 18.75
N GLN N 191 17.22 -60.57 17.48
CA GLN N 191 17.08 -59.42 16.61
C GLN N 191 15.61 -59.08 16.43
N LEU N 192 15.31 -57.78 16.46
CA LEU N 192 13.93 -57.35 16.21
C LEU N 192 13.54 -57.57 14.76
N LYS N 193 14.48 -57.41 13.83
CA LYS N 193 14.18 -57.58 12.41
C LYS N 193 13.88 -59.02 12.05
N MET N 194 14.14 -59.97 12.94
CA MET N 194 13.70 -61.35 12.75
C MET N 194 12.25 -61.57 13.13
N ILE N 195 11.57 -60.55 13.66
CA ILE N 195 10.15 -60.64 13.96
C ILE N 195 9.39 -59.68 13.06
N GLY N 196 8.93 -60.18 11.91
CA GLY N 196 8.17 -59.34 11.01
C GLY N 196 6.81 -58.99 11.59
N ILE N 197 6.36 -57.77 11.28
CA ILE N 197 5.06 -57.27 11.73
C ILE N 197 4.35 -56.70 10.52
N LYS N 198 3.30 -57.39 10.07
CA LYS N 198 2.52 -56.97 8.92
C LYS N 198 1.14 -56.51 9.38
N LYS N 199 0.67 -55.40 8.81
CA LYS N 199 -0.64 -54.84 9.15
C LYS N 199 -1.50 -54.84 7.91
N VAL N 200 -2.64 -55.53 7.97
CA VAL N 200 -3.56 -55.66 6.85
C VAL N 200 -4.91 -55.12 7.27
N GLN N 201 -5.42 -54.15 6.52
CA GLN N 201 -6.62 -53.42 6.94
C GLN N 201 -7.84 -54.31 6.91
N GLY N 202 -8.70 -54.16 7.91
CA GLY N 202 -9.91 -54.94 8.00
C GLY N 202 -9.71 -56.24 8.76
N GLY N 203 -10.53 -56.48 9.78
CA GLY N 203 -10.42 -57.69 10.57
C GLY N 203 -10.32 -57.38 12.05
N ALA N 204 -10.87 -58.27 12.87
CA ALA N 204 -10.82 -58.08 14.31
C ALA N 204 -9.44 -58.43 14.85
N LEU N 205 -9.17 -57.96 16.07
CA LEU N 205 -7.89 -58.28 16.73
C LEU N 205 -7.73 -59.79 16.90
N GLU N 206 -8.81 -60.48 17.22
CA GLU N 206 -8.76 -61.93 17.37
C GLU N 206 -8.40 -62.65 16.08
N ASP N 207 -8.52 -61.98 14.93
CA ASP N 207 -8.10 -62.57 13.67
C ASP N 207 -6.61 -62.43 13.42
N SER N 208 -5.89 -61.68 14.26
CA SER N 208 -4.45 -61.60 14.12
C SER N 208 -3.81 -62.96 14.38
N GLN N 209 -2.76 -63.25 13.63
CA GLN N 209 -2.13 -64.56 13.69
C GLN N 209 -0.63 -64.42 13.71
N LEU N 210 0.04 -65.45 14.23
CA LEU N 210 1.49 -65.58 14.19
C LEU N 210 1.80 -66.78 13.32
N VAL N 211 2.59 -66.56 12.26
CA VAL N 211 2.94 -67.62 11.34
C VAL N 211 4.36 -68.09 11.62
N ALA N 212 4.53 -69.41 11.73
CA ALA N 212 5.84 -70.01 11.96
C ALA N 212 6.60 -70.09 10.64
N GLY N 213 7.00 -68.91 10.17
CA GLY N 213 7.66 -68.79 8.88
C GLY N 213 7.81 -67.36 8.46
N VAL N 214 7.42 -67.05 7.23
CA VAL N 214 7.52 -65.69 6.69
C VAL N 214 6.33 -65.44 5.77
N ALA N 215 5.80 -64.23 5.82
CA ALA N 215 4.71 -63.82 4.94
C ALA N 215 4.96 -62.39 4.48
N PHE N 216 4.66 -62.12 3.22
CA PHE N 216 4.80 -60.77 2.68
C PHE N 216 3.79 -60.56 1.58
N LYS N 217 3.49 -59.29 1.30
CA LYS N 217 2.48 -58.94 0.33
C LYS N 217 2.95 -59.27 -1.09
N LYS N 218 1.98 -59.49 -1.97
CA LYS N 218 2.27 -59.73 -3.38
C LYS N 218 2.93 -58.50 -3.99
N THR N 219 3.97 -58.74 -4.80
CA THR N 219 4.85 -57.67 -5.30
C THR N 219 4.75 -57.56 -6.81
N PHE N 220 3.79 -56.77 -7.30
CA PHE N 220 3.69 -56.34 -8.69
C PHE N 220 3.86 -57.52 -9.66
N SER N 221 2.88 -58.41 -9.62
CA SER N 221 2.86 -59.51 -10.57
C SER N 221 2.83 -59.00 -12.00
N TYR N 222 3.60 -59.65 -12.86
CA TYR N 222 3.62 -59.31 -14.28
C TYR N 222 2.58 -60.13 -15.03
N ALA N 223 2.57 -60.03 -16.35
CA ALA N 223 1.65 -60.83 -17.15
C ALA N 223 2.00 -62.30 -17.05
N GLY N 224 0.96 -63.15 -17.03
CA GLY N 224 1.15 -64.58 -16.89
C GLY N 224 1.32 -65.06 -15.47
N PHE N 225 1.27 -64.17 -14.48
CA PHE N 225 1.42 -64.59 -13.09
C PHE N 225 0.21 -65.40 -12.63
N GLU N 226 -0.98 -65.04 -13.11
CA GLU N 226 -2.19 -65.74 -12.67
C GLU N 226 -2.23 -67.18 -13.15
N MET N 227 -1.41 -67.54 -14.14
CA MET N 227 -1.33 -68.92 -14.58
C MET N 227 -0.45 -69.79 -13.68
N GLN N 228 0.36 -69.18 -12.82
CA GLN N 228 1.21 -69.94 -11.93
C GLN N 228 0.37 -70.56 -10.81
N PRO N 229 0.61 -71.83 -10.47
CA PRO N 229 -0.10 -72.43 -9.35
C PRO N 229 0.25 -71.73 -8.04
N LYS N 230 -0.72 -71.68 -7.13
CA LYS N 230 -0.60 -70.87 -5.92
C LYS N 230 -0.61 -71.73 -4.66
N LYS N 231 -0.19 -73.00 -4.77
CA LYS N 231 -0.08 -73.86 -3.60
C LYS N 231 0.87 -75.00 -3.92
N TYR N 232 1.83 -75.24 -3.03
CA TYR N 232 2.77 -76.33 -3.15
C TYR N 232 2.88 -77.06 -1.83
N HIS N 233 3.05 -78.38 -1.89
CA HIS N 233 2.97 -79.20 -0.69
C HIS N 233 4.34 -79.62 -0.14
N ASN N 234 5.41 -79.49 -0.93
CA ASN N 234 6.78 -79.64 -0.45
C ASN N 234 7.72 -78.85 -1.34
N PRO N 235 7.56 -77.54 -1.44
CA PRO N 235 8.37 -76.77 -2.39
C PRO N 235 9.80 -76.60 -1.90
N LYS N 236 10.68 -76.40 -2.87
CA LYS N 236 12.04 -75.93 -2.62
C LYS N 236 12.14 -74.49 -3.12
N ILE N 237 12.62 -73.60 -2.26
CA ILE N 237 12.60 -72.18 -2.52
C ILE N 237 13.97 -71.73 -2.96
N ALA N 238 14.04 -71.02 -4.09
CA ALA N 238 15.29 -70.47 -4.62
C ALA N 238 15.36 -69.00 -4.23
N LEU N 239 16.07 -68.73 -3.13
CA LEU N 239 16.29 -67.35 -2.70
C LEU N 239 17.37 -66.74 -3.59
N LEU N 240 17.00 -65.73 -4.37
CA LEU N 240 17.88 -65.20 -5.39
C LEU N 240 18.05 -63.70 -5.22
N ASN N 241 19.19 -63.20 -5.69
CA ASN N 241 19.45 -61.78 -5.85
C ASN N 241 19.90 -61.62 -7.30
N VAL N 242 18.93 -61.57 -8.22
CA VAL N 242 19.20 -61.64 -9.65
C VAL N 242 18.06 -60.92 -10.37
N GLU N 243 18.42 -60.16 -11.40
CA GLU N 243 17.43 -59.50 -12.25
C GLU N 243 17.17 -60.40 -13.45
N LEU N 244 16.02 -61.06 -13.47
CA LEU N 244 15.69 -62.04 -14.50
C LEU N 244 14.77 -61.39 -15.53
N GLU N 245 15.39 -60.66 -16.47
CA GLU N 245 14.65 -60.09 -17.58
C GLU N 245 15.62 -59.69 -18.67
N LEU N 246 15.07 -59.46 -19.86
CA LEU N 246 15.88 -58.99 -20.97
C LEU N 246 16.33 -57.56 -20.71
N LYS N 247 17.63 -57.31 -20.87
CA LYS N 247 18.20 -56.01 -20.57
C LYS N 247 19.60 -55.96 -21.17
N ALA N 248 20.19 -54.78 -21.14
CA ALA N 248 21.57 -54.63 -21.59
C ALA N 248 22.49 -55.47 -20.71
N GLU N 249 23.52 -56.06 -21.32
CA GLU N 249 24.44 -56.90 -20.57
C GLU N 249 25.12 -56.11 -19.46
N LYS N 250 25.61 -54.92 -19.79
CA LYS N 250 26.14 -53.99 -18.79
C LYS N 250 25.89 -52.57 -19.28
N ASP N 251 25.94 -51.63 -18.34
CA ASP N 251 25.64 -50.23 -18.67
C ASP N 251 26.62 -49.70 -19.71
N ASN N 252 27.92 -49.99 -19.53
CA ASN N 252 28.95 -49.49 -20.42
C ASN N 252 29.35 -50.52 -21.48
N ALA N 253 28.41 -51.34 -21.92
CA ALA N 253 28.67 -52.37 -22.92
C ALA N 253 28.13 -51.93 -24.27
N GLU N 254 28.95 -52.04 -25.31
CA GLU N 254 28.57 -51.68 -26.66
C GLU N 254 28.81 -52.87 -27.58
N ILE N 255 27.95 -53.03 -28.58
CA ILE N 255 28.03 -54.11 -29.55
C ILE N 255 28.26 -53.50 -30.92
N ARG N 256 29.30 -53.96 -31.61
CA ARG N 256 29.63 -53.49 -32.94
C ARG N 256 29.64 -54.69 -33.89
N VAL N 257 28.71 -54.69 -34.84
CA VAL N 257 28.61 -55.75 -35.83
C VAL N 257 28.49 -55.11 -37.21
N HIS N 258 28.88 -55.87 -38.23
CA HIS N 258 28.82 -55.38 -39.60
C HIS N 258 28.25 -56.45 -40.53
N THR N 259 27.43 -57.35 -39.99
CA THR N 259 26.80 -58.40 -40.79
C THR N 259 25.46 -58.74 -40.17
N VAL N 260 24.47 -58.99 -41.02
CA VAL N 260 23.14 -59.34 -40.53
C VAL N 260 23.17 -60.66 -39.77
N GLU N 261 24.03 -61.59 -40.21
CA GLU N 261 24.19 -62.84 -39.47
C GLU N 261 24.66 -62.56 -38.06
N ASP N 262 25.62 -61.64 -37.89
CA ASP N 262 26.07 -61.28 -36.56
C ASP N 262 24.96 -60.60 -35.76
N TYR N 263 24.11 -59.82 -36.42
CA TYR N 263 22.98 -59.19 -35.74
C TYR N 263 22.03 -60.25 -35.17
N GLN N 264 21.65 -61.22 -36.00
CA GLN N 264 20.79 -62.29 -35.53
C GLN N 264 21.47 -63.10 -34.43
N ALA N 265 22.77 -63.33 -34.56
CA ALA N 265 23.51 -64.06 -33.54
C ALA N 265 23.49 -63.32 -32.22
N ILE N 266 23.63 -61.99 -32.26
CA ILE N 266 23.61 -61.20 -31.03
C ILE N 266 22.25 -61.28 -30.36
N VAL N 267 21.17 -61.14 -31.15
CA VAL N 267 19.83 -61.21 -30.58
C VAL N 267 19.60 -62.57 -29.94
N ASP N 268 19.93 -63.64 -30.67
CA ASP N 268 19.78 -64.98 -30.13
C ASP N 268 20.67 -65.20 -28.92
N ALA N 269 21.83 -64.54 -28.86
CA ALA N 269 22.71 -64.68 -27.71
C ALA N 269 22.10 -64.06 -26.47
N GLU N 270 21.48 -62.88 -26.61
CA GLU N 270 20.79 -62.29 -25.48
C GLU N 270 19.66 -63.20 -24.98
N TRP N 271 18.85 -63.69 -25.92
CA TRP N 271 17.77 -64.59 -25.54
C TRP N 271 18.31 -65.86 -24.89
N ASN N 272 19.43 -66.37 -25.38
CA ASN N 272 20.02 -67.58 -24.83
C ASN N 272 20.59 -67.34 -23.45
N ILE N 273 21.15 -66.16 -23.19
CA ILE N 273 21.63 -65.84 -21.85
C ILE N 273 20.47 -65.88 -20.85
N LEU N 274 19.37 -65.19 -21.20
CA LEU N 274 18.23 -65.19 -20.30
C LEU N 274 17.67 -66.59 -20.10
N TYR N 275 17.53 -67.35 -21.18
CA TYR N 275 16.97 -68.69 -21.08
C TYR N 275 17.91 -69.64 -20.36
N ASP N 276 19.22 -69.42 -20.45
CA ASP N 276 20.16 -70.25 -19.71
C ASP N 276 20.03 -70.01 -18.22
N LYS N 277 19.91 -68.74 -17.81
CA LYS N 277 19.68 -68.46 -16.39
C LYS N 277 18.39 -69.12 -15.91
N LEU N 278 17.32 -68.96 -16.70
CA LEU N 278 16.04 -69.54 -16.31
C LEU N 278 16.11 -71.07 -16.25
N GLU N 279 16.80 -71.70 -17.20
CA GLU N 279 16.91 -73.15 -17.22
C GLU N 279 17.73 -73.66 -16.04
N LYS N 280 18.80 -72.94 -15.67
CA LYS N 280 19.56 -73.32 -14.49
C LYS N 280 18.68 -73.25 -13.24
N ILE N 281 17.90 -72.17 -13.11
CA ILE N 281 17.02 -72.05 -11.95
C ILE N 281 16.00 -73.18 -11.93
N HIS N 282 15.42 -73.49 -13.08
CA HIS N 282 14.42 -74.55 -13.14
C HIS N 282 15.02 -75.92 -12.82
N HIS N 283 16.20 -76.21 -13.36
CA HIS N 283 16.84 -77.49 -13.12
C HIS N 283 17.48 -77.59 -11.74
N SER N 284 17.55 -76.48 -11.00
CA SER N 284 17.94 -76.57 -9.60
C SER N 284 16.94 -77.33 -8.75
N GLY N 285 15.73 -77.59 -9.27
CA GLY N 285 14.71 -78.31 -8.55
C GLY N 285 13.74 -77.45 -7.78
N ALA N 286 13.98 -76.13 -7.70
CA ALA N 286 13.10 -75.26 -6.95
C ALA N 286 11.75 -75.11 -7.63
N LYS N 287 10.71 -74.95 -6.82
CA LYS N 287 9.37 -74.68 -7.31
C LYS N 287 8.89 -73.26 -7.05
N VAL N 288 9.44 -72.61 -6.03
CA VAL N 288 9.12 -71.21 -5.72
C VAL N 288 10.40 -70.40 -5.88
N VAL N 289 10.32 -69.33 -6.64
CA VAL N 289 11.48 -68.49 -6.95
C VAL N 289 11.20 -67.08 -6.42
N LEU N 290 12.09 -66.59 -5.55
CA LEU N 290 12.00 -65.25 -5.01
C LEU N 290 13.29 -64.51 -5.34
N SER N 291 13.16 -63.28 -5.84
CA SER N 291 14.31 -62.48 -6.23
C SER N 291 14.20 -61.07 -5.67
N LYS N 292 15.35 -60.52 -5.28
CA LYS N 292 15.37 -59.13 -4.81
C LYS N 292 15.18 -58.16 -5.96
N LEU N 293 15.86 -58.39 -7.07
CA LEU N 293 15.71 -57.58 -8.26
C LEU N 293 14.46 -57.99 -9.04
N PRO N 294 13.96 -57.12 -9.91
CA PRO N 294 12.73 -57.43 -10.65
C PRO N 294 12.86 -58.70 -11.46
N ILE N 295 11.75 -59.43 -11.56
CA ILE N 295 11.63 -60.60 -12.43
C ILE N 295 10.71 -60.20 -13.58
N GLY N 296 11.24 -60.23 -14.80
CA GLY N 296 10.51 -59.74 -15.95
C GLY N 296 9.35 -60.64 -16.34
N ASP N 297 8.56 -60.13 -17.29
CA ASP N 297 7.39 -60.88 -17.76
C ASP N 297 7.80 -62.16 -18.50
N VAL N 298 8.91 -62.13 -19.23
CA VAL N 298 9.37 -63.32 -19.93
C VAL N 298 9.69 -64.42 -18.95
N ALA N 299 10.40 -64.08 -17.87
CA ALA N 299 10.70 -65.06 -16.84
C ALA N 299 9.44 -65.54 -16.14
N THR N 300 8.49 -64.64 -15.90
CA THR N 300 7.24 -65.04 -15.27
C THR N 300 6.49 -66.06 -16.12
N GLN N 301 6.40 -65.81 -17.43
CA GLN N 301 5.74 -66.75 -18.32
C GLN N 301 6.51 -68.06 -18.41
N TYR N 302 7.85 -67.98 -18.42
CA TYR N 302 8.66 -69.19 -18.45
C TYR N 302 8.39 -70.06 -17.22
N PHE N 303 8.31 -69.43 -16.05
CA PHE N 303 8.02 -70.19 -14.83
C PHE N 303 6.59 -70.70 -14.82
N ALA N 304 5.64 -69.93 -15.37
CA ALA N 304 4.27 -70.41 -15.45
C ALA N 304 4.16 -71.64 -16.33
N ASP N 305 4.88 -71.67 -17.45
CA ASP N 305 4.86 -72.83 -18.32
C ASP N 305 5.44 -74.06 -17.67
N ARG N 306 6.25 -73.89 -16.62
CA ARG N 306 6.82 -75.00 -15.88
C ARG N 306 6.09 -75.28 -14.58
N ASP N 307 4.94 -74.64 -14.36
CA ASP N 307 4.17 -74.76 -13.12
C ASP N 307 5.01 -74.35 -11.92
N MET N 308 5.76 -73.27 -12.06
CA MET N 308 6.59 -72.72 -11.01
C MET N 308 5.95 -71.44 -10.47
N PHE N 309 6.62 -70.82 -9.50
CA PHE N 309 6.16 -69.58 -8.90
C PHE N 309 7.31 -68.59 -8.85
N CYS N 310 7.01 -67.32 -9.16
CA CYS N 310 7.99 -66.27 -9.19
C CYS N 310 7.47 -65.05 -8.45
N ALA N 311 8.40 -64.28 -7.87
CA ALA N 311 8.03 -63.06 -7.16
C ALA N 311 9.25 -62.15 -7.14
N GLY N 312 9.19 -61.07 -7.92
CA GLY N 312 10.29 -60.13 -7.97
C GLY N 312 10.11 -58.96 -7.04
N ARG N 313 11.17 -58.18 -6.88
CA ARG N 313 11.18 -56.98 -6.05
C ARG N 313 10.82 -57.28 -4.60
N VAL N 314 11.11 -58.48 -4.13
CA VAL N 314 10.85 -58.82 -2.72
C VAL N 314 11.80 -58.00 -1.85
N PRO N 315 11.30 -57.36 -0.80
CA PRO N 315 12.17 -56.50 0.02
C PRO N 315 13.28 -57.28 0.71
N GLU N 316 14.36 -56.55 1.02
CA GLU N 316 15.54 -57.17 1.60
C GLU N 316 15.20 -57.87 2.92
N GLU N 317 14.44 -57.19 3.77
CA GLU N 317 14.07 -57.78 5.06
C GLU N 317 13.27 -59.06 4.87
N ASP N 318 12.36 -59.08 3.90
CA ASP N 318 11.56 -60.27 3.66
C ASP N 318 12.41 -61.43 3.17
N LEU N 319 13.39 -61.15 2.31
CA LEU N 319 14.28 -62.22 1.88
C LEU N 319 15.12 -62.75 3.03
N LYS N 320 15.63 -61.87 3.91
CA LYS N 320 16.38 -62.36 5.06
C LYS N 320 15.51 -63.21 5.96
N ARG N 321 14.27 -62.77 6.20
CA ARG N 321 13.35 -63.53 7.02
C ARG N 321 13.07 -64.90 6.39
N THR N 322 12.88 -64.93 5.07
CA THR N 322 12.65 -66.20 4.39
C THR N 322 13.88 -67.11 4.48
N MET N 323 15.07 -66.54 4.38
CA MET N 323 16.28 -67.33 4.50
C MET N 323 16.40 -67.95 5.88
N MET N 324 16.08 -67.18 6.93
CA MET N 324 16.15 -67.73 8.27
C MET N 324 15.05 -68.76 8.52
N ALA N 325 13.86 -68.53 7.97
CA ALA N 325 12.76 -69.46 8.22
C ALA N 325 12.93 -70.77 7.47
N CYS N 326 13.32 -70.71 6.19
CA CYS N 326 13.38 -71.90 5.35
C CYS N 326 14.76 -72.55 5.35
N GLY N 327 15.81 -71.75 5.43
CA GLY N 327 17.15 -72.30 5.52
C GLY N 327 17.90 -72.40 4.21
N GLY N 328 17.93 -71.30 3.46
CA GLY N 328 18.68 -71.27 2.22
C GLY N 328 19.80 -70.24 2.25
N SER N 329 20.14 -69.70 1.07
CA SER N 329 21.15 -68.66 0.98
C SER N 329 20.77 -67.75 -0.18
N ILE N 330 20.82 -66.44 0.05
CA ILE N 330 20.51 -65.47 -1.00
C ILE N 330 21.63 -65.53 -2.03
N GLN N 331 21.34 -66.07 -3.21
CA GLN N 331 22.33 -66.28 -4.25
C GLN N 331 22.30 -65.10 -5.23
N THR N 332 23.44 -64.44 -5.39
CA THR N 332 23.58 -63.41 -6.40
C THR N 332 23.83 -63.98 -7.79
N SER N 333 24.25 -65.24 -7.88
CA SER N 333 24.46 -65.90 -9.15
C SER N 333 23.84 -67.28 -9.11
N VAL N 334 23.37 -67.76 -10.27
CA VAL N 334 22.65 -69.01 -10.37
C VAL N 334 23.53 -70.14 -10.90
N ASN N 335 24.82 -69.90 -11.06
CA ASN N 335 25.68 -70.91 -11.70
C ASN N 335 25.85 -72.15 -10.82
N ALA N 336 25.77 -71.99 -9.50
CA ALA N 336 25.88 -73.13 -8.57
C ALA N 336 24.68 -73.08 -7.63
N LEU N 337 23.56 -73.63 -8.08
CA LEU N 337 22.36 -73.74 -7.27
C LEU N 337 22.26 -75.17 -6.74
N SER N 338 23.09 -75.47 -5.75
CA SER N 338 23.12 -76.80 -5.18
C SER N 338 21.93 -76.98 -4.24
N ALA N 339 21.82 -78.18 -3.66
CA ALA N 339 20.68 -78.48 -2.80
C ALA N 339 20.74 -77.70 -1.50
N ASP N 340 21.94 -77.47 -0.97
CA ASP N 340 22.10 -76.84 0.33
C ASP N 340 21.83 -75.34 0.31
N VAL N 341 21.68 -74.72 -0.86
CA VAL N 341 21.42 -73.29 -0.96
C VAL N 341 19.96 -73.01 -1.31
N LEU N 342 19.10 -74.01 -1.26
CA LEU N 342 17.68 -73.85 -1.57
C LEU N 342 16.87 -73.97 -0.28
N GLY N 343 15.98 -72.99 -0.06
CA GLY N 343 15.11 -73.06 1.09
C GLY N 343 14.03 -74.11 0.92
N ARG N 344 13.66 -74.72 2.05
CA ARG N 344 12.65 -75.77 2.07
C ARG N 344 11.61 -75.46 3.15
N CYS N 345 10.34 -75.49 2.76
CA CYS N 345 9.24 -75.26 3.68
C CYS N 345 8.15 -76.27 3.40
N GLN N 346 7.34 -76.56 4.41
CA GLN N 346 6.31 -77.59 4.26
C GLN N 346 5.23 -77.15 3.28
N VAL N 347 4.67 -75.95 3.46
CA VAL N 347 3.55 -75.50 2.64
C VAL N 347 3.79 -74.04 2.24
N PHE N 348 3.61 -73.75 0.96
CA PHE N 348 3.58 -72.39 0.44
C PHE N 348 2.21 -72.13 -0.18
N GLU N 349 1.63 -70.98 0.12
CA GLU N 349 0.31 -70.65 -0.41
C GLU N 349 0.14 -69.14 -0.47
N GLU N 350 -0.62 -68.70 -1.46
CA GLU N 350 -1.02 -67.30 -1.59
C GLU N 350 -2.51 -67.22 -1.33
N THR N 351 -2.91 -66.45 -0.31
CA THR N 351 -4.29 -66.38 0.12
C THR N 351 -4.72 -64.93 0.26
N GLN N 352 -6.02 -64.70 0.11
CA GLN N 352 -6.60 -63.38 0.29
C GLN N 352 -6.68 -63.05 1.77
N ILE N 353 -6.15 -61.89 2.15
CA ILE N 353 -6.20 -61.40 3.52
C ILE N 353 -6.63 -59.95 3.45
N GLY N 354 -7.88 -59.68 3.79
CA GLY N 354 -8.36 -58.31 3.94
C GLY N 354 -8.19 -57.44 2.72
N GLY N 355 -8.55 -57.95 1.55
CA GLY N 355 -8.38 -57.19 0.33
C GLY N 355 -6.97 -57.14 -0.20
N GLU N 356 -6.10 -58.05 0.24
CA GLU N 356 -4.74 -58.11 -0.23
C GLU N 356 -4.31 -59.57 -0.38
N ARG N 357 -3.30 -59.78 -1.21
CA ARG N 357 -2.74 -61.11 -1.44
C ARG N 357 -1.43 -61.24 -0.70
N TYR N 358 -1.31 -62.28 0.12
CA TYR N 358 -0.12 -62.53 0.92
C TYR N 358 0.42 -63.92 0.63
N ASN N 359 1.72 -64.04 0.50
CA ASN N 359 2.38 -65.31 0.29
C ASN N 359 2.79 -65.87 1.64
N PHE N 360 2.35 -67.08 1.95
CA PHE N 360 2.57 -67.70 3.25
C PHE N 360 3.57 -68.84 3.12
N PHE N 361 4.66 -68.77 3.88
CA PHE N 361 5.62 -69.86 4.01
C PHE N 361 5.45 -70.42 5.42
N THR N 362 4.72 -71.53 5.53
CA THR N 362 4.43 -72.13 6.82
C THR N 362 5.00 -73.55 6.87
N GLY N 363 4.99 -74.12 8.07
CA GLY N 363 5.46 -75.47 8.27
C GLY N 363 6.95 -75.62 8.44
N CYS N 364 7.69 -74.52 8.54
CA CYS N 364 9.13 -74.61 8.73
C CYS N 364 9.42 -75.12 10.14
N PRO N 365 10.10 -76.25 10.30
CA PRO N 365 10.30 -76.81 11.64
C PRO N 365 11.49 -76.21 12.37
N LYS N 366 12.49 -75.74 11.62
CA LYS N 366 13.70 -75.17 12.20
C LYS N 366 13.79 -73.67 11.99
N ALA N 367 12.66 -73.00 11.82
CA ALA N 367 12.65 -71.58 11.58
C ALA N 367 13.20 -70.81 12.78
N LYS N 368 14.01 -69.80 12.50
CA LYS N 368 14.55 -68.92 13.53
C LYS N 368 13.86 -67.56 13.54
N THR N 369 12.65 -67.48 12.98
CA THR N 369 11.96 -66.22 12.85
C THR N 369 10.45 -66.47 12.83
N CYS N 370 9.70 -65.40 12.65
CA CYS N 370 8.24 -65.47 12.61
C CYS N 370 7.73 -64.16 12.01
N THR N 371 6.42 -64.07 11.86
CA THR N 371 5.81 -62.86 11.28
C THR N 371 4.46 -62.63 11.91
N PHE N 372 4.23 -61.40 12.40
CA PHE N 372 2.96 -61.01 12.96
C PHE N 372 2.09 -60.39 11.87
N ILE N 373 0.86 -60.84 11.77
CA ILE N 373 -0.14 -60.25 10.88
C ILE N 373 -1.22 -59.66 11.76
N LEU N 374 -1.37 -58.34 11.73
CA LEU N 374 -2.26 -57.63 12.63
C LEU N 374 -3.46 -57.10 11.85
N ARG N 375 -4.65 -57.28 12.40
CA ARG N 375 -5.88 -56.82 11.79
C ARG N 375 -6.51 -55.74 12.66
N GLY N 376 -7.28 -54.87 12.02
CA GLY N 376 -7.89 -53.75 12.72
C GLY N 376 -8.70 -52.93 11.75
N GLY N 377 -9.35 -51.91 12.29
CA GLY N 377 -10.26 -51.11 11.51
C GLY N 377 -9.70 -49.77 11.06
N ALA N 378 -8.49 -49.44 11.50
CA ALA N 378 -7.90 -48.15 11.15
C ALA N 378 -6.39 -48.27 11.14
N GLU N 379 -5.74 -47.33 10.45
CA GLU N 379 -4.28 -47.35 10.37
C GLU N 379 -3.64 -47.08 11.72
N GLN N 380 -4.14 -46.09 12.46
CA GLN N 380 -3.57 -45.79 13.76
C GLN N 380 -3.90 -46.89 14.77
N PHE N 381 -5.04 -47.57 14.60
CA PHE N 381 -5.32 -48.76 15.37
C PHE N 381 -4.19 -49.76 15.26
N MET N 382 -3.75 -50.02 14.03
CA MET N 382 -2.69 -50.99 13.79
C MET N 382 -1.35 -50.46 14.28
N GLU N 383 -1.10 -49.16 14.13
CA GLU N 383 0.15 -48.60 14.62
C GLU N 383 0.26 -48.75 16.12
N GLU N 384 -0.83 -48.47 16.85
CA GLU N 384 -0.78 -48.61 18.30
C GLU N 384 -0.72 -50.08 18.72
N THR N 385 -1.37 -50.97 17.96
CA THR N 385 -1.22 -52.40 18.23
C THR N 385 0.24 -52.82 18.07
N GLU N 386 0.90 -52.34 17.02
CA GLU N 386 2.30 -52.66 16.81
C GLU N 386 3.18 -52.10 17.92
N ARG N 387 2.87 -50.88 18.39
CA ARG N 387 3.63 -50.31 19.49
C ARG N 387 3.49 -51.14 20.75
N SER N 388 2.26 -51.57 21.06
CA SER N 388 2.04 -52.39 22.25
C SER N 388 2.76 -53.72 22.12
N LEU N 389 2.71 -54.34 20.94
CA LEU N 389 3.40 -55.60 20.74
C LEU N 389 4.92 -55.42 20.84
N HIS N 390 5.43 -54.27 20.38
CA HIS N 390 6.85 -54.01 20.53
C HIS N 390 7.24 -53.89 22.00
N ASP N 391 6.41 -53.21 22.79
CA ASP N 391 6.68 -53.13 24.22
C ASP N 391 6.73 -54.53 24.84
N ALA N 392 5.73 -55.37 24.51
CA ALA N 392 5.71 -56.72 25.06
C ALA N 392 6.91 -57.54 24.61
N ILE N 393 7.30 -57.39 23.34
CA ILE N 393 8.44 -58.14 22.80
C ILE N 393 9.71 -57.73 23.53
N MET N 394 9.90 -56.43 23.74
CA MET N 394 11.10 -55.97 24.46
C MET N 394 11.12 -56.51 25.88
N ILE N 395 9.96 -56.50 26.56
CA ILE N 395 9.91 -57.04 27.92
C ILE N 395 10.26 -58.53 27.92
N VAL N 396 9.74 -59.28 26.96
CA VAL N 396 10.02 -60.72 26.93
C VAL N 396 11.49 -60.97 26.63
N ARG N 397 12.09 -60.18 25.75
CA ARG N 397 13.51 -60.32 25.47
C ARG N 397 14.34 -60.06 26.71
N ARG N 398 14.01 -59.00 27.45
CA ARG N 398 14.74 -58.71 28.68
C ARG N 398 14.56 -59.83 29.70
N ALA N 399 13.35 -60.37 29.81
CA ALA N 399 13.11 -61.46 30.75
C ALA N 399 13.88 -62.71 30.37
N ILE N 400 14.06 -62.95 29.06
CA ILE N 400 14.97 -64.00 28.62
C ILE N 400 16.37 -63.72 29.11
N LYS N 401 16.82 -62.47 28.98
CA LYS N 401 18.18 -62.13 29.41
C LYS N 401 18.35 -62.31 30.91
N ASN N 402 17.37 -61.87 31.70
CA ASN N 402 17.47 -61.96 33.16
C ASN N 402 16.09 -62.20 33.74
N ASP N 403 15.92 -63.30 34.46
CA ASP N 403 14.61 -63.70 34.98
C ASP N 403 14.47 -63.27 36.45
N SER N 404 14.47 -61.96 36.66
CA SER N 404 14.25 -61.38 37.98
C SER N 404 13.10 -60.39 37.88
N VAL N 405 12.10 -60.54 38.73
CA VAL N 405 10.87 -59.76 38.63
C VAL N 405 10.53 -59.14 39.98
N VAL N 406 9.74 -58.07 39.91
CA VAL N 406 9.17 -57.42 41.07
C VAL N 406 7.71 -57.13 40.78
N ALA N 407 6.89 -57.15 41.82
CA ALA N 407 5.46 -56.93 41.66
C ALA N 407 5.18 -55.49 41.29
N GLY N 408 4.35 -55.28 40.28
CA GLY N 408 4.01 -53.97 39.79
C GLY N 408 2.86 -53.36 40.54
N GLY N 409 2.24 -52.35 39.92
CA GLY N 409 1.14 -51.65 40.56
C GLY N 409 1.56 -50.73 41.68
N GLY N 410 2.82 -50.30 41.70
CA GLY N 410 3.32 -49.43 42.74
C GLY N 410 3.82 -50.11 43.99
N ALA N 411 3.71 -51.44 44.07
CA ALA N 411 4.15 -52.14 45.27
C ALA N 411 5.65 -52.00 45.47
N ILE N 412 6.43 -52.15 44.39
CA ILE N 412 7.88 -52.07 44.51
C ILE N 412 8.29 -50.69 45.01
N GLU N 413 7.66 -49.64 44.49
CA GLU N 413 8.04 -48.30 44.91
C GLU N 413 7.52 -47.98 46.31
N MET N 414 6.39 -48.55 46.71
CA MET N 414 5.97 -48.38 48.10
C MET N 414 6.99 -49.01 49.06
N GLU N 415 7.48 -50.20 48.72
CA GLU N 415 8.51 -50.82 49.55
C GLU N 415 9.79 -49.99 49.54
N LEU N 416 10.17 -49.47 48.37
CA LEU N 416 11.37 -48.65 48.27
C LEU N 416 11.23 -47.38 49.10
N SER N 417 10.06 -46.75 49.07
CA SER N 417 9.83 -45.54 49.84
C SER N 417 9.90 -45.83 51.33
N LYS N 418 9.31 -46.96 51.76
CA LYS N 418 9.41 -47.33 53.17
C LYS N 418 10.86 -47.54 53.59
N TYR N 419 11.63 -48.24 52.76
CA TYR N 419 13.02 -48.49 53.08
C TYR N 419 13.82 -47.19 53.12
N LEU N 420 13.56 -46.28 52.18
CA LEU N 420 14.30 -45.03 52.14
C LEU N 420 13.94 -44.14 53.33
N ARG N 421 12.67 -44.12 53.73
CA ARG N 421 12.29 -43.37 54.91
C ARG N 421 12.95 -43.95 56.17
N ASP N 422 12.99 -45.28 56.26
CA ASP N 422 13.65 -45.91 57.41
C ASP N 422 15.13 -45.54 57.43
N TYR N 423 15.78 -45.54 56.27
CA TYR N 423 17.19 -45.13 56.22
C TYR N 423 17.36 -43.67 56.59
N SER N 424 16.49 -42.79 56.08
CA SER N 424 16.60 -41.37 56.35
C SER N 424 16.35 -41.03 57.81
N ARG N 425 15.61 -41.88 58.53
CA ARG N 425 15.44 -41.63 59.96
C ARG N 425 16.74 -41.80 60.76
N THR N 426 17.84 -42.20 60.13
CA THR N 426 19.08 -42.51 60.84
C THR N 426 20.26 -41.71 60.30
N ILE N 427 20.03 -40.45 59.94
CA ILE N 427 21.09 -39.58 59.43
C ILE N 427 20.92 -38.20 60.04
N PRO N 428 21.99 -37.38 60.03
CA PRO N 428 21.98 -36.14 60.84
C PRO N 428 20.79 -35.22 60.63
N GLY N 429 20.32 -35.03 59.40
CA GLY N 429 19.12 -34.26 59.21
C GLY N 429 19.06 -33.33 58.01
N LYS N 430 20.21 -32.85 57.53
CA LYS N 430 20.20 -32.07 56.30
C LYS N 430 19.87 -32.95 55.11
N GLN N 431 20.49 -34.13 55.03
CA GLN N 431 20.15 -35.10 54.01
C GLN N 431 18.88 -35.86 54.33
N GLN N 432 18.44 -35.83 55.60
CA GLN N 432 17.21 -36.54 55.97
C GLN N 432 16.00 -35.96 55.27
N LEU N 433 15.91 -34.63 55.21
CA LEU N 433 14.79 -34.00 54.53
C LEU N 433 14.76 -34.37 53.05
N LEU N 434 15.92 -34.37 52.41
CA LEU N 434 15.95 -34.64 50.98
C LEU N 434 15.67 -36.10 50.67
N ILE N 435 16.19 -37.02 51.48
CA ILE N 435 15.90 -38.43 51.26
C ILE N 435 14.43 -38.74 51.56
N GLY N 436 13.86 -38.06 52.56
CA GLY N 436 12.42 -38.19 52.79
C GLY N 436 11.61 -37.65 51.63
N ALA N 437 12.07 -36.56 51.03
CA ALA N 437 11.41 -36.04 49.84
C ALA N 437 11.51 -37.04 48.69
N TYR N 438 12.65 -37.70 48.55
CA TYR N 438 12.79 -38.74 47.53
C TYR N 438 11.81 -39.88 47.79
N ALA N 439 11.70 -40.32 49.05
CA ALA N 439 10.77 -41.40 49.39
C ALA N 439 9.34 -41.00 49.10
N LYS N 440 8.97 -39.76 49.42
CA LYS N 440 7.62 -39.27 49.14
C LYS N 440 7.37 -39.19 47.64
N ALA N 441 8.38 -38.75 46.88
CA ALA N 441 8.22 -38.67 45.43
C ALA N 441 8.09 -40.04 44.81
N LEU N 442 8.64 -41.07 45.46
CA LEU N 442 8.50 -42.42 44.93
C LEU N 442 7.06 -42.91 44.94
N GLU N 443 6.16 -42.22 45.63
CA GLU N 443 4.75 -42.62 45.74
C GLU N 443 3.89 -42.10 44.60
N ILE N 444 4.48 -41.46 43.59
CA ILE N 444 3.68 -40.86 42.53
C ILE N 444 2.97 -41.93 41.70
N ILE N 445 3.64 -43.04 41.41
CA ILE N 445 3.06 -44.03 40.50
C ILE N 445 1.79 -44.66 41.06
N PRO N 446 1.76 -45.19 42.29
CA PRO N 446 0.47 -45.70 42.80
C PRO N 446 -0.59 -44.63 42.89
N ARG N 447 -0.22 -43.41 43.28
CA ARG N 447 -1.17 -42.32 43.32
C ARG N 447 -1.72 -42.01 41.93
N GLN N 448 -0.84 -42.04 40.92
CA GLN N 448 -1.29 -41.79 39.56
C GLN N 448 -2.19 -42.91 39.06
N LEU N 449 -1.90 -44.16 39.44
CA LEU N 449 -2.78 -45.26 39.08
C LEU N 449 -4.17 -45.07 39.67
N CYS N 450 -4.22 -44.71 40.96
CA CYS N 450 -5.51 -44.49 41.61
C CYS N 450 -6.25 -43.32 40.98
N ASP N 451 -5.54 -42.24 40.66
CA ASP N 451 -6.18 -41.08 40.06
C ASP N 451 -6.70 -41.39 38.66
N ASN N 452 -5.93 -42.13 37.87
CA ASN N 452 -6.40 -42.52 36.54
C ASN N 452 -7.62 -43.42 36.64
N ALA N 453 -7.60 -44.37 37.57
CA ALA N 453 -8.73 -45.26 37.73
C ALA N 453 -9.93 -44.60 38.39
N GLY N 454 -9.76 -43.42 38.98
CA GLY N 454 -10.85 -42.73 39.62
C GLY N 454 -11.10 -43.10 41.07
N PHE N 455 -10.11 -43.67 41.76
CA PHE N 455 -10.29 -44.05 43.15
C PHE N 455 -10.14 -42.82 44.04
N ASP N 456 -10.04 -43.06 45.35
CA ASP N 456 -9.56 -42.07 46.30
C ASP N 456 -8.10 -42.39 46.56
N ALA N 457 -7.21 -41.56 46.00
CA ALA N 457 -5.78 -41.88 46.06
C ALA N 457 -5.27 -41.88 47.50
N THR N 458 -5.76 -40.96 48.33
CA THR N 458 -5.23 -40.82 49.68
C THR N 458 -5.52 -42.06 50.52
N ASN N 459 -6.75 -42.59 50.44
CA ASN N 459 -7.09 -43.76 51.23
C ASN N 459 -6.28 -44.99 50.81
N ILE N 460 -6.15 -45.20 49.51
CA ILE N 460 -5.38 -46.34 49.02
C ILE N 460 -3.93 -46.20 49.42
N LEU N 461 -3.38 -44.98 49.32
CA LEU N 461 -2.00 -44.76 49.71
C LEU N 461 -1.79 -45.00 51.20
N ASN N 462 -2.72 -44.56 52.03
CA ASN N 462 -2.61 -44.81 53.46
C ASN N 462 -2.67 -46.31 53.76
N LYS N 463 -3.58 -47.02 53.10
CA LYS N 463 -3.66 -48.47 53.31
C LYS N 463 -2.37 -49.14 52.90
N LEU N 464 -1.83 -48.77 51.74
CA LEU N 464 -0.59 -49.35 51.27
C LEU N 464 0.57 -49.06 52.21
N ARG N 465 0.65 -47.82 52.69
CA ARG N 465 1.74 -47.44 53.58
C ARG N 465 1.68 -48.22 54.88
N ALA N 466 0.50 -48.32 55.49
CA ALA N 466 0.36 -49.08 56.72
C ALA N 466 0.67 -50.56 56.49
N ARG N 467 0.18 -51.11 55.38
CA ARG N 467 0.42 -52.52 55.08
C ARG N 467 1.91 -52.79 54.90
N HIS N 468 2.61 -51.94 54.16
CA HIS N 468 4.05 -52.12 53.97
C HIS N 468 4.79 -51.96 55.30
N ALA N 469 4.33 -51.04 56.15
CA ALA N 469 4.96 -50.85 57.45
C ALA N 469 4.83 -52.10 58.31
N GLN N 470 3.66 -52.75 58.28
CA GLN N 470 3.46 -53.94 59.10
C GLN N 470 3.85 -55.23 58.39
N GLY N 471 4.42 -55.14 57.19
CA GLY N 471 4.88 -56.33 56.50
C GLY N 471 4.14 -56.63 55.21
N GLY N 472 4.84 -57.19 54.24
CA GLY N 472 4.25 -57.46 52.94
C GLY N 472 4.91 -56.63 51.86
N THR N 473 5.84 -57.24 51.13
CA THR N 473 6.64 -56.51 50.16
C THR N 473 5.89 -56.19 48.89
N TRP N 474 5.02 -57.10 48.44
CA TRP N 474 4.43 -57.03 47.11
C TRP N 474 2.95 -56.66 47.14
N TYR N 475 2.54 -55.83 48.08
CA TYR N 475 1.17 -55.35 48.14
C TYR N 475 1.05 -54.05 47.36
N GLY N 476 0.24 -54.06 46.30
CA GLY N 476 0.09 -52.91 45.45
C GLY N 476 -1.35 -52.58 45.14
N VAL N 477 -1.58 -51.70 44.18
CA VAL N 477 -2.91 -51.23 43.85
C VAL N 477 -3.64 -52.29 43.04
N ASP N 478 -4.87 -52.60 43.45
CA ASP N 478 -5.76 -53.52 42.73
C ASP N 478 -6.83 -52.67 42.06
N ILE N 479 -6.71 -52.50 40.74
CA ILE N 479 -7.58 -51.58 40.02
C ILE N 479 -9.01 -52.12 39.95
N ASN N 480 -9.16 -53.40 39.63
CA ASN N 480 -10.50 -53.96 39.46
C ASN N 480 -11.28 -53.95 40.77
N ASN N 481 -10.64 -54.27 41.88
CA ASN N 481 -11.32 -54.44 43.16
C ASN N 481 -11.36 -53.17 44.00
N GLU N 482 -10.96 -52.04 43.44
CA GLU N 482 -11.06 -50.73 44.08
C GLU N 482 -10.19 -50.63 45.33
N ASP N 483 -9.23 -51.51 45.49
CA ASP N 483 -8.54 -51.66 46.78
C ASP N 483 -7.10 -52.08 46.52
N ILE N 484 -6.44 -52.60 47.55
CA ILE N 484 -5.07 -53.08 47.46
C ILE N 484 -5.07 -54.60 47.52
N ALA N 485 -4.02 -55.20 46.98
CA ALA N 485 -3.91 -56.65 46.95
C ALA N 485 -2.45 -57.03 46.77
N ASP N 486 -2.15 -58.31 46.94
CA ASP N 486 -0.82 -58.84 46.71
C ASP N 486 -0.59 -58.94 45.21
N ASN N 487 0.18 -58.01 44.66
CA ASN N 487 0.38 -57.98 43.22
C ASN N 487 1.24 -59.15 42.74
N PHE N 488 2.14 -59.64 43.59
CA PHE N 488 2.92 -60.82 43.21
C PHE N 488 2.02 -62.04 43.05
N GLU N 489 1.08 -62.22 43.97
CA GLU N 489 0.10 -63.30 43.82
C GLU N 489 -0.96 -62.98 42.79
N ALA N 490 -1.11 -61.71 42.42
CA ALA N 490 -2.01 -61.32 41.34
C ALA N 490 -1.33 -61.39 39.98
N PHE N 491 -0.08 -61.85 39.93
CA PHE N 491 0.67 -62.01 38.69
C PHE N 491 0.80 -60.68 37.93
N VAL N 492 1.00 -59.61 38.67
CA VAL N 492 1.38 -58.33 38.09
C VAL N 492 2.90 -58.25 38.22
N TRP N 493 3.59 -58.78 37.23
CA TRP N 493 5.03 -58.98 37.28
C TRP N 493 5.72 -58.12 36.24
N GLU N 494 6.80 -57.44 36.65
CA GLU N 494 7.64 -56.72 35.71
C GLU N 494 9.10 -57.01 36.04
N PRO N 495 9.97 -57.04 35.03
CA PRO N 495 11.39 -57.30 35.29
C PRO N 495 12.00 -56.20 36.14
N ALA N 496 12.96 -56.59 36.98
CA ALA N 496 13.58 -55.64 37.88
C ALA N 496 14.34 -54.55 37.12
N MET N 497 14.93 -54.90 35.98
CA MET N 497 15.71 -53.92 35.24
C MET N 497 14.86 -52.76 34.75
N VAL N 498 13.56 -52.98 34.56
CA VAL N 498 12.68 -51.89 34.15
C VAL N 498 12.69 -50.78 35.18
N ARG N 499 12.42 -51.15 36.44
CA ARG N 499 12.40 -50.15 37.51
C ARG N 499 13.80 -49.64 37.82
N ILE N 500 14.81 -50.49 37.70
CA ILE N 500 16.18 -50.04 37.94
C ILE N 500 16.55 -48.93 36.96
N ASN N 501 16.32 -49.17 35.67
CA ASN N 501 16.62 -48.16 34.66
C ASN N 501 15.75 -46.93 34.85
N ALA N 502 14.48 -47.13 35.22
CA ALA N 502 13.61 -45.97 35.44
C ALA N 502 14.15 -45.08 36.53
N LEU N 503 14.52 -45.66 37.67
CA LEU N 503 15.06 -44.87 38.77
C LEU N 503 16.36 -44.20 38.37
N THR N 504 17.25 -44.94 37.70
CA THR N 504 18.54 -44.37 37.32
C THR N 504 18.36 -43.18 36.38
N ALA N 505 17.51 -43.34 35.36
CA ALA N 505 17.31 -42.27 34.39
C ALA N 505 16.62 -41.06 35.04
N ALA N 506 15.61 -41.30 35.87
CA ALA N 506 14.94 -40.18 36.53
C ALA N 506 15.89 -39.42 37.44
N SER N 507 16.71 -40.14 38.20
CA SER N 507 17.68 -39.48 39.06
C SER N 507 18.69 -38.69 38.26
N GLU N 508 19.18 -39.26 37.16
CA GLU N 508 20.14 -38.55 36.33
C GLU N 508 19.55 -37.28 35.76
N ALA N 509 18.31 -37.35 35.26
CA ALA N 509 17.67 -36.16 34.72
C ALA N 509 17.46 -35.11 35.78
N ALA N 510 17.00 -35.52 36.97
CA ALA N 510 16.78 -34.54 38.04
C ALA N 510 18.09 -33.89 38.46
N CYS N 511 19.16 -34.67 38.60
CA CYS N 511 20.44 -34.10 38.98
C CYS N 511 20.97 -33.15 37.91
N LEU N 512 20.81 -33.52 36.64
CA LEU N 512 21.28 -32.65 35.56
C LEU N 512 20.51 -31.34 35.53
N ILE N 513 19.19 -31.40 35.70
CA ILE N 513 18.38 -30.19 35.63
C ILE N 513 18.63 -29.30 36.85
N VAL N 514 18.80 -29.91 38.02
CA VAL N 514 19.04 -29.13 39.23
C VAL N 514 20.38 -28.41 39.15
N SER N 515 21.39 -29.04 38.55
CA SER N 515 22.74 -28.47 38.53
C SER N 515 22.85 -27.22 37.67
N VAL N 516 21.89 -26.94 36.80
CA VAL N 516 21.99 -25.79 35.90
C VAL N 516 21.55 -24.54 36.66
N ASP N 517 22.42 -23.52 36.66
CA ASP N 517 22.09 -22.26 37.33
C ASP N 517 21.75 -21.14 36.36
N GLU N 518 22.28 -21.18 35.14
CA GLU N 518 22.05 -20.12 34.17
C GLU N 518 21.82 -20.74 32.80
N THR N 519 20.87 -20.18 32.05
CA THR N 519 20.62 -20.59 30.68
C THR N 519 20.77 -19.38 29.76
N ILE N 520 21.42 -19.58 28.63
CA ILE N 520 21.69 -18.52 27.67
C ILE N 520 21.17 -18.96 26.32
N LYS N 521 20.37 -18.11 25.68
CA LYS N 521 19.79 -18.39 24.37
C LYS N 521 20.34 -17.40 23.37
N ASN N 522 21.25 -17.86 22.52
CA ASN N 522 21.78 -17.01 21.47
C ASN N 522 20.70 -16.75 20.41
N PRO N 523 20.77 -15.63 19.71
CA PRO N 523 19.78 -15.36 18.66
C PRO N 523 19.84 -16.38 17.55
N ARG N 524 18.68 -16.70 16.99
CA ARG N 524 18.60 -17.65 15.89
C ARG N 524 19.25 -17.07 14.64
N SER N 525 20.03 -17.89 13.96
CA SER N 525 20.71 -17.47 12.73
C SER N 525 19.74 -17.44 11.56
N ALA O 1 21.43 27.18 16.33
CA ALA O 1 21.93 26.82 17.66
C ALA O 1 21.18 25.63 18.21
N LEU O 2 21.01 24.59 17.39
CA LEU O 2 20.33 23.39 17.82
C LEU O 2 21.04 22.11 17.39
N HIS O 3 22.27 22.18 16.91
CA HIS O 3 22.99 21.00 16.49
C HIS O 3 24.48 21.19 16.69
N VAL O 4 25.18 20.07 16.88
CA VAL O 4 26.63 20.09 17.06
C VAL O 4 27.27 19.39 15.87
N PRO O 5 27.82 20.12 14.91
CA PRO O 5 28.41 19.48 13.73
C PRO O 5 29.64 18.66 14.09
N LYS O 6 29.91 17.67 13.25
CA LYS O 6 31.09 16.84 13.44
C LYS O 6 32.35 17.68 13.30
N ALA O 7 33.32 17.45 14.17
CA ALA O 7 34.53 18.24 14.17
C ALA O 7 35.29 18.03 12.86
N PRO O 8 35.87 19.09 12.29
CA PRO O 8 36.62 18.91 11.04
C PRO O 8 37.81 17.98 11.22
N GLY O 9 38.10 17.21 10.19
CA GLY O 9 39.19 16.25 10.25
C GLY O 9 38.72 14.82 10.17
N PHE O 10 39.26 13.98 11.05
CA PHE O 10 38.96 12.55 10.99
C PHE O 10 37.49 12.26 11.27
N ALA O 11 36.85 13.08 12.11
CA ALA O 11 35.46 12.83 12.47
C ALA O 11 34.55 12.92 11.24
N GLN O 12 34.84 13.86 10.34
CA GLN O 12 34.01 14.02 9.15
C GLN O 12 34.31 12.96 8.11
N MET O 13 35.57 12.55 7.97
CA MET O 13 35.96 11.57 6.96
C MET O 13 35.62 10.15 7.35
N LEU O 14 35.23 9.90 8.60
CA LEU O 14 34.87 8.56 9.02
C LEU O 14 33.64 8.07 8.25
N LYS O 15 33.61 6.79 7.93
CA LYS O 15 32.53 6.22 7.14
C LYS O 15 31.21 6.27 7.92
N GLU O 16 30.13 5.93 7.23
CA GLU O 16 28.80 6.05 7.81
C GLU O 16 28.61 5.11 9.00
N GLY O 17 29.02 3.85 8.85
CA GLY O 17 28.78 2.87 9.89
C GLY O 17 29.95 2.66 10.83
N ALA O 18 31.10 3.24 10.50
CA ALA O 18 32.30 3.02 11.27
C ALA O 18 32.21 3.70 12.64
N LYS O 19 32.97 3.16 13.60
CA LYS O 19 33.04 3.70 14.94
C LYS O 19 34.49 3.88 15.34
N HIS O 20 34.78 4.98 16.03
CA HIS O 20 36.13 5.30 16.46
C HIS O 20 36.12 5.65 17.93
N PHE O 21 36.81 4.86 18.74
CA PHE O 21 36.98 5.12 20.16
C PHE O 21 38.45 5.38 20.43
N SER O 22 38.75 6.54 21.00
CA SER O 22 40.12 6.94 21.28
C SER O 22 40.20 7.51 22.69
N GLY O 23 41.39 7.43 23.28
CA GLY O 23 41.61 7.93 24.61
C GLY O 23 41.57 6.83 25.65
N LEU O 24 41.72 7.24 26.90
CA LEU O 24 41.75 6.29 28.00
C LEU O 24 40.35 5.82 28.38
N GLU O 25 39.50 6.75 28.82
CA GLU O 25 38.18 6.38 29.32
C GLU O 25 37.24 5.90 28.22
N GLU O 26 37.55 6.17 26.96
CA GLU O 26 36.69 5.77 25.86
C GLU O 26 37.05 4.41 25.28
N ALA O 27 38.30 3.98 25.42
CA ALA O 27 38.72 2.69 24.89
C ALA O 27 39.21 1.73 25.95
N VAL O 28 40.18 2.14 26.77
CA VAL O 28 40.80 1.22 27.71
C VAL O 28 39.81 0.79 28.79
N TYR O 29 39.09 1.76 29.37
CA TYR O 29 38.14 1.43 30.41
C TYR O 29 37.00 0.58 29.86
N ARG O 30 36.56 0.85 28.63
CA ARG O 30 35.48 0.06 28.07
C ARG O 30 35.92 -1.37 27.78
N ASN O 31 37.16 -1.54 27.30
CA ASN O 31 37.68 -2.89 27.12
C ASN O 31 37.78 -3.63 28.44
N ILE O 32 38.24 -2.94 29.48
CA ILE O 32 38.34 -3.56 30.80
C ILE O 32 36.97 -3.95 31.31
N GLN O 33 35.97 -3.10 31.11
CA GLN O 33 34.61 -3.41 31.52
C GLN O 33 34.07 -4.63 30.77
N ALA O 34 34.32 -4.71 29.46
CA ALA O 34 33.86 -5.85 28.69
C ALA O 34 34.50 -7.15 29.17
N CYS O 35 35.80 -7.13 29.42
CA CYS O 35 36.47 -8.33 29.93
C CYS O 35 35.97 -8.69 31.31
N LYS O 36 35.70 -7.69 32.14
CA LYS O 36 35.07 -7.92 33.44
C LYS O 36 33.74 -8.63 33.27
N GLU O 37 32.92 -8.18 32.33
CA GLU O 37 31.62 -8.79 32.11
C GLU O 37 31.76 -10.24 31.67
N LEU O 38 32.69 -10.51 30.75
CA LEU O 38 32.90 -11.88 30.29
C LEU O 38 33.35 -12.79 31.43
N ALA O 39 34.31 -12.33 32.22
CA ALA O 39 34.77 -13.12 33.36
C ALA O 39 33.64 -13.35 34.35
N GLN O 40 32.81 -12.33 34.57
CA GLN O 40 31.68 -12.49 35.48
C GLN O 40 30.70 -13.54 34.97
N THR O 41 30.44 -13.54 33.66
CA THR O 41 29.53 -14.54 33.10
C THR O 41 30.07 -15.95 33.29
N THR O 42 31.37 -16.14 33.09
CA THR O 42 31.92 -17.50 33.18
C THR O 42 32.29 -17.91 34.59
N ARG O 43 32.34 -16.97 35.54
CA ARG O 43 32.91 -17.25 36.86
C ARG O 43 32.16 -18.36 37.60
N THR O 44 30.84 -18.36 37.53
CA THR O 44 30.06 -19.27 38.38
C THR O 44 30.23 -20.74 38.04
N ALA O 45 31.10 -21.14 37.11
CA ALA O 45 31.32 -22.53 36.77
C ALA O 45 32.71 -23.01 37.17
N TYR O 46 33.33 -22.32 38.13
CA TYR O 46 34.69 -22.61 38.53
C TYR O 46 34.70 -23.51 39.76
N GLY O 47 35.49 -24.58 39.70
CA GLY O 47 35.68 -25.46 40.83
C GLY O 47 34.73 -26.64 40.84
N PRO O 48 34.88 -27.52 41.83
CA PRO O 48 33.97 -28.67 41.93
C PRO O 48 32.52 -28.28 42.12
N ASN O 49 32.25 -27.19 42.83
CA ASN O 49 30.90 -26.71 43.03
C ASN O 49 30.42 -25.83 41.89
N GLY O 50 31.13 -25.81 40.77
CA GLY O 50 30.67 -25.05 39.63
C GLY O 50 29.36 -25.60 39.10
N MET O 51 28.51 -24.68 38.62
CA MET O 51 27.18 -25.02 38.15
C MET O 51 27.17 -25.02 36.63
N ASN O 52 26.56 -26.05 36.04
CA ASN O 52 26.49 -26.15 34.59
C ASN O 52 25.62 -25.02 34.03
N LYS O 53 25.90 -24.68 32.77
CA LYS O 53 25.15 -23.63 32.07
C LYS O 53 24.57 -24.21 30.79
N MET O 54 23.27 -23.99 30.60
CA MET O 54 22.61 -24.41 29.36
C MET O 54 22.79 -23.31 28.32
N VAL O 55 23.66 -23.57 27.34
CA VAL O 55 23.97 -22.60 26.29
C VAL O 55 23.40 -23.14 24.99
N ILE O 56 22.59 -22.32 24.32
CA ILE O 56 22.01 -22.67 23.03
C ILE O 56 22.64 -21.78 21.98
N ASN O 57 23.26 -22.39 20.98
CA ASN O 57 23.94 -21.63 19.93
C ASN O 57 22.92 -21.15 18.91
N HIS O 58 23.41 -20.60 17.80
CA HIS O 58 22.54 -20.09 16.75
C HIS O 58 21.87 -21.19 15.94
N LEU O 59 22.28 -22.44 16.13
CA LEU O 59 21.72 -23.58 15.40
C LEU O 59 20.76 -24.40 16.26
N GLU O 60 20.28 -23.82 17.36
CA GLU O 60 19.38 -24.46 18.32
C GLU O 60 19.99 -25.67 19.00
N LYS O 61 21.28 -25.92 18.81
CA LYS O 61 21.93 -27.02 19.51
C LYS O 61 22.12 -26.65 20.98
N LEU O 62 21.83 -27.60 21.87
CA LEU O 62 21.85 -27.35 23.30
C LEU O 62 23.15 -27.86 23.89
N PHE O 63 23.89 -26.97 24.56
CA PHE O 63 25.11 -27.31 25.28
C PHE O 63 24.90 -27.00 26.75
N VAL O 64 24.87 -28.04 27.59
CA VAL O 64 24.85 -27.88 29.03
C VAL O 64 26.16 -28.44 29.56
N THR O 65 26.91 -27.62 30.28
CA THR O 65 28.25 -27.96 30.72
C THR O 65 28.75 -26.88 31.66
N ASN O 66 29.90 -27.16 32.29
CA ASN O 66 30.60 -26.18 33.10
C ASN O 66 32.03 -25.96 32.63
N ASP O 67 32.39 -26.49 31.47
CA ASP O 67 33.71 -26.28 30.90
C ASP O 67 33.78 -24.86 30.34
N ALA O 68 34.72 -24.07 30.84
CA ALA O 68 34.78 -22.66 30.47
C ALA O 68 35.05 -22.48 28.97
N ALA O 69 35.97 -23.27 28.43
CA ALA O 69 36.30 -23.15 27.01
C ALA O 69 35.10 -23.47 26.14
N THR O 70 34.34 -24.50 26.49
CA THR O 70 33.14 -24.83 25.73
C THR O 70 32.12 -23.72 25.79
N ILE O 71 31.90 -23.16 26.99
CA ILE O 71 30.94 -22.07 27.13
C ILE O 71 31.35 -20.87 26.28
N LEU O 72 32.63 -20.52 26.32
CA LEU O 72 33.11 -19.41 25.50
C LEU O 72 32.96 -19.71 24.02
N ARG O 73 33.21 -20.95 23.61
CA ARG O 73 33.07 -21.30 22.20
C ARG O 73 31.64 -21.18 21.73
N GLU O 74 30.68 -21.64 22.54
CA GLU O 74 29.28 -21.57 22.14
C GLU O 74 28.66 -20.21 22.37
N LEU O 75 29.29 -19.34 23.16
CA LEU O 75 28.86 -17.97 23.33
C LEU O 75 29.47 -17.12 22.22
N GLU O 76 28.64 -16.59 21.33
CA GLU O 76 29.15 -15.84 20.19
C GLU O 76 29.44 -14.43 20.67
N VAL O 77 30.67 -14.21 21.13
CA VAL O 77 31.07 -12.91 21.67
C VAL O 77 31.22 -11.91 20.53
N GLN O 78 30.95 -10.64 20.83
CA GLN O 78 31.08 -9.57 19.85
C GLN O 78 32.14 -8.54 20.19
N HIS O 79 32.44 -8.34 21.47
CA HIS O 79 33.41 -7.30 21.84
C HIS O 79 34.82 -7.76 21.49
N PRO O 80 35.60 -6.95 20.79
CA PRO O 80 36.96 -7.39 20.40
C PRO O 80 37.87 -7.73 21.56
N ALA O 81 37.81 -6.98 22.66
CA ALA O 81 38.68 -7.29 23.79
C ALA O 81 38.32 -8.64 24.39
N ALA O 82 37.02 -8.89 24.60
CA ALA O 82 36.59 -10.19 25.05
C ALA O 82 36.92 -11.27 24.05
N LYS O 83 36.91 -10.94 22.76
CA LYS O 83 37.32 -11.90 21.74
C LYS O 83 38.78 -12.30 21.91
N MET O 84 39.65 -11.31 22.18
CA MET O 84 41.05 -11.62 22.39
C MET O 84 41.25 -12.46 23.65
N ILE O 85 40.50 -12.17 24.71
CA ILE O 85 40.61 -12.98 25.91
C ILE O 85 40.14 -14.40 25.64
N VAL O 86 39.08 -14.56 24.83
CA VAL O 86 38.61 -15.88 24.46
C VAL O 86 39.66 -16.61 23.63
N MET O 87 40.35 -15.90 22.75
CA MET O 87 41.44 -16.51 21.99
C MET O 87 42.55 -16.99 22.91
N ALA O 88 42.85 -16.20 23.95
CA ALA O 88 43.84 -16.64 24.94
C ALA O 88 43.37 -17.91 25.65
N SER O 89 42.09 -17.96 26.01
CA SER O 89 41.57 -19.16 26.68
C SER O 89 41.63 -20.38 25.77
N HIS O 90 41.29 -20.20 24.50
CA HIS O 90 41.35 -21.31 23.54
C HIS O 90 42.78 -21.76 23.31
N MET O 91 43.73 -20.82 23.29
CA MET O 91 45.13 -21.19 23.18
C MET O 91 45.58 -21.99 24.39
N GLN O 92 45.11 -21.60 25.58
CA GLN O 92 45.42 -22.38 26.78
C GLN O 92 44.85 -23.78 26.68
N GLU O 93 43.62 -23.92 26.18
CA GLU O 93 43.04 -25.24 26.01
C GLU O 93 43.83 -26.08 25.03
N GLN O 94 44.23 -25.48 23.90
CA GLN O 94 44.99 -26.21 22.90
C GLN O 94 46.35 -26.64 23.43
N GLU O 95 47.02 -25.77 24.18
CA GLU O 95 48.37 -26.08 24.66
C GLU O 95 48.35 -27.16 25.73
N VAL O 96 47.44 -27.05 26.70
CA VAL O 96 47.40 -27.95 27.85
C VAL O 96 46.15 -28.84 27.84
N GLY O 97 44.97 -28.23 27.88
CA GLY O 97 43.73 -28.98 27.94
C GLY O 97 42.87 -28.68 29.15
N ASP O 98 43.41 -28.01 30.17
CA ASP O 98 42.64 -27.64 31.34
C ASP O 98 43.22 -26.37 31.92
N GLY O 99 42.37 -25.49 32.43
CA GLY O 99 42.82 -24.24 33.00
C GLY O 99 42.28 -23.02 32.30
N THR O 100 41.30 -23.23 31.41
CA THR O 100 40.72 -22.11 30.68
C THR O 100 39.99 -21.15 31.61
N ASN O 101 39.26 -21.69 32.58
CA ASN O 101 38.57 -20.83 33.53
C ASN O 101 39.56 -20.05 34.39
N PHE O 102 40.68 -20.68 34.75
CA PHE O 102 41.73 -19.96 35.46
C PHE O 102 42.24 -18.80 34.63
N VAL O 103 42.48 -19.04 33.34
CA VAL O 103 42.95 -17.98 32.45
C VAL O 103 41.96 -16.82 32.43
N LEU O 104 40.68 -17.14 32.26
CA LEU O 104 39.67 -16.10 32.16
C LEU O 104 39.56 -15.30 33.45
N VAL O 105 39.52 -15.99 34.59
CA VAL O 105 39.37 -15.31 35.88
C VAL O 105 40.60 -14.44 36.16
N PHE O 106 41.79 -14.97 35.93
CA PHE O 106 43.01 -14.21 36.18
C PHE O 106 43.08 -12.98 35.28
N ALA O 107 42.73 -13.13 34.00
CA ALA O 107 42.75 -11.99 33.10
C ALA O 107 41.75 -10.93 33.53
N GLY O 108 40.54 -11.35 33.92
CA GLY O 108 39.55 -10.39 34.37
C GLY O 108 39.99 -9.64 35.61
N ALA O 109 40.53 -10.35 36.59
CA ALA O 109 41.02 -9.69 37.79
C ALA O 109 42.17 -8.73 37.48
N LEU O 110 43.09 -9.15 36.61
CA LEU O 110 44.21 -8.30 36.24
C LEU O 110 43.73 -7.02 35.57
N LEU O 111 42.75 -7.12 34.68
CA LEU O 111 42.25 -5.94 34.01
C LEU O 111 41.48 -5.04 34.96
N GLU O 112 40.72 -5.63 35.90
CA GLU O 112 40.06 -4.83 36.92
C GLU O 112 41.08 -4.00 37.70
N LEU O 113 42.12 -4.65 38.20
CA LEU O 113 43.10 -3.93 39.01
C LEU O 113 43.92 -2.96 38.16
N ALA O 114 44.09 -3.27 36.87
CA ALA O 114 44.75 -2.31 35.98
C ALA O 114 43.91 -1.05 35.82
N GLU O 115 42.59 -1.20 35.69
CA GLU O 115 41.73 -0.02 35.63
C GLU O 115 41.82 0.77 36.93
N GLU O 116 41.85 0.08 38.07
CA GLU O 116 41.98 0.78 39.34
C GLU O 116 43.29 1.57 39.41
N LEU O 117 44.39 0.95 38.97
CA LEU O 117 45.68 1.65 38.97
C LEU O 117 45.67 2.84 38.02
N LEU O 118 45.06 2.67 36.84
CA LEU O 118 44.97 3.79 35.91
C LEU O 118 44.14 4.93 36.49
N ARG O 119 43.14 4.60 37.30
CA ARG O 119 42.32 5.66 37.90
C ARG O 119 43.05 6.36 39.03
N ILE O 120 43.84 5.64 39.82
CA ILE O 120 44.49 6.30 40.95
C ILE O 120 45.63 7.20 40.49
N GLY O 121 46.10 7.06 39.26
CA GLY O 121 47.10 7.98 38.75
C GLY O 121 48.27 7.36 38.04
N LEU O 122 48.26 6.05 37.84
CA LEU O 122 49.33 5.40 37.09
C LEU O 122 49.07 5.51 35.60
N SER O 123 50.11 5.20 34.82
CA SER O 123 50.01 5.20 33.36
C SER O 123 50.05 3.77 32.85
N VAL O 124 49.70 3.61 31.56
CA VAL O 124 49.61 2.29 30.97
C VAL O 124 50.98 1.63 30.92
N SER O 125 52.01 2.39 30.57
CA SER O 125 53.35 1.80 30.41
C SER O 125 53.87 1.23 31.72
N GLU O 126 53.73 1.98 32.82
CA GLU O 126 54.25 1.49 34.09
C GLU O 126 53.42 0.33 34.61
N VAL O 127 52.11 0.36 34.39
CA VAL O 127 51.27 -0.78 34.77
C VAL O 127 51.70 -2.03 34.02
N ILE O 128 51.94 -1.90 32.71
CA ILE O 128 52.37 -3.05 31.90
C ILE O 128 53.73 -3.56 32.38
N GLU O 129 54.65 -2.64 32.66
CA GLU O 129 55.98 -3.04 33.13
C GLU O 129 55.89 -3.78 34.46
N GLY O 130 55.07 -3.26 35.39
CA GLY O 130 54.90 -3.94 36.66
C GLY O 130 54.27 -5.30 36.50
N TYR O 131 53.28 -5.43 35.61
CA TYR O 131 52.66 -6.72 35.37
C TYR O 131 53.67 -7.71 34.81
N GLU O 132 54.50 -7.27 33.86
CA GLU O 132 55.50 -8.17 33.29
C GLU O 132 56.53 -8.59 34.33
N ILE O 133 56.99 -7.65 35.17
CA ILE O 133 57.96 -7.99 36.20
C ILE O 133 57.36 -8.98 37.18
N ALA O 134 56.10 -8.76 37.57
CA ALA O 134 55.45 -9.67 38.51
C ALA O 134 55.23 -11.04 37.87
N CYS O 135 54.94 -11.08 36.58
CA CYS O 135 54.80 -12.37 35.90
C CYS O 135 56.12 -13.13 35.88
N ARG O 136 57.23 -12.43 35.62
CA ARG O 136 58.53 -13.08 35.69
C ARG O 136 58.80 -13.60 37.09
N LYS O 137 58.47 -12.80 38.11
CA LYS O 137 58.66 -13.24 39.49
C LYS O 137 57.82 -14.46 39.80
N ALA O 138 56.57 -14.50 39.32
CA ALA O 138 55.71 -15.65 39.56
C ALA O 138 56.25 -16.89 38.87
N HIS O 139 56.74 -16.75 37.63
CA HIS O 139 57.30 -17.90 36.93
C HIS O 139 58.57 -18.38 37.59
N GLU O 140 59.33 -17.48 38.22
CA GLU O 140 60.50 -17.92 38.99
C GLU O 140 60.08 -18.63 40.27
N ILE O 141 59.03 -18.14 40.93
CA ILE O 141 58.62 -18.69 42.22
C ILE O 141 57.99 -20.06 42.05
N LEU O 142 57.18 -20.24 40.99
CA LEU O 142 56.34 -21.42 40.86
C LEU O 142 57.08 -22.75 40.99
N PRO O 143 58.25 -22.97 40.38
CA PRO O 143 58.91 -24.28 40.56
C PRO O 143 59.20 -24.62 42.00
N ASN O 144 59.45 -23.62 42.86
CA ASN O 144 59.68 -23.91 44.27
C ASN O 144 58.43 -24.41 44.98
N LEU O 145 57.24 -24.15 44.42
CA LEU O 145 55.99 -24.56 45.05
C LEU O 145 55.59 -25.98 44.68
N VAL O 146 56.38 -26.67 43.85
CA VAL O 146 56.05 -28.03 43.44
C VAL O 146 56.15 -28.94 44.66
N CYS O 147 55.06 -29.64 44.97
CA CYS O 147 55.01 -30.48 46.16
C CYS O 147 55.49 -31.91 45.88
N CYS O 148 54.92 -32.56 44.86
CA CYS O 148 55.30 -33.92 44.54
C CYS O 148 55.22 -34.12 43.04
N SER O 149 55.64 -35.30 42.59
CA SER O 149 55.68 -35.64 41.17
C SER O 149 54.92 -36.94 40.95
N ALA O 150 54.65 -37.24 39.68
CA ALA O 150 53.91 -38.45 39.34
C ALA O 150 54.70 -39.69 39.72
N LYS O 151 55.96 -39.77 39.29
CA LYS O 151 56.92 -40.79 39.70
C LYS O 151 56.52 -42.21 39.29
N ASN O 152 55.36 -42.34 38.65
CA ASN O 152 54.94 -43.61 38.06
C ASN O 152 53.72 -43.40 37.18
N LEU O 153 53.78 -43.88 35.94
CA LEU O 153 52.67 -43.72 35.01
C LEU O 153 52.08 -45.03 34.53
N ARG O 154 52.71 -46.16 34.82
CA ARG O 154 52.18 -47.46 34.44
C ARG O 154 51.33 -48.11 35.52
N ASP O 155 51.17 -47.45 36.67
CA ASP O 155 50.39 -47.99 37.77
C ASP O 155 48.97 -47.42 37.71
N ILE O 156 47.99 -48.31 37.72
CA ILE O 156 46.60 -47.88 37.58
C ILE O 156 46.17 -47.01 38.75
N ASP O 157 46.49 -47.43 39.97
CA ASP O 157 46.06 -46.68 41.14
C ASP O 157 46.67 -45.30 41.19
N GLU O 158 47.98 -45.20 40.91
CA GLU O 158 48.66 -43.91 40.98
C GLU O 158 48.08 -42.93 39.96
N VAL O 159 47.93 -43.37 38.71
CA VAL O 159 47.42 -42.47 37.68
C VAL O 159 45.96 -42.11 37.95
N SER O 160 45.18 -43.05 38.47
CA SER O 160 43.79 -42.74 38.82
C SER O 160 43.72 -41.68 39.91
N SER O 161 44.56 -41.81 40.95
CA SER O 161 44.58 -40.79 42.00
C SER O 161 45.04 -39.45 41.45
N LEU O 162 46.02 -39.46 40.56
CA LEU O 162 46.49 -38.20 39.97
C LEU O 162 45.41 -37.53 39.13
N LEU O 163 44.69 -38.32 38.34
CA LEU O 163 43.69 -37.79 37.42
C LEU O 163 42.36 -37.49 38.10
N ARG O 164 42.17 -37.93 39.34
CA ARG O 164 40.90 -37.66 40.03
C ARG O 164 40.62 -36.17 40.12
N THR O 165 41.64 -35.38 40.47
CA THR O 165 41.42 -33.95 40.69
C THR O 165 40.97 -33.24 39.42
N SER O 166 41.58 -33.57 38.28
CA SER O 166 41.26 -32.88 37.05
C SER O 166 39.82 -33.13 36.61
N ILE O 167 39.30 -34.32 36.88
CA ILE O 167 37.92 -34.64 36.53
C ILE O 167 37.09 -34.64 37.81
N MET O 168 37.53 -33.86 38.80
CA MET O 168 36.74 -33.59 39.99
C MET O 168 36.02 -32.27 39.92
N SER O 169 36.61 -31.27 39.26
CA SER O 169 35.91 -30.02 39.03
C SER O 169 34.69 -30.23 38.16
N LYS O 170 34.81 -31.05 37.13
CA LYS O 170 33.69 -31.48 36.31
C LYS O 170 33.22 -32.85 36.80
N GLN O 171 31.91 -33.04 36.86
CA GLN O 171 31.32 -34.26 37.40
C GLN O 171 31.82 -34.51 38.83
N TYR O 172 31.48 -33.57 39.71
CA TYR O 172 32.01 -33.60 41.08
C TYR O 172 31.47 -34.79 41.87
N GLY O 173 30.19 -35.12 41.69
CA GLY O 173 29.59 -36.15 42.53
C GLY O 173 30.26 -37.50 42.40
N ASN O 174 30.54 -37.93 41.17
CA ASN O 174 31.07 -39.27 40.90
C ASN O 174 32.33 -39.15 40.03
N GLU O 175 33.46 -38.97 40.70
CA GLU O 175 34.75 -38.77 40.05
C GLU O 175 35.70 -39.94 40.17
N VAL O 176 35.52 -40.79 41.18
CA VAL O 176 36.40 -41.95 41.34
C VAL O 176 36.20 -42.94 40.20
N PHE O 177 34.96 -43.21 39.84
CA PHE O 177 34.67 -44.17 38.78
C PHE O 177 35.25 -43.69 37.44
N LEU O 178 35.02 -42.43 37.09
CA LEU O 178 35.58 -41.89 35.86
C LEU O 178 37.10 -41.86 35.92
N ALA O 179 37.66 -41.59 37.11
CA ALA O 179 39.10 -41.62 37.25
C ALA O 179 39.67 -43.00 36.94
N LYS O 180 39.04 -44.04 37.47
CA LYS O 180 39.50 -45.39 37.20
C LYS O 180 39.35 -45.74 35.72
N LEU O 181 38.23 -45.34 35.11
CA LEU O 181 38.03 -45.62 33.69
C LEU O 181 39.11 -44.98 32.84
N ILE O 182 39.33 -43.69 33.02
CA ILE O 182 40.33 -42.98 32.22
C ILE O 182 41.72 -43.51 32.52
N ALA O 183 41.98 -43.89 33.78
CA ALA O 183 43.29 -44.45 34.12
C ALA O 183 43.54 -45.75 33.37
N GLN O 184 42.55 -46.64 33.35
CA GLN O 184 42.70 -47.89 32.60
C GLN O 184 42.91 -47.61 31.11
N ALA O 185 42.11 -46.70 30.54
CA ALA O 185 42.21 -46.42 29.12
C ALA O 185 43.57 -45.85 28.77
N CYS O 186 44.10 -44.96 29.61
CA CYS O 186 45.40 -44.35 29.34
C CYS O 186 46.55 -45.32 29.58
N VAL O 187 46.44 -46.19 30.57
CA VAL O 187 47.52 -47.15 30.84
C VAL O 187 47.58 -48.21 29.75
N SER O 188 46.44 -48.57 29.15
CA SER O 188 46.49 -49.48 28.01
C SER O 188 47.31 -48.89 26.86
N ILE O 189 47.08 -47.62 26.54
CA ILE O 189 47.91 -46.80 25.66
C ILE O 189 49.17 -46.43 26.45
N PHE O 190 50.07 -45.66 25.83
CA PHE O 190 51.32 -45.22 26.45
C PHE O 190 52.25 -46.40 26.67
N PRO O 191 52.82 -46.95 25.61
CA PRO O 191 53.72 -48.10 25.72
C PRO O 191 55.08 -47.71 26.30
N ASP O 192 56.04 -48.65 26.23
CA ASP O 192 57.38 -48.39 26.74
C ASP O 192 57.98 -47.12 26.15
N SER O 193 57.67 -46.79 24.90
CA SER O 193 58.07 -45.52 24.34
C SER O 193 57.40 -44.38 25.08
N GLY O 194 58.16 -43.33 25.38
CA GLY O 194 57.66 -42.26 26.21
C GLY O 194 56.53 -41.47 25.59
N HIS O 195 56.39 -41.51 24.27
CA HIS O 195 55.36 -40.71 23.61
C HIS O 195 53.97 -41.24 23.94
N PHE O 196 53.05 -40.31 24.19
CA PHE O 196 51.65 -40.63 24.44
C PHE O 196 50.79 -39.80 23.50
N ASN O 197 49.85 -40.45 22.82
CA ASN O 197 49.00 -39.78 21.84
C ASN O 197 47.58 -39.70 22.40
N VAL O 198 47.07 -38.47 22.52
CA VAL O 198 45.71 -38.28 23.00
C VAL O 198 44.70 -38.87 22.02
N ASP O 199 44.99 -38.77 20.73
CA ASP O 199 44.07 -39.25 19.70
C ASP O 199 43.85 -40.75 19.77
N ASN O 200 44.75 -41.49 20.44
CA ASN O 200 44.62 -42.94 20.53
C ASN O 200 43.50 -43.39 21.45
N ILE O 201 42.90 -42.48 22.20
CA ILE O 201 41.78 -42.80 23.08
C ILE O 201 40.49 -42.46 22.36
N ARG O 202 39.61 -43.44 22.22
CA ARG O 202 38.35 -43.28 21.51
C ARG O 202 37.19 -43.32 22.51
N VAL O 203 36.18 -42.50 22.26
CA VAL O 203 35.00 -42.43 23.10
C VAL O 203 33.79 -42.79 22.27
N CYS O 204 33.02 -43.78 22.73
CA CYS O 204 31.79 -44.20 22.08
C CYS O 204 30.63 -43.89 23.00
N LYS O 205 29.65 -43.14 22.48
CA LYS O 205 28.50 -42.70 23.26
C LYS O 205 27.29 -43.56 22.87
N ILE O 206 26.88 -44.43 23.79
CA ILE O 206 25.72 -45.29 23.60
C ILE O 206 24.71 -44.98 24.69
N LEU O 207 23.47 -44.73 24.29
CA LEU O 207 22.44 -44.25 25.20
C LEU O 207 21.74 -45.41 25.90
N GLY O 208 21.37 -45.18 27.16
CA GLY O 208 20.41 -46.07 27.78
C GLY O 208 20.56 -46.51 29.23
N SER O 209 21.77 -46.63 29.76
CA SER O 209 21.95 -47.36 31.02
C SER O 209 22.61 -46.57 32.13
N GLY O 210 22.76 -45.25 31.99
CA GLY O 210 23.42 -44.48 33.03
C GLY O 210 24.92 -44.69 33.04
N ILE O 211 25.68 -43.69 33.48
CA ILE O 211 27.13 -43.73 33.32
C ILE O 211 27.79 -44.78 34.21
N SER O 212 27.10 -45.29 35.22
CA SER O 212 27.68 -46.34 36.03
C SER O 212 27.94 -47.60 35.24
N SER O 213 27.31 -47.75 34.08
CA SER O 213 27.52 -48.89 33.20
C SER O 213 28.63 -48.67 32.19
N SER O 214 29.31 -47.52 32.24
CA SER O 214 30.39 -47.24 31.30
C SER O 214 31.56 -48.20 31.53
N SER O 215 32.26 -48.51 30.44
CA SER O 215 33.38 -49.44 30.50
C SER O 215 34.39 -49.08 29.43
N VAL O 216 35.59 -49.65 29.56
CA VAL O 216 36.68 -49.42 28.63
C VAL O 216 36.94 -50.71 27.86
N LEU O 217 37.16 -50.58 26.55
CA LEU O 217 37.41 -51.71 25.68
C LEU O 217 38.76 -51.54 25.01
N HIS O 218 39.58 -52.59 25.05
CA HIS O 218 40.89 -52.59 24.41
C HIS O 218 40.71 -52.93 22.94
N GLY O 219 40.27 -51.93 22.18
CA GLY O 219 39.99 -52.13 20.77
C GLY O 219 39.19 -50.96 20.23
N MET O 220 38.37 -51.27 19.22
CA MET O 220 37.56 -50.26 18.56
C MET O 220 36.12 -50.73 18.46
N VAL O 221 35.20 -49.78 18.56
CA VAL O 221 33.77 -50.03 18.46
C VAL O 221 33.20 -49.14 17.37
N PHE O 222 32.50 -49.73 16.42
CA PHE O 222 31.88 -49.02 15.32
C PHE O 222 30.38 -49.23 15.36
N LYS O 223 29.61 -48.14 15.31
CA LYS O 223 28.16 -48.20 15.33
C LYS O 223 27.64 -48.49 13.93
N LYS O 224 27.92 -49.71 13.47
CA LYS O 224 27.54 -50.15 12.13
C LYS O 224 27.00 -51.56 12.23
N GLU O 225 26.80 -52.19 11.07
CA GLU O 225 26.40 -53.58 10.98
C GLU O 225 27.30 -54.28 9.97
N THR O 226 27.14 -55.59 9.85
CA THR O 226 27.96 -56.39 8.95
C THR O 226 27.23 -56.59 7.64
N GLU O 227 27.95 -56.42 6.53
CA GLU O 227 27.36 -56.62 5.21
C GLU O 227 26.93 -58.06 5.01
N GLY O 228 27.77 -59.02 5.43
CA GLY O 228 27.50 -60.41 5.20
C GLY O 228 26.62 -61.02 6.27
N ASP O 229 26.38 -62.32 6.13
CA ASP O 229 25.59 -63.06 7.11
C ASP O 229 26.43 -63.60 8.26
N VAL O 230 27.75 -63.52 8.17
CA VAL O 230 28.62 -63.90 9.27
C VAL O 230 28.66 -62.75 10.28
N THR O 231 28.37 -63.06 11.54
CA THR O 231 28.22 -62.03 12.57
C THR O 231 29.13 -62.25 13.77
N SER O 232 30.05 -63.21 13.71
CA SER O 232 30.91 -63.48 14.86
C SER O 232 32.14 -64.24 14.39
N VAL O 233 33.31 -63.81 14.86
CA VAL O 233 34.58 -64.46 14.56
C VAL O 233 35.36 -64.58 15.87
N LYS O 234 36.04 -65.72 16.05
CA LYS O 234 36.75 -65.99 17.29
C LYS O 234 38.25 -65.80 17.21
N ASP O 235 38.84 -65.96 16.03
CA ASP O 235 40.28 -65.82 15.83
C ASP O 235 40.57 -64.94 14.62
N ALA O 236 39.96 -63.77 14.61
CA ALA O 236 39.91 -62.91 13.43
C ALA O 236 41.29 -62.72 12.80
N LYS O 237 41.28 -62.59 11.48
CA LYS O 237 42.45 -62.39 10.64
C LYS O 237 42.21 -61.24 9.67
N ILE O 238 41.80 -60.10 10.23
CA ILE O 238 41.31 -58.98 9.43
C ILE O 238 42.29 -58.63 8.33
N ALA O 239 41.76 -58.45 7.12
CA ALA O 239 42.51 -57.92 5.99
C ALA O 239 41.83 -56.64 5.54
N VAL O 240 42.50 -55.51 5.76
CA VAL O 240 41.91 -54.19 5.52
C VAL O 240 42.25 -53.75 4.10
N TYR O 241 41.24 -53.31 3.36
CA TYR O 241 41.40 -52.82 2.01
C TYR O 241 40.90 -51.39 1.93
N SER O 242 41.73 -50.50 1.41
CA SER O 242 41.33 -49.11 1.19
C SER O 242 40.52 -48.92 -0.09
N CYS O 243 40.37 -49.97 -0.88
CA CYS O 243 39.63 -50.00 -2.13
C CYS O 243 38.27 -50.66 -1.92
N PRO O 244 37.26 -50.28 -2.71
CA PRO O 244 35.95 -50.92 -2.59
C PRO O 244 36.03 -52.41 -2.93
N PHE O 245 35.21 -53.20 -2.24
CA PHE O 245 35.19 -54.64 -2.43
C PHE O 245 34.46 -54.96 -3.74
N ASP O 246 35.15 -54.68 -4.85
CA ASP O 246 34.60 -54.92 -6.17
C ASP O 246 35.76 -54.99 -7.15
N GLY O 247 35.50 -55.60 -8.30
CA GLY O 247 36.50 -55.66 -9.35
C GLY O 247 36.94 -54.28 -9.80
N MET O 248 38.23 -54.01 -9.79
CA MET O 248 38.73 -52.69 -10.12
C MET O 248 38.50 -52.38 -11.60
N ILE O 249 38.30 -51.10 -11.89
CA ILE O 249 37.94 -50.64 -13.22
C ILE O 249 38.99 -49.65 -13.70
N THR O 250 38.98 -49.39 -15.00
CA THR O 250 39.84 -48.38 -15.58
C THR O 250 39.43 -46.99 -15.09
N GLU O 251 40.30 -46.01 -15.30
CA GLU O 251 40.06 -44.68 -14.79
C GLU O 251 39.76 -43.65 -15.86
N THR O 252 40.20 -43.85 -17.11
CA THR O 252 39.82 -42.93 -18.17
C THR O 252 38.40 -43.19 -18.64
N LYS O 253 38.15 -44.36 -19.23
CA LYS O 253 36.81 -44.74 -19.64
C LYS O 253 36.76 -46.22 -19.99
N GLY O 254 35.86 -46.96 -19.36
CA GLY O 254 35.75 -48.38 -19.63
C GLY O 254 34.55 -48.72 -20.49
N THR O 255 34.78 -49.16 -21.72
CA THR O 255 33.72 -49.57 -22.63
C THR O 255 33.90 -51.03 -22.99
N VAL O 256 32.85 -51.81 -22.80
CA VAL O 256 32.88 -53.23 -23.15
C VAL O 256 32.49 -53.36 -24.62
N LEU O 257 33.43 -53.81 -25.44
CA LEU O 257 33.23 -53.92 -26.88
C LEU O 257 32.94 -55.38 -27.22
N ILE O 258 31.74 -55.63 -27.74
CA ILE O 258 31.32 -56.97 -28.13
C ILE O 258 31.17 -56.99 -29.64
N LYS O 259 31.83 -57.95 -30.29
CA LYS O 259 31.76 -58.10 -31.73
C LYS O 259 31.24 -59.46 -32.17
N THR O 260 31.15 -60.44 -31.27
CA THR O 260 30.62 -61.75 -31.59
C THR O 260 29.68 -62.19 -30.48
N ALA O 261 28.80 -63.14 -30.82
CA ALA O 261 27.84 -63.64 -29.84
C ALA O 261 28.53 -64.36 -28.69
N GLU O 262 29.64 -65.06 -28.97
CA GLU O 262 30.32 -65.81 -27.92
C GLU O 262 30.84 -64.88 -26.83
N GLU O 263 31.40 -63.74 -27.21
CA GLU O 263 31.90 -62.80 -26.21
C GLU O 263 30.77 -62.28 -25.34
N LEU O 264 29.61 -61.98 -25.94
CA LEU O 264 28.47 -61.52 -25.18
C LEU O 264 27.99 -62.60 -24.22
N MET O 265 27.98 -63.85 -24.66
CA MET O 265 27.51 -64.94 -23.81
C MET O 265 28.50 -65.28 -22.71
N ASN O 266 29.77 -64.99 -22.90
CA ASN O 266 30.79 -65.39 -21.93
C ASN O 266 31.27 -64.26 -21.02
N PHE O 267 30.91 -63.01 -21.31
CA PHE O 267 31.46 -61.89 -20.55
C PHE O 267 31.07 -61.94 -19.08
N SER O 268 29.77 -62.09 -18.81
CA SER O 268 29.30 -62.11 -17.42
C SER O 268 29.85 -63.29 -16.66
N LYS O 269 29.88 -64.46 -17.30
CA LYS O 269 30.44 -65.65 -16.66
C LYS O 269 31.91 -65.44 -16.34
N GLY O 270 32.66 -64.85 -17.26
CA GLY O 270 34.07 -64.60 -17.00
C GLY O 270 34.30 -63.63 -15.86
N GLU O 271 33.51 -62.56 -15.81
CA GLU O 271 33.65 -61.60 -14.72
C GLU O 271 33.31 -62.25 -13.38
N GLU O 272 32.24 -63.04 -13.34
CA GLU O 272 31.87 -63.74 -12.11
C GLU O 272 32.98 -64.70 -11.68
N ASN O 273 33.53 -65.47 -12.61
CA ASN O 273 34.58 -66.42 -12.27
C ASN O 273 35.83 -65.69 -11.76
N LEU O 274 36.17 -64.58 -12.40
CA LEU O 274 37.33 -63.81 -11.95
C LEU O 274 37.14 -63.30 -10.53
N MET O 275 35.95 -62.75 -10.23
CA MET O 275 35.75 -62.22 -8.89
C MET O 275 35.70 -63.35 -7.85
N ASP O 276 35.13 -64.50 -8.22
CA ASP O 276 35.16 -65.66 -7.34
C ASP O 276 36.58 -66.09 -7.05
N ALA O 277 37.43 -66.12 -8.08
CA ALA O 277 38.83 -66.49 -7.87
C ALA O 277 39.52 -65.50 -6.96
N GLN O 278 39.23 -64.20 -7.13
CA GLN O 278 39.86 -63.19 -6.27
C GLN O 278 39.45 -63.38 -4.82
N VAL O 279 38.16 -63.59 -4.57
CA VAL O 279 37.70 -63.75 -3.19
C VAL O 279 38.24 -65.04 -2.59
N LYS O 280 38.31 -66.12 -3.38
CA LYS O 280 38.88 -67.35 -2.87
C LYS O 280 40.36 -67.19 -2.56
N ALA O 281 41.09 -66.45 -3.39
CA ALA O 281 42.50 -66.19 -3.10
C ALA O 281 42.65 -65.39 -1.81
N ILE O 282 41.76 -64.42 -1.58
CA ILE O 282 41.80 -63.68 -0.34
C ILE O 282 41.54 -64.60 0.85
N ALA O 283 40.54 -65.47 0.72
CA ALA O 283 40.19 -66.36 1.84
C ALA O 283 41.24 -67.43 2.09
N ASP O 284 42.01 -67.79 1.06
CA ASP O 284 43.01 -68.85 1.22
C ASP O 284 44.15 -68.45 2.14
N THR O 285 44.34 -67.16 2.38
CA THR O 285 45.39 -66.70 3.28
C THR O 285 45.01 -66.88 4.75
N GLY O 286 43.91 -67.56 5.04
CA GLY O 286 43.44 -67.72 6.39
C GLY O 286 42.59 -66.58 6.89
N ALA O 287 42.42 -65.52 6.12
CA ALA O 287 41.61 -64.38 6.55
C ALA O 287 40.15 -64.78 6.66
N ASN O 288 39.49 -64.26 7.69
CA ASN O 288 38.07 -64.49 7.89
C ASN O 288 37.29 -63.21 8.17
N VAL O 289 37.96 -62.06 8.26
CA VAL O 289 37.31 -60.77 8.37
C VAL O 289 37.92 -59.85 7.32
N VAL O 290 37.08 -59.20 6.53
CA VAL O 290 37.52 -58.27 5.50
C VAL O 290 36.87 -56.92 5.78
N VAL O 291 37.69 -55.89 5.90
CA VAL O 291 37.23 -54.53 6.14
C VAL O 291 37.60 -53.70 4.91
N THR O 292 36.59 -53.12 4.28
CA THR O 292 36.78 -52.31 3.08
C THR O 292 36.36 -50.88 3.36
N GLY O 293 37.00 -49.95 2.65
CA GLY O 293 36.70 -48.54 2.82
C GLY O 293 35.64 -48.04 1.86
N GLY O 294 35.37 -48.81 0.81
CA GLY O 294 34.43 -48.42 -0.21
C GLY O 294 33.18 -49.28 -0.21
N LYS O 295 32.49 -49.26 -1.35
CA LYS O 295 31.27 -50.03 -1.51
C LYS O 295 31.58 -51.51 -1.65
N VAL O 296 30.55 -52.34 -1.49
CA VAL O 296 30.65 -53.78 -1.64
C VAL O 296 29.73 -54.22 -2.76
N ALA O 297 30.29 -54.91 -3.76
CA ALA O 297 29.49 -55.41 -4.86
C ALA O 297 28.64 -56.60 -4.41
N ASP O 298 27.52 -56.79 -5.10
CA ASP O 298 26.61 -57.87 -4.74
C ASP O 298 27.25 -59.23 -4.94
N MET O 299 27.93 -59.44 -6.07
CA MET O 299 28.63 -60.69 -6.30
C MET O 299 29.76 -60.88 -5.31
N ALA O 300 30.44 -59.79 -4.94
CA ALA O 300 31.47 -59.85 -3.93
C ALA O 300 30.89 -60.32 -2.60
N LEU O 301 29.75 -59.77 -2.20
CA LEU O 301 29.12 -60.19 -0.96
C LEU O 301 28.67 -61.64 -1.03
N HIS O 302 28.14 -62.06 -2.18
CA HIS O 302 27.79 -63.46 -2.37
C HIS O 302 28.97 -64.38 -2.14
N TYR O 303 30.10 -64.09 -2.79
CA TYR O 303 31.23 -65.00 -2.69
C TYR O 303 31.91 -64.92 -1.34
N ALA O 304 31.82 -63.77 -0.67
CA ALA O 304 32.31 -63.68 0.70
C ALA O 304 31.45 -64.51 1.64
N ASN O 305 30.13 -64.48 1.46
CA ASN O 305 29.25 -65.30 2.28
C ASN O 305 29.49 -66.78 2.02
N LYS O 306 29.76 -67.15 0.77
CA LYS O 306 29.99 -68.55 0.44
C LYS O 306 31.23 -69.10 1.15
N TYR O 307 32.25 -68.27 1.35
CA TYR O 307 33.49 -68.69 1.98
C TYR O 307 33.57 -68.32 3.45
N ASN O 308 32.46 -67.84 4.04
CA ASN O 308 32.38 -67.52 5.46
C ASN O 308 33.41 -66.47 5.85
N ILE O 309 33.24 -65.28 5.28
CA ILE O 309 34.11 -64.13 5.56
C ILE O 309 33.25 -63.01 6.10
N MET O 310 33.64 -62.47 7.25
CA MET O 310 32.95 -61.32 7.83
C MET O 310 33.28 -60.06 7.05
N LEU O 311 32.26 -59.23 6.83
CA LEU O 311 32.41 -57.98 6.09
C LEU O 311 32.05 -56.80 6.98
N VAL O 312 32.95 -55.82 7.05
CA VAL O 312 32.70 -54.55 7.71
C VAL O 312 33.06 -53.44 6.73
N ARG O 313 32.18 -52.47 6.58
CA ARG O 313 32.37 -51.37 5.64
C ARG O 313 32.49 -50.07 6.41
N LEU O 314 33.69 -49.49 6.41
CA LEU O 314 33.96 -48.23 7.10
C LEU O 314 34.00 -47.10 6.08
N ASN O 315 33.08 -46.15 6.22
CA ASN O 315 32.97 -45.08 5.24
C ASN O 315 34.13 -44.09 5.37
N SER O 316 34.46 -43.70 6.60
CA SER O 316 35.48 -42.68 6.82
C SER O 316 36.87 -43.28 6.80
N LYS O 317 37.82 -42.52 6.25
CA LYS O 317 39.20 -43.00 6.16
C LYS O 317 39.89 -42.96 7.51
N TRP O 318 39.50 -42.02 8.39
CA TRP O 318 40.09 -41.97 9.73
C TRP O 318 39.77 -43.23 10.52
N ASP O 319 38.54 -43.72 10.42
CA ASP O 319 38.21 -44.98 11.09
C ASP O 319 39.02 -46.14 10.52
N LEU O 320 39.23 -46.15 9.20
CA LEU O 320 40.04 -47.19 8.60
C LEU O 320 41.47 -47.17 9.14
N ARG O 321 42.05 -45.97 9.22
CA ARG O 321 43.42 -45.84 9.73
C ARG O 321 43.49 -46.24 11.19
N ARG O 322 42.49 -45.85 11.99
CA ARG O 322 42.48 -46.22 13.39
C ARG O 322 42.37 -47.73 13.57
N LEU O 323 41.53 -48.38 12.75
CA LEU O 323 41.43 -49.83 12.81
C LEU O 323 42.73 -50.50 12.41
N CYS O 324 43.38 -49.97 11.38
CA CYS O 324 44.69 -50.51 10.99
C CYS O 324 45.69 -50.39 12.12
N LYS O 325 45.68 -49.26 12.82
CA LYS O 325 46.57 -49.08 13.96
C LYS O 325 46.26 -50.06 15.08
N THR O 326 44.98 -50.24 15.40
CA THR O 326 44.61 -51.05 16.56
C THR O 326 44.67 -52.55 16.28
N VAL O 327 44.67 -52.97 15.02
CA VAL O 327 44.71 -54.40 14.70
C VAL O 327 46.11 -54.76 14.21
N GLY O 328 46.80 -53.80 13.62
CA GLY O 328 48.11 -54.03 13.06
C GLY O 328 48.14 -54.41 11.60
N ALA O 329 47.08 -54.13 10.86
CA ALA O 329 46.99 -54.46 9.45
C ALA O 329 47.50 -53.31 8.60
N THR O 330 47.62 -53.56 7.30
CA THR O 330 48.03 -52.57 6.33
C THR O 330 46.92 -52.36 5.31
N ALA O 331 46.52 -51.12 5.10
CA ALA O 331 45.42 -50.81 4.20
C ALA O 331 45.89 -51.05 2.77
N LEU O 332 45.52 -52.20 2.22
CA LEU O 332 45.95 -52.54 0.87
C LEU O 332 45.18 -51.70 -0.15
N PRO O 333 45.85 -51.22 -1.20
CA PRO O 333 45.15 -50.39 -2.19
C PRO O 333 44.48 -51.20 -3.28
N ARG O 334 44.93 -52.43 -3.47
CA ARG O 334 44.36 -53.35 -4.45
C ARG O 334 43.54 -54.41 -3.73
N LEU O 335 43.03 -55.37 -4.49
CA LEU O 335 42.26 -56.48 -3.95
C LEU O 335 43.08 -57.77 -3.89
N THR O 336 44.40 -57.66 -3.98
CA THR O 336 45.24 -58.85 -3.91
C THR O 336 45.22 -59.43 -2.49
N PRO O 337 45.43 -60.74 -2.37
CA PRO O 337 45.49 -61.35 -1.03
C PRO O 337 46.59 -60.74 -0.20
N PRO O 338 46.37 -60.56 1.10
CA PRO O 338 47.39 -59.94 1.94
C PRO O 338 48.48 -60.92 2.33
N VAL O 339 49.72 -60.43 2.30
CA VAL O 339 50.87 -61.22 2.74
C VAL O 339 50.81 -61.34 4.26
N LEU O 340 51.66 -62.20 4.82
CA LEU O 340 51.57 -62.52 6.24
C LEU O 340 51.79 -61.29 7.12
N GLU O 341 52.76 -60.45 6.75
CA GLU O 341 53.07 -59.29 7.58
C GLU O 341 51.95 -58.26 7.57
N GLU O 342 51.27 -58.09 6.44
CA GLU O 342 50.19 -57.12 6.34
C GLU O 342 48.88 -57.62 6.94
N MET O 343 48.81 -58.88 7.33
CA MET O 343 47.59 -59.42 7.92
C MET O 343 47.37 -58.84 9.31
N GLY O 344 46.15 -58.39 9.58
CA GLY O 344 45.80 -57.87 10.88
C GLY O 344 45.15 -58.96 11.73
N HIS O 345 45.49 -58.97 13.01
CA HIS O 345 45.01 -59.99 13.94
C HIS O 345 44.34 -59.31 15.12
N CYS O 346 43.08 -59.65 15.36
CA CYS O 346 42.35 -59.24 16.55
C CYS O 346 41.81 -60.49 17.23
N ASP O 347 41.77 -60.46 18.56
CA ASP O 347 41.48 -61.68 19.30
C ASP O 347 40.00 -62.07 19.22
N SER O 348 39.11 -61.13 18.92
CA SER O 348 37.69 -61.45 18.80
C SER O 348 36.98 -60.31 18.09
N VAL O 349 36.26 -60.64 17.02
CA VAL O 349 35.41 -59.69 16.32
C VAL O 349 34.00 -60.27 16.26
N TYR O 350 33.01 -59.47 16.63
CA TYR O 350 31.64 -59.96 16.67
C TYR O 350 30.69 -58.78 16.53
N LEU O 351 29.45 -59.10 16.19
CA LEU O 351 28.37 -58.13 16.13
C LEU O 351 27.58 -58.19 17.42
N SER O 352 27.51 -57.08 18.14
CA SER O 352 26.79 -56.99 19.40
C SER O 352 25.68 -55.98 19.29
N GLU O 353 25.00 -55.73 20.40
CA GLU O 353 23.86 -54.82 20.43
C GLU O 353 23.77 -54.22 21.83
N VAL O 354 24.26 -52.99 21.97
CA VAL O 354 24.25 -52.28 23.25
C VAL O 354 23.08 -51.30 23.23
N GLY O 355 22.22 -51.40 24.24
CA GLY O 355 21.01 -50.61 24.25
C GLY O 355 20.08 -51.03 23.12
N ASP O 356 19.91 -50.17 22.13
CA ASP O 356 19.25 -50.54 20.88
C ASP O 356 20.13 -50.31 19.67
N THR O 357 21.42 -50.09 19.87
CA THR O 357 22.34 -49.77 18.79
C THR O 357 23.14 -51.01 18.41
N GLN O 358 23.22 -51.29 17.12
CA GLN O 358 24.06 -52.37 16.62
C GLN O 358 25.50 -51.89 16.51
N VAL O 359 26.43 -52.65 17.05
CA VAL O 359 27.84 -52.28 17.04
C VAL O 359 28.66 -53.47 16.57
N VAL O 360 29.84 -53.16 16.03
CA VAL O 360 30.83 -54.16 15.65
C VAL O 360 32.04 -53.93 16.54
N VAL O 361 32.46 -54.98 17.25
CA VAL O 361 33.45 -54.85 18.32
C VAL O 361 34.71 -55.59 17.89
N PHE O 362 35.84 -54.88 17.90
CA PHE O 362 37.16 -55.47 17.69
C PHE O 362 37.83 -55.54 19.06
N LYS O 363 37.78 -56.71 19.68
CA LYS O 363 38.13 -56.88 21.08
C LYS O 363 39.43 -57.63 21.23
N HIS O 364 40.34 -57.10 22.03
CA HIS O 364 41.56 -57.77 22.43
C HIS O 364 41.44 -58.30 23.84
N GLU O 365 41.93 -59.51 24.07
CA GLU O 365 41.98 -60.02 25.44
C GLU O 365 43.19 -59.51 26.19
N LYS O 366 44.26 -59.14 25.50
CA LYS O 366 45.42 -58.57 26.15
C LYS O 366 45.13 -57.13 26.59
N GLU O 367 45.84 -56.69 27.62
CA GLU O 367 45.67 -55.33 28.15
C GLU O 367 46.63 -54.34 27.49
N ASP O 368 46.68 -54.39 26.17
CA ASP O 368 47.58 -53.53 25.40
C ASP O 368 46.96 -53.27 24.03
N GLY O 369 47.75 -52.74 23.12
CA GLY O 369 47.34 -52.38 21.78
C GLY O 369 47.74 -50.96 21.48
N ALA O 370 47.25 -50.44 20.36
CA ALA O 370 47.55 -49.07 19.96
C ALA O 370 46.40 -48.12 20.20
N ILE O 371 45.17 -48.62 20.31
CA ILE O 371 43.99 -47.78 20.50
C ILE O 371 43.10 -48.44 21.54
N SER O 372 42.60 -47.63 22.48
CA SER O 372 41.67 -48.09 23.50
C SER O 372 40.40 -47.25 23.43
N THR O 373 39.25 -47.89 23.59
CA THR O 373 37.96 -47.24 23.44
C THR O 373 37.22 -47.24 24.77
N ILE O 374 36.64 -46.09 25.11
CA ILE O 374 35.81 -45.94 26.30
C ILE O 374 34.36 -45.93 25.85
N VAL O 375 33.58 -46.91 26.29
CA VAL O 375 32.17 -46.99 25.96
C VAL O 375 31.38 -46.26 27.03
N LEU O 376 30.72 -45.18 26.63
CA LEU O 376 29.98 -44.32 27.56
C LEU O 376 28.50 -44.64 27.48
N ARG O 377 27.91 -44.99 28.61
CA ARG O 377 26.47 -45.16 28.73
C ARG O 377 25.88 -43.95 29.45
N GLY O 378 24.59 -43.72 29.22
CA GLY O 378 23.92 -42.60 29.84
C GLY O 378 22.46 -42.59 29.47
N SER O 379 21.75 -41.63 30.05
CA SER O 379 20.32 -41.46 29.80
C SER O 379 20.01 -40.17 29.06
N THR O 380 21.02 -39.39 28.69
CA THR O 380 20.80 -38.16 27.95
C THR O 380 22.03 -37.89 27.08
N ASP O 381 21.79 -37.35 25.88
CA ASP O 381 22.89 -37.03 24.99
C ASP O 381 23.80 -35.97 25.58
N ASN O 382 23.21 -34.94 26.18
CA ASN O 382 24.01 -33.87 26.78
C ASN O 382 24.85 -34.39 27.94
N LEU O 383 24.29 -35.29 28.75
CA LEU O 383 25.02 -35.84 29.87
C LEU O 383 26.23 -36.65 29.38
N MET O 384 26.04 -37.46 28.34
CA MET O 384 27.16 -38.19 27.78
C MET O 384 28.19 -37.26 27.15
N ASP O 385 27.74 -36.15 26.56
CA ASP O 385 28.69 -35.17 26.04
C ASP O 385 29.53 -34.57 27.16
N ASP O 386 28.91 -34.28 28.30
CA ASP O 386 29.68 -33.78 29.44
C ASP O 386 30.67 -34.83 29.96
N ILE O 387 30.23 -36.09 30.04
CA ILE O 387 31.16 -37.13 30.45
C ILE O 387 32.31 -37.24 29.47
N GLU O 388 32.03 -37.08 28.17
CA GLU O 388 33.08 -37.10 27.17
C GLU O 388 34.06 -35.95 27.38
N ARG O 389 33.55 -34.74 27.66
CA ARG O 389 34.42 -33.60 27.88
C ARG O 389 35.31 -33.83 29.11
N ALA O 390 34.74 -34.40 30.17
CA ALA O 390 35.56 -34.75 31.33
C ALA O 390 36.62 -35.78 30.95
N VAL O 391 36.28 -36.71 30.05
CA VAL O 391 37.25 -37.69 29.59
C VAL O 391 38.39 -37.02 28.86
N ASP O 392 38.09 -36.06 27.98
CA ASP O 392 39.16 -35.35 27.29
C ASP O 392 40.02 -34.57 28.27
N ASP O 393 39.40 -33.96 29.28
CA ASP O 393 40.18 -33.24 30.28
C ASP O 393 41.12 -34.18 31.03
N GLY O 394 40.64 -35.37 31.40
CA GLY O 394 41.50 -36.32 32.07
C GLY O 394 42.63 -36.82 31.19
N VAL O 395 42.32 -37.07 29.90
CA VAL O 395 43.36 -37.53 28.98
C VAL O 395 44.41 -36.45 28.78
N ASN O 396 43.99 -35.19 28.66
CA ASN O 396 44.94 -34.09 28.53
C ASN O 396 45.78 -33.94 29.79
N THR O 397 45.18 -34.19 30.96
CA THR O 397 45.95 -34.17 32.19
C THR O 397 47.01 -35.27 32.18
N PHE O 398 46.64 -36.46 31.71
CA PHE O 398 47.63 -37.53 31.58
C PHE O 398 48.75 -37.15 30.62
N LYS O 399 48.40 -36.52 29.50
CA LYS O 399 49.41 -36.08 28.54
C LYS O 399 50.36 -35.07 29.16
N VAL O 400 49.82 -34.11 29.91
CA VAL O 400 50.65 -33.12 30.58
C VAL O 400 51.57 -33.79 31.58
N LEU O 401 51.03 -34.75 32.35
CA LEU O 401 51.85 -35.46 33.32
C LEU O 401 52.99 -36.22 32.65
N THR O 402 52.72 -36.79 31.47
CA THR O 402 53.79 -37.42 30.71
C THR O 402 54.83 -36.41 30.28
N ARG O 403 54.39 -35.22 29.83
CA ARG O 403 55.34 -34.19 29.42
C ARG O 403 56.11 -33.63 30.62
N ASP O 404 55.42 -33.37 31.73
CA ASP O 404 56.04 -32.81 32.93
C ASP O 404 55.38 -33.44 34.14
N LYS O 405 56.18 -34.07 35.00
CA LYS O 405 55.65 -34.83 36.13
C LYS O 405 55.40 -33.98 37.38
N ARG O 406 55.85 -32.73 37.40
CA ARG O 406 55.73 -31.91 38.59
C ARG O 406 54.30 -31.48 38.84
N LEU O 407 53.90 -31.47 40.10
CA LEU O 407 52.55 -31.09 40.51
C LEU O 407 52.64 -30.01 41.59
N VAL O 408 51.59 -29.21 41.69
CA VAL O 408 51.51 -28.14 42.67
C VAL O 408 50.21 -28.31 43.45
N PRO O 409 50.13 -27.84 44.69
CA PRO O 409 48.89 -28.02 45.46
C PRO O 409 47.75 -27.19 44.87
N GLY O 410 46.59 -27.82 44.78
CA GLY O 410 45.40 -27.17 44.26
C GLY O 410 44.57 -26.54 45.35
N GLY O 411 43.30 -26.32 45.03
CA GLY O 411 42.38 -25.75 46.00
C GLY O 411 42.75 -24.36 46.47
N GLY O 412 43.33 -23.55 45.58
CA GLY O 412 43.69 -22.19 45.92
C GLY O 412 44.96 -22.04 46.73
N ALA O 413 45.62 -23.13 47.09
CA ALA O 413 46.85 -23.02 47.87
C ALA O 413 47.96 -22.37 47.07
N THR O 414 48.15 -22.81 45.83
CA THR O 414 49.23 -22.27 45.01
C THR O 414 49.01 -20.79 44.73
N GLU O 415 47.78 -20.39 44.46
CA GLU O 415 47.50 -18.98 44.18
C GLU O 415 47.76 -18.12 45.40
N ILE O 416 47.37 -18.59 46.58
CA ILE O 416 47.61 -17.81 47.80
C ILE O 416 49.11 -17.70 48.07
N GLU O 417 49.85 -18.80 47.90
CA GLU O 417 51.28 -18.73 48.12
C GLU O 417 51.95 -17.79 47.14
N LEU O 418 51.54 -17.85 45.86
CA LEU O 418 52.08 -16.93 44.86
C LEU O 418 51.77 -15.49 45.21
N ALA O 419 50.52 -15.22 45.64
CA ALA O 419 50.15 -13.85 46.00
C ALA O 419 50.98 -13.35 47.16
N LYS O 420 51.17 -14.19 48.19
CA LYS O 420 51.95 -13.78 49.34
C LYS O 420 53.40 -13.48 48.95
N GLN O 421 54.00 -14.38 48.15
CA GLN O 421 55.40 -14.17 47.78
C GLN O 421 55.58 -12.94 46.89
N ILE O 422 54.66 -12.74 45.94
CA ILE O 422 54.79 -11.58 45.05
C ILE O 422 54.56 -10.28 45.82
N THR O 423 53.61 -10.29 46.76
CA THR O 423 53.40 -9.11 47.60
C THR O 423 54.65 -8.82 48.43
N SER O 424 55.27 -9.85 48.99
CA SER O 424 56.50 -9.65 49.75
C SER O 424 57.60 -9.09 48.86
N TYR O 425 57.71 -9.58 47.63
CA TYR O 425 58.73 -9.08 46.72
C TYR O 425 58.47 -7.62 46.35
N GLY O 426 57.21 -7.27 46.11
CA GLY O 426 56.89 -5.91 45.68
C GLY O 426 57.20 -4.85 46.70
N GLU O 427 57.25 -5.21 47.99
CA GLU O 427 57.62 -4.25 49.01
C GLU O 427 59.06 -3.80 48.84
N THR O 428 59.96 -4.73 48.50
CA THR O 428 61.38 -4.40 48.39
C THR O 428 61.64 -3.42 47.25
N CYS O 429 61.03 -3.65 46.10
CA CYS O 429 61.34 -2.83 44.93
C CYS O 429 60.71 -1.45 45.07
N PRO O 430 61.49 -0.37 44.92
CA PRO O 430 60.90 0.96 44.97
C PRO O 430 60.35 1.38 43.61
N GLY O 431 59.89 2.61 43.49
CA GLY O 431 59.36 3.10 42.23
C GLY O 431 57.87 2.84 42.08
N LEU O 432 57.34 3.34 40.96
CA LEU O 432 55.91 3.25 40.72
C LEU O 432 55.47 1.84 40.36
N GLU O 433 56.39 0.96 39.95
CA GLU O 433 56.03 -0.39 39.57
C GLU O 433 55.60 -1.24 40.76
N GLN O 434 55.86 -0.79 41.99
CA GLN O 434 55.46 -1.58 43.15
C GLN O 434 53.94 -1.69 43.25
N TYR O 435 53.22 -0.64 42.86
CA TYR O 435 51.76 -0.70 42.88
C TYR O 435 51.26 -1.76 41.91
N ALA O 436 51.82 -1.79 40.69
CA ALA O 436 51.40 -2.79 39.71
C ALA O 436 51.76 -4.19 40.17
N ILE O 437 52.94 -4.36 40.79
CA ILE O 437 53.33 -5.67 41.29
C ILE O 437 52.37 -6.14 42.39
N LYS O 438 52.04 -5.24 43.31
CA LYS O 438 51.12 -5.60 44.39
C LYS O 438 49.74 -5.94 43.84
N LYS O 439 49.28 -5.20 42.84
CA LYS O 439 47.98 -5.51 42.24
C LYS O 439 48.02 -6.85 41.52
N PHE O 440 49.13 -7.16 40.84
CA PHE O 440 49.27 -8.47 40.21
C PHE O 440 49.20 -9.57 41.26
N ALA O 441 49.86 -9.37 42.39
CA ALA O 441 49.80 -10.36 43.46
C ALA O 441 48.37 -10.51 43.98
N GLU O 442 47.68 -9.38 44.20
CA GLU O 442 46.32 -9.42 44.73
C GLU O 442 45.36 -10.10 43.76
N ALA O 443 45.62 -10.00 42.45
CA ALA O 443 44.76 -10.64 41.46
C ALA O 443 44.72 -12.16 41.63
N PHE O 444 45.71 -12.75 42.28
CA PHE O 444 45.69 -14.18 42.54
C PHE O 444 44.59 -14.57 43.53
N GLU O 445 44.09 -13.62 44.31
CA GLU O 445 43.04 -13.92 45.27
C GLU O 445 41.71 -14.29 44.60
N ALA O 446 41.57 -14.01 43.31
CA ALA O 446 40.30 -14.28 42.64
C ALA O 446 40.01 -15.78 42.54
N ILE O 447 41.03 -16.62 42.60
CA ILE O 447 40.83 -18.07 42.48
C ILE O 447 40.23 -18.62 43.77
N PRO O 448 40.86 -18.44 44.94
CA PRO O 448 40.21 -18.91 46.17
C PRO O 448 38.90 -18.19 46.44
N ARG O 449 38.79 -16.92 46.05
CA ARG O 449 37.53 -16.20 46.23
C ARG O 449 36.42 -16.84 45.40
N ALA O 450 36.72 -17.18 44.15
CA ALA O 450 35.72 -17.84 43.32
C ALA O 450 35.36 -19.22 43.86
N LEU O 451 36.37 -19.96 44.33
CA LEU O 451 36.09 -21.28 44.88
C LEU O 451 35.20 -21.19 46.12
N ALA O 452 35.49 -20.24 47.00
CA ALA O 452 34.68 -20.08 48.21
C ALA O 452 33.27 -19.60 47.87
N GLU O 453 33.15 -18.70 46.90
CA GLU O 453 31.82 -18.22 46.50
C GLU O 453 30.99 -19.36 45.93
N ASN O 454 31.60 -20.19 45.08
CA ASN O 454 30.87 -21.31 44.49
C ASN O 454 30.51 -22.35 45.55
N SER O 455 31.41 -22.60 46.50
CA SER O 455 31.15 -23.59 47.53
C SER O 455 30.06 -23.14 48.50
N GLY O 456 29.70 -21.87 48.50
CA GLY O 456 28.63 -21.36 49.34
C GLY O 456 29.05 -20.75 50.66
N VAL O 457 30.33 -20.45 50.84
CA VAL O 457 30.80 -19.86 52.09
C VAL O 457 31.30 -18.44 51.83
N LYS O 458 31.67 -17.73 52.89
CA LYS O 458 32.19 -16.38 52.76
C LYS O 458 33.65 -16.43 52.32
N ALA O 459 33.96 -15.68 51.27
CA ALA O 459 35.31 -15.73 50.70
C ALA O 459 36.32 -14.99 51.57
N ASN O 460 35.91 -13.92 52.25
CA ASN O 460 36.85 -13.14 53.03
C ASN O 460 37.43 -13.94 54.19
N GLU O 461 36.58 -14.71 54.88
CA GLU O 461 37.07 -15.55 55.96
C GLU O 461 38.05 -16.60 55.44
N VAL O 462 37.74 -17.20 54.29
CA VAL O 462 38.63 -18.20 53.70
C VAL O 462 39.98 -17.58 53.36
N ILE O 463 39.97 -16.39 52.76
CA ILE O 463 41.22 -15.75 52.38
C ILE O 463 42.03 -15.36 53.61
N SER O 464 41.37 -14.85 54.65
CA SER O 464 42.08 -14.50 55.87
C SER O 464 42.71 -15.73 56.51
N LYS O 465 41.96 -16.84 56.57
CA LYS O 465 42.51 -18.07 57.12
C LYS O 465 43.68 -18.57 56.29
N LEU O 466 43.58 -18.48 54.98
CA LEU O 466 44.67 -18.93 54.11
C LEU O 466 45.93 -18.09 54.33
N TYR O 467 45.78 -16.77 54.42
CA TYR O 467 46.93 -15.93 54.73
C TYR O 467 47.53 -16.25 56.09
N ALA O 468 46.67 -16.47 57.10
CA ALA O 468 47.20 -16.79 58.43
C ALA O 468 48.00 -18.09 58.39
N VAL O 469 47.45 -19.11 57.74
CA VAL O 469 48.12 -20.41 57.69
C VAL O 469 49.43 -20.31 56.91
N HIS O 470 49.41 -19.60 55.77
CA HIS O 470 50.63 -19.50 54.98
C HIS O 470 51.69 -18.64 55.68
N GLN O 471 51.27 -17.67 56.48
CA GLN O 471 52.22 -16.95 57.30
C GLN O 471 52.81 -17.85 58.38
N GLU O 472 52.01 -18.81 58.88
CA GLU O 472 52.55 -19.77 59.83
C GLU O 472 53.68 -20.58 59.20
N GLY O 473 53.52 -20.99 57.94
CA GLY O 473 54.56 -21.71 57.25
C GLY O 473 54.05 -22.81 56.34
N ASN O 474 52.81 -23.23 56.53
CA ASN O 474 52.23 -24.31 55.74
C ASN O 474 51.81 -23.76 54.38
N LYS O 475 52.49 -24.21 53.32
CA LYS O 475 52.26 -23.70 51.98
C LYS O 475 51.41 -24.65 51.13
N ASN O 476 50.86 -25.70 51.72
CA ASN O 476 50.05 -26.68 51.00
C ASN O 476 48.63 -26.73 51.57
N VAL O 477 48.06 -25.57 51.86
CA VAL O 477 46.77 -25.47 52.53
C VAL O 477 45.82 -24.69 51.65
N GLY O 478 44.66 -25.28 51.37
CA GLY O 478 43.60 -24.62 50.63
C GLY O 478 42.26 -24.83 51.29
N LEU O 479 41.23 -24.24 50.69
CA LEU O 479 39.90 -24.31 51.28
C LEU O 479 39.33 -25.72 51.18
N ASP O 480 38.55 -26.10 52.19
CA ASP O 480 37.91 -27.40 52.27
C ASP O 480 36.49 -27.29 51.73
N ILE O 481 36.18 -28.06 50.69
CA ILE O 481 34.85 -27.99 50.08
C ILE O 481 33.80 -28.60 51.00
N GLU O 482 34.10 -29.77 51.58
CA GLU O 482 33.15 -30.48 52.43
C GLU O 482 33.07 -29.82 53.80
N ALA O 483 32.51 -28.60 53.80
CA ALA O 483 32.36 -27.86 55.04
C ALA O 483 31.28 -26.80 54.85
N GLU O 484 30.43 -26.65 55.86
CA GLU O 484 29.39 -25.64 55.84
C GLU O 484 29.87 -24.31 56.41
N VAL O 485 31.11 -24.24 56.89
CA VAL O 485 31.69 -22.99 57.38
C VAL O 485 33.06 -22.84 56.75
N PRO O 486 33.55 -21.61 56.61
CA PRO O 486 34.88 -21.40 56.02
C PRO O 486 35.97 -22.16 56.76
N ALA O 487 36.57 -23.14 56.10
CA ALA O 487 37.60 -23.96 56.70
C ALA O 487 38.67 -24.26 55.66
N VAL O 488 39.88 -24.56 56.15
CA VAL O 488 41.00 -24.89 55.29
C VAL O 488 41.61 -26.20 55.75
N LYS O 489 42.31 -26.86 54.82
CA LYS O 489 42.95 -28.13 55.12
C LYS O 489 44.12 -28.32 54.18
N ASP O 490 45.00 -29.25 54.55
CA ASP O 490 46.17 -29.54 53.73
C ASP O 490 45.74 -30.18 52.41
N MET O 491 46.31 -29.68 51.32
CA MET O 491 45.95 -30.18 49.98
C MET O 491 46.81 -31.34 49.53
N LEU O 492 48.08 -31.40 49.98
CA LEU O 492 48.93 -32.52 49.60
C LEU O 492 48.42 -33.83 50.19
N GLU O 493 47.99 -33.81 51.46
CA GLU O 493 47.49 -35.02 52.09
C GLU O 493 46.17 -35.47 51.45
N ALA O 494 45.33 -34.52 51.07
CA ALA O 494 44.04 -34.84 50.46
C ALA O 494 44.15 -35.23 48.99
N GLY O 495 45.33 -35.06 48.38
CA GLY O 495 45.48 -35.45 47.00
C GLY O 495 44.89 -34.50 45.99
N ILE O 496 44.51 -33.30 46.42
CA ILE O 496 43.93 -32.30 45.52
C ILE O 496 45.12 -31.56 44.90
N LEU O 497 45.57 -32.05 43.74
CA LEU O 497 46.75 -31.53 43.08
C LEU O 497 46.44 -31.26 41.61
N ASP O 498 47.13 -30.27 41.04
CA ASP O 498 47.00 -29.94 39.64
C ASP O 498 48.38 -29.75 39.03
N THR O 499 48.45 -29.91 37.71
CA THR O 499 49.73 -29.97 37.02
C THR O 499 50.46 -28.63 37.09
N TYR O 500 51.76 -28.69 37.30
CA TYR O 500 52.57 -27.48 37.32
C TYR O 500 52.60 -26.81 35.94
N LEU O 501 52.74 -27.62 34.89
CA LEU O 501 52.83 -27.06 33.55
C LEU O 501 51.55 -26.33 33.17
N GLY O 502 50.40 -26.89 33.53
CA GLY O 502 49.14 -26.23 33.22
C GLY O 502 49.03 -24.87 33.89
N LYS O 503 49.38 -24.80 35.17
CA LYS O 503 49.33 -23.53 35.88
C LYS O 503 50.32 -22.53 35.28
N TYR O 504 51.52 -22.98 34.95
CA TYR O 504 52.52 -22.10 34.35
C TYR O 504 52.01 -21.51 33.04
N TRP O 505 51.50 -22.37 32.16
CA TRP O 505 51.00 -21.89 30.87
C TRP O 505 49.79 -20.97 31.06
N ALA O 506 48.90 -21.30 31.99
CA ALA O 506 47.74 -20.46 32.22
C ALA O 506 48.15 -19.08 32.70
N ILE O 507 49.11 -19.01 33.63
CA ILE O 507 49.58 -17.72 34.13
C ILE O 507 50.19 -16.91 32.99
N LYS O 508 51.05 -17.55 32.19
CA LYS O 508 51.71 -16.84 31.09
C LYS O 508 50.69 -16.30 30.09
N LEU O 509 49.73 -17.13 29.69
CA LEU O 509 48.75 -16.71 28.70
C LEU O 509 47.84 -15.62 29.25
N ALA O 510 47.41 -15.73 30.50
CA ALA O 510 46.56 -14.70 31.09
C ALA O 510 47.28 -13.37 31.17
N THR O 511 48.55 -13.39 31.61
CA THR O 511 49.30 -12.15 31.69
C THR O 511 49.49 -11.54 30.30
N ASN O 512 49.80 -12.36 29.30
CA ASN O 512 49.97 -11.83 27.95
C ASN O 512 48.68 -11.21 27.44
N ALA O 513 47.55 -11.87 27.68
CA ALA O 513 46.28 -11.34 27.21
C ALA O 513 45.95 -10.02 27.90
N ALA O 514 46.17 -9.94 29.21
CA ALA O 514 45.89 -8.69 29.92
C ALA O 514 46.78 -7.56 29.42
N VAL O 515 48.07 -7.83 29.23
CA VAL O 515 48.98 -6.80 28.73
C VAL O 515 48.58 -6.36 27.34
N THR O 516 48.23 -7.31 26.47
CA THR O 516 47.82 -6.96 25.11
C THR O 516 46.57 -6.12 25.10
N VAL O 517 45.61 -6.42 25.98
CA VAL O 517 44.41 -5.59 26.09
C VAL O 517 44.79 -4.19 26.55
N LEU O 518 45.68 -4.09 27.53
CA LEU O 518 46.07 -2.79 28.06
C LEU O 518 46.81 -1.94 27.04
N ARG O 519 47.56 -2.57 26.13
CA ARG O 519 48.36 -1.82 25.17
C ARG O 519 47.51 -0.99 24.22
N VAL O 520 46.35 -1.51 23.82
CA VAL O 520 45.53 -0.84 22.82
C VAL O 520 45.02 0.48 23.35
N ASP O 521 45.15 1.53 22.55
CA ASP O 521 44.71 2.87 22.92
C ASP O 521 43.56 3.34 22.05
N GLN O 522 43.64 3.17 20.74
CA GLN O 522 42.61 3.59 19.81
C GLN O 522 41.96 2.39 19.15
N ILE O 523 40.66 2.49 18.90
CA ILE O 523 39.89 1.45 18.23
C ILE O 523 39.16 2.06 17.04
N ILE O 524 39.33 1.47 15.87
CA ILE O 524 38.64 1.91 14.66
C ILE O 524 37.81 0.73 14.18
N MET O 525 36.53 0.73 14.51
CA MET O 525 35.63 -0.36 14.16
C MET O 525 35.05 -0.14 12.78
N ALA O 526 35.12 -1.15 11.93
CA ALA O 526 34.49 -1.07 10.63
C ALA O 526 32.99 -1.34 10.76
N LYS O 527 32.27 -1.04 9.70
CA LYS O 527 30.85 -1.34 9.66
C LYS O 527 30.66 -2.85 9.69
N PRO O 528 29.82 -3.37 10.59
CA PRO O 528 29.68 -4.83 10.71
C PRO O 528 29.25 -5.51 9.42
N ALA O 529 28.38 -4.86 8.64
CA ALA O 529 27.92 -5.37 7.36
C ALA O 529 27.38 -6.79 7.48
N GLY O 530 27.92 -7.72 6.68
CA GLY O 530 27.44 -9.07 6.67
C GLY O 530 28.51 -10.10 7.03
N GLY O 531 28.64 -11.13 6.19
CA GLY O 531 29.59 -12.19 6.44
C GLY O 531 29.19 -13.05 7.61
N PRO O 532 28.12 -13.83 7.45
CA PRO O 532 27.67 -14.70 8.55
C PRO O 532 28.74 -15.69 9.00
N LYS O 533 29.53 -16.21 8.07
CA LYS O 533 30.58 -17.15 8.41
C LYS O 533 31.86 -16.85 7.63
N MET P 1 25.13 27.40 -9.99
CA MET P 1 26.18 28.36 -9.61
C MET P 1 27.39 28.22 -10.52
N ALA P 2 28.11 27.11 -10.37
CA ALA P 2 29.29 26.85 -11.17
C ALA P 2 28.90 26.40 -12.58
N ALA P 3 29.89 26.43 -13.48
CA ALA P 3 29.67 26.02 -14.85
C ALA P 3 29.35 24.54 -14.95
N VAL P 4 30.10 23.71 -14.23
CA VAL P 4 29.87 22.26 -14.29
C VAL P 4 28.49 21.92 -13.74
N LYS P 5 28.11 22.55 -12.64
CA LYS P 5 26.77 22.33 -12.10
C LYS P 5 25.69 22.78 -13.08
N THR P 6 25.97 23.85 -13.85
CA THR P 6 25.03 24.26 -14.89
C THR P 6 24.89 23.17 -15.95
N LEU P 7 26.01 22.61 -16.40
CA LEU P 7 25.94 21.55 -17.41
C LEU P 7 25.43 20.25 -16.82
N ASN P 8 25.92 19.86 -15.65
CA ASN P 8 25.48 18.65 -14.95
C ASN P 8 24.93 19.03 -13.58
N PRO P 9 23.61 19.05 -13.41
CA PRO P 9 23.06 19.50 -12.11
C PRO P 9 23.49 18.65 -10.93
N LYS P 10 23.65 17.34 -11.11
CA LYS P 10 24.07 16.45 -10.02
C LYS P 10 25.58 16.27 -9.98
N ALA P 11 26.32 17.36 -9.97
CA ALA P 11 27.77 17.34 -9.97
C ALA P 11 28.30 18.11 -8.77
N GLU P 12 29.31 17.53 -8.10
CA GLU P 12 29.90 18.12 -6.91
C GLU P 12 31.18 18.85 -7.31
N VAL P 13 31.23 20.15 -7.01
CA VAL P 13 32.35 20.99 -7.39
C VAL P 13 32.81 21.80 -6.18
N ALA P 14 34.10 21.79 -5.92
CA ALA P 14 34.73 22.69 -4.96
C ALA P 14 35.76 23.53 -5.70
N ARG P 15 35.66 24.85 -5.55
CA ARG P 15 36.42 25.77 -6.40
C ARG P 15 37.16 26.79 -5.56
N ALA P 16 38.31 27.23 -6.07
CA ALA P 16 39.11 28.32 -5.52
C ALA P 16 39.53 27.95 -4.10
N GLN P 17 39.23 28.76 -3.08
CA GLN P 17 39.66 28.45 -1.72
C GLN P 17 39.00 27.21 -1.17
N ALA P 18 37.87 26.78 -1.75
CA ALA P 18 37.21 25.57 -1.27
C ALA P 18 38.09 24.34 -1.48
N ALA P 19 38.75 24.26 -2.64
CA ALA P 19 39.61 23.12 -2.91
C ALA P 19 40.77 23.06 -1.93
N LEU P 20 41.42 24.20 -1.70
CA LEU P 20 42.51 24.24 -0.73
C LEU P 20 42.02 23.87 0.66
N ALA P 21 40.86 24.40 1.06
CA ALA P 21 40.34 24.09 2.39
C ALA P 21 40.06 22.60 2.53
N VAL P 22 39.43 21.99 1.52
CA VAL P 22 39.11 20.57 1.59
C VAL P 22 40.38 19.74 1.67
N ASN P 23 41.34 20.01 0.79
CA ASN P 23 42.57 19.22 0.76
C ASN P 23 43.34 19.36 2.07
N ILE P 24 43.47 20.58 2.57
CA ILE P 24 44.23 20.80 3.79
C ILE P 24 43.52 20.19 4.99
N SER P 25 42.19 20.25 5.01
CA SER P 25 41.46 19.62 6.10
C SER P 25 41.66 18.10 6.10
N ALA P 26 41.62 17.48 4.92
CA ALA P 26 41.87 16.05 4.85
C ALA P 26 43.28 15.69 5.30
N ALA P 27 44.27 16.46 4.82
CA ALA P 27 45.65 16.19 5.22
C ALA P 27 45.84 16.35 6.71
N ARG P 28 45.23 17.38 7.30
CA ARG P 28 45.37 17.62 8.73
C ARG P 28 44.66 16.54 9.53
N GLY P 29 43.53 16.04 9.04
CA GLY P 29 42.87 14.93 9.72
C GLY P 29 43.71 13.67 9.71
N LEU P 30 44.29 13.33 8.55
CA LEU P 30 45.16 12.17 8.49
C LEU P 30 46.37 12.35 9.41
N GLN P 31 46.95 13.54 9.42
CA GLN P 31 48.08 13.80 10.30
C GLN P 31 47.68 13.68 11.77
N ASP P 32 46.50 14.17 12.12
CA ASP P 32 46.04 14.06 13.50
C ASP P 32 45.89 12.62 13.91
N VAL P 33 45.36 11.78 13.02
CA VAL P 33 45.23 10.36 13.35
C VAL P 33 46.61 9.71 13.49
N LEU P 34 47.52 10.00 12.56
CA LEU P 34 48.78 9.29 12.50
C LEU P 34 49.89 9.90 13.35
N ARG P 35 49.62 10.98 14.07
CA ARG P 35 50.62 11.55 14.95
C ARG P 35 51.05 10.57 16.03
N THR P 36 50.10 9.86 16.61
CA THR P 36 50.40 8.97 17.74
C THR P 36 51.17 7.72 17.33
N ASN P 37 51.33 7.46 16.04
CA ASN P 37 52.09 6.29 15.60
C ASN P 37 53.59 6.47 15.73
N LEU P 38 54.08 7.70 15.54
CA LEU P 38 55.51 7.92 15.40
C LEU P 38 56.27 7.57 16.67
N GLY P 39 57.42 6.95 16.50
CA GLY P 39 58.32 6.68 17.59
C GLY P 39 58.04 5.38 18.31
N PRO P 40 59.04 4.85 19.02
CA PRO P 40 58.81 3.66 19.83
C PRO P 40 57.83 3.86 20.97
N LYS P 41 57.60 5.10 21.39
CA LYS P 41 56.65 5.39 22.46
C LYS P 41 55.24 5.61 21.96
N GLY P 42 55.00 5.42 20.67
CA GLY P 42 53.66 5.61 20.13
C GLY P 42 52.68 4.56 20.61
N THR P 43 51.41 4.85 20.43
CA THR P 43 50.35 3.99 20.91
C THR P 43 49.93 2.97 19.86
N MET P 44 49.43 1.84 20.34
CA MET P 44 48.98 0.75 19.48
C MET P 44 47.50 0.92 19.17
N LYS P 45 47.11 0.60 17.94
CA LYS P 45 45.73 0.72 17.50
C LYS P 45 45.10 -0.65 17.31
N MET P 46 43.82 -0.74 17.64
CA MET P 46 43.01 -1.92 17.38
C MET P 46 42.14 -1.66 16.16
N LEU P 47 42.20 -2.56 15.19
CA LEU P 47 41.40 -2.45 13.98
C LEU P 47 40.51 -3.67 13.88
N VAL P 48 39.21 -3.44 13.73
CA VAL P 48 38.22 -4.50 13.62
C VAL P 48 37.59 -4.39 12.24
N SER P 49 37.63 -5.49 11.49
CA SER P 49 37.09 -5.51 10.15
C SER P 49 35.57 -5.70 10.19
N GLY P 50 34.95 -5.72 9.02
CA GLY P 50 33.52 -5.97 8.96
C GLY P 50 33.16 -7.35 9.45
N ALA P 51 33.97 -8.36 9.12
CA ALA P 51 33.72 -9.72 9.54
C ALA P 51 34.00 -9.94 11.02
N GLY P 52 34.62 -8.98 11.70
CA GLY P 52 34.97 -9.13 13.10
C GLY P 52 36.40 -9.54 13.37
N ASP P 53 37.25 -9.58 12.36
CA ASP P 53 38.65 -9.92 12.57
C ASP P 53 39.36 -8.78 13.29
N ILE P 54 40.31 -9.13 14.15
CA ILE P 54 40.99 -8.18 15.02
C ILE P 54 42.44 -8.04 14.55
N LYS P 55 42.86 -6.80 14.35
CA LYS P 55 44.23 -6.51 13.91
C LYS P 55 44.81 -5.42 14.79
N LEU P 56 45.98 -5.68 15.36
CA LEU P 56 46.74 -4.68 16.10
C LEU P 56 47.92 -4.24 15.24
N THR P 57 48.11 -2.94 15.10
CA THR P 57 49.14 -2.44 14.21
C THR P 57 49.65 -1.10 14.69
N LYS P 58 50.83 -0.74 14.19
CA LYS P 58 51.43 0.56 14.42
C LYS P 58 51.96 1.19 13.15
N ASP P 59 51.94 0.47 12.02
CA ASP P 59 52.37 1.03 10.75
C ASP P 59 51.46 2.16 10.31
N GLY P 60 52.05 3.16 9.65
CA GLY P 60 51.24 4.16 8.99
C GLY P 60 50.45 3.60 7.83
N ASN P 61 51.09 2.76 7.01
CA ASN P 61 50.43 2.22 5.83
C ASN P 61 49.31 1.26 6.21
N VAL P 62 49.59 0.34 7.13
CA VAL P 62 48.57 -0.61 7.58
C VAL P 62 47.40 0.13 8.22
N LEU P 63 47.71 1.18 8.99
CA LEU P 63 46.64 1.97 9.58
C LEU P 63 45.80 2.66 8.51
N LEU P 64 46.45 3.25 7.51
CA LEU P 64 45.71 3.94 6.45
C LEU P 64 44.81 2.99 5.69
N HIS P 65 45.31 1.80 5.35
CA HIS P 65 44.52 0.88 4.55
C HIS P 65 43.27 0.41 5.29
N GLU P 66 43.39 0.13 6.58
CA GLU P 66 42.29 -0.42 7.36
C GLU P 66 41.47 0.64 8.07
N MET P 67 41.77 1.91 7.86
CA MET P 67 41.02 3.00 8.48
C MET P 67 39.93 3.47 7.53
N GLN P 68 38.70 3.56 8.05
CA GLN P 68 37.52 3.77 7.22
C GLN P 68 37.46 5.24 6.79
N ILE P 69 38.06 5.52 5.64
CA ILE P 69 38.08 6.86 5.07
C ILE P 69 37.67 6.78 3.61
N GLN P 70 36.85 7.74 3.17
CA GLN P 70 36.36 7.82 1.81
C GLN P 70 36.58 9.23 1.26
N HIS P 71 37.80 9.73 1.40
CA HIS P 71 38.04 11.09 0.96
C HIS P 71 39.09 11.10 -0.16
N PRO P 72 38.98 11.99 -1.14
CA PRO P 72 39.93 11.95 -2.27
C PRO P 72 41.36 12.26 -1.87
N THR P 73 41.60 13.37 -1.17
CA THR P 73 42.97 13.70 -0.78
C THR P 73 43.56 12.62 0.11
N ALA P 74 42.73 12.03 0.98
CA ALA P 74 43.19 10.90 1.78
C ALA P 74 43.60 9.73 0.89
N SER P 75 42.85 9.50 -0.19
CA SER P 75 43.23 8.45 -1.12
C SER P 75 44.57 8.72 -1.78
N LEU P 76 44.82 9.99 -2.15
CA LEU P 76 46.10 10.34 -2.76
C LEU P 76 47.25 10.14 -1.78
N ILE P 77 47.06 10.57 -0.53
CA ILE P 77 48.10 10.38 0.48
C ILE P 77 48.34 8.90 0.72
N ALA P 78 47.27 8.10 0.71
CA ALA P 78 47.41 6.66 0.90
C ALA P 78 48.18 6.03 -0.26
N LYS P 79 47.93 6.50 -1.49
CA LYS P 79 48.69 5.99 -2.63
C LYS P 79 50.17 6.34 -2.51
N VAL P 80 50.48 7.57 -2.08
CA VAL P 80 51.88 7.96 -1.91
C VAL P 80 52.54 7.09 -0.85
N ALA P 81 51.86 6.89 0.27
CA ALA P 81 52.41 6.03 1.33
C ALA P 81 52.56 4.59 0.86
N THR P 82 51.63 4.11 0.04
CA THR P 82 51.74 2.76 -0.50
C THR P 82 52.98 2.61 -1.37
N ALA P 83 53.26 3.61 -2.21
CA ALA P 83 54.48 3.57 -3.01
C ALA P 83 55.71 3.61 -2.12
N GLN P 84 55.69 4.47 -1.09
CA GLN P 84 56.80 4.57 -0.16
C GLN P 84 57.08 3.22 0.51
N ASP P 85 56.02 2.53 0.94
CA ASP P 85 56.19 1.23 1.58
C ASP P 85 56.63 0.18 0.57
N ASP P 86 56.15 0.26 -0.66
CA ASP P 86 56.49 -0.73 -1.67
C ASP P 86 57.98 -0.68 -2.00
N ILE P 87 58.53 0.52 -2.15
CA ILE P 87 59.93 0.62 -2.58
C ILE P 87 60.88 0.54 -1.40
N THR P 88 60.74 1.47 -0.45
CA THR P 88 61.69 1.54 0.65
C THR P 88 61.30 0.69 1.84
N GLY P 89 60.01 0.50 2.09
CA GLY P 89 59.55 -0.34 3.18
C GLY P 89 59.45 0.34 4.53
N ASP P 90 59.69 1.65 4.61
CA ASP P 90 59.63 2.35 5.89
C ASP P 90 59.35 3.82 5.63
N GLY P 91 58.93 4.51 6.68
CA GLY P 91 58.72 5.94 6.61
C GLY P 91 57.34 6.38 6.18
N THR P 92 56.33 5.52 6.27
CA THR P 92 54.98 5.91 5.84
C THR P 92 54.36 6.92 6.79
N THR P 93 54.49 6.70 8.10
CA THR P 93 53.96 7.65 9.06
C THR P 93 54.64 9.00 8.93
N SER P 94 55.98 8.99 8.81
CA SER P 94 56.71 10.23 8.58
C SER P 94 56.28 10.88 7.28
N ASN P 95 55.99 10.07 6.25
CA ASN P 95 55.51 10.61 4.99
C ASN P 95 54.21 11.39 5.18
N VAL P 96 53.23 10.77 5.85
CA VAL P 96 51.95 11.43 6.05
C VAL P 96 52.12 12.69 6.91
N LEU P 97 52.93 12.59 7.97
CA LEU P 97 53.12 13.74 8.84
C LEU P 97 53.77 14.90 8.10
N ILE P 98 54.77 14.62 7.27
CA ILE P 98 55.46 15.69 6.55
C ILE P 98 54.54 16.30 5.51
N ILE P 99 53.74 15.49 4.81
CA ILE P 99 52.79 16.05 3.86
C ILE P 99 51.80 16.97 4.57
N GLY P 100 51.24 16.51 5.68
CA GLY P 100 50.27 17.31 6.39
C GLY P 100 50.85 18.61 6.91
N GLU P 101 52.05 18.55 7.49
CA GLU P 101 52.65 19.77 8.01
C GLU P 101 53.08 20.71 6.89
N LEU P 102 53.52 20.17 5.76
CA LEU P 102 53.82 21.02 4.61
C LEU P 102 52.59 21.77 4.16
N LEU P 103 51.47 21.08 4.04
CA LEU P 103 50.23 21.74 3.63
C LEU P 103 49.79 22.77 4.66
N LYS P 104 49.91 22.45 5.94
CA LYS P 104 49.50 23.39 6.99
C LYS P 104 50.36 24.66 6.96
N GLN P 105 51.68 24.49 6.86
CA GLN P 105 52.57 25.64 6.80
C GLN P 105 52.33 26.46 5.55
N ALA P 106 52.05 25.80 4.43
CA ALA P 106 51.75 26.53 3.20
C ALA P 106 50.46 27.33 3.33
N ASP P 107 49.43 26.73 3.93
CA ASP P 107 48.17 27.44 4.12
C ASP P 107 48.33 28.61 5.08
N LEU P 108 49.23 28.48 6.06
CA LEU P 108 49.46 29.58 6.99
C LEU P 108 49.88 30.85 6.27
N TYR P 109 50.59 30.73 5.16
CA TYR P 109 50.95 31.89 4.35
C TYR P 109 49.95 32.19 3.25
N ILE P 110 49.28 31.15 2.72
CA ILE P 110 48.32 31.36 1.66
C ILE P 110 47.12 32.14 2.17
N SER P 111 46.73 31.92 3.42
CA SER P 111 45.57 32.61 3.98
C SER P 111 45.78 34.12 4.04
N GLU P 112 47.03 34.59 3.92
CA GLU P 112 47.34 36.01 3.88
C GLU P 112 47.45 36.53 2.45
N GLY P 113 46.71 35.93 1.52
CA GLY P 113 46.67 36.43 0.16
C GLY P 113 47.85 36.07 -0.71
N LEU P 114 48.63 35.07 -0.32
CA LEU P 114 49.78 34.65 -1.10
C LEU P 114 49.38 33.55 -2.08
N HIS P 115 49.86 33.66 -3.31
CA HIS P 115 49.54 32.67 -4.32
C HIS P 115 50.33 31.38 -4.06
N PRO P 116 49.73 30.22 -4.29
CA PRO P 116 50.45 28.96 -4.05
C PRO P 116 51.68 28.76 -4.92
N ARG P 117 51.78 29.46 -6.05
CA ARG P 117 52.92 29.28 -6.94
C ARG P 117 54.23 29.66 -6.25
N ILE P 118 54.23 30.76 -5.51
CA ILE P 118 55.42 31.18 -4.78
C ILE P 118 55.81 30.13 -3.74
N ILE P 119 54.82 29.59 -3.04
CA ILE P 119 55.10 28.56 -2.03
C ILE P 119 55.69 27.32 -2.69
N THR P 120 55.18 26.95 -3.87
CA THR P 120 55.72 25.77 -4.55
C THR P 120 57.15 26.01 -5.02
N GLU P 121 57.45 27.21 -5.50
CA GLU P 121 58.83 27.51 -5.88
C GLU P 121 59.76 27.44 -4.67
N GLY P 122 59.31 28.00 -3.54
CA GLY P 122 60.09 27.87 -2.32
C GLY P 122 60.27 26.42 -1.91
N PHE P 123 59.22 25.61 -2.09
CA PHE P 123 59.32 24.19 -1.78
C PHE P 123 60.37 23.51 -2.63
N GLU P 124 60.41 23.83 -3.93
CA GLU P 124 61.40 23.22 -4.81
C GLU P 124 62.81 23.61 -4.39
N ALA P 125 63.03 24.90 -4.11
CA ALA P 125 64.35 25.34 -3.70
C ALA P 125 64.76 24.70 -2.39
N ALA P 126 63.85 24.63 -1.42
CA ALA P 126 64.14 24.02 -0.14
C ALA P 126 64.42 22.54 -0.28
N LYS P 127 63.68 21.85 -1.15
CA LYS P 127 63.94 20.43 -1.38
C LYS P 127 65.32 20.20 -1.97
N GLU P 128 65.72 21.05 -2.92
CA GLU P 128 67.07 20.93 -3.48
C GLU P 128 68.13 21.12 -2.40
N LYS P 129 67.98 22.17 -1.58
CA LYS P 129 68.96 22.42 -0.53
C LYS P 129 68.98 21.29 0.49
N ALA P 130 67.81 20.77 0.86
CA ALA P 130 67.73 19.69 1.83
C ALA P 130 68.37 18.42 1.28
N LEU P 131 68.18 18.14 -0.01
CA LEU P 131 68.83 16.98 -0.60
C LEU P 131 70.34 17.13 -0.59
N GLN P 132 70.84 18.33 -0.90
CA GLN P 132 72.28 18.54 -0.82
C GLN P 132 72.79 18.32 0.60
N PHE P 133 72.07 18.84 1.58
CA PHE P 133 72.49 18.67 2.98
C PHE P 133 72.45 17.20 3.38
N LEU P 134 71.44 16.46 2.93
CA LEU P 134 71.38 15.03 3.23
C LEU P 134 72.56 14.30 2.63
N GLU P 135 72.96 14.68 1.42
CA GLU P 135 74.16 14.10 0.83
C GLU P 135 75.39 14.41 1.67
N GLU P 136 75.48 15.63 2.18
CA GLU P 136 76.64 16.03 2.97
C GLU P 136 76.59 15.59 4.43
N VAL P 137 75.50 14.98 4.88
CA VAL P 137 75.36 14.58 6.29
C VAL P 137 75.36 13.07 6.47
N LYS P 138 75.20 12.28 5.41
CA LYS P 138 75.14 10.84 5.55
C LYS P 138 76.48 10.30 6.05
N VAL P 139 76.41 9.19 6.78
CA VAL P 139 77.58 8.56 7.38
C VAL P 139 77.89 7.31 6.60
N SER P 140 78.87 7.39 5.70
CA SER P 140 79.30 6.25 4.90
C SER P 140 80.17 5.36 5.76
N ARG P 141 79.67 4.18 6.12
CA ARG P 141 80.35 3.29 7.05
C ARG P 141 80.27 1.86 6.54
N GLU P 142 81.29 1.07 6.85
CA GLU P 142 81.25 -0.35 6.53
C GLU P 142 80.09 -1.03 7.23
N MET P 143 79.36 -1.86 6.49
CA MET P 143 78.12 -2.45 6.99
C MET P 143 78.43 -3.73 7.77
N ASP P 144 78.98 -3.54 8.96
CA ASP P 144 79.30 -4.67 9.82
C ASP P 144 78.03 -5.17 10.51
N ARG P 145 78.20 -6.14 11.41
CA ARG P 145 77.04 -6.73 12.08
C ARG P 145 76.45 -5.77 13.10
N GLU P 146 77.28 -5.01 13.81
CA GLU P 146 76.78 -4.13 14.85
C GLU P 146 75.88 -3.04 14.29
N THR P 147 76.27 -2.44 13.16
CA THR P 147 75.46 -1.38 12.58
C THR P 147 74.12 -1.93 12.07
N LEU P 148 74.15 -3.11 11.48
CA LEU P 148 72.89 -3.74 11.05
C LEU P 148 71.99 -4.04 12.23
N ILE P 149 72.59 -4.51 13.34
CA ILE P 149 71.82 -4.75 14.55
C ILE P 149 71.19 -3.46 15.04
N ASP P 150 71.95 -2.36 15.03
CA ASP P 150 71.42 -1.08 15.46
C ASP P 150 70.26 -0.61 14.59
N VAL P 151 70.39 -0.77 13.27
CA VAL P 151 69.31 -0.37 12.37
C VAL P 151 68.06 -1.21 12.61
N ALA P 152 68.24 -2.54 12.72
CA ALA P 152 67.10 -3.41 12.94
C ALA P 152 66.43 -3.10 14.27
N ARG P 153 67.21 -2.80 15.30
CA ARG P 153 66.61 -2.39 16.57
C ARG P 153 65.86 -1.08 16.41
N THR P 154 66.43 -0.11 15.69
CA THR P 154 65.77 1.17 15.53
C THR P 154 64.44 1.03 14.82
N SER P 155 64.29 0.01 13.97
CA SER P 155 62.99 -0.22 13.35
C SER P 155 62.05 -1.01 14.27
N LEU P 156 62.51 -2.16 14.75
CA LEU P 156 61.62 -3.07 15.46
C LEU P 156 61.18 -2.52 16.81
N ARG P 157 62.04 -1.75 17.49
CA ARG P 157 61.65 -1.13 18.74
C ARG P 157 60.47 -0.19 18.51
N THR P 158 60.50 0.59 17.44
CA THR P 158 59.34 1.37 17.07
C THR P 158 58.16 0.49 16.69
N LYS P 159 58.42 -0.74 16.26
CA LYS P 159 57.28 -1.55 15.82
C LYS P 159 56.63 -2.35 16.95
N VAL P 160 57.43 -3.04 17.77
CA VAL P 160 56.91 -3.99 18.75
C VAL P 160 57.56 -3.74 20.10
N HIS P 161 57.21 -4.61 21.06
CA HIS P 161 57.75 -4.57 22.41
C HIS P 161 59.28 -4.71 22.38
N ALA P 162 59.91 -4.29 23.48
CA ALA P 162 61.36 -4.20 23.52
C ALA P 162 62.03 -5.56 23.34
N GLU P 163 61.63 -6.56 24.15
CA GLU P 163 62.31 -7.85 24.08
C GLU P 163 61.98 -8.57 22.78
N LEU P 164 60.73 -8.50 22.33
CA LEU P 164 60.40 -9.03 21.02
C LEU P 164 61.20 -8.31 19.94
N ALA P 165 61.40 -7.00 20.10
CA ALA P 165 62.20 -6.26 19.14
C ALA P 165 63.64 -6.78 19.12
N ASP P 166 64.21 -7.08 20.28
CA ASP P 166 65.57 -7.60 20.32
C ASP P 166 65.66 -8.97 19.64
N VAL P 167 64.70 -9.84 19.93
CA VAL P 167 64.71 -11.18 19.32
C VAL P 167 64.59 -11.07 17.81
N LEU P 168 63.64 -10.26 17.35
CA LEU P 168 63.46 -10.08 15.91
C LEU P 168 64.67 -9.40 15.28
N THR P 169 65.33 -8.51 16.02
CA THR P 169 66.55 -7.88 15.52
C THR P 169 67.62 -8.93 15.24
N GLU P 170 67.89 -9.79 16.22
CA GLU P 170 68.87 -10.85 16.02
C GLU P 170 68.49 -11.71 14.84
N ALA P 171 67.22 -12.15 14.79
CA ALA P 171 66.80 -13.06 13.73
C ALA P 171 66.91 -12.43 12.36
N VAL P 172 66.46 -11.17 12.23
CA VAL P 172 66.46 -10.50 10.93
C VAL P 172 67.87 -10.25 10.45
N VAL P 173 68.75 -9.76 11.33
CA VAL P 173 70.12 -9.48 10.91
C VAL P 173 70.82 -10.78 10.51
N ASP P 174 70.64 -11.84 11.30
CA ASP P 174 71.27 -13.12 10.95
C ASP P 174 70.75 -13.65 9.63
N SER P 175 69.45 -13.55 9.39
CA SER P 175 68.87 -14.04 8.14
C SER P 175 69.41 -13.27 6.94
N ILE P 176 69.44 -11.94 7.04
CA ILE P 176 69.93 -11.13 5.93
C ILE P 176 71.40 -11.45 5.65
N LEU P 177 72.21 -11.55 6.70
CA LEU P 177 73.61 -11.89 6.50
C LEU P 177 73.77 -13.30 5.93
N ALA P 178 72.84 -14.20 6.25
CA ALA P 178 72.93 -15.56 5.72
C ALA P 178 72.64 -15.60 4.23
N ILE P 179 71.58 -14.92 3.78
CA ILE P 179 71.22 -14.99 2.37
C ILE P 179 71.99 -14.01 1.51
N LYS P 180 72.74 -13.10 2.11
CA LYS P 180 73.44 -12.07 1.33
C LYS P 180 74.62 -12.67 0.59
N LYS P 181 74.75 -12.32 -0.68
CA LYS P 181 75.90 -12.70 -1.50
C LYS P 181 76.70 -11.44 -1.86
N GLN P 182 78.02 -11.54 -1.80
CA GLN P 182 78.88 -10.39 -1.99
C GLN P 182 78.72 -9.81 -3.38
N ASP P 183 78.61 -8.48 -3.45
CA ASP P 183 78.53 -7.75 -4.72
C ASP P 183 77.39 -8.26 -5.59
N GLU P 184 76.22 -8.48 -4.97
CA GLU P 184 75.07 -8.98 -5.69
C GLU P 184 73.82 -8.52 -4.95
N PRO P 185 72.78 -8.09 -5.68
CA PRO P 185 71.56 -7.62 -5.00
C PRO P 185 70.93 -8.72 -4.16
N ILE P 186 70.37 -8.31 -3.02
CA ILE P 186 69.77 -9.24 -2.08
C ILE P 186 68.35 -9.56 -2.53
N ASP P 187 68.04 -10.84 -2.67
CA ASP P 187 66.71 -11.29 -3.07
C ASP P 187 65.94 -11.68 -1.81
N LEU P 188 64.97 -10.84 -1.44
CA LEU P 188 64.20 -11.07 -0.23
C LEU P 188 63.20 -12.20 -0.34
N PHE P 189 62.97 -12.72 -1.56
CA PHE P 189 62.10 -13.87 -1.71
C PHE P 189 62.67 -15.14 -1.09
N MET P 190 63.97 -15.17 -0.83
CA MET P 190 64.61 -16.37 -0.29
C MET P 190 64.43 -16.53 1.20
N ILE P 191 63.83 -15.55 1.88
CA ILE P 191 63.52 -15.65 3.30
C ILE P 191 62.03 -15.97 3.41
N GLU P 192 61.70 -17.24 3.57
CA GLU P 192 60.31 -17.66 3.74
C GLU P 192 59.86 -17.32 5.15
N ILE P 193 58.70 -16.68 5.27
CA ILE P 193 58.14 -16.30 6.55
C ILE P 193 56.99 -17.27 6.85
N MET P 194 57.18 -18.10 7.88
CA MET P 194 56.19 -19.10 8.27
C MET P 194 55.58 -18.71 9.61
N GLU P 195 54.28 -18.94 9.73
CA GLU P 195 53.54 -18.59 10.94
C GLU P 195 53.12 -19.85 11.66
N MET P 196 53.53 -19.97 12.92
CA MET P 196 53.08 -21.03 13.81
C MET P 196 52.32 -20.41 14.98
N LYS P 197 51.37 -21.16 15.51
CA LYS P 197 50.42 -20.62 16.48
C LYS P 197 50.31 -21.52 17.70
N HIS P 198 51.45 -21.88 18.29
CA HIS P 198 51.44 -22.76 19.44
C HIS P 198 52.29 -22.31 20.62
N LYS P 199 53.18 -21.33 20.45
CA LYS P 199 54.05 -20.96 21.55
C LYS P 199 53.98 -19.47 21.86
N SER P 200 54.86 -18.99 22.73
CA SER P 200 54.86 -17.59 23.11
C SER P 200 55.42 -16.73 21.99
N GLU P 201 55.15 -15.43 22.07
CA GLU P 201 55.57 -14.50 21.04
C GLU P 201 57.08 -14.35 20.95
N THR P 202 57.80 -14.67 22.03
CA THR P 202 59.25 -14.56 22.04
C THR P 202 59.94 -15.81 21.52
N ASP P 203 59.18 -16.84 21.12
CA ASP P 203 59.77 -18.07 20.62
C ASP P 203 60.08 -18.03 19.14
N THR P 204 59.73 -16.95 18.44
CA THR P 204 60.07 -16.82 17.03
C THR P 204 61.58 -16.73 16.86
N SER P 205 62.09 -17.44 15.86
CA SER P 205 63.54 -17.57 15.69
C SER P 205 63.83 -17.81 14.20
N LEU P 206 65.10 -18.04 13.90
CA LEU P 206 65.56 -18.26 12.55
C LEU P 206 66.09 -19.67 12.41
N ILE P 207 65.66 -20.36 11.35
CA ILE P 207 66.11 -21.71 11.05
C ILE P 207 67.02 -21.66 9.84
N ARG P 208 68.22 -22.24 9.97
CA ARG P 208 69.18 -22.29 8.86
C ARG P 208 68.78 -23.37 7.86
N GLY P 209 67.60 -23.17 7.26
CA GLY P 209 67.07 -24.12 6.31
C GLY P 209 65.72 -23.68 5.78
N LEU P 210 64.80 -24.63 5.62
CA LEU P 210 63.47 -24.32 5.10
C LEU P 210 62.43 -25.07 5.93
N VAL P 211 61.26 -24.44 6.07
CA VAL P 211 60.14 -25.00 6.78
C VAL P 211 58.95 -25.04 5.84
N LEU P 212 58.31 -26.20 5.72
CA LEU P 212 57.18 -26.40 4.83
C LEU P 212 55.90 -26.54 5.64
N ASP P 213 54.80 -26.04 5.09
CA ASP P 213 53.52 -26.06 5.76
C ASP P 213 52.72 -27.32 5.47
N HIS P 214 53.31 -28.28 4.78
CA HIS P 214 52.67 -29.56 4.50
C HIS P 214 53.65 -30.69 4.78
N GLY P 215 53.10 -31.86 5.11
CA GLY P 215 53.92 -33.00 5.42
C GLY P 215 53.65 -34.20 4.54
N ALA P 216 54.20 -35.36 4.91
CA ALA P 216 53.95 -36.57 4.15
C ALA P 216 52.51 -37.03 4.31
N ARG P 217 51.91 -37.48 3.22
CA ARG P 217 50.51 -37.89 3.21
C ARG P 217 50.32 -39.38 3.47
N HIS P 218 51.40 -40.13 3.68
CA HIS P 218 51.29 -41.56 3.91
C HIS P 218 51.64 -41.88 5.35
N PRO P 219 50.79 -42.60 6.07
CA PRO P 219 51.06 -42.86 7.49
C PRO P 219 52.32 -43.68 7.75
N ASP P 220 52.81 -44.43 6.77
CA ASP P 220 53.98 -45.26 6.95
C ASP P 220 55.29 -44.53 6.66
N MET P 221 55.23 -43.26 6.26
CA MET P 221 56.44 -42.50 6.01
C MET P 221 57.22 -42.29 7.30
N LYS P 222 58.54 -42.25 7.18
CA LYS P 222 59.39 -41.96 8.32
C LYS P 222 59.17 -40.52 8.76
N LYS P 223 58.95 -40.32 10.07
CA LYS P 223 58.69 -39.00 10.60
C LYS P 223 59.95 -38.20 10.91
N ARG P 224 61.12 -38.82 10.82
CA ARG P 224 62.37 -38.13 11.09
C ARG P 224 63.49 -38.81 10.32
N VAL P 225 64.23 -38.01 9.56
CA VAL P 225 65.35 -38.50 8.76
C VAL P 225 66.60 -37.77 9.21
N GLU P 226 67.65 -38.54 9.51
CA GLU P 226 68.88 -37.91 10.02
C GLU P 226 69.72 -37.36 8.88
N ASP P 227 70.21 -38.23 8.00
CA ASP P 227 70.97 -37.81 6.83
C ASP P 227 70.06 -37.93 5.62
N ALA P 228 69.89 -36.84 4.89
CA ALA P 228 68.88 -36.76 3.85
C ALA P 228 69.50 -36.43 2.50
N TYR P 229 69.02 -37.10 1.47
CA TYR P 229 69.28 -36.74 0.08
C TYR P 229 68.02 -36.08 -0.45
N ILE P 230 68.05 -34.77 -0.60
CA ILE P 230 66.89 -34.00 -1.01
C ILE P 230 66.76 -34.05 -2.52
N LEU P 231 65.58 -34.41 -3.01
CA LEU P 231 65.29 -34.45 -4.44
C LEU P 231 64.13 -33.48 -4.70
N THR P 232 64.45 -32.33 -5.28
CA THR P 232 63.44 -31.33 -5.62
C THR P 232 63.01 -31.56 -7.07
N CYS P 233 61.75 -31.91 -7.26
CA CYS P 233 61.24 -32.25 -8.57
C CYS P 233 59.94 -31.50 -8.84
N ASN P 234 59.63 -31.32 -10.12
CA ASN P 234 58.40 -30.69 -10.58
C ASN P 234 57.70 -31.60 -11.59
N VAL P 235 57.62 -32.88 -11.25
CA VAL P 235 57.07 -33.89 -12.13
C VAL P 235 55.81 -34.46 -11.49
N SER P 236 54.74 -34.54 -12.25
CA SER P 236 53.50 -35.10 -11.74
C SER P 236 53.63 -36.61 -11.59
N LEU P 237 53.52 -37.10 -10.36
CA LEU P 237 53.62 -38.52 -10.06
C LEU P 237 52.26 -39.14 -9.77
N GLU P 238 51.19 -38.50 -10.20
CA GLU P 238 49.85 -39.05 -10.09
C GLU P 238 49.32 -39.37 -11.49
N TYR P 239 48.12 -39.95 -11.53
CA TYR P 239 47.58 -40.44 -12.79
C TYR P 239 47.15 -39.26 -13.66
N GLU P 240 47.50 -39.32 -14.94
CA GLU P 240 47.17 -38.28 -15.89
C GLU P 240 46.45 -38.89 -17.08
N LYS P 241 45.47 -38.17 -17.61
CA LYS P 241 44.69 -38.64 -18.75
C LYS P 241 45.34 -38.22 -20.06
N THR P 242 45.08 -39.00 -21.10
CA THR P 242 45.58 -38.68 -22.43
C THR P 242 44.94 -37.39 -22.94
N GLU P 243 45.76 -36.54 -23.56
CA GLU P 243 45.28 -35.27 -24.08
C GLU P 243 44.32 -35.42 -25.26
N VAL P 244 44.26 -36.59 -25.89
CA VAL P 244 43.53 -36.73 -27.15
C VAL P 244 42.35 -37.68 -26.95
N ASN P 245 41.78 -37.70 -25.76
CA ASN P 245 40.52 -38.38 -25.47
C ASN P 245 40.60 -39.87 -25.85
N SER P 246 41.43 -40.58 -25.10
CA SER P 246 41.78 -41.95 -25.49
C SER P 246 40.66 -42.94 -25.17
N GLY P 247 40.32 -43.12 -23.90
CA GLY P 247 39.35 -44.13 -23.53
C GLY P 247 39.84 -45.56 -23.74
N PHE P 248 39.17 -46.53 -23.12
CA PHE P 248 39.57 -47.92 -23.21
C PHE P 248 38.45 -48.76 -23.80
N PHE P 249 38.83 -49.82 -24.50
CA PHE P 249 37.89 -50.77 -25.07
C PHE P 249 38.40 -52.18 -24.83
N TYR P 250 37.60 -53.01 -24.16
CA TYR P 250 37.97 -54.38 -23.85
C TYR P 250 36.76 -55.28 -24.07
N LYS P 251 37.01 -56.59 -24.13
CA LYS P 251 35.98 -57.56 -24.42
C LYS P 251 35.82 -58.62 -23.33
N SER P 252 36.60 -58.56 -22.26
CA SER P 252 36.50 -59.56 -21.21
C SER P 252 37.04 -58.98 -19.91
N ALA P 253 36.75 -59.67 -18.80
CA ALA P 253 37.24 -59.22 -17.50
C ALA P 253 38.75 -59.29 -17.42
N GLU P 254 39.35 -60.33 -18.00
CA GLU P 254 40.81 -60.44 -17.99
C GLU P 254 41.46 -59.30 -18.75
N GLU P 255 40.89 -58.92 -19.90
CA GLU P 255 41.43 -57.81 -20.66
C GLU P 255 41.29 -56.50 -19.88
N ARG P 256 40.18 -56.33 -19.18
CA ARG P 256 40.02 -55.14 -18.34
C ARG P 256 41.07 -55.10 -17.23
N GLU P 257 41.34 -56.26 -16.61
CA GLU P 257 42.37 -56.32 -15.58
C GLU P 257 43.74 -55.97 -16.16
N LYS P 258 44.05 -56.51 -17.34
CA LYS P 258 45.33 -56.20 -17.97
C LYS P 258 45.45 -54.72 -18.29
N LEU P 259 44.38 -54.11 -18.80
CA LEU P 259 44.40 -52.68 -19.09
C LEU P 259 44.56 -51.86 -17.82
N VAL P 260 43.88 -52.27 -16.75
CA VAL P 260 44.01 -51.56 -15.48
C VAL P 260 45.44 -51.62 -14.97
N LYS P 261 46.06 -52.81 -15.03
CA LYS P 261 47.44 -52.94 -14.58
C LYS P 261 48.40 -52.13 -15.46
N ALA P 262 48.16 -52.12 -16.76
CA ALA P 262 49.10 -51.52 -17.71
C ALA P 262 48.85 -50.04 -17.95
N GLU P 263 47.78 -49.47 -17.39
CA GLU P 263 47.52 -48.06 -17.62
C GLU P 263 48.33 -47.14 -16.72
N ARG P 264 49.05 -47.69 -15.75
CA ARG P 264 49.89 -46.90 -14.86
C ARG P 264 51.38 -47.11 -15.11
N LYS P 265 51.74 -47.68 -16.26
CA LYS P 265 53.15 -47.99 -16.52
C LYS P 265 54.00 -46.74 -16.64
N PHE P 266 53.42 -45.60 -16.99
CA PHE P 266 54.18 -44.36 -17.11
C PHE P 266 54.61 -43.84 -15.74
N ILE P 267 53.63 -43.65 -14.85
CA ILE P 267 53.93 -43.22 -13.49
C ILE P 267 54.77 -44.27 -12.78
N GLU P 268 54.50 -45.55 -13.05
CA GLU P 268 55.30 -46.61 -12.47
C GLU P 268 56.75 -46.52 -12.94
N ASP P 269 56.97 -46.21 -14.21
CA ASP P 269 58.33 -46.07 -14.72
C ASP P 269 59.05 -44.91 -14.03
N ARG P 270 58.36 -43.78 -13.86
CA ARG P 270 59.00 -42.66 -13.19
C ARG P 270 59.33 -42.98 -11.73
N VAL P 271 58.40 -43.66 -11.04
CA VAL P 271 58.65 -44.05 -9.65
C VAL P 271 59.81 -45.05 -9.58
N LYS P 272 59.90 -45.95 -10.56
CA LYS P 272 61.01 -46.89 -10.60
C LYS P 272 62.33 -46.16 -10.79
N LYS P 273 62.34 -45.12 -11.63
CA LYS P 273 63.56 -44.34 -11.79
C LYS P 273 63.96 -43.69 -10.47
N ILE P 274 62.99 -43.11 -9.76
CA ILE P 274 63.30 -42.48 -8.47
C ILE P 274 63.85 -43.52 -7.49
N ILE P 275 63.22 -44.69 -7.43
CA ILE P 275 63.63 -45.72 -6.48
C ILE P 275 65.02 -46.24 -6.83
N GLU P 276 65.31 -46.40 -8.12
CA GLU P 276 66.63 -46.86 -8.52
C GLU P 276 67.69 -45.84 -8.15
N LEU P 277 67.40 -44.54 -8.34
CA LEU P 277 68.34 -43.51 -7.92
C LEU P 277 68.57 -43.58 -6.41
N LYS P 278 67.51 -43.75 -5.64
CA LYS P 278 67.64 -43.82 -4.19
C LYS P 278 68.49 -45.01 -3.77
N ARG P 279 68.27 -46.16 -4.39
CA ARG P 279 69.05 -47.34 -4.06
C ARG P 279 70.51 -47.16 -4.42
N LYS P 280 70.77 -46.51 -5.56
CA LYS P 280 72.16 -46.29 -5.99
C LYS P 280 72.89 -45.35 -5.05
N VAL P 281 72.25 -44.23 -4.67
CA VAL P 281 72.96 -43.23 -3.88
C VAL P 281 73.23 -43.72 -2.46
N CYS P 282 72.27 -44.44 -1.87
CA CYS P 282 72.43 -44.93 -0.50
C CYS P 282 71.97 -46.38 -0.46
N GLY P 283 72.93 -47.30 -0.33
CA GLY P 283 72.63 -48.71 -0.23
C GLY P 283 72.23 -49.20 1.14
N ASP P 284 72.32 -48.33 2.15
CA ASP P 284 71.94 -48.67 3.52
C ASP P 284 70.72 -47.87 3.93
N SER P 285 70.33 -48.00 5.19
CA SER P 285 69.26 -47.21 5.77
C SER P 285 69.79 -45.99 6.51
N ASP P 286 71.10 -45.77 6.52
CA ASP P 286 71.67 -44.67 7.28
C ASP P 286 71.23 -43.32 6.71
N LYS P 287 71.28 -43.18 5.39
CA LYS P 287 70.94 -41.93 4.73
C LYS P 287 69.51 -42.00 4.22
N GLY P 288 68.66 -41.13 4.73
CA GLY P 288 67.28 -41.08 4.27
C GLY P 288 67.16 -40.38 2.93
N PHE P 289 65.99 -40.53 2.32
CA PHE P 289 65.69 -39.94 1.03
C PHE P 289 64.39 -39.15 1.16
N VAL P 290 64.44 -37.88 0.78
CA VAL P 290 63.29 -36.98 0.87
C VAL P 290 62.99 -36.46 -0.52
N VAL P 291 61.72 -36.58 -0.92
CA VAL P 291 61.27 -36.14 -2.24
C VAL P 291 60.25 -35.02 -2.03
N ILE P 292 60.56 -33.84 -2.56
CA ILE P 292 59.64 -32.71 -2.56
C ILE P 292 59.17 -32.50 -3.98
N ASN P 293 57.86 -32.59 -4.19
CA ASN P 293 57.27 -32.50 -5.52
C ASN P 293 56.28 -31.35 -5.56
N GLN P 294 56.44 -30.47 -6.55
CA GLN P 294 55.48 -29.39 -6.74
C GLN P 294 54.12 -29.90 -7.20
N LYS P 295 54.07 -31.06 -7.83
CA LYS P 295 52.83 -31.63 -8.32
C LYS P 295 52.43 -32.85 -7.49
N GLY P 296 51.18 -33.26 -7.65
CA GLY P 296 50.61 -34.24 -6.76
C GLY P 296 51.18 -35.63 -6.95
N ILE P 297 50.97 -36.46 -5.93
CA ILE P 297 51.39 -37.86 -5.94
C ILE P 297 50.20 -38.70 -5.50
N ASP P 298 49.76 -39.62 -6.35
CA ASP P 298 48.59 -40.44 -6.04
C ASP P 298 48.97 -41.50 -5.00
N PRO P 299 47.97 -42.08 -4.32
CA PRO P 299 48.28 -43.07 -3.27
C PRO P 299 49.09 -44.25 -3.75
N PHE P 300 48.95 -44.67 -5.01
CA PHE P 300 49.74 -45.81 -5.49
C PHE P 300 51.23 -45.48 -5.48
N SER P 301 51.60 -44.32 -6.03
CA SER P 301 53.01 -43.93 -6.01
C SER P 301 53.49 -43.64 -4.60
N LEU P 302 52.62 -43.08 -3.75
CA LEU P 302 53.00 -42.86 -2.36
C LEU P 302 53.33 -44.18 -1.67
N ASP P 303 52.50 -45.20 -1.87
CA ASP P 303 52.77 -46.51 -1.28
C ASP P 303 54.05 -47.12 -1.84
N ALA P 304 54.25 -46.99 -3.16
CA ALA P 304 55.46 -47.55 -3.77
C ALA P 304 56.70 -46.88 -3.20
N LEU P 305 56.67 -45.56 -3.02
CA LEU P 305 57.82 -44.86 -2.45
C LEU P 305 58.01 -45.22 -0.98
N SER P 306 56.91 -45.32 -0.22
CA SER P 306 57.02 -45.63 1.20
C SER P 306 57.56 -47.03 1.43
N LYS P 307 57.29 -47.97 0.52
CA LYS P 307 57.82 -49.31 0.66
C LYS P 307 59.35 -49.33 0.61
N GLU P 308 59.97 -48.30 0.03
CA GLU P 308 61.41 -48.21 -0.08
C GLU P 308 62.03 -47.27 0.95
N GLY P 309 61.25 -46.85 1.95
CA GLY P 309 61.78 -45.96 2.96
C GLY P 309 62.00 -44.54 2.50
N ILE P 310 61.29 -44.12 1.46
CA ILE P 310 61.42 -42.76 0.91
C ILE P 310 60.26 -41.93 1.43
N VAL P 311 60.57 -40.81 2.07
CA VAL P 311 59.55 -39.86 2.48
C VAL P 311 59.33 -38.86 1.36
N ALA P 312 58.07 -38.62 1.00
CA ALA P 312 57.72 -37.80 -0.15
C ALA P 312 56.71 -36.73 0.24
N LEU P 313 56.91 -35.54 -0.29
CA LEU P 313 55.99 -34.43 -0.12
C LEU P 313 55.44 -34.02 -1.48
N ARG P 314 54.21 -33.53 -1.49
CA ARG P 314 53.51 -33.21 -2.72
C ARG P 314 52.90 -31.83 -2.64
N ARG P 315 52.63 -31.26 -3.82
CA ARG P 315 51.98 -29.96 -3.95
C ARG P 315 52.74 -28.87 -3.21
N ALA P 316 54.06 -28.88 -3.35
CA ALA P 316 54.89 -27.87 -2.73
C ALA P 316 54.72 -26.53 -3.43
N LYS P 317 55.09 -25.46 -2.72
CA LYS P 317 54.99 -24.12 -3.28
C LYS P 317 55.97 -23.93 -4.42
N ARG P 318 55.57 -23.10 -5.40
CA ARG P 318 56.42 -22.88 -6.57
C ARG P 318 57.74 -22.23 -6.19
N ARG P 319 57.72 -21.25 -5.30
CA ARG P 319 58.96 -20.62 -4.85
C ARG P 319 59.82 -21.57 -4.05
N ASN P 320 59.22 -22.60 -3.44
CA ASN P 320 60.00 -23.54 -2.65
C ASN P 320 60.98 -24.32 -3.50
N MET P 321 60.76 -24.43 -4.81
CA MET P 321 61.75 -25.06 -5.67
C MET P 321 63.08 -24.30 -5.62
N GLU P 322 63.02 -22.99 -5.87
CA GLU P 322 64.23 -22.17 -5.79
C GLU P 322 64.76 -22.13 -4.37
N ARG P 323 63.87 -22.06 -3.38
CA ARG P 323 64.33 -21.99 -2.00
C ARG P 323 65.10 -23.25 -1.60
N LEU P 324 64.60 -24.42 -1.99
CA LEU P 324 65.28 -25.66 -1.66
C LEU P 324 66.56 -25.83 -2.47
N THR P 325 66.54 -25.39 -3.74
CA THR P 325 67.76 -25.45 -4.54
C THR P 325 68.86 -24.60 -3.90
N LEU P 326 68.52 -23.41 -3.42
CA LEU P 326 69.52 -22.55 -2.80
C LEU P 326 69.92 -23.05 -1.42
N ALA P 327 68.99 -23.64 -0.67
CA ALA P 327 69.31 -24.06 0.70
C ALA P 327 70.01 -25.41 0.72
N CYS P 328 69.35 -26.45 0.21
CA CYS P 328 69.92 -27.79 0.28
C CYS P 328 71.06 -27.97 -0.71
N GLY P 329 71.04 -27.24 -1.82
CA GLY P 329 72.10 -27.31 -2.79
C GLY P 329 71.89 -28.29 -3.93
N GLY P 330 70.68 -28.77 -4.12
CA GLY P 330 70.38 -29.70 -5.19
C GLY P 330 70.08 -28.99 -6.49
N VAL P 331 69.37 -29.69 -7.37
CA VAL P 331 68.95 -29.17 -8.66
C VAL P 331 67.48 -29.54 -8.87
N ALA P 332 66.65 -28.53 -9.13
CA ALA P 332 65.25 -28.78 -9.41
C ALA P 332 65.09 -29.49 -10.75
N LEU P 333 64.22 -30.50 -10.78
CA LEU P 333 64.04 -31.34 -11.97
C LEU P 333 62.62 -31.22 -12.46
N ASN P 334 62.47 -30.93 -13.76
CA ASN P 334 61.17 -30.94 -14.40
C ASN P 334 60.87 -32.28 -15.09
N SER P 335 61.83 -33.19 -15.13
CA SER P 335 61.62 -34.52 -15.69
C SER P 335 62.75 -35.42 -15.24
N PHE P 336 62.46 -36.72 -15.16
CA PHE P 336 63.44 -37.71 -14.75
C PHE P 336 64.10 -38.41 -15.93
N ASP P 337 64.25 -37.69 -17.06
CA ASP P 337 64.87 -38.30 -18.24
C ASP P 337 66.31 -38.71 -17.94
N ASP P 338 67.07 -37.83 -17.30
CA ASP P 338 68.47 -38.12 -16.92
C ASP P 338 68.74 -37.50 -15.55
N LEU P 339 68.54 -38.29 -14.50
CA LEU P 339 68.78 -37.85 -13.14
C LEU P 339 69.90 -38.69 -12.53
N SER P 340 70.82 -38.04 -11.86
CA SER P 340 72.04 -38.63 -11.34
C SER P 340 72.23 -38.20 -9.90
N PRO P 341 73.15 -38.82 -9.16
CA PRO P 341 73.39 -38.39 -7.78
C PRO P 341 73.81 -36.93 -7.66
N ASP P 342 74.36 -36.33 -8.70
CA ASP P 342 74.85 -34.96 -8.61
C ASP P 342 73.73 -33.93 -8.53
N CYS P 343 72.49 -34.31 -8.80
CA CYS P 343 71.37 -33.37 -8.74
C CYS P 343 70.56 -33.53 -7.47
N LEU P 344 71.10 -34.21 -6.46
CA LEU P 344 70.41 -34.43 -5.19
C LEU P 344 70.89 -33.40 -4.17
N GLY P 345 69.95 -32.79 -3.47
CA GLY P 345 70.29 -31.89 -2.39
C GLY P 345 70.68 -32.64 -1.13
N HIS P 346 71.16 -31.90 -0.15
CA HIS P 346 71.59 -32.46 1.12
C HIS P 346 70.97 -31.69 2.26
N ALA P 347 70.64 -32.42 3.33
CA ALA P 347 70.07 -31.82 4.53
C ALA P 347 70.52 -32.64 5.73
N GLY P 348 71.06 -31.97 6.74
CA GLY P 348 71.57 -32.66 7.90
C GLY P 348 70.51 -33.14 8.87
N LEU P 349 69.26 -32.74 8.68
CA LEU P 349 68.16 -33.22 9.52
C LEU P 349 66.82 -32.85 8.89
N VAL P 350 65.93 -33.82 8.75
CA VAL P 350 64.58 -33.59 8.26
C VAL P 350 63.61 -34.28 9.22
N TYR P 351 62.66 -33.51 9.74
CA TYR P 351 61.67 -34.08 10.65
C TYR P 351 60.37 -33.30 10.49
N GLU P 352 59.28 -33.94 10.92
CA GLU P 352 57.94 -33.41 10.75
C GLU P 352 57.34 -33.04 12.10
N TYR P 353 56.72 -31.87 12.16
CA TYR P 353 56.10 -31.35 13.38
C TYR P 353 54.59 -31.31 13.19
N THR P 354 53.86 -31.82 14.17
CA THR P 354 52.41 -31.86 14.13
C THR P 354 51.84 -30.79 15.04
N LEU P 355 50.92 -29.99 14.52
CA LEU P 355 50.24 -28.94 15.30
C LEU P 355 48.75 -29.01 14.97
N GLY P 356 48.01 -29.75 15.78
CA GLY P 356 46.59 -29.90 15.51
C GLY P 356 46.36 -30.58 14.17
N GLU P 357 45.58 -29.93 13.32
CA GLU P 357 45.28 -30.45 12.00
C GLU P 357 46.30 -30.05 10.95
N GLU P 358 47.29 -29.24 11.32
CA GLU P 358 48.33 -28.81 10.40
C GLU P 358 49.59 -29.62 10.61
N LYS P 359 50.32 -29.89 9.53
CA LYS P 359 51.54 -30.67 9.56
C LYS P 359 52.66 -29.85 8.95
N PHE P 360 53.77 -29.70 9.67
CA PHE P 360 54.91 -28.91 9.22
C PHE P 360 56.12 -29.81 9.06
N THR P 361 56.92 -29.54 8.03
CA THR P 361 58.13 -30.29 7.76
C THR P 361 59.33 -29.36 7.88
N PHE P 362 60.35 -29.81 8.61
CA PHE P 362 61.54 -29.02 8.87
C PHE P 362 62.71 -29.59 8.10
N ILE P 363 63.49 -28.71 7.46
CA ILE P 363 64.69 -29.08 6.74
C ILE P 363 65.80 -28.18 7.23
N GLU P 364 66.65 -28.68 8.12
CA GLU P 364 67.69 -27.88 8.76
C GLU P 364 69.06 -28.51 8.52
N LYS P 365 70.06 -27.93 9.17
CA LYS P 365 71.43 -28.47 9.19
C LYS P 365 71.99 -28.63 7.78
N CYS P 366 71.77 -27.62 6.94
CA CYS P 366 72.37 -27.61 5.62
C CYS P 366 73.83 -27.15 5.71
N ASN P 367 74.51 -27.16 4.56
CA ASN P 367 75.92 -26.75 4.55
C ASN P 367 76.06 -25.24 4.51
N ASN P 368 75.60 -24.61 3.44
CA ASN P 368 75.60 -23.15 3.29
C ASN P 368 74.23 -22.73 2.79
N PRO P 369 73.25 -22.65 3.68
CA PRO P 369 71.90 -22.29 3.24
C PRO P 369 71.83 -20.88 2.67
N ARG P 370 71.59 -20.79 1.37
CA ARG P 370 71.41 -19.50 0.73
C ARG P 370 69.97 -19.00 0.84
N SER P 371 69.09 -19.78 1.45
CA SER P 371 67.72 -19.37 1.70
C SER P 371 67.30 -19.93 3.05
N VAL P 372 66.88 -19.05 3.96
CA VAL P 372 66.50 -19.45 5.31
C VAL P 372 65.04 -19.10 5.53
N THR P 373 64.53 -19.44 6.71
CA THR P 373 63.13 -19.20 7.06
C THR P 373 63.03 -18.55 8.43
N LEU P 374 62.01 -17.73 8.60
CA LEU P 374 61.71 -17.06 9.86
C LEU P 374 60.42 -17.65 10.41
N LEU P 375 60.54 -18.46 11.46
CA LEU P 375 59.37 -19.10 12.05
C LEU P 375 58.73 -18.15 13.04
N ILE P 376 57.55 -17.65 12.72
CA ILE P 376 56.82 -16.73 13.57
C ILE P 376 55.92 -17.54 14.48
N LYS P 377 56.06 -17.34 15.80
CA LYS P 377 55.29 -18.07 16.78
C LYS P 377 54.60 -17.10 17.72
N GLY P 378 53.34 -17.38 18.02
CA GLY P 378 52.55 -16.54 18.90
C GLY P 378 51.23 -17.18 19.24
N PRO P 379 50.59 -16.70 20.31
CA PRO P 379 49.33 -17.31 20.74
C PRO P 379 48.11 -16.84 19.97
N ASN P 380 48.20 -15.74 19.23
CA ASN P 380 47.06 -15.17 18.54
C ASN P 380 47.39 -14.93 17.08
N LYS P 381 46.35 -14.89 16.25
CA LYS P 381 46.54 -14.57 14.83
C LYS P 381 46.99 -13.12 14.66
N HIS P 382 46.41 -12.19 15.42
CA HIS P 382 46.80 -10.79 15.27
C HIS P 382 48.23 -10.57 15.73
N THR P 383 48.68 -11.29 16.76
CA THR P 383 50.08 -11.22 17.16
C THR P 383 50.99 -11.69 16.03
N LEU P 384 50.61 -12.77 15.35
CA LEU P 384 51.40 -13.25 14.23
C LEU P 384 51.44 -12.22 13.10
N THR P 385 50.31 -11.60 12.80
CA THR P 385 50.29 -10.58 11.74
C THR P 385 51.15 -9.39 12.11
N GLN P 386 51.08 -8.94 13.36
CA GLN P 386 51.89 -7.81 13.80
C GLN P 386 53.38 -8.14 13.72
N ILE P 387 53.76 -9.35 14.15
CA ILE P 387 55.16 -9.75 14.07
C ILE P 387 55.60 -9.86 12.60
N LYS P 388 54.70 -10.31 11.72
CA LYS P 388 55.04 -10.38 10.32
C LYS P 388 55.29 -9.00 9.73
N ASP P 389 54.44 -8.02 10.09
CA ASP P 389 54.66 -6.66 9.63
C ASP P 389 55.98 -6.10 10.16
N ALA P 390 56.26 -6.35 11.44
CA ALA P 390 57.53 -5.90 12.01
C ALA P 390 58.72 -6.53 11.30
N VAL P 391 58.62 -7.82 11.00
CA VAL P 391 59.71 -8.52 10.33
C VAL P 391 59.93 -7.96 8.93
N ARG P 392 58.84 -7.69 8.21
CA ARG P 392 58.97 -7.12 6.87
C ARG P 392 59.66 -5.75 6.95
N ASP P 393 59.23 -4.91 7.90
CA ASP P 393 59.84 -3.59 8.04
C ASP P 393 61.33 -3.70 8.38
N GLY P 394 61.67 -4.59 9.30
CA GLY P 394 63.06 -4.75 9.70
C GLY P 394 63.93 -5.29 8.57
N LEU P 395 63.41 -6.26 7.82
CA LEU P 395 64.15 -6.79 6.68
C LEU P 395 64.38 -5.72 5.64
N ARG P 396 63.35 -4.92 5.35
CA ARG P 396 63.54 -3.82 4.39
C ARG P 396 64.56 -2.82 4.89
N ALA P 397 64.54 -2.50 6.19
CA ALA P 397 65.50 -1.55 6.73
C ALA P 397 66.93 -2.07 6.62
N VAL P 398 67.13 -3.35 6.97
CA VAL P 398 68.48 -3.92 6.92
C VAL P 398 68.97 -4.01 5.48
N LYS P 399 68.09 -4.40 4.55
CA LYS P 399 68.48 -4.47 3.15
C LYS P 399 68.82 -3.10 2.60
N ASN P 400 68.04 -2.08 2.98
CA ASN P 400 68.34 -0.72 2.54
C ASN P 400 69.68 -0.25 3.09
N ALA P 401 69.96 -0.56 4.37
CA ALA P 401 71.24 -0.17 4.95
C ALA P 401 72.39 -0.88 4.26
N ILE P 402 72.18 -2.14 3.86
CA ILE P 402 73.24 -2.89 3.18
C ILE P 402 73.49 -2.32 1.79
N ASP P 403 72.41 -2.08 1.03
CA ASP P 403 72.57 -1.62 -0.35
C ASP P 403 73.25 -0.26 -0.41
N ASP P 404 72.79 0.68 0.41
CA ASP P 404 73.45 1.97 0.51
C ASP P 404 74.75 1.82 1.28
N GLY P 405 75.75 2.59 0.88
CA GLY P 405 76.98 2.59 1.64
C GLY P 405 76.96 3.47 2.87
N CYS P 406 75.84 4.11 3.14
CA CYS P 406 75.74 5.11 4.19
C CYS P 406 74.51 4.86 5.05
N VAL P 407 74.42 5.61 6.15
CA VAL P 407 73.28 5.56 7.04
C VAL P 407 73.18 6.93 7.72
N VAL P 408 71.96 7.33 8.03
CA VAL P 408 71.64 8.69 8.48
C VAL P 408 71.25 8.63 9.95
N PRO P 409 71.76 9.54 10.79
CA PRO P 409 71.31 9.59 12.18
C PRO P 409 69.82 9.88 12.28
N GLY P 410 69.17 9.24 13.24
CA GLY P 410 67.73 9.32 13.42
C GLY P 410 67.34 10.24 14.55
N ALA P 411 66.21 9.91 15.18
CA ALA P 411 65.66 10.65 16.32
C ALA P 411 65.38 12.11 15.99
N GLY P 412 65.17 12.42 14.71
CA GLY P 412 64.86 13.77 14.29
C GLY P 412 66.05 14.70 14.20
N ALA P 413 67.27 14.20 14.45
CA ALA P 413 68.44 15.07 14.38
C ALA P 413 68.65 15.61 12.98
N VAL P 414 68.48 14.76 11.96
CA VAL P 414 68.69 15.19 10.59
C VAL P 414 67.65 16.22 10.18
N GLU P 415 66.42 16.09 10.69
CA GLU P 415 65.39 17.08 10.40
C GLU P 415 65.75 18.44 10.97
N VAL P 416 66.24 18.48 12.21
CA VAL P 416 66.67 19.73 12.82
C VAL P 416 67.82 20.34 12.04
N ALA P 417 68.79 19.51 11.65
CA ALA P 417 69.92 20.00 10.89
C ALA P 417 69.49 20.57 9.54
N MET P 418 68.56 19.89 8.86
CA MET P 418 68.04 20.41 7.60
C MET P 418 67.31 21.73 7.81
N ALA P 419 66.54 21.84 8.89
CA ALA P 419 65.84 23.09 9.16
C ALA P 419 66.82 24.23 9.37
N GLU P 420 67.89 23.99 10.13
CA GLU P 420 68.89 25.02 10.35
C GLU P 420 69.58 25.40 9.05
N ALA P 421 69.93 24.41 8.22
CA ALA P 421 70.57 24.69 6.94
C ALA P 421 69.65 25.48 6.03
N LEU P 422 68.37 25.12 5.99
CA LEU P 422 67.41 25.84 5.16
C LEU P 422 67.23 27.28 5.63
N ILE P 423 67.19 27.50 6.94
CA ILE P 423 67.10 28.86 7.45
C ILE P 423 68.32 29.66 7.06
N LYS P 424 69.50 29.04 7.14
CA LYS P 424 70.73 29.72 6.74
C LYS P 424 70.70 30.06 5.25
N HIS P 425 70.21 29.14 4.42
CA HIS P 425 70.18 29.33 2.97
C HIS P 425 69.06 30.27 2.52
N LYS P 426 68.07 30.52 3.37
CA LYS P 426 66.92 31.32 2.98
C LYS P 426 67.27 32.68 2.38
N PRO P 427 68.19 33.48 2.93
CA PRO P 427 68.50 34.76 2.29
C PRO P 427 69.00 34.63 0.86
N SER P 428 69.65 33.51 0.53
CA SER P 428 70.15 33.33 -0.83
C SER P 428 69.02 33.23 -1.85
N VAL P 429 67.86 32.70 -1.43
CA VAL P 429 66.73 32.58 -2.34
C VAL P 429 66.16 33.95 -2.62
N LYS P 430 65.90 34.24 -3.89
CA LYS P 430 65.38 35.53 -4.29
C LYS P 430 63.86 35.52 -4.32
N GLY P 431 63.28 36.72 -4.29
CA GLY P 431 61.84 36.85 -4.32
C GLY P 431 61.19 36.49 -2.99
N ARG P 432 59.89 36.20 -3.06
CA ARG P 432 59.11 35.83 -1.90
C ARG P 432 59.10 34.33 -1.66
N ALA P 433 59.89 33.56 -2.41
CA ALA P 433 60.01 32.13 -2.16
C ALA P 433 60.68 31.84 -0.83
N GLN P 434 61.27 32.84 -0.18
CA GLN P 434 61.78 32.64 1.17
C GLN P 434 60.67 32.22 2.12
N LEU P 435 59.44 32.67 1.88
CA LEU P 435 58.32 32.21 2.68
C LEU P 435 58.09 30.71 2.51
N GLY P 436 58.15 30.23 1.27
CA GLY P 436 58.03 28.80 1.04
C GLY P 436 59.17 28.02 1.66
N VAL P 437 60.38 28.58 1.62
CA VAL P 437 61.53 27.92 2.25
C VAL P 437 61.31 27.81 3.76
N GLN P 438 60.83 28.88 4.38
CA GLN P 438 60.54 28.85 5.82
C GLN P 438 59.46 27.84 6.14
N ALA P 439 58.42 27.78 5.30
CA ALA P 439 57.36 26.79 5.49
C ALA P 439 57.91 25.38 5.40
N PHE P 440 58.80 25.13 4.44
CA PHE P 440 59.39 23.80 4.30
C PHE P 440 60.24 23.44 5.52
N ALA P 441 60.99 24.41 6.04
CA ALA P 441 61.79 24.14 7.23
C ALA P 441 60.90 23.81 8.42
N ASP P 442 59.85 24.60 8.62
CA ASP P 442 58.93 24.34 9.72
C ASP P 442 58.22 23.01 9.55
N ALA P 443 57.97 22.60 8.30
CA ALA P 443 57.36 21.30 8.06
C ALA P 443 58.33 20.16 8.38
N LEU P 444 59.59 20.31 7.99
CA LEU P 444 60.59 19.30 8.36
C LEU P 444 60.72 19.18 9.86
N LEU P 445 60.53 20.28 10.58
CA LEU P 445 60.67 20.23 12.03
C LEU P 445 59.57 19.44 12.73
N ILE P 446 58.65 18.80 12.00
CA ILE P 446 57.53 18.12 12.64
C ILE P 446 57.98 16.85 13.35
N ILE P 447 58.98 16.15 12.80
CA ILE P 447 59.36 14.85 13.35
C ILE P 447 59.85 14.95 14.79
N PRO P 448 60.80 15.82 15.13
CA PRO P 448 61.15 15.96 16.56
C PRO P 448 59.99 16.44 17.39
N LYS P 449 59.13 17.31 16.84
CA LYS P 449 57.96 17.76 17.57
C LYS P 449 57.07 16.59 17.95
N VAL P 450 56.74 15.73 16.98
CA VAL P 450 55.85 14.61 17.26
C VAL P 450 56.52 13.60 18.17
N LEU P 451 57.82 13.40 18.02
CA LEU P 451 58.53 12.49 18.91
C LEU P 451 58.47 12.97 20.35
N ALA P 452 58.73 14.26 20.57
CA ALA P 452 58.66 14.81 21.92
C ALA P 452 57.24 14.74 22.46
N GLN P 453 56.25 15.02 21.61
CA GLN P 453 54.86 14.95 22.04
C GLN P 453 54.47 13.55 22.46
N ASN P 454 54.89 12.54 21.69
CA ASN P 454 54.57 11.16 22.02
C ASN P 454 55.29 10.73 23.30
N SER P 455 56.52 11.19 23.50
CA SER P 455 57.26 10.83 24.70
C SER P 455 56.66 11.45 25.96
N GLY P 456 55.73 12.40 25.82
CA GLY P 456 55.10 13.03 26.96
C GLY P 456 55.62 14.40 27.31
N PHE P 457 56.59 14.92 26.57
CA PHE P 457 57.14 16.23 26.83
C PHE P 457 56.39 17.29 26.01
N ASP P 458 56.76 18.54 26.24
CA ASP P 458 56.17 19.65 25.51
C ASP P 458 56.97 19.98 24.26
N LEU P 459 56.27 20.35 23.19
CA LEU P 459 56.89 20.50 21.89
C LEU P 459 57.88 21.66 21.87
N GLN P 460 57.45 22.83 22.34
CA GLN P 460 58.24 24.04 22.16
C GLN P 460 59.55 23.98 22.92
N GLU P 461 59.50 23.66 24.21
CA GLU P 461 60.72 23.65 25.02
C GLU P 461 61.70 22.59 24.53
N THR P 462 61.20 21.39 24.24
CA THR P 462 62.09 20.34 23.76
C THR P 462 62.73 20.73 22.44
N LEU P 463 61.93 21.27 21.51
CA LEU P 463 62.47 21.64 20.21
C LEU P 463 63.50 22.76 20.32
N VAL P 464 63.23 23.76 21.16
CA VAL P 464 64.20 24.84 21.28
C VAL P 464 65.47 24.35 21.98
N LYS P 465 65.34 23.40 22.91
CA LYS P 465 66.54 22.82 23.51
C LYS P 465 67.38 22.11 22.46
N ILE P 466 66.73 21.31 21.61
CA ILE P 466 67.45 20.59 20.55
C ILE P 466 68.14 21.58 19.63
N GLN P 467 67.41 22.63 19.22
CA GLN P 467 67.95 23.60 18.28
C GLN P 467 69.13 24.36 18.89
N ALA P 468 69.00 24.76 20.15
CA ALA P 468 70.09 25.46 20.81
C ALA P 468 71.33 24.58 20.92
N GLU P 469 71.14 23.32 21.30
CA GLU P 469 72.29 22.42 21.40
C GLU P 469 72.95 22.22 20.04
N HIS P 470 72.15 22.02 19.00
CA HIS P 470 72.72 21.81 17.67
C HIS P 470 73.47 23.04 17.19
N SER P 471 72.90 24.23 17.40
CA SER P 471 73.58 25.45 16.99
C SER P 471 74.88 25.66 17.77
N GLU P 472 74.86 25.38 19.07
CA GLU P 472 76.04 25.64 19.90
C GLU P 472 77.17 24.66 19.57
N SER P 473 76.85 23.37 19.43
CA SER P 473 77.88 22.36 19.26
C SER P 473 78.10 21.94 17.82
N GLY P 474 77.04 21.86 17.02
CA GLY P 474 77.13 21.32 15.69
C GLY P 474 76.93 19.83 15.59
N GLN P 475 76.83 19.13 16.72
CA GLN P 475 76.56 17.71 16.71
C GLN P 475 75.13 17.44 16.24
N LEU P 476 74.97 16.32 15.55
CA LEU P 476 73.65 15.89 15.06
C LEU P 476 72.86 15.34 16.24
N VAL P 477 72.25 16.25 17.00
CA VAL P 477 71.59 15.89 18.25
C VAL P 477 70.10 15.67 17.98
N GLY P 478 69.58 14.57 18.50
CA GLY P 478 68.17 14.24 18.38
C GLY P 478 67.46 14.28 19.72
N VAL P 479 66.26 13.75 19.74
CA VAL P 479 65.40 13.75 20.92
C VAL P 479 65.60 12.44 21.67
N ASP P 480 65.96 12.53 22.94
CA ASP P 480 66.05 11.37 23.82
C ASP P 480 64.67 11.13 24.41
N LEU P 481 64.05 10.01 24.03
CA LEU P 481 62.65 9.77 24.35
C LEU P 481 62.42 9.41 25.82
N ASN P 482 63.49 9.19 26.59
CA ASN P 482 63.33 8.88 28.01
C ASN P 482 63.50 10.08 28.92
N THR P 483 64.34 11.04 28.54
CA THR P 483 64.58 12.22 29.36
C THR P 483 64.16 13.53 28.69
N GLY P 484 64.14 13.58 27.36
CA GLY P 484 63.86 14.81 26.64
C GLY P 484 65.07 15.66 26.36
N GLU P 485 66.23 15.32 26.92
CA GLU P 485 67.44 16.08 26.65
C GLU P 485 67.97 15.76 25.26
N PRO P 486 68.69 16.69 24.64
CA PRO P 486 69.34 16.38 23.36
C PRO P 486 70.34 15.25 23.51
N MET P 487 70.40 14.40 22.48
CA MET P 487 71.33 13.30 22.45
C MET P 487 71.87 13.13 21.04
N VAL P 488 73.14 12.74 20.95
CA VAL P 488 73.77 12.51 19.65
C VAL P 488 73.34 11.12 19.18
N ALA P 489 72.56 11.09 18.09
CA ALA P 489 71.98 9.83 17.63
C ALA P 489 73.05 8.86 17.15
N ALA P 490 74.19 9.37 16.68
CA ALA P 490 75.26 8.49 16.21
C ALA P 490 75.83 7.66 17.35
N GLU P 491 76.05 8.28 18.51
CA GLU P 491 76.63 7.55 19.62
C GLU P 491 75.65 6.57 20.24
N VAL P 492 74.40 6.99 20.42
CA VAL P 492 73.39 6.12 21.03
C VAL P 492 73.14 4.90 20.15
N GLY P 493 72.97 5.13 18.84
CA GLY P 493 72.76 4.03 17.93
C GLY P 493 71.43 4.11 17.21
N VAL P 494 70.84 5.29 17.14
CA VAL P 494 69.58 5.50 16.44
C VAL P 494 69.91 5.86 15.00
N TRP P 495 69.60 4.95 14.07
CA TRP P 495 69.96 5.09 12.67
C TRP P 495 68.71 5.07 11.81
N ASP P 496 68.75 5.82 10.71
CA ASP P 496 67.69 5.84 9.72
C ASP P 496 68.28 5.58 8.35
N ASN P 497 67.46 4.99 7.48
CA ASN P 497 67.92 4.66 6.13
C ASN P 497 68.02 5.94 5.28
N TYR P 498 69.16 6.10 4.62
CA TYR P 498 69.36 7.26 3.77
C TYR P 498 68.39 7.28 2.60
N CYS P 499 68.16 6.11 2.00
CA CYS P 499 67.20 6.02 0.90
C CYS P 499 65.80 6.40 1.37
N VAL P 500 65.44 6.01 2.59
CA VAL P 500 64.14 6.37 3.13
C VAL P 500 64.00 7.88 3.25
N LYS P 501 65.04 8.56 3.75
CA LYS P 501 64.98 10.01 3.89
C LYS P 501 64.89 10.69 2.53
N LYS P 502 65.68 10.23 1.56
CA LYS P 502 65.63 10.83 0.23
C LYS P 502 64.25 10.64 -0.41
N GLN P 503 63.69 9.44 -0.30
CA GLN P 503 62.36 9.18 -0.83
C GLN P 503 61.32 10.04 -0.12
N LEU P 504 61.46 10.20 1.19
CA LEU P 504 60.56 11.06 1.94
C LEU P 504 60.57 12.47 1.38
N LEU P 505 61.77 13.05 1.24
CA LEU P 505 61.87 14.41 0.73
C LEU P 505 61.22 14.53 -0.64
N HIS P 506 61.61 13.64 -1.57
CA HIS P 506 61.10 13.74 -2.94
C HIS P 506 59.59 13.60 -2.98
N SER P 507 59.06 12.52 -2.39
CA SER P 507 57.63 12.24 -2.49
C SER P 507 56.81 13.32 -1.79
N CYS P 508 57.22 13.70 -0.58
CA CYS P 508 56.47 14.72 0.16
C CYS P 508 56.44 16.03 -0.60
N THR P 509 57.59 16.48 -1.10
CA THR P 509 57.61 17.74 -1.82
C THR P 509 56.75 17.67 -3.07
N VAL P 510 56.83 16.57 -3.82
CA VAL P 510 56.08 16.46 -5.07
C VAL P 510 54.58 16.48 -4.80
N ILE P 511 54.13 15.68 -3.83
CA ILE P 511 52.70 15.59 -3.59
C ILE P 511 52.17 16.89 -3.00
N ALA P 512 52.95 17.54 -2.12
CA ALA P 512 52.52 18.82 -1.57
C ALA P 512 52.42 19.88 -2.66
N THR P 513 53.39 19.92 -3.56
CA THR P 513 53.35 20.88 -4.66
C THR P 513 52.15 20.63 -5.55
N ASN P 514 51.86 19.37 -5.87
CA ASN P 514 50.73 19.07 -6.72
C ASN P 514 49.40 19.41 -6.06
N ILE P 515 49.27 19.12 -4.76
CA ILE P 515 48.02 19.40 -4.07
C ILE P 515 47.81 20.90 -3.92
N LEU P 516 48.89 21.65 -3.65
CA LEU P 516 48.76 23.09 -3.48
C LEU P 516 48.27 23.78 -4.74
N LEU P 517 48.60 23.23 -5.91
CA LEU P 517 48.22 23.83 -7.17
C LEU P 517 46.84 23.40 -7.65
N VAL P 518 46.13 22.58 -6.88
CA VAL P 518 44.78 22.16 -7.25
C VAL P 518 43.81 23.26 -6.85
N ASP P 519 43.06 23.77 -7.81
CA ASP P 519 42.09 24.83 -7.56
C ASP P 519 40.65 24.39 -7.80
N GLU P 520 40.43 23.11 -8.12
CA GLU P 520 39.07 22.63 -8.35
C GLU P 520 39.02 21.13 -8.14
N ILE P 521 37.99 20.67 -7.43
CA ILE P 521 37.69 19.26 -7.25
C ILE P 521 36.34 19.02 -7.89
N MET P 522 36.27 18.07 -8.81
CA MET P 522 35.05 17.85 -9.59
C MET P 522 34.68 16.38 -9.59
N ARG P 523 33.37 16.13 -9.71
CA ARG P 523 32.84 14.77 -9.85
C ARG P 523 31.60 14.89 -10.74
N ALA P 524 31.79 14.67 -12.04
CA ALA P 524 30.72 14.84 -13.01
C ALA P 524 30.68 13.69 -13.99
N GLY P 525 31.00 12.49 -13.52
CA GLY P 525 30.93 11.29 -14.34
C GLY P 525 29.62 10.55 -14.29
N MET P 526 28.61 11.10 -13.63
CA MET P 526 27.33 10.44 -13.44
C MET P 526 26.30 10.97 -14.43
N SER P 527 25.05 10.53 -14.26
CA SER P 527 23.94 10.91 -15.14
C SER P 527 24.23 10.59 -16.60
N LEU Q 48 -35.40 -17.90 -2.29
CA LEU Q 48 -34.02 -18.01 -2.72
C LEU Q 48 -33.84 -19.20 -3.67
N ALA Q 49 -34.28 -19.02 -4.91
CA ALA Q 49 -34.24 -20.09 -5.90
C ALA Q 49 -33.55 -19.64 -7.18
N GLY Q 50 -33.64 -20.45 -8.24
CA GLY Q 50 -33.05 -20.10 -9.51
C GLY Q 50 -31.54 -20.16 -9.53
N GLU Q 51 -30.97 -21.24 -8.97
CA GLU Q 51 -29.52 -21.41 -8.99
C GLU Q 51 -28.98 -21.54 -10.41
N GLY Q 52 -29.79 -22.08 -11.33
CA GLY Q 52 -29.41 -22.13 -12.73
C GLY Q 52 -29.66 -20.80 -13.40
N ILE Q 53 -28.80 -19.83 -13.13
CA ILE Q 53 -29.08 -18.44 -13.49
C ILE Q 53 -29.12 -18.27 -15.01
N SER Q 54 -28.14 -18.81 -15.73
CA SER Q 54 -28.07 -18.72 -17.19
C SER Q 54 -28.23 -17.27 -17.65
N VAL Q 55 -27.20 -16.47 -17.34
CA VAL Q 55 -27.25 -15.03 -17.58
C VAL Q 55 -27.68 -14.71 -19.00
N ASN Q 56 -27.30 -15.58 -19.96
CA ASN Q 56 -27.89 -15.57 -21.30
C ASN Q 56 -27.50 -14.32 -22.08
N THR Q 57 -28.47 -13.41 -22.27
CA THR Q 57 -28.27 -12.25 -23.14
C THR Q 57 -27.35 -11.20 -22.52
N GLY Q 58 -27.18 -11.24 -21.20
CA GLY Q 58 -26.43 -10.22 -20.50
C GLY Q 58 -25.01 -9.99 -20.99
N PRO Q 59 -24.19 -11.05 -21.07
CA PRO Q 59 -22.79 -10.87 -21.47
C PRO Q 59 -22.61 -10.20 -22.82
N LYS Q 60 -23.22 -10.74 -23.87
CA LYS Q 60 -22.93 -10.27 -25.23
C LYS Q 60 -23.25 -8.79 -25.40
N GLY Q 61 -24.11 -8.25 -24.55
CA GLY Q 61 -24.37 -6.82 -24.53
C GLY Q 61 -23.45 -6.01 -23.66
N VAL Q 62 -22.55 -6.64 -22.91
CA VAL Q 62 -21.66 -5.95 -22.00
C VAL Q 62 -20.21 -6.37 -22.16
N ILE Q 63 -19.90 -7.29 -23.09
CA ILE Q 63 -18.53 -7.75 -23.26
C ILE Q 63 -17.59 -6.63 -23.70
N ASN Q 64 -18.13 -5.51 -24.18
CA ASN Q 64 -17.27 -4.38 -24.49
C ASN Q 64 -16.56 -3.87 -23.25
N ASP Q 65 -17.32 -3.58 -22.19
CA ASP Q 65 -16.72 -3.11 -20.94
C ASP Q 65 -15.93 -4.21 -20.26
N TRP Q 66 -16.40 -5.46 -20.37
CA TRP Q 66 -15.65 -6.57 -19.79
C TRP Q 66 -14.28 -6.71 -20.42
N ARG Q 67 -14.19 -6.60 -21.75
CA ARG Q 67 -12.90 -6.70 -22.41
C ARG Q 67 -12.06 -5.44 -22.18
N ARG Q 68 -12.70 -4.29 -22.03
CA ARG Q 68 -11.96 -3.09 -21.65
C ARG Q 68 -11.29 -3.25 -20.29
N PHE Q 69 -11.99 -3.85 -19.33
CA PHE Q 69 -11.36 -4.12 -18.04
C PHE Q 69 -10.31 -5.22 -18.15
N LYS Q 70 -10.58 -6.23 -18.98
CA LYS Q 70 -9.66 -7.36 -19.10
C LYS Q 70 -8.36 -6.97 -19.78
N GLN Q 71 -8.38 -5.96 -20.66
CA GLN Q 71 -7.14 -5.50 -21.28
C GLN Q 71 -6.19 -4.93 -20.24
N LEU Q 72 -6.71 -4.05 -19.37
CA LEU Q 72 -5.90 -3.52 -18.27
C LEU Q 72 -5.51 -4.63 -17.30
N GLU Q 73 -6.41 -5.58 -17.07
CA GLU Q 73 -6.09 -6.70 -16.19
C GLU Q 73 -4.94 -7.52 -16.73
N THR Q 74 -4.92 -7.77 -18.04
CA THR Q 74 -3.83 -8.54 -18.64
C THR Q 74 -2.54 -7.74 -18.67
N GLU Q 75 -2.64 -6.42 -18.91
CA GLU Q 75 -1.45 -5.57 -18.85
C GLU Q 75 -0.83 -5.61 -17.45
N GLN Q 76 -1.66 -5.62 -16.41
CA GLN Q 76 -1.14 -5.84 -15.07
C GLN Q 76 -0.59 -7.26 -14.91
N ARG Q 77 -1.33 -8.26 -15.41
CA ARG Q 77 -1.02 -9.65 -15.12
C ARG Q 77 0.33 -10.05 -15.68
N GLU Q 78 0.67 -9.57 -16.88
CA GLU Q 78 2.01 -9.81 -17.39
C GLU Q 78 3.06 -9.18 -16.49
N GLU Q 79 2.73 -8.02 -15.89
CA GLU Q 79 3.68 -7.37 -14.98
C GLU Q 79 3.92 -8.20 -13.73
N GLN Q 80 2.84 -8.68 -13.08
CA GLN Q 80 3.07 -9.57 -11.94
C GLN Q 80 3.77 -10.85 -12.35
N CYS Q 81 3.41 -11.43 -13.50
CA CYS Q 81 4.05 -12.66 -13.93
C CYS Q 81 5.55 -12.47 -14.11
N ARG Q 82 5.96 -11.32 -14.63
CA ARG Q 82 7.38 -11.07 -14.84
C ARG Q 82 8.08 -10.61 -13.56
N GLU Q 83 7.35 -10.09 -12.58
CA GLU Q 83 8.02 -9.52 -11.41
C GLU Q 83 8.14 -10.49 -10.24
N MET Q 84 7.76 -11.75 -10.43
CA MET Q 84 7.93 -12.77 -9.39
C MET Q 84 9.09 -13.72 -9.65
N GLU Q 85 9.79 -13.62 -10.78
CA GLU Q 85 10.75 -14.64 -11.15
C GLU Q 85 12.00 -14.59 -10.26
N ARG Q 86 12.16 -13.55 -9.46
CA ARG Q 86 13.23 -13.49 -8.47
C ARG Q 86 12.72 -13.32 -7.05
N LEU Q 87 11.43 -12.98 -6.89
CA LEU Q 87 10.87 -12.78 -5.56
C LEU Q 87 10.61 -14.13 -4.88
N ILE Q 88 10.47 -14.09 -3.55
CA ILE Q 88 10.15 -15.20 -2.64
C ILE Q 88 11.18 -16.34 -2.71
N LYS Q 89 11.55 -16.78 -3.91
CA LYS Q 89 12.39 -17.97 -4.03
C LYS Q 89 13.73 -17.76 -3.36
N LYS Q 90 14.34 -16.59 -3.54
CA LYS Q 90 15.58 -16.23 -2.85
C LYS Q 90 15.54 -14.80 -2.33
N LEU Q 91 14.36 -14.18 -2.34
CA LEU Q 91 14.19 -12.81 -1.86
C LEU Q 91 13.58 -12.77 -0.46
N SER Q 92 12.53 -13.57 -0.22
CA SER Q 92 11.93 -13.60 1.11
C SER Q 92 12.87 -14.20 2.13
N MET Q 93 13.85 -15.00 1.68
CA MET Q 93 14.84 -15.56 2.58
C MET Q 93 15.79 -14.46 3.01
N PHE Q 136 51.62 -19.53 -4.94
CA PHE Q 136 50.92 -18.26 -4.80
C PHE Q 136 50.21 -17.88 -6.09
N LEU Q 137 49.46 -18.82 -6.67
CA LEU Q 137 48.71 -18.57 -7.88
C LEU Q 137 47.39 -17.83 -7.61
N GLN Q 138 46.96 -17.80 -6.35
CA GLN Q 138 45.67 -17.18 -6.02
C GLN Q 138 45.73 -15.66 -6.02
N GLN Q 139 46.94 -15.08 -5.98
CA GLN Q 139 47.05 -13.62 -5.89
C GLN Q 139 46.49 -12.93 -7.13
N TYR Q 140 46.38 -13.64 -8.25
CA TYR Q 140 45.73 -13.13 -9.46
C TYR Q 140 46.41 -11.85 -9.95
N ARG Q 141 47.69 -11.99 -10.29
CA ARG Q 141 48.47 -10.86 -10.79
C ARG Q 141 47.97 -10.37 -12.15
N LYS Q 142 47.22 -11.21 -12.88
CA LYS Q 142 46.67 -10.79 -14.17
C LYS Q 142 45.52 -9.80 -14.01
N GLN Q 143 44.84 -9.80 -12.86
CA GLN Q 143 43.73 -8.89 -12.67
C GLN Q 143 44.19 -7.43 -12.65
N ARG Q 144 45.40 -7.17 -12.16
CA ARG Q 144 45.91 -5.81 -12.17
C ARG Q 144 46.06 -5.28 -13.59
N MET Q 145 46.77 -6.03 -14.44
CA MET Q 145 46.93 -5.61 -15.83
C MET Q 145 45.59 -5.57 -16.55
N GLU Q 146 44.65 -6.44 -16.16
CA GLU Q 146 43.30 -6.32 -16.69
C GLU Q 146 42.68 -4.98 -16.31
N GLU Q 147 42.89 -4.54 -15.08
CA GLU Q 147 42.35 -3.25 -14.66
C GLU Q 147 42.99 -2.10 -15.43
N MET Q 148 44.31 -2.13 -15.60
CA MET Q 148 44.95 -1.05 -16.36
C MET Q 148 44.50 -1.03 -17.82
N ARG Q 149 44.34 -2.20 -18.44
CA ARG Q 149 43.88 -2.20 -19.83
C ARG Q 149 42.40 -1.83 -19.92
N GLN Q 150 41.63 -2.06 -18.85
CA GLN Q 150 40.26 -1.57 -18.80
C GLN Q 150 40.21 -0.06 -18.64
N GLN Q 151 41.22 0.52 -17.99
CA GLN Q 151 41.26 1.97 -17.84
C GLN Q 151 41.41 2.67 -19.19
N LEU Q 152 42.09 2.04 -20.14
CA LEU Q 152 42.28 2.57 -21.49
C LEU Q 152 41.31 1.97 -22.50
N HIS Q 153 40.09 1.65 -22.06
CA HIS Q 153 39.16 0.87 -22.87
C HIS Q 153 38.82 1.59 -24.19
N LYS Q 154 38.19 2.75 -24.09
CA LYS Q 154 37.64 3.41 -25.27
C LYS Q 154 38.01 4.88 -25.25
N GLY Q 155 38.05 5.47 -26.45
CA GLY Q 155 38.38 6.87 -26.62
C GLY Q 155 37.18 7.80 -26.68
N PRO Q 156 36.20 7.50 -27.56
CA PRO Q 156 35.05 8.42 -27.75
C PRO Q 156 34.40 8.91 -26.47
N GLN Q 157 33.88 7.99 -25.64
CA GLN Q 157 33.18 8.40 -24.44
C GLN Q 157 33.02 7.19 -23.52
N PHE Q 158 32.78 7.48 -22.24
CA PHE Q 158 32.52 6.41 -21.27
C PHE Q 158 31.11 5.85 -21.39
N LYS Q 159 30.14 6.68 -21.75
CA LYS Q 159 28.73 6.32 -21.86
C LYS Q 159 28.13 5.96 -20.51
N GLN Q 160 26.82 6.11 -20.37
CA GLN Q 160 26.13 5.85 -19.11
C GLN Q 160 25.15 4.71 -19.27
N VAL Q 161 24.95 3.95 -18.19
CA VAL Q 161 24.02 2.84 -18.20
C VAL Q 161 22.60 3.36 -18.37
N PHE Q 162 21.84 2.74 -19.28
CA PHE Q 162 20.50 3.21 -19.58
C PHE Q 162 19.58 3.01 -18.39
N GLU Q 163 18.69 3.98 -18.16
CA GLU Q 163 17.78 3.97 -17.02
C GLU Q 163 16.37 3.72 -17.51
N ILE Q 164 15.69 2.76 -16.88
CA ILE Q 164 14.30 2.47 -17.21
C ILE Q 164 13.40 3.43 -16.44
N SER Q 165 12.46 4.06 -17.14
CA SER Q 165 11.58 5.04 -16.53
C SER Q 165 10.25 4.48 -16.06
N SER Q 166 9.76 3.40 -16.66
CA SER Q 166 8.45 2.87 -16.31
C SER Q 166 8.43 1.36 -16.51
N GLY Q 167 7.49 0.71 -15.86
CA GLY Q 167 7.36 -0.74 -15.99
C GLY Q 167 7.04 -1.17 -17.41
N GLU Q 168 6.23 -0.37 -18.12
CA GLU Q 168 5.92 -0.69 -19.51
C GLU Q 168 7.16 -0.61 -20.40
N GLY Q 169 8.03 0.38 -20.16
CA GLY Q 169 9.28 0.43 -20.89
C GLY Q 169 10.15 -0.77 -20.62
N PHE Q 170 10.25 -1.19 -19.36
CA PHE Q 170 10.97 -2.41 -19.02
C PHE Q 170 10.39 -3.60 -19.77
N LEU Q 171 9.06 -3.70 -19.79
CA LEU Q 171 8.41 -4.82 -20.46
C LEU Q 171 8.74 -4.85 -21.94
N ASP Q 172 8.65 -3.71 -22.61
CA ASP Q 172 8.78 -3.69 -24.06
C ASP Q 172 10.23 -3.54 -24.53
N MET Q 173 11.20 -3.37 -23.62
CA MET Q 173 12.58 -3.60 -24.03
C MET Q 173 13.07 -5.00 -23.67
N ILE Q 174 12.49 -5.64 -22.65
CA ILE Q 174 12.79 -7.05 -22.39
C ILE Q 174 12.21 -7.92 -23.49
N ASP Q 175 10.95 -7.65 -23.86
CA ASP Q 175 10.28 -8.48 -24.87
C ASP Q 175 10.90 -8.28 -26.25
N LYS Q 176 11.35 -7.07 -26.54
CA LYS Q 176 11.96 -6.77 -27.84
C LYS Q 176 13.40 -7.26 -27.83
N GLU Q 177 14.17 -6.85 -28.85
CA GLU Q 177 15.58 -7.20 -29.01
C GLU Q 177 15.76 -8.69 -29.32
N GLN Q 178 16.79 -9.02 -30.08
CA GLN Q 178 17.03 -10.40 -30.47
C GLN Q 178 17.25 -11.27 -29.24
N LYS Q 179 16.68 -12.48 -29.28
CA LYS Q 179 16.81 -13.42 -28.18
C LYS Q 179 18.20 -14.03 -28.08
N SER Q 180 19.05 -13.83 -29.08
CA SER Q 180 20.39 -14.39 -29.09
C SER Q 180 21.38 -13.61 -28.24
N ILE Q 181 21.01 -12.42 -27.77
CA ILE Q 181 21.90 -11.59 -26.98
C ILE Q 181 21.44 -11.60 -25.53
N VAL Q 182 22.40 -11.46 -24.62
CA VAL Q 182 22.13 -11.49 -23.19
C VAL Q 182 21.87 -10.07 -22.69
N ILE Q 183 20.80 -9.90 -21.92
CA ILE Q 183 20.46 -8.63 -21.30
C ILE Q 183 20.45 -8.82 -19.80
N MET Q 184 21.18 -7.98 -19.07
CA MET Q 184 21.18 -8.02 -17.62
C MET Q 184 20.72 -6.69 -17.06
N VAL Q 185 19.86 -6.76 -16.04
CA VAL Q 185 19.18 -5.61 -15.47
C VAL Q 185 19.66 -5.42 -14.04
N HIS Q 186 19.88 -4.17 -13.66
CA HIS Q 186 20.38 -3.79 -12.34
C HIS Q 186 19.32 -3.02 -11.58
N ILE Q 187 19.03 -3.45 -10.36
CA ILE Q 187 18.04 -2.81 -9.50
C ILE Q 187 18.77 -2.16 -8.34
N TYR Q 188 18.38 -0.93 -8.01
CA TYR Q 188 19.05 -0.18 -6.96
C TYR Q 188 18.09 0.85 -6.37
N GLU Q 189 18.46 1.36 -5.21
CA GLU Q 189 17.82 2.53 -4.61
C GLU Q 189 18.92 3.45 -4.13
N ASP Q 190 18.84 4.73 -4.52
CA ASP Q 190 19.91 5.66 -4.20
C ASP Q 190 19.98 5.89 -2.70
N GLY Q 191 21.20 5.81 -2.15
CA GLY Q 191 21.41 5.97 -0.73
C GLY Q 191 22.12 4.80 -0.09
N ILE Q 192 21.80 3.58 -0.53
CA ILE Q 192 22.45 2.39 0.02
C ILE Q 192 23.89 2.33 -0.48
N PRO Q 193 24.84 1.85 0.34
CA PRO Q 193 26.21 1.70 -0.16
C PRO Q 193 26.32 0.56 -1.15
N GLY Q 194 27.39 0.62 -1.95
CA GLY Q 194 27.67 -0.42 -2.92
C GLY Q 194 26.96 -0.28 -4.25
N THR Q 195 26.28 0.84 -4.49
CA THR Q 195 25.55 1.04 -5.74
C THR Q 195 26.42 1.72 -6.80
N GLU Q 196 27.14 2.78 -6.43
CA GLU Q 196 27.97 3.48 -7.39
C GLU Q 196 29.11 2.60 -7.89
N ALA Q 197 29.67 1.77 -7.02
CA ALA Q 197 30.75 0.89 -7.42
C ALA Q 197 30.30 -0.08 -8.50
N MET Q 198 29.17 -0.75 -8.29
CA MET Q 198 28.66 -1.68 -9.29
C MET Q 198 28.14 -0.97 -10.53
N ASN Q 199 27.65 0.26 -10.39
CA ASN Q 199 27.31 1.04 -11.58
C ASN Q 199 28.55 1.33 -12.41
N GLY Q 200 29.66 1.69 -11.78
CA GLY Q 200 30.90 1.89 -12.52
C GLY Q 200 31.42 0.61 -13.14
N CYS Q 201 31.27 -0.51 -12.43
CA CYS Q 201 31.64 -1.80 -13.00
C CYS Q 201 30.82 -2.10 -14.25
N MET Q 202 29.51 -1.84 -14.20
CA MET Q 202 28.66 -2.01 -15.36
C MET Q 202 29.09 -1.10 -16.50
N ILE Q 203 29.47 0.15 -16.17
CA ILE Q 203 29.91 1.09 -17.20
C ILE Q 203 31.15 0.56 -17.89
N CYS Q 204 32.13 0.10 -17.11
CA CYS Q 204 33.37 -0.43 -17.67
C CYS Q 204 33.10 -1.65 -18.55
N LEU Q 205 32.29 -2.57 -18.05
CA LEU Q 205 32.02 -3.79 -18.81
C LEU Q 205 31.27 -3.47 -20.10
N ALA Q 206 30.30 -2.55 -20.04
CA ALA Q 206 29.59 -2.15 -21.26
C ALA Q 206 30.55 -1.49 -22.24
N ALA Q 207 31.51 -0.71 -21.74
CA ALA Q 207 32.50 -0.11 -22.62
C ALA Q 207 33.35 -1.19 -23.30
N GLU Q 208 33.70 -2.25 -22.58
CA GLU Q 208 34.53 -3.30 -23.14
C GLU Q 208 33.73 -4.48 -23.68
N TYR Q 209 32.40 -4.42 -23.66
CA TYR Q 209 31.53 -5.46 -24.24
C TYR Q 209 30.41 -4.79 -25.03
N PRO Q 210 30.65 -4.47 -26.29
CA PRO Q 210 29.59 -3.84 -27.10
C PRO Q 210 28.33 -4.68 -27.26
N ALA Q 211 28.47 -6.01 -27.32
CA ALA Q 211 27.31 -6.86 -27.52
C ALA Q 211 26.32 -6.75 -26.36
N VAL Q 212 26.85 -6.67 -25.14
CA VAL Q 212 25.99 -6.57 -23.96
C VAL Q 212 25.19 -5.26 -23.99
N LYS Q 213 24.03 -5.29 -23.35
CA LYS Q 213 23.11 -4.15 -23.32
C LYS Q 213 22.80 -3.76 -21.88
N PHE Q 214 23.85 -3.58 -21.08
CA PHE Q 214 23.75 -3.18 -19.68
C PHE Q 214 22.69 -2.11 -19.46
N CYS Q 215 21.80 -2.35 -18.50
CA CYS Q 215 20.75 -1.40 -18.16
C CYS Q 215 20.49 -1.48 -16.66
N LYS Q 216 19.90 -0.40 -16.12
CA LYS Q 216 19.62 -0.30 -14.70
C LYS Q 216 18.18 0.15 -14.50
N VAL Q 217 17.61 -0.25 -13.36
CA VAL Q 217 16.27 0.15 -12.96
C VAL Q 217 16.29 0.54 -11.49
N LYS Q 218 15.28 1.31 -11.09
CA LYS Q 218 15.10 1.65 -9.68
C LYS Q 218 14.22 0.61 -9.00
N SER Q 219 14.44 0.44 -7.70
CA SER Q 219 13.59 -0.47 -6.93
C SER Q 219 12.22 0.13 -6.67
N SER Q 220 12.13 1.47 -6.63
CA SER Q 220 10.85 2.12 -6.37
C SER Q 220 9.95 2.11 -7.59
N VAL Q 221 10.53 2.25 -8.80
CA VAL Q 221 9.71 2.28 -10.00
C VAL Q 221 9.13 0.90 -10.28
N ILE Q 222 9.82 -0.17 -9.90
CA ILE Q 222 9.30 -1.51 -10.10
C ILE Q 222 8.25 -1.90 -9.07
N GLY Q 223 8.16 -1.15 -7.97
CA GLY Q 223 7.15 -1.43 -6.95
C GLY Q 223 7.31 -2.78 -6.29
N ALA Q 224 8.54 -3.17 -5.98
CA ALA Q 224 8.79 -4.46 -5.34
C ALA Q 224 8.37 -4.42 -3.88
N SER Q 225 8.48 -5.57 -3.22
CA SER Q 225 8.10 -5.69 -1.82
C SER Q 225 9.06 -4.90 -0.94
N SER Q 226 8.57 -4.56 0.26
CA SER Q 226 9.40 -3.80 1.20
C SER Q 226 10.64 -4.57 1.60
N GLN Q 227 10.54 -5.90 1.66
CA GLN Q 227 11.71 -6.72 1.98
C GLN Q 227 12.80 -6.57 0.92
N PHE Q 228 12.40 -6.50 -0.35
CA PHE Q 228 13.38 -6.26 -1.41
C PHE Q 228 14.02 -4.89 -1.26
N THR Q 229 13.22 -3.87 -0.94
CA THR Q 229 13.74 -2.51 -0.82
C THR Q 229 14.62 -2.34 0.41
N ARG Q 230 14.47 -3.19 1.42
CA ARG Q 230 15.22 -3.04 2.66
C ARG Q 230 16.40 -3.99 2.81
N ASN Q 231 16.38 -5.16 2.14
CA ASN Q 231 17.43 -6.14 2.38
C ASN Q 231 17.89 -6.84 1.10
N ALA Q 232 17.51 -6.35 -0.08
CA ALA Q 232 17.95 -6.96 -1.32
C ALA Q 232 18.34 -5.89 -2.34
N LEU Q 233 19.08 -4.89 -1.89
CA LEU Q 233 19.42 -3.77 -2.76
C LEU Q 233 20.23 -4.19 -3.99
N PRO Q 234 21.31 -4.99 -3.87
CA PRO Q 234 22.03 -5.43 -5.08
C PRO Q 234 21.31 -6.60 -5.73
N ALA Q 235 20.78 -6.38 -6.93
CA ALA Q 235 20.06 -7.41 -7.67
C ALA Q 235 20.47 -7.31 -9.14
N LEU Q 236 21.21 -8.29 -9.63
CA LEU Q 236 21.67 -8.33 -11.01
C LEU Q 236 20.90 -9.42 -11.74
N LEU Q 237 19.74 -9.07 -12.28
CA LEU Q 237 18.94 -10.01 -13.06
C LEU Q 237 19.58 -10.21 -14.43
N ILE Q 238 19.37 -11.40 -15.00
CA ILE Q 238 19.94 -11.77 -16.29
C ILE Q 238 18.83 -12.24 -17.21
N TYR Q 239 18.81 -11.72 -18.43
CA TYR Q 239 17.82 -12.10 -19.43
C TYR Q 239 18.53 -12.57 -20.69
N LYS Q 240 18.62 -13.88 -20.87
CA LYS Q 240 19.18 -14.49 -22.07
C LYS Q 240 18.06 -15.19 -22.82
N GLY Q 241 17.53 -14.54 -23.85
CA GLY Q 241 16.41 -15.10 -24.56
C GLY Q 241 15.10 -15.06 -23.83
N GLY Q 242 14.97 -14.18 -22.83
CA GLY Q 242 13.74 -14.05 -22.09
C GLY Q 242 13.63 -14.89 -20.84
N GLU Q 243 14.68 -15.62 -20.46
CA GLU Q 243 14.67 -16.41 -19.24
C GLU Q 243 15.95 -16.15 -18.45
N LEU Q 244 15.88 -16.38 -17.15
CA LEU Q 244 17.06 -16.21 -16.30
C LEU Q 244 18.10 -17.29 -16.59
N ILE Q 245 19.37 -16.89 -16.60
CA ILE Q 245 20.48 -17.83 -16.52
C ILE Q 245 21.33 -17.40 -15.34
N GLY Q 246 20.86 -16.37 -14.64
CA GLY Q 246 21.47 -15.88 -13.42
C GLY Q 246 20.52 -14.99 -12.65
N ASN Q 247 20.42 -15.20 -11.35
CA ASN Q 247 19.51 -14.44 -10.48
C ASN Q 247 20.25 -13.93 -9.26
N PHE Q 248 21.40 -13.30 -9.48
CA PHE Q 248 22.28 -12.89 -8.40
C PHE Q 248 21.64 -11.78 -7.58
N VAL Q 249 21.29 -12.10 -6.33
CA VAL Q 249 20.69 -11.15 -5.39
C VAL Q 249 21.50 -11.17 -4.12
N ARG Q 250 21.69 -9.98 -3.53
CA ARG Q 250 22.56 -9.81 -2.36
C ARG Q 250 23.98 -10.31 -2.68
N VAL Q 251 24.63 -9.57 -3.58
CA VAL Q 251 25.97 -9.93 -4.04
C VAL Q 251 27.02 -9.23 -3.18
N THR Q 252 26.58 -8.49 -2.16
CA THR Q 252 27.52 -7.77 -1.31
C THR Q 252 28.44 -8.73 -0.55
N ASP Q 253 27.88 -9.82 -0.02
CA ASP Q 253 28.68 -10.75 0.77
C ASP Q 253 29.77 -11.40 -0.08
N GLN Q 254 29.45 -11.81 -1.29
CA GLN Q 254 30.40 -12.48 -2.16
C GLN Q 254 31.24 -11.52 -2.99
N LEU Q 255 30.92 -10.23 -2.98
CA LEU Q 255 31.67 -9.23 -3.74
C LEU Q 255 32.30 -8.15 -2.87
N GLY Q 256 31.82 -7.97 -1.64
CA GLY Q 256 32.30 -6.91 -0.79
C GLY Q 256 31.51 -5.62 -1.01
N ASP Q 257 32.10 -4.52 -0.53
CA ASP Q 257 31.52 -3.20 -0.71
C ASP Q 257 32.36 -2.26 -1.56
N ASP Q 258 33.63 -2.58 -1.79
CA ASP Q 258 34.54 -1.76 -2.57
C ASP Q 258 35.15 -2.57 -3.71
N PHE Q 259 34.36 -3.44 -4.31
CA PHE Q 259 34.82 -4.22 -5.45
C PHE Q 259 34.96 -3.35 -6.69
N PHE Q 260 35.77 -3.81 -7.63
CA PHE Q 260 36.03 -3.11 -8.87
C PHE Q 260 35.51 -3.92 -10.06
N ALA Q 261 35.75 -3.40 -11.26
CA ALA Q 261 35.19 -4.02 -12.46
C ALA Q 261 35.73 -5.43 -12.68
N VAL Q 262 37.01 -5.64 -12.43
CA VAL Q 262 37.62 -6.96 -12.67
C VAL Q 262 37.01 -7.99 -11.72
N ASP Q 263 36.71 -7.58 -10.48
CA ASP Q 263 36.14 -8.53 -9.51
C ASP Q 263 34.76 -9.00 -9.96
N LEU Q 264 33.90 -8.07 -10.35
CA LEU Q 264 32.58 -8.45 -10.83
C LEU Q 264 32.66 -9.27 -12.11
N GLU Q 265 33.58 -8.89 -13.02
CA GLU Q 265 33.74 -9.63 -14.26
C GLU Q 265 34.14 -11.07 -13.99
N ALA Q 266 35.11 -11.27 -13.09
CA ALA Q 266 35.56 -12.62 -12.77
C ALA Q 266 34.47 -13.41 -12.05
N PHE Q 267 33.73 -12.75 -11.14
CA PHE Q 267 32.67 -13.46 -10.42
C PHE Q 267 31.57 -13.90 -11.38
N LEU Q 268 31.21 -13.06 -12.34
CA LEU Q 268 30.20 -13.45 -13.33
C LEU Q 268 30.74 -14.52 -14.27
N GLN Q 269 32.02 -14.45 -14.63
CA GLN Q 269 32.62 -15.45 -15.49
C GLN Q 269 32.85 -16.78 -14.78
N GLU Q 270 32.77 -16.81 -13.45
CA GLU Q 270 32.90 -18.07 -12.73
C GLU Q 270 31.79 -19.05 -13.11
N PHE Q 271 30.58 -18.55 -13.37
CA PHE Q 271 29.46 -19.37 -13.77
C PHE Q 271 29.21 -19.29 -15.28
N GLY Q 272 30.13 -18.69 -16.03
CA GLY Q 272 30.00 -18.60 -17.47
C GLY Q 272 28.87 -17.73 -17.98
N LEU Q 273 28.70 -16.55 -17.37
CA LEU Q 273 27.67 -15.61 -17.80
C LEU Q 273 28.12 -14.69 -18.93
N LEU Q 274 29.40 -14.35 -19.00
CA LEU Q 274 29.89 -13.39 -19.97
C LEU Q 274 30.34 -14.10 -21.24
N PRO Q 275 29.71 -13.84 -22.38
CA PRO Q 275 30.16 -14.46 -23.63
C PRO Q 275 31.56 -13.97 -24.02
N GLU Q 276 32.27 -14.81 -24.75
CA GLU Q 276 33.61 -14.47 -25.21
C GLU Q 276 33.56 -13.42 -26.32
N VAL Q 281 39.88 -3.90 -32.42
CA VAL Q 281 40.46 -2.90 -33.30
C VAL Q 281 39.72 -1.57 -33.14
N LEU Q 282 40.36 -0.48 -33.56
CA LEU Q 282 39.80 0.86 -33.46
C LEU Q 282 39.75 1.49 -34.85
N THR Q 283 38.55 1.60 -35.41
CA THR Q 283 38.37 2.27 -36.69
C THR Q 283 38.58 3.78 -36.52
N SER Q 284 38.71 4.47 -37.65
CA SER Q 284 38.93 5.91 -37.61
C SER Q 284 37.75 6.60 -36.94
N VAL Q 285 36.60 6.62 -37.61
CA VAL Q 285 35.33 6.87 -36.93
C VAL Q 285 34.32 5.80 -37.36
N ARG Q 286 34.12 5.66 -38.67
CA ARG Q 286 33.09 4.80 -39.23
C ARG Q 286 33.50 4.40 -40.64
N ASN Q 287 32.86 3.35 -41.14
CA ASN Q 287 33.10 2.86 -42.49
C ASN Q 287 31.80 2.76 -43.27
N SER Q 288 30.71 2.47 -42.56
CA SER Q 288 29.42 2.28 -43.20
C SER Q 288 28.98 3.54 -43.93
N ALA Q 289 28.46 3.37 -45.14
CA ALA Q 289 28.01 4.50 -45.96
C ALA Q 289 26.61 4.26 -46.48
N SER Q 293 20.71 1.53 -52.47
CA SER Q 293 20.72 0.55 -53.54
C SER Q 293 21.71 -0.57 -53.28
N GLU Q 294 21.81 -1.50 -54.23
CA GLU Q 294 22.73 -2.61 -54.14
C GLU Q 294 23.61 -2.77 -55.38
N ASP Q 295 23.48 -1.90 -56.37
CA ASP Q 295 24.32 -1.97 -57.56
C ASP Q 295 25.75 -1.64 -57.16
N SER Q 296 26.67 -2.58 -57.43
CA SER Q 296 28.05 -2.47 -56.97
C SER Q 296 28.97 -1.95 -58.07
N ASP Q 297 29.10 -2.68 -59.18
CA ASP Q 297 30.00 -2.30 -60.26
C ASP Q 297 29.83 -3.30 -61.40
N LEU Q 298 30.27 -2.88 -62.58
CA LEU Q 298 30.24 -3.72 -63.78
C LEU Q 298 31.25 -3.16 -64.77
N GLU Q 299 31.53 -3.94 -65.82
CA GLU Q 299 32.51 -3.56 -66.82
C GLU Q 299 31.98 -3.87 -68.21
N ILE Q 300 31.84 -2.82 -69.03
CA ILE Q 300 31.58 -2.94 -70.47
C ILE Q 300 30.30 -3.72 -70.75
N ASP Q 301 30.28 -5.00 -70.38
CA ASP Q 301 29.14 -5.88 -70.63
C ASP Q 301 28.78 -5.92 -72.12
#